data_4LNN
#
_entry.id   4LNN
#
_cell.length_a   109.990
_cell.length_b   138.380
_cell.length_c   138.740
_cell.angle_alpha   119.80
_cell.angle_beta   90.19
_cell.angle_gamma   93.85
#
_symmetry.space_group_name_H-M   'P 1'
#
loop_
_entity.id
_entity.type
_entity.pdbx_description
1 polymer 'Glutamine synthetase'
2 non-polymer 'MAGNESIUM ION'
3 non-polymer 'SULFATE ION'
4 water water
#
_entity_poly.entity_id   1
_entity_poly.type   'polypeptide(L)'
_entity_poly.pdbx_seq_one_letter_code
;AKYTREDIEKLVKEENVKYIRLQFTDILGTIKNVEIPVSQLGKALDNKVMFDGSSIEGFVRIEESDMYLYPDLNTFVIFP
WTAEKGKVARFICDIYNPDGTPFEGDPRNNLKRILKEMEDLGFSDFNLGPEPEFFLFKLDEKGEPTLELNDKGGYFDLAP
TDLGENCRRDIVLELEEMGFEIEASHHEVAPGQHEIDFKYAGAVRSCDDIQTFKLVVKTIARKHGLHATFMPKPLFGVNG
SGMHCNLSLFKNGVNAFFDENADLQLSETAKHFIAGIVKHATSFTAVTNPTVNSYKRLVPGYEAPCYVAWSAQNRSPLIR
IPASRGISTRVEVRSVDPAANPYLALSVLLAAGLDGIKNKLEAPAPIDRNIYVMSKEERMENGIVDLPATLAEALEEFKS
NEVMVKALGEHLFEHFIEAKEIEWDMFRTQVHPWEREQYMSQY
;
_entity_poly.pdbx_strand_id   A,B,C,D,E,F,G,H,I,J,K,L
#
loop_
_chem_comp.id
_chem_comp.type
_chem_comp.name
_chem_comp.formula
MG non-polymer 'MAGNESIUM ION' 'Mg 2'
SO4 non-polymer 'SULFATE ION' 'O4 S -2'
#
# COMPACT_ATOMS: atom_id res chain seq x y z
N ALA A 1 43.87 52.43 -4.73
CA ALA A 1 43.18 51.11 -4.62
C ALA A 1 41.67 51.28 -4.44
N LYS A 2 41.21 51.16 -3.20
CA LYS A 2 39.80 51.30 -2.89
C LYS A 2 39.57 51.06 -1.40
N TYR A 3 40.41 50.22 -0.80
CA TYR A 3 40.34 49.92 0.65
C TYR A 3 41.71 49.90 1.30
N THR A 4 41.74 50.20 2.59
CA THR A 4 42.99 50.20 3.35
C THR A 4 42.76 49.34 4.59
N ARG A 5 43.83 48.99 5.29
CA ARG A 5 43.64 48.19 6.48
C ARG A 5 42.66 48.92 7.40
N GLU A 6 42.97 50.18 7.68
CA GLU A 6 42.12 51.03 8.54
C GLU A 6 40.68 51.07 8.02
N ASP A 7 40.53 51.32 6.73
CA ASP A 7 39.22 51.39 6.08
C ASP A 7 38.41 50.15 6.42
N ILE A 8 39.01 48.99 6.17
CA ILE A 8 38.41 47.69 6.42
C ILE A 8 38.10 47.50 7.90
N GLU A 9 39.10 47.73 8.74
CA GLU A 9 38.95 47.60 10.19
C GLU A 9 37.79 48.41 10.71
N LYS A 10 37.43 49.46 9.98
CA LYS A 10 36.33 50.32 10.36
C LYS A 10 35.03 49.60 10.04
N LEU A 11 34.85 49.28 8.75
CA LEU A 11 33.66 48.59 8.28
C LEU A 11 33.38 47.34 9.08
N VAL A 12 34.43 46.58 9.41
CA VAL A 12 34.26 45.34 10.15
C VAL A 12 33.59 45.52 11.51
N LYS A 13 34.02 46.53 12.25
CA LYS A 13 33.46 46.82 13.56
C LYS A 13 32.17 47.61 13.39
N GLU A 14 32.26 48.69 12.60
CA GLU A 14 31.15 49.58 12.30
C GLU A 14 29.94 48.87 11.71
N GLU A 15 30.21 47.88 10.85
CA GLU A 15 29.14 47.12 10.19
C GLU A 15 28.77 45.87 10.99
N ASN A 16 29.52 45.64 12.06
CA ASN A 16 29.31 44.49 12.93
C ASN A 16 29.36 43.15 12.20
N VAL A 17 30.56 42.59 12.08
CA VAL A 17 30.75 41.31 11.42
C VAL A 17 31.32 40.41 12.48
N LYS A 18 31.03 39.12 12.42
CA LYS A 18 31.55 38.24 13.46
C LYS A 18 32.20 36.96 12.93
N TYR A 19 32.33 36.87 11.62
CA TYR A 19 32.91 35.67 11.02
C TYR A 19 33.58 35.99 9.67
N ILE A 20 34.91 35.99 9.61
CA ILE A 20 35.64 36.27 8.37
C ILE A 20 35.87 34.97 7.59
N ARG A 21 35.79 35.04 6.26
CA ARG A 21 35.99 33.87 5.41
C ARG A 21 37.13 34.11 4.45
N LEU A 22 38.26 33.49 4.73
CA LEU A 22 39.43 33.62 3.86
C LEU A 22 39.29 32.65 2.71
N GLN A 23 39.03 33.20 1.53
CA GLN A 23 38.80 32.43 0.33
C GLN A 23 40.05 32.19 -0.53
N PHE A 24 39.99 31.14 -1.35
CA PHE A 24 41.07 30.77 -2.25
C PHE A 24 40.60 29.56 -3.09
N THR A 25 41.05 29.49 -4.34
CA THR A 25 40.65 28.40 -5.23
C THR A 25 41.71 27.29 -5.25
N ASP A 26 41.28 26.05 -5.46
CA ASP A 26 42.23 24.95 -5.53
C ASP A 26 42.45 24.70 -7.03
N ILE A 27 43.40 23.83 -7.37
CA ILE A 27 43.72 23.54 -8.77
C ILE A 27 42.49 23.14 -9.59
N LEU A 28 41.61 22.33 -8.99
CA LEU A 28 40.43 21.88 -9.68
C LEU A 28 39.42 23.01 -9.85
N GLY A 29 39.83 24.22 -9.50
CA GLY A 29 38.96 25.38 -9.66
C GLY A 29 37.93 25.54 -8.56
N THR A 30 37.97 24.60 -7.62
CA THR A 30 37.06 24.57 -6.48
C THR A 30 37.21 25.78 -5.58
N ILE A 31 36.08 26.26 -5.10
CA ILE A 31 36.05 27.40 -4.19
C ILE A 31 36.18 26.88 -2.76
N LYS A 32 37.38 26.98 -2.19
CA LYS A 32 37.64 26.52 -0.82
C LYS A 32 37.81 27.70 0.12
N ASN A 33 37.93 27.41 1.41
CA ASN A 33 38.12 28.46 2.40
C ASN A 33 38.44 28.01 3.84
N VAL A 34 38.96 28.98 4.59
CA VAL A 34 39.35 28.83 5.99
C VAL A 34 38.70 29.98 6.74
N GLU A 35 37.74 29.66 7.61
CA GLU A 35 37.01 30.66 8.37
C GLU A 35 37.36 30.79 9.85
N ILE A 36 37.47 32.03 10.31
CA ILE A 36 37.80 32.33 11.68
C ILE A 36 36.92 33.50 12.12
N PRO A 37 36.72 33.67 13.45
CA PRO A 37 35.89 34.74 14.02
C PRO A 37 36.49 36.08 13.64
N VAL A 38 35.87 37.17 14.09
CA VAL A 38 36.40 38.49 13.77
C VAL A 38 37.51 38.89 14.74
N SER A 39 37.61 38.16 15.84
CA SER A 39 38.65 38.44 16.85
C SER A 39 39.99 37.88 16.38
N GLN A 40 40.08 37.63 15.08
CA GLN A 40 41.30 37.09 14.48
C GLN A 40 41.68 37.92 13.25
N LEU A 41 40.89 38.96 12.96
CA LEU A 41 41.14 39.83 11.82
C LEU A 41 42.57 40.36 11.86
N GLY A 42 43.05 40.69 13.06
CA GLY A 42 44.40 41.19 13.19
C GLY A 42 45.40 40.17 12.64
N LYS A 43 45.32 38.96 13.17
CA LYS A 43 46.21 37.88 12.75
C LYS A 43 46.12 37.66 11.24
N ALA A 44 44.90 37.43 10.76
CA ALA A 44 44.65 37.19 9.33
C ALA A 44 45.18 38.28 8.42
N LEU A 45 44.96 39.54 8.79
CA LEU A 45 45.42 40.69 8.01
C LEU A 45 46.91 40.93 8.13
N ASP A 46 47.50 40.42 9.21
CA ASP A 46 48.94 40.55 9.40
C ASP A 46 49.63 39.50 8.54
N ASN A 47 48.83 38.71 7.83
CA ASN A 47 49.31 37.63 6.97
C ASN A 47 50.01 36.58 7.83
N LYS A 48 49.37 36.26 8.94
CA LYS A 48 49.88 35.28 9.88
C LYS A 48 48.87 34.17 10.15
N VAL A 49 48.20 33.71 9.11
CA VAL A 49 47.26 32.62 9.25
C VAL A 49 47.79 31.50 8.36
N MET A 50 47.96 30.32 8.96
CA MET A 50 48.46 29.17 8.23
C MET A 50 47.35 28.19 7.94
N PHE A 51 47.58 27.31 6.99
CA PHE A 51 46.60 26.29 6.65
C PHE A 51 47.29 25.24 5.81
N ASP A 52 46.71 24.04 5.76
CA ASP A 52 47.28 22.95 4.97
C ASP A 52 47.21 23.28 3.46
N GLY A 53 48.31 23.80 2.93
CA GLY A 53 48.36 24.14 1.53
C GLY A 53 48.07 22.92 0.67
N SER A 54 48.32 21.73 1.21
CA SER A 54 48.05 20.51 0.46
C SER A 54 46.64 20.59 -0.07
N SER A 55 45.77 21.19 0.72
CA SER A 55 44.37 21.37 0.36
C SER A 55 44.23 21.91 -1.07
N ILE A 56 45.19 22.70 -1.51
CA ILE A 56 45.13 23.29 -2.84
C ILE A 56 45.33 22.29 -3.97
N GLU A 57 46.13 21.25 -3.74
CA GLU A 57 46.40 20.21 -4.75
C GLU A 57 45.07 19.60 -5.24
N GLY A 58 44.08 19.56 -4.35
CA GLY A 58 42.79 18.99 -4.69
C GLY A 58 42.68 17.61 -4.09
N PHE A 59 42.05 16.70 -4.82
CA PHE A 59 41.92 15.35 -4.31
C PHE A 59 43.27 14.63 -4.41
N VAL A 60 44.29 15.35 -4.89
CA VAL A 60 45.63 14.78 -5.05
C VAL A 60 46.58 15.12 -3.90
N ARG A 61 46.01 15.25 -2.70
CA ARG A 61 46.77 15.54 -1.50
C ARG A 61 47.63 14.32 -1.13
N ILE A 62 48.94 14.51 -1.06
CA ILE A 62 49.82 13.41 -0.73
C ILE A 62 50.20 13.46 0.74
N GLU A 63 50.56 14.65 1.20
CA GLU A 63 50.95 14.84 2.60
C GLU A 63 50.64 16.27 3.03
N GLU A 64 50.52 16.47 4.33
CA GLU A 64 50.20 17.78 4.88
C GLU A 64 51.34 18.75 4.61
N SER A 65 50.99 20.00 4.37
CA SER A 65 51.99 21.05 4.10
C SER A 65 51.59 22.29 4.88
N ASP A 66 52.51 23.24 4.94
CA ASP A 66 52.26 24.50 5.66
C ASP A 66 52.34 25.68 4.71
N MET A 67 51.33 26.54 4.78
CA MET A 67 51.28 27.72 3.94
C MET A 67 50.37 28.79 4.53
N TYR A 68 50.75 30.04 4.28
CA TYR A 68 50.03 31.20 4.78
C TYR A 68 48.91 31.71 3.90
N LEU A 69 48.26 32.78 4.36
CA LEU A 69 47.14 33.38 3.64
C LEU A 69 47.18 34.91 3.65
N TYR A 70 47.55 35.51 2.51
CA TYR A 70 47.61 36.97 2.41
C TYR A 70 46.33 37.54 1.78
N PRO A 71 45.37 37.97 2.61
CA PRO A 71 44.15 38.53 2.03
C PRO A 71 44.38 39.71 1.08
N ASP A 72 43.47 39.91 0.15
CA ASP A 72 43.52 41.01 -0.82
C ASP A 72 42.56 42.07 -0.27
N LEU A 73 43.08 43.04 0.48
CA LEU A 73 42.24 44.09 1.07
C LEU A 73 41.24 44.71 0.11
N ASN A 74 41.65 44.81 -1.14
CA ASN A 74 40.78 45.44 -2.12
C ASN A 74 39.64 44.53 -2.56
N THR A 75 39.59 43.30 -2.02
CA THR A 75 38.53 42.38 -2.40
C THR A 75 37.51 42.17 -1.30
N PHE A 76 37.70 42.84 -0.17
CA PHE A 76 36.80 42.74 0.98
C PHE A 76 35.33 42.85 0.57
N VAL A 77 34.48 42.03 1.19
CA VAL A 77 33.05 42.05 0.90
C VAL A 77 32.27 41.61 2.12
N ILE A 78 30.98 41.93 2.13
CA ILE A 78 30.14 41.54 3.25
C ILE A 78 28.88 40.92 2.72
N PHE A 79 28.79 39.59 2.85
CA PHE A 79 27.63 38.84 2.40
C PHE A 79 26.34 39.41 3.02
N PRO A 80 25.28 39.56 2.21
CA PRO A 80 23.94 40.08 2.59
C PRO A 80 23.19 39.10 3.50
N TRP A 81 23.75 37.91 3.67
CA TRP A 81 23.17 36.87 4.50
C TRP A 81 23.70 37.09 5.91
N THR A 82 22.79 37.37 6.84
CA THR A 82 23.14 37.65 8.23
C THR A 82 22.91 36.48 9.19
N ALA A 83 23.99 36.01 9.82
CA ALA A 83 23.90 34.92 10.78
C ALA A 83 23.12 35.49 11.96
N GLU A 84 22.83 34.67 12.97
CA GLU A 84 22.07 35.17 14.10
C GLU A 84 22.92 36.06 15.01
N LYS A 85 24.24 35.81 15.04
CA LYS A 85 25.15 36.59 15.86
C LYS A 85 25.69 37.83 15.13
N GLY A 86 26.09 37.66 13.88
CA GLY A 86 26.61 38.76 13.09
C GLY A 86 26.70 38.46 11.60
N LYS A 87 27.07 39.45 10.80
CA LYS A 87 27.19 39.26 9.37
C LYS A 87 28.51 38.56 9.07
N VAL A 88 28.63 38.00 7.87
CA VAL A 88 29.84 37.28 7.44
C VAL A 88 30.56 38.09 6.36
N ALA A 89 31.88 38.29 6.53
CA ALA A 89 32.68 39.03 5.55
C ALA A 89 33.70 38.09 4.93
N ARG A 90 34.22 38.45 3.76
CA ARG A 90 35.20 37.59 3.09
C ARG A 90 36.44 38.30 2.53
N PHE A 91 37.51 37.52 2.37
CA PHE A 91 38.77 38.01 1.87
C PHE A 91 39.34 36.99 0.88
N ILE A 92 39.59 37.40 -0.35
CA ILE A 92 40.19 36.51 -1.34
C ILE A 92 41.71 36.65 -1.16
N CYS A 93 42.33 35.63 -0.59
CA CYS A 93 43.76 35.65 -0.30
C CYS A 93 44.63 34.79 -1.21
N ASP A 94 45.84 35.27 -1.47
CA ASP A 94 46.79 34.53 -2.30
C ASP A 94 47.46 33.55 -1.36
N ILE A 95 48.00 32.48 -1.90
CA ILE A 95 48.67 31.50 -1.05
C ILE A 95 50.16 31.79 -1.03
N TYR A 96 50.77 31.71 0.13
CA TYR A 96 52.20 31.98 0.26
C TYR A 96 52.93 30.84 0.96
N ASN A 97 54.11 30.52 0.44
CA ASN A 97 54.95 29.48 1.01
C ASN A 97 55.32 29.91 2.43
N PRO A 98 55.91 29.01 3.22
CA PRO A 98 56.31 29.31 4.61
C PRO A 98 57.33 30.44 4.71
N ASP A 99 57.95 30.80 3.57
CA ASP A 99 58.95 31.85 3.53
C ASP A 99 58.58 33.06 2.67
N GLY A 100 57.44 33.68 2.97
CA GLY A 100 56.98 34.86 2.26
C GLY A 100 56.90 34.83 0.74
N THR A 101 57.34 33.73 0.14
CA THR A 101 57.32 33.60 -1.32
C THR A 101 55.97 33.14 -1.83
N PRO A 102 55.49 33.71 -2.94
CA PRO A 102 54.20 33.29 -3.46
C PRO A 102 54.23 31.82 -3.92
N PHE A 103 53.27 31.02 -3.45
CA PHE A 103 53.19 29.61 -3.78
C PHE A 103 52.97 29.43 -5.28
N GLU A 104 53.83 28.64 -5.91
CA GLU A 104 53.74 28.42 -7.36
C GLU A 104 52.62 27.48 -7.80
N GLY A 105 51.82 27.02 -6.86
CA GLY A 105 50.73 26.13 -7.21
C GLY A 105 49.40 26.83 -7.14
N ASP A 106 49.39 28.09 -6.72
CA ASP A 106 48.12 28.82 -6.61
C ASP A 106 47.64 29.33 -7.96
N PRO A 107 46.41 28.99 -8.35
CA PRO A 107 45.90 29.47 -9.63
C PRO A 107 45.82 31.00 -9.74
N ARG A 108 45.61 31.70 -8.63
CA ARG A 108 45.51 33.17 -8.64
C ARG A 108 46.89 33.83 -8.76
N ASN A 109 47.89 33.26 -8.10
CA ASN A 109 49.26 33.79 -8.14
C ASN A 109 49.80 33.66 -9.56
N ASN A 110 49.59 32.50 -10.17
CA ASN A 110 50.08 32.24 -11.51
C ASN A 110 49.48 33.23 -12.52
N LEU A 111 48.22 33.63 -12.35
CA LEU A 111 47.61 34.57 -13.28
C LEU A 111 48.41 35.85 -13.17
N LYS A 112 48.78 36.19 -11.93
CA LYS A 112 49.56 37.38 -11.65
C LYS A 112 50.91 37.28 -12.35
N ARG A 113 51.43 36.06 -12.41
CA ARG A 113 52.70 35.77 -13.07
C ARG A 113 52.51 35.96 -14.58
N ILE A 114 51.42 35.42 -15.12
CA ILE A 114 51.15 35.56 -16.54
C ILE A 114 50.65 36.98 -16.80
N LEU A 115 50.57 37.80 -15.75
CA LEU A 115 50.14 39.18 -15.92
C LEU A 115 51.32 40.10 -16.15
N LYS A 116 52.48 39.75 -15.58
CA LYS A 116 53.68 40.56 -15.81
C LYS A 116 54.16 40.26 -17.23
N GLU A 117 54.13 38.99 -17.60
CA GLU A 117 54.54 38.54 -18.93
C GLU A 117 53.86 39.41 -20.00
N MET A 118 52.81 40.10 -19.61
CA MET A 118 52.07 40.97 -20.52
C MET A 118 52.60 42.40 -20.45
N GLU A 119 52.90 42.83 -19.22
CA GLU A 119 53.41 44.17 -18.96
C GLU A 119 54.83 44.34 -19.47
N ASP A 120 55.67 43.34 -19.23
CA ASP A 120 57.04 43.41 -19.71
C ASP A 120 56.99 43.34 -21.22
N LEU A 121 55.85 42.90 -21.74
CA LEU A 121 55.67 42.80 -23.17
C LEU A 121 55.22 44.15 -23.70
N GLY A 122 54.94 45.09 -22.81
CA GLY A 122 54.53 46.41 -23.24
C GLY A 122 53.05 46.79 -23.17
N PHE A 123 52.21 45.88 -22.66
CA PHE A 123 50.78 46.15 -22.53
C PHE A 123 50.47 46.49 -21.07
N SER A 124 49.35 47.17 -20.84
CA SER A 124 49.01 47.57 -19.48
C SER A 124 47.81 46.84 -18.89
N ASP A 125 47.00 46.21 -19.72
CA ASP A 125 45.82 45.54 -19.19
C ASP A 125 45.37 44.34 -20.01
N PHE A 126 44.34 43.67 -19.49
CA PHE A 126 43.77 42.52 -20.16
C PHE A 126 42.44 42.24 -19.48
N ASN A 127 41.37 42.71 -20.10
CA ASN A 127 40.02 42.56 -19.57
C ASN A 127 39.26 41.29 -19.97
N LEU A 128 38.46 40.79 -19.03
CA LEU A 128 37.64 39.60 -19.25
C LEU A 128 36.17 39.98 -19.09
N GLY A 129 35.36 39.53 -20.04
CA GLY A 129 33.93 39.77 -20.01
C GLY A 129 33.29 38.39 -20.04
N PRO A 130 32.92 37.83 -18.86
CA PRO A 130 32.30 36.51 -18.79
C PRO A 130 30.81 36.44 -19.14
N GLU A 131 30.48 35.35 -19.82
CA GLU A 131 29.12 35.02 -20.23
C GLU A 131 28.85 33.59 -19.76
N PRO A 132 28.75 33.40 -18.42
CA PRO A 132 28.50 32.07 -17.84
C PRO A 132 27.04 31.66 -18.06
N GLU A 133 26.81 30.36 -18.10
CA GLU A 133 25.48 29.81 -18.28
C GLU A 133 25.37 28.72 -17.23
N PHE A 134 24.16 28.51 -16.70
CA PHE A 134 23.94 27.48 -15.67
C PHE A 134 22.54 26.90 -15.72
N PHE A 135 22.33 25.79 -15.01
CA PHE A 135 21.00 25.22 -14.98
C PHE A 135 20.51 25.28 -13.55
N LEU A 136 19.20 25.17 -13.41
CA LEU A 136 18.55 25.19 -12.11
C LEU A 136 17.57 24.02 -12.04
N PHE A 137 17.89 23.01 -11.24
CA PHE A 137 17.03 21.84 -11.09
C PHE A 137 16.27 21.92 -9.75
N LYS A 138 15.08 21.34 -9.72
CA LYS A 138 14.28 21.39 -8.50
C LYS A 138 14.79 20.44 -7.43
N LEU A 139 14.65 20.86 -6.18
CA LEU A 139 15.08 20.03 -5.05
C LEU A 139 13.94 19.10 -4.64
N ASP A 140 14.25 17.92 -4.09
CA ASP A 140 13.18 17.02 -3.67
C ASP A 140 12.79 17.29 -2.23
N GLU A 141 12.32 16.26 -1.53
CA GLU A 141 11.90 16.38 -0.14
C GLU A 141 13.12 16.42 0.79
N LYS A 142 14.04 15.49 0.58
CA LYS A 142 15.26 15.38 1.37
C LYS A 142 16.24 16.51 1.04
N GLY A 143 15.81 17.45 0.20
CA GLY A 143 16.66 18.56 -0.18
C GLY A 143 17.82 18.11 -1.06
N GLU A 144 17.53 17.19 -1.98
CA GLU A 144 18.55 16.70 -2.90
C GLU A 144 18.21 17.08 -4.32
N PRO A 145 19.23 17.21 -5.19
CA PRO A 145 18.94 17.59 -6.57
C PRO A 145 18.14 16.52 -7.31
N THR A 146 17.31 16.98 -8.25
CA THR A 146 16.47 16.12 -9.06
C THR A 146 16.74 16.45 -10.53
N LEU A 147 16.24 15.63 -11.44
CA LEU A 147 16.44 15.86 -12.88
C LEU A 147 15.35 16.73 -13.50
N GLU A 148 14.64 17.46 -12.65
CA GLU A 148 13.57 18.35 -13.06
C GLU A 148 14.08 19.78 -13.18
N LEU A 149 13.59 20.47 -14.21
CA LEU A 149 13.97 21.85 -14.45
C LEU A 149 12.91 22.76 -13.82
N ASN A 150 13.33 23.89 -13.26
CA ASN A 150 12.40 24.82 -12.61
C ASN A 150 11.47 25.58 -13.57
N ASP A 151 11.50 25.19 -14.85
CA ASP A 151 10.62 25.81 -15.84
C ASP A 151 10.80 25.16 -17.21
N LYS A 152 10.04 25.63 -18.18
CA LYS A 152 10.13 25.07 -19.52
C LYS A 152 10.36 26.17 -20.55
N GLY A 153 11.11 27.18 -20.14
CA GLY A 153 11.39 28.30 -21.03
C GLY A 153 12.32 28.05 -22.19
N GLY A 154 12.46 29.06 -23.04
CA GLY A 154 13.32 28.96 -24.20
C GLY A 154 14.26 30.14 -24.37
N TYR A 155 14.92 30.20 -25.51
CA TYR A 155 15.87 31.28 -25.77
C TYR A 155 15.27 32.67 -25.54
N PHE A 156 16.00 33.48 -24.78
CA PHE A 156 15.58 34.85 -24.48
C PHE A 156 14.16 35.00 -24.03
N ASP A 157 13.46 33.89 -23.86
CA ASP A 157 12.07 33.97 -23.42
C ASP A 157 12.00 34.72 -22.11
N LEU A 158 10.77 35.04 -21.70
CA LEU A 158 10.50 35.74 -20.46
C LEU A 158 10.11 34.70 -19.41
N ALA A 159 10.92 33.64 -19.29
CA ALA A 159 10.72 32.54 -18.34
C ALA A 159 10.28 33.02 -16.97
N PRO A 160 9.61 32.15 -16.19
CA PRO A 160 9.11 32.47 -14.86
C PRO A 160 8.73 33.93 -14.61
N THR A 161 7.44 34.15 -14.46
CA THR A 161 6.90 35.48 -14.24
C THR A 161 7.28 36.03 -12.87
N ASP A 162 7.48 37.35 -12.81
CA ASP A 162 7.87 38.06 -11.59
C ASP A 162 7.18 37.52 -10.33
N LEU A 163 5.87 37.65 -10.31
CA LEU A 163 5.10 37.19 -9.17
C LEU A 163 5.53 35.77 -8.84
N GLY A 164 6.43 35.65 -7.86
CA GLY A 164 6.88 34.34 -7.47
C GLY A 164 8.39 34.19 -7.38
N GLU A 165 8.81 32.93 -7.46
CA GLU A 165 10.23 32.56 -7.39
C GLU A 165 11.07 33.52 -8.24
N ASN A 166 11.34 33.12 -9.49
CA ASN A 166 12.13 33.93 -10.39
C ASN A 166 13.51 34.28 -9.83
N CYS A 167 14.37 33.26 -9.76
CA CYS A 167 15.74 33.36 -9.27
C CYS A 167 16.62 34.24 -10.15
N ARG A 168 16.76 33.85 -11.42
CA ARG A 168 17.54 34.61 -12.40
C ARG A 168 17.57 36.07 -11.96
N ARG A 169 16.38 36.60 -11.66
CA ARG A 169 16.24 37.98 -11.24
C ARG A 169 16.84 38.26 -9.87
N ASP A 170 16.35 37.57 -8.85
CA ASP A 170 16.85 37.78 -7.51
C ASP A 170 18.38 37.63 -7.49
N ILE A 171 18.92 36.73 -8.30
CA ILE A 171 20.37 36.56 -8.35
C ILE A 171 21.01 37.87 -8.81
N VAL A 172 20.47 38.45 -9.87
CA VAL A 172 21.02 39.71 -10.40
C VAL A 172 20.85 40.82 -9.39
N LEU A 173 19.67 40.88 -8.78
CA LEU A 173 19.39 41.89 -7.77
C LEU A 173 20.40 41.81 -6.63
N GLU A 174 20.63 40.60 -6.14
CA GLU A 174 21.58 40.40 -5.06
C GLU A 174 23.01 40.74 -5.50
N LEU A 175 23.38 40.22 -6.67
CA LEU A 175 24.71 40.48 -7.24
C LEU A 175 25.01 41.97 -7.37
N GLU A 176 23.98 42.76 -7.65
CA GLU A 176 24.13 44.21 -7.82
C GLU A 176 24.47 44.87 -6.51
N GLU A 177 23.57 44.75 -5.55
CA GLU A 177 23.82 45.34 -4.24
C GLU A 177 25.19 44.89 -3.73
N MET A 178 25.63 43.70 -4.15
CA MET A 178 26.91 43.18 -3.71
C MET A 178 28.09 43.93 -4.30
N GLY A 179 27.90 44.48 -5.49
CA GLY A 179 28.98 45.22 -6.11
C GLY A 179 29.19 44.88 -7.56
N PHE A 180 28.60 43.79 -8.04
CA PHE A 180 28.77 43.41 -9.43
C PHE A 180 28.28 44.45 -10.42
N GLU A 181 28.71 44.31 -11.67
CA GLU A 181 28.28 45.18 -12.72
C GLU A 181 27.60 44.28 -13.73
N ILE A 182 26.34 43.96 -13.48
CA ILE A 182 25.62 43.10 -14.39
C ILE A 182 25.21 43.88 -15.63
N GLU A 183 25.70 43.42 -16.78
CA GLU A 183 25.39 44.05 -18.06
C GLU A 183 23.98 43.69 -18.51
N ALA A 184 23.64 42.42 -18.35
CA ALA A 184 22.34 41.93 -18.75
C ALA A 184 22.23 40.43 -18.50
N SER A 185 21.03 39.89 -18.67
CA SER A 185 20.79 38.47 -18.50
C SER A 185 19.53 38.09 -19.28
N HIS A 186 19.30 36.78 -19.42
CA HIS A 186 18.15 36.27 -20.16
C HIS A 186 18.05 34.78 -19.92
N HIS A 187 17.13 34.13 -20.62
CA HIS A 187 16.94 32.69 -20.49
C HIS A 187 17.67 32.07 -21.67
N GLU A 188 18.35 30.96 -21.45
CA GLU A 188 19.09 30.34 -22.53
C GLU A 188 18.30 29.37 -23.40
N VAL A 189 18.98 28.80 -24.38
CA VAL A 189 18.33 27.86 -25.28
C VAL A 189 17.58 26.74 -24.56
N ALA A 190 18.23 26.07 -23.60
CA ALA A 190 17.61 24.94 -22.87
C ALA A 190 16.63 25.35 -21.77
N PRO A 191 15.72 24.44 -21.39
CA PRO A 191 14.72 24.71 -20.33
C PRO A 191 15.41 24.82 -18.98
N GLY A 192 15.19 25.92 -18.28
CA GLY A 192 15.81 26.10 -16.99
C GLY A 192 17.24 26.62 -17.10
N GLN A 193 17.73 26.77 -18.32
CA GLN A 193 19.10 27.26 -18.54
C GLN A 193 19.12 28.78 -18.53
N HIS A 194 20.09 29.37 -17.84
CA HIS A 194 20.16 30.83 -17.72
C HIS A 194 21.52 31.44 -18.05
N GLU A 195 21.55 32.77 -18.09
CA GLU A 195 22.80 33.47 -18.35
C GLU A 195 22.79 34.89 -17.81
N ILE A 196 23.92 35.29 -17.24
CA ILE A 196 24.08 36.63 -16.70
C ILE A 196 25.42 37.04 -17.29
N ASP A 197 25.49 38.25 -17.85
CA ASP A 197 26.74 38.73 -18.42
C ASP A 197 27.26 39.84 -17.51
N PHE A 198 28.55 39.82 -17.19
CA PHE A 198 29.11 40.85 -16.31
C PHE A 198 29.85 41.86 -17.15
N LYS A 199 30.00 43.08 -16.62
CA LYS A 199 30.70 44.14 -17.32
C LYS A 199 32.20 43.96 -17.22
N TYR A 200 32.85 43.97 -18.38
CA TYR A 200 34.30 43.80 -18.50
C TYR A 200 35.06 44.39 -17.32
N ALA A 201 36.20 43.75 -17.01
CA ALA A 201 37.06 44.18 -15.91
C ALA A 201 38.42 43.48 -15.92
N GLY A 202 39.37 44.03 -15.18
CA GLY A 202 40.69 43.45 -15.11
C GLY A 202 40.68 41.96 -14.85
N ALA A 203 41.56 41.24 -15.54
CA ALA A 203 41.65 39.79 -15.40
C ALA A 203 41.41 39.36 -13.97
N VAL A 204 42.43 39.43 -13.12
CA VAL A 204 42.26 39.02 -11.73
C VAL A 204 40.93 39.45 -11.12
N ARG A 205 40.41 40.61 -11.51
CA ARG A 205 39.14 41.05 -10.94
C ARG A 205 37.95 40.28 -11.51
N SER A 206 38.02 39.95 -12.80
CA SER A 206 36.95 39.22 -13.45
C SER A 206 36.92 37.74 -13.06
N CYS A 207 38.05 37.23 -12.59
CA CYS A 207 38.15 35.84 -12.16
C CYS A 207 37.64 35.68 -10.74
N ASP A 208 37.92 36.67 -9.89
CA ASP A 208 37.46 36.67 -8.51
C ASP A 208 35.94 36.83 -8.50
N ASP A 209 35.43 37.50 -9.53
CA ASP A 209 33.99 37.69 -9.63
C ASP A 209 33.32 36.40 -10.11
N ILE A 210 33.90 35.78 -11.13
CA ILE A 210 33.41 34.51 -11.68
C ILE A 210 33.17 33.56 -10.50
N GLN A 211 34.14 33.49 -9.59
CA GLN A 211 34.02 32.65 -8.41
C GLN A 211 32.88 33.15 -7.53
N THR A 212 33.03 34.36 -7.00
CA THR A 212 31.99 34.93 -6.14
C THR A 212 30.62 34.67 -6.76
N PHE A 213 30.56 34.75 -8.08
CA PHE A 213 29.32 34.50 -8.83
C PHE A 213 28.74 33.13 -8.51
N LYS A 214 29.45 32.09 -8.96
CA LYS A 214 29.03 30.71 -8.74
C LYS A 214 28.58 30.56 -7.29
N LEU A 215 29.20 31.29 -6.38
CA LEU A 215 28.82 31.16 -4.98
C LEU A 215 27.43 31.74 -4.73
N VAL A 216 27.19 32.95 -5.20
CA VAL A 216 25.89 33.56 -5.01
C VAL A 216 24.85 32.71 -5.74
N VAL A 217 25.06 32.43 -7.02
CA VAL A 217 24.11 31.62 -7.77
C VAL A 217 23.69 30.37 -6.99
N LYS A 218 24.65 29.49 -6.69
CA LYS A 218 24.33 28.29 -5.94
C LYS A 218 23.60 28.58 -4.64
N THR A 219 24.05 29.62 -3.93
CA THR A 219 23.43 30.01 -2.67
C THR A 219 21.98 30.43 -2.90
N ILE A 220 21.79 31.59 -3.52
CA ILE A 220 20.43 32.09 -3.76
C ILE A 220 19.57 30.97 -4.35
N ALA A 221 20.18 30.08 -5.11
CA ALA A 221 19.50 28.95 -5.74
C ALA A 221 18.86 28.10 -4.66
N ARG A 222 19.61 27.81 -3.61
CA ARG A 222 19.10 27.01 -2.50
C ARG A 222 17.93 27.80 -1.90
N LYS A 223 18.15 29.09 -1.64
CA LYS A 223 17.14 29.96 -1.06
C LYS A 223 15.79 29.88 -1.76
N HIS A 224 15.77 29.26 -2.94
CA HIS A 224 14.53 29.13 -3.70
C HIS A 224 14.12 27.67 -3.92
N GLY A 225 14.70 26.77 -3.12
CA GLY A 225 14.39 25.37 -3.25
C GLY A 225 14.85 24.81 -4.58
N LEU A 226 16.04 25.20 -5.00
CA LEU A 226 16.55 24.73 -6.27
C LEU A 226 18.01 24.29 -6.21
N HIS A 227 18.51 23.87 -7.37
CA HIS A 227 19.87 23.40 -7.49
C HIS A 227 20.54 24.08 -8.69
N ALA A 228 21.71 24.67 -8.46
CA ALA A 228 22.42 25.32 -9.55
C ALA A 228 23.69 24.53 -9.90
N THR A 229 23.78 24.14 -11.17
CA THR A 229 24.93 23.39 -11.64
C THR A 229 25.55 24.00 -12.88
N PHE A 230 26.85 24.25 -12.80
CA PHE A 230 27.57 24.81 -13.93
C PHE A 230 28.22 23.64 -14.70
N MET A 231 27.55 22.50 -14.66
CA MET A 231 28.02 21.30 -15.33
C MET A 231 27.92 21.59 -16.81
N PRO A 232 28.97 21.27 -17.58
CA PRO A 232 28.88 21.56 -19.00
C PRO A 232 27.67 20.91 -19.69
N LYS A 233 27.45 19.62 -19.46
CA LYS A 233 26.36 18.89 -20.11
C LYS A 233 25.61 18.03 -19.11
N PRO A 234 24.79 18.65 -18.26
CA PRO A 234 24.01 17.92 -17.25
C PRO A 234 23.02 16.93 -17.86
N LEU A 235 22.50 17.23 -19.05
CA LEU A 235 21.55 16.36 -19.71
C LEU A 235 21.86 16.10 -21.17
N PHE A 236 21.61 14.86 -21.58
CA PHE A 236 21.84 14.48 -22.97
C PHE A 236 20.69 14.95 -23.85
N GLY A 237 20.98 15.17 -25.12
CA GLY A 237 19.96 15.63 -26.04
C GLY A 237 19.47 17.02 -25.66
N VAL A 238 20.14 17.60 -24.67
CA VAL A 238 19.79 18.92 -24.19
C VAL A 238 20.99 19.86 -24.36
N ASN A 239 20.70 21.14 -24.53
CA ASN A 239 21.72 22.15 -24.72
C ASN A 239 22.64 22.25 -23.49
N GLY A 240 23.94 22.12 -23.74
CA GLY A 240 24.92 22.22 -22.68
C GLY A 240 25.10 23.64 -22.17
N SER A 241 26.23 23.94 -21.55
CA SER A 241 26.47 25.28 -21.02
C SER A 241 27.94 25.67 -21.04
N GLY A 242 28.21 26.80 -21.68
CA GLY A 242 29.57 27.27 -21.75
C GLY A 242 29.69 28.68 -21.20
N MET A 243 30.93 29.13 -21.05
CA MET A 243 31.19 30.45 -20.51
C MET A 243 32.12 31.24 -21.44
N HIS A 244 31.55 31.90 -22.45
CA HIS A 244 32.34 32.69 -23.41
C HIS A 244 33.22 33.68 -22.66
N CYS A 245 34.46 33.85 -23.12
CA CYS A 245 35.36 34.80 -22.47
C CYS A 245 35.80 35.90 -23.41
N ASN A 246 35.20 37.07 -23.25
CA ASN A 246 35.52 38.24 -24.09
C ASN A 246 36.83 38.89 -23.65
N LEU A 247 37.81 38.91 -24.56
CA LEU A 247 39.13 39.47 -24.27
C LEU A 247 39.48 40.70 -25.10
N SER A 248 40.33 41.56 -24.54
CA SER A 248 40.75 42.79 -25.21
C SER A 248 41.99 43.34 -24.51
N LEU A 249 43.11 43.40 -25.24
CA LEU A 249 44.36 43.92 -24.70
C LEU A 249 44.45 45.44 -24.80
N PHE A 250 44.98 46.07 -23.76
CA PHE A 250 45.13 47.52 -23.74
C PHE A 250 46.60 47.89 -23.53
N LYS A 251 46.90 49.15 -23.79
CA LYS A 251 48.23 49.69 -23.59
C LYS A 251 48.13 51.20 -23.68
N ASN A 252 48.51 51.86 -22.59
CA ASN A 252 48.46 53.32 -22.51
C ASN A 252 46.99 53.80 -22.48
N GLY A 253 46.16 53.05 -21.77
CA GLY A 253 44.75 53.39 -21.62
C GLY A 253 44.00 53.38 -22.94
N VAL A 254 44.58 52.67 -23.91
CA VAL A 254 43.99 52.57 -25.24
C VAL A 254 43.95 51.10 -25.68
N ASN A 255 42.89 50.73 -26.40
CA ASN A 255 42.70 49.37 -26.90
C ASN A 255 43.68 49.01 -28.01
N ALA A 256 44.65 48.15 -27.71
CA ALA A 256 45.66 47.74 -28.68
C ALA A 256 45.17 46.81 -29.78
N PHE A 257 43.89 46.48 -29.76
CA PHE A 257 43.29 45.58 -30.75
C PHE A 257 42.63 46.36 -31.89
N PHE A 258 42.25 47.61 -31.63
CA PHE A 258 41.57 48.45 -32.62
C PHE A 258 42.48 49.16 -33.63
N ASP A 259 41.90 49.59 -34.75
CA ASP A 259 42.64 50.33 -35.79
C ASP A 259 41.63 51.03 -36.70
N GLU A 260 41.50 52.34 -36.52
CA GLU A 260 40.58 53.15 -37.31
C GLU A 260 40.71 52.82 -38.79
N ASN A 261 41.89 53.10 -39.33
CA ASN A 261 42.20 52.87 -40.73
C ASN A 261 42.79 51.48 -41.02
N ALA A 262 41.94 50.46 -41.09
CA ALA A 262 42.40 49.09 -41.37
C ALA A 262 41.22 48.14 -41.61
N ASP A 263 41.53 46.87 -41.89
CA ASP A 263 40.50 45.85 -42.16
C ASP A 263 39.70 45.49 -40.92
N LEU A 264 38.38 45.64 -41.01
CA LEU A 264 37.52 45.34 -39.88
C LEU A 264 38.03 46.06 -38.63
N GLN A 265 38.86 47.07 -38.86
CA GLN A 265 39.41 47.89 -37.79
C GLN A 265 40.15 47.05 -36.75
N LEU A 266 41.05 46.18 -37.20
CA LEU A 266 41.81 45.32 -36.29
C LEU A 266 43.33 45.46 -36.36
N SER A 267 43.90 46.10 -35.35
CA SER A 267 45.35 46.28 -35.30
C SER A 267 46.06 44.96 -35.56
N GLU A 268 47.28 45.04 -36.10
CA GLU A 268 48.07 43.85 -36.38
C GLU A 268 48.30 43.11 -35.08
N THR A 269 48.10 43.82 -33.98
CA THR A 269 48.26 43.27 -32.66
C THR A 269 47.10 42.32 -32.44
N ALA A 270 45.92 42.76 -32.88
CA ALA A 270 44.71 41.96 -32.77
C ALA A 270 44.89 40.65 -33.54
N LYS A 271 45.11 40.79 -34.85
CA LYS A 271 45.30 39.64 -35.74
C LYS A 271 46.34 38.67 -35.18
N HIS A 272 47.43 39.22 -34.65
CA HIS A 272 48.49 38.41 -34.08
C HIS A 272 47.98 37.65 -32.88
N PHE A 273 47.13 38.31 -32.09
CA PHE A 273 46.55 37.71 -30.89
C PHE A 273 45.70 36.51 -31.31
N ILE A 274 44.87 36.75 -32.32
CA ILE A 274 44.01 35.71 -32.84
C ILE A 274 44.80 34.51 -33.35
N ALA A 275 45.94 34.78 -33.99
CA ALA A 275 46.79 33.73 -34.52
C ALA A 275 47.31 32.81 -33.42
N GLY A 276 47.80 33.43 -32.35
CA GLY A 276 48.32 32.67 -31.22
C GLY A 276 47.26 31.84 -30.57
N ILE A 277 46.06 32.38 -30.47
CA ILE A 277 44.97 31.66 -29.86
C ILE A 277 44.61 30.45 -30.73
N VAL A 278 44.59 30.65 -32.05
CA VAL A 278 44.28 29.57 -32.96
C VAL A 278 45.34 28.48 -32.86
N LYS A 279 46.59 28.90 -32.83
CA LYS A 279 47.70 27.95 -32.76
C LYS A 279 47.72 27.08 -31.53
N HIS A 280 47.02 27.48 -30.48
CA HIS A 280 47.03 26.70 -29.24
C HIS A 280 45.66 26.19 -28.81
N ALA A 281 44.65 26.45 -29.63
CA ALA A 281 43.28 26.03 -29.36
C ALA A 281 43.19 24.60 -28.82
N THR A 282 43.58 23.63 -29.63
CA THR A 282 43.52 22.25 -29.20
C THR A 282 44.57 22.01 -28.12
N SER A 283 45.27 23.06 -27.73
CA SER A 283 46.30 22.92 -26.68
C SER A 283 45.82 23.31 -25.28
N PHE A 284 44.89 24.27 -25.18
CA PHE A 284 44.37 24.69 -23.88
C PHE A 284 42.92 24.25 -23.60
N THR A 285 42.36 23.46 -24.51
CA THR A 285 41.00 22.96 -24.38
C THR A 285 40.87 22.09 -23.13
N ALA A 286 41.94 21.37 -22.80
CA ALA A 286 41.95 20.52 -21.62
C ALA A 286 41.76 21.36 -20.37
N VAL A 287 42.24 22.61 -20.40
CA VAL A 287 42.09 23.49 -19.24
C VAL A 287 40.74 24.22 -19.28
N THR A 288 40.43 24.81 -20.42
CA THR A 288 39.18 25.54 -20.59
C THR A 288 37.99 24.59 -20.49
N ASN A 289 38.23 23.31 -20.71
CA ASN A 289 37.18 22.29 -20.65
C ASN A 289 37.76 21.13 -19.81
N PRO A 290 37.89 21.36 -18.48
CA PRO A 290 38.43 20.43 -17.46
C PRO A 290 37.71 19.14 -17.02
N THR A 291 36.43 19.00 -17.35
CA THR A 291 35.72 17.80 -16.91
C THR A 291 35.55 16.76 -18.01
N VAL A 292 35.30 15.52 -17.60
CA VAL A 292 35.10 14.44 -18.58
C VAL A 292 33.86 14.70 -19.42
N ASN A 293 32.84 15.27 -18.78
CA ASN A 293 31.58 15.57 -19.43
C ASN A 293 31.61 16.84 -20.29
N SER A 294 32.68 17.64 -20.18
CA SER A 294 32.76 18.88 -20.95
C SER A 294 32.79 18.67 -22.45
N TYR A 295 33.41 17.57 -22.87
CA TYR A 295 33.55 17.25 -24.27
C TYR A 295 32.27 16.72 -24.88
N LYS A 296 31.29 16.44 -24.03
CA LYS A 296 30.01 15.95 -24.48
C LYS A 296 29.24 17.17 -25.04
N ARG A 297 29.77 18.36 -24.80
CA ARG A 297 29.13 19.59 -25.30
C ARG A 297 29.79 20.04 -26.58
N LEU A 298 30.96 19.47 -26.87
CA LEU A 298 31.70 19.77 -28.08
C LEU A 298 31.39 18.70 -29.13
N VAL A 299 30.10 18.55 -29.40
CA VAL A 299 29.57 17.62 -30.39
C VAL A 299 28.89 18.52 -31.41
N PRO A 300 29.07 18.22 -32.71
CA PRO A 300 28.49 18.99 -33.82
C PRO A 300 26.98 19.27 -33.79
N PRO A 305 31.77 25.47 -29.87
CA PRO A 305 32.90 25.48 -30.83
C PRO A 305 33.49 24.09 -31.02
N CYS A 306 33.14 23.45 -32.14
CA CYS A 306 33.63 22.10 -32.42
C CYS A 306 34.89 22.10 -33.29
N TYR A 307 34.90 22.98 -34.29
CA TYR A 307 36.03 23.07 -35.19
C TYR A 307 36.81 24.35 -34.90
N VAL A 308 38.13 24.24 -34.90
CA VAL A 308 38.98 25.39 -34.63
C VAL A 308 38.86 26.41 -35.75
N ALA A 309 37.99 27.40 -35.57
CA ALA A 309 37.78 28.46 -36.56
C ALA A 309 37.27 29.76 -35.92
N TRP A 310 37.50 30.88 -36.62
CA TRP A 310 37.08 32.19 -36.13
C TRP A 310 36.22 32.97 -37.13
N SER A 311 35.14 33.57 -36.64
CA SER A 311 34.23 34.36 -37.46
C SER A 311 33.09 34.97 -36.65
N ALA A 312 32.77 36.22 -36.95
CA ALA A 312 31.72 36.96 -36.28
C ALA A 312 30.35 36.69 -36.91
N GLN A 313 30.12 35.44 -37.29
CA GLN A 313 28.85 35.04 -37.92
C GLN A 313 28.90 33.57 -38.33
N ASN A 314 28.56 32.69 -37.40
CA ASN A 314 28.56 31.25 -37.65
C ASN A 314 27.81 30.52 -36.55
N ARG A 315 27.93 29.19 -36.54
CA ARG A 315 27.27 28.37 -35.52
C ARG A 315 28.27 27.71 -34.57
N SER A 316 29.38 27.22 -35.11
CA SER A 316 30.40 26.58 -34.26
C SER A 316 31.80 27.21 -34.41
N PRO A 317 31.87 28.56 -34.44
CA PRO A 317 33.17 29.22 -34.57
C PRO A 317 33.81 29.29 -33.18
N LEU A 318 34.97 28.66 -33.05
CA LEU A 318 35.67 28.64 -31.78
C LEU A 318 35.97 30.07 -31.35
N ILE A 319 36.39 30.89 -32.30
CA ILE A 319 36.70 32.28 -32.02
C ILE A 319 35.68 33.15 -32.74
N ARG A 320 35.28 34.25 -32.11
CA ARG A 320 34.32 35.17 -32.71
C ARG A 320 34.70 36.62 -32.37
N ILE A 321 34.37 37.55 -33.26
CA ILE A 321 34.66 38.95 -33.01
C ILE A 321 33.37 39.75 -33.03
N PRO A 322 32.96 40.26 -31.87
CA PRO A 322 31.74 41.05 -31.65
C PRO A 322 31.64 42.30 -32.51
N ALA A 323 30.46 42.90 -32.52
CA ALA A 323 30.16 44.11 -33.29
C ALA A 323 30.95 45.34 -32.82
N SER A 324 30.64 45.82 -31.62
CA SER A 324 31.30 46.97 -31.03
C SER A 324 32.74 47.17 -31.50
N ARG A 325 33.22 48.41 -31.44
CA ARG A 325 34.58 48.72 -31.86
C ARG A 325 35.25 49.79 -31.00
N GLY A 326 36.44 50.19 -31.42
CA GLY A 326 37.16 51.21 -30.70
C GLY A 326 37.65 50.69 -29.36
N ILE A 327 37.31 51.38 -28.28
CA ILE A 327 37.75 50.93 -26.97
C ILE A 327 36.92 49.74 -26.53
N SER A 328 36.17 49.16 -27.48
CA SER A 328 35.31 48.00 -27.21
C SER A 328 35.66 46.81 -28.12
N THR A 329 36.68 46.97 -28.94
CA THR A 329 37.14 45.93 -29.85
C THR A 329 37.45 44.75 -28.96
N ARG A 330 36.94 43.58 -29.32
CA ARG A 330 37.13 42.39 -28.50
C ARG A 330 37.15 41.07 -29.27
N VAL A 331 37.95 40.12 -28.81
CA VAL A 331 37.98 38.80 -29.44
C VAL A 331 37.14 37.94 -28.48
N GLU A 332 36.52 36.87 -28.99
CA GLU A 332 35.69 36.02 -28.12
C GLU A 332 35.91 34.53 -28.35
N VAL A 333 36.23 33.83 -27.27
CA VAL A 333 36.46 32.38 -27.28
C VAL A 333 35.22 31.67 -26.69
N ARG A 334 34.42 31.07 -27.57
CA ARG A 334 33.16 30.43 -27.22
C ARG A 334 33.29 28.97 -26.84
N SER A 335 34.52 28.50 -26.71
CA SER A 335 34.74 27.11 -26.35
C SER A 335 34.78 26.79 -24.85
N VAL A 336 35.24 27.76 -24.07
CA VAL A 336 35.35 27.60 -22.62
C VAL A 336 33.98 27.36 -22.01
N ASP A 337 33.97 27.02 -20.72
CA ASP A 337 32.71 26.80 -19.99
C ASP A 337 32.92 27.09 -18.52
N PRO A 338 31.86 27.00 -17.72
CA PRO A 338 31.89 27.26 -16.29
C PRO A 338 32.59 26.21 -15.41
N ALA A 339 32.96 25.08 -16.00
CA ALA A 339 33.66 24.06 -15.22
C ALA A 339 35.14 24.40 -15.15
N ALA A 340 35.56 25.33 -16.01
CA ALA A 340 36.94 25.78 -16.10
C ALA A 340 37.34 26.63 -14.92
N ASN A 341 38.63 26.66 -14.63
CA ASN A 341 39.16 27.45 -13.51
C ASN A 341 39.46 28.84 -14.04
N PRO A 342 38.66 29.85 -13.64
CA PRO A 342 38.83 31.23 -14.08
C PRO A 342 40.29 31.67 -14.18
N TYR A 343 41.05 31.40 -13.13
CA TYR A 343 42.46 31.79 -13.09
C TYR A 343 43.25 31.09 -14.19
N LEU A 344 43.27 29.75 -14.17
CA LEU A 344 44.00 28.98 -15.18
C LEU A 344 43.42 29.10 -16.58
N ALA A 345 42.11 28.90 -16.71
CA ALA A 345 41.45 28.99 -18.01
C ALA A 345 41.81 30.30 -18.69
N LEU A 346 42.13 31.30 -17.88
CA LEU A 346 42.50 32.61 -18.42
C LEU A 346 44.00 32.70 -18.66
N SER A 347 44.79 32.12 -17.76
CA SER A 347 46.24 32.14 -17.92
C SER A 347 46.63 31.48 -19.26
N VAL A 348 46.13 30.27 -19.50
CA VAL A 348 46.43 29.57 -20.74
C VAL A 348 45.91 30.31 -21.97
N LEU A 349 44.87 31.13 -21.82
CA LEU A 349 44.35 31.88 -22.95
C LEU A 349 45.18 33.14 -23.19
N LEU A 350 45.64 33.76 -22.11
CA LEU A 350 46.45 34.97 -22.25
C LEU A 350 47.77 34.61 -22.92
N ALA A 351 48.39 33.56 -22.42
CA ALA A 351 49.67 33.10 -22.95
C ALA A 351 49.60 32.83 -24.47
N ALA A 352 48.65 31.99 -24.87
CA ALA A 352 48.48 31.67 -26.29
C ALA A 352 48.41 32.95 -27.10
N GLY A 353 47.83 33.97 -26.49
CA GLY A 353 47.70 35.25 -27.15
C GLY A 353 49.01 36.03 -27.17
N LEU A 354 49.68 36.09 -26.03
CA LEU A 354 50.95 36.80 -25.96
C LEU A 354 51.92 36.16 -26.92
N ASP A 355 51.68 34.87 -27.24
CA ASP A 355 52.55 34.15 -28.16
C ASP A 355 52.48 34.79 -29.54
N GLY A 356 51.27 34.98 -30.04
CA GLY A 356 51.14 35.60 -31.35
C GLY A 356 51.75 36.99 -31.38
N ILE A 357 51.83 37.66 -30.24
CA ILE A 357 52.38 39.00 -30.20
C ILE A 357 53.91 39.00 -30.26
N LYS A 358 54.53 38.50 -29.20
CA LYS A 358 56.00 38.43 -29.12
C LYS A 358 56.64 37.57 -30.22
N ASN A 359 55.83 36.80 -30.95
CA ASN A 359 56.34 35.95 -32.03
C ASN A 359 55.74 36.35 -33.36
N LYS A 360 55.15 37.54 -33.42
CA LYS A 360 54.54 38.03 -34.65
C LYS A 360 53.99 36.86 -35.44
N LEU A 361 52.95 36.22 -34.90
CA LEU A 361 52.36 35.06 -35.56
C LEU A 361 51.41 35.50 -36.67
N GLU A 362 51.37 34.69 -37.72
CA GLU A 362 50.56 34.94 -38.91
C GLU A 362 49.24 34.20 -38.89
N ALA A 363 48.18 34.94 -38.57
CA ALA A 363 46.85 34.37 -38.51
C ALA A 363 46.39 33.91 -39.90
N PRO A 364 45.72 32.73 -39.96
CA PRO A 364 45.22 32.15 -41.22
C PRO A 364 43.96 32.88 -41.72
N ALA A 365 43.45 32.47 -42.89
CA ALA A 365 42.26 33.10 -43.48
C ALA A 365 41.02 32.89 -42.64
N PRO A 366 40.00 33.77 -42.81
CA PRO A 366 38.76 33.61 -42.03
C PRO A 366 37.94 32.41 -42.50
N ILE A 367 36.94 32.04 -41.73
CA ILE A 367 36.10 30.90 -42.08
C ILE A 367 34.65 31.40 -42.12
N ASP A 368 34.25 32.00 -43.23
CA ASP A 368 32.88 32.52 -43.36
C ASP A 368 31.80 31.45 -43.56
N ARG A 369 32.07 30.49 -44.42
CA ARG A 369 31.14 29.38 -44.69
C ARG A 369 30.90 28.59 -43.40
N ASN A 370 29.63 28.30 -43.10
CA ASN A 370 29.28 27.54 -41.88
C ASN A 370 30.23 26.34 -41.76
N ILE A 371 30.90 26.24 -40.60
CA ILE A 371 31.87 25.18 -40.36
C ILE A 371 31.37 23.73 -40.23
N TYR A 372 30.07 23.46 -40.30
CA TYR A 372 29.66 22.06 -40.19
C TYR A 372 28.97 21.35 -41.37
N VAL A 373 29.45 21.66 -42.58
CA VAL A 373 28.99 21.06 -43.84
C VAL A 373 30.23 20.38 -44.42
N MET A 374 31.38 20.71 -43.84
CA MET A 374 32.69 20.18 -44.23
C MET A 374 33.02 18.93 -43.41
N SER A 375 33.47 17.87 -44.09
CA SER A 375 33.81 16.62 -43.43
C SER A 375 35.20 16.72 -42.79
N LYS A 376 35.52 15.78 -41.90
CA LYS A 376 36.82 15.77 -41.24
C LYS A 376 37.90 15.34 -42.25
N GLU A 377 37.44 14.74 -43.35
CA GLU A 377 38.32 14.29 -44.42
C GLU A 377 38.67 15.50 -45.29
N GLU A 378 37.66 16.32 -45.56
CA GLU A 378 37.83 17.53 -46.35
C GLU A 378 38.25 18.66 -45.41
N ARG A 379 38.20 18.40 -44.11
CA ARG A 379 38.58 19.40 -43.11
C ARG A 379 40.11 19.44 -43.01
N MET A 380 40.76 18.41 -43.55
CA MET A 380 42.22 18.34 -43.55
C MET A 380 42.70 19.41 -44.52
N GLU A 381 41.84 19.74 -45.48
CA GLU A 381 42.11 20.76 -46.50
C GLU A 381 41.39 22.06 -46.15
N ASN A 382 40.69 22.07 -45.02
CA ASN A 382 39.99 23.26 -44.54
C ASN A 382 40.86 23.89 -43.47
N GLY A 383 41.02 25.21 -43.54
CA GLY A 383 41.82 25.92 -42.55
C GLY A 383 41.06 25.91 -41.24
N ILE A 384 40.65 24.72 -40.83
CA ILE A 384 39.90 24.53 -39.59
C ILE A 384 40.28 23.19 -38.93
N VAL A 385 41.03 23.25 -37.84
CA VAL A 385 41.46 22.03 -37.14
C VAL A 385 40.35 21.59 -36.17
N ASP A 386 40.39 20.32 -35.79
CA ASP A 386 39.37 19.81 -34.88
C ASP A 386 39.82 19.82 -33.43
N LEU A 387 38.90 20.21 -32.55
CA LEU A 387 39.17 20.27 -31.11
C LEU A 387 39.19 18.87 -30.56
N PRO A 388 39.69 18.70 -29.34
CA PRO A 388 39.74 17.37 -28.73
C PRO A 388 38.33 16.82 -28.49
N ALA A 389 38.15 15.50 -28.60
CA ALA A 389 36.85 14.88 -28.39
C ALA A 389 36.61 14.42 -26.95
N THR A 390 37.68 14.20 -26.20
CA THR A 390 37.56 13.75 -24.81
C THR A 390 38.63 14.40 -23.95
N LEU A 391 38.61 14.09 -22.66
CA LEU A 391 39.59 14.65 -21.72
C LEU A 391 40.96 14.03 -21.99
N ALA A 392 40.96 12.75 -22.34
CA ALA A 392 42.21 12.04 -22.62
C ALA A 392 42.90 12.68 -23.80
N GLU A 393 42.10 12.99 -24.81
CA GLU A 393 42.62 13.59 -26.03
C GLU A 393 43.12 15.01 -25.79
N ALA A 394 42.36 15.80 -25.03
CA ALA A 394 42.78 17.16 -24.76
C ALA A 394 44.02 17.14 -23.89
N LEU A 395 44.11 16.15 -23.01
CA LEU A 395 45.23 16.02 -22.10
C LEU A 395 46.55 15.65 -22.78
N GLU A 396 46.47 15.09 -23.98
CA GLU A 396 47.68 14.72 -24.72
C GLU A 396 48.18 15.92 -25.51
N GLU A 397 47.25 16.69 -26.04
CA GLU A 397 47.57 17.88 -26.81
C GLU A 397 48.10 18.95 -25.86
N PHE A 398 47.73 18.83 -24.59
CA PHE A 398 48.12 19.80 -23.57
C PHE A 398 49.59 19.66 -23.16
N LYS A 399 49.93 18.53 -22.54
CA LYS A 399 51.30 18.29 -22.12
C LYS A 399 52.27 18.38 -23.30
N SER A 400 51.77 18.19 -24.52
CA SER A 400 52.60 18.21 -25.74
C SER A 400 53.06 19.60 -26.12
N ASN A 401 52.20 20.58 -25.92
CA ASN A 401 52.52 21.96 -26.24
C ASN A 401 53.38 22.51 -25.11
N GLU A 402 54.39 23.30 -25.46
CA GLU A 402 55.30 23.87 -24.47
C GLU A 402 54.79 25.13 -23.79
N VAL A 403 54.46 26.14 -24.60
CA VAL A 403 53.97 27.41 -24.11
C VAL A 403 52.90 27.23 -23.03
N MET A 404 52.28 26.06 -23.02
CA MET A 404 51.26 25.72 -22.03
C MET A 404 51.98 25.32 -20.74
N VAL A 405 52.90 24.37 -20.85
CA VAL A 405 53.67 23.92 -19.71
C VAL A 405 54.20 25.17 -19.01
N LYS A 406 54.49 26.18 -19.81
CA LYS A 406 55.00 27.45 -19.30
C LYS A 406 53.87 28.18 -18.57
N ALA A 407 52.81 28.47 -19.31
CA ALA A 407 51.66 29.17 -18.76
C ALA A 407 51.40 28.78 -17.33
N LEU A 408 51.07 27.51 -17.10
CA LEU A 408 50.76 27.01 -15.76
C LEU A 408 52.00 26.86 -14.87
N GLY A 409 53.17 26.81 -15.51
CA GLY A 409 54.39 26.66 -14.76
C GLY A 409 54.53 25.39 -13.94
N GLU A 410 55.71 24.79 -14.06
CA GLU A 410 56.07 23.59 -13.33
C GLU A 410 55.01 22.94 -12.44
N HIS A 411 54.92 23.41 -11.19
CA HIS A 411 53.99 22.86 -10.20
C HIS A 411 52.55 22.75 -10.66
N LEU A 412 51.92 23.89 -10.90
CA LEU A 412 50.53 23.89 -11.31
C LEU A 412 50.27 22.92 -12.46
N PHE A 413 51.17 22.91 -13.43
CA PHE A 413 51.06 22.02 -14.60
C PHE A 413 51.11 20.56 -14.17
N GLU A 414 52.11 20.23 -13.34
CA GLU A 414 52.30 18.88 -12.85
C GLU A 414 51.01 18.32 -12.23
N HIS A 415 50.66 18.83 -11.05
CA HIS A 415 49.47 18.35 -10.36
C HIS A 415 48.22 18.40 -11.19
N PHE A 416 48.12 19.34 -12.10
CA PHE A 416 46.93 19.45 -12.93
C PHE A 416 46.76 18.20 -13.78
N ILE A 417 47.70 17.98 -14.69
CA ILE A 417 47.62 16.83 -15.54
C ILE A 417 47.43 15.58 -14.70
N GLU A 418 48.31 15.36 -13.74
CA GLU A 418 48.17 14.17 -12.90
C GLU A 418 46.75 14.07 -12.33
N ALA A 419 46.20 15.21 -11.89
CA ALA A 419 44.86 15.26 -11.31
C ALA A 419 43.77 14.85 -12.29
N LYS A 420 43.91 15.24 -13.54
CA LYS A 420 42.92 14.91 -14.55
C LYS A 420 43.08 13.50 -15.12
N GLU A 421 44.32 13.01 -15.14
CA GLU A 421 44.59 11.66 -15.65
C GLU A 421 43.87 10.66 -14.77
N ILE A 422 43.89 10.89 -13.46
CA ILE A 422 43.19 10.03 -12.51
C ILE A 422 41.70 10.09 -12.79
N GLU A 423 41.22 11.31 -13.03
CA GLU A 423 39.82 11.57 -13.32
C GLU A 423 39.33 10.78 -14.55
N TRP A 424 40.17 10.71 -15.58
CA TRP A 424 39.82 9.99 -16.80
C TRP A 424 39.80 8.50 -16.53
N ASP A 425 40.90 7.97 -16.00
CA ASP A 425 40.95 6.54 -15.75
C ASP A 425 39.81 6.04 -14.87
N MET A 426 39.38 6.88 -13.95
CA MET A 426 38.28 6.53 -13.06
C MET A 426 37.04 6.33 -13.92
N PHE A 427 36.89 7.23 -14.89
CA PHE A 427 35.78 7.18 -15.81
C PHE A 427 35.93 6.10 -16.89
N ARG A 428 37.12 5.93 -17.45
CA ARG A 428 37.32 4.93 -18.50
C ARG A 428 37.14 3.50 -18.02
N THR A 429 37.42 3.26 -16.76
CA THR A 429 37.35 1.92 -16.20
C THR A 429 35.97 1.56 -15.67
N GLN A 430 35.10 2.56 -15.57
CA GLN A 430 33.74 2.34 -15.07
C GLN A 430 32.90 1.53 -16.07
N VAL A 431 31.87 0.85 -15.58
CA VAL A 431 30.97 0.09 -16.45
C VAL A 431 29.58 0.69 -16.30
N HIS A 432 29.23 1.58 -17.23
CA HIS A 432 27.97 2.32 -17.24
C HIS A 432 26.74 1.55 -17.68
N PRO A 433 25.55 1.98 -17.21
CA PRO A 433 24.29 1.34 -17.57
C PRO A 433 24.17 1.22 -19.09
N TRP A 434 24.63 2.26 -19.77
CA TRP A 434 24.60 2.31 -21.23
C TRP A 434 25.20 1.07 -21.86
N GLU A 435 26.30 0.59 -21.28
CA GLU A 435 26.99 -0.58 -21.81
C GLU A 435 26.14 -1.83 -21.66
N ARG A 436 25.58 -2.05 -20.49
CA ARG A 436 24.73 -3.20 -20.28
C ARG A 436 23.59 -3.18 -21.30
N GLU A 437 22.86 -2.07 -21.40
CA GLU A 437 21.76 -1.98 -22.35
C GLU A 437 22.21 -2.57 -23.68
N GLN A 438 23.07 -1.81 -24.34
CA GLN A 438 23.60 -2.15 -25.65
C GLN A 438 24.34 -3.47 -25.77
N TYR A 439 25.04 -3.92 -24.74
CA TYR A 439 25.80 -5.17 -24.88
C TYR A 439 25.31 -6.40 -24.15
N MET A 440 24.62 -6.21 -23.04
CA MET A 440 24.16 -7.36 -22.25
C MET A 440 23.20 -8.28 -22.96
N SER A 441 22.34 -7.71 -23.79
CA SER A 441 21.39 -8.54 -24.53
C SER A 441 22.02 -8.94 -25.84
N GLN A 442 22.63 -7.96 -26.52
CA GLN A 442 23.27 -8.19 -27.82
C GLN A 442 24.11 -9.46 -27.85
N TYR A 443 25.17 -9.49 -27.06
CA TYR A 443 26.03 -10.66 -27.02
C TYR A 443 25.61 -11.59 -25.88
N ALA B 1 2.56 61.82 -27.86
CA ALA B 1 3.24 62.03 -26.55
C ALA B 1 2.68 61.13 -25.44
N LYS B 2 3.40 61.08 -24.32
CA LYS B 2 3.00 60.29 -23.15
C LYS B 2 4.12 60.20 -22.11
N TYR B 3 5.36 60.02 -22.55
CA TYR B 3 6.47 59.90 -21.61
C TYR B 3 7.80 60.44 -22.13
N THR B 4 8.50 61.20 -21.29
CA THR B 4 9.80 61.75 -21.66
C THR B 4 10.88 61.06 -20.84
N ARG B 5 12.08 60.93 -21.42
CA ARG B 5 13.20 60.29 -20.74
C ARG B 5 13.32 60.79 -19.30
N GLU B 6 13.34 62.12 -19.16
CA GLU B 6 13.44 62.77 -17.86
C GLU B 6 12.39 62.26 -16.86
N ASP B 7 11.12 62.27 -17.29
CA ASP B 7 10.00 61.81 -16.46
C ASP B 7 10.19 60.37 -16.03
N ILE B 8 10.45 59.50 -17.00
CA ILE B 8 10.65 58.08 -16.75
C ILE B 8 11.69 57.85 -15.66
N GLU B 9 12.88 58.37 -15.89
CA GLU B 9 13.98 58.22 -14.93
C GLU B 9 13.60 58.71 -13.52
N LYS B 10 12.75 59.73 -13.45
CA LYS B 10 12.32 60.24 -12.16
C LYS B 10 11.26 59.29 -11.64
N LEU B 11 10.63 58.57 -12.57
CA LEU B 11 9.61 57.61 -12.26
C LEU B 11 10.23 56.35 -11.67
N VAL B 12 11.37 55.94 -12.21
CA VAL B 12 12.08 54.78 -11.73
C VAL B 12 12.65 55.07 -10.35
N LYS B 13 12.97 56.34 -10.12
CA LYS B 13 13.51 56.76 -8.83
C LYS B 13 12.47 56.71 -7.75
N GLU B 14 11.53 57.64 -7.80
CA GLU B 14 10.46 57.75 -6.82
C GLU B 14 9.75 56.43 -6.54
N GLU B 15 9.80 55.51 -7.51
CA GLU B 15 9.14 54.22 -7.40
C GLU B 15 10.04 53.06 -7.02
N ASN B 16 11.35 53.26 -7.10
CA ASN B 16 12.30 52.22 -6.78
C ASN B 16 12.13 50.99 -7.66
N VAL B 17 12.83 50.98 -8.79
CA VAL B 17 12.77 49.86 -9.72
C VAL B 17 14.21 49.47 -10.03
N LYS B 18 14.72 48.45 -9.35
CA LYS B 18 16.08 47.99 -9.54
C LYS B 18 16.24 47.06 -10.75
N TYR B 19 15.12 46.51 -11.23
CA TYR B 19 15.13 45.58 -12.37
C TYR B 19 14.29 46.09 -13.55
N ILE B 20 14.94 46.29 -14.70
CA ILE B 20 14.25 46.77 -15.92
C ILE B 20 14.19 45.70 -17.03
N ARG B 21 12.96 45.34 -17.43
CA ARG B 21 12.75 44.32 -18.48
C ARG B 21 12.58 44.94 -19.87
N LEU B 22 13.38 44.49 -20.82
CA LEU B 22 13.24 45.01 -22.18
C LEU B 22 12.64 43.88 -22.99
N GLN B 23 11.34 43.99 -23.26
CA GLN B 23 10.64 42.95 -23.99
C GLN B 23 10.35 43.25 -25.46
N PHE B 24 10.17 42.17 -26.20
CA PHE B 24 9.84 42.22 -27.62
C PHE B 24 8.98 41.00 -27.98
N THR B 25 8.99 40.60 -29.25
CA THR B 25 8.17 39.47 -29.69
C THR B 25 8.76 38.81 -30.92
N ASP B 26 8.97 37.50 -30.87
CA ASP B 26 9.52 36.76 -32.01
C ASP B 26 8.44 36.41 -33.04
N ILE B 27 8.86 35.72 -34.09
CA ILE B 27 7.96 35.33 -35.18
C ILE B 27 6.82 34.37 -34.77
N LEU B 28 6.78 33.96 -33.50
CA LEU B 28 5.73 33.03 -33.07
C LEU B 28 4.79 33.59 -32.02
N GLY B 29 4.87 34.89 -31.79
CA GLY B 29 4.00 35.50 -30.80
C GLY B 29 4.64 35.48 -29.41
N THR B 30 5.45 34.47 -29.17
CA THR B 30 6.15 34.30 -27.88
C THR B 30 6.69 35.61 -27.34
N ILE B 31 6.38 35.90 -26.09
CA ILE B 31 6.86 37.13 -25.49
C ILE B 31 8.25 36.94 -24.91
N LYS B 32 9.25 37.42 -25.66
CA LYS B 32 10.66 37.31 -25.27
C LYS B 32 11.28 38.64 -24.79
N ASN B 33 12.27 38.56 -23.91
CA ASN B 33 12.90 39.77 -23.39
C ASN B 33 14.34 39.60 -22.93
N VAL B 34 15.02 40.75 -22.80
CA VAL B 34 16.40 40.80 -22.32
C VAL B 34 16.32 41.77 -21.13
N GLU B 35 16.67 41.26 -19.96
CA GLU B 35 16.58 42.01 -18.73
C GLU B 35 17.92 42.53 -18.22
N ILE B 36 17.94 43.83 -17.91
CA ILE B 36 19.12 44.53 -17.42
C ILE B 36 18.79 45.21 -16.09
N PRO B 37 19.80 45.48 -15.24
CA PRO B 37 19.43 46.15 -13.98
C PRO B 37 19.31 47.66 -14.24
N VAL B 38 18.42 48.30 -13.48
CA VAL B 38 18.14 49.74 -13.57
C VAL B 38 19.40 50.60 -13.73
N SER B 39 20.55 50.02 -13.40
CA SER B 39 21.83 50.71 -13.52
C SER B 39 22.21 50.93 -14.99
N GLN B 40 21.62 50.15 -15.89
CA GLN B 40 21.91 50.26 -17.32
C GLN B 40 20.81 51.04 -18.04
N LEU B 41 19.75 51.39 -17.31
CA LEU B 41 18.63 52.11 -17.91
C LEU B 41 19.12 53.22 -18.83
N GLY B 42 20.15 53.93 -18.40
CA GLY B 42 20.67 54.99 -19.24
C GLY B 42 21.12 54.39 -20.56
N LYS B 43 21.97 53.37 -20.46
CA LYS B 43 22.49 52.66 -21.63
C LYS B 43 21.38 52.19 -22.56
N ALA B 44 20.37 51.53 -21.97
CA ALA B 44 19.23 50.98 -22.70
C ALA B 44 18.39 52.03 -23.43
N LEU B 45 18.09 53.13 -22.76
CA LEU B 45 17.29 54.18 -23.37
C LEU B 45 17.99 54.83 -24.57
N ASP B 46 19.32 54.83 -24.57
CA ASP B 46 20.07 55.40 -25.67
C ASP B 46 20.16 54.44 -26.84
N ASN B 47 19.32 53.41 -26.79
CA ASN B 47 19.29 52.38 -27.85
C ASN B 47 20.71 51.86 -28.04
N LYS B 48 21.34 51.52 -26.91
CA LYS B 48 22.71 51.02 -26.89
C LYS B 48 22.75 49.53 -26.55
N VAL B 49 21.84 49.09 -25.70
CA VAL B 49 21.78 47.69 -25.30
C VAL B 49 21.63 46.81 -26.53
N MET B 50 22.59 45.91 -26.71
CA MET B 50 22.60 45.01 -27.84
C MET B 50 22.34 43.60 -27.38
N PHE B 51 21.63 42.82 -28.20
CA PHE B 51 21.33 41.43 -27.85
C PHE B 51 21.45 40.59 -29.10
N ASP B 52 21.12 39.31 -28.98
CA ASP B 52 21.17 38.43 -30.13
C ASP B 52 19.79 38.36 -30.80
N GLY B 53 19.68 38.94 -31.98
CA GLY B 53 18.42 38.93 -32.69
C GLY B 53 18.01 37.59 -33.28
N SER B 54 18.93 36.64 -33.38
CA SER B 54 18.58 35.34 -33.95
C SER B 54 17.45 34.75 -33.12
N SER B 55 17.23 35.33 -31.94
CA SER B 55 16.19 34.89 -31.03
C SER B 55 14.83 35.11 -31.68
N ILE B 56 14.67 36.25 -32.33
CA ILE B 56 13.43 36.66 -33.01
C ILE B 56 12.90 35.61 -34.01
N GLU B 57 13.72 34.61 -34.34
CA GLU B 57 13.34 33.57 -35.30
C GLU B 57 12.80 32.35 -34.60
N GLY B 58 13.05 32.25 -33.31
CA GLY B 58 12.57 31.12 -32.54
C GLY B 58 13.44 29.90 -32.72
N PHE B 59 12.85 28.80 -33.15
CA PHE B 59 13.62 27.58 -33.33
C PHE B 59 14.13 27.37 -34.76
N VAL B 60 14.27 28.47 -35.50
CA VAL B 60 14.78 28.38 -36.88
C VAL B 60 16.07 29.19 -37.02
N ARG B 61 16.64 29.60 -35.88
CA ARG B 61 17.89 30.35 -35.86
C ARG B 61 19.10 29.39 -35.91
N ILE B 62 19.99 29.62 -36.88
CA ILE B 62 21.19 28.78 -37.06
C ILE B 62 22.46 29.54 -36.67
N GLU B 63 22.42 30.86 -36.81
CA GLU B 63 23.56 31.71 -36.49
C GLU B 63 23.09 32.84 -35.59
N GLU B 64 24.00 33.45 -34.85
CA GLU B 64 23.59 34.55 -34.01
C GLU B 64 24.06 35.87 -34.61
N SER B 65 23.11 36.77 -34.84
CA SER B 65 23.41 38.09 -35.41
C SER B 65 23.03 39.13 -34.38
N ASP B 66 24.02 39.85 -33.87
CA ASP B 66 23.74 40.86 -32.86
C ASP B 66 22.89 42.01 -33.37
N MET B 67 22.11 42.61 -32.47
CA MET B 67 21.25 43.74 -32.81
C MET B 67 20.92 44.64 -31.62
N TYR B 68 20.48 45.86 -31.92
CA TYR B 68 20.14 46.84 -30.89
C TYR B 68 18.68 46.83 -30.55
N LEU B 69 18.38 47.25 -29.32
CA LEU B 69 17.02 47.29 -28.83
C LEU B 69 16.60 48.74 -28.61
N TYR B 70 15.62 49.21 -29.38
CA TYR B 70 15.13 50.59 -29.24
C TYR B 70 13.86 50.60 -28.39
N PRO B 71 13.94 51.12 -27.16
CA PRO B 71 12.78 51.16 -26.28
C PRO B 71 11.82 52.27 -26.70
N ASP B 72 10.54 52.05 -26.45
CA ASP B 72 9.45 52.98 -26.80
C ASP B 72 8.93 53.56 -25.49
N LEU B 73 9.30 54.80 -25.19
CA LEU B 73 8.89 55.42 -23.94
C LEU B 73 7.41 55.41 -23.55
N ASN B 74 6.52 55.17 -24.51
CA ASN B 74 5.07 55.14 -24.23
C ASN B 74 4.65 53.82 -23.64
N THR B 75 5.50 52.82 -23.79
CA THR B 75 5.22 51.49 -23.30
C THR B 75 5.67 51.25 -21.87
N PHE B 76 6.29 52.25 -21.25
CA PHE B 76 6.78 52.13 -19.88
C PHE B 76 5.70 51.68 -18.90
N VAL B 77 5.98 50.60 -18.15
CA VAL B 77 5.03 50.10 -17.17
C VAL B 77 5.72 49.45 -15.97
N ILE B 78 5.20 49.73 -14.79
CA ILE B 78 5.73 49.18 -13.55
C ILE B 78 4.81 48.09 -13.04
N PHE B 79 5.27 46.85 -13.14
CA PHE B 79 4.50 45.69 -12.69
C PHE B 79 4.13 45.78 -11.22
N PRO B 80 2.91 45.38 -10.88
CA PRO B 80 2.43 45.43 -9.49
C PRO B 80 3.21 44.52 -8.56
N TRP B 81 3.42 43.28 -9.00
CA TRP B 81 4.15 42.30 -8.20
C TRP B 81 5.58 42.79 -8.00
N THR B 82 5.93 42.97 -6.73
CA THR B 82 7.25 43.47 -6.33
C THR B 82 8.26 42.32 -6.18
N ALA B 83 9.55 42.63 -6.38
CA ALA B 83 10.63 41.65 -6.23
C ALA B 83 11.05 41.86 -4.78
N GLU B 84 12.24 41.43 -4.37
CA GLU B 84 12.57 41.67 -2.97
C GLU B 84 13.50 42.87 -2.74
N LYS B 85 14.30 43.21 -3.73
CA LYS B 85 15.20 44.34 -3.61
C LYS B 85 14.65 45.47 -4.46
N GLY B 86 13.39 45.35 -4.85
CA GLY B 86 12.78 46.37 -5.67
C GLY B 86 11.74 45.90 -6.67
N LYS B 87 11.15 46.84 -7.39
CA LYS B 87 10.14 46.54 -8.38
C LYS B 87 10.74 46.24 -9.73
N VAL B 88 9.87 45.92 -10.68
CA VAL B 88 10.30 45.60 -12.04
C VAL B 88 9.53 46.46 -13.04
N ALA B 89 10.27 47.16 -13.90
CA ALA B 89 9.65 48.00 -14.91
C ALA B 89 9.88 47.35 -16.27
N ARG B 90 9.05 47.67 -17.25
CA ARG B 90 9.22 47.07 -18.56
C ARG B 90 9.16 48.07 -19.70
N PHE B 91 9.77 47.67 -20.81
CA PHE B 91 9.84 48.48 -22.02
C PHE B 91 9.73 47.59 -23.24
N ILE B 92 8.71 47.81 -24.05
CA ILE B 92 8.57 47.03 -25.27
C ILE B 92 9.50 47.71 -26.29
N CYS B 93 10.37 46.95 -26.97
CA CYS B 93 11.30 47.57 -27.92
C CYS B 93 11.17 47.18 -29.39
N ASP B 94 12.07 47.73 -30.21
CA ASP B 94 12.09 47.46 -31.64
C ASP B 94 13.49 47.06 -32.08
N ILE B 95 13.63 45.80 -32.45
CA ILE B 95 14.93 45.32 -32.88
C ILE B 95 15.39 46.19 -34.03
N TYR B 96 16.58 46.76 -33.90
CA TYR B 96 17.14 47.59 -34.97
C TYR B 96 18.42 46.93 -35.44
N ASN B 97 18.65 46.96 -36.75
CA ASN B 97 19.86 46.39 -37.32
C ASN B 97 21.08 47.10 -36.75
N PRO B 98 22.19 46.37 -36.63
CA PRO B 98 23.43 46.93 -36.10
C PRO B 98 23.86 48.20 -36.82
N ASP B 99 23.50 48.33 -38.10
CA ASP B 99 23.88 49.53 -38.82
C ASP B 99 23.10 50.74 -38.33
N GLY B 100 21.76 50.67 -38.39
CA GLY B 100 20.96 51.79 -37.91
C GLY B 100 19.51 51.80 -38.34
N THR B 101 19.13 50.85 -39.20
CA THR B 101 17.77 50.74 -39.71
C THR B 101 16.97 49.68 -38.96
N PRO B 102 15.64 49.71 -39.08
CA PRO B 102 14.83 48.71 -38.39
C PRO B 102 14.91 47.31 -39.02
N PHE B 103 15.06 46.30 -38.19
CA PHE B 103 15.15 44.91 -38.64
C PHE B 103 13.82 44.51 -39.24
N GLU B 104 13.86 44.12 -40.51
CA GLU B 104 12.64 43.72 -41.22
C GLU B 104 12.01 42.42 -40.76
N GLY B 105 12.72 41.67 -39.94
CA GLY B 105 12.19 40.42 -39.46
C GLY B 105 11.49 40.67 -38.14
N ASP B 106 11.25 41.94 -37.85
CA ASP B 106 10.60 42.29 -36.59
C ASP B 106 9.10 42.33 -36.78
N PRO B 107 8.38 41.46 -36.05
CA PRO B 107 6.93 41.40 -36.14
C PRO B 107 6.22 42.73 -35.86
N ARG B 108 6.71 43.49 -34.87
CA ARG B 108 6.12 44.79 -34.54
C ARG B 108 6.37 45.78 -35.68
N ASN B 109 7.63 45.92 -36.08
CA ASN B 109 8.02 46.81 -37.17
C ASN B 109 7.26 46.54 -38.45
N ASN B 110 7.07 45.25 -38.74
CA ASN B 110 6.33 44.86 -39.93
C ASN B 110 4.97 45.53 -39.84
N LEU B 111 4.43 45.64 -38.62
CA LEU B 111 3.13 46.28 -38.42
C LEU B 111 3.28 47.77 -38.69
N LYS B 112 4.41 48.33 -38.27
CA LYS B 112 4.70 49.74 -38.46
C LYS B 112 4.66 50.07 -39.94
N ARG B 113 5.36 49.24 -40.70
CA ARG B 113 5.50 49.37 -42.15
C ARG B 113 4.17 49.35 -42.91
N ILE B 114 3.36 48.33 -42.66
CA ILE B 114 2.08 48.21 -43.35
C ILE B 114 1.20 49.41 -43.00
N LEU B 115 1.36 49.93 -41.78
CA LEU B 115 0.59 51.09 -41.31
C LEU B 115 0.99 52.33 -42.09
N LYS B 116 2.25 52.36 -42.51
CA LYS B 116 2.74 53.47 -43.30
C LYS B 116 1.97 53.38 -44.63
N GLU B 117 1.82 52.18 -45.16
CA GLU B 117 1.07 51.99 -46.40
C GLU B 117 -0.33 52.60 -46.21
N MET B 118 -0.89 52.38 -45.03
CA MET B 118 -2.20 52.92 -44.69
C MET B 118 -2.19 54.44 -44.86
N GLU B 119 -1.22 55.10 -44.23
CA GLU B 119 -1.09 56.56 -44.31
C GLU B 119 -0.91 57.08 -45.73
N ASP B 120 0.07 56.51 -46.44
CA ASP B 120 0.36 56.91 -47.81
C ASP B 120 -0.83 56.54 -48.69
N LEU B 121 -1.97 56.29 -48.06
CA LEU B 121 -3.19 55.93 -48.77
C LEU B 121 -4.37 56.69 -48.23
N GLY B 122 -4.10 57.84 -47.60
CA GLY B 122 -5.17 58.63 -47.07
C GLY B 122 -5.39 58.48 -45.58
N PHE B 123 -6.10 57.42 -45.19
CA PHE B 123 -6.40 57.13 -43.80
C PHE B 123 -5.23 57.42 -42.83
N SER B 124 -5.56 57.68 -41.57
CA SER B 124 -4.57 58.00 -40.53
C SER B 124 -4.82 57.27 -39.21
N ASP B 125 -5.67 56.25 -39.21
CA ASP B 125 -5.98 55.53 -37.98
C ASP B 125 -6.61 54.15 -38.19
N PHE B 126 -5.89 53.13 -37.71
CA PHE B 126 -6.38 51.77 -37.81
C PHE B 126 -6.47 51.21 -36.41
N ASN B 127 -7.68 51.17 -35.86
CA ASN B 127 -7.92 50.66 -34.53
C ASN B 127 -8.37 49.22 -34.49
N LEU B 128 -7.97 48.54 -33.42
CA LEU B 128 -8.30 47.15 -33.22
C LEU B 128 -8.71 47.00 -31.77
N GLY B 129 -9.73 46.18 -31.52
CA GLY B 129 -10.19 45.95 -30.17
C GLY B 129 -10.44 44.46 -30.07
N PRO B 130 -9.56 43.70 -29.37
CA PRO B 130 -9.74 42.25 -29.25
C PRO B 130 -10.59 41.71 -28.12
N GLU B 131 -11.03 40.46 -28.33
CA GLU B 131 -11.88 39.69 -27.40
C GLU B 131 -11.25 38.29 -27.19
N PRO B 132 -10.10 38.22 -26.49
CA PRO B 132 -9.39 36.97 -26.21
C PRO B 132 -10.05 36.04 -25.18
N GLU B 133 -10.18 34.77 -25.54
CA GLU B 133 -10.80 33.76 -24.66
C GLU B 133 -9.74 32.72 -24.25
N PHE B 134 -9.74 32.32 -22.98
CA PHE B 134 -8.77 31.34 -22.48
C PHE B 134 -9.35 30.40 -21.44
N PHE B 135 -8.67 29.29 -21.19
CA PHE B 135 -9.12 28.34 -20.17
C PHE B 135 -8.23 28.43 -18.97
N LEU B 136 -8.77 28.00 -17.84
CA LEU B 136 -8.04 28.00 -16.60
C LEU B 136 -8.13 26.60 -16.02
N PHE B 137 -6.99 25.95 -15.93
CA PHE B 137 -6.94 24.61 -15.38
C PHE B 137 -6.27 24.63 -14.01
N LYS B 138 -6.54 23.61 -13.20
CA LYS B 138 -5.96 23.57 -11.87
C LYS B 138 -4.62 22.89 -11.87
N LEU B 139 -3.66 23.52 -11.22
CA LEU B 139 -2.32 22.95 -11.12
C LEU B 139 -2.39 21.75 -10.18
N ASP B 140 -1.29 21.00 -10.05
CA ASP B 140 -1.25 19.84 -9.16
C ASP B 140 -0.18 20.04 -8.09
N GLU B 141 -0.05 19.05 -7.21
CA GLU B 141 0.94 19.07 -6.14
C GLU B 141 2.28 19.66 -6.60
N LYS B 142 2.83 19.13 -7.71
CA LYS B 142 4.10 19.58 -8.28
C LYS B 142 4.02 20.93 -8.98
N GLY B 143 2.89 21.61 -8.87
CA GLY B 143 2.72 22.88 -9.52
C GLY B 143 2.75 22.69 -11.03
N GLU B 144 2.15 21.61 -11.47
CA GLU B 144 2.10 21.29 -12.89
C GLU B 144 0.70 21.40 -13.46
N PRO B 145 0.58 21.66 -14.76
CA PRO B 145 -0.75 21.77 -15.34
C PRO B 145 -1.54 20.49 -15.12
N THR B 146 -2.86 20.58 -15.27
CA THR B 146 -3.76 19.45 -15.10
C THR B 146 -4.99 19.72 -15.94
N LEU B 147 -5.56 18.67 -16.51
CA LEU B 147 -6.76 18.83 -17.34
C LEU B 147 -8.00 19.01 -16.46
N GLU B 148 -7.79 19.63 -15.30
CA GLU B 148 -8.84 19.90 -14.32
C GLU B 148 -9.31 21.35 -14.40
N LEU B 149 -10.37 21.58 -15.17
CA LEU B 149 -10.91 22.92 -15.30
C LEU B 149 -11.14 23.47 -13.89
N ASN B 150 -10.81 24.74 -13.68
CA ASN B 150 -10.95 25.37 -12.37
C ASN B 150 -12.38 25.41 -11.83
N ASP B 151 -13.34 25.79 -12.68
CA ASP B 151 -14.74 25.86 -12.28
C ASP B 151 -15.66 24.99 -13.14
N LYS B 152 -16.90 25.43 -13.30
CA LYS B 152 -17.90 24.70 -14.07
C LYS B 152 -19.05 25.60 -14.50
N GLY B 153 -18.76 26.90 -14.61
CA GLY B 153 -19.77 27.86 -15.02
C GLY B 153 -20.02 27.78 -16.50
N GLY B 154 -21.05 28.47 -16.97
CA GLY B 154 -21.37 28.46 -18.38
C GLY B 154 -21.32 29.85 -18.98
N TYR B 155 -21.81 29.98 -20.20
CA TYR B 155 -21.83 31.26 -20.90
C TYR B 155 -22.51 32.39 -20.13
N PHE B 156 -21.76 33.46 -19.90
CA PHE B 156 -22.24 34.64 -19.19
C PHE B 156 -22.71 34.40 -17.77
N ASP B 157 -22.41 33.22 -17.22
CA ASP B 157 -22.81 32.91 -15.86
C ASP B 157 -22.02 33.78 -14.89
N LEU B 158 -22.36 33.64 -13.61
CA LEU B 158 -21.67 34.37 -12.57
C LEU B 158 -20.65 33.36 -12.11
N ALA B 159 -19.40 33.57 -12.49
CA ALA B 159 -18.30 32.67 -12.12
C ALA B 159 -18.09 32.72 -10.60
N PRO B 160 -17.37 31.73 -10.05
CA PRO B 160 -17.12 31.67 -8.59
C PRO B 160 -17.34 33.00 -7.88
N THR B 161 -18.36 33.07 -7.02
CA THR B 161 -18.64 34.33 -6.31
C THR B 161 -17.38 34.95 -5.75
N ASP B 162 -17.43 36.28 -5.60
CA ASP B 162 -16.32 37.08 -5.11
C ASP B 162 -15.53 36.43 -3.96
N LEU B 163 -16.24 35.86 -2.98
CA LEU B 163 -15.56 35.19 -1.86
C LEU B 163 -14.96 33.88 -2.36
N GLY B 164 -13.64 33.80 -2.32
CA GLY B 164 -12.96 32.60 -2.78
C GLY B 164 -12.16 32.99 -3.99
N GLU B 165 -11.99 32.05 -4.92
CA GLU B 165 -11.21 32.30 -6.13
C GLU B 165 -11.55 33.61 -6.88
N ASN B 166 -12.28 33.45 -7.98
CA ASN B 166 -12.65 34.56 -8.85
C ASN B 166 -11.37 35.19 -9.39
N CYS B 167 -10.60 34.37 -10.09
CA CYS B 167 -9.34 34.78 -10.69
C CYS B 167 -9.57 35.73 -11.87
N ARG B 168 -10.64 35.48 -12.61
CA ARG B 168 -10.96 36.32 -13.77
C ARG B 168 -11.03 37.78 -13.36
N ARG B 169 -11.73 38.05 -12.27
CA ARG B 169 -11.88 39.42 -11.76
C ARG B 169 -10.54 40.07 -11.43
N ASP B 170 -9.77 39.44 -10.55
CA ASP B 170 -8.49 40.00 -10.17
C ASP B 170 -7.67 40.39 -11.39
N ILE B 171 -7.78 39.61 -12.47
CA ILE B 171 -7.03 39.90 -13.69
C ILE B 171 -7.48 41.26 -14.18
N VAL B 172 -8.78 41.49 -14.14
CA VAL B 172 -9.38 42.75 -14.57
C VAL B 172 -9.01 43.93 -13.68
N LEU B 173 -9.15 43.75 -12.37
CA LEU B 173 -8.84 44.79 -11.40
C LEU B 173 -7.38 45.20 -11.51
N GLU B 174 -6.53 44.20 -11.73
CA GLU B 174 -5.09 44.39 -11.88
C GLU B 174 -4.75 45.04 -13.22
N LEU B 175 -5.46 44.64 -14.29
CA LEU B 175 -5.21 45.22 -15.62
C LEU B 175 -5.49 46.71 -15.65
N GLU B 176 -6.49 47.13 -14.88
CA GLU B 176 -6.85 48.53 -14.79
C GLU B 176 -5.74 49.35 -14.13
N GLU B 177 -5.37 48.99 -12.91
CA GLU B 177 -4.31 49.70 -12.21
C GLU B 177 -3.08 49.89 -13.08
N MET B 178 -2.88 48.99 -14.05
CA MET B 178 -1.73 49.08 -14.96
C MET B 178 -1.96 50.06 -16.07
N GLY B 179 -3.22 50.40 -16.32
CA GLY B 179 -3.50 51.36 -17.36
C GLY B 179 -4.37 50.88 -18.50
N PHE B 180 -4.94 49.69 -18.35
CA PHE B 180 -5.80 49.19 -19.41
C PHE B 180 -7.17 49.82 -19.38
N GLU B 181 -7.72 50.01 -20.57
CA GLU B 181 -9.05 50.55 -20.71
C GLU B 181 -9.88 49.30 -20.99
N ILE B 182 -10.37 48.67 -19.93
CA ILE B 182 -11.20 47.46 -20.08
C ILE B 182 -12.65 47.82 -20.38
N GLU B 183 -13.26 47.01 -21.23
CA GLU B 183 -14.66 47.17 -21.58
C GLU B 183 -15.49 46.36 -20.60
N ALA B 184 -15.51 45.04 -20.79
CA ALA B 184 -16.27 44.16 -19.91
C ALA B 184 -15.54 42.84 -19.63
N SER B 185 -16.34 41.83 -19.29
CA SER B 185 -15.86 40.48 -18.97
C SER B 185 -17.01 39.53 -18.65
N HIS B 186 -16.90 38.29 -19.11
CA HIS B 186 -17.91 37.30 -18.83
C HIS B 186 -17.29 35.92 -18.87
N HIS B 187 -18.12 34.91 -18.65
CA HIS B 187 -17.69 33.53 -18.63
C HIS B 187 -18.13 32.86 -19.93
N GLU B 188 -17.21 32.26 -20.66
CA GLU B 188 -17.56 31.62 -21.92
C GLU B 188 -18.18 30.26 -21.75
N VAL B 189 -18.84 29.82 -22.81
CA VAL B 189 -19.53 28.55 -22.85
C VAL B 189 -18.89 27.41 -22.09
N ALA B 190 -17.63 27.15 -22.41
CA ALA B 190 -16.88 26.05 -21.82
C ALA B 190 -16.59 26.18 -20.35
N PRO B 191 -16.75 25.07 -19.62
CA PRO B 191 -16.50 25.04 -18.18
C PRO B 191 -15.09 25.55 -17.93
N GLY B 192 -14.98 26.65 -17.19
CA GLY B 192 -13.67 27.18 -16.87
C GLY B 192 -13.10 28.14 -17.90
N GLN B 193 -13.90 28.52 -18.89
CA GLN B 193 -13.43 29.44 -19.91
C GLN B 193 -13.89 30.88 -19.61
N HIS B 194 -13.00 31.83 -19.88
CA HIS B 194 -13.29 33.24 -19.65
C HIS B 194 -12.94 34.14 -20.82
N GLU B 195 -13.38 35.38 -20.75
CA GLU B 195 -13.09 36.37 -21.79
C GLU B 195 -13.14 37.79 -21.24
N ILE B 196 -12.17 38.59 -21.66
CA ILE B 196 -12.08 39.97 -21.25
C ILE B 196 -12.04 40.76 -22.55
N ASP B 197 -12.85 41.82 -22.66
CA ASP B 197 -12.86 42.61 -23.89
C ASP B 197 -12.21 43.97 -23.75
N PHE B 198 -11.33 44.28 -24.70
CA PHE B 198 -10.57 45.53 -24.70
C PHE B 198 -11.21 46.67 -25.46
N LYS B 199 -10.84 47.89 -25.09
CA LYS B 199 -11.34 49.10 -25.76
C LYS B 199 -10.44 49.38 -26.95
N TYR B 200 -11.04 49.70 -28.08
CA TYR B 200 -10.30 49.98 -29.29
C TYR B 200 -9.11 50.90 -29.04
N ALA B 201 -8.05 50.68 -29.80
CA ALA B 201 -6.84 51.48 -29.69
C ALA B 201 -6.02 51.35 -30.95
N GLY B 202 -4.91 52.09 -31.03
CA GLY B 202 -4.08 52.03 -32.22
C GLY B 202 -3.30 50.73 -32.36
N ALA B 203 -3.49 50.07 -33.49
CA ALA B 203 -2.86 48.80 -33.82
C ALA B 203 -1.60 48.53 -33.02
N VAL B 204 -0.64 49.45 -33.14
CA VAL B 204 0.62 49.31 -32.43
C VAL B 204 0.42 49.07 -30.94
N ARG B 205 -0.41 49.89 -30.30
CA ARG B 205 -0.65 49.73 -28.87
C ARG B 205 -1.61 48.56 -28.62
N SER B 206 -2.56 48.35 -29.53
CA SER B 206 -3.51 47.25 -29.39
C SER B 206 -2.82 45.89 -29.41
N CYS B 207 -1.76 45.73 -30.20
CA CYS B 207 -1.05 44.47 -30.24
C CYS B 207 -0.19 44.43 -28.97
N ASP B 208 0.37 45.59 -28.62
CA ASP B 208 1.20 45.74 -27.43
C ASP B 208 0.47 45.28 -26.18
N ASP B 209 -0.81 45.64 -26.08
CA ASP B 209 -1.60 45.26 -24.94
C ASP B 209 -2.05 43.80 -24.96
N ILE B 210 -2.16 43.21 -26.15
CA ILE B 210 -2.56 41.80 -26.23
C ILE B 210 -1.50 40.94 -25.55
N GLN B 211 -0.23 41.16 -25.89
CA GLN B 211 0.86 40.43 -25.26
C GLN B 211 0.76 40.71 -23.78
N THR B 212 0.99 41.98 -23.43
CA THR B 212 0.94 42.40 -22.04
C THR B 212 -0.21 41.70 -21.31
N PHE B 213 -1.36 41.60 -21.97
CA PHE B 213 -2.52 40.94 -21.38
C PHE B 213 -2.15 39.50 -21.05
N LYS B 214 -1.73 38.75 -22.05
CA LYS B 214 -1.33 37.35 -21.89
C LYS B 214 -0.29 37.18 -20.78
N LEU B 215 0.62 38.14 -20.66
CA LEU B 215 1.64 38.05 -19.62
C LEU B 215 1.01 38.26 -18.25
N VAL B 216 0.01 39.15 -18.16
CA VAL B 216 -0.67 39.43 -16.90
C VAL B 216 -1.68 38.33 -16.53
N VAL B 217 -2.23 37.67 -17.55
CA VAL B 217 -3.19 36.61 -17.33
C VAL B 217 -2.48 35.37 -16.74
N LYS B 218 -1.39 34.95 -17.38
CA LYS B 218 -0.65 33.80 -16.90
C LYS B 218 -0.19 33.97 -15.45
N THR B 219 0.36 35.14 -15.14
CA THR B 219 0.85 35.44 -13.79
C THR B 219 -0.21 35.40 -12.70
N ILE B 220 -1.19 36.28 -12.77
CA ILE B 220 -2.23 36.29 -11.74
C ILE B 220 -2.90 34.93 -11.65
N ALA B 221 -2.86 34.17 -12.75
CA ALA B 221 -3.44 32.83 -12.82
C ALA B 221 -2.72 31.88 -11.90
N ARG B 222 -1.39 31.87 -12.01
CA ARG B 222 -0.61 31.01 -11.16
C ARG B 222 -0.77 31.46 -9.71
N LYS B 223 -0.95 32.76 -9.50
CA LYS B 223 -1.13 33.32 -8.15
C LYS B 223 -2.32 32.68 -7.49
N HIS B 224 -3.12 31.97 -8.27
CA HIS B 224 -4.29 31.35 -7.70
C HIS B 224 -4.21 29.83 -7.85
N GLY B 225 -3.00 29.33 -7.98
CA GLY B 225 -2.79 27.89 -8.11
C GLY B 225 -3.25 27.31 -9.44
N LEU B 226 -3.57 28.19 -10.38
CA LEU B 226 -4.04 27.80 -11.70
C LEU B 226 -3.03 27.94 -12.84
N HIS B 227 -3.52 27.58 -14.03
CA HIS B 227 -2.76 27.62 -15.27
C HIS B 227 -3.62 28.15 -16.42
N ALA B 228 -3.28 29.34 -16.93
CA ALA B 228 -4.03 29.93 -18.03
C ALA B 228 -3.40 29.52 -19.32
N THR B 229 -4.24 29.20 -20.30
CA THR B 229 -3.82 28.80 -21.64
C THR B 229 -4.72 29.39 -22.73
N PHE B 230 -4.11 30.08 -23.68
CA PHE B 230 -4.84 30.67 -24.79
C PHE B 230 -4.85 29.66 -25.92
N MET B 231 -4.45 28.44 -25.59
CA MET B 231 -4.43 27.35 -26.56
C MET B 231 -5.77 27.42 -27.26
N PRO B 232 -5.80 27.18 -28.58
CA PRO B 232 -7.06 27.24 -29.33
C PRO B 232 -8.10 26.19 -28.94
N LYS B 233 -7.67 24.95 -28.80
CA LYS B 233 -8.59 23.87 -28.46
C LYS B 233 -7.87 22.90 -27.52
N PRO B 234 -8.04 23.11 -26.21
CA PRO B 234 -7.45 22.32 -25.14
C PRO B 234 -8.01 20.90 -25.06
N LEU B 235 -9.33 20.78 -25.21
CA LEU B 235 -9.99 19.48 -25.10
C LEU B 235 -10.95 19.21 -26.23
N PHE B 236 -11.01 17.95 -26.63
CA PHE B 236 -11.89 17.55 -27.69
C PHE B 236 -13.31 17.76 -27.21
N GLY B 237 -14.21 18.13 -28.12
CA GLY B 237 -15.59 18.34 -27.72
C GLY B 237 -15.79 19.72 -27.14
N VAL B 238 -15.38 19.90 -25.89
CA VAL B 238 -15.51 21.20 -25.22
C VAL B 238 -15.09 22.31 -26.17
N ASN B 239 -15.91 23.35 -26.24
CA ASN B 239 -15.62 24.46 -27.13
C ASN B 239 -14.28 25.14 -26.97
N GLY B 240 -13.72 25.58 -28.09
CA GLY B 240 -12.44 26.23 -28.06
C GLY B 240 -12.48 27.74 -27.94
N SER B 241 -11.35 28.27 -27.50
CA SER B 241 -11.16 29.69 -27.32
C SER B 241 -10.92 30.34 -28.67
N GLY B 242 -11.19 31.65 -28.73
CA GLY B 242 -11.01 32.41 -29.93
C GLY B 242 -10.71 33.87 -29.59
N MET B 243 -10.39 34.67 -30.59
CA MET B 243 -10.08 36.06 -30.35
C MET B 243 -10.47 36.93 -31.54
N HIS B 244 -11.72 37.37 -31.56
CA HIS B 244 -12.22 38.21 -32.65
C HIS B 244 -11.50 39.54 -32.65
N CYS B 245 -11.41 40.12 -33.84
CA CYS B 245 -10.75 41.42 -33.99
C CYS B 245 -11.68 42.45 -34.62
N ASN B 246 -12.03 43.45 -33.83
CA ASN B 246 -12.89 44.55 -34.26
C ASN B 246 -12.07 45.62 -34.95
N LEU B 247 -12.16 45.68 -36.28
CA LEU B 247 -11.39 46.64 -37.08
C LEU B 247 -12.16 47.90 -37.49
N SER B 248 -11.43 49.01 -37.66
CA SER B 248 -12.04 50.28 -38.07
C SER B 248 -11.00 51.29 -38.59
N LEU B 249 -11.18 51.75 -39.83
CA LEU B 249 -10.29 52.73 -40.47
C LEU B 249 -10.73 54.18 -40.29
N PHE B 250 -9.79 55.04 -39.95
CA PHE B 250 -10.10 56.46 -39.77
C PHE B 250 -9.28 57.30 -40.73
N LYS B 251 -9.98 58.07 -41.56
CA LYS B 251 -9.39 58.96 -42.56
C LYS B 251 -9.65 60.36 -42.01
N ASN B 252 -8.64 60.99 -41.42
CA ASN B 252 -8.81 62.33 -40.85
C ASN B 252 -9.69 62.24 -39.59
N GLY B 253 -9.23 61.48 -38.60
CA GLY B 253 -9.95 61.33 -37.34
C GLY B 253 -11.43 61.01 -37.42
N VAL B 254 -11.84 60.36 -38.50
CA VAL B 254 -13.23 60.00 -38.67
C VAL B 254 -13.35 58.59 -39.21
N ASN B 255 -14.30 57.83 -38.65
CA ASN B 255 -14.54 56.44 -39.05
C ASN B 255 -14.88 56.26 -40.53
N ALA B 256 -13.86 56.16 -41.38
CA ALA B 256 -14.08 56.02 -42.81
C ALA B 256 -15.00 54.86 -43.21
N PHE B 257 -15.49 54.10 -42.23
CA PHE B 257 -16.38 52.98 -42.53
C PHE B 257 -17.85 53.37 -42.38
N PHE B 258 -18.10 54.43 -41.61
CA PHE B 258 -19.45 54.90 -41.35
C PHE B 258 -20.06 55.78 -42.44
N ASP B 259 -21.33 55.54 -42.72
CA ASP B 259 -22.09 56.29 -43.72
C ASP B 259 -23.52 56.40 -43.19
N GLU B 260 -23.89 57.58 -42.71
CA GLU B 260 -25.24 57.79 -42.16
C GLU B 260 -26.33 57.75 -43.21
N ASN B 261 -25.94 57.71 -44.47
CA ASN B 261 -26.93 57.69 -45.53
C ASN B 261 -27.03 56.37 -46.30
N ALA B 262 -25.93 55.92 -46.90
CA ALA B 262 -25.98 54.65 -47.65
C ALA B 262 -26.62 53.58 -46.77
N ASP B 263 -27.20 52.57 -47.41
CA ASP B 263 -27.87 51.48 -46.70
C ASP B 263 -26.88 50.74 -45.79
N LEU B 264 -27.43 49.96 -44.87
CA LEU B 264 -26.64 49.21 -43.90
C LEU B 264 -25.83 50.16 -43.01
N GLN B 265 -25.81 51.44 -43.38
CA GLN B 265 -25.09 52.44 -42.63
C GLN B 265 -23.59 52.23 -42.76
N LEU B 266 -23.20 51.51 -43.81
CA LEU B 266 -21.80 51.23 -44.06
C LEU B 266 -21.33 51.96 -45.30
N SER B 267 -20.29 52.77 -45.15
CA SER B 267 -19.75 53.52 -46.28
C SER B 267 -19.17 52.58 -47.32
N GLU B 268 -18.95 53.10 -48.54
CA GLU B 268 -18.40 52.30 -49.62
C GLU B 268 -16.97 51.86 -49.33
N THR B 269 -16.31 52.63 -48.47
CA THR B 269 -14.95 52.32 -48.07
C THR B 269 -15.01 51.06 -47.21
N ALA B 270 -16.11 50.93 -46.47
CA ALA B 270 -16.33 49.78 -45.60
C ALA B 270 -16.54 48.54 -46.44
N LYS B 271 -17.44 48.62 -47.41
CA LYS B 271 -17.72 47.48 -48.26
C LYS B 271 -16.45 47.00 -48.97
N HIS B 272 -15.68 47.93 -49.50
CA HIS B 272 -14.45 47.56 -50.18
C HIS B 272 -13.56 46.77 -49.23
N PHE B 273 -13.40 47.29 -48.01
CA PHE B 273 -12.57 46.66 -46.99
C PHE B 273 -13.04 45.23 -46.70
N ILE B 274 -14.35 45.04 -46.53
CA ILE B 274 -14.92 43.72 -46.25
C ILE B 274 -14.52 42.79 -47.38
N ALA B 275 -14.53 43.35 -48.58
CA ALA B 275 -14.19 42.61 -49.79
C ALA B 275 -12.75 42.11 -49.83
N GLY B 276 -11.84 42.87 -49.23
CA GLY B 276 -10.45 42.48 -49.22
C GLY B 276 -10.19 41.37 -48.24
N ILE B 277 -10.95 41.38 -47.14
CA ILE B 277 -10.81 40.36 -46.12
C ILE B 277 -11.37 39.03 -46.65
N VAL B 278 -12.41 39.08 -47.46
CA VAL B 278 -12.98 37.87 -48.02
C VAL B 278 -11.99 37.37 -49.07
N LYS B 279 -11.49 38.30 -49.87
CA LYS B 279 -10.57 37.94 -50.94
C LYS B 279 -9.36 37.19 -50.41
N HIS B 280 -8.88 37.56 -49.23
CA HIS B 280 -7.69 36.90 -48.70
C HIS B 280 -7.85 36.09 -47.42
N ALA B 281 -9.08 35.88 -46.99
CA ALA B 281 -9.32 35.12 -45.76
C ALA B 281 -8.54 33.81 -45.84
N THR B 282 -9.03 32.89 -46.67
CA THR B 282 -8.39 31.58 -46.85
C THR B 282 -6.87 31.67 -46.75
N SER B 283 -6.32 32.77 -47.26
CA SER B 283 -4.87 32.97 -47.24
C SER B 283 -4.31 33.32 -45.86
N PHE B 284 -4.72 34.44 -45.28
CA PHE B 284 -4.20 34.82 -43.98
C PHE B 284 -4.62 33.93 -42.80
N THR B 285 -5.53 32.99 -43.04
CA THR B 285 -5.99 32.11 -41.97
C THR B 285 -4.87 31.22 -41.42
N ALA B 286 -3.77 31.10 -42.17
CA ALA B 286 -2.65 30.30 -41.71
C ALA B 286 -1.87 31.15 -40.72
N VAL B 287 -2.17 32.45 -40.73
CA VAL B 287 -1.53 33.42 -39.85
C VAL B 287 -2.41 33.84 -38.67
N THR B 288 -3.70 34.02 -38.92
CA THR B 288 -4.59 34.41 -37.83
C THR B 288 -4.92 33.18 -36.99
N ASN B 289 -4.42 32.03 -37.46
CA ASN B 289 -4.62 30.74 -36.81
C ASN B 289 -3.42 29.85 -37.18
N PRO B 290 -2.28 30.03 -36.49
CA PRO B 290 -1.05 29.26 -36.73
C PRO B 290 -0.98 27.81 -36.25
N THR B 291 -0.91 27.60 -34.94
CA THR B 291 -0.83 26.23 -34.39
C THR B 291 -1.63 25.16 -35.15
N VAL B 292 -1.20 23.91 -35.00
CA VAL B 292 -1.90 22.82 -35.65
C VAL B 292 -3.24 22.59 -34.98
N ASN B 293 -3.37 23.07 -33.74
CA ASN B 293 -4.59 22.93 -32.93
C ASN B 293 -5.67 23.89 -33.43
N SER B 294 -5.29 25.14 -33.66
CA SER B 294 -6.24 26.17 -34.10
C SER B 294 -7.29 25.66 -35.07
N TYR B 295 -6.89 24.73 -35.94
CA TYR B 295 -7.81 24.17 -36.92
C TYR B 295 -8.78 23.14 -36.35
N LYS B 296 -8.43 22.56 -35.20
CA LYS B 296 -9.29 21.58 -34.56
C LYS B 296 -10.50 22.33 -33.99
N ARG B 297 -10.35 23.65 -33.89
CA ARG B 297 -11.42 24.49 -33.37
C ARG B 297 -12.31 24.97 -34.51
N LEU B 298 -11.69 25.18 -35.68
CA LEU B 298 -12.42 25.64 -36.87
C LEU B 298 -13.01 24.43 -37.60
N VAL B 299 -13.75 23.62 -36.84
CA VAL B 299 -14.43 22.43 -37.32
C VAL B 299 -15.89 22.73 -37.09
N PRO B 300 -16.70 22.71 -38.17
CA PRO B 300 -18.14 23.00 -38.08
C PRO B 300 -18.87 22.38 -36.89
N PRO B 305 -15.91 30.17 -37.08
CA PRO B 305 -15.94 30.55 -38.51
C PRO B 305 -15.23 29.56 -39.39
N CYS B 306 -15.99 28.85 -40.22
CA CYS B 306 -15.44 27.87 -41.14
C CYS B 306 -15.83 28.23 -42.57
N TYR B 307 -16.78 29.16 -42.73
CA TYR B 307 -17.23 29.58 -44.04
C TYR B 307 -16.95 31.06 -44.32
N VAL B 308 -16.22 31.31 -45.41
CA VAL B 308 -15.83 32.64 -45.85
C VAL B 308 -17.02 33.49 -46.33
N ALA B 309 -17.64 34.21 -45.40
CA ALA B 309 -18.79 35.06 -45.72
C ALA B 309 -19.19 35.91 -44.51
N TRP B 310 -19.75 37.10 -44.79
CA TRP B 310 -20.17 38.02 -43.73
C TRP B 310 -21.68 38.07 -43.49
N SER B 311 -22.04 38.41 -42.26
CA SER B 311 -23.44 38.55 -41.83
C SER B 311 -23.50 39.24 -40.45
N ALA B 312 -24.22 40.35 -40.41
CA ALA B 312 -24.40 41.12 -39.17
C ALA B 312 -25.11 40.26 -38.13
N GLN B 313 -25.97 39.35 -38.58
CA GLN B 313 -26.72 38.44 -37.71
C GLN B 313 -26.66 36.99 -38.22
N ASN B 314 -25.58 36.27 -37.85
CA ASN B 314 -25.44 34.88 -38.26
C ASN B 314 -24.86 34.04 -37.14
N ARG B 315 -25.06 32.73 -37.25
CA ARG B 315 -24.56 31.75 -36.29
C ARG B 315 -23.09 32.09 -36.00
N SER B 316 -22.24 31.91 -37.00
CA SER B 316 -20.81 32.23 -36.87
C SER B 316 -20.10 32.45 -38.23
N PRO B 317 -20.39 33.59 -38.89
CA PRO B 317 -19.76 33.88 -40.17
C PRO B 317 -18.35 34.43 -39.97
N LEU B 318 -17.49 34.27 -40.97
CA LEU B 318 -16.12 34.74 -40.89
C LEU B 318 -16.09 36.20 -40.46
N ILE B 319 -17.03 36.97 -41.01
CA ILE B 319 -17.10 38.39 -40.71
C ILE B 319 -18.47 38.75 -40.19
N ARG B 320 -18.53 39.80 -39.39
CA ARG B 320 -19.79 40.23 -38.82
C ARG B 320 -19.73 41.71 -38.53
N ILE B 321 -20.84 42.38 -38.76
CA ILE B 321 -20.95 43.81 -38.51
C ILE B 321 -21.90 43.94 -37.33
N PRO B 322 -21.40 44.44 -36.19
CA PRO B 322 -22.17 44.63 -34.95
C PRO B 322 -23.32 45.64 -35.00
N ALA B 323 -24.09 45.69 -33.91
CA ALA B 323 -25.20 46.64 -33.81
C ALA B 323 -24.57 48.01 -33.98
N SER B 324 -23.71 48.37 -33.02
CA SER B 324 -23.00 49.66 -33.00
C SER B 324 -22.79 50.32 -34.37
N ARG B 325 -22.76 51.63 -34.36
CA ARG B 325 -22.57 52.40 -35.58
C ARG B 325 -22.08 53.81 -35.22
N GLY B 326 -21.84 54.62 -36.24
CA GLY B 326 -21.36 55.98 -36.02
C GLY B 326 -19.85 55.99 -35.90
N ILE B 327 -19.37 56.42 -34.74
CA ILE B 327 -17.94 56.48 -34.48
C ILE B 327 -17.47 55.04 -34.31
N SER B 328 -18.42 54.20 -33.95
CA SER B 328 -18.18 52.78 -33.71
C SER B 328 -18.68 51.93 -34.86
N THR B 329 -18.15 52.17 -36.04
CA THR B 329 -18.53 51.40 -37.21
C THR B 329 -17.36 50.48 -37.56
N ARG B 330 -17.38 49.27 -37.01
CA ARG B 330 -16.32 48.31 -37.24
C ARG B 330 -16.78 46.95 -37.74
N VAL B 331 -15.90 46.26 -38.44
CA VAL B 331 -16.18 44.91 -38.93
C VAL B 331 -15.36 43.95 -38.07
N GLU B 332 -15.96 42.82 -37.71
CA GLU B 332 -15.30 41.85 -36.84
C GLU B 332 -14.82 40.64 -37.63
N VAL B 333 -13.61 40.18 -37.34
CA VAL B 333 -13.08 39.01 -38.00
C VAL B 333 -13.09 37.97 -36.89
N ARG B 334 -14.05 37.06 -36.93
CA ARG B 334 -14.19 36.04 -35.89
C ARG B 334 -13.36 34.75 -35.96
N SER B 335 -12.50 34.58 -36.97
CA SER B 335 -11.74 33.33 -37.06
C SER B 335 -10.39 33.35 -36.34
N VAL B 336 -9.86 34.55 -36.09
CA VAL B 336 -8.57 34.69 -35.42
C VAL B 336 -8.63 34.23 -33.97
N ASP B 337 -7.69 33.39 -33.54
CA ASP B 337 -7.66 32.92 -32.15
C ASP B 337 -6.48 33.56 -31.42
N PRO B 338 -6.41 33.38 -30.08
CA PRO B 338 -5.33 33.96 -29.28
C PRO B 338 -3.93 33.39 -29.48
N ALA B 339 -3.84 32.23 -30.13
CA ALA B 339 -2.54 31.58 -30.38
C ALA B 339 -1.76 32.36 -31.43
N ALA B 340 -2.48 33.09 -32.26
CA ALA B 340 -1.85 33.87 -33.31
C ALA B 340 -1.01 35.01 -32.76
N ASN B 341 -0.01 35.40 -33.53
CA ASN B 341 0.88 36.50 -33.18
C ASN B 341 0.12 37.78 -33.57
N PRO B 342 -0.26 38.63 -32.58
CA PRO B 342 -1.01 39.88 -32.86
C PRO B 342 -0.44 40.83 -33.91
N TYR B 343 0.85 41.12 -33.80
CA TYR B 343 1.50 41.99 -34.75
C TYR B 343 1.32 41.49 -36.17
N LEU B 344 1.39 40.16 -36.36
CA LEU B 344 1.23 39.56 -37.69
C LEU B 344 -0.22 39.44 -38.14
N ALA B 345 -1.05 38.82 -37.31
CA ALA B 345 -2.44 38.64 -37.65
C ALA B 345 -3.02 40.01 -37.98
N LEU B 346 -2.61 41.05 -37.26
CA LEU B 346 -3.13 42.39 -37.52
C LEU B 346 -2.56 42.96 -38.84
N SER B 347 -1.30 42.70 -39.12
CA SER B 347 -0.69 43.20 -40.36
C SER B 347 -1.48 42.62 -41.53
N VAL B 348 -1.32 41.32 -41.72
CA VAL B 348 -1.97 40.58 -42.79
C VAL B 348 -3.48 40.84 -42.97
N LEU B 349 -4.15 41.27 -41.90
CA LEU B 349 -5.59 41.58 -41.95
C LEU B 349 -5.78 43.02 -42.39
N LEU B 350 -4.78 43.86 -42.14
CA LEU B 350 -4.87 45.25 -42.54
C LEU B 350 -4.66 45.21 -44.05
N ALA B 351 -3.64 44.47 -44.46
CA ALA B 351 -3.29 44.32 -45.88
C ALA B 351 -4.46 43.74 -46.66
N ALA B 352 -5.07 42.69 -46.16
CA ALA B 352 -6.22 42.11 -46.86
C ALA B 352 -7.22 43.24 -47.03
N GLY B 353 -7.18 44.19 -46.11
CA GLY B 353 -8.09 45.31 -46.17
C GLY B 353 -7.71 46.38 -47.18
N LEU B 354 -6.55 47.00 -47.00
CA LEU B 354 -6.11 48.05 -47.91
C LEU B 354 -6.16 47.64 -49.37
N ASP B 355 -5.89 46.37 -49.63
CA ASP B 355 -5.92 45.84 -50.98
C ASP B 355 -7.34 45.85 -51.50
N GLY B 356 -8.30 45.90 -50.58
CA GLY B 356 -9.69 45.94 -50.97
C GLY B 356 -10.03 47.34 -51.41
N ILE B 357 -9.47 48.31 -50.69
CA ILE B 357 -9.69 49.72 -50.98
C ILE B 357 -8.82 50.11 -52.17
N LYS B 358 -7.54 49.78 -52.10
CA LYS B 358 -6.58 50.09 -53.16
C LYS B 358 -7.10 49.73 -54.56
N ASN B 359 -7.78 48.59 -54.68
CA ASN B 359 -8.28 48.15 -55.99
C ASN B 359 -9.80 48.09 -56.05
N LYS B 360 -10.45 49.04 -55.39
CA LYS B 360 -11.90 49.11 -55.36
C LYS B 360 -12.49 47.71 -55.55
N LEU B 361 -12.25 46.83 -54.60
CA LEU B 361 -12.78 45.47 -54.67
C LEU B 361 -14.18 45.44 -54.09
N GLU B 362 -15.14 45.08 -54.94
CA GLU B 362 -16.55 45.02 -54.56
C GLU B 362 -16.91 43.64 -54.00
N ALA B 363 -17.40 43.60 -52.76
CA ALA B 363 -17.76 42.33 -52.12
C ALA B 363 -19.05 41.74 -52.66
N PRO B 364 -19.29 40.44 -52.42
CA PRO B 364 -20.49 39.74 -52.88
C PRO B 364 -21.71 40.11 -52.05
N ALA B 365 -22.91 39.77 -52.54
CA ALA B 365 -24.16 40.09 -51.83
C ALA B 365 -24.06 39.71 -50.35
N PRO B 366 -24.67 40.51 -49.46
CA PRO B 366 -24.62 40.20 -48.02
C PRO B 366 -25.35 38.91 -47.67
N ILE B 367 -24.65 37.79 -47.79
CA ILE B 367 -25.24 36.48 -47.49
C ILE B 367 -25.64 36.42 -46.02
N ASP B 368 -26.87 36.83 -45.73
CA ASP B 368 -27.38 36.83 -44.35
C ASP B 368 -27.80 35.44 -43.91
N ARG B 369 -28.06 34.57 -44.88
CA ARG B 369 -28.46 33.20 -44.62
C ARG B 369 -27.34 32.43 -43.91
N ASN B 370 -27.72 31.49 -43.04
CA ASN B 370 -26.74 30.70 -42.28
C ASN B 370 -25.87 29.82 -43.18
N ILE B 371 -24.56 29.90 -42.95
CA ILE B 371 -23.58 29.13 -43.72
C ILE B 371 -23.34 27.73 -43.15
N TYR B 372 -23.89 27.48 -41.96
CA TYR B 372 -23.73 26.19 -41.27
C TYR B 372 -24.85 25.17 -41.49
N VAL B 373 -25.78 25.50 -42.39
CA VAL B 373 -26.90 24.61 -42.70
C VAL B 373 -26.57 23.75 -43.90
N MET B 374 -26.09 24.40 -44.97
CA MET B 374 -25.76 23.70 -46.19
C MET B 374 -24.39 23.03 -46.09
N SER B 375 -24.04 22.28 -47.12
CA SER B 375 -22.76 21.57 -47.18
C SER B 375 -22.02 21.99 -48.46
N LYS B 376 -21.00 21.20 -48.86
CA LYS B 376 -20.22 21.49 -50.06
C LYS B 376 -21.05 21.41 -51.35
N GLU B 377 -21.93 20.41 -51.44
CA GLU B 377 -22.79 20.21 -52.62
C GLU B 377 -23.68 21.43 -52.84
N GLU B 378 -23.72 22.30 -51.82
CA GLU B 378 -24.51 23.52 -51.84
C GLU B 378 -23.60 24.76 -51.87
N ARG B 379 -22.47 24.68 -51.16
CA ARG B 379 -21.51 25.79 -51.12
C ARG B 379 -20.97 26.08 -52.52
N MET B 380 -21.04 25.07 -53.40
CA MET B 380 -20.55 25.18 -54.78
C MET B 380 -21.38 26.15 -55.59
N GLU B 381 -22.36 26.78 -54.95
CA GLU B 381 -23.25 27.70 -55.63
C GLU B 381 -23.65 28.88 -54.73
N ASN B 382 -23.21 28.83 -53.47
CA ASN B 382 -23.53 29.89 -52.53
C ASN B 382 -22.49 31.02 -52.54
N GLY B 383 -21.39 30.81 -53.27
CA GLY B 383 -20.33 31.80 -53.35
C GLY B 383 -19.75 31.98 -51.95
N ILE B 384 -19.51 30.87 -51.29
CA ILE B 384 -18.96 30.90 -49.95
C ILE B 384 -17.93 29.78 -49.76
N VAL B 385 -16.67 30.13 -50.01
CA VAL B 385 -15.55 29.21 -49.88
C VAL B 385 -15.30 28.80 -48.41
N ASP B 386 -14.64 27.67 -48.20
CA ASP B 386 -14.36 27.18 -46.86
C ASP B 386 -12.91 27.44 -46.49
N LEU B 387 -12.66 27.78 -45.22
CA LEU B 387 -11.29 28.01 -44.76
C LEU B 387 -10.57 26.67 -44.77
N PRO B 388 -9.24 26.68 -44.75
CA PRO B 388 -8.44 25.46 -44.76
C PRO B 388 -8.54 24.71 -43.42
N ALA B 389 -8.76 23.40 -43.48
CA ALA B 389 -8.92 22.58 -42.28
C ALA B 389 -7.67 22.14 -41.54
N THR B 390 -6.49 22.44 -42.08
CA THR B 390 -5.27 22.03 -41.40
C THR B 390 -4.20 23.07 -41.63
N LEU B 391 -3.34 23.25 -40.65
CA LEU B 391 -2.25 24.19 -40.77
C LEU B 391 -1.48 23.91 -42.07
N ALA B 392 -1.47 22.65 -42.49
CA ALA B 392 -0.78 22.23 -43.72
C ALA B 392 -1.43 22.84 -44.95
N GLU B 393 -2.76 22.79 -44.95
CA GLU B 393 -3.56 23.33 -46.03
C GLU B 393 -3.46 24.84 -46.03
N ALA B 394 -3.70 25.44 -44.86
CA ALA B 394 -3.64 26.90 -44.70
C ALA B 394 -2.32 27.46 -45.17
N LEU B 395 -1.23 26.75 -44.93
CA LEU B 395 0.09 27.22 -45.34
C LEU B 395 0.27 27.32 -46.84
N GLU B 396 -0.47 26.51 -47.59
CA GLU B 396 -0.36 26.54 -49.05
C GLU B 396 -0.98 27.81 -49.60
N GLU B 397 -2.22 28.09 -49.16
CA GLU B 397 -2.96 29.28 -49.59
C GLU B 397 -2.25 30.54 -49.12
N PHE B 398 -1.18 30.37 -48.34
CA PHE B 398 -0.44 31.51 -47.85
C PHE B 398 0.69 31.92 -48.79
N LYS B 399 1.57 30.97 -49.11
CA LYS B 399 2.69 31.26 -49.99
C LYS B 399 2.21 31.43 -51.42
N SER B 400 0.89 31.45 -51.61
CA SER B 400 0.31 31.57 -52.94
C SER B 400 -0.45 32.88 -53.12
N ASN B 401 -0.22 33.83 -52.22
CA ASN B 401 -0.90 35.11 -52.29
C ASN B 401 0.11 36.25 -52.14
N GLU B 402 0.25 37.04 -53.20
CA GLU B 402 1.19 38.16 -53.23
C GLU B 402 0.98 39.11 -52.07
N VAL B 403 -0.28 39.49 -51.83
CA VAL B 403 -0.64 40.42 -50.77
C VAL B 403 -0.02 40.01 -49.44
N MET B 404 -0.37 38.81 -49.00
CA MET B 404 0.13 38.25 -47.75
C MET B 404 1.64 38.23 -47.78
N VAL B 405 2.20 37.50 -48.73
CA VAL B 405 3.65 37.41 -48.86
C VAL B 405 4.27 38.79 -48.62
N LYS B 406 3.71 39.82 -49.28
CA LYS B 406 4.21 41.18 -49.16
C LYS B 406 4.03 41.84 -47.80
N ALA B 407 2.84 41.68 -47.21
CA ALA B 407 2.53 42.27 -45.92
C ALA B 407 3.54 41.92 -44.84
N LEU B 408 4.15 40.75 -44.95
CA LEU B 408 5.13 40.30 -43.96
C LEU B 408 6.56 40.58 -44.44
N GLY B 409 6.68 41.06 -45.67
CA GLY B 409 8.00 41.34 -46.19
C GLY B 409 8.71 40.04 -46.46
N GLU B 410 9.94 40.12 -46.97
CA GLU B 410 10.66 38.91 -47.29
C GLU B 410 11.10 38.13 -46.05
N HIS B 411 11.78 38.80 -45.13
CA HIS B 411 12.26 38.10 -43.95
C HIS B 411 11.18 37.37 -43.17
N LEU B 412 10.25 38.12 -42.57
CA LEU B 412 9.18 37.50 -41.79
C LEU B 412 8.43 36.36 -42.50
N PHE B 413 8.20 36.50 -43.80
CA PHE B 413 7.48 35.49 -44.58
C PHE B 413 8.23 34.17 -44.69
N GLU B 414 9.41 34.23 -45.31
CA GLU B 414 10.26 33.06 -45.50
C GLU B 414 10.44 32.31 -44.19
N HIS B 415 10.76 33.05 -43.12
CA HIS B 415 10.96 32.42 -41.84
C HIS B 415 9.69 31.74 -41.37
N PHE B 416 8.61 32.49 -41.29
CA PHE B 416 7.34 31.92 -40.87
C PHE B 416 7.09 30.61 -41.60
N ILE B 417 7.14 30.66 -42.93
CA ILE B 417 6.95 29.47 -43.75
C ILE B 417 7.79 28.30 -43.24
N GLU B 418 9.11 28.45 -43.32
CA GLU B 418 10.03 27.41 -42.90
C GLU B 418 9.81 26.97 -41.43
N ALA B 419 9.25 27.87 -40.63
CA ALA B 419 8.99 27.59 -39.21
C ALA B 419 7.71 26.79 -39.01
N LYS B 420 6.62 27.29 -39.57
CA LYS B 420 5.36 26.58 -39.43
C LYS B 420 5.37 25.31 -40.27
N GLU B 421 6.38 25.15 -41.11
CA GLU B 421 6.49 23.97 -41.97
C GLU B 421 7.05 22.78 -41.22
N ILE B 422 7.95 23.07 -40.30
CA ILE B 422 8.58 22.03 -39.47
C ILE B 422 7.53 21.52 -38.48
N GLU B 423 6.80 22.48 -37.93
CA GLU B 423 5.76 22.20 -36.97
C GLU B 423 4.81 21.15 -37.50
N TRP B 424 4.36 21.36 -38.74
CA TRP B 424 3.43 20.44 -39.35
C TRP B 424 4.07 19.07 -39.57
N ASP B 425 5.25 19.06 -40.16
CA ASP B 425 5.89 17.78 -40.40
C ASP B 425 6.12 17.06 -39.09
N MET B 426 6.29 17.81 -38.02
CA MET B 426 6.48 17.17 -36.72
C MET B 426 5.20 16.43 -36.39
N PHE B 427 4.09 17.14 -36.47
CA PHE B 427 2.77 16.57 -36.19
C PHE B 427 2.32 15.39 -37.07
N ARG B 428 2.77 15.30 -38.33
CA ARG B 428 2.34 14.16 -39.13
C ARG B 428 3.24 12.92 -39.02
N THR B 429 4.54 13.14 -38.85
CA THR B 429 5.47 12.03 -38.72
C THR B 429 5.29 11.33 -37.38
N GLN B 430 4.57 12.00 -36.50
CA GLN B 430 4.29 11.52 -35.15
C GLN B 430 3.21 10.43 -35.15
N VAL B 431 3.33 9.48 -34.24
CA VAL B 431 2.35 8.41 -34.13
C VAL B 431 1.53 8.68 -32.87
N HIS B 432 0.24 8.90 -33.05
CA HIS B 432 -0.68 9.20 -31.95
C HIS B 432 -1.38 7.99 -31.34
N PRO B 433 -1.80 8.13 -30.08
CA PRO B 433 -2.50 7.07 -29.36
C PRO B 433 -3.77 6.76 -30.12
N TRP B 434 -4.38 7.80 -30.64
CA TRP B 434 -5.61 7.66 -31.39
C TRP B 434 -5.52 6.53 -32.40
N GLU B 435 -4.49 6.59 -33.24
CA GLU B 435 -4.25 5.62 -34.29
C GLU B 435 -4.08 4.21 -33.76
N ARG B 436 -3.36 4.08 -32.65
CA ARG B 436 -3.14 2.78 -32.06
C ARG B 436 -4.46 2.24 -31.57
N GLU B 437 -5.27 3.12 -30.98
CA GLU B 437 -6.57 2.71 -30.45
C GLU B 437 -7.58 2.40 -31.56
N GLN B 438 -7.16 2.50 -32.81
CA GLN B 438 -8.05 2.26 -33.95
C GLN B 438 -7.55 1.19 -34.90
N TYR B 439 -6.23 1.05 -34.99
CA TYR B 439 -5.66 0.09 -35.92
C TYR B 439 -4.89 -1.08 -35.33
N MET B 440 -4.29 -0.89 -34.17
CA MET B 440 -3.49 -1.96 -33.57
C MET B 440 -4.24 -3.22 -33.20
N SER B 441 -5.56 -3.16 -33.24
CA SER B 441 -6.34 -4.35 -32.90
C SER B 441 -7.02 -4.88 -34.15
N GLN B 442 -7.96 -4.09 -34.68
CA GLN B 442 -8.70 -4.45 -35.88
C GLN B 442 -7.78 -4.94 -36.98
N TYR B 443 -6.68 -4.21 -37.16
CA TYR B 443 -5.71 -4.56 -38.19
C TYR B 443 -4.62 -5.49 -37.64
N ALA C 1 -38.90 56.01 -5.44
CA ALA C 1 -37.44 55.79 -5.70
C ALA C 1 -36.75 55.34 -4.42
N LYS C 2 -35.42 55.40 -4.41
CA LYS C 2 -34.64 55.01 -3.23
C LYS C 2 -33.19 55.43 -3.42
N TYR C 3 -32.72 55.32 -4.65
CA TYR C 3 -31.35 55.69 -5.00
C TYR C 3 -31.39 56.41 -6.35
N THR C 4 -30.60 57.47 -6.49
CA THR C 4 -30.56 58.21 -7.74
C THR C 4 -29.16 58.07 -8.30
N ARG C 5 -28.96 58.58 -9.52
CA ARG C 5 -27.67 58.52 -10.17
C ARG C 5 -26.59 59.00 -9.18
N GLU C 6 -26.53 60.31 -8.98
CA GLU C 6 -25.53 60.91 -8.08
C GLU C 6 -25.38 60.20 -6.74
N ASP C 7 -26.51 59.79 -6.14
CA ASP C 7 -26.48 59.12 -4.85
C ASP C 7 -25.57 57.89 -4.90
N ILE C 8 -25.82 57.02 -5.87
CA ILE C 8 -25.03 55.82 -6.04
C ILE C 8 -23.59 56.24 -6.29
N GLU C 9 -23.41 57.06 -7.33
CA GLU C 9 -22.09 57.56 -7.69
C GLU C 9 -21.29 57.91 -6.44
N LYS C 10 -21.92 58.65 -5.52
CA LYS C 10 -21.25 59.02 -4.28
C LYS C 10 -20.86 57.77 -3.48
N LEU C 11 -21.75 56.78 -3.48
CA LEU C 11 -21.54 55.53 -2.75
C LEU C 11 -20.41 54.71 -3.33
N VAL C 12 -20.46 54.51 -4.64
CA VAL C 12 -19.44 53.73 -5.33
C VAL C 12 -18.06 54.31 -5.08
N LYS C 13 -17.99 55.63 -5.00
CA LYS C 13 -16.73 56.32 -4.77
C LYS C 13 -16.28 56.16 -3.34
N GLU C 14 -17.04 56.74 -2.43
CA GLU C 14 -16.71 56.66 -1.03
C GLU C 14 -16.42 55.24 -0.57
N GLU C 15 -17.37 54.34 -0.78
CA GLU C 15 -17.24 52.95 -0.36
C GLU C 15 -16.10 52.24 -1.09
N ASN C 16 -15.63 52.86 -2.16
CA ASN C 16 -14.55 52.33 -2.95
C ASN C 16 -14.97 50.99 -3.58
N VAL C 17 -15.62 51.06 -4.74
CA VAL C 17 -16.07 49.88 -5.47
C VAL C 17 -15.33 49.88 -6.80
N LYS C 18 -14.48 48.88 -7.02
CA LYS C 18 -13.70 48.80 -8.25
C LYS C 18 -14.22 47.78 -9.25
N TYR C 19 -15.28 47.06 -8.87
CA TYR C 19 -15.83 46.05 -9.75
C TYR C 19 -17.35 46.02 -9.65
N ILE C 20 -18.03 46.25 -10.77
CA ILE C 20 -19.50 46.23 -10.79
C ILE C 20 -20.03 45.06 -11.62
N ARG C 21 -21.02 44.36 -11.06
CA ARG C 21 -21.67 43.23 -11.74
C ARG C 21 -23.07 43.61 -12.18
N LEU C 22 -23.35 43.42 -13.45
CA LEU C 22 -24.66 43.71 -14.00
C LEU C 22 -25.21 42.32 -14.21
N GLN C 23 -26.02 41.85 -13.27
CA GLN C 23 -26.58 40.50 -13.34
C GLN C 23 -27.99 40.38 -13.85
N PHE C 24 -28.26 39.27 -14.53
CA PHE C 24 -29.57 39.01 -15.11
C PHE C 24 -29.90 37.53 -15.07
N THR C 25 -31.18 37.21 -15.21
CA THR C 25 -31.65 35.82 -15.14
C THR C 25 -32.17 35.24 -16.46
N ASP C 26 -31.59 34.13 -16.88
CA ASP C 26 -31.98 33.42 -18.12
C ASP C 26 -33.15 32.48 -17.87
N ILE C 27 -33.63 31.79 -18.91
CA ILE C 27 -34.77 30.86 -18.76
C ILE C 27 -34.61 29.78 -17.69
N LEU C 28 -33.43 29.19 -17.61
CA LEU C 28 -33.20 28.14 -16.61
C LEU C 28 -33.16 28.75 -15.21
N GLY C 29 -33.11 30.07 -15.16
CA GLY C 29 -33.09 30.76 -13.89
C GLY C 29 -31.70 30.90 -13.29
N THR C 30 -30.66 30.61 -14.06
CA THR C 30 -29.30 30.73 -13.56
C THR C 30 -28.96 32.21 -13.37
N ILE C 31 -27.95 32.51 -12.57
CA ILE C 31 -27.55 33.90 -12.32
C ILE C 31 -26.46 34.38 -13.27
N LYS C 32 -26.83 34.64 -14.53
CA LYS C 32 -25.88 35.12 -15.53
C LYS C 32 -25.44 36.49 -15.08
N ASN C 33 -24.53 37.10 -15.85
CA ASN C 33 -24.04 38.45 -15.54
C ASN C 33 -22.87 38.88 -16.43
N VAL C 34 -22.73 40.20 -16.59
CA VAL C 34 -21.65 40.80 -17.38
C VAL C 34 -20.94 41.76 -16.42
N GLU C 35 -19.66 41.49 -16.18
CA GLU C 35 -18.85 42.26 -15.25
C GLU C 35 -18.07 43.40 -15.90
N ILE C 36 -18.08 44.56 -15.26
CA ILE C 36 -17.37 45.72 -15.80
C ILE C 36 -16.62 46.49 -14.71
N PRO C 37 -15.44 47.01 -15.04
CA PRO C 37 -14.67 47.78 -14.04
C PRO C 37 -15.54 48.97 -13.65
N VAL C 38 -15.36 49.49 -12.45
CA VAL C 38 -16.15 50.65 -12.01
C VAL C 38 -15.84 51.80 -12.93
N SER C 39 -14.66 51.72 -13.52
CA SER C 39 -14.15 52.71 -14.45
C SER C 39 -15.12 52.90 -15.60
N GLN C 40 -16.13 52.03 -15.66
CA GLN C 40 -17.14 52.08 -16.71
C GLN C 40 -18.55 52.21 -16.17
N LEU C 41 -18.68 52.71 -14.94
CA LEU C 41 -19.98 52.87 -14.33
C LEU C 41 -20.89 53.64 -15.26
N GLY C 42 -20.39 54.75 -15.77
CA GLY C 42 -21.16 55.60 -16.66
C GLY C 42 -21.77 54.88 -17.84
N LYS C 43 -20.98 54.10 -18.58
CA LYS C 43 -21.48 53.38 -19.75
C LYS C 43 -22.63 52.45 -19.35
N ALA C 44 -22.70 52.12 -18.07
CA ALA C 44 -23.74 51.23 -17.55
C ALA C 44 -24.99 52.01 -17.11
N LEU C 45 -24.77 53.14 -16.46
CA LEU C 45 -25.85 54.00 -15.97
C LEU C 45 -26.49 54.83 -17.07
N ASP C 46 -26.31 54.40 -18.31
CA ASP C 46 -26.87 55.10 -19.45
C ASP C 46 -27.52 54.07 -20.33
N ASN C 47 -27.50 52.82 -19.84
CA ASN C 47 -28.09 51.68 -20.55
C ASN C 47 -27.42 51.52 -21.91
N LYS C 48 -26.12 51.79 -21.95
CA LYS C 48 -25.34 51.72 -23.18
C LYS C 48 -24.52 50.43 -23.27
N VAL C 49 -24.38 49.73 -22.15
CA VAL C 49 -23.62 48.47 -22.14
C VAL C 49 -24.34 47.36 -22.90
N MET C 50 -23.67 46.81 -23.91
CA MET C 50 -24.22 45.75 -24.74
C MET C 50 -23.63 44.39 -24.41
N PHE C 51 -24.40 43.32 -24.66
CA PHE C 51 -23.95 41.96 -24.41
C PHE C 51 -24.79 41.01 -25.27
N ASP C 52 -24.29 39.79 -25.48
CA ASP C 52 -25.00 38.79 -26.29
C ASP C 52 -26.21 38.20 -25.54
N GLY C 53 -27.37 38.81 -25.73
CA GLY C 53 -28.57 38.34 -25.07
C GLY C 53 -28.99 36.89 -25.27
N SER C 54 -28.47 36.22 -26.28
CA SER C 54 -28.83 34.83 -26.52
C SER C 54 -28.57 34.02 -25.25
N SER C 55 -27.63 34.48 -24.44
CA SER C 55 -27.30 33.81 -23.19
C SER C 55 -28.54 33.53 -22.34
N ILE C 56 -29.57 34.36 -22.52
CA ILE C 56 -30.83 34.24 -21.80
C ILE C 56 -31.55 32.96 -22.22
N GLU C 57 -31.30 32.51 -23.44
CA GLU C 57 -31.94 31.32 -23.98
C GLU C 57 -31.35 30.05 -23.40
N GLY C 58 -30.69 30.17 -22.27
CA GLY C 58 -30.10 29.00 -21.65
C GLY C 58 -29.10 28.36 -22.59
N PHE C 59 -29.07 27.03 -22.61
CA PHE C 59 -28.13 26.28 -23.46
C PHE C 59 -28.53 26.16 -24.94
N VAL C 60 -29.36 27.08 -25.40
CA VAL C 60 -29.78 27.11 -26.79
C VAL C 60 -29.57 28.53 -27.36
N ARG C 61 -28.43 28.71 -28.05
CA ARG C 61 -28.06 29.98 -28.66
C ARG C 61 -27.82 29.83 -30.16
N ILE C 62 -28.90 29.78 -30.96
CA ILE C 62 -28.75 29.64 -32.40
C ILE C 62 -27.80 30.71 -32.93
N GLU C 63 -28.01 31.96 -32.48
CA GLU C 63 -27.17 33.07 -32.90
C GLU C 63 -26.71 33.87 -31.71
N GLU C 64 -26.09 35.01 -31.99
CA GLU C 64 -25.62 35.91 -30.96
C GLU C 64 -26.06 37.32 -31.29
N SER C 65 -27.31 37.64 -30.96
CA SER C 65 -27.85 38.96 -31.23
C SER C 65 -27.49 39.85 -30.05
N ASP C 66 -27.05 41.06 -30.36
CA ASP C 66 -26.68 42.01 -29.34
C ASP C 66 -27.93 42.58 -28.66
N MET C 67 -27.82 42.88 -27.38
CA MET C 67 -28.94 43.43 -26.62
C MET C 67 -28.45 44.33 -25.50
N TYR C 68 -29.18 45.39 -25.22
CA TYR C 68 -28.76 46.30 -24.18
C TYR C 68 -29.18 45.93 -22.78
N LEU C 69 -28.38 46.41 -21.82
CA LEU C 69 -28.62 46.14 -20.41
C LEU C 69 -28.95 47.41 -19.65
N TYR C 70 -30.20 47.50 -19.21
CA TYR C 70 -30.70 48.65 -18.47
C TYR C 70 -30.65 48.37 -16.98
N PRO C 71 -29.59 48.89 -16.30
CA PRO C 71 -29.45 48.70 -14.87
C PRO C 71 -30.48 49.52 -14.15
N ASP C 72 -31.00 48.96 -13.07
CA ASP C 72 -32.00 49.61 -12.25
C ASP C 72 -31.32 50.05 -10.96
N LEU C 73 -31.08 51.35 -10.85
CA LEU C 73 -30.38 51.92 -9.69
C LEU C 73 -30.90 51.52 -8.32
N ASN C 74 -32.14 51.04 -8.26
CA ASN C 74 -32.74 50.64 -6.99
C ASN C 74 -32.32 49.26 -6.50
N THR C 75 -31.44 48.59 -7.23
CA THR C 75 -31.00 47.28 -6.81
C THR C 75 -29.52 47.31 -6.47
N PHE C 76 -28.95 48.50 -6.47
CA PHE C 76 -27.53 48.66 -6.15
C PHE C 76 -27.22 47.96 -4.83
N VAL C 77 -26.13 47.22 -4.79
CA VAL C 77 -25.76 46.50 -3.60
C VAL C 77 -24.26 46.33 -3.51
N ILE C 78 -23.69 46.63 -2.36
CA ILE C 78 -22.26 46.46 -2.19
C ILE C 78 -21.98 45.13 -1.54
N PHE C 79 -21.66 44.14 -2.35
CA PHE C 79 -21.34 42.80 -1.87
C PHE C 79 -20.34 42.88 -0.73
N PRO C 80 -20.65 42.23 0.41
CA PRO C 80 -19.79 42.21 1.60
C PRO C 80 -18.38 41.67 1.40
N TRP C 81 -18.12 41.06 0.23
CA TRP C 81 -16.81 40.47 -0.05
C TRP C 81 -15.86 41.46 -0.77
N THR C 82 -14.68 41.69 -0.17
CA THR C 82 -13.68 42.62 -0.73
C THR C 82 -12.72 41.91 -1.69
N ALA C 83 -12.91 42.16 -2.98
CA ALA C 83 -12.03 41.58 -4.00
C ALA C 83 -10.71 42.25 -3.65
N GLU C 84 -9.58 41.62 -3.92
CA GLU C 84 -8.36 42.30 -3.57
C GLU C 84 -8.23 43.56 -4.42
N LYS C 85 -8.08 44.71 -3.76
CA LYS C 85 -7.95 46.02 -4.39
C LYS C 85 -9.31 46.60 -4.77
N GLY C 86 -10.15 46.82 -3.77
CA GLY C 86 -11.47 47.38 -4.02
C GLY C 86 -12.64 46.45 -3.74
N LYS C 87 -13.84 47.02 -3.71
CA LYS C 87 -15.05 46.23 -3.45
C LYS C 87 -15.88 45.97 -4.71
N VAL C 88 -16.71 44.94 -4.62
CA VAL C 88 -17.59 44.58 -5.72
C VAL C 88 -19.00 45.03 -5.38
N ALA C 89 -19.74 45.45 -6.39
CA ALA C 89 -21.12 45.90 -6.25
C ALA C 89 -21.93 45.34 -7.41
N ARG C 90 -23.25 45.26 -7.24
CA ARG C 90 -24.08 44.72 -8.32
C ARG C 90 -25.25 45.59 -8.78
N PHE C 91 -25.92 45.11 -9.82
CA PHE C 91 -27.06 45.78 -10.42
C PHE C 91 -27.85 44.75 -11.19
N ILE C 92 -29.08 44.46 -10.76
CA ILE C 92 -29.91 43.50 -11.49
C ILE C 92 -30.57 44.30 -12.60
N CYS C 93 -30.18 44.00 -13.83
CA CYS C 93 -30.68 44.73 -14.99
C CYS C 93 -31.84 44.11 -15.74
N ASP C 94 -32.45 44.96 -16.58
CA ASP C 94 -33.56 44.59 -17.44
C ASP C 94 -32.96 44.49 -18.82
N ILE C 95 -33.37 43.47 -19.56
CA ILE C 95 -32.83 43.25 -20.89
C ILE C 95 -33.65 43.90 -22.02
N TYR C 96 -33.00 44.78 -22.77
CA TYR C 96 -33.63 45.50 -23.88
C TYR C 96 -33.03 45.18 -25.27
N ASN C 97 -33.83 45.35 -26.31
CA ASN C 97 -33.40 45.13 -27.69
C ASN C 97 -32.64 46.38 -28.09
N PRO C 98 -31.68 46.26 -29.03
CA PRO C 98 -30.88 47.40 -29.48
C PRO C 98 -31.77 48.58 -29.90
N ASP C 99 -33.04 48.29 -30.13
CA ASP C 99 -34.02 49.28 -30.56
C ASP C 99 -35.04 49.62 -29.48
N GLY C 100 -34.57 50.31 -28.44
CA GLY C 100 -35.42 50.74 -27.34
C GLY C 100 -36.32 49.77 -26.61
N THR C 101 -37.29 49.21 -27.32
CA THR C 101 -38.26 48.26 -26.78
C THR C 101 -37.60 47.16 -25.92
N PRO C 102 -38.21 46.83 -24.75
CA PRO C 102 -37.68 45.81 -23.85
C PRO C 102 -37.76 44.39 -24.44
N PHE C 103 -36.68 43.62 -24.27
CA PHE C 103 -36.60 42.24 -24.79
C PHE C 103 -37.65 41.36 -24.12
N GLU C 104 -38.61 40.87 -24.91
CA GLU C 104 -39.69 40.05 -24.40
C GLU C 104 -39.28 38.63 -24.01
N GLY C 105 -38.02 38.29 -24.23
CA GLY C 105 -37.55 36.97 -23.86
C GLY C 105 -37.15 36.89 -22.40
N ASP C 106 -36.61 38.00 -21.90
CA ASP C 106 -36.17 38.09 -20.51
C ASP C 106 -37.31 37.86 -19.52
N PRO C 107 -37.12 36.92 -18.58
CA PRO C 107 -38.09 36.56 -17.54
C PRO C 107 -38.44 37.72 -16.59
N ARG C 108 -37.42 38.49 -16.18
CA ARG C 108 -37.59 39.65 -15.30
C ARG C 108 -38.70 40.52 -15.88
N ASN C 109 -38.57 40.83 -17.17
CA ASN C 109 -39.54 41.65 -17.89
C ASN C 109 -40.87 40.92 -17.98
N ASN C 110 -40.84 39.60 -18.14
CA ASN C 110 -42.07 38.86 -18.25
C ASN C 110 -42.90 39.10 -17.00
N LEU C 111 -42.23 39.13 -15.86
CA LEU C 111 -42.91 39.33 -14.60
C LEU C 111 -43.56 40.71 -14.61
N LYS C 112 -42.82 41.71 -15.07
CA LYS C 112 -43.31 43.07 -15.12
C LYS C 112 -44.49 43.18 -16.04
N ARG C 113 -44.53 42.32 -17.05
CA ARG C 113 -45.63 42.31 -18.02
C ARG C 113 -46.87 41.80 -17.29
N ILE C 114 -46.88 40.51 -16.96
CA ILE C 114 -48.01 39.94 -16.26
C ILE C 114 -48.50 40.86 -15.16
N LEU C 115 -47.57 41.44 -14.39
CA LEU C 115 -47.92 42.36 -13.30
C LEU C 115 -48.77 43.54 -13.79
N LYS C 116 -48.55 43.94 -15.04
CA LYS C 116 -49.33 45.03 -15.61
C LYS C 116 -50.78 44.56 -15.70
N GLU C 117 -50.98 43.36 -16.27
CA GLU C 117 -52.33 42.81 -16.37
C GLU C 117 -53.01 43.03 -15.02
N MET C 118 -52.23 42.88 -13.96
CA MET C 118 -52.68 43.05 -12.59
C MET C 118 -53.11 44.51 -12.34
N GLU C 119 -52.31 45.44 -12.84
CA GLU C 119 -52.62 46.87 -12.70
C GLU C 119 -53.95 47.19 -13.37
N ASP C 120 -54.03 46.79 -14.63
CA ASP C 120 -55.22 47.02 -15.42
C ASP C 120 -56.43 46.41 -14.72
N LEU C 121 -56.28 45.19 -14.22
CA LEU C 121 -57.36 44.52 -13.50
C LEU C 121 -57.78 45.37 -12.30
N GLY C 122 -56.88 46.22 -11.81
CA GLY C 122 -57.21 47.08 -10.69
C GLY C 122 -56.37 46.91 -9.43
N PHE C 123 -55.83 45.71 -9.21
CA PHE C 123 -55.02 45.43 -8.03
C PHE C 123 -53.70 46.23 -8.01
N SER C 124 -53.28 46.66 -6.83
CA SER C 124 -52.08 47.45 -6.66
C SER C 124 -50.74 46.70 -6.72
N ASP C 125 -50.49 45.82 -5.75
CA ASP C 125 -49.24 45.06 -5.67
C ASP C 125 -49.52 43.56 -5.53
N PHE C 126 -48.54 42.73 -5.90
CA PHE C 126 -48.69 41.29 -5.77
C PHE C 126 -47.53 40.81 -4.90
N ASN C 127 -47.80 40.50 -3.64
CA ASN C 127 -46.76 40.10 -2.69
C ASN C 127 -46.32 38.63 -2.62
N LEU C 128 -45.09 38.42 -2.12
CA LEU C 128 -44.54 37.09 -2.01
C LEU C 128 -43.78 36.85 -0.71
N GLY C 129 -44.01 35.68 -0.12
CA GLY C 129 -43.33 35.31 1.10
C GLY C 129 -42.81 33.90 0.88
N PRO C 130 -41.65 33.74 0.21
CA PRO C 130 -41.07 32.42 -0.06
C PRO C 130 -40.32 31.78 1.10
N GLU C 131 -40.35 30.44 1.12
CA GLU C 131 -39.69 29.65 2.14
C GLU C 131 -38.76 28.69 1.38
N PRO C 132 -37.60 29.18 0.91
CA PRO C 132 -36.63 28.36 0.17
C PRO C 132 -35.81 27.37 1.01
N GLU C 133 -36.14 26.08 0.92
CA GLU C 133 -35.45 25.02 1.66
C GLU C 133 -34.20 24.57 0.88
N PHE C 134 -33.10 24.28 1.56
CA PHE C 134 -31.90 23.81 0.86
C PHE C 134 -31.12 22.74 1.59
N PHE C 135 -30.07 22.23 0.97
CA PHE C 135 -29.24 21.21 1.60
C PHE C 135 -27.79 21.69 1.62
N LEU C 136 -27.08 21.25 2.64
CA LEU C 136 -25.69 21.61 2.79
C LEU C 136 -24.89 20.32 2.85
N PHE C 137 -23.98 20.16 1.90
CA PHE C 137 -23.15 18.96 1.84
C PHE C 137 -21.69 19.35 2.12
N LYS C 138 -20.90 18.38 2.57
CA LYS C 138 -19.50 18.62 2.89
C LYS C 138 -18.67 18.82 1.64
N LEU C 139 -17.36 18.57 1.74
CA LEU C 139 -16.49 18.74 0.60
C LEU C 139 -15.24 17.91 0.77
N ASP C 140 -14.79 17.29 -0.31
CA ASP C 140 -13.56 16.50 -0.24
C ASP C 140 -12.40 17.44 -0.54
N GLU C 141 -11.22 17.08 -0.06
CA GLU C 141 -10.03 17.90 -0.27
C GLU C 141 -10.03 18.58 -1.65
N LYS C 142 -10.14 17.77 -2.71
CA LYS C 142 -10.16 18.25 -4.09
C LYS C 142 -11.07 19.47 -4.30
N GLY C 143 -12.22 19.45 -3.63
CA GLY C 143 -13.19 20.53 -3.73
C GLY C 143 -14.54 20.08 -4.27
N GLU C 144 -14.65 18.83 -4.68
CA GLU C 144 -15.90 18.30 -5.23
C GLU C 144 -16.92 17.94 -4.15
N PRO C 145 -18.21 18.13 -4.46
CA PRO C 145 -19.28 17.82 -3.52
C PRO C 145 -19.15 16.38 -3.04
N THR C 146 -19.74 16.11 -1.89
CA THR C 146 -19.72 14.78 -1.32
C THR C 146 -21.11 14.56 -0.75
N LEU C 147 -21.58 13.33 -0.76
CA LEU C 147 -22.92 13.03 -0.26
C LEU C 147 -22.92 12.91 1.26
N GLU C 148 -22.13 13.75 1.90
CA GLU C 148 -22.02 13.76 3.35
C GLU C 148 -22.66 15.05 3.82
N LEU C 149 -23.72 14.92 4.62
CA LEU C 149 -24.41 16.09 5.13
C LEU C 149 -23.57 16.78 6.22
N ASN C 150 -23.67 18.11 6.29
CA ASN C 150 -22.91 18.92 7.26
C ASN C 150 -23.30 18.66 8.71
N ASP C 151 -24.44 18.00 8.91
CA ASP C 151 -24.92 17.68 10.24
C ASP C 151 -26.04 16.65 10.18
N LYS C 152 -26.16 15.83 11.22
CA LYS C 152 -27.22 14.85 11.27
C LYS C 152 -28.30 15.35 12.18
N GLY C 153 -28.67 16.62 11.99
CA GLY C 153 -29.70 17.24 12.79
C GLY C 153 -31.09 16.75 12.44
N GLY C 154 -32.10 17.52 12.85
CA GLY C 154 -33.46 17.13 12.58
C GLY C 154 -34.36 18.35 12.51
N TYR C 155 -35.65 18.10 12.32
CA TYR C 155 -36.63 19.17 12.20
C TYR C 155 -36.65 20.12 13.40
N PHE C 156 -36.59 21.40 13.11
CA PHE C 156 -36.60 22.43 14.14
C PHE C 156 -35.64 22.12 15.27
N ASP C 157 -34.71 21.20 15.03
CA ASP C 157 -33.72 20.83 16.02
C ASP C 157 -32.81 22.04 16.21
N LEU C 158 -31.79 21.88 17.02
CA LEU C 158 -30.85 22.96 17.25
C LEU C 158 -29.64 22.66 16.36
N ALA C 159 -29.73 23.06 15.08
CA ALA C 159 -28.65 22.86 14.11
C ALA C 159 -27.28 23.04 14.77
N PRO C 160 -26.19 22.62 14.09
CA PRO C 160 -24.84 22.75 14.67
C PRO C 160 -24.65 23.72 15.83
N THR C 161 -24.21 23.18 16.97
CA THR C 161 -23.94 23.92 18.18
C THR C 161 -23.31 25.31 17.89
N ASP C 162 -23.92 26.37 18.43
CA ASP C 162 -23.42 27.73 18.20
C ASP C 162 -21.90 27.86 18.05
N LEU C 163 -21.15 27.01 18.76
CA LEU C 163 -19.69 27.05 18.66
C LEU C 163 -19.16 26.16 17.54
N GLY C 164 -18.52 26.79 16.56
CA GLY C 164 -17.98 26.06 15.44
C GLY C 164 -18.57 26.66 14.19
N GLU C 165 -18.90 25.78 13.24
CA GLU C 165 -19.47 26.15 11.95
C GLU C 165 -20.72 27.04 11.98
N ASN C 166 -21.85 26.37 12.06
CA ASN C 166 -23.18 26.96 12.01
C ASN C 166 -23.29 27.89 10.81
N CYS C 167 -23.31 27.30 9.62
CA CYS C 167 -23.39 28.04 8.40
C CYS C 167 -24.66 28.85 8.25
N ARG C 168 -25.80 28.25 8.56
CA ARG C 168 -27.10 28.92 8.46
C ARG C 168 -27.14 30.27 9.16
N ARG C 169 -26.72 30.29 10.42
CA ARG C 169 -26.73 31.52 11.21
C ARG C 169 -25.97 32.62 10.53
N ASP C 170 -24.75 32.29 10.16
CA ASP C 170 -23.87 33.25 9.50
C ASP C 170 -24.54 33.77 8.21
N ILE C 171 -25.14 32.87 7.44
CA ILE C 171 -25.85 33.25 6.22
C ILE C 171 -26.77 34.41 6.55
N VAL C 172 -27.68 34.16 7.47
CA VAL C 172 -28.66 35.16 7.91
C VAL C 172 -27.99 36.41 8.44
N LEU C 173 -27.00 36.23 9.30
CA LEU C 173 -26.26 37.37 9.84
C LEU C 173 -25.62 38.18 8.71
N GLU C 174 -25.43 37.55 7.55
CA GLU C 174 -24.84 38.23 6.40
C GLU C 174 -25.93 38.84 5.51
N LEU C 175 -27.08 38.15 5.45
CA LEU C 175 -28.22 38.61 4.66
C LEU C 175 -28.89 39.81 5.30
N GLU C 176 -28.89 39.83 6.63
CA GLU C 176 -29.52 40.91 7.37
C GLU C 176 -28.67 42.17 7.20
N GLU C 177 -27.36 42.03 7.31
CA GLU C 177 -26.50 43.19 7.15
C GLU C 177 -26.36 43.55 5.67
N MET C 178 -26.97 42.75 4.80
CA MET C 178 -26.93 42.98 3.36
C MET C 178 -28.06 43.89 2.97
N GLY C 179 -29.17 43.76 3.69
CA GLY C 179 -30.32 44.58 3.41
C GLY C 179 -31.60 43.79 3.46
N PHE C 180 -31.47 42.46 3.50
CA PHE C 180 -32.65 41.61 3.54
C PHE C 180 -33.49 41.80 4.79
N GLU C 181 -34.72 41.33 4.69
CA GLU C 181 -35.65 41.40 5.80
C GLU C 181 -36.03 39.94 6.09
N ILE C 182 -35.12 39.22 6.74
CA ILE C 182 -35.36 37.81 7.04
C ILE C 182 -36.29 37.63 8.23
N GLU C 183 -37.20 36.66 8.11
CA GLU C 183 -38.18 36.37 9.17
C GLU C 183 -37.60 35.46 10.23
N ALA C 184 -37.37 34.20 9.88
CA ALA C 184 -36.82 33.24 10.82
C ALA C 184 -36.09 32.16 10.03
N SER C 185 -35.70 31.10 10.72
CA SER C 185 -35.02 29.98 10.08
C SER C 185 -35.01 28.80 11.05
N HIS C 186 -34.69 27.61 10.53
CA HIS C 186 -34.65 26.39 11.32
C HIS C 186 -33.98 25.29 10.52
N HIS C 187 -33.87 24.11 11.11
CA HIS C 187 -33.27 22.96 10.45
C HIS C 187 -34.45 22.15 9.94
N GLU C 188 -34.45 21.75 8.67
CA GLU C 188 -35.58 20.99 8.14
C GLU C 188 -35.56 19.51 8.52
N VAL C 189 -36.56 18.76 8.05
CA VAL C 189 -36.72 17.33 8.34
C VAL C 189 -35.43 16.53 8.16
N ALA C 190 -35.02 16.35 6.92
CA ALA C 190 -33.83 15.59 6.63
C ALA C 190 -32.57 16.26 7.18
N PRO C 191 -31.51 15.47 7.45
CA PRO C 191 -30.27 16.05 7.96
C PRO C 191 -29.58 16.90 6.90
N GLY C 192 -28.96 18.00 7.34
CA GLY C 192 -28.27 18.90 6.43
C GLY C 192 -29.19 19.98 5.87
N GLN C 193 -30.49 19.69 5.87
CA GLN C 193 -31.48 20.63 5.35
C GLN C 193 -31.73 21.81 6.29
N HIS C 194 -32.12 22.94 5.70
CA HIS C 194 -32.39 24.16 6.44
C HIS C 194 -33.45 24.98 5.72
N GLU C 195 -33.98 25.98 6.39
CA GLU C 195 -34.99 26.84 5.79
C GLU C 195 -34.80 28.27 6.30
N ILE C 196 -34.82 29.21 5.37
CA ILE C 196 -34.66 30.61 5.71
C ILE C 196 -35.84 31.34 5.07
N ASP C 197 -36.68 31.95 5.90
CA ASP C 197 -37.86 32.64 5.42
C ASP C 197 -37.71 34.17 5.41
N PHE C 198 -38.19 34.80 4.34
CA PHE C 198 -38.11 36.24 4.16
C PHE C 198 -39.44 36.87 4.48
N LYS C 199 -39.46 38.19 4.69
CA LYS C 199 -40.71 38.89 4.93
C LYS C 199 -41.21 39.13 3.51
N TYR C 200 -42.53 39.09 3.33
CA TYR C 200 -43.10 39.27 2.00
C TYR C 200 -42.56 40.50 1.30
N ALA C 201 -42.69 40.51 -0.02
CA ALA C 201 -42.20 41.61 -0.82
C ALA C 201 -42.90 41.71 -2.16
N GLY C 202 -42.56 42.73 -2.93
CA GLY C 202 -43.15 42.91 -4.24
C GLY C 202 -42.74 41.82 -5.23
N ALA C 203 -43.73 41.29 -5.95
CA ALA C 203 -43.51 40.24 -6.94
C ALA C 203 -42.11 40.32 -7.51
N VAL C 204 -41.65 41.54 -7.78
CA VAL C 204 -40.32 41.71 -8.34
C VAL C 204 -39.23 41.68 -7.28
N ARG C 205 -39.22 42.65 -6.38
CA ARG C 205 -38.18 42.72 -5.35
C ARG C 205 -38.02 41.41 -4.59
N SER C 206 -39.00 40.52 -4.71
CA SER C 206 -38.94 39.21 -4.04
C SER C 206 -38.21 38.21 -4.95
N CYS C 207 -38.69 38.08 -6.18
CA CYS C 207 -38.08 37.17 -7.15
C CYS C 207 -36.60 37.49 -7.21
N ASP C 208 -36.28 38.79 -7.20
CA ASP C 208 -34.90 39.26 -7.24
C ASP C 208 -34.11 38.79 -6.01
N ASP C 209 -34.71 38.95 -4.83
CA ASP C 209 -34.09 38.54 -3.58
C ASP C 209 -33.96 37.04 -3.48
N ILE C 210 -34.81 36.32 -4.19
CA ILE C 210 -34.74 34.88 -4.18
C ILE C 210 -33.41 34.57 -4.88
N GLN C 211 -33.08 35.35 -5.90
CA GLN C 211 -31.83 35.16 -6.63
C GLN C 211 -30.66 35.49 -5.74
N THR C 212 -30.65 36.70 -5.19
CA THR C 212 -29.57 37.12 -4.31
C THR C 212 -29.32 36.06 -3.23
N PHE C 213 -30.41 35.56 -2.64
CA PHE C 213 -30.34 34.53 -1.60
C PHE C 213 -29.53 33.30 -2.07
N LYS C 214 -30.00 32.64 -3.12
CA LYS C 214 -29.31 31.47 -3.65
C LYS C 214 -27.82 31.81 -3.79
N LEU C 215 -27.51 33.07 -4.08
CA LEU C 215 -26.13 33.49 -4.23
C LEU C 215 -25.38 33.60 -2.91
N VAL C 216 -25.86 34.42 -1.99
CA VAL C 216 -25.19 34.59 -0.70
C VAL C 216 -25.04 33.24 -0.02
N VAL C 217 -25.98 32.33 -0.29
CA VAL C 217 -25.96 30.99 0.30
C VAL C 217 -24.76 30.20 -0.19
N LYS C 218 -24.73 30.00 -1.52
CA LYS C 218 -23.65 29.27 -2.18
C LYS C 218 -22.28 29.87 -1.87
N THR C 219 -22.20 31.21 -1.88
CA THR C 219 -20.97 31.93 -1.58
C THR C 219 -20.50 31.54 -0.20
N ILE C 220 -21.19 32.08 0.78
CA ILE C 220 -20.88 31.81 2.17
C ILE C 220 -20.71 30.33 2.48
N ALA C 221 -21.50 29.46 1.86
CA ALA C 221 -21.40 28.01 2.09
C ALA C 221 -20.02 27.46 1.74
N ARG C 222 -19.43 27.97 0.66
CA ARG C 222 -18.11 27.52 0.28
C ARG C 222 -17.16 28.01 1.36
N LYS C 223 -17.35 29.25 1.80
CA LYS C 223 -16.51 29.84 2.85
C LYS C 223 -16.40 28.91 4.05
N HIS C 224 -17.29 27.93 4.14
CA HIS C 224 -17.28 27.00 5.25
C HIS C 224 -17.02 25.57 4.80
N GLY C 225 -16.47 25.37 3.61
CA GLY C 225 -16.18 24.02 3.14
C GLY C 225 -17.39 23.14 2.88
N LEU C 226 -18.50 23.76 2.51
CA LEU C 226 -19.73 23.03 2.25
C LEU C 226 -20.23 23.33 0.85
N HIS C 227 -21.20 22.53 0.40
CA HIS C 227 -21.79 22.71 -0.92
C HIS C 227 -23.30 22.87 -0.74
N ALA C 228 -23.81 24.08 -0.94
CA ALA C 228 -25.25 24.29 -0.80
C ALA C 228 -25.91 23.87 -2.09
N THR C 229 -26.94 23.03 -2.00
CA THR C 229 -27.62 22.59 -3.21
C THR C 229 -29.11 22.80 -3.11
N PHE C 230 -29.66 23.51 -4.08
CA PHE C 230 -31.09 23.77 -4.11
C PHE C 230 -31.82 22.74 -4.96
N MET C 231 -31.16 21.61 -5.17
CA MET C 231 -31.78 20.57 -5.95
C MET C 231 -32.91 20.01 -5.10
N PRO C 232 -34.07 19.79 -5.72
CA PRO C 232 -35.29 19.26 -5.10
C PRO C 232 -35.23 17.92 -4.37
N LYS C 233 -34.37 17.01 -4.83
CA LYS C 233 -34.31 15.70 -4.19
C LYS C 233 -32.96 15.04 -4.42
N PRO C 234 -31.90 15.55 -3.79
CA PRO C 234 -30.53 15.03 -3.89
C PRO C 234 -30.37 13.60 -3.41
N LEU C 235 -31.19 13.17 -2.47
CA LEU C 235 -31.07 11.83 -1.96
C LEU C 235 -32.34 10.98 -2.04
N PHE C 236 -32.21 9.76 -2.54
CA PHE C 236 -33.37 8.89 -2.61
C PHE C 236 -33.77 8.52 -1.20
N GLY C 237 -35.07 8.42 -0.96
CA GLY C 237 -35.54 8.06 0.37
C GLY C 237 -35.22 9.05 1.48
N VAL C 238 -35.05 10.32 1.14
CA VAL C 238 -34.78 11.36 2.14
C VAL C 238 -35.65 12.57 1.82
N ASN C 239 -36.16 13.23 2.85
CA ASN C 239 -37.01 14.39 2.66
C ASN C 239 -36.53 15.24 1.47
N GLY C 240 -37.47 15.74 0.68
CA GLY C 240 -37.12 16.57 -0.46
C GLY C 240 -37.08 18.02 -0.05
N SER C 241 -36.74 18.91 -0.99
CA SER C 241 -36.67 20.33 -0.69
C SER C 241 -37.58 21.16 -1.58
N GLY C 242 -38.72 21.59 -1.03
CA GLY C 242 -39.63 22.41 -1.79
C GLY C 242 -39.41 23.87 -1.42
N MET C 243 -40.17 24.74 -2.07
CA MET C 243 -40.10 26.17 -1.82
C MET C 243 -41.49 26.80 -1.98
N HIS C 244 -42.26 26.73 -0.89
CA HIS C 244 -43.62 27.25 -0.81
C HIS C 244 -43.67 28.74 -1.13
N CYS C 245 -44.80 29.21 -1.66
CA CYS C 245 -44.93 30.62 -1.98
C CYS C 245 -46.16 31.25 -1.39
N ASN C 246 -45.95 31.98 -0.30
CA ASN C 246 -47.05 32.66 0.37
C ASN C 246 -47.42 33.84 -0.55
N LEU C 247 -48.65 33.77 -1.08
CA LEU C 247 -49.15 34.77 -2.01
C LEU C 247 -50.27 35.64 -1.44
N SER C 248 -50.41 36.85 -2.00
CA SER C 248 -51.45 37.79 -1.57
C SER C 248 -51.57 39.00 -2.52
N LEU C 249 -52.81 39.33 -2.89
CA LEU C 249 -53.08 40.46 -3.78
C LEU C 249 -53.58 41.65 -2.99
N PHE C 250 -53.13 42.84 -3.34
CA PHE C 250 -53.60 44.05 -2.66
C PHE C 250 -54.12 45.02 -3.71
N LYS C 251 -54.84 46.02 -3.21
CA LYS C 251 -55.38 47.09 -4.05
C LYS C 251 -55.75 48.20 -3.07
N ASN C 252 -55.32 49.42 -3.38
CA ASN C 252 -55.58 50.57 -2.54
C ASN C 252 -54.73 50.48 -1.27
N GLY C 253 -54.16 49.30 -1.01
CA GLY C 253 -53.33 49.10 0.17
C GLY C 253 -53.86 48.06 1.14
N VAL C 254 -55.08 47.58 0.88
CA VAL C 254 -55.71 46.57 1.74
C VAL C 254 -55.46 45.17 1.15
N ASN C 255 -55.81 44.14 1.90
CA ASN C 255 -55.63 42.77 1.42
C ASN C 255 -56.90 42.40 0.65
N ALA C 256 -56.80 42.32 -0.67
CA ALA C 256 -57.94 41.99 -1.53
C ALA C 256 -58.50 40.59 -1.30
N PHE C 257 -57.89 39.85 -0.39
CA PHE C 257 -58.35 38.50 -0.11
C PHE C 257 -59.18 38.42 1.15
N PHE C 258 -58.69 39.06 2.21
CA PHE C 258 -59.37 39.07 3.50
C PHE C 258 -60.75 39.70 3.46
N ASP C 259 -61.74 38.98 3.98
CA ASP C 259 -63.12 39.47 4.01
C ASP C 259 -63.84 39.05 5.30
N GLU C 260 -63.55 39.82 6.34
CA GLU C 260 -64.11 39.65 7.69
C GLU C 260 -65.51 39.05 7.79
N ASN C 261 -66.42 39.49 6.92
CA ASN C 261 -67.78 39.00 6.93
C ASN C 261 -67.86 37.63 6.29
N ALA C 262 -67.27 37.51 5.11
CA ALA C 262 -67.28 36.27 4.34
C ALA C 262 -66.78 35.05 5.12
N ASP C 263 -67.12 33.88 4.60
CA ASP C 263 -66.74 32.61 5.21
C ASP C 263 -65.23 32.50 5.37
N LEU C 264 -64.78 32.19 6.59
CA LEU C 264 -63.37 32.05 6.90
C LEU C 264 -62.68 33.39 6.66
N GLN C 265 -63.48 34.42 6.46
CA GLN C 265 -62.96 35.76 6.19
C GLN C 265 -62.06 35.71 4.95
N LEU C 266 -62.59 35.15 3.86
CA LEU C 266 -61.87 35.05 2.60
C LEU C 266 -62.79 35.56 1.52
N SER C 267 -62.48 36.72 0.95
CA SER C 267 -63.30 37.33 -0.09
C SER C 267 -63.46 36.47 -1.35
N GLU C 268 -64.32 36.93 -2.25
CA GLU C 268 -64.56 36.20 -3.50
C GLU C 268 -63.27 36.27 -4.30
N THR C 269 -62.57 37.39 -4.18
CA THR C 269 -61.33 37.56 -4.90
C THR C 269 -60.38 36.44 -4.49
N ALA C 270 -60.48 36.01 -3.23
CA ALA C 270 -59.64 34.95 -2.70
C ALA C 270 -60.17 33.59 -3.15
N LYS C 271 -61.47 33.38 -2.97
CA LYS C 271 -62.06 32.12 -3.36
C LYS C 271 -61.80 31.90 -4.85
N HIS C 272 -62.01 32.95 -5.65
CA HIS C 272 -61.80 32.86 -7.09
C HIS C 272 -60.31 32.65 -7.37
N PHE C 273 -59.47 33.38 -6.66
CA PHE C 273 -58.03 33.28 -6.83
C PHE C 273 -57.62 31.82 -6.66
N ILE C 274 -57.98 31.26 -5.51
CA ILE C 274 -57.70 29.88 -5.20
C ILE C 274 -58.14 29.00 -6.36
N ALA C 275 -59.40 29.17 -6.73
CA ALA C 275 -60.00 28.41 -7.81
C ALA C 275 -59.08 28.32 -9.02
N GLY C 276 -58.49 29.45 -9.40
CA GLY C 276 -57.60 29.51 -10.55
C GLY C 276 -56.34 28.69 -10.40
N ILE C 277 -55.81 28.67 -9.18
CA ILE C 277 -54.61 27.92 -8.88
C ILE C 277 -54.94 26.43 -9.00
N VAL C 278 -56.14 26.08 -8.55
CA VAL C 278 -56.63 24.70 -8.59
C VAL C 278 -56.98 24.22 -10.01
N LYS C 279 -57.13 25.16 -10.94
CA LYS C 279 -57.47 24.82 -12.30
C LYS C 279 -56.23 24.61 -13.13
N HIS C 280 -55.32 25.57 -13.04
CA HIS C 280 -54.07 25.55 -13.78
C HIS C 280 -52.91 24.83 -13.08
N ALA C 281 -53.16 24.31 -11.88
CA ALA C 281 -52.12 23.63 -11.14
C ALA C 281 -51.36 22.65 -12.02
N THR C 282 -52.01 21.54 -12.35
CA THR C 282 -51.39 20.50 -13.15
C THR C 282 -50.84 21.07 -14.46
N SER C 283 -50.92 22.38 -14.62
CA SER C 283 -50.46 23.03 -15.83
C SER C 283 -49.27 23.98 -15.64
N PHE C 284 -48.99 24.39 -14.40
CA PHE C 284 -47.85 25.28 -14.22
C PHE C 284 -46.77 24.56 -13.43
N THR C 285 -47.07 23.32 -13.05
CA THR C 285 -46.14 22.50 -12.30
C THR C 285 -44.84 22.40 -13.10
N ALA C 286 -44.98 22.32 -14.43
CA ALA C 286 -43.85 22.21 -15.33
C ALA C 286 -42.93 23.44 -15.36
N VAL C 287 -43.25 24.45 -14.56
CA VAL C 287 -42.42 25.65 -14.50
C VAL C 287 -41.96 25.80 -13.05
N THR C 288 -42.86 25.46 -12.14
CA THR C 288 -42.57 25.52 -10.71
C THR C 288 -41.83 24.25 -10.33
N ASN C 289 -41.80 23.29 -11.25
CA ASN C 289 -41.13 22.01 -11.03
C ASN C 289 -40.45 21.56 -12.31
N PRO C 290 -39.47 22.36 -12.78
CA PRO C 290 -38.66 22.16 -13.99
C PRO C 290 -37.82 20.89 -14.06
N THR C 291 -36.80 20.81 -13.21
CA THR C 291 -35.91 19.67 -13.18
C THR C 291 -36.61 18.32 -13.16
N VAL C 292 -36.13 17.39 -13.98
CA VAL C 292 -36.68 16.05 -14.05
C VAL C 292 -36.85 15.62 -12.60
N ASN C 293 -35.82 15.92 -11.81
CA ASN C 293 -35.75 15.61 -10.40
C ASN C 293 -36.90 16.17 -9.57
N SER C 294 -37.34 17.39 -9.85
CA SER C 294 -38.44 17.98 -9.09
C SER C 294 -39.54 16.97 -8.81
N TYR C 295 -39.73 16.02 -9.73
CA TYR C 295 -40.79 15.03 -9.57
C TYR C 295 -40.55 13.91 -8.57
N LYS C 296 -39.32 13.76 -8.11
CA LYS C 296 -39.02 12.75 -7.12
C LYS C 296 -39.34 13.35 -5.74
N ARG C 297 -39.65 14.65 -5.73
CA ARG C 297 -40.01 15.32 -4.51
C ARG C 297 -41.52 15.43 -4.53
N LEU C 298 -42.10 15.17 -5.70
CA LEU C 298 -43.53 15.22 -5.87
C LEU C 298 -44.15 13.83 -6.00
N VAL C 299 -43.55 12.85 -5.31
CA VAL C 299 -44.06 11.48 -5.30
C VAL C 299 -44.71 11.28 -3.95
N PRO C 300 -45.92 10.68 -3.93
CA PRO C 300 -46.63 10.45 -2.68
C PRO C 300 -45.84 9.58 -1.68
N CYS C 306 -48.87 16.36 -3.92
CA CYS C 306 -49.01 15.44 -5.06
C CYS C 306 -50.44 15.39 -5.64
N TYR C 307 -51.41 15.83 -4.85
CA TYR C 307 -52.81 15.83 -5.25
C TYR C 307 -53.34 17.25 -5.17
N VAL C 308 -53.84 17.76 -6.30
CA VAL C 308 -54.37 19.11 -6.37
C VAL C 308 -55.58 19.25 -5.45
N ALA C 309 -55.43 20.07 -4.41
CA ALA C 309 -56.50 20.29 -3.44
C ALA C 309 -56.04 21.32 -2.40
N TRP C 310 -57.01 21.95 -1.72
CA TRP C 310 -56.71 22.94 -0.68
C TRP C 310 -57.51 22.70 0.60
N SER C 311 -57.11 23.34 1.69
CA SER C 311 -57.79 23.20 2.98
C SER C 311 -57.22 24.19 4.00
N ALA C 312 -57.04 23.73 5.24
CA ALA C 312 -56.50 24.57 6.29
C ALA C 312 -55.70 23.77 7.33
N GLN C 313 -55.47 22.49 7.04
CA GLN C 313 -54.71 21.61 7.93
C GLN C 313 -54.78 20.16 7.46
N ASN C 314 -53.98 19.80 6.46
CA ASN C 314 -53.98 18.44 5.92
C ASN C 314 -52.60 17.77 5.93
N ARG C 315 -52.39 16.84 5.00
CA ARG C 315 -51.12 16.12 4.88
C ARG C 315 -50.20 16.71 3.80
N SER C 316 -50.59 16.50 2.54
CA SER C 316 -49.82 17.01 1.41
C SER C 316 -50.76 17.81 0.53
N PRO C 317 -51.28 18.93 1.04
CA PRO C 317 -52.19 19.76 0.27
C PRO C 317 -51.43 20.68 -0.69
N LEU C 318 -51.94 20.77 -1.91
CA LEU C 318 -51.32 21.62 -2.92
C LEU C 318 -51.33 23.06 -2.42
N ILE C 319 -52.47 23.52 -1.93
CA ILE C 319 -52.63 24.89 -1.42
C ILE C 319 -52.88 24.92 0.07
N ARG C 320 -52.34 25.91 0.75
CA ARG C 320 -52.53 26.03 2.20
C ARG C 320 -52.83 27.47 2.65
N ILE C 321 -53.91 27.66 3.40
CA ILE C 321 -54.27 29.00 3.89
C ILE C 321 -53.90 29.22 5.34
N PRO C 322 -52.80 29.96 5.56
CA PRO C 322 -52.26 30.30 6.89
C PRO C 322 -53.31 30.86 7.83
N ALA C 323 -52.96 30.94 9.12
CA ALA C 323 -53.85 31.48 10.13
C ALA C 323 -54.08 32.97 9.88
N SER C 324 -53.01 33.73 10.07
CA SER C 324 -52.99 35.19 9.90
C SER C 324 -53.99 35.77 8.90
N ARG C 325 -54.67 36.85 9.30
CA ARG C 325 -55.66 37.52 8.46
C ARG C 325 -55.37 39.01 8.29
N GLY C 326 -56.37 39.74 7.81
CA GLY C 326 -56.21 41.16 7.61
C GLY C 326 -55.19 41.40 6.51
N ILE C 327 -54.07 42.04 6.84
CA ILE C 327 -53.03 42.32 5.86
C ILE C 327 -52.07 41.15 5.70
N SER C 328 -52.33 40.07 6.45
CA SER C 328 -51.50 38.89 6.38
C SER C 328 -52.32 37.69 5.90
N THR C 329 -53.41 37.97 5.17
CA THR C 329 -54.30 36.94 4.63
C THR C 329 -53.73 36.52 3.29
N ARG C 330 -52.96 35.44 3.32
CA ARG C 330 -52.27 34.92 2.16
C ARG C 330 -52.58 33.47 1.81
N VAL C 331 -52.38 33.13 0.54
CA VAL C 331 -52.61 31.77 0.02
C VAL C 331 -51.26 31.08 -0.25
N GLU C 332 -51.04 29.93 0.40
CA GLU C 332 -49.79 29.20 0.23
C GLU C 332 -49.86 28.13 -0.86
N VAL C 333 -48.86 28.14 -1.75
CA VAL C 333 -48.74 27.16 -2.83
C VAL C 333 -47.52 26.33 -2.42
N ARG C 334 -47.77 25.12 -1.93
CA ARG C 334 -46.72 24.22 -1.44
C ARG C 334 -46.03 23.32 -2.47
N SER C 335 -46.38 23.44 -3.75
CA SER C 335 -45.76 22.59 -4.77
C SER C 335 -44.39 23.09 -5.24
N VAL C 336 -44.26 24.40 -5.43
CA VAL C 336 -43.01 24.99 -5.90
C VAL C 336 -41.76 24.47 -5.15
N ASP C 337 -40.61 24.65 -5.79
CA ASP C 337 -39.33 24.27 -5.22
C ASP C 337 -38.32 25.30 -5.72
N PRO C 338 -37.16 25.42 -5.04
CA PRO C 338 -36.07 26.34 -5.36
C PRO C 338 -35.46 26.28 -6.76
N ALA C 339 -35.56 25.11 -7.40
CA ALA C 339 -35.02 24.94 -8.73
C ALA C 339 -35.78 25.87 -9.68
N ALA C 340 -37.04 26.15 -9.34
CA ALA C 340 -37.87 27.00 -10.18
C ALA C 340 -37.28 28.38 -10.40
N ASN C 341 -37.48 28.91 -11.61
CA ASN C 341 -37.02 30.24 -12.01
C ASN C 341 -38.04 31.15 -11.31
N PRO C 342 -37.63 31.81 -10.22
CA PRO C 342 -38.54 32.70 -9.48
C PRO C 342 -39.56 33.49 -10.31
N TYR C 343 -39.09 34.24 -11.29
CA TYR C 343 -39.99 35.05 -12.10
C TYR C 343 -41.03 34.20 -12.85
N LEU C 344 -40.57 33.34 -13.75
CA LEU C 344 -41.47 32.49 -14.52
C LEU C 344 -42.44 31.72 -13.61
N ALA C 345 -42.02 31.56 -12.36
CA ALA C 345 -42.83 30.85 -11.36
C ALA C 345 -43.89 31.79 -10.81
N LEU C 346 -43.46 33.00 -10.45
CA LEU C 346 -44.37 34.01 -9.93
C LEU C 346 -45.30 34.49 -11.05
N SER C 347 -44.78 34.58 -12.27
CA SER C 347 -45.60 35.00 -13.40
C SER C 347 -46.72 33.99 -13.52
N VAL C 348 -46.42 32.89 -14.19
CA VAL C 348 -47.35 31.80 -14.44
C VAL C 348 -48.35 31.62 -13.29
N LEU C 349 -47.90 31.80 -12.05
CA LEU C 349 -48.80 31.65 -10.91
C LEU C 349 -49.76 32.85 -10.82
N LEU C 350 -49.24 34.08 -10.78
CA LEU C 350 -50.09 35.26 -10.72
C LEU C 350 -51.16 35.17 -11.83
N ALA C 351 -50.72 34.71 -13.01
CA ALA C 351 -51.58 34.53 -14.19
C ALA C 351 -52.72 33.56 -13.87
N ALA C 352 -52.35 32.34 -13.52
CA ALA C 352 -53.31 31.31 -13.19
C ALA C 352 -54.23 31.86 -12.12
N GLY C 353 -53.70 32.78 -11.31
CA GLY C 353 -54.48 33.38 -10.25
C GLY C 353 -55.43 34.45 -10.76
N LEU C 354 -54.91 35.41 -11.51
CA LEU C 354 -55.76 36.46 -12.02
C LEU C 354 -56.79 35.86 -12.95
N ASP C 355 -56.40 34.89 -13.76
CA ASP C 355 -57.32 34.23 -14.68
C ASP C 355 -58.59 33.85 -13.91
N GLY C 356 -58.43 33.34 -12.69
CA GLY C 356 -59.58 32.97 -11.89
C GLY C 356 -60.41 34.18 -11.49
N ILE C 357 -59.71 35.26 -11.12
CA ILE C 357 -60.37 36.51 -10.72
C ILE C 357 -61.26 37.09 -11.82
N LYS C 358 -60.67 37.33 -12.98
CA LYS C 358 -61.42 37.90 -14.10
C LYS C 358 -62.54 37.03 -14.67
N ASN C 359 -62.42 35.71 -14.60
CA ASN C 359 -63.47 34.86 -15.14
C ASN C 359 -64.35 34.28 -14.04
N LYS C 360 -64.32 34.89 -12.87
CA LYS C 360 -65.13 34.42 -11.75
C LYS C 360 -65.22 32.90 -11.74
N LEU C 361 -64.15 32.24 -11.30
CA LEU C 361 -64.14 30.78 -11.25
C LEU C 361 -64.44 30.27 -9.84
N GLU C 362 -65.46 29.42 -9.72
CA GLU C 362 -65.88 28.87 -8.42
C GLU C 362 -65.03 27.71 -7.94
N ALA C 363 -64.22 27.99 -6.92
CA ALA C 363 -63.32 27.02 -6.32
C ALA C 363 -64.02 25.76 -5.85
N PRO C 364 -63.24 24.67 -5.65
CA PRO C 364 -63.79 23.40 -5.18
C PRO C 364 -64.18 23.48 -3.72
N ALA C 365 -63.37 22.88 -2.85
CA ALA C 365 -63.60 22.88 -1.42
C ALA C 365 -62.53 22.04 -0.74
N PRO C 366 -62.52 22.02 0.60
CA PRO C 366 -61.53 21.23 1.35
C PRO C 366 -61.72 19.73 1.18
N ILE C 367 -61.21 19.18 0.09
CA ILE C 367 -61.35 17.75 -0.20
C ILE C 367 -60.37 16.90 0.62
N ASP C 368 -60.12 17.32 1.87
CA ASP C 368 -59.18 16.62 2.74
C ASP C 368 -59.41 15.10 2.77
N ARG C 369 -60.23 14.63 3.70
CA ARG C 369 -60.52 13.20 3.82
C ARG C 369 -59.26 12.41 4.19
N ASN C 370 -58.63 11.86 3.16
CA ASN C 370 -57.41 11.06 3.31
C ASN C 370 -56.70 10.93 1.97
N ILE C 371 -56.54 12.06 1.27
CA ILE C 371 -55.89 12.09 -0.03
C ILE C 371 -54.60 11.27 -0.07
N TYR C 372 -53.97 11.10 1.10
CA TYR C 372 -52.73 10.33 1.18
C TYR C 372 -52.97 8.84 1.04
N VAL C 373 -53.88 8.30 1.82
CA VAL C 373 -54.16 6.87 1.77
C VAL C 373 -55.33 6.53 0.82
N MET C 374 -55.76 7.51 0.03
CA MET C 374 -56.84 7.32 -0.93
C MET C 374 -56.33 6.71 -2.24
N SER C 375 -57.07 5.75 -2.78
CA SER C 375 -56.67 5.10 -4.03
C SER C 375 -56.70 6.12 -5.17
N LYS C 376 -56.22 5.71 -6.34
CA LYS C 376 -56.17 6.59 -7.51
C LYS C 376 -57.54 7.11 -7.93
N GLU C 377 -58.51 6.20 -8.04
CA GLU C 377 -59.86 6.56 -8.44
C GLU C 377 -60.54 7.40 -7.37
N GLU C 378 -60.03 7.31 -6.14
CA GLU C 378 -60.59 8.07 -5.03
C GLU C 378 -60.34 9.57 -5.14
N ARG C 379 -59.11 9.93 -5.48
CA ARG C 379 -58.73 11.33 -5.61
C ARG C 379 -59.21 11.96 -6.92
N MET C 380 -59.77 11.13 -7.80
CA MET C 380 -60.27 11.63 -9.08
C MET C 380 -61.81 11.78 -8.98
N GLU C 381 -62.39 11.11 -7.98
CA GLU C 381 -63.83 11.12 -7.73
C GLU C 381 -64.26 12.30 -6.85
N ASN C 382 -63.63 12.41 -5.68
CA ASN C 382 -63.92 13.46 -4.71
C ASN C 382 -63.68 14.88 -5.25
N GLY C 383 -62.73 14.99 -6.18
CA GLY C 383 -62.41 16.28 -6.78
C GLY C 383 -60.98 16.71 -6.48
N ILE C 384 -60.05 15.76 -6.53
CA ILE C 384 -58.66 16.03 -6.26
C ILE C 384 -57.77 15.70 -7.47
N VAL C 385 -57.68 16.63 -8.40
CA VAL C 385 -56.88 16.47 -9.62
C VAL C 385 -55.43 16.06 -9.26
N ASP C 386 -54.89 15.07 -9.97
CA ASP C 386 -53.54 14.54 -9.72
C ASP C 386 -52.35 15.26 -10.40
N LEU C 387 -51.37 15.72 -9.62
CA LEU C 387 -50.22 16.39 -10.23
C LEU C 387 -49.50 15.41 -11.12
N PRO C 388 -48.89 15.90 -12.20
CA PRO C 388 -48.15 15.06 -13.15
C PRO C 388 -46.96 14.34 -12.51
N ALA C 389 -46.69 13.14 -12.99
CA ALA C 389 -45.60 12.31 -12.47
C ALA C 389 -44.17 12.62 -12.97
N THR C 390 -44.03 12.97 -14.24
CA THR C 390 -42.70 13.23 -14.79
C THR C 390 -42.63 14.55 -15.55
N LEU C 391 -41.44 15.13 -15.67
CA LEU C 391 -41.25 16.38 -16.39
C LEU C 391 -41.95 16.35 -17.74
N ALA C 392 -41.91 15.19 -18.39
CA ALA C 392 -42.53 15.01 -19.70
C ALA C 392 -44.05 15.18 -19.62
N GLU C 393 -44.64 14.56 -18.60
CA GLU C 393 -46.07 14.64 -18.38
C GLU C 393 -46.46 16.07 -17.97
N ALA C 394 -45.50 16.82 -17.44
CA ALA C 394 -45.75 18.20 -17.02
C ALA C 394 -45.78 19.07 -18.25
N LEU C 395 -44.81 18.88 -19.13
CA LEU C 395 -44.75 19.67 -20.35
C LEU C 395 -45.99 19.43 -21.22
N GLU C 396 -46.44 18.18 -21.27
CA GLU C 396 -47.62 17.83 -22.07
C GLU C 396 -48.85 18.53 -21.52
N GLU C 397 -48.76 18.90 -20.25
CA GLU C 397 -49.81 19.59 -19.53
C GLU C 397 -49.64 21.08 -19.80
N PHE C 398 -48.43 21.57 -19.54
CA PHE C 398 -48.14 22.98 -19.74
C PHE C 398 -48.46 23.47 -21.14
N LYS C 399 -48.00 22.72 -22.14
CA LYS C 399 -48.23 23.07 -23.54
C LYS C 399 -49.71 23.21 -23.90
N SER C 400 -50.52 22.26 -23.41
CA SER C 400 -51.96 22.27 -23.67
C SER C 400 -52.62 23.55 -23.19
N ASN C 401 -52.40 23.85 -21.92
CA ASN C 401 -52.99 25.04 -21.34
C ASN C 401 -52.51 26.30 -22.03
N GLU C 402 -53.45 27.15 -22.39
CA GLU C 402 -53.15 28.40 -23.08
C GLU C 402 -52.99 29.60 -22.18
N VAL C 403 -53.71 29.61 -21.06
CA VAL C 403 -53.61 30.72 -20.12
C VAL C 403 -52.13 30.88 -19.75
N MET C 404 -51.42 29.75 -19.62
CA MET C 404 -49.99 29.71 -19.27
C MET C 404 -49.15 30.05 -20.48
N VAL C 405 -49.58 29.57 -21.65
CA VAL C 405 -48.87 29.83 -22.89
C VAL C 405 -48.60 31.33 -23.06
N LYS C 406 -49.59 32.14 -22.71
CA LYS C 406 -49.47 33.59 -22.83
C LYS C 406 -49.02 34.26 -21.52
N ALA C 407 -48.50 33.46 -20.60
CA ALA C 407 -48.03 34.01 -19.35
C ALA C 407 -46.55 34.37 -19.46
N LEU C 408 -45.82 33.66 -20.31
CA LEU C 408 -44.41 33.94 -20.52
C LEU C 408 -44.25 34.37 -21.98
N GLY C 409 -45.32 34.92 -22.54
CA GLY C 409 -45.28 35.35 -23.91
C GLY C 409 -44.95 34.22 -24.87
N GLU C 410 -44.67 34.59 -26.11
CA GLU C 410 -44.33 33.62 -27.12
C GLU C 410 -42.85 33.25 -27.02
N HIS C 411 -42.00 34.27 -26.89
CA HIS C 411 -40.57 34.01 -26.82
C HIS C 411 -40.21 33.06 -25.69
N LEU C 412 -40.52 33.43 -24.45
CA LEU C 412 -40.17 32.55 -23.35
C LEU C 412 -40.80 31.17 -23.47
N PHE C 413 -42.09 31.09 -23.76
CA PHE C 413 -42.75 29.79 -23.91
C PHE C 413 -41.99 28.94 -24.93
N GLU C 414 -41.93 29.43 -26.16
CA GLU C 414 -41.23 28.73 -27.23
C GLU C 414 -39.91 28.13 -26.75
N HIS C 415 -38.98 28.97 -26.31
CA HIS C 415 -37.69 28.47 -25.86
C HIS C 415 -37.82 27.50 -24.70
N PHE C 416 -38.40 27.93 -23.58
CA PHE C 416 -38.58 27.04 -22.43
C PHE C 416 -38.94 25.62 -22.87
N ILE C 417 -40.12 25.45 -23.46
CA ILE C 417 -40.57 24.13 -23.94
C ILE C 417 -39.49 23.35 -24.67
N GLU C 418 -38.55 24.05 -25.29
CA GLU C 418 -37.47 23.36 -25.98
C GLU C 418 -36.48 22.85 -24.91
N ALA C 419 -35.85 23.79 -24.20
CA ALA C 419 -34.88 23.48 -23.16
C ALA C 419 -35.32 22.32 -22.32
N LYS C 420 -36.62 22.14 -22.18
CA LYS C 420 -37.09 21.05 -21.37
C LYS C 420 -37.24 19.75 -22.15
N GLU C 421 -37.88 19.78 -23.31
CA GLU C 421 -38.02 18.55 -24.07
C GLU C 421 -36.63 17.96 -24.28
N ILE C 422 -35.65 18.84 -24.46
CA ILE C 422 -34.26 18.42 -24.66
C ILE C 422 -33.68 17.79 -23.39
N GLU C 423 -33.77 18.53 -22.30
CA GLU C 423 -33.29 18.08 -21.01
C GLU C 423 -33.94 16.77 -20.62
N TRP C 424 -35.20 16.59 -21.02
CA TRP C 424 -35.92 15.37 -20.70
C TRP C 424 -35.49 14.21 -21.59
N ASP C 425 -35.41 14.44 -22.90
CA ASP C 425 -35.01 13.36 -23.81
C ASP C 425 -33.64 12.82 -23.44
N MET C 426 -32.83 13.64 -22.80
CA MET C 426 -31.52 13.19 -22.39
C MET C 426 -31.67 12.20 -21.26
N PHE C 427 -32.48 12.53 -20.26
CA PHE C 427 -32.70 11.66 -19.11
C PHE C 427 -33.38 10.36 -19.49
N ARG C 428 -34.25 10.40 -20.50
CA ARG C 428 -34.99 9.20 -20.93
C ARG C 428 -34.16 8.22 -21.77
N THR C 429 -33.16 8.72 -22.48
CA THR C 429 -32.32 7.88 -23.34
C THR C 429 -31.09 7.28 -22.66
N GLN C 430 -30.78 7.78 -21.46
CA GLN C 430 -29.64 7.33 -20.66
C GLN C 430 -29.87 5.91 -20.14
N VAL C 431 -28.79 5.17 -19.86
CA VAL C 431 -28.95 3.83 -19.30
C VAL C 431 -28.43 3.89 -17.88
N HIS C 432 -29.29 4.30 -16.96
CA HIS C 432 -28.91 4.43 -15.57
C HIS C 432 -28.48 3.13 -14.91
N PRO C 433 -27.62 3.22 -13.87
CA PRO C 433 -27.15 2.04 -13.15
C PRO C 433 -28.33 1.21 -12.66
N TRP C 434 -29.36 1.87 -12.13
CA TRP C 434 -30.54 1.16 -11.62
C TRP C 434 -31.02 0.09 -12.61
N GLU C 435 -31.03 0.44 -13.90
CA GLU C 435 -31.47 -0.47 -14.95
C GLU C 435 -30.59 -1.69 -15.01
N ARG C 436 -29.28 -1.46 -15.00
CA ARG C 436 -28.36 -2.57 -15.07
C ARG C 436 -28.51 -3.47 -13.85
N GLU C 437 -28.62 -2.86 -12.66
CA GLU C 437 -28.76 -3.61 -11.41
C GLU C 437 -29.97 -4.53 -11.44
N GLN C 438 -31.11 -3.98 -11.86
CA GLN C 438 -32.34 -4.73 -11.90
C GLN C 438 -32.51 -5.63 -13.11
N TYR C 439 -31.76 -5.37 -14.19
CA TYR C 439 -31.94 -6.16 -15.40
C TYR C 439 -30.80 -7.01 -15.92
N MET C 440 -29.56 -6.59 -15.73
CA MET C 440 -28.45 -7.35 -16.29
C MET C 440 -28.34 -8.83 -15.92
N SER C 441 -28.77 -9.20 -14.71
CA SER C 441 -28.70 -10.60 -14.29
C SER C 441 -30.05 -11.32 -14.44
N GLN C 442 -31.11 -10.61 -14.08
CA GLN C 442 -32.44 -11.17 -14.18
C GLN C 442 -32.70 -11.57 -15.62
N TYR C 443 -32.26 -10.72 -16.54
CA TYR C 443 -32.44 -10.94 -17.97
C TYR C 443 -31.13 -11.22 -18.72
N ALA D 1 -39.56 38.45 39.96
CA ALA D 1 -38.85 39.55 39.26
C ALA D 1 -37.43 39.11 38.89
N LYS D 2 -37.04 39.32 37.63
CA LYS D 2 -35.70 38.93 37.21
C LYS D 2 -35.17 39.72 36.01
N TYR D 3 -36.03 39.99 35.03
CA TYR D 3 -35.67 40.76 33.84
C TYR D 3 -36.87 41.47 33.24
N THR D 4 -36.92 42.79 33.41
CA THR D 4 -38.02 43.58 32.86
C THR D 4 -37.92 43.52 31.35
N ARG D 5 -39.06 43.35 30.68
CA ARG D 5 -39.09 43.29 29.22
C ARG D 5 -38.21 44.44 28.69
N GLU D 6 -38.16 45.53 29.45
CA GLU D 6 -37.37 46.70 29.09
C GLU D 6 -35.87 46.43 29.26
N ASP D 7 -35.51 45.64 30.27
CA ASP D 7 -34.11 45.30 30.52
C ASP D 7 -33.52 44.61 29.29
N ILE D 8 -34.21 43.56 28.82
CA ILE D 8 -33.78 42.78 27.66
C ILE D 8 -33.41 43.67 26.48
N GLU D 9 -34.35 44.50 26.05
CA GLU D 9 -34.11 45.40 24.94
C GLU D 9 -32.86 46.24 25.15
N LYS D 10 -32.45 46.37 26.39
CA LYS D 10 -31.24 47.15 26.71
C LYS D 10 -30.02 46.27 26.57
N LEU D 11 -30.09 45.09 27.17
CA LEU D 11 -28.97 44.15 27.12
C LEU D 11 -28.62 43.74 25.70
N VAL D 12 -29.62 43.68 24.83
CA VAL D 12 -29.41 43.29 23.43
C VAL D 12 -28.57 44.28 22.64
N LYS D 13 -28.53 45.52 23.08
CA LYS D 13 -27.75 46.55 22.39
C LYS D 13 -26.34 46.63 22.96
N GLU D 14 -26.24 47.02 24.22
CA GLU D 14 -24.95 47.13 24.87
C GLU D 14 -24.11 45.89 24.59
N GLU D 15 -24.79 44.75 24.49
CA GLU D 15 -24.11 43.48 24.24
C GLU D 15 -23.99 43.16 22.77
N ASN D 16 -24.82 43.82 21.97
CA ASN D 16 -24.79 43.63 20.53
C ASN D 16 -25.20 42.23 20.08
N VAL D 17 -26.36 41.78 20.56
CA VAL D 17 -26.86 40.48 20.17
C VAL D 17 -27.40 40.59 18.78
N LYS D 18 -27.04 39.66 17.90
CA LYS D 18 -27.53 39.73 16.54
C LYS D 18 -28.29 38.51 16.03
N TYR D 19 -28.58 37.57 16.91
CA TYR D 19 -29.30 36.35 16.52
C TYR D 19 -30.00 35.80 17.77
N ILE D 20 -31.32 35.83 17.79
CA ILE D 20 -32.04 35.32 18.95
C ILE D 20 -32.48 33.90 18.67
N ARG D 21 -32.38 33.04 19.67
CA ARG D 21 -32.75 31.65 19.50
C ARG D 21 -33.90 31.31 20.43
N LEU D 22 -35.08 31.07 19.87
CA LEU D 22 -36.27 30.73 20.67
C LEU D 22 -36.38 29.22 20.81
N GLN D 23 -35.85 28.66 21.88
CA GLN D 23 -35.89 27.21 22.05
C GLN D 23 -37.04 26.65 22.86
N PHE D 24 -37.22 25.35 22.69
CA PHE D 24 -38.26 24.58 23.36
C PHE D 24 -37.91 23.10 23.22
N THR D 25 -38.46 22.29 24.11
CA THR D 25 -38.20 20.86 24.10
C THR D 25 -39.38 20.09 23.52
N ASP D 26 -39.11 19.08 22.69
CA ASP D 26 -40.17 18.29 22.10
C ASP D 26 -40.49 17.04 22.96
N ILE D 27 -41.36 16.18 22.43
CA ILE D 27 -41.80 14.95 23.12
C ILE D 27 -40.66 14.07 23.64
N LEU D 28 -39.56 13.98 22.90
CA LEU D 28 -38.44 13.15 23.31
C LEU D 28 -37.44 13.92 24.16
N GLY D 29 -37.67 15.22 24.35
CA GLY D 29 -36.77 16.00 25.16
C GLY D 29 -35.70 16.71 24.38
N THR D 30 -35.67 16.46 23.07
CA THR D 30 -34.71 17.07 22.15
C THR D 30 -34.78 18.60 22.17
N ILE D 31 -33.62 19.24 22.10
CA ILE D 31 -33.57 20.70 22.11
C ILE D 31 -33.90 21.32 20.75
N LYS D 32 -35.18 21.62 20.51
CA LYS D 32 -35.59 22.22 19.24
C LYS D 32 -35.57 23.74 19.35
N ASN D 33 -35.50 24.44 18.21
CA ASN D 33 -35.50 25.90 18.21
C ASN D 33 -35.92 26.52 16.88
N VAL D 34 -36.30 27.79 16.94
CA VAL D 34 -36.68 28.58 15.78
C VAL D 34 -35.85 29.86 15.90
N GLU D 35 -34.84 29.99 15.04
CA GLU D 35 -33.90 31.11 15.02
C GLU D 35 -34.39 32.32 14.25
N ILE D 36 -34.20 33.50 14.82
CA ILE D 36 -34.61 34.73 14.16
C ILE D 36 -33.60 35.83 14.44
N PRO D 37 -33.36 36.69 13.46
CA PRO D 37 -32.42 37.79 13.67
C PRO D 37 -32.98 38.71 14.73
N VAL D 38 -32.07 39.40 15.42
CA VAL D 38 -32.43 40.35 16.47
C VAL D 38 -33.35 41.43 15.92
N SER D 39 -33.31 41.57 14.60
CA SER D 39 -34.11 42.55 13.86
C SER D 39 -35.60 42.35 14.08
N GLN D 40 -35.96 41.32 14.83
CA GLN D 40 -37.37 41.03 15.10
C GLN D 40 -37.58 40.56 16.52
N LEU D 41 -36.75 41.07 17.43
CA LEU D 41 -36.86 40.70 18.83
C LEU D 41 -38.27 41.00 19.33
N GLY D 42 -38.85 42.07 18.80
CA GLY D 42 -40.19 42.46 19.20
C GLY D 42 -41.29 41.46 18.90
N LYS D 43 -41.44 41.11 17.63
CA LYS D 43 -42.46 40.17 17.17
C LYS D 43 -42.52 38.92 18.06
N ALA D 44 -41.36 38.43 18.46
CA ALA D 44 -41.25 37.26 19.31
C ALA D 44 -41.61 37.64 20.74
N LEU D 45 -41.07 38.76 21.19
CA LEU D 45 -41.33 39.24 22.55
C LEU D 45 -42.81 39.60 22.70
N ASP D 46 -43.46 39.93 21.58
CA ASP D 46 -44.88 40.30 21.57
C ASP D 46 -45.75 39.06 21.34
N ASN D 47 -45.15 37.89 21.57
CA ASN D 47 -45.81 36.60 21.42
C ASN D 47 -46.62 36.51 20.14
N LYS D 48 -45.96 36.81 19.05
CA LYS D 48 -46.59 36.81 17.75
C LYS D 48 -45.90 35.90 16.75
N VAL D 49 -44.71 35.42 17.09
CA VAL D 49 -43.95 34.52 16.21
C VAL D 49 -44.61 33.14 16.14
N MET D 50 -44.70 32.57 14.94
CA MET D 50 -45.31 31.26 14.76
C MET D 50 -44.33 30.22 14.24
N PHE D 51 -44.50 28.98 14.69
CA PHE D 51 -43.64 27.90 14.22
C PHE D 51 -44.57 26.73 13.95
N ASP D 52 -44.04 25.65 13.38
CA ASP D 52 -44.86 24.48 13.13
C ASP D 52 -44.86 23.53 14.34
N GLY D 53 -45.83 23.74 15.22
CA GLY D 53 -45.95 22.93 16.42
C GLY D 53 -45.79 21.43 16.29
N SER D 54 -46.30 20.85 15.20
CA SER D 54 -46.21 19.40 15.01
C SER D 54 -44.80 18.94 15.32
N SER D 55 -43.84 19.85 15.21
CA SER D 55 -42.44 19.54 15.48
C SER D 55 -42.28 18.91 16.86
N ILE D 56 -42.97 19.51 17.83
CA ILE D 56 -42.95 19.07 19.20
C ILE D 56 -43.24 17.59 19.32
N GLU D 57 -44.06 17.06 18.42
CA GLU D 57 -44.44 15.66 18.46
C GLU D 57 -43.31 14.73 18.07
N GLY D 58 -42.25 15.29 17.52
CA GLY D 58 -41.13 14.46 17.14
C GLY D 58 -41.43 13.77 15.83
N PHE D 59 -40.84 12.60 15.64
CA PHE D 59 -41.03 11.85 14.40
C PHE D 59 -42.38 11.21 14.20
N VAL D 60 -43.44 11.87 14.62
CA VAL D 60 -44.76 11.29 14.45
C VAL D 60 -45.75 12.30 13.89
N ARG D 61 -45.28 13.54 13.72
CA ARG D 61 -46.11 14.60 13.18
C ARG D 61 -46.68 14.20 11.82
N ILE D 62 -47.99 14.39 11.63
CA ILE D 62 -48.68 14.03 10.39
C ILE D 62 -49.01 15.27 9.53
N GLU D 63 -49.22 16.39 10.19
CA GLU D 63 -49.53 17.65 9.52
C GLU D 63 -48.68 18.75 10.13
N GLU D 64 -49.04 19.99 9.86
CA GLU D 64 -48.30 21.12 10.40
C GLU D 64 -49.25 22.17 10.97
N SER D 65 -49.53 22.08 12.27
CA SER D 65 -50.43 23.03 12.93
C SER D 65 -49.67 24.25 13.44
N ASP D 66 -50.20 25.44 13.15
CA ASP D 66 -49.58 26.68 13.59
C ASP D 66 -49.74 26.84 15.09
N MET D 67 -48.67 27.26 15.75
CA MET D 67 -48.67 27.47 17.19
C MET D 67 -47.74 28.62 17.51
N TYR D 68 -48.11 29.42 18.50
CA TYR D 68 -47.29 30.57 18.84
C TYR D 68 -46.27 30.25 19.90
N LEU D 69 -45.19 31.03 19.91
CA LEU D 69 -44.09 30.87 20.84
C LEU D 69 -44.08 32.04 21.84
N TYR D 70 -44.35 31.74 23.11
CA TYR D 70 -44.34 32.76 24.15
C TYR D 70 -43.06 32.63 24.96
N PRO D 71 -42.09 33.54 24.76
CA PRO D 71 -40.84 33.46 25.51
C PRO D 71 -41.00 33.76 27.00
N ASP D 72 -39.99 33.40 27.79
CA ASP D 72 -40.01 33.62 29.24
C ASP D 72 -38.81 34.53 29.56
N LEU D 73 -39.04 35.84 29.51
CA LEU D 73 -38.00 36.84 29.76
C LEU D 73 -36.96 36.52 30.86
N ASN D 74 -37.39 35.79 31.89
CA ASN D 74 -36.50 35.42 32.98
C ASN D 74 -35.44 34.46 32.47
N THR D 75 -35.75 33.76 31.39
CA THR D 75 -34.85 32.78 30.79
C THR D 75 -33.83 33.37 29.79
N PHE D 76 -33.81 34.70 29.65
CA PHE D 76 -32.89 35.38 28.72
C PHE D 76 -31.42 35.04 28.96
N VAL D 77 -30.75 34.45 27.96
CA VAL D 77 -29.35 34.09 28.09
C VAL D 77 -28.52 34.52 26.88
N ILE D 78 -27.28 34.94 27.12
CA ILE D 78 -26.40 35.38 26.06
C ILE D 78 -25.15 34.50 25.97
N PHE D 79 -25.19 33.55 25.04
CA PHE D 79 -24.11 32.59 24.80
C PHE D 79 -22.69 33.15 24.67
N PRO D 80 -21.73 32.59 25.42
CA PRO D 80 -20.34 33.05 25.37
C PRO D 80 -19.85 33.11 23.92
N TRP D 81 -20.10 32.03 23.18
CA TRP D 81 -19.70 31.93 21.79
C TRP D 81 -20.39 33.04 20.99
N THR D 82 -19.67 33.64 20.06
CA THR D 82 -20.23 34.71 19.24
C THR D 82 -19.91 34.48 17.76
N ALA D 83 -20.90 34.67 16.89
CA ALA D 83 -20.65 34.53 15.46
C ALA D 83 -19.84 35.78 15.14
N GLU D 84 -19.01 35.71 14.11
CA GLU D 84 -18.17 36.86 13.75
C GLU D 84 -18.96 38.11 13.34
N LYS D 85 -20.24 38.17 13.71
CA LYS D 85 -21.07 39.32 13.39
C LYS D 85 -21.68 39.91 14.65
N GLY D 86 -21.82 39.08 15.69
CA GLY D 86 -22.39 39.56 16.93
C GLY D 86 -22.52 38.51 18.00
N LYS D 87 -23.46 38.74 18.91
CA LYS D 87 -23.72 37.82 20.02
C LYS D 87 -24.95 37.00 19.66
N VAL D 88 -25.27 36.02 20.50
CA VAL D 88 -26.42 35.16 20.27
C VAL D 88 -27.15 34.91 21.59
N ALA D 89 -28.31 35.53 21.78
CA ALA D 89 -29.08 35.33 23.01
C ALA D 89 -30.22 34.34 22.75
N ARG D 90 -31.05 34.11 23.75
CA ARG D 90 -32.13 33.15 23.56
C ARG D 90 -33.15 33.17 24.68
N PHE D 91 -34.33 32.64 24.40
CA PHE D 91 -35.41 32.54 25.38
C PHE D 91 -35.97 31.12 25.32
N ILE D 92 -36.39 30.62 26.47
CA ILE D 92 -37.01 29.30 26.53
C ILE D 92 -38.48 29.62 26.56
N CYS D 93 -39.09 29.63 25.38
CA CYS D 93 -40.50 29.96 25.28
C CYS D 93 -41.42 28.78 25.56
N ASP D 94 -42.69 29.10 25.74
CA ASP D 94 -43.72 28.09 25.98
C ASP D 94 -44.58 28.07 24.73
N ILE D 95 -45.07 26.88 24.37
CA ILE D 95 -45.87 26.72 23.16
C ILE D 95 -47.35 27.00 23.33
N TYR D 96 -47.84 28.03 22.65
CA TYR D 96 -49.25 28.40 22.72
C TYR D 96 -50.04 28.05 21.49
N ASN D 97 -51.25 27.53 21.72
CA ASN D 97 -52.18 27.19 20.65
C ASN D 97 -52.47 28.51 19.95
N PRO D 98 -52.85 28.45 18.68
CA PRO D 98 -53.14 29.69 17.94
C PRO D 98 -54.22 30.59 18.56
N ASP D 99 -55.07 30.02 19.42
CA ASP D 99 -56.16 30.78 20.04
C ASP D 99 -55.77 31.65 21.24
N GLY D 100 -54.81 31.23 22.05
CA GLY D 100 -54.42 32.05 23.19
C GLY D 100 -54.05 31.24 24.42
N THR D 101 -54.39 29.97 24.39
CA THR D 101 -54.06 29.11 25.51
C THR D 101 -52.85 28.26 25.18
N PRO D 102 -52.24 27.69 26.21
CA PRO D 102 -51.05 26.85 26.05
C PRO D 102 -51.38 25.47 25.48
N PHE D 103 -50.52 25.00 24.59
CA PHE D 103 -50.68 23.69 23.96
C PHE D 103 -50.47 22.58 24.98
N GLU D 104 -51.49 21.75 25.16
CA GLU D 104 -51.41 20.65 26.13
C GLU D 104 -50.42 19.58 25.70
N GLY D 105 -49.72 19.86 24.60
CA GLY D 105 -48.75 18.91 24.10
C GLY D 105 -47.33 19.35 24.38
N ASP D 106 -47.17 20.54 24.96
CA ASP D 106 -45.83 21.03 25.29
C ASP D 106 -45.42 20.54 26.68
N PRO D 107 -44.36 19.73 26.77
CA PRO D 107 -43.89 19.21 28.05
C PRO D 107 -43.71 20.29 29.12
N ARG D 108 -43.11 21.41 28.74
CA ARG D 108 -42.87 22.49 29.68
C ARG D 108 -44.17 22.90 30.36
N ASN D 109 -45.24 23.03 29.58
CA ASN D 109 -46.53 23.41 30.14
C ASN D 109 -47.10 22.30 31.03
N ASN D 110 -47.02 21.05 30.55
CA ASN D 110 -47.57 19.94 31.32
C ASN D 110 -47.02 19.89 32.75
N LEU D 111 -45.80 20.40 32.95
CA LEU D 111 -45.18 20.44 34.28
C LEU D 111 -45.87 21.55 35.07
N LYS D 112 -46.09 22.67 34.39
CA LYS D 112 -46.75 23.83 34.97
C LYS D 112 -48.12 23.44 35.53
N ARG D 113 -48.87 22.63 34.76
CA ARG D 113 -50.20 22.14 35.16
C ARG D 113 -50.11 21.27 36.40
N ILE D 114 -49.06 20.47 36.46
CA ILE D 114 -48.83 19.59 37.60
C ILE D 114 -48.38 20.47 38.76
N LEU D 115 -47.61 21.51 38.46
CA LEU D 115 -47.14 22.43 39.49
C LEU D 115 -48.34 23.11 40.15
N LYS D 116 -49.42 23.31 39.39
CA LYS D 116 -50.64 23.92 39.93
C LYS D 116 -51.30 22.92 40.87
N GLU D 117 -51.42 21.66 40.44
CA GLU D 117 -52.02 20.64 41.28
C GLU D 117 -51.25 20.63 42.61
N MET D 118 -49.93 20.78 42.53
CA MET D 118 -49.07 20.80 43.72
C MET D 118 -49.43 21.98 44.62
N GLU D 119 -49.78 23.10 43.99
CA GLU D 119 -50.15 24.31 44.70
C GLU D 119 -51.56 24.16 45.30
N ASP D 120 -52.38 23.32 44.66
CA ASP D 120 -53.75 23.04 45.09
C ASP D 120 -53.79 21.99 46.21
N LEU D 121 -52.72 21.97 46.99
CA LEU D 121 -52.59 21.07 48.12
C LEU D 121 -51.87 21.86 49.21
N GLY D 122 -51.70 23.16 48.97
CA GLY D 122 -51.05 24.02 49.94
C GLY D 122 -49.54 23.95 50.00
N PHE D 123 -48.90 23.51 48.92
CA PHE D 123 -47.43 23.44 48.87
C PHE D 123 -46.90 24.66 48.10
N SER D 124 -45.79 25.22 48.57
CA SER D 124 -45.21 26.39 47.94
C SER D 124 -44.29 26.12 46.76
N ASP D 125 -43.32 25.22 46.91
CA ASP D 125 -42.40 24.91 45.82
C ASP D 125 -42.00 23.43 45.79
N PHE D 126 -41.47 23.01 44.64
CA PHE D 126 -41.01 21.64 44.45
C PHE D 126 -39.66 21.77 43.75
N ASN D 127 -38.57 21.62 44.51
CA ASN D 127 -37.23 21.78 43.95
C ASN D 127 -36.51 20.48 43.51
N LEU D 128 -35.60 20.62 42.53
CA LEU D 128 -34.84 19.51 41.98
C LEU D 128 -33.34 19.78 41.89
N GLY D 129 -32.54 18.77 42.22
CA GLY D 129 -31.09 18.89 42.16
C GLY D 129 -30.62 17.67 41.39
N PRO D 130 -30.46 17.77 40.06
CA PRO D 130 -30.02 16.68 39.21
C PRO D 130 -28.53 16.40 39.26
N GLU D 131 -28.19 15.11 39.20
CA GLU D 131 -26.80 14.65 39.19
C GLU D 131 -26.67 13.90 37.85
N PRO D 132 -26.57 14.65 36.73
CA PRO D 132 -26.44 14.10 35.37
C PRO D 132 -25.06 13.53 34.98
N GLU D 133 -24.99 12.23 34.67
CA GLU D 133 -23.73 11.58 34.30
C GLU D 133 -23.60 11.42 32.79
N PHE D 134 -22.54 12.01 32.22
CA PHE D 134 -22.28 11.93 30.76
C PHE D 134 -20.91 11.35 30.44
N PHE D 135 -20.71 11.08 29.16
CA PHE D 135 -19.45 10.54 28.67
C PHE D 135 -18.79 11.51 27.70
N LEU D 136 -17.56 11.16 27.29
CA LEU D 136 -16.80 11.97 26.34
C LEU D 136 -15.95 11.08 25.46
N PHE D 137 -16.25 11.07 24.17
CA PHE D 137 -15.49 10.29 23.20
C PHE D 137 -14.74 11.21 22.22
N LYS D 138 -13.49 10.84 21.92
CA LYS D 138 -12.65 11.60 21.01
C LYS D 138 -13.15 11.55 19.58
N LEU D 139 -13.13 12.69 18.91
CA LEU D 139 -13.56 12.75 17.52
C LEU D 139 -12.42 12.24 16.65
N ASP D 140 -12.72 11.83 15.44
CA ASP D 140 -11.68 11.34 14.54
C ASP D 140 -11.23 12.48 13.62
N GLU D 141 -10.40 12.13 12.65
CA GLU D 141 -9.86 13.10 11.70
C GLU D 141 -11.02 13.79 10.98
N LYS D 142 -11.90 12.97 10.42
CA LYS D 142 -13.06 13.49 9.70
C LYS D 142 -14.01 14.30 10.60
N GLY D 143 -13.78 14.27 11.92
CA GLY D 143 -14.64 15.00 12.84
C GLY D 143 -15.94 14.27 13.12
N GLU D 144 -15.85 12.95 13.22
CA GLU D 144 -17.00 12.09 13.50
C GLU D 144 -16.72 11.30 14.79
N PRO D 145 -17.72 11.15 15.65
CA PRO D 145 -17.55 10.42 16.91
C PRO D 145 -16.92 9.03 16.77
N THR D 146 -16.07 8.69 17.73
CA THR D 146 -15.40 7.39 17.75
C THR D 146 -15.65 6.73 19.11
N LEU D 147 -15.09 5.55 19.32
CA LEU D 147 -15.29 4.84 20.59
C LEU D 147 -14.15 5.00 21.61
N GLU D 148 -13.37 6.05 21.45
CA GLU D 148 -12.26 6.33 22.35
C GLU D 148 -12.76 7.16 23.52
N LEU D 149 -12.19 6.95 24.69
CA LEU D 149 -12.58 7.73 25.85
C LEU D 149 -11.54 8.82 26.06
N ASN D 150 -11.99 10.02 26.39
CA ASN D 150 -11.11 11.17 26.56
C ASN D 150 -10.01 10.96 27.61
N ASP D 151 -10.20 9.99 28.50
CA ASP D 151 -9.22 9.68 29.54
C ASP D 151 -9.53 8.30 30.06
N LYS D 152 -8.53 7.66 30.66
CA LYS D 152 -8.73 6.32 31.19
C LYS D 152 -8.75 6.30 32.71
N GLY D 153 -9.41 7.32 33.28
CA GLY D 153 -9.50 7.46 34.72
C GLY D 153 -10.60 6.69 35.44
N GLY D 154 -10.41 6.53 36.74
CA GLY D 154 -11.37 5.82 37.55
C GLY D 154 -12.31 6.79 38.20
N TYR D 155 -12.85 6.38 39.35
CA TYR D 155 -13.82 7.16 40.10
C TYR D 155 -13.20 8.18 41.07
N PHE D 156 -13.75 9.39 41.03
CA PHE D 156 -13.33 10.52 41.85
C PHE D 156 -11.88 10.92 41.71
N ASP D 157 -11.19 10.31 40.76
CA ASP D 157 -9.77 10.59 40.52
C ASP D 157 -9.57 12.06 40.20
N LEU D 158 -8.32 12.40 39.87
CA LEU D 158 -7.95 13.75 39.48
C LEU D 158 -7.82 13.61 37.97
N ALA D 159 -8.96 13.37 37.32
CA ALA D 159 -9.06 13.20 35.87
C ALA D 159 -8.34 14.33 35.16
N PRO D 160 -7.88 14.07 33.92
CA PRO D 160 -7.15 15.08 33.14
C PRO D 160 -6.55 16.26 33.93
N THR D 161 -5.23 16.31 33.90
CA THR D 161 -4.46 17.34 34.56
C THR D 161 -4.90 18.75 34.16
N ASP D 162 -4.75 19.71 35.08
CA ASP D 162 -5.13 21.10 34.84
C ASP D 162 -4.49 21.72 33.59
N LEU D 163 -4.23 20.90 32.57
CA LEU D 163 -3.63 21.38 31.33
C LEU D 163 -4.69 21.54 30.26
N GLY D 164 -4.36 21.14 29.03
CA GLY D 164 -5.28 21.28 27.93
C GLY D 164 -6.54 20.42 28.03
N GLU D 165 -7.41 20.56 27.03
CA GLU D 165 -8.67 19.83 26.94
C GLU D 165 -9.48 19.98 28.23
N ASN D 166 -9.32 19.02 29.13
CA ASN D 166 -10.01 19.01 30.40
C ASN D 166 -11.41 19.63 30.34
N CYS D 167 -12.35 18.93 29.70
CA CYS D 167 -13.72 19.42 29.59
C CYS D 167 -14.28 19.88 30.93
N ARG D 168 -14.56 18.94 31.83
CA ARG D 168 -15.14 19.28 33.14
C ARG D 168 -14.73 20.66 33.59
N ARG D 169 -13.47 20.84 33.97
CA ARG D 169 -13.04 22.16 34.41
C ARG D 169 -13.63 23.28 33.56
N ASP D 170 -13.41 23.20 32.25
CA ASP D 170 -13.88 24.22 31.30
C ASP D 170 -15.37 24.30 31.05
N ILE D 171 -16.10 23.23 31.36
CA ILE D 171 -17.54 23.22 31.16
C ILE D 171 -18.18 23.82 32.40
N VAL D 172 -17.54 23.62 33.55
CA VAL D 172 -18.07 24.15 34.80
C VAL D 172 -17.80 25.64 34.88
N LEU D 173 -16.64 26.06 34.38
CA LEU D 173 -16.32 27.47 34.38
C LEU D 173 -17.26 28.18 33.43
N GLU D 174 -17.39 27.66 32.21
CA GLU D 174 -18.27 28.27 31.23
C GLU D 174 -19.73 28.21 31.66
N LEU D 175 -20.10 27.19 32.44
CA LEU D 175 -21.47 27.07 32.91
C LEU D 175 -21.67 28.15 33.94
N GLU D 176 -20.75 28.21 34.89
CA GLU D 176 -20.77 29.20 35.97
C GLU D 176 -21.03 30.60 35.40
N GLU D 177 -20.08 31.08 34.61
CA GLU D 177 -20.15 32.40 33.97
C GLU D 177 -21.56 32.65 33.45
N MET D 178 -22.05 31.73 32.62
CA MET D 178 -23.38 31.85 32.04
C MET D 178 -24.41 32.26 33.09
N GLY D 179 -24.42 31.55 34.21
CA GLY D 179 -25.36 31.86 35.28
C GLY D 179 -25.67 30.69 36.16
N PHE D 180 -25.26 29.49 35.75
CA PHE D 180 -25.49 28.29 36.54
C PHE D 180 -24.87 28.41 37.91
N GLU D 181 -25.16 27.42 38.75
CA GLU D 181 -24.59 27.35 40.07
C GLU D 181 -24.38 25.89 40.37
N ILE D 182 -23.32 25.34 39.79
CA ILE D 182 -23.01 23.94 40.01
C ILE D 182 -22.46 23.80 41.42
N GLU D 183 -22.81 22.70 42.07
CA GLU D 183 -22.38 22.43 43.42
C GLU D 183 -20.94 21.91 43.42
N ALA D 184 -20.63 21.01 42.49
CA ALA D 184 -19.30 20.45 42.39
C ALA D 184 -19.14 19.69 41.08
N SER D 185 -18.21 18.74 41.06
CA SER D 185 -17.94 17.96 39.86
C SER D 185 -16.83 16.95 40.11
N HIS D 186 -16.99 15.76 39.55
CA HIS D 186 -15.99 14.71 39.70
C HIS D 186 -16.00 13.81 38.49
N HIS D 187 -15.02 12.92 38.42
CA HIS D 187 -14.94 11.96 37.34
C HIS D 187 -15.74 10.78 37.89
N GLU D 188 -16.23 9.91 37.00
CA GLU D 188 -17.05 8.78 37.41
C GLU D 188 -16.41 7.40 37.31
N VAL D 189 -17.14 6.40 37.78
CA VAL D 189 -16.65 5.03 37.79
C VAL D 189 -15.97 4.58 36.52
N ALA D 190 -16.69 4.56 35.39
CA ALA D 190 -16.07 4.12 34.13
C ALA D 190 -15.19 5.21 33.52
N PRO D 191 -14.29 4.84 32.59
CA PRO D 191 -13.35 5.74 31.90
C PRO D 191 -14.05 6.75 30.99
N GLY D 192 -13.69 8.02 31.09
CA GLY D 192 -14.29 9.04 30.27
C GLY D 192 -15.67 9.48 30.73
N GLN D 193 -16.16 8.88 31.81
CA GLN D 193 -17.48 9.21 32.35
C GLN D 193 -17.31 10.39 33.31
N HIS D 194 -18.29 11.27 33.36
CA HIS D 194 -18.20 12.43 34.23
C HIS D 194 -19.51 12.76 34.91
N GLU D 195 -19.46 13.68 35.87
CA GLU D 195 -20.66 14.10 36.58
C GLU D 195 -20.51 15.52 37.05
N ILE D 196 -21.60 16.25 36.95
CA ILE D 196 -21.63 17.64 37.38
C ILE D 196 -22.95 17.82 38.11
N ASP D 197 -22.85 18.21 39.37
CA ASP D 197 -24.03 18.40 40.20
C ASP D 197 -24.45 19.85 40.23
N PHE D 198 -25.76 20.07 40.14
CA PHE D 198 -26.36 21.41 40.17
C PHE D 198 -26.92 21.70 41.55
N LYS D 199 -27.25 22.97 41.78
CA LYS D 199 -27.85 23.38 43.05
C LYS D 199 -29.36 23.30 42.88
N TYR D 200 -30.03 22.74 43.87
CA TYR D 200 -31.48 22.60 43.83
C TYR D 200 -32.14 23.88 43.35
N ALA D 201 -33.30 23.75 42.71
CA ALA D 201 -34.05 24.88 42.21
C ALA D 201 -35.44 24.42 41.77
N GLY D 202 -36.32 25.38 41.53
CA GLY D 202 -37.67 25.06 41.12
C GLY D 202 -37.79 24.21 39.86
N ALA D 203 -38.54 23.12 39.99
CA ALA D 203 -38.81 22.15 38.93
C ALA D 203 -38.53 22.66 37.54
N VAL D 204 -39.09 23.82 37.22
CA VAL D 204 -38.91 24.42 35.89
C VAL D 204 -37.45 24.82 35.66
N ARG D 205 -36.94 25.75 36.47
CA ARG D 205 -35.58 26.22 36.29
C ARG D 205 -34.59 25.08 36.28
N SER D 206 -34.92 24.03 37.01
CA SER D 206 -34.04 22.87 37.02
C SER D 206 -34.11 22.21 35.64
N CYS D 207 -35.31 21.83 35.22
CA CYS D 207 -35.52 21.20 33.92
C CYS D 207 -34.95 22.04 32.78
N ASP D 208 -35.09 23.35 32.90
CA ASP D 208 -34.57 24.25 31.89
C ASP D 208 -33.04 24.19 31.91
N ASP D 209 -32.47 24.09 33.10
CA ASP D 209 -31.02 24.02 33.26
C ASP D 209 -30.46 22.71 32.71
N ILE D 210 -31.15 21.61 32.99
CA ILE D 210 -30.73 20.29 32.52
C ILE D 210 -30.62 20.39 31.00
N GLN D 211 -31.46 21.21 30.40
CA GLN D 211 -31.40 21.41 28.96
C GLN D 211 -30.10 22.17 28.62
N THR D 212 -30.03 23.44 28.99
CA THR D 212 -28.85 24.27 28.71
C THR D 212 -27.54 23.54 29.02
N PHE D 213 -27.55 22.70 30.05
CA PHE D 213 -26.37 21.91 30.44
C PHE D 213 -26.01 20.93 29.34
N LYS D 214 -26.99 20.17 28.88
CA LYS D 214 -26.79 19.21 27.80
C LYS D 214 -26.23 19.97 26.59
N LEU D 215 -26.77 21.17 26.36
CA LEU D 215 -26.34 22.02 25.25
C LEU D 215 -24.89 22.49 25.40
N VAL D 216 -24.59 23.14 26.53
CA VAL D 216 -23.24 23.66 26.79
C VAL D 216 -22.20 22.53 26.79
N VAL D 217 -22.52 21.41 27.44
CA VAL D 217 -21.59 20.26 27.54
C VAL D 217 -21.12 19.81 26.16
N LYS D 218 -22.06 19.49 25.29
CA LYS D 218 -21.76 19.03 23.95
C LYS D 218 -21.06 20.13 23.14
N THR D 219 -21.45 21.39 23.38
CA THR D 219 -20.86 22.52 22.67
C THR D 219 -19.40 22.64 23.05
N ILE D 220 -19.11 22.89 24.33
CA ILE D 220 -17.72 23.00 24.76
C ILE D 220 -16.96 21.70 24.46
N ALA D 221 -17.65 20.57 24.57
CA ALA D 221 -17.08 19.24 24.33
C ALA D 221 -16.43 19.18 22.97
N ARG D 222 -17.14 19.64 21.94
CA ARG D 222 -16.58 19.64 20.60
C ARG D 222 -15.46 20.66 20.49
N LYS D 223 -15.55 21.74 21.23
CA LYS D 223 -14.52 22.78 21.20
C LYS D 223 -13.17 22.16 21.50
N HIS D 224 -13.17 21.10 22.30
CA HIS D 224 -11.94 20.41 22.65
C HIS D 224 -11.75 19.12 21.85
N GLY D 225 -12.31 19.10 20.65
CA GLY D 225 -12.20 17.93 19.79
C GLY D 225 -12.83 16.67 20.32
N LEU D 226 -13.80 16.84 21.23
CA LEU D 226 -14.47 15.68 21.81
C LEU D 226 -15.93 15.58 21.39
N HIS D 227 -16.56 14.51 21.84
CA HIS D 227 -17.96 14.27 21.56
C HIS D 227 -18.64 13.80 22.86
N ALA D 228 -19.53 14.62 23.40
CA ALA D 228 -20.22 14.29 24.63
C ALA D 228 -21.52 13.53 24.35
N THR D 229 -21.94 12.69 25.29
CA THR D 229 -23.17 11.90 25.13
C THR D 229 -23.83 11.46 26.43
N PHE D 230 -25.16 11.51 26.44
CA PHE D 230 -25.92 11.12 27.61
C PHE D 230 -26.61 9.77 27.38
N MET D 231 -26.07 9.01 26.44
CA MET D 231 -26.63 7.71 26.16
C MET D 231 -26.50 6.91 27.45
N PRO D 232 -27.59 6.29 27.91
CA PRO D 232 -27.54 5.51 29.14
C PRO D 232 -26.39 4.48 29.18
N LYS D 233 -26.29 3.69 28.12
CA LYS D 233 -25.27 2.63 28.04
C LYS D 233 -24.53 2.62 26.72
N PRO D 234 -23.56 3.53 26.56
CA PRO D 234 -22.74 3.64 25.35
C PRO D 234 -21.95 2.35 25.06
N LEU D 235 -21.41 1.75 26.13
CA LEU D 235 -20.60 0.54 26.03
C LEU D 235 -20.99 -0.60 26.96
N PHE D 236 -20.94 -1.82 26.43
CA PHE D 236 -21.23 -3.03 27.19
C PHE D 236 -20.12 -3.24 28.19
N GLY D 237 -20.46 -3.70 29.38
CA GLY D 237 -19.41 -3.92 30.35
C GLY D 237 -19.01 -2.68 31.11
N VAL D 238 -19.11 -1.51 30.51
CA VAL D 238 -18.76 -0.30 31.23
C VAL D 238 -19.95 0.17 32.05
N ASN D 239 -19.67 1.06 33.00
CA ASN D 239 -20.69 1.65 33.87
C ASN D 239 -21.65 2.47 33.02
N GLY D 240 -22.94 2.39 33.34
CA GLY D 240 -23.94 3.15 32.62
C GLY D 240 -23.99 4.58 33.15
N SER D 241 -24.96 5.37 32.67
CA SER D 241 -25.05 6.77 33.11
C SER D 241 -26.45 7.23 33.51
N GLY D 242 -26.61 7.57 34.80
CA GLY D 242 -27.90 8.03 35.27
C GLY D 242 -27.90 9.47 35.75
N MET D 243 -29.10 10.00 35.97
CA MET D 243 -29.27 11.36 36.44
C MET D 243 -30.18 11.36 37.67
N HIS D 244 -29.58 11.21 38.84
CA HIS D 244 -30.32 11.19 40.09
C HIS D 244 -31.06 12.52 40.25
N CYS D 245 -32.26 12.44 40.81
CA CYS D 245 -33.06 13.63 41.03
C CYS D 245 -33.46 13.70 42.51
N ASN D 246 -32.84 14.62 43.24
CA ASN D 246 -33.13 14.81 44.67
C ASN D 246 -34.37 15.67 44.81
N LEU D 247 -35.49 15.04 45.16
CA LEU D 247 -36.76 15.76 45.27
C LEU D 247 -37.09 16.22 46.70
N SER D 248 -37.69 17.40 46.82
CA SER D 248 -38.08 17.91 48.13
C SER D 248 -39.16 18.98 48.01
N LEU D 249 -40.29 18.73 48.69
CA LEU D 249 -41.45 19.63 48.71
C LEU D 249 -41.48 20.59 49.89
N PHE D 250 -41.63 21.88 49.59
CA PHE D 250 -41.69 22.89 50.62
C PHE D 250 -43.10 23.46 50.78
N LYS D 251 -43.41 23.87 51.99
CA LYS D 251 -44.73 24.45 52.28
C LYS D 251 -44.48 25.66 53.15
N ASN D 252 -44.81 26.84 52.62
CA ASN D 252 -44.61 28.08 53.32
C ASN D 252 -43.12 28.27 53.61
N GLY D 253 -42.34 28.30 52.53
CA GLY D 253 -40.90 28.49 52.62
C GLY D 253 -40.13 27.58 53.55
N VAL D 254 -40.63 26.38 53.78
CA VAL D 254 -39.94 25.45 54.66
C VAL D 254 -39.99 24.07 54.03
N ASN D 255 -39.07 23.20 54.42
CA ASN D 255 -39.00 21.85 53.87
C ASN D 255 -40.05 20.94 54.51
N ALA D 256 -41.07 20.61 53.73
CA ALA D 256 -42.17 19.78 54.18
C ALA D 256 -41.83 18.31 54.35
N PHE D 257 -40.57 17.96 54.21
CA PHE D 257 -40.17 16.56 54.39
C PHE D 257 -39.48 16.36 55.73
N PHE D 258 -38.83 17.41 56.22
CA PHE D 258 -38.11 17.37 57.49
C PHE D 258 -38.98 17.43 58.73
N ASP D 259 -38.63 16.60 59.70
CA ASP D 259 -39.35 16.53 60.96
C ASP D 259 -38.37 16.02 62.01
N GLU D 260 -37.62 16.95 62.61
CA GLU D 260 -36.64 16.61 63.62
C GLU D 260 -37.23 15.68 64.67
N ASN D 261 -38.40 16.05 65.17
CA ASN D 261 -39.07 15.25 66.19
C ASN D 261 -39.30 13.79 65.77
N ALA D 262 -39.90 13.59 64.60
CA ALA D 262 -40.17 12.25 64.11
C ALA D 262 -38.88 11.45 63.89
N ASP D 263 -39.00 10.13 63.99
CA ASP D 263 -37.86 9.23 63.80
C ASP D 263 -37.36 9.42 62.37
N LEU D 264 -36.07 9.17 62.15
CA LEU D 264 -35.47 9.34 60.83
C LEU D 264 -35.59 10.81 60.45
N GLN D 265 -36.26 11.58 61.31
CA GLN D 265 -36.47 13.01 61.14
C GLN D 265 -37.23 13.28 59.84
N LEU D 266 -37.91 12.25 59.35
CA LEU D 266 -38.68 12.34 58.12
C LEU D 266 -40.15 12.48 58.45
N SER D 267 -40.71 13.65 58.15
CA SER D 267 -42.11 13.93 58.42
C SER D 267 -43.07 12.91 57.79
N GLU D 268 -44.31 12.90 58.27
CA GLU D 268 -45.32 11.98 57.73
C GLU D 268 -45.60 12.41 56.29
N THR D 269 -45.36 13.69 56.01
CA THR D 269 -45.56 14.22 54.66
C THR D 269 -44.54 13.52 53.76
N ALA D 270 -43.30 13.51 54.22
CA ALA D 270 -42.21 12.87 53.49
C ALA D 270 -42.54 11.40 53.29
N LYS D 271 -42.58 10.65 54.40
CA LYS D 271 -42.86 9.21 54.36
C LYS D 271 -43.98 8.84 53.40
N HIS D 272 -44.99 9.72 53.28
CA HIS D 272 -46.10 9.47 52.37
C HIS D 272 -45.59 9.58 50.93
N PHE D 273 -44.81 10.63 50.69
CA PHE D 273 -44.24 10.88 49.37
C PHE D 273 -43.50 9.63 48.90
N ILE D 274 -42.58 9.13 49.71
CA ILE D 274 -41.82 7.94 49.33
C ILE D 274 -42.80 6.86 48.94
N ALA D 275 -43.86 6.77 49.74
CA ALA D 275 -44.93 5.80 49.56
C ALA D 275 -45.44 5.73 48.11
N GLY D 276 -45.75 6.90 47.57
CA GLY D 276 -46.27 6.99 46.21
C GLY D 276 -45.26 6.74 45.11
N ILE D 277 -44.01 7.08 45.37
CA ILE D 277 -43.01 6.84 44.36
C ILE D 277 -42.85 5.33 44.29
N VAL D 278 -42.60 4.71 45.44
CA VAL D 278 -42.43 3.25 45.50
C VAL D 278 -43.55 2.55 44.75
N LYS D 279 -44.77 3.05 44.95
CA LYS D 279 -45.94 2.48 44.30
C LYS D 279 -45.89 2.48 42.79
N HIS D 280 -45.88 3.67 42.20
CA HIS D 280 -45.86 3.80 40.75
C HIS D 280 -44.49 3.65 40.09
N ALA D 281 -43.53 3.12 40.86
CA ALA D 281 -42.16 2.94 40.39
C ALA D 281 -42.10 2.29 39.02
N THR D 282 -42.46 1.02 38.99
CA THR D 282 -42.41 0.27 37.76
C THR D 282 -43.26 0.94 36.69
N SER D 283 -44.16 1.83 37.12
CA SER D 283 -45.01 2.49 36.15
C SER D 283 -44.48 3.79 35.57
N PHE D 284 -43.57 4.47 36.27
CA PHE D 284 -43.05 5.71 35.72
C PHE D 284 -41.68 5.51 35.08
N THR D 285 -41.19 4.28 35.14
CA THR D 285 -39.89 3.96 34.58
C THR D 285 -39.85 4.10 33.07
N ALA D 286 -40.99 3.87 32.42
CA ALA D 286 -41.05 3.98 30.96
C ALA D 286 -40.67 5.38 30.51
N VAL D 287 -40.99 6.39 31.32
CA VAL D 287 -40.67 7.79 30.97
C VAL D 287 -39.31 8.22 31.51
N THR D 288 -39.03 7.89 32.76
CA THR D 288 -37.77 8.26 33.37
C THR D 288 -36.64 7.61 32.59
N ASN D 289 -36.94 6.46 32.01
CA ASN D 289 -35.95 5.70 31.24
C ASN D 289 -36.52 5.43 29.82
N PRO D 290 -36.65 6.49 29.01
CA PRO D 290 -37.17 6.52 27.64
C PRO D 290 -36.45 5.93 26.43
N THR D 291 -35.52 5.00 26.60
CA THR D 291 -34.83 4.44 25.42
C THR D 291 -34.74 2.92 25.48
N VAL D 292 -34.41 2.26 24.36
CA VAL D 292 -34.29 0.81 24.37
C VAL D 292 -33.02 0.49 25.16
N ASN D 293 -32.02 1.35 25.00
CA ASN D 293 -30.70 1.22 25.62
C ASN D 293 -30.66 1.65 27.07
N SER D 294 -31.77 2.20 27.55
CA SER D 294 -31.85 2.66 28.93
C SER D 294 -31.92 1.46 29.87
N TYR D 295 -32.59 0.42 29.40
CA TYR D 295 -32.77 -0.80 30.20
C TYR D 295 -31.58 -1.72 30.24
N LYS D 296 -30.53 -1.37 29.53
CA LYS D 296 -29.32 -2.17 29.50
C LYS D 296 -28.47 -1.77 30.73
N ARG D 297 -28.72 -0.56 31.24
CA ARG D 297 -28.01 -0.05 32.42
C ARG D 297 -28.74 -0.51 33.67
N LEU D 298 -30.02 -0.84 33.53
CA LEU D 298 -30.82 -1.33 34.65
C LEU D 298 -30.72 -2.88 34.71
N VAL D 299 -29.49 -3.35 34.89
CA VAL D 299 -29.14 -4.78 34.99
C VAL D 299 -28.24 -4.87 36.21
N PRO D 300 -28.32 -5.99 36.96
CA PRO D 300 -27.52 -6.21 38.16
C PRO D 300 -26.00 -6.28 37.97
N PRO D 305 -30.63 0.95 40.03
CA PRO D 305 -31.87 0.44 40.64
C PRO D 305 -32.57 -0.70 39.86
N CYS D 306 -32.73 -1.85 40.50
CA CYS D 306 -33.39 -3.00 39.87
C CYS D 306 -34.64 -3.39 40.64
N TYR D 307 -34.50 -3.44 41.96
CA TYR D 307 -35.59 -3.79 42.85
C TYR D 307 -36.05 -2.52 43.55
N VAL D 308 -37.31 -2.17 43.33
CA VAL D 308 -37.89 -0.98 43.93
C VAL D 308 -37.77 -1.08 45.46
N ALA D 309 -36.88 -0.27 46.03
CA ALA D 309 -36.65 -0.27 47.47
C ALA D 309 -36.08 1.07 47.95
N TRP D 310 -36.51 1.52 49.13
CA TRP D 310 -36.04 2.77 49.71
C TRP D 310 -35.13 2.50 50.90
N SER D 311 -34.09 3.33 51.06
CA SER D 311 -33.18 3.15 52.18
C SER D 311 -32.24 4.34 52.33
N ALA D 312 -31.89 4.64 53.58
CA ALA D 312 -30.99 5.74 53.87
C ALA D 312 -29.59 5.37 53.38
N GLN D 313 -29.38 4.07 53.11
CA GLN D 313 -28.10 3.54 52.61
C GLN D 313 -28.28 2.47 51.52
N ASN D 314 -27.93 1.22 51.88
CA ASN D 314 -28.00 0.04 51.01
C ASN D 314 -27.17 0.20 49.73
N ARG D 315 -26.91 -0.93 49.07
CA ARG D 315 -26.12 -0.96 47.84
C ARG D 315 -26.59 0.00 46.74
N SER D 316 -27.80 -0.22 46.20
CA SER D 316 -28.34 0.66 45.16
C SER D 316 -29.85 0.58 45.10
N PRO D 317 -30.54 1.17 46.09
CA PRO D 317 -32.01 1.11 46.07
C PRO D 317 -32.57 2.19 45.14
N LEU D 318 -33.74 1.94 44.56
CA LEU D 318 -34.35 2.91 43.67
C LEU D 318 -34.46 4.24 44.41
N ILE D 319 -34.95 4.16 45.64
CA ILE D 319 -35.12 5.35 46.47
C ILE D 319 -33.98 5.42 47.45
N ARG D 320 -33.66 6.63 47.87
CA ARG D 320 -32.60 6.81 48.83
C ARG D 320 -32.62 8.20 49.40
N ILE D 321 -32.77 8.28 50.72
CA ILE D 321 -32.82 9.55 51.44
C ILE D 321 -31.49 9.76 52.12
N PRO D 322 -30.70 10.73 51.64
CA PRO D 322 -29.41 11.00 52.25
C PRO D 322 -29.64 11.62 53.63
N ALA D 323 -28.76 11.31 54.57
CA ALA D 323 -28.87 11.79 55.96
C ALA D 323 -29.28 13.26 56.13
N SER D 324 -28.60 14.14 55.40
CA SER D 324 -28.88 15.57 55.46
C SER D 324 -30.34 15.90 55.75
N ARG D 325 -30.58 16.75 56.75
CA ARG D 325 -31.94 17.16 57.12
C ARG D 325 -32.13 18.69 57.08
N GLY D 326 -33.06 19.19 57.89
CA GLY D 326 -33.31 20.62 57.90
C GLY D 326 -33.84 20.98 56.52
N ILE D 327 -33.32 22.04 55.91
CA ILE D 327 -33.77 22.44 54.58
C ILE D 327 -33.41 21.38 53.56
N SER D 328 -32.16 20.94 53.61
CA SER D 328 -31.66 19.94 52.69
C SER D 328 -32.18 18.53 53.00
N THR D 329 -33.47 18.44 53.32
CA THR D 329 -34.08 17.15 53.63
C THR D 329 -34.77 16.67 52.37
N ARG D 330 -34.14 15.78 51.60
CA ARG D 330 -34.79 15.31 50.38
C ARG D 330 -34.56 13.85 50.04
N VAL D 331 -35.53 13.25 49.35
CA VAL D 331 -35.47 11.85 48.92
C VAL D 331 -34.98 11.70 47.47
N GLU D 332 -33.96 10.86 47.26
CA GLU D 332 -33.36 10.66 45.94
C GLU D 332 -33.90 9.46 45.15
N VAL D 333 -34.19 9.73 43.86
CA VAL D 333 -34.71 8.75 42.89
C VAL D 333 -33.63 8.43 41.86
N ARG D 334 -32.68 7.59 42.25
CA ARG D 334 -31.55 7.18 41.43
C ARG D 334 -31.81 6.24 40.26
N SER D 335 -33.07 6.08 39.86
CA SER D 335 -33.40 5.21 38.75
C SER D 335 -33.48 5.94 37.42
N VAL D 336 -33.83 7.22 37.48
CA VAL D 336 -33.92 8.03 36.26
C VAL D 336 -32.55 8.08 35.60
N ASP D 337 -32.49 8.60 34.38
CA ASP D 337 -31.22 8.74 33.66
C ASP D 337 -31.25 10.00 32.75
N PRO D 338 -30.12 10.37 32.14
CA PRO D 338 -30.04 11.54 31.27
C PRO D 338 -30.83 11.60 29.95
N ALA D 339 -31.25 10.44 29.44
CA ALA D 339 -32.00 10.43 28.18
C ALA D 339 -33.49 10.71 28.42
N ALA D 340 -33.84 10.90 29.68
CA ALA D 340 -35.22 11.19 30.08
C ALA D 340 -35.50 12.68 29.92
N ASN D 341 -36.71 13.00 29.46
CA ASN D 341 -37.11 14.39 29.29
C ASN D 341 -37.25 15.02 30.68
N PRO D 342 -36.48 16.08 30.96
CA PRO D 342 -36.57 16.73 32.29
C PRO D 342 -38.00 17.00 32.71
N TYR D 343 -38.76 17.65 31.83
CA TYR D 343 -40.14 17.98 32.14
C TYR D 343 -40.98 16.73 32.38
N LEU D 344 -41.02 15.82 31.39
CA LEU D 344 -41.80 14.59 31.52
C LEU D 344 -41.47 13.72 32.73
N ALA D 345 -40.21 13.70 33.13
CA ALA D 345 -39.80 12.92 34.29
C ALA D 345 -40.41 13.54 35.53
N LEU D 346 -39.83 14.63 36.04
CA LEU D 346 -40.37 15.28 37.23
C LEU D 346 -41.89 15.25 37.24
N SER D 347 -42.49 15.49 36.08
CA SER D 347 -43.93 15.46 35.99
C SER D 347 -44.50 14.20 36.63
N VAL D 348 -44.27 13.04 36.01
CA VAL D 348 -44.78 11.78 36.55
C VAL D 348 -44.24 11.54 37.94
N LEU D 349 -43.10 12.11 38.26
CA LEU D 349 -42.56 11.94 39.59
C LEU D 349 -43.38 12.80 40.53
N LEU D 350 -43.42 14.11 40.30
CA LEU D 350 -44.20 14.99 41.17
C LEU D 350 -45.62 14.46 41.31
N ALA D 351 -46.12 13.87 40.22
CA ALA D 351 -47.45 13.29 40.20
C ALA D 351 -47.57 12.07 41.12
N ALA D 352 -46.69 11.09 40.92
CA ALA D 352 -46.70 9.87 41.72
C ALA D 352 -46.46 10.16 43.20
N GLY D 353 -45.65 11.17 43.47
CA GLY D 353 -45.37 11.54 44.85
C GLY D 353 -46.60 12.16 45.49
N LEU D 354 -47.27 13.04 44.76
CA LEU D 354 -48.46 13.67 45.28
C LEU D 354 -49.48 12.59 45.55
N ASP D 355 -49.70 11.70 44.56
CA ASP D 355 -50.67 10.62 44.75
C ASP D 355 -50.44 10.00 46.14
N GLY D 356 -49.18 9.95 46.56
CA GLY D 356 -48.86 9.40 47.86
C GLY D 356 -49.26 10.35 48.98
N ILE D 357 -48.85 11.60 48.85
CA ILE D 357 -49.17 12.62 49.84
C ILE D 357 -50.67 12.81 49.96
N LYS D 358 -51.38 12.45 48.90
CA LYS D 358 -52.83 12.58 48.89
C LYS D 358 -53.57 11.42 49.53
N ASN D 359 -53.64 10.29 48.84
CA ASN D 359 -54.34 9.11 49.35
C ASN D 359 -53.68 8.49 50.58
N LYS D 360 -52.81 9.25 51.25
CA LYS D 360 -52.15 8.73 52.43
C LYS D 360 -51.75 7.27 52.24
N LEU D 361 -50.62 7.03 51.58
CA LEU D 361 -50.18 5.67 51.35
C LEU D 361 -49.25 5.14 52.44
N GLU D 362 -49.29 3.82 52.66
CA GLU D 362 -48.51 3.13 53.68
C GLU D 362 -47.06 2.91 53.32
N ALA D 363 -46.19 3.85 53.68
CA ALA D 363 -44.76 3.76 53.40
C ALA D 363 -44.20 2.37 53.74
N PRO D 364 -43.49 1.72 52.79
CA PRO D 364 -42.92 0.39 53.01
C PRO D 364 -41.88 0.35 54.13
N ALA D 365 -41.73 -0.82 54.76
CA ALA D 365 -40.77 -0.99 55.85
C ALA D 365 -39.37 -0.68 55.33
N PRO D 366 -38.48 -0.15 56.20
CA PRO D 366 -37.11 0.17 55.77
C PRO D 366 -36.41 -1.01 55.08
N ILE D 367 -36.15 -0.87 53.78
CA ILE D 367 -35.48 -1.93 53.01
C ILE D 367 -34.00 -1.99 53.36
N ASP D 368 -33.68 -2.63 54.48
CA ASP D 368 -32.30 -2.78 54.93
C ASP D 368 -31.47 -3.56 53.90
N ARG D 369 -30.17 -3.61 54.10
CA ARG D 369 -29.27 -4.32 53.16
C ARG D 369 -29.74 -5.76 52.91
N ASN D 370 -30.40 -5.96 51.77
CA ASN D 370 -30.91 -7.28 51.39
C ASN D 370 -31.67 -7.25 50.05
N ILE D 371 -31.07 -6.65 49.02
CA ILE D 371 -31.71 -6.61 47.69
C ILE D 371 -30.81 -7.23 46.61
N TYR D 372 -29.52 -6.91 46.65
CA TYR D 372 -28.53 -7.41 45.69
C TYR D 372 -28.14 -8.86 45.91
N VAL D 373 -27.79 -9.17 47.16
CA VAL D 373 -27.38 -10.51 47.56
C VAL D 373 -28.58 -11.42 47.80
N MET D 374 -29.67 -10.85 48.32
CA MET D 374 -30.90 -11.60 48.60
C MET D 374 -31.39 -12.33 47.34
N SER D 375 -32.27 -13.32 47.54
CA SER D 375 -32.82 -14.11 46.43
C SER D 375 -33.80 -13.32 45.57
N LYS D 376 -34.45 -14.01 44.63
CA LYS D 376 -35.44 -13.37 43.77
C LYS D 376 -36.84 -13.60 44.33
N GLU D 377 -36.99 -14.71 45.04
CA GLU D 377 -38.28 -15.03 45.64
C GLU D 377 -38.38 -14.29 46.97
N GLU D 378 -37.23 -13.98 47.55
CA GLU D 378 -37.20 -13.24 48.81
C GLU D 378 -37.59 -11.78 48.58
N ARG D 379 -37.71 -11.42 47.30
CA ARG D 379 -38.10 -10.07 46.92
C ARG D 379 -39.59 -10.00 46.57
N MET D 380 -40.13 -11.10 46.05
CA MET D 380 -41.54 -11.19 45.70
C MET D 380 -42.36 -11.68 46.89
N GLU D 381 -41.68 -12.32 47.82
CA GLU D 381 -42.30 -12.82 49.05
C GLU D 381 -42.29 -11.70 50.08
N ASN D 382 -42.13 -10.46 49.61
CA ASN D 382 -42.11 -9.30 50.49
C ASN D 382 -42.36 -8.00 49.73
N GLY D 383 -41.89 -6.89 50.32
CA GLY D 383 -42.07 -5.60 49.71
C GLY D 383 -40.82 -5.24 48.92
N ILE D 384 -40.56 -6.00 47.86
CA ILE D 384 -39.39 -5.74 47.04
C ILE D 384 -39.66 -6.11 45.55
N VAL D 385 -40.51 -5.30 44.90
CA VAL D 385 -40.85 -5.51 43.49
C VAL D 385 -39.81 -4.87 42.56
N ASP D 386 -39.37 -5.65 41.57
CA ASP D 386 -38.37 -5.22 40.60
C ASP D 386 -38.90 -4.37 39.42
N LEU D 387 -38.00 -3.59 38.83
CA LEU D 387 -38.35 -2.70 37.73
C LEU D 387 -38.46 -3.41 36.39
N PRO D 388 -39.17 -2.82 35.44
CA PRO D 388 -39.35 -3.41 34.11
C PRO D 388 -38.00 -3.55 33.40
N ALA D 389 -37.75 -4.70 32.78
CA ALA D 389 -36.47 -4.99 32.10
C ALA D 389 -36.29 -4.54 30.64
N THR D 390 -37.30 -3.89 30.08
CA THR D 390 -37.23 -3.43 28.71
C THR D 390 -38.13 -2.23 28.49
N LEU D 391 -37.98 -1.58 27.34
CA LEU D 391 -38.78 -0.41 27.01
C LEU D 391 -40.23 -0.83 26.86
N ALA D 392 -40.44 -2.01 26.29
CA ALA D 392 -41.78 -2.54 26.06
C ALA D 392 -42.42 -2.89 27.38
N GLU D 393 -41.78 -3.79 28.11
CA GLU D 393 -42.29 -4.22 29.41
C GLU D 393 -42.63 -3.01 30.27
N ALA D 394 -41.90 -1.92 30.07
CA ALA D 394 -42.15 -0.71 30.84
C ALA D 394 -43.29 0.11 30.23
N LEU D 395 -43.40 0.07 28.90
CA LEU D 395 -44.46 0.82 28.23
C LEU D 395 -45.83 0.28 28.60
N GLU D 396 -45.88 -0.96 29.10
CA GLU D 396 -47.15 -1.55 29.51
C GLU D 396 -47.57 -1.04 30.90
N GLU D 397 -46.70 -1.22 31.90
CA GLU D 397 -47.00 -0.75 33.26
C GLU D 397 -47.34 0.73 33.24
N PHE D 398 -46.77 1.45 32.27
CA PHE D 398 -47.04 2.90 32.15
C PHE D 398 -48.46 3.16 31.66
N LYS D 399 -48.85 2.37 30.67
CA LYS D 399 -50.18 2.48 30.10
C LYS D 399 -51.24 1.99 31.07
N SER D 400 -50.96 0.87 31.76
CA SER D 400 -51.93 0.30 32.70
C SER D 400 -51.90 0.99 34.05
N ASN D 401 -51.69 2.30 34.07
CA ASN D 401 -51.66 3.02 35.32
C ASN D 401 -52.34 4.38 35.24
N GLU D 402 -53.45 4.50 35.97
CA GLU D 402 -54.24 5.73 36.01
C GLU D 402 -53.44 7.01 36.23
N VAL D 403 -52.74 7.07 37.37
CA VAL D 403 -51.93 8.22 37.77
C VAL D 403 -51.00 8.82 36.70
N MET D 404 -50.19 7.97 36.08
CA MET D 404 -49.26 8.42 35.04
C MET D 404 -50.02 9.01 33.86
N VAL D 405 -50.97 8.23 33.34
CA VAL D 405 -51.78 8.68 32.22
C VAL D 405 -52.32 10.08 32.49
N LYS D 406 -52.58 10.39 33.75
CA LYS D 406 -53.08 11.72 34.13
C LYS D 406 -51.94 12.71 34.20
N ALA D 407 -50.81 12.24 34.70
CA ALA D 407 -49.63 13.05 34.88
C ALA D 407 -49.24 13.79 33.60
N LEU D 408 -49.38 13.13 32.45
CA LEU D 408 -49.01 13.74 31.16
C LEU D 408 -50.25 14.15 30.35
N GLY D 409 -51.42 13.78 30.86
CA GLY D 409 -52.67 14.12 30.19
C GLY D 409 -52.79 13.47 28.82
N GLU D 410 -54.01 13.40 28.32
CA GLU D 410 -54.32 12.80 27.03
C GLU D 410 -53.22 12.95 25.97
N HIS D 411 -53.10 14.16 25.43
CA HIS D 411 -52.14 14.41 24.37
C HIS D 411 -50.74 13.85 24.61
N LEU D 412 -49.92 14.54 25.40
CA LEU D 412 -48.57 14.06 25.64
C LEU D 412 -48.51 12.54 25.80
N PHE D 413 -49.43 11.99 26.58
CA PHE D 413 -49.46 10.55 26.80
C PHE D 413 -49.54 9.75 25.48
N GLU D 414 -50.70 9.77 24.83
CA GLU D 414 -50.88 9.02 23.59
C GLU D 414 -49.77 9.17 22.56
N HIS D 415 -49.15 10.34 22.48
CA HIS D 415 -48.09 10.49 21.51
C HIS D 415 -46.82 9.80 21.98
N PHE D 416 -46.50 9.97 23.26
CA PHE D 416 -45.31 9.34 23.83
C PHE D 416 -45.44 7.83 23.66
N ILE D 417 -46.61 7.29 24.00
CA ILE D 417 -46.84 5.86 23.88
C ILE D 417 -46.55 5.45 22.44
N GLU D 418 -47.16 6.14 21.47
CA GLU D 418 -46.94 5.77 20.07
C GLU D 418 -45.46 5.85 19.70
N ALA D 419 -44.89 7.05 19.71
CA ALA D 419 -43.49 7.24 19.35
C ALA D 419 -42.59 6.25 20.07
N LYS D 420 -43.07 5.66 21.15
CA LYS D 420 -42.24 4.71 21.86
C LYS D 420 -42.49 3.28 21.42
N GLU D 421 -43.72 2.99 21.03
CA GLU D 421 -44.05 1.64 20.56
C GLU D 421 -43.35 1.44 19.23
N ILE D 422 -43.18 2.52 18.48
CA ILE D 422 -42.47 2.48 17.20
C ILE D 422 -41.02 2.08 17.49
N GLU D 423 -40.42 2.80 18.42
CA GLU D 423 -39.06 2.58 18.85
C GLU D 423 -38.78 1.11 19.19
N TRP D 424 -39.59 0.54 20.07
CA TRP D 424 -39.39 -0.85 20.44
C TRP D 424 -39.56 -1.73 19.21
N ASP D 425 -40.59 -1.45 18.42
CA ASP D 425 -40.83 -2.26 17.23
C ASP D 425 -39.72 -2.18 16.17
N MET D 426 -38.98 -1.07 16.12
CA MET D 426 -37.90 -0.96 15.15
C MET D 426 -36.73 -1.77 15.65
N PHE D 427 -36.56 -1.76 16.97
CA PHE D 427 -35.49 -2.49 17.64
C PHE D 427 -35.65 -4.02 17.77
N ARG D 428 -36.88 -4.51 17.80
CA ARG D 428 -37.10 -5.94 17.95
C ARG D 428 -37.24 -6.65 16.61
N THR D 429 -37.31 -5.89 15.52
CA THR D 429 -37.47 -6.46 14.20
C THR D 429 -36.18 -6.43 13.37
N GLN D 430 -35.11 -5.96 13.99
CA GLN D 430 -33.79 -5.87 13.36
C GLN D 430 -33.03 -7.15 13.65
N VAL D 431 -32.09 -7.49 12.78
CA VAL D 431 -31.28 -8.67 13.04
C VAL D 431 -29.94 -8.09 13.47
N HIS D 432 -29.66 -8.11 14.75
CA HIS D 432 -28.40 -7.57 15.25
C HIS D 432 -27.27 -8.56 15.02
N PRO D 433 -26.02 -8.08 15.01
CA PRO D 433 -24.83 -8.92 14.81
C PRO D 433 -24.75 -10.06 15.82
N TRP D 434 -25.00 -9.74 17.08
CA TRP D 434 -24.99 -10.72 18.17
C TRP D 434 -25.77 -11.96 17.74
N GLU D 435 -26.94 -11.74 17.14
CA GLU D 435 -27.77 -12.83 16.68
C GLU D 435 -27.03 -13.71 15.70
N ARG D 436 -26.49 -13.10 14.65
CA ARG D 436 -25.77 -13.89 13.68
C ARG D 436 -24.66 -14.72 14.32
N GLU D 437 -23.81 -14.11 15.14
CA GLU D 437 -22.69 -14.83 15.78
C GLU D 437 -23.21 -16.07 16.50
N GLN D 438 -24.11 -15.81 17.43
CA GLN D 438 -24.72 -16.83 18.26
C GLN D 438 -25.53 -17.89 17.52
N TYR D 439 -26.21 -17.53 16.45
CA TYR D 439 -27.02 -18.53 15.76
C TYR D 439 -26.56 -18.98 14.39
N MET D 440 -26.24 -18.02 13.51
CA MET D 440 -25.81 -18.34 12.15
C MET D 440 -24.84 -19.49 12.15
N SER D 441 -24.06 -19.62 13.23
CA SER D 441 -23.08 -20.68 13.33
C SER D 441 -23.65 -22.04 13.76
N GLN D 442 -23.89 -22.19 15.07
CA GLN D 442 -24.43 -23.43 15.61
C GLN D 442 -25.59 -23.94 14.77
N TYR D 443 -26.57 -23.08 14.59
CA TYR D 443 -27.75 -23.45 13.82
C TYR D 443 -27.54 -23.40 12.31
N ALA E 1 0.65 26.29 62.43
CA ALA E 1 -0.09 26.49 61.16
C ALA E 1 0.76 27.32 60.19
N LYS E 2 0.10 27.90 59.20
CA LYS E 2 0.76 28.70 58.17
C LYS E 2 -0.21 29.72 57.57
N TYR E 3 -1.13 29.22 56.76
CA TYR E 3 -2.14 30.08 56.13
C TYR E 3 -3.38 30.23 57.01
N THR E 4 -4.13 31.31 56.81
CA THR E 4 -5.34 31.55 57.57
C THR E 4 -6.52 31.74 56.63
N ARG E 5 -7.73 31.51 57.15
CA ARG E 5 -8.94 31.65 56.36
C ARG E 5 -8.89 32.90 55.50
N GLU E 6 -8.99 34.06 56.15
CA GLU E 6 -8.94 35.34 55.45
C GLU E 6 -7.77 35.39 54.49
N ASP E 7 -6.63 34.87 54.92
CA ASP E 7 -5.43 34.85 54.09
C ASP E 7 -5.70 34.18 52.75
N ILE E 8 -6.49 33.10 52.78
CA ILE E 8 -6.83 32.33 51.57
C ILE E 8 -7.76 33.13 50.67
N GLU E 9 -8.90 33.50 51.22
CA GLU E 9 -9.91 34.27 50.50
C GLU E 9 -9.26 35.47 49.83
N LYS E 10 -8.32 36.10 50.52
CA LYS E 10 -7.63 37.26 49.96
C LYS E 10 -6.80 36.81 48.75
N LEU E 11 -6.09 35.68 48.90
CA LEU E 11 -5.25 35.14 47.84
C LEU E 11 -5.96 34.58 46.62
N VAL E 12 -7.21 34.16 46.84
CA VAL E 12 -8.03 33.58 45.78
C VAL E 12 -8.59 34.70 44.88
N LYS E 13 -9.12 35.74 45.52
CA LYS E 13 -9.71 36.91 44.84
C LYS E 13 -8.62 37.69 44.11
N GLU E 14 -7.60 38.08 44.85
CA GLU E 14 -6.47 38.85 44.33
C GLU E 14 -5.70 38.12 43.24
N GLU E 15 -5.84 36.81 43.16
CA GLU E 15 -5.11 36.05 42.15
C GLU E 15 -6.01 35.50 41.05
N ASN E 16 -7.31 35.61 41.26
CA ASN E 16 -8.31 35.10 40.32
C ASN E 16 -8.28 33.60 40.24
N VAL E 17 -8.97 32.96 41.17
CA VAL E 17 -9.06 31.52 41.22
C VAL E 17 -10.54 31.24 41.04
N LYS E 18 -10.86 30.46 40.01
CA LYS E 18 -12.24 30.13 39.73
C LYS E 18 -12.56 28.63 39.82
N TYR E 19 -11.54 27.82 40.13
CA TYR E 19 -11.75 26.38 40.21
C TYR E 19 -11.00 25.72 41.36
N ILE E 20 -11.65 25.61 42.52
CA ILE E 20 -11.05 24.97 43.69
C ILE E 20 -11.11 23.43 43.59
N ARG E 21 -9.94 22.79 43.64
CA ARG E 21 -9.84 21.35 43.53
C ARG E 21 -9.59 20.72 44.90
N LEU E 22 -10.65 20.29 45.58
CA LEU E 22 -10.50 19.65 46.89
C LEU E 22 -10.04 18.20 46.67
N GLN E 23 -8.76 17.94 46.90
CA GLN E 23 -8.17 16.61 46.67
C GLN E 23 -7.79 15.78 47.88
N PHE E 24 -7.88 14.47 47.73
CA PHE E 24 -7.53 13.54 48.79
C PHE E 24 -6.72 12.37 48.24
N THR E 25 -6.80 11.22 48.90
CA THR E 25 -6.06 10.06 48.44
C THR E 25 -6.76 8.79 48.88
N ASP E 26 -6.83 7.81 47.99
CA ASP E 26 -7.49 6.55 48.33
C ASP E 26 -6.49 5.48 48.81
N ILE E 27 -7.02 4.36 49.26
CA ILE E 27 -6.18 3.28 49.79
C ILE E 27 -5.00 2.92 48.86
N LEU E 28 -5.19 2.99 47.55
CA LEU E 28 -4.12 2.67 46.61
C LEU E 28 -3.08 3.77 46.44
N GLY E 29 -3.42 4.99 46.83
CA GLY E 29 -2.50 6.11 46.70
C GLY E 29 -2.71 6.98 45.48
N THR E 30 -3.68 6.61 44.65
CA THR E 30 -3.97 7.40 43.45
C THR E 30 -4.58 8.76 43.86
N ILE E 31 -4.16 9.84 43.18
CA ILE E 31 -4.63 11.18 43.53
C ILE E 31 -6.13 11.36 43.27
N LYS E 32 -6.95 11.13 44.29
CA LYS E 32 -8.40 11.30 44.17
C LYS E 32 -8.77 12.77 44.29
N ASN E 33 -9.98 13.14 43.86
CA ASN E 33 -10.36 14.54 43.90
C ASN E 33 -11.82 14.89 43.61
N VAL E 34 -12.28 15.96 44.23
CA VAL E 34 -13.63 16.47 44.04
C VAL E 34 -13.54 17.99 43.82
N GLU E 35 -13.88 18.39 42.59
CA GLU E 35 -13.81 19.77 42.12
C GLU E 35 -15.04 20.62 42.38
N ILE E 36 -14.79 21.85 42.80
CA ILE E 36 -15.87 22.78 43.08
C ILE E 36 -15.51 24.17 42.62
N PRO E 37 -16.46 24.89 42.01
CA PRO E 37 -16.18 26.25 41.54
C PRO E 37 -15.78 27.20 42.70
N VAL E 38 -15.02 28.25 42.40
CA VAL E 38 -14.59 29.20 43.42
C VAL E 38 -15.72 29.67 44.33
N SER E 39 -16.93 29.74 43.79
CA SER E 39 -18.11 30.19 44.53
C SER E 39 -18.52 29.27 45.67
N GLN E 40 -17.96 28.07 45.71
CA GLN E 40 -18.28 27.11 46.76
C GLN E 40 -17.22 27.14 47.88
N LEU E 41 -16.11 27.85 47.62
CA LEU E 41 -15.02 27.96 48.60
C LEU E 41 -15.60 28.08 49.98
N GLY E 42 -16.65 28.91 50.10
CA GLY E 42 -17.31 29.10 51.37
C GLY E 42 -17.75 27.78 52.00
N LYS E 43 -18.66 27.07 51.33
CA LYS E 43 -19.12 25.79 51.85
C LYS E 43 -17.95 24.85 52.16
N ALA E 44 -16.89 24.93 51.36
CA ALA E 44 -15.71 24.08 51.52
C ALA E 44 -14.88 24.38 52.76
N LEU E 45 -14.54 25.65 52.95
CA LEU E 45 -13.74 26.07 54.10
C LEU E 45 -14.45 25.77 55.43
N ASP E 46 -15.79 25.75 55.41
CA ASP E 46 -16.56 25.44 56.62
C ASP E 46 -16.62 23.93 56.83
N ASN E 47 -15.98 23.21 55.93
CA ASN E 47 -15.92 21.75 55.97
C ASN E 47 -17.30 21.10 55.73
N LYS E 48 -18.10 21.68 54.85
CA LYS E 48 -19.43 21.14 54.57
C LYS E 48 -19.61 20.48 53.20
N VAL E 49 -18.51 20.27 52.48
CA VAL E 49 -18.57 19.60 51.18
C VAL E 49 -18.69 18.09 51.42
N MET E 50 -19.77 17.50 50.94
CA MET E 50 -19.99 16.06 51.12
C MET E 50 -19.65 15.34 49.81
N PHE E 51 -19.00 14.18 49.91
CA PHE E 51 -18.65 13.40 48.71
C PHE E 51 -18.87 11.93 49.02
N ASP E 52 -18.80 11.07 48.01
CA ASP E 52 -18.96 9.65 48.25
C ASP E 52 -17.63 9.06 48.68
N GLY E 53 -17.43 8.96 49.99
CA GLY E 53 -16.20 8.41 50.52
C GLY E 53 -15.98 6.96 50.16
N SER E 54 -16.97 6.31 49.56
CA SER E 54 -16.80 4.91 49.17
C SER E 54 -15.59 4.86 48.25
N SER E 55 -15.32 5.99 47.62
CA SER E 55 -14.19 6.14 46.71
C SER E 55 -12.92 5.57 47.33
N ILE E 56 -12.50 6.18 48.42
CA ILE E 56 -11.29 5.78 49.15
C ILE E 56 -11.12 4.27 49.28
N GLU E 57 -12.19 3.51 49.14
CA GLU E 57 -12.12 2.05 49.26
C GLU E 57 -11.69 1.32 48.00
N GLY E 58 -10.62 1.82 47.38
CA GLY E 58 -10.10 1.21 46.18
C GLY E 58 -11.21 0.85 45.23
N PHE E 59 -11.02 -0.23 44.48
CA PHE E 59 -12.03 -0.68 43.54
C PHE E 59 -12.94 -1.75 44.13
N VAL E 60 -13.30 -1.60 45.40
CA VAL E 60 -14.17 -2.56 46.08
C VAL E 60 -15.30 -1.94 46.93
N ARG E 61 -15.68 -0.70 46.58
CA ARG E 61 -16.74 0.01 47.28
C ARG E 61 -18.14 -0.53 46.95
N ILE E 62 -18.86 -0.95 47.99
CA ILE E 62 -20.21 -1.52 47.81
C ILE E 62 -21.31 -0.45 47.88
N GLU E 63 -21.63 0.02 49.08
CA GLU E 63 -22.66 1.05 49.23
C GLU E 63 -22.08 2.41 48.85
N GLU E 64 -22.77 3.46 49.26
CA GLU E 64 -22.33 4.81 48.96
C GLU E 64 -22.27 5.61 50.26
N SER E 65 -21.21 5.36 51.02
CA SER E 65 -20.99 6.04 52.29
C SER E 65 -20.74 7.52 52.07
N ASP E 66 -21.30 8.37 52.94
CA ASP E 66 -21.10 9.83 52.84
C ASP E 66 -20.07 10.33 53.85
N MET E 67 -19.19 11.22 53.43
CA MET E 67 -18.16 11.77 54.30
C MET E 67 -17.84 13.20 53.93
N TYR E 68 -17.26 13.93 54.87
CA TYR E 68 -16.92 15.32 54.62
C TYR E 68 -15.46 15.49 54.28
N LEU E 69 -15.17 16.65 53.70
CA LEU E 69 -13.83 17.03 53.27
C LEU E 69 -13.32 18.19 54.13
N TYR E 70 -12.40 17.87 55.04
CA TYR E 70 -11.80 18.87 55.93
C TYR E 70 -10.51 19.37 55.30
N PRO E 71 -10.57 20.49 54.56
CA PRO E 71 -9.36 21.01 53.94
C PRO E 71 -8.43 21.60 54.99
N ASP E 72 -7.16 21.68 54.65
CA ASP E 72 -6.12 22.23 55.53
C ASP E 72 -5.48 23.44 54.87
N LEU E 73 -5.79 24.64 55.37
CA LEU E 73 -5.28 25.89 54.82
C LEU E 73 -3.77 25.98 54.61
N ASN E 74 -2.98 25.25 55.39
CA ASN E 74 -1.53 25.30 55.25
C ASN E 74 -1.07 24.61 53.98
N THR E 75 -2.01 24.02 53.24
CA THR E 75 -1.68 23.32 51.99
C THR E 75 -2.23 24.01 50.74
N PHE E 76 -2.86 25.17 50.95
CA PHE E 76 -3.43 25.95 49.86
C PHE E 76 -2.39 26.14 48.77
N VAL E 77 -2.65 25.61 47.59
CA VAL E 77 -1.72 25.73 46.48
C VAL E 77 -2.37 26.19 45.19
N ILE E 78 -1.69 27.10 44.48
CA ILE E 78 -2.18 27.62 43.22
C ILE E 78 -1.28 27.15 42.08
N PHE E 79 -1.82 26.28 41.22
CA PHE E 79 -1.07 25.72 40.10
C PHE E 79 -0.63 26.75 39.05
N PRO E 80 0.57 26.56 38.48
CA PRO E 80 1.15 27.47 37.47
C PRO E 80 0.38 27.50 36.16
N TRP E 81 -0.06 26.33 35.72
CA TRP E 81 -0.83 26.19 34.47
C TRP E 81 -2.19 26.83 34.66
N THR E 82 -2.54 27.75 33.77
CA THR E 82 -3.80 28.45 33.86
C THR E 82 -4.89 27.82 33.01
N ALA E 83 -6.14 28.19 33.29
CA ALA E 83 -7.28 27.73 32.52
C ALA E 83 -7.60 28.98 31.71
N GLU E 84 -8.57 28.93 30.79
CA GLU E 84 -8.89 30.11 29.99
C GLU E 84 -9.70 31.14 30.78
N LYS E 85 -10.54 30.64 31.67
CA LYS E 85 -11.41 31.49 32.49
C LYS E 85 -10.86 31.85 33.87
N GLY E 86 -9.74 31.27 34.27
CA GLY E 86 -9.21 31.60 35.58
C GLY E 86 -8.19 30.63 36.12
N LYS E 87 -7.61 30.96 37.27
CA LYS E 87 -6.60 30.11 37.86
C LYS E 87 -7.25 29.04 38.70
N VAL E 88 -6.52 27.94 38.89
CA VAL E 88 -6.98 26.79 39.68
C VAL E 88 -6.06 26.57 40.90
N ALA E 89 -6.67 26.46 42.09
CA ALA E 89 -5.94 26.25 43.35
C ALA E 89 -6.37 24.93 44.02
N ARG E 90 -5.64 24.48 45.04
CA ARG E 90 -6.01 23.23 45.68
C ARG E 90 -5.91 23.18 47.20
N PHE E 91 -6.56 22.17 47.78
CA PHE E 91 -6.57 21.91 49.21
C PHE E 91 -6.55 20.40 49.44
N ILE E 92 -5.76 19.94 50.40
CA ILE E 92 -5.69 18.51 50.74
C ILE E 92 -6.66 18.32 51.91
N CYS E 93 -7.71 17.52 51.73
CA CYS E 93 -8.71 17.33 52.78
C CYS E 93 -8.74 16.00 53.51
N ASP E 94 -8.82 16.04 54.83
CA ASP E 94 -8.90 14.84 55.65
C ASP E 94 -10.35 14.40 55.60
N ILE E 95 -10.61 13.13 55.36
CA ILE E 95 -11.99 12.68 55.29
C ILE E 95 -12.59 12.57 56.70
N TYR E 96 -13.87 12.90 56.83
CA TYR E 96 -14.54 12.83 58.11
C TYR E 96 -15.90 12.19 58.01
N ASN E 97 -16.29 11.47 59.05
CA ASN E 97 -17.58 10.81 59.10
C ASN E 97 -18.63 11.88 59.33
N PRO E 98 -19.91 11.54 59.13
CA PRO E 98 -20.95 12.55 59.37
C PRO E 98 -20.93 13.06 60.82
N ASP E 99 -20.28 12.33 61.72
CA ASP E 99 -20.23 12.76 63.10
C ASP E 99 -18.96 13.52 63.48
N GLY E 100 -18.56 14.46 62.64
CA GLY E 100 -17.37 15.26 62.92
C GLY E 100 -16.12 14.53 63.37
N THR E 101 -16.11 13.21 63.23
CA THR E 101 -14.93 12.44 63.61
C THR E 101 -14.12 11.97 62.40
N PRO E 102 -12.79 11.95 62.52
CA PRO E 102 -11.91 11.52 61.43
C PRO E 102 -12.22 10.10 60.96
N PHE E 103 -12.54 9.97 59.68
CA PHE E 103 -12.84 8.66 59.09
C PHE E 103 -11.68 7.73 59.30
N GLU E 104 -11.90 6.68 60.08
CA GLU E 104 -10.85 5.69 60.37
C GLU E 104 -10.28 4.99 59.13
N GLY E 105 -10.94 5.12 57.98
CA GLY E 105 -10.46 4.47 56.77
C GLY E 105 -9.71 5.41 55.84
N ASP E 106 -9.42 6.61 56.33
CA ASP E 106 -8.70 7.61 55.57
C ASP E 106 -7.20 7.37 55.74
N PRO E 107 -6.49 7.25 54.62
CA PRO E 107 -5.05 7.01 54.65
C PRO E 107 -4.21 8.14 55.24
N ARG E 108 -4.69 9.38 55.15
CA ARG E 108 -3.94 10.53 55.68
C ARG E 108 -4.21 10.71 57.19
N ASN E 109 -5.32 10.18 57.68
CA ASN E 109 -5.63 10.28 59.09
C ASN E 109 -4.86 9.20 59.83
N ASN E 110 -4.81 8.02 59.22
CA ASN E 110 -4.10 6.90 59.81
C ASN E 110 -2.65 7.27 60.15
N LEU E 111 -2.12 8.27 59.47
CA LEU E 111 -0.75 8.72 59.67
C LEU E 111 -0.68 9.73 60.80
N LYS E 112 -1.63 10.66 60.85
CA LYS E 112 -1.67 11.67 61.90
C LYS E 112 -1.96 10.95 63.22
N ARG E 113 -2.40 9.70 63.07
CA ARG E 113 -2.72 8.82 64.19
C ARG E 113 -1.41 8.24 64.70
N ILE E 114 -0.72 7.47 63.88
CA ILE E 114 0.54 6.89 64.30
C ILE E 114 1.46 8.02 64.73
N LEU E 115 1.33 9.17 64.07
CA LEU E 115 2.13 10.35 64.40
C LEU E 115 1.80 10.81 65.80
N LYS E 116 0.55 10.62 66.19
CA LYS E 116 0.16 10.98 67.53
C LYS E 116 0.77 9.90 68.41
N GLU E 117 0.80 8.66 67.91
CA GLU E 117 1.39 7.54 68.65
C GLU E 117 2.88 7.80 68.90
N MET E 118 3.50 8.51 67.97
CA MET E 118 4.91 8.86 68.10
C MET E 118 5.07 9.77 69.30
N GLU E 119 4.37 10.90 69.28
CA GLU E 119 4.42 11.89 70.36
C GLU E 119 4.20 11.30 71.75
N ASP E 120 3.31 10.31 71.85
CA ASP E 120 3.07 9.71 73.15
C ASP E 120 4.37 9.13 73.68
N LEU E 121 5.33 8.85 72.79
CA LEU E 121 6.62 8.32 73.21
C LEU E 121 7.63 9.47 73.40
N GLY E 122 7.13 10.69 73.41
CA GLY E 122 8.01 11.85 73.59
C GLY E 122 8.89 12.20 72.41
N PHE E 123 8.29 12.42 71.24
CA PHE E 123 9.03 12.76 70.03
C PHE E 123 8.38 13.95 69.32
N SER E 124 9.21 14.90 68.88
CA SER E 124 8.75 16.12 68.20
C SER E 124 8.20 15.92 66.80
N ASP E 125 8.78 15.01 66.04
CA ASP E 125 8.32 14.76 64.69
C ASP E 125 9.01 13.59 64.00
N PHE E 126 8.69 13.40 62.74
CA PHE E 126 9.24 12.32 61.96
C PHE E 126 9.44 12.88 60.57
N ASN E 127 10.68 13.23 60.25
CA ASN E 127 11.00 13.80 58.94
C ASN E 127 11.28 12.75 57.85
N LEU E 128 10.88 13.05 56.63
CA LEU E 128 11.08 12.12 55.52
C LEU E 128 11.86 12.74 54.38
N GLY E 129 12.82 11.99 53.85
CA GLY E 129 13.59 12.48 52.73
C GLY E 129 13.33 11.44 51.66
N PRO E 130 12.42 11.70 50.70
CA PRO E 130 12.13 10.73 49.64
C PRO E 130 12.97 10.94 48.40
N GLU E 131 13.40 9.83 47.81
CA GLU E 131 14.20 9.84 46.58
C GLU E 131 13.39 9.08 45.52
N PRO E 132 12.34 9.73 44.97
CA PRO E 132 11.48 9.13 43.95
C PRO E 132 12.12 9.21 42.56
N GLU E 133 11.96 8.13 41.78
CA GLU E 133 12.51 8.04 40.43
C GLU E 133 11.40 7.63 39.48
N PHE E 134 11.52 8.00 38.20
CA PHE E 134 10.52 7.65 37.22
C PHE E 134 11.11 7.59 35.81
N PHE E 135 10.31 7.08 34.88
CA PHE E 135 10.71 6.95 33.49
C PHE E 135 9.87 7.90 32.68
N LEU E 136 10.33 8.23 31.50
CA LEU E 136 9.61 9.11 30.62
C LEU E 136 9.54 8.52 29.21
N PHE E 137 8.42 7.86 28.92
CA PHE E 137 8.22 7.24 27.61
C PHE E 137 7.57 8.23 26.64
N LYS E 138 7.96 8.13 25.36
CA LYS E 138 7.41 9.01 24.34
C LYS E 138 5.98 8.67 24.02
N LEU E 139 5.23 9.69 23.65
CA LEU E 139 3.85 9.54 23.27
C LEU E 139 3.84 9.35 21.77
N ASP E 140 2.95 8.49 21.30
CA ASP E 140 2.82 8.22 19.86
C ASP E 140 2.06 9.37 19.19
N GLU E 141 1.60 9.11 17.97
CA GLU E 141 0.86 10.09 17.20
C GLU E 141 -0.50 10.30 17.85
N LYS E 142 -1.23 9.21 18.03
CA LYS E 142 -2.55 9.27 18.65
C LYS E 142 -2.44 9.99 20.00
N GLY E 143 -1.97 9.28 21.02
CA GLY E 143 -1.83 9.91 22.32
C GLY E 143 -1.37 8.90 23.34
N GLU E 144 -1.54 7.63 22.99
CA GLU E 144 -1.16 6.54 23.86
C GLU E 144 0.35 6.40 23.97
N PRO E 145 0.84 6.09 25.18
CA PRO E 145 2.29 5.94 25.35
C PRO E 145 2.83 4.69 24.65
N THR E 146 4.15 4.59 24.61
CA THR E 146 4.82 3.46 23.97
C THR E 146 6.16 3.28 24.67
N LEU E 147 6.73 2.08 24.58
CA LEU E 147 8.00 1.80 25.22
C LEU E 147 9.16 2.60 24.61
N GLU E 148 8.85 3.80 24.14
CA GLU E 148 9.86 4.69 23.54
C GLU E 148 10.48 5.59 24.62
N LEU E 149 11.60 5.16 25.18
CA LEU E 149 12.28 5.95 26.19
C LEU E 149 12.62 7.32 25.58
N ASN E 150 12.48 8.38 26.35
CA ASN E 150 12.74 9.75 25.88
C ASN E 150 14.20 10.14 25.66
N ASP E 151 15.15 9.31 26.10
CA ASP E 151 16.57 9.60 25.94
C ASP E 151 17.43 8.38 26.27
N LYS E 152 18.63 8.32 25.72
CA LYS E 152 19.52 7.18 25.98
C LYS E 152 20.54 7.43 27.10
N GLY E 153 20.23 8.39 27.95
CA GLY E 153 21.15 8.73 29.03
C GLY E 153 21.52 7.63 30.00
N GLY E 154 22.59 7.88 30.74
CA GLY E 154 23.05 6.92 31.72
C GLY E 154 23.15 7.56 33.10
N TYR E 155 23.42 6.73 34.11
CA TYR E 155 23.53 7.20 35.48
C TYR E 155 24.27 8.52 35.62
N PHE E 156 23.64 9.47 36.31
CA PHE E 156 24.20 10.79 36.54
C PHE E 156 24.67 11.56 35.32
N ASP E 157 24.47 11.00 34.14
CA ASP E 157 24.87 11.67 32.90
C ASP E 157 24.17 13.02 32.78
N LEU E 158 24.48 13.74 31.71
CA LEU E 158 23.88 15.03 31.46
C LEU E 158 22.86 14.85 30.34
N ALA E 159 21.66 14.44 30.74
CA ALA E 159 20.53 14.20 29.83
C ALA E 159 20.38 15.39 28.89
N PRO E 160 19.59 15.24 27.81
CA PRO E 160 19.39 16.32 26.84
C PRO E 160 19.80 17.70 27.36
N THR E 161 20.69 18.37 26.62
CA THR E 161 21.15 19.68 27.03
C THR E 161 20.04 20.71 27.03
N ASP E 162 20.22 21.73 27.85
CA ASP E 162 19.27 22.82 28.02
C ASP E 162 18.49 23.21 26.77
N LEU E 163 19.09 23.06 25.59
CA LEU E 163 18.42 23.42 24.34
C LEU E 163 17.62 22.26 23.74
N GLY E 164 16.43 22.03 24.30
CA GLY E 164 15.58 20.96 23.84
C GLY E 164 14.56 20.55 24.90
N GLU E 165 14.25 19.25 24.92
CA GLU E 165 13.30 18.68 25.88
C GLU E 165 13.64 18.99 27.33
N ASN E 166 14.45 18.14 27.92
CA ASN E 166 14.87 18.24 29.30
C ASN E 166 13.65 18.55 30.15
N CYS E 167 12.80 17.53 30.27
CA CYS E 167 11.58 17.60 31.05
C CYS E 167 11.96 17.61 32.52
N ARG E 168 13.08 16.98 32.85
CA ARG E 168 13.55 16.96 34.23
C ARG E 168 13.71 18.40 34.66
N ARG E 169 14.78 19.03 34.17
CA ARG E 169 15.09 20.43 34.50
C ARG E 169 13.85 21.31 34.63
N ASP E 170 12.77 20.98 33.91
CA ASP E 170 11.56 21.79 33.98
C ASP E 170 10.69 21.43 35.17
N ILE E 171 10.47 20.14 35.42
CA ILE E 171 9.64 19.72 36.55
C ILE E 171 10.23 20.41 37.79
N VAL E 172 11.55 20.43 37.87
CA VAL E 172 12.23 21.06 38.98
C VAL E 172 11.95 22.57 39.02
N LEU E 173 12.25 23.28 37.94
CA LEU E 173 11.98 24.72 37.92
C LEU E 173 10.57 24.95 38.45
N GLU E 174 9.60 24.18 37.95
CA GLU E 174 8.21 24.29 38.39
C GLU E 174 8.04 23.97 39.87
N LEU E 175 8.42 22.75 40.27
CA LEU E 175 8.31 22.32 41.67
C LEU E 175 8.90 23.38 42.61
N GLU E 176 9.96 24.06 42.16
CA GLU E 176 10.61 25.09 42.95
C GLU E 176 9.76 26.35 43.04
N GLU E 177 9.49 26.96 41.90
CA GLU E 177 8.69 28.17 41.88
C GLU E 177 7.31 27.89 42.45
N MET E 178 6.90 26.62 42.44
CA MET E 178 5.58 26.27 42.95
C MET E 178 5.58 26.25 44.48
N GLY E 179 6.70 25.83 45.07
CA GLY E 179 6.81 25.80 46.51
C GLY E 179 7.63 24.65 47.06
N PHE E 180 8.31 23.89 46.20
CA PHE E 180 9.10 22.77 46.67
C PHE E 180 10.53 23.12 47.09
N GLU E 181 11.11 22.25 47.92
CA GLU E 181 12.47 22.39 48.41
C GLU E 181 13.21 21.12 47.99
N ILE E 182 13.68 21.11 46.75
CA ILE E 182 14.39 19.99 46.19
C ILE E 182 15.88 20.13 46.41
N GLU E 183 16.55 19.07 46.82
CA GLU E 183 17.98 19.17 47.04
C GLU E 183 18.71 19.18 45.71
N ALA E 184 18.39 18.23 44.85
CA ALA E 184 19.01 18.13 43.53
C ALA E 184 18.35 17.05 42.68
N SER E 185 18.87 16.86 41.48
CA SER E 185 18.34 15.87 40.55
C SER E 185 19.43 15.41 39.58
N HIS E 186 19.22 14.24 38.97
CA HIS E 186 20.19 13.69 38.02
C HIS E 186 19.56 12.56 37.20
N HIS E 187 20.28 12.11 36.18
CA HIS E 187 19.78 11.03 35.34
C HIS E 187 20.04 9.71 36.06
N GLU E 188 19.09 8.79 36.01
CA GLU E 188 19.25 7.51 36.68
C GLU E 188 19.88 6.44 35.80
N VAL E 189 20.32 5.35 36.41
CA VAL E 189 20.99 4.26 35.71
C VAL E 189 20.33 3.82 34.41
N ALA E 190 19.02 3.67 34.40
CA ALA E 190 18.33 3.24 33.19
C ALA E 190 18.08 4.38 32.24
N PRO E 191 18.12 4.10 30.93
CA PRO E 191 17.87 5.18 29.97
C PRO E 191 16.46 5.72 30.13
N GLY E 192 16.33 7.03 30.08
CA GLY E 192 15.03 7.64 30.23
C GLY E 192 14.53 7.63 31.66
N GLN E 193 15.40 7.29 32.60
CA GLN E 193 15.05 7.26 34.03
C GLN E 193 15.57 8.54 34.72
N HIS E 194 14.84 9.02 35.73
CA HIS E 194 15.25 10.22 36.44
C HIS E 194 14.87 10.21 37.92
N GLU E 195 15.63 10.95 38.72
CA GLU E 195 15.37 11.03 40.16
C GLU E 195 15.36 12.50 40.54
N ILE E 196 14.56 12.82 41.55
CA ILE E 196 14.45 14.19 42.01
C ILE E 196 14.38 14.08 43.52
N ASP E 197 15.44 14.53 44.19
CA ASP E 197 15.49 14.46 45.63
C ASP E 197 15.03 15.70 46.37
N PHE E 198 14.01 15.50 47.21
CA PHE E 198 13.42 16.58 48.02
C PHE E 198 14.16 16.67 49.35
N LYS E 199 14.02 17.84 49.99
CA LYS E 199 14.64 18.06 51.28
C LYS E 199 13.81 17.19 52.21
N TYR E 200 13.76 17.54 53.48
CA TYR E 200 12.97 16.75 54.41
C TYR E 200 11.79 17.55 54.95
N ALA E 201 11.02 16.93 55.83
CA ALA E 201 9.85 17.55 56.45
C ALA E 201 9.00 16.52 57.18
N GLY E 202 7.98 17.00 57.89
CA GLY E 202 7.09 16.12 58.64
C GLY E 202 6.43 15.06 57.78
N ALA E 203 6.40 13.84 58.30
CA ALA E 203 5.81 12.69 57.60
C ALA E 203 4.58 13.09 56.82
N VAL E 204 3.54 13.47 57.54
CA VAL E 204 2.30 13.86 56.92
C VAL E 204 2.49 14.91 55.83
N ARG E 205 3.48 15.81 55.97
CA ARG E 205 3.70 16.82 54.94
C ARG E 205 4.49 16.26 53.76
N SER E 206 5.40 15.32 54.02
CA SER E 206 6.17 14.71 52.95
C SER E 206 5.22 13.91 52.06
N CYS E 207 4.41 13.04 52.68
CA CYS E 207 3.46 12.26 51.92
C CYS E 207 2.62 13.20 51.07
N ASP E 208 2.43 14.43 51.57
CA ASP E 208 1.65 15.45 50.88
C ASP E 208 2.35 15.90 49.59
N ASP E 209 3.67 16.09 49.68
CA ASP E 209 4.45 16.51 48.51
C ASP E 209 4.70 15.35 47.54
N ILE E 210 4.84 14.12 48.06
CA ILE E 210 5.03 12.97 47.18
C ILE E 210 3.86 13.01 46.22
N GLN E 211 2.64 13.12 46.74
CA GLN E 211 1.44 13.17 45.91
C GLN E 211 1.54 14.32 44.91
N THR E 212 1.67 15.53 45.42
CA THR E 212 1.77 16.69 44.55
C THR E 212 2.84 16.51 43.46
N PHE E 213 3.96 15.90 43.84
CA PHE E 213 5.06 15.64 42.92
C PHE E 213 4.58 14.79 41.74
N LYS E 214 4.26 13.53 42.04
CA LYS E 214 3.75 12.61 41.03
C LYS E 214 2.77 13.31 40.11
N LEU E 215 1.95 14.20 40.70
CA LEU E 215 0.96 14.94 39.92
C LEU E 215 1.64 15.98 39.02
N VAL E 216 2.43 16.87 39.60
CA VAL E 216 3.14 17.87 38.82
C VAL E 216 3.95 17.23 37.70
N VAL E 217 4.67 16.16 38.05
CA VAL E 217 5.51 15.45 37.08
C VAL E 217 4.70 15.05 35.84
N LYS E 218 3.69 14.23 36.07
CA LYS E 218 2.84 13.73 35.01
C LYS E 218 2.32 14.87 34.16
N THR E 219 1.87 15.95 34.78
CA THR E 219 1.36 17.09 34.04
C THR E 219 2.38 17.64 33.06
N ILE E 220 3.52 18.10 33.57
CA ILE E 220 4.57 18.65 32.71
C ILE E 220 4.96 17.65 31.64
N ALA E 221 5.25 16.43 32.07
CA ALA E 221 5.62 15.36 31.17
C ALA E 221 4.69 15.35 29.95
N ARG E 222 3.38 15.33 30.20
CA ARG E 222 2.41 15.33 29.11
C ARG E 222 2.72 16.48 28.17
N LYS E 223 2.94 17.66 28.73
CA LYS E 223 3.25 18.86 27.93
C LYS E 223 4.60 18.76 27.25
N HIS E 224 5.03 17.55 26.97
CA HIS E 224 6.30 17.30 26.30
C HIS E 224 6.14 15.99 25.51
N GLY E 225 4.90 15.67 25.17
CA GLY E 225 4.62 14.46 24.42
C GLY E 225 5.19 13.24 25.09
N LEU E 226 5.18 13.26 26.42
CA LEU E 226 5.72 12.13 27.17
C LEU E 226 4.73 11.58 28.18
N HIS E 227 5.02 10.37 28.61
CA HIS E 227 4.24 9.64 29.59
C HIS E 227 5.15 9.33 30.75
N ALA E 228 4.74 9.73 31.95
CA ALA E 228 5.51 9.50 33.16
C ALA E 228 4.87 8.35 33.91
N THR E 229 5.68 7.39 34.31
CA THR E 229 5.20 6.22 35.02
C THR E 229 6.09 5.84 36.20
N PHE E 230 5.52 5.93 37.40
CA PHE E 230 6.24 5.58 38.61
C PHE E 230 6.16 4.07 38.86
N MET E 231 5.79 3.33 37.82
CA MET E 231 5.68 1.86 37.86
C MET E 231 7.04 1.27 38.23
N PRO E 232 7.07 0.33 39.18
CA PRO E 232 8.33 -0.27 39.59
C PRO E 232 9.21 -0.83 38.46
N LYS E 233 8.76 -1.88 37.78
CA LYS E 233 9.57 -2.51 36.71
C LYS E 233 8.92 -2.47 35.33
N PRO E 234 8.95 -1.29 34.69
CA PRO E 234 8.39 -1.03 33.37
C PRO E 234 8.83 -2.06 32.33
N LEU E 235 10.14 -2.14 32.14
CA LEU E 235 10.71 -3.05 31.17
C LEU E 235 11.57 -4.14 31.82
N PHE E 236 11.45 -5.36 31.31
CA PHE E 236 12.24 -6.46 31.85
C PHE E 236 13.69 -6.28 31.45
N GLY E 237 14.59 -6.64 32.34
CA GLY E 237 15.99 -6.52 32.03
C GLY E 237 16.53 -5.10 32.03
N VAL E 238 15.82 -4.19 32.69
CA VAL E 238 16.29 -2.80 32.78
C VAL E 238 16.14 -2.35 34.22
N ASN E 239 16.93 -1.37 34.64
CA ASN E 239 16.88 -0.88 36.02
C ASN E 239 15.47 -0.49 36.43
N GLY E 240 15.13 -0.77 37.68
CA GLY E 240 13.81 -0.42 38.17
C GLY E 240 13.86 0.84 39.00
N SER E 241 12.75 1.57 39.03
CA SER E 241 12.69 2.79 39.80
C SER E 241 12.27 2.44 41.23
N GLY E 242 12.84 3.17 42.18
CA GLY E 242 12.52 2.95 43.58
C GLY E 242 12.28 4.29 44.25
N MET E 243 12.13 4.30 45.57
CA MET E 243 11.89 5.53 46.33
C MET E 243 12.39 5.40 47.77
N HIS E 244 13.71 5.44 47.92
CA HIS E 244 14.34 5.33 49.23
C HIS E 244 13.71 6.36 50.15
N CYS E 245 13.55 5.98 51.41
CA CYS E 245 12.96 6.89 52.37
C CYS E 245 13.93 7.21 53.51
N ASN E 246 14.41 8.45 53.51
CA ASN E 246 15.33 8.91 54.55
C ASN E 246 14.52 9.19 55.82
N LEU E 247 14.73 8.37 56.85
CA LEU E 247 14.01 8.50 58.13
C LEU E 247 14.86 9.16 59.21
N SER E 248 14.21 9.77 60.19
CA SER E 248 14.92 10.42 61.29
C SER E 248 13.95 10.91 62.36
N LEU E 249 14.07 10.33 63.56
CA LEU E 249 13.21 10.68 64.69
C LEU E 249 13.72 11.87 65.49
N PHE E 250 12.92 12.90 65.62
CA PHE E 250 13.33 14.06 66.38
C PHE E 250 12.60 14.10 67.71
N LYS E 251 13.32 14.54 68.73
CA LYS E 251 12.79 14.63 70.10
C LYS E 251 13.26 15.95 70.69
N ASN E 252 12.34 16.68 71.33
CA ASN E 252 12.69 17.96 71.91
C ASN E 252 13.41 18.80 70.84
N GLY E 253 13.07 18.57 69.57
CA GLY E 253 13.68 19.32 68.48
C GLY E 253 15.08 18.88 68.05
N VAL E 254 15.60 17.80 68.62
CA VAL E 254 16.92 17.31 68.27
C VAL E 254 16.85 15.88 67.76
N ASN E 255 17.66 15.58 66.75
CA ASN E 255 17.69 14.25 66.17
C ASN E 255 17.93 13.17 67.22
N ALA E 256 16.98 12.26 67.36
CA ALA E 256 17.09 11.19 68.33
C ALA E 256 17.83 9.97 67.81
N PHE E 257 18.50 10.11 66.69
CA PHE E 257 19.26 8.99 66.14
C PHE E 257 20.76 9.27 66.17
N PHE E 258 21.13 10.49 66.55
CA PHE E 258 22.53 10.89 66.61
C PHE E 258 23.13 10.75 68.00
N ASP E 259 24.45 10.60 68.04
CA ASP E 259 25.20 10.44 69.27
C ASP E 259 26.66 10.78 68.99
N GLU E 260 27.03 12.05 69.22
CA GLU E 260 28.39 12.53 68.98
C GLU E 260 29.33 12.01 70.09
N ASN E 261 29.25 10.70 70.31
CA ASN E 261 30.05 10.03 71.33
C ASN E 261 30.02 8.50 71.12
N ALA E 262 28.83 7.97 70.84
CA ALA E 262 28.66 6.55 70.60
C ALA E 262 29.22 6.21 69.22
N ASP E 263 29.70 4.98 69.06
CA ASP E 263 30.27 4.53 67.78
C ASP E 263 29.32 4.75 66.61
N LEU E 264 29.89 5.01 65.43
CA LEU E 264 29.08 5.28 64.24
C LEU E 264 28.21 6.49 64.57
N GLN E 265 28.41 7.02 65.77
CA GLN E 265 27.68 8.17 66.30
C GLN E 265 26.19 7.90 66.28
N LEU E 266 25.81 6.62 66.38
CA LEU E 266 24.40 6.28 66.37
C LEU E 266 23.85 6.12 67.77
N SER E 267 22.97 7.03 68.16
CA SER E 267 22.36 6.99 69.49
C SER E 267 21.79 5.59 69.68
N GLU E 268 21.32 5.32 70.89
CA GLU E 268 20.72 4.03 71.18
C GLU E 268 19.33 3.97 70.59
N THR E 269 18.77 5.15 70.32
CA THR E 269 17.44 5.27 69.74
C THR E 269 17.51 4.78 68.30
N ALA E 270 18.65 5.06 67.66
CA ALA E 270 18.87 4.67 66.27
C ALA E 270 18.86 3.15 66.17
N LYS E 271 19.95 2.54 66.61
CA LYS E 271 20.05 1.09 66.55
C LYS E 271 18.70 0.47 66.82
N HIS E 272 18.12 0.79 67.98
CA HIS E 272 16.81 0.25 68.31
C HIS E 272 15.89 0.36 67.12
N PHE E 273 15.57 1.60 66.75
CA PHE E 273 14.70 1.91 65.63
C PHE E 273 15.06 1.04 64.42
N ILE E 274 16.36 0.89 64.20
CA ILE E 274 16.89 0.10 63.09
C ILE E 274 16.41 -1.33 63.15
N ALA E 275 16.75 -1.99 64.25
CA ALA E 275 16.37 -3.38 64.45
C ALA E 275 14.87 -3.53 64.24
N GLY E 276 14.12 -2.53 64.67
CA GLY E 276 12.67 -2.58 64.56
C GLY E 276 12.14 -2.86 63.16
N ILE E 277 12.61 -2.05 62.20
CA ILE E 277 12.20 -2.20 60.83
C ILE E 277 12.59 -3.60 60.34
N VAL E 278 13.87 -3.95 60.50
CA VAL E 278 14.37 -5.26 60.11
C VAL E 278 13.36 -6.33 60.49
N LYS E 279 13.00 -6.35 61.77
CA LYS E 279 12.05 -7.31 62.32
C LYS E 279 10.76 -7.35 61.51
N HIS E 280 10.27 -6.19 61.11
CA HIS E 280 9.01 -6.10 60.37
C HIS E 280 9.12 -5.84 58.88
N ALA E 281 10.35 -5.82 58.37
CA ALA E 281 10.56 -5.54 56.96
C ALA E 281 9.87 -6.57 56.07
N THR E 282 10.31 -7.82 56.19
CA THR E 282 9.77 -8.90 55.40
C THR E 282 8.25 -8.89 55.43
N SER E 283 7.69 -8.18 56.40
CA SER E 283 6.25 -8.09 56.54
C SER E 283 5.60 -6.81 55.96
N PHE E 284 6.13 -5.63 56.27
CA PHE E 284 5.53 -4.43 55.74
C PHE E 284 5.80 -4.19 54.24
N THR E 285 6.49 -5.15 53.62
CA THR E 285 6.82 -5.03 52.19
C THR E 285 5.56 -4.99 51.34
N ALA E 286 4.57 -5.79 51.74
CA ALA E 286 3.31 -5.84 51.03
C ALA E 286 2.65 -4.48 51.02
N VAL E 287 3.17 -3.55 51.82
CA VAL E 287 2.63 -2.21 51.86
C VAL E 287 3.60 -1.33 51.08
N THR E 288 4.87 -1.34 51.46
CA THR E 288 5.86 -0.52 50.76
C THR E 288 6.04 -0.90 49.29
N ASN E 289 5.63 -2.11 48.92
CA ASN E 289 5.75 -2.56 47.53
C ASN E 289 4.45 -3.28 47.13
N PRO E 290 3.35 -2.52 47.05
CA PRO E 290 2.01 -3.00 46.69
C PRO E 290 1.83 -3.81 45.42
N THR E 291 1.87 -3.15 44.27
CA THR E 291 1.69 -3.78 42.96
C THR E 291 2.40 -5.11 42.70
N VAL E 292 1.89 -5.88 41.74
CA VAL E 292 2.50 -7.16 41.38
C VAL E 292 3.90 -6.95 40.83
N ASN E 293 4.06 -5.88 40.06
CA ASN E 293 5.32 -5.50 39.44
C ASN E 293 6.38 -5.22 40.49
N SER E 294 5.97 -4.63 41.62
CA SER E 294 6.93 -4.29 42.67
C SER E 294 8.03 -5.34 42.92
N TYR E 295 7.63 -6.60 43.08
CA TYR E 295 8.57 -7.69 43.34
C TYR E 295 9.41 -8.14 42.16
N LYS E 296 9.10 -7.63 40.97
CA LYS E 296 9.88 -7.96 39.77
C LYS E 296 11.10 -7.08 39.89
N ARG E 297 11.10 -6.24 40.93
CA ARG E 297 12.22 -5.34 41.21
C ARG E 297 12.97 -5.82 42.44
N LEU E 298 12.53 -6.94 43.01
CA LEU E 298 13.17 -7.51 44.20
C LEU E 298 13.79 -8.86 43.85
N VAL E 299 14.61 -8.83 42.80
CA VAL E 299 15.32 -10.00 42.30
C VAL E 299 16.80 -9.68 42.52
N PRO E 305 17.16 -3.92 47.36
CA PRO E 305 17.53 -4.74 48.53
C PRO E 305 17.11 -6.21 48.46
N CYS E 306 17.53 -6.92 47.42
CA CYS E 306 17.18 -8.33 47.28
C CYS E 306 17.46 -9.15 48.55
N TYR E 307 18.19 -8.54 49.49
CA TYR E 307 18.52 -9.19 50.75
C TYR E 307 18.16 -8.31 51.95
N VAL E 308 17.80 -8.94 53.07
CA VAL E 308 17.43 -8.22 54.28
C VAL E 308 18.66 -7.98 55.16
N ALA E 309 19.29 -6.82 55.00
CA ALA E 309 20.47 -6.50 55.79
C ALA E 309 20.75 -4.99 55.81
N TRP E 310 21.57 -4.55 56.77
CA TRP E 310 21.92 -3.14 56.88
C TRP E 310 23.41 -2.95 57.24
N SER E 311 23.93 -1.78 56.89
CA SER E 311 25.32 -1.42 57.17
C SER E 311 25.58 -0.03 56.64
N ALA E 312 26.78 0.49 56.90
CA ALA E 312 27.17 1.81 56.44
C ALA E 312 27.04 1.94 54.92
N GLN E 313 27.28 0.84 54.20
CA GLN E 313 27.18 0.82 52.74
C GLN E 313 27.46 -0.59 52.19
N ASN E 314 26.65 -1.00 51.21
CA ASN E 314 26.81 -2.32 50.59
C ASN E 314 26.07 -2.34 49.25
N ARG E 315 26.19 -3.45 48.52
CA ARG E 315 25.56 -3.60 47.21
C ARG E 315 24.03 -3.39 47.20
N SER E 316 23.27 -4.35 47.73
CA SER E 316 21.81 -4.24 47.76
C SER E 316 21.25 -4.36 49.18
N PRO E 317 21.61 -3.40 50.07
CA PRO E 317 21.14 -3.41 51.45
C PRO E 317 19.73 -2.86 51.65
N LEU E 318 18.95 -3.56 52.47
CA LEU E 318 17.60 -3.14 52.77
C LEU E 318 17.65 -1.77 53.44
N ILE E 319 18.66 -1.56 54.29
CA ILE E 319 18.82 -0.30 55.00
C ILE E 319 20.22 0.27 54.80
N ARG E 320 20.40 1.54 55.12
CA ARG E 320 21.70 2.16 55.02
C ARG E 320 21.75 3.55 55.62
N ILE E 321 22.65 3.74 56.59
CA ILE E 321 22.82 5.03 57.26
C ILE E 321 23.83 5.86 56.48
N PRO E 322 23.36 6.96 55.84
CA PRO E 322 24.23 7.85 55.04
C PRO E 322 25.32 8.56 55.85
N ALA E 323 26.39 8.95 55.16
CA ALA E 323 27.52 9.64 55.79
C ALA E 323 27.05 10.69 56.81
N SER E 324 26.40 11.73 56.29
CA SER E 324 25.88 12.84 57.08
C SER E 324 25.68 12.54 58.56
N ARG E 325 26.18 13.44 59.40
CA ARG E 325 26.07 13.30 60.84
C ARG E 325 25.40 14.52 61.45
N GLY E 326 25.31 14.54 62.77
CA GLY E 326 24.69 15.65 63.46
C GLY E 326 23.19 15.61 63.25
N ILE E 327 22.64 16.62 62.59
CA ILE E 327 21.20 16.66 62.33
C ILE E 327 20.85 15.59 61.32
N SER E 328 21.51 15.66 60.16
CA SER E 328 21.28 14.73 59.06
C SER E 328 21.60 13.28 59.39
N THR E 329 21.37 12.88 60.63
CA THR E 329 21.62 11.51 61.05
C THR E 329 20.34 10.70 60.76
N ARG E 330 20.26 10.17 59.55
CA ARG E 330 19.09 9.43 59.11
C ARG E 330 19.32 7.96 58.79
N VAL E 331 18.23 7.27 58.48
CA VAL E 331 18.23 5.86 58.15
C VAL E 331 17.52 5.67 56.82
N GLU E 332 18.21 5.13 55.83
CA GLU E 332 17.61 4.94 54.52
C GLU E 332 17.04 3.54 54.35
N VAL E 333 15.77 3.49 53.96
CA VAL E 333 15.08 2.23 53.70
C VAL E 333 14.97 2.12 52.19
N ARG E 334 15.92 1.42 51.58
CA ARG E 334 16.00 1.27 50.12
C ARG E 334 15.05 0.30 49.41
N SER E 335 14.07 -0.25 50.10
CA SER E 335 13.15 -1.21 49.48
C SER E 335 11.88 -0.61 48.91
N VAL E 336 11.41 0.47 49.53
CA VAL E 336 10.18 1.11 49.09
C VAL E 336 10.24 1.64 47.66
N ASP E 337 9.13 1.55 46.94
CA ASP E 337 9.08 2.05 45.56
C ASP E 337 8.04 3.20 45.45
N PRO E 338 8.04 3.91 44.32
CA PRO E 338 7.14 5.04 44.06
C PRO E 338 5.67 4.65 43.92
N ALA E 339 5.41 3.36 43.77
CA ALA E 339 4.04 2.90 43.61
C ALA E 339 3.32 2.87 44.96
N ALA E 340 4.09 2.72 46.03
CA ALA E 340 3.54 2.67 47.38
C ALA E 340 2.78 3.93 47.78
N ASN E 341 1.82 3.76 48.69
CA ASN E 341 1.05 4.87 49.18
C ASN E 341 1.94 5.49 50.27
N PRO E 342 2.33 6.76 50.13
CA PRO E 342 3.19 7.44 51.12
C PRO E 342 2.60 7.52 52.52
N TYR E 343 1.28 7.62 52.62
CA TYR E 343 0.68 7.69 53.93
C TYR E 343 0.67 6.31 54.62
N LEU E 344 0.77 5.22 53.85
CA LEU E 344 0.80 3.85 54.40
C LEU E 344 2.23 3.34 54.50
N ALA E 345 3.08 3.83 53.58
CA ALA E 345 4.48 3.45 53.57
C ALA E 345 5.10 3.94 54.85
N LEU E 346 4.73 5.16 55.25
CA LEU E 346 5.25 5.76 56.47
C LEU E 346 4.57 5.23 57.73
N SER E 347 3.27 5.00 57.63
CA SER E 347 2.49 4.50 58.77
C SER E 347 3.12 3.17 59.19
N VAL E 348 3.21 2.27 58.23
CA VAL E 348 3.78 0.96 58.46
C VAL E 348 5.27 1.05 58.86
N LEU E 349 6.02 1.95 58.22
CA LEU E 349 7.44 2.13 58.50
C LEU E 349 7.66 2.72 59.87
N LEU E 350 6.91 3.76 60.20
CA LEU E 350 7.06 4.40 61.50
C LEU E 350 6.86 3.38 62.63
N ALA E 351 5.71 2.69 62.63
CA ALA E 351 5.42 1.70 63.66
C ALA E 351 6.55 0.66 63.77
N ALA E 352 6.95 0.11 62.63
CA ALA E 352 8.02 -0.90 62.59
C ALA E 352 9.26 -0.43 63.33
N GLY E 353 9.42 0.89 63.44
CA GLY E 353 10.58 1.42 64.14
C GLY E 353 10.25 1.74 65.58
N LEU E 354 8.98 2.05 65.84
CA LEU E 354 8.54 2.36 67.19
C LEU E 354 8.55 1.08 68.02
N ASP E 355 8.01 0.01 67.43
CA ASP E 355 7.95 -1.27 68.11
C ASP E 355 9.34 -1.73 68.54
N GLY E 356 10.37 -1.15 67.96
CA GLY E 356 11.71 -1.52 68.36
C GLY E 356 12.13 -0.65 69.51
N ILE E 357 11.77 0.63 69.42
CA ILE E 357 12.09 1.61 70.43
C ILE E 357 11.26 1.30 71.65
N LYS E 358 9.96 1.17 71.41
CA LYS E 358 9.02 0.87 72.45
C LYS E 358 9.34 -0.45 73.17
N ASN E 359 9.93 -1.40 72.43
CA ASN E 359 10.29 -2.71 72.99
C ASN E 359 11.80 -2.94 73.07
N LYS E 360 12.58 -1.88 72.90
CA LYS E 360 14.03 -2.00 72.97
C LYS E 360 14.55 -3.27 72.31
N LEU E 361 14.97 -3.17 71.05
CA LEU E 361 15.46 -4.33 70.33
C LEU E 361 16.82 -4.03 69.69
N GLU E 362 17.63 -5.06 69.49
CA GLU E 362 18.96 -4.89 68.88
C GLU E 362 19.12 -5.89 67.72
N ALA E 363 19.73 -5.44 66.64
CA ALA E 363 19.95 -6.28 65.46
C ALA E 363 21.40 -6.73 65.38
N PRO E 364 21.68 -7.81 64.60
CA PRO E 364 23.05 -8.33 64.45
C PRO E 364 24.07 -7.27 64.01
N ALA E 365 25.37 -7.58 64.18
CA ALA E 365 26.43 -6.65 63.81
C ALA E 365 26.27 -6.16 62.37
N PRO E 366 26.70 -4.91 62.10
CA PRO E 366 26.58 -4.34 60.75
C PRO E 366 27.14 -5.28 59.66
N ILE E 367 26.34 -5.55 58.62
CA ILE E 367 26.81 -6.42 57.53
C ILE E 367 28.08 -5.83 56.93
N ASP E 368 29.16 -6.58 57.09
CA ASP E 368 30.48 -6.18 56.63
C ASP E 368 30.58 -5.90 55.13
N ARG E 369 30.94 -6.93 54.37
CA ARG E 369 31.07 -6.83 52.93
C ARG E 369 30.74 -8.21 52.36
N ASN E 370 29.58 -8.72 52.79
CA ASN E 370 29.09 -10.03 52.37
C ASN E 370 27.55 -10.14 52.34
N ILE E 371 26.98 -9.99 51.16
CA ILE E 371 25.52 -10.09 50.95
C ILE E 371 25.20 -10.67 49.57
N TYR E 372 25.79 -10.09 48.52
CA TYR E 372 25.58 -10.53 47.12
C TYR E 372 26.27 -11.88 46.85
N VAL E 373 27.55 -11.94 47.18
CA VAL E 373 28.35 -13.15 46.98
C VAL E 373 27.85 -14.32 47.82
N MET E 374 27.66 -14.10 49.12
CA MET E 374 27.20 -15.15 50.01
C MET E 374 25.89 -15.76 49.50
N SER E 375 25.87 -17.09 49.38
CA SER E 375 24.71 -17.83 48.91
C SER E 375 23.48 -17.52 49.77
N LYS E 376 22.34 -18.12 49.44
CA LYS E 376 21.12 -17.91 50.20
C LYS E 376 21.19 -18.58 51.59
N GLU E 377 21.46 -19.87 51.61
CA GLU E 377 21.56 -20.62 52.87
C GLU E 377 22.73 -20.09 53.71
N GLU E 378 23.65 -19.38 53.05
CA GLU E 378 24.79 -18.79 53.74
C GLU E 378 24.28 -17.54 54.44
N ARG E 379 23.26 -16.94 53.85
CA ARG E 379 22.62 -15.76 54.43
C ARG E 379 21.52 -16.23 55.38
N MET E 380 21.30 -17.55 55.38
CA MET E 380 20.31 -18.22 56.23
C MET E 380 20.99 -18.62 57.55
N GLU E 381 22.31 -18.76 57.51
CA GLU E 381 23.11 -19.11 58.68
C GLU E 381 23.48 -17.82 59.40
N ASN E 382 22.78 -16.74 59.07
CA ASN E 382 22.99 -15.43 59.67
C ASN E 382 21.69 -14.63 59.68
N GLY E 383 21.72 -13.47 60.32
CA GLY E 383 20.54 -12.63 60.40
C GLY E 383 20.29 -11.92 59.08
N ILE E 384 20.36 -12.69 58.00
CA ILE E 384 20.15 -12.16 56.65
C ILE E 384 19.10 -13.00 55.90
N VAL E 385 17.82 -12.67 56.13
CA VAL E 385 16.70 -13.34 55.49
C VAL E 385 16.40 -12.69 54.13
N ASP E 386 15.41 -13.19 53.42
CA ASP E 386 15.07 -12.62 52.12
C ASP E 386 13.64 -12.09 52.04
N LEU E 387 13.49 -10.87 51.55
CA LEU E 387 12.18 -10.24 51.42
C LEU E 387 11.29 -11.14 50.58
N PRO E 388 9.95 -11.03 50.76
CA PRO E 388 9.09 -11.90 49.95
C PRO E 388 9.30 -11.62 48.47
N ALA E 389 9.11 -12.64 47.64
CA ALA E 389 9.33 -12.49 46.21
C ALA E 389 8.09 -12.21 45.37
N THR E 390 6.92 -12.46 45.92
CA THR E 390 5.67 -12.21 45.19
C THR E 390 4.69 -11.42 46.09
N LEU E 391 3.84 -10.59 45.50
CA LEU E 391 2.88 -9.82 46.30
C LEU E 391 1.97 -10.76 47.06
N ALA E 392 1.85 -11.99 46.56
CA ALA E 392 1.02 -13.00 47.21
C ALA E 392 1.68 -13.36 48.52
N GLU E 393 2.98 -13.63 48.45
CA GLU E 393 3.77 -14.01 49.60
C GLU E 393 4.00 -12.85 50.57
N ALA E 394 4.02 -11.63 50.05
CA ALA E 394 4.24 -10.47 50.91
C ALA E 394 3.00 -10.22 51.72
N LEU E 395 1.83 -10.46 51.12
CA LEU E 395 0.56 -10.25 51.82
C LEU E 395 0.36 -11.27 52.95
N GLU E 396 0.83 -12.49 52.73
CA GLU E 396 0.67 -13.51 53.75
C GLU E 396 1.42 -13.10 55.01
N GLU E 397 2.61 -12.55 54.82
CA GLU E 397 3.43 -12.09 55.93
C GLU E 397 2.93 -10.77 56.50
N PHE E 398 1.94 -10.18 55.84
CA PHE E 398 1.39 -8.93 56.31
C PHE E 398 0.14 -9.16 57.19
N LYS E 399 -0.63 -10.19 56.83
CA LYS E 399 -1.83 -10.52 57.57
C LYS E 399 -1.47 -11.16 58.90
N SER E 400 -0.31 -11.81 58.96
CA SER E 400 0.09 -12.45 60.21
C SER E 400 0.85 -11.50 61.14
N ASN E 401 1.44 -10.43 60.62
CA ASN E 401 2.18 -9.52 61.49
C ASN E 401 1.19 -8.82 62.39
N GLU E 402 1.62 -8.50 63.60
CA GLU E 402 0.74 -7.85 64.57
C GLU E 402 0.77 -6.33 64.57
N VAL E 403 1.94 -5.74 64.73
CA VAL E 403 2.03 -4.27 64.73
C VAL E 403 1.54 -3.67 63.42
N MET E 404 1.74 -4.39 62.32
CA MET E 404 1.29 -3.95 61.00
C MET E 404 -0.21 -3.78 61.07
N VAL E 405 -0.91 -4.89 61.34
CA VAL E 405 -2.36 -4.85 61.46
C VAL E 405 -2.79 -3.68 62.35
N LYS E 406 -2.06 -3.46 63.45
CA LYS E 406 -2.40 -2.36 64.35
C LYS E 406 -1.94 -1.01 63.78
N ALA E 407 -1.13 -1.07 62.72
CA ALA E 407 -0.61 0.13 62.09
C ALA E 407 -1.59 0.76 61.11
N LEU E 408 -2.51 -0.05 60.61
CA LEU E 408 -3.53 0.42 59.67
C LEU E 408 -4.91 0.31 60.27
N GLY E 409 -5.00 -0.40 61.39
CA GLY E 409 -6.28 -0.57 62.06
C GLY E 409 -7.26 -1.42 61.28
N GLU E 410 -8.55 -1.25 61.56
CA GLU E 410 -9.59 -2.01 60.89
C GLU E 410 -9.65 -1.71 59.39
N HIS E 411 -10.54 -0.80 59.01
CA HIS E 411 -10.77 -0.38 57.63
C HIS E 411 -9.59 -0.59 56.70
N LEU E 412 -8.53 0.18 56.89
CA LEU E 412 -7.37 0.05 56.04
C LEU E 412 -6.94 -1.40 55.84
N PHE E 413 -6.64 -2.11 56.92
CA PHE E 413 -6.24 -3.52 56.82
C PHE E 413 -7.27 -4.33 56.04
N GLU E 414 -8.48 -4.45 56.61
CA GLU E 414 -9.58 -5.20 55.98
C GLU E 414 -9.70 -4.99 54.48
N HIS E 415 -9.81 -3.73 54.08
CA HIS E 415 -9.95 -3.42 52.66
C HIS E 415 -8.67 -3.67 51.88
N PHE E 416 -7.54 -3.16 52.35
CA PHE E 416 -6.26 -3.39 51.67
C PHE E 416 -6.08 -4.87 51.33
N ILE E 417 -5.89 -5.70 52.37
CA ILE E 417 -5.70 -7.12 52.17
C ILE E 417 -6.68 -7.66 51.14
N GLU E 418 -7.94 -7.32 51.29
CA GLU E 418 -8.96 -7.78 50.37
C GLU E 418 -8.67 -7.34 48.95
N ALA E 419 -8.53 -6.03 48.76
CA ALA E 419 -8.21 -5.50 47.45
C ALA E 419 -7.00 -6.23 46.92
N LYS E 420 -5.84 -5.94 47.50
CA LYS E 420 -4.62 -6.57 47.05
C LYS E 420 -4.73 -8.07 46.75
N GLU E 421 -5.65 -8.77 47.42
CA GLU E 421 -5.81 -10.20 47.12
C GLU E 421 -6.30 -10.36 45.69
N ILE E 422 -7.34 -9.60 45.35
CA ILE E 422 -7.90 -9.62 44.00
C ILE E 422 -6.76 -9.39 43.00
N GLU E 423 -6.04 -8.29 43.19
CA GLU E 423 -4.92 -7.93 42.32
C GLU E 423 -4.14 -9.19 42.02
N TRP E 424 -3.75 -9.91 43.08
CA TRP E 424 -2.99 -11.12 42.86
C TRP E 424 -3.81 -12.22 42.16
N ASP E 425 -5.05 -12.46 42.61
CA ASP E 425 -5.85 -13.50 41.96
C ASP E 425 -6.00 -13.22 40.47
N MET E 426 -6.21 -11.96 40.13
CA MET E 426 -6.34 -11.60 38.72
C MET E 426 -5.06 -12.03 37.99
N PHE E 427 -3.93 -11.51 38.46
CA PHE E 427 -2.62 -11.77 37.87
C PHE E 427 -2.23 -13.25 37.80
N ARG E 428 -2.73 -14.08 38.72
CA ARG E 428 -2.36 -15.50 38.69
C ARG E 428 -3.28 -16.33 37.79
N THR E 429 -4.55 -15.97 37.75
CA THR E 429 -5.51 -16.69 36.93
C THR E 429 -5.44 -16.23 35.47
N GLN E 430 -4.48 -15.36 35.19
CA GLN E 430 -4.28 -14.81 33.86
C GLN E 430 -3.29 -15.65 33.05
N VAL E 431 -3.58 -15.84 31.76
CA VAL E 431 -2.69 -16.61 30.90
C VAL E 431 -1.87 -15.60 30.09
N HIS E 432 -0.57 -15.53 30.40
CA HIS E 432 0.35 -14.58 29.75
C HIS E 432 0.98 -15.09 28.46
N PRO E 433 1.42 -14.16 27.60
CA PRO E 433 2.06 -14.48 26.33
C PRO E 433 3.21 -15.44 26.60
N TRP E 434 3.95 -15.12 27.66
CA TRP E 434 5.10 -15.91 28.08
C TRP E 434 4.81 -17.42 28.12
N GLU E 435 3.65 -17.76 28.67
CA GLU E 435 3.26 -19.16 28.77
C GLU E 435 3.25 -19.81 27.42
N ARG E 436 2.46 -19.26 26.51
CA ARG E 436 2.40 -19.83 25.18
C ARG E 436 3.79 -20.01 24.62
N GLU E 437 4.59 -18.94 24.65
CA GLU E 437 5.95 -19.00 24.12
C GLU E 437 6.65 -20.30 24.49
N GLN E 438 6.50 -20.68 25.76
CA GLN E 438 7.10 -21.90 26.30
C GLN E 438 6.31 -23.17 26.02
N TYR E 439 5.36 -23.45 26.91
CA TYR E 439 4.54 -24.65 26.85
C TYR E 439 3.72 -24.95 25.60
N MET E 440 3.22 -23.91 24.93
CA MET E 440 2.37 -24.10 23.73
C MET E 440 2.91 -25.07 22.70
N SER E 441 4.23 -25.09 22.54
CA SER E 441 4.85 -25.97 21.56
C SER E 441 5.58 -27.14 22.17
N GLN E 442 6.37 -26.88 23.20
CA GLN E 442 7.11 -27.95 23.85
C GLN E 442 6.19 -29.01 24.42
N TYR E 443 4.94 -28.63 24.65
CA TYR E 443 3.95 -29.55 25.18
C TYR E 443 2.70 -29.59 24.29
N ALA F 1 42.51 34.10 40.19
CA ALA F 1 41.04 34.27 40.37
C ALA F 1 40.39 34.89 39.12
N LYS F 2 39.06 34.86 39.05
CA LYS F 2 38.32 35.38 37.91
C LYS F 2 36.88 35.61 38.33
N TYR F 3 36.48 34.95 39.41
CA TYR F 3 35.12 35.05 39.93
C TYR F 3 35.06 34.83 41.44
N THR F 4 35.10 35.92 42.22
CA THR F 4 35.02 35.80 43.68
C THR F 4 33.63 35.24 44.00
N ARG F 5 33.48 34.54 45.13
CA ARG F 5 32.18 33.98 45.50
C ARG F 5 31.13 35.07 45.33
N GLU F 6 31.40 36.22 45.93
CA GLU F 6 30.52 37.38 45.87
C GLU F 6 30.12 37.72 44.43
N ASP F 7 31.11 37.76 43.53
CA ASP F 7 30.88 38.08 42.13
C ASP F 7 29.84 37.13 41.52
N ILE F 8 30.10 35.84 41.61
CA ILE F 8 29.17 34.84 41.08
C ILE F 8 27.79 35.18 41.61
N GLU F 9 27.67 35.22 42.93
CA GLU F 9 26.40 35.54 43.56
C GLU F 9 25.76 36.76 42.91
N LYS F 10 26.58 37.75 42.55
CA LYS F 10 26.08 38.96 41.90
C LYS F 10 25.62 38.63 40.47
N LEU F 11 26.32 37.72 39.82
CA LEU F 11 26.00 37.32 38.45
C LEU F 11 24.70 36.51 38.35
N VAL F 12 24.64 35.40 39.08
CA VAL F 12 23.47 34.53 39.08
C VAL F 12 22.16 35.29 39.29
N LYS F 13 22.23 36.37 40.06
CA LYS F 13 21.05 37.17 40.34
C LYS F 13 20.72 38.03 39.13
N GLU F 14 21.65 38.91 38.80
CA GLU F 14 21.51 39.84 37.68
C GLU F 14 21.16 39.19 36.35
N GLU F 15 21.69 38.00 36.10
CA GLU F 15 21.41 37.32 34.85
C GLU F 15 20.19 36.43 34.98
N ASN F 16 19.81 36.12 36.22
CA ASN F 16 18.64 35.29 36.48
C ASN F 16 18.91 33.82 36.13
N VAL F 17 19.71 33.17 36.95
CA VAL F 17 20.06 31.76 36.76
C VAL F 17 19.19 30.95 37.71
N LYS F 18 18.30 30.11 37.17
CA LYS F 18 17.41 29.32 38.00
C LYS F 18 17.76 27.85 37.95
N TYR F 19 18.99 27.53 37.56
CA TYR F 19 19.43 26.14 37.44
C TYR F 19 20.96 25.99 37.34
N ILE F 20 21.59 25.48 38.39
CA ILE F 20 23.04 25.32 38.39
C ILE F 20 23.45 23.89 38.07
N ARG F 21 24.16 23.70 36.97
CA ARG F 21 24.64 22.37 36.58
C ARG F 21 26.04 22.15 37.17
N LEU F 22 26.13 21.29 38.19
CA LEU F 22 27.41 20.98 38.81
C LEU F 22 28.00 19.79 38.05
N GLN F 23 28.64 20.05 36.91
CA GLN F 23 29.18 18.99 36.06
C GLN F 23 30.62 18.54 36.23
N PHE F 24 30.84 17.27 35.96
CA PHE F 24 32.15 16.66 36.05
C PHE F 24 32.32 15.61 34.95
N THR F 25 33.30 14.74 35.12
CA THR F 25 33.58 13.72 34.12
C THR F 25 33.98 12.41 34.76
N ASP F 26 33.48 11.30 34.21
CA ASP F 26 33.80 9.99 34.75
C ASP F 26 35.03 9.40 34.07
N ILE F 27 35.39 8.19 34.49
CA ILE F 27 36.55 7.49 33.97
C ILE F 27 36.41 7.18 32.47
N LEU F 28 35.18 7.02 32.00
CA LEU F 28 34.94 6.69 30.60
C LEU F 28 34.81 7.91 29.70
N GLY F 29 35.04 9.10 30.25
CA GLY F 29 34.93 10.30 29.45
C GLY F 29 33.56 10.96 29.39
N THR F 30 32.50 10.15 29.50
CA THR F 30 31.14 10.69 29.45
C THR F 30 31.00 11.94 30.31
N ILE F 31 30.33 12.95 29.78
CA ILE F 31 30.13 14.18 30.53
C ILE F 31 28.91 13.99 31.43
N LYS F 32 29.09 14.20 32.73
CA LYS F 32 28.02 14.03 33.72
C LYS F 32 27.81 15.23 34.66
N ASN F 33 26.73 15.18 35.45
CA ASN F 33 26.43 16.26 36.38
C ASN F 33 25.29 15.99 37.39
N VAL F 34 25.15 16.92 38.33
CA VAL F 34 24.12 16.88 39.36
C VAL F 34 23.42 18.24 39.35
N GLU F 35 22.18 18.27 38.89
CA GLU F 35 21.47 19.53 38.80
C GLU F 35 20.71 19.95 40.02
N ILE F 36 20.99 21.19 40.43
CA ILE F 36 20.41 21.80 41.61
C ILE F 36 19.77 23.13 41.25
N PRO F 37 18.69 23.53 41.96
CA PRO F 37 18.05 24.82 41.67
C PRO F 37 18.99 25.90 42.22
N VAL F 38 18.84 27.14 41.75
CA VAL F 38 19.69 28.23 42.21
C VAL F 38 19.53 28.36 43.71
N SER F 39 18.44 27.76 44.16
CA SER F 39 18.07 27.76 45.56
C SER F 39 18.95 26.79 46.36
N GLN F 40 20.18 26.58 45.90
CA GLN F 40 21.13 25.69 46.59
C GLN F 40 22.55 26.06 46.18
N LEU F 41 22.69 27.18 45.48
CA LEU F 41 24.00 27.65 45.04
C LEU F 41 24.95 27.70 46.24
N GLY F 42 24.44 28.15 47.38
CA GLY F 42 25.24 28.24 48.58
C GLY F 42 25.68 26.87 49.05
N LYS F 43 24.71 26.00 49.32
CA LYS F 43 25.00 24.64 49.79
C LYS F 43 26.06 23.97 48.92
N ALA F 44 26.07 24.32 47.64
CA ALA F 44 27.03 23.74 46.70
C ALA F 44 28.38 24.44 46.75
N LEU F 45 28.36 25.77 46.75
CA LEU F 45 29.58 26.55 46.79
C LEU F 45 30.40 26.19 48.02
N ASP F 46 29.71 25.84 49.09
CA ASP F 46 30.39 25.49 50.33
C ASP F 46 30.96 24.09 50.29
N ASN F 47 30.86 23.43 49.13
CA ASN F 47 31.36 22.06 48.96
C ASN F 47 30.64 21.05 49.85
N LYS F 48 29.34 21.26 50.05
CA LYS F 48 28.52 20.37 50.87
C LYS F 48 27.58 19.51 50.04
N VAL F 49 27.66 19.61 48.72
CA VAL F 49 26.78 18.82 47.87
C VAL F 49 27.30 17.41 47.69
N MET F 50 26.44 16.43 47.97
CA MET F 50 26.79 15.03 47.83
C MET F 50 26.10 14.39 46.65
N PHE F 51 26.76 13.39 46.08
CA PHE F 51 26.23 12.64 44.94
C PHE F 51 26.88 11.28 44.99
N ASP F 52 26.26 10.29 44.36
CA ASP F 52 26.83 8.94 44.34
C ASP F 52 28.14 8.92 43.56
N GLY F 53 29.25 8.97 44.28
CA GLY F 53 30.56 8.98 43.64
C GLY F 53 30.78 7.89 42.61
N SER F 54 30.27 6.68 42.85
CA SER F 54 30.48 5.56 41.93
C SER F 54 30.06 5.85 40.48
N SER F 55 29.36 6.97 40.26
CA SER F 55 28.93 7.36 38.91
C SER F 55 30.14 7.57 38.00
N ILE F 56 31.26 7.85 38.63
CA ILE F 56 32.51 8.06 37.93
C ILE F 56 33.00 6.72 37.40
N GLU F 57 33.14 5.74 38.29
CA GLU F 57 33.60 4.40 37.92
C GLU F 57 32.91 3.88 36.68
N GLY F 58 31.76 4.45 36.36
CA GLY F 58 31.05 4.04 35.16
C GLY F 58 29.98 2.98 35.27
N PHE F 59 29.82 2.23 34.18
CA PHE F 59 28.83 1.17 34.07
C PHE F 59 29.27 -0.05 34.84
N VAL F 60 30.41 0.07 35.51
CA VAL F 60 30.92 -1.04 36.30
C VAL F 60 30.73 -0.76 37.80
N ARG F 61 29.80 0.16 38.11
CA ARG F 61 29.46 0.52 39.49
C ARG F 61 29.02 -0.69 40.30
N ILE F 62 29.29 -0.65 41.60
CA ILE F 62 28.91 -1.74 42.51
C ILE F 62 28.21 -1.13 43.72
N GLU F 63 28.99 -0.40 44.52
CA GLU F 63 28.46 0.24 45.71
C GLU F 63 28.31 1.73 45.47
N GLU F 64 27.99 2.45 46.52
CA GLU F 64 27.78 3.88 46.47
C GLU F 64 28.80 4.63 47.32
N SER F 65 29.67 5.39 46.66
CA SER F 65 30.70 6.16 47.35
C SER F 65 30.19 7.58 47.63
N ASP F 66 29.67 7.81 48.83
CA ASP F 66 29.16 9.13 49.22
C ASP F 66 30.22 10.23 49.11
N MET F 67 30.56 10.63 47.89
CA MET F 67 31.55 11.67 47.74
C MET F 67 30.96 13.05 47.60
N TYR F 68 31.83 14.07 47.69
CA TYR F 68 31.38 15.45 47.59
C TYR F 68 31.76 16.15 46.30
N LEU F 69 31.18 17.32 46.10
CA LEU F 69 31.43 18.10 44.90
C LEU F 69 32.01 19.48 45.21
N TYR F 70 33.20 19.74 44.69
CA TYR F 70 33.90 21.00 44.89
C TYR F 70 33.99 21.84 43.62
N PRO F 71 33.10 22.84 43.49
CA PRO F 71 33.10 23.69 42.30
C PRO F 71 34.30 24.63 42.17
N ASP F 72 34.78 24.80 40.94
CA ASP F 72 35.89 25.69 40.62
C ASP F 72 35.29 26.98 40.08
N LEU F 73 35.14 27.97 40.95
CA LEU F 73 34.55 29.25 40.59
C LEU F 73 34.97 29.78 39.22
N ASN F 74 36.26 29.70 38.94
CA ASN F 74 36.84 30.18 37.67
C ASN F 74 36.31 29.50 36.41
N THR F 75 35.61 28.39 36.59
CA THR F 75 35.03 27.67 35.47
C THR F 75 33.58 28.06 35.33
N PHE F 76 33.22 29.20 35.90
CA PHE F 76 31.84 29.68 35.86
C PHE F 76 31.43 29.99 34.43
N VAL F 77 30.24 29.54 34.06
CA VAL F 77 29.71 29.77 32.71
C VAL F 77 28.20 29.85 32.76
N ILE F 78 27.61 30.59 31.82
CA ILE F 78 26.15 30.70 31.75
C ILE F 78 25.70 30.36 30.35
N PHE F 79 25.38 29.08 30.14
CA PHE F 79 24.94 28.58 28.84
C PHE F 79 24.01 29.54 28.10
N PRO F 80 24.40 29.98 26.89
CA PRO F 80 23.61 30.91 26.08
C PRO F 80 22.13 30.54 26.02
N TRP F 81 21.86 29.28 25.68
CA TRP F 81 20.52 28.71 25.58
C TRP F 81 19.81 28.75 26.93
N THR F 82 18.62 29.34 26.95
CA THR F 82 17.87 29.48 28.20
C THR F 82 16.69 28.54 28.42
N ALA F 83 16.46 28.20 29.68
CA ALA F 83 15.35 27.33 30.06
C ALA F 83 14.13 28.21 29.85
N GLU F 84 13.24 28.28 30.83
CA GLU F 84 12.06 29.14 30.68
C GLU F 84 11.93 30.03 31.90
N LYS F 85 11.78 29.38 33.06
CA LYS F 85 11.68 30.09 34.32
C LYS F 85 13.02 30.79 34.61
N GLY F 86 13.93 30.73 33.64
CA GLY F 86 15.24 31.35 33.79
C GLY F 86 16.34 30.69 32.98
N LYS F 87 17.58 31.13 33.20
CA LYS F 87 18.76 30.60 32.50
C LYS F 87 19.34 29.40 33.24
N VAL F 88 20.40 28.82 32.67
CA VAL F 88 21.07 27.69 33.31
C VAL F 88 22.57 27.95 33.35
N ALA F 89 23.17 27.71 34.51
CA ALA F 89 24.60 27.92 34.70
C ALA F 89 25.31 26.59 34.96
N ARG F 90 26.55 26.64 35.43
CA ARG F 90 27.30 25.42 35.71
C ARG F 90 28.65 25.65 36.39
N PHE F 91 29.26 24.57 36.83
CA PHE F 91 30.54 24.64 37.49
C PHE F 91 31.22 23.29 37.27
N ILE F 92 32.44 23.27 36.76
CA ILE F 92 33.12 21.99 36.62
C ILE F 92 33.67 21.82 38.03
N CYS F 93 33.41 20.66 38.62
CA CYS F 93 33.82 20.41 39.98
C CYS F 93 34.89 19.35 40.10
N ASP F 94 35.32 19.13 41.34
CA ASP F 94 36.32 18.12 41.62
C ASP F 94 35.69 17.22 42.67
N ILE F 95 35.90 15.91 42.54
CA ILE F 95 35.34 14.98 43.47
C ILE F 95 36.24 14.75 44.67
N TYR F 96 35.62 14.87 45.83
CA TYR F 96 36.28 14.70 47.10
C TYR F 96 35.63 13.60 47.92
N ASN F 97 36.37 13.09 48.89
CA ASN F 97 35.87 12.02 49.74
C ASN F 97 35.27 12.66 50.99
N PRO F 98 34.42 11.92 51.71
CA PRO F 98 33.82 12.51 52.92
C PRO F 98 34.87 13.20 53.79
N ASP F 99 36.12 12.78 53.66
CA ASP F 99 37.20 13.36 54.45
C ASP F 99 38.02 14.36 53.65
N GLY F 100 37.37 15.46 53.25
CA GLY F 100 37.97 16.54 52.49
C GLY F 100 39.16 16.31 51.57
N THR F 101 39.45 15.05 51.26
CA THR F 101 40.57 14.73 50.39
C THR F 101 40.11 14.50 48.94
N PRO F 102 40.95 14.87 47.97
CA PRO F 102 40.65 14.71 46.54
C PRO F 102 40.53 13.24 46.14
N PHE F 103 39.34 12.85 45.69
CA PHE F 103 39.11 11.49 45.26
C PHE F 103 40.20 11.11 44.28
N GLU F 104 40.95 10.05 44.58
CA GLU F 104 42.05 9.63 43.71
C GLU F 104 41.60 8.96 42.41
N GLY F 105 40.33 8.55 42.36
CA GLY F 105 39.82 7.89 41.17
C GLY F 105 39.12 8.81 40.19
N ASP F 106 39.41 10.11 40.29
CA ASP F 106 38.79 11.09 39.42
C ASP F 106 39.80 11.66 38.43
N PRO F 107 39.42 11.72 37.14
CA PRO F 107 40.31 12.25 36.09
C PRO F 107 40.73 13.71 36.29
N ARG F 108 39.77 14.63 36.29
CA ARG F 108 40.07 16.06 36.45
C ARG F 108 41.12 16.28 37.54
N ASN F 109 40.96 15.57 38.66
CA ASN F 109 41.89 15.68 39.78
C ASN F 109 43.22 14.98 39.47
N ASN F 110 43.17 13.95 38.63
CA ASN F 110 44.35 13.18 38.25
C ASN F 110 45.31 14.07 37.48
N LEU F 111 44.79 14.76 36.47
CA LEU F 111 45.61 15.64 35.66
C LEU F 111 46.35 16.61 36.58
N LYS F 112 45.63 17.14 37.58
CA LYS F 112 46.20 18.07 38.54
C LYS F 112 47.39 17.44 39.23
N ARG F 113 47.25 16.16 39.56
CA ARG F 113 48.32 15.43 40.22
C ARG F 113 49.54 15.44 39.32
N ILE F 114 49.37 14.95 38.10
CA ILE F 114 50.46 14.90 37.13
C ILE F 114 51.01 16.31 36.85
N LEU F 115 50.27 17.34 37.26
CA LEU F 115 50.74 18.72 37.06
C LEU F 115 51.74 19.06 38.15
N LYS F 116 51.49 18.57 39.37
CA LYS F 116 52.40 18.79 40.49
C LYS F 116 53.76 18.21 40.10
N GLU F 117 53.77 17.03 39.47
CA GLU F 117 55.01 16.40 39.03
C GLU F 117 55.72 17.31 38.03
N MET F 118 54.95 17.84 37.08
CA MET F 118 55.48 18.74 36.06
C MET F 118 56.03 20.01 36.68
N GLU F 119 55.57 20.32 37.89
CA GLU F 119 56.00 21.52 38.61
C GLU F 119 57.19 21.22 39.52
N ASP F 120 57.20 20.01 40.07
CA ASP F 120 58.29 19.60 40.95
C ASP F 120 59.44 19.19 40.04
N LEU F 121 59.55 19.94 38.95
CA LEU F 121 60.61 19.73 37.96
C LEU F 121 60.90 21.09 37.32
N GLY F 122 60.50 22.14 38.00
CA GLY F 122 60.76 23.48 37.51
C GLY F 122 59.82 23.99 36.45
N PHE F 123 59.15 23.10 35.71
CA PHE F 123 58.24 23.55 34.66
C PHE F 123 57.00 24.24 35.21
N SER F 124 56.59 25.33 34.57
CA SER F 124 55.44 26.11 35.00
C SER F 124 54.10 25.71 34.41
N ASP F 125 54.01 25.61 33.08
CA ASP F 125 52.75 25.24 32.46
C ASP F 125 52.94 24.23 31.33
N PHE F 126 51.87 23.49 31.02
CA PHE F 126 51.91 22.49 29.96
C PHE F 126 50.66 22.73 29.10
N ASN F 127 50.80 23.54 28.04
CA ASN F 127 49.69 23.89 27.15
C ASN F 127 49.17 22.84 26.15
N LEU F 128 48.01 23.12 25.57
CA LEU F 128 47.42 22.21 24.60
C LEU F 128 46.56 22.96 23.59
N GLY F 129 46.72 22.61 22.32
CA GLY F 129 45.93 23.22 21.25
C GLY F 129 45.22 22.09 20.51
N PRO F 130 44.05 21.65 21.00
CA PRO F 130 43.33 20.58 20.34
C PRO F 130 42.76 20.96 18.96
N GLU F 131 42.59 19.92 18.14
CA GLU F 131 42.07 20.03 16.78
C GLU F 131 41.04 18.89 16.66
N PRO F 132 39.89 19.00 17.37
CA PRO F 132 38.80 18.01 17.40
C PRO F 132 37.97 17.91 16.13
N GLU F 133 38.18 16.87 15.32
CA GLU F 133 37.39 16.72 14.10
C GLU F 133 36.12 15.95 14.44
N PHE F 134 35.00 16.23 13.77
CA PHE F 134 33.74 15.51 14.03
C PHE F 134 32.87 15.37 12.80
N PHE F 135 31.87 14.49 12.87
CA PHE F 135 30.96 14.28 11.77
C PHE F 135 29.57 14.75 12.11
N LEU F 136 28.86 15.26 11.11
CA LEU F 136 27.47 15.72 11.31
C LEU F 136 26.51 14.91 10.45
N PHE F 137 25.47 14.39 11.08
CA PHE F 137 24.52 13.58 10.35
C PHE F 137 23.10 14.11 10.46
N LYS F 138 22.25 13.62 9.56
CA LYS F 138 20.85 14.00 9.56
C LYS F 138 20.09 13.17 10.57
N LEU F 139 18.85 13.57 10.83
CA LEU F 139 17.99 12.88 11.76
C LEU F 139 16.70 12.54 11.03
N ASP F 140 16.02 11.48 11.46
CA ASP F 140 14.75 11.11 10.83
C ASP F 140 13.57 11.65 11.64
N GLU F 141 12.39 11.71 11.01
CA GLU F 141 11.16 12.22 11.66
C GLU F 141 11.02 11.83 13.14
N LYS F 142 11.44 10.61 13.46
CA LYS F 142 11.39 10.07 14.82
C LYS F 142 12.43 10.84 15.66
N GLY F 143 13.35 11.51 14.98
CA GLY F 143 14.39 12.27 15.64
C GLY F 143 15.58 11.39 15.95
N GLU F 144 15.84 10.42 15.08
CA GLU F 144 16.96 9.52 15.26
C GLU F 144 18.06 9.67 14.22
N PRO F 145 19.31 9.51 14.65
CA PRO F 145 20.46 9.62 13.76
C PRO F 145 20.32 8.77 12.51
N THR F 146 21.21 8.97 11.55
CA THR F 146 21.21 8.24 10.30
C THR F 146 22.58 8.44 9.66
N LEU F 147 22.87 7.71 8.59
CA LEU F 147 24.16 7.85 7.91
C LEU F 147 24.15 8.89 6.80
N GLU F 148 23.21 9.84 6.87
CA GLU F 148 23.12 10.88 5.86
C GLU F 148 23.91 12.09 6.38
N LEU F 149 24.87 12.54 5.57
CA LEU F 149 25.72 13.67 5.91
C LEU F 149 25.07 15.01 5.58
N ASN F 150 25.09 15.94 6.54
CA ASN F 150 24.48 17.25 6.35
C ASN F 150 24.95 17.97 5.10
N ASP F 151 26.14 17.60 4.60
CA ASP F 151 26.71 18.22 3.40
C ASP F 151 27.70 17.26 2.74
N LYS F 152 27.91 17.40 1.43
CA LYS F 152 28.83 16.53 0.72
C LYS F 152 30.12 17.27 0.33
N GLY F 153 30.60 18.11 1.24
CA GLY F 153 31.81 18.87 0.98
C GLY F 153 33.11 18.13 1.21
N GLY F 154 34.21 18.78 0.85
CA GLY F 154 35.51 18.16 1.03
C GLY F 154 36.48 19.07 1.76
N TYR F 155 37.76 18.68 1.77
CA TYR F 155 38.82 19.43 2.43
C TYR F 155 38.81 20.94 2.21
N PHE F 156 38.78 21.66 3.33
CA PHE F 156 38.76 23.11 3.34
C PHE F 156 37.74 23.74 2.39
N ASP F 157 36.86 22.91 1.82
CA ASP F 157 35.82 23.43 0.93
C ASP F 157 35.03 24.49 1.66
N LEU F 158 34.12 25.14 0.95
CA LEU F 158 33.29 26.14 1.56
C LEU F 158 32.00 25.43 1.93
N ALA F 159 32.04 24.70 3.06
CA ALA F 159 30.91 23.94 3.58
C ALA F 159 29.64 24.76 3.45
N PRO F 160 28.45 24.13 3.61
CA PRO F 160 27.18 24.85 3.48
C PRO F 160 27.28 26.40 3.44
N THR F 161 26.85 26.97 2.31
CA THR F 161 26.88 28.42 2.13
C THR F 161 26.26 29.15 3.32
N ASP F 162 26.67 30.41 3.52
CA ASP F 162 26.18 31.23 4.63
C ASP F 162 24.66 31.35 4.76
N LEU F 163 23.94 30.86 3.76
CA LEU F 163 22.47 30.91 3.75
C LEU F 163 21.90 29.56 4.17
N GLY F 164 21.37 29.51 5.37
CA GLY F 164 20.80 28.27 5.86
C GLY F 164 21.70 27.64 6.90
N GLU F 165 21.66 26.31 6.97
CA GLU F 165 22.44 25.51 7.92
C GLU F 165 23.70 26.15 8.47
N ASN F 166 24.82 25.72 7.89
CA ASN F 166 26.15 26.15 8.32
C ASN F 166 26.32 25.90 9.82
N CYS F 167 25.81 24.75 10.25
CA CYS F 167 25.87 24.35 11.64
C CYS F 167 27.24 24.66 12.25
N ARG F 168 28.30 24.37 11.50
CA ARG F 168 29.65 24.64 11.99
C ARG F 168 29.77 26.09 12.39
N ARG F 169 29.39 26.98 11.48
CA ARG F 169 29.47 28.42 11.73
C ARG F 169 28.86 28.82 13.06
N ASP F 170 27.58 28.53 13.24
CA ASP F 170 26.93 28.92 14.48
C ASP F 170 27.64 28.32 15.68
N ILE F 171 28.05 27.07 15.54
CA ILE F 171 28.77 26.40 16.59
C ILE F 171 29.85 27.34 17.10
N VAL F 172 30.66 27.84 16.17
CA VAL F 172 31.74 28.75 16.55
C VAL F 172 31.27 30.12 17.05
N LEU F 173 30.27 30.69 16.38
CA LEU F 173 29.76 32.00 16.81
C LEU F 173 29.25 31.89 18.25
N GLU F 174 28.79 30.70 18.63
CA GLU F 174 28.29 30.47 19.98
C GLU F 174 29.44 30.38 20.98
N LEU F 175 30.44 29.58 20.64
CA LEU F 175 31.62 29.38 21.48
C LEU F 175 32.40 30.67 21.70
N GLU F 176 32.30 31.57 20.73
CA GLU F 176 32.98 32.85 20.81
C GLU F 176 32.28 33.65 21.89
N GLU F 177 30.97 33.74 21.78
CA GLU F 177 30.20 34.47 22.77
C GLU F 177 30.46 33.84 24.14
N MET F 178 30.50 32.51 24.20
CA MET F 178 30.73 31.81 25.46
C MET F 178 32.08 32.11 26.10
N GLY F 179 33.05 32.52 25.29
CA GLY F 179 34.36 32.83 25.85
C GLY F 179 35.56 32.06 25.31
N PHE F 180 35.30 31.09 24.43
CA PHE F 180 36.39 30.30 23.83
C PHE F 180 37.25 31.19 22.93
N GLU F 181 38.47 30.76 22.69
CA GLU F 181 39.34 31.53 21.79
C GLU F 181 39.61 30.63 20.62
N ILE F 182 38.77 30.72 19.58
CA ILE F 182 38.93 29.91 18.39
C ILE F 182 39.93 30.51 17.39
N GLU F 183 40.79 29.65 16.86
CA GLU F 183 41.79 30.05 15.88
C GLU F 183 41.11 30.10 14.51
N ALA F 184 40.61 28.94 14.07
CA ALA F 184 39.94 28.84 12.79
C ALA F 184 39.06 27.62 12.73
N SER F 185 38.74 27.21 11.50
CA SER F 185 37.92 26.04 11.25
C SER F 185 37.78 25.84 9.74
N HIS F 186 37.66 24.59 9.32
CA HIS F 186 37.51 24.23 7.92
C HIS F 186 36.51 23.10 7.82
N HIS F 187 36.61 22.34 6.72
CA HIS F 187 35.74 21.20 6.51
C HIS F 187 36.69 20.03 6.21
N GLU F 188 36.72 19.03 7.07
CA GLU F 188 37.65 17.92 6.82
C GLU F 188 37.42 17.19 5.51
N VAL F 189 38.38 16.33 5.20
CA VAL F 189 38.39 15.53 3.99
C VAL F 189 37.26 14.51 3.89
N ALA F 190 36.06 14.85 4.30
CA ALA F 190 35.00 13.86 4.19
C ALA F 190 33.67 14.56 4.27
N PRO F 191 32.68 14.05 3.52
CA PRO F 191 31.35 14.69 3.55
C PRO F 191 30.69 14.72 4.93
N GLY F 192 30.52 15.93 5.46
CA GLY F 192 29.87 16.06 6.75
C GLY F 192 30.84 16.13 7.90
N GLN F 193 32.13 16.11 7.63
CA GLN F 193 33.10 16.18 8.72
C GLN F 193 33.56 17.63 8.88
N HIS F 194 33.99 17.97 10.09
CA HIS F 194 34.42 19.34 10.38
C HIS F 194 35.51 19.38 11.44
N GLU F 195 36.19 20.52 11.55
CA GLU F 195 37.25 20.72 12.53
C GLU F 195 37.27 22.15 13.05
N ILE F 196 37.46 22.29 14.35
CA ILE F 196 37.50 23.60 15.00
C ILE F 196 38.71 23.61 15.93
N ASP F 197 39.64 24.54 15.70
CA ASP F 197 40.83 24.60 16.53
C ASP F 197 40.68 25.68 17.60
N PHE F 198 41.26 25.44 18.78
CA PHE F 198 41.18 26.40 19.89
C PHE F 198 42.54 26.95 20.22
N LYS F 199 42.61 28.19 20.69
CA LYS F 199 43.89 28.78 21.06
C LYS F 199 44.46 27.91 22.18
N TYR F 200 45.73 27.53 22.08
CA TYR F 200 46.35 26.70 23.09
C TYR F 200 45.92 27.21 24.46
N ALA F 201 45.98 26.34 25.47
CA ALA F 201 45.58 26.69 26.81
C ALA F 201 46.19 25.77 27.88
N GLY F 202 45.90 26.08 29.15
CA GLY F 202 46.43 25.31 30.24
C GLY F 202 45.89 23.90 30.31
N ALA F 203 46.79 22.96 30.57
CA ALA F 203 46.48 21.55 30.69
C ALA F 203 45.03 21.36 31.09
N VAL F 204 44.65 21.95 32.23
CA VAL F 204 43.30 21.82 32.73
C VAL F 204 42.27 22.69 31.97
N ARG F 205 42.53 23.99 31.87
CA ARG F 205 41.59 24.88 31.20
C ARG F 205 41.20 24.31 29.86
N SER F 206 42.18 23.86 29.09
CA SER F 206 41.93 23.30 27.78
C SER F 206 41.08 22.04 27.83
N CYS F 207 41.48 21.05 28.64
CA CYS F 207 40.70 19.81 28.76
C CYS F 207 39.26 20.14 29.04
N ASP F 208 39.07 21.17 29.86
CA ASP F 208 37.73 21.65 30.23
C ASP F 208 36.97 22.20 29.03
N ASP F 209 37.65 22.92 28.15
CA ASP F 209 36.96 23.46 26.99
C ASP F 209 36.69 22.38 25.97
N ILE F 210 37.49 21.32 26.01
CA ILE F 210 37.30 20.19 25.11
C ILE F 210 35.95 19.57 25.49
N GLN F 211 35.74 19.37 26.80
CA GLN F 211 34.47 18.81 27.27
C GLN F 211 33.30 19.76 26.96
N THR F 212 33.45 21.02 27.34
CA THR F 212 32.43 22.03 27.10
C THR F 212 32.10 22.11 25.62
N PHE F 213 33.13 21.87 24.81
CA PHE F 213 33.02 21.92 23.36
C PHE F 213 32.10 20.85 22.81
N LYS F 214 32.42 19.59 23.08
CA LYS F 214 31.61 18.48 22.61
C LYS F 214 30.15 18.76 22.96
N LEU F 215 29.91 19.39 24.10
CA LEU F 215 28.53 19.69 24.54
C LEU F 215 27.85 20.72 23.62
N VAL F 216 28.45 21.91 23.52
CA VAL F 216 27.91 22.97 22.68
C VAL F 216 27.70 22.47 21.25
N VAL F 217 28.63 21.66 20.74
CA VAL F 217 28.50 21.09 19.40
C VAL F 217 27.26 20.23 19.42
N LYS F 218 27.34 19.15 20.18
CA LYS F 218 26.24 18.20 20.34
C LYS F 218 24.88 18.92 20.39
N THR F 219 24.77 19.96 21.22
CA THR F 219 23.53 20.72 21.38
C THR F 219 23.05 21.36 20.10
N ILE F 220 23.71 22.45 19.72
CA ILE F 220 23.35 23.18 18.51
C ILE F 220 23.09 22.27 17.30
N ALA F 221 23.81 21.15 17.22
CA ALA F 221 23.65 20.20 16.13
C ALA F 221 22.21 19.70 16.08
N ARG F 222 21.64 19.46 17.26
CA ARG F 222 20.27 19.00 17.39
C ARG F 222 19.39 20.19 17.01
N LYS F 223 19.80 21.36 17.49
CA LYS F 223 19.09 22.61 17.24
C LYS F 223 19.00 22.84 15.73
N HIS F 224 19.59 21.93 14.95
CA HIS F 224 19.60 22.02 13.49
C HIS F 224 19.21 20.70 12.83
N GLY F 225 18.47 19.86 13.54
CA GLY F 225 18.06 18.59 12.96
C GLY F 225 19.21 17.65 12.65
N LEU F 226 20.40 18.04 13.08
CA LEU F 226 21.58 17.24 12.84
C LEU F 226 21.94 16.45 14.09
N HIS F 227 23.00 15.66 13.97
CA HIS F 227 23.48 14.82 15.04
C HIS F 227 25.01 14.87 15.06
N ALA F 228 25.60 15.41 16.12
CA ALA F 228 27.06 15.48 16.22
C ALA F 228 27.57 14.17 16.78
N THR F 229 28.66 13.65 16.23
CA THR F 229 29.18 12.39 16.70
C THR F 229 30.69 12.31 16.64
N PHE F 230 31.33 12.47 17.79
CA PHE F 230 32.77 12.41 17.84
C PHE F 230 33.31 10.99 17.70
N MET F 231 32.45 10.06 17.33
CA MET F 231 32.90 8.69 17.16
C MET F 231 34.07 8.75 16.19
N PRO F 232 35.17 8.06 16.50
CA PRO F 232 36.35 8.06 15.64
C PRO F 232 36.19 7.52 14.22
N LYS F 233 35.52 6.38 14.05
CA LYS F 233 35.35 5.84 12.71
C LYS F 233 33.89 5.54 12.39
N PRO F 234 33.09 6.61 12.28
CA PRO F 234 31.64 6.59 11.98
C PRO F 234 31.28 5.48 11.04
N LEU F 235 32.00 5.43 9.93
CA LEU F 235 31.73 4.42 8.93
C LEU F 235 32.89 4.05 8.02
N PHE F 236 32.89 2.78 7.62
CA PHE F 236 33.92 2.25 6.75
C PHE F 236 33.97 3.07 5.48
N GLY F 237 35.13 3.09 4.85
CA GLY F 237 35.26 3.81 3.60
C GLY F 237 35.63 5.27 3.69
N VAL F 238 34.96 6.05 4.54
CA VAL F 238 35.27 7.47 4.64
C VAL F 238 36.33 7.73 5.69
N ASN F 239 36.87 8.96 5.67
CA ASN F 239 37.89 9.37 6.61
C ASN F 239 37.46 9.27 8.08
N GLY F 240 38.43 9.15 8.97
CA GLY F 240 38.12 9.05 10.38
C GLY F 240 38.44 10.34 11.11
N SER F 241 37.78 10.56 12.25
CA SER F 241 38.00 11.76 13.06
C SER F 241 39.20 11.54 13.99
N GLY F 242 39.82 12.63 14.41
CA GLY F 242 40.96 12.54 15.30
C GLY F 242 41.12 13.83 16.07
N MET F 243 41.75 13.79 17.23
CA MET F 243 41.92 15.01 18.00
C MET F 243 43.38 15.28 18.26
N HIS F 244 44.05 15.87 17.27
CA HIS F 244 45.46 16.19 17.39
C HIS F 244 45.67 16.99 18.65
N CYS F 245 46.86 16.90 19.22
CA CYS F 245 47.14 17.67 20.43
C CYS F 245 48.51 18.32 20.34
N ASN F 246 48.51 19.65 20.41
CA ASN F 246 49.74 20.42 20.33
C ASN F 246 50.32 20.67 21.75
N LEU F 247 51.17 19.75 22.17
CA LEU F 247 51.82 19.77 23.45
C LEU F 247 52.95 20.78 23.43
N SER F 248 53.16 21.47 24.55
CA SER F 248 54.22 22.45 24.66
C SER F 248 54.47 22.84 26.12
N LEU F 249 55.65 22.48 26.62
CA LEU F 249 56.03 22.79 28.00
C LEU F 249 56.64 24.18 28.14
N PHE F 250 56.38 24.83 29.26
CA PHE F 250 56.90 26.16 29.54
C PHE F 250 57.62 26.15 30.88
N LYS F 251 58.67 26.95 30.97
CA LYS F 251 59.44 27.08 32.20
C LYS F 251 59.73 28.54 32.41
N ASN F 252 59.30 29.07 33.55
CA ASN F 252 59.48 30.48 33.87
C ASN F 252 58.79 31.30 32.78
N GLY F 253 57.54 30.95 32.51
CA GLY F 253 56.76 31.67 31.53
C GLY F 253 57.03 31.33 30.07
N VAL F 254 58.27 31.54 29.64
CA VAL F 254 58.69 31.29 28.26
C VAL F 254 58.66 29.83 27.85
N ASN F 255 58.72 29.60 26.54
CA ASN F 255 58.69 28.26 26.00
C ASN F 255 60.01 27.52 26.25
N ALA F 256 59.91 26.26 26.64
CA ALA F 256 61.09 25.45 26.94
C ALA F 256 61.39 24.51 25.80
N PHE F 257 60.85 24.79 24.62
CA PHE F 257 61.12 23.95 23.47
C PHE F 257 61.93 24.75 22.47
N PHE F 258 61.71 26.07 22.45
CA PHE F 258 62.42 26.95 21.54
C PHE F 258 63.92 27.01 21.86
N ASP F 259 64.72 27.52 20.92
CA ASP F 259 66.17 27.67 21.09
C ASP F 259 66.83 28.26 19.84
N GLU F 260 66.66 29.57 19.67
CA GLU F 260 67.21 30.33 18.53
C GLU F 260 68.52 29.78 17.96
N ASN F 261 69.53 29.67 18.81
CA ASN F 261 70.83 29.16 18.42
C ASN F 261 70.93 27.65 18.70
N ALA F 262 70.42 26.82 17.82
CA ALA F 262 70.48 25.38 18.03
C ALA F 262 69.82 24.63 16.88
N ASP F 263 70.13 23.35 16.77
CA ASP F 263 69.57 22.52 15.71
C ASP F 263 68.04 22.55 15.72
N LEU F 264 67.46 23.23 14.74
CA LEU F 264 66.01 23.36 14.63
C LEU F 264 65.43 24.23 15.75
N GLN F 265 66.31 24.70 16.62
CA GLN F 265 65.92 25.55 17.74
C GLN F 265 65.05 24.79 18.74
N LEU F 266 65.18 23.47 18.74
CA LEU F 266 64.42 22.63 19.66
C LEU F 266 65.34 22.23 20.81
N SER F 267 65.17 22.86 21.96
CA SER F 267 65.98 22.60 23.14
C SER F 267 66.04 21.12 23.50
N GLU F 268 67.04 20.76 24.32
CA GLU F 268 67.21 19.38 24.77
C GLU F 268 65.93 18.89 25.44
N THR F 269 65.31 19.79 26.19
CA THR F 269 64.07 19.49 26.89
C THR F 269 63.00 19.06 25.89
N ALA F 270 63.12 19.54 24.66
CA ALA F 270 62.18 19.21 23.60
C ALA F 270 62.54 17.84 23.03
N LYS F 271 63.77 17.72 22.56
CA LYS F 271 64.27 16.48 21.98
C LYS F 271 63.92 15.35 22.96
N HIS F 272 64.27 15.54 24.22
CA HIS F 272 63.97 14.51 25.19
C HIS F 272 62.46 14.35 25.29
N PHE F 273 61.74 15.44 25.16
CA PHE F 273 60.28 15.37 25.25
C PHE F 273 59.75 14.47 24.13
N ILE F 274 60.23 14.68 22.92
CA ILE F 274 59.78 13.85 21.81
C ILE F 274 60.07 12.41 22.16
N ALA F 275 61.31 12.18 22.57
CA ALA F 275 61.80 10.86 22.94
C ALA F 275 60.86 10.05 23.83
N GLY F 276 60.39 10.67 24.91
CA GLY F 276 59.49 9.98 25.84
C GLY F 276 58.17 9.54 25.26
N ILE F 277 57.71 10.26 24.24
CA ILE F 277 56.45 9.96 23.58
C ILE F 277 56.64 8.83 22.57
N VAL F 278 57.87 8.65 22.09
CA VAL F 278 58.13 7.60 21.13
C VAL F 278 58.11 6.23 21.78
N LYS F 279 58.79 6.10 22.92
CA LYS F 279 58.85 4.82 23.63
C LYS F 279 57.60 4.51 24.45
N HIS F 280 56.64 5.42 24.47
CA HIS F 280 55.43 5.19 25.24
C HIS F 280 54.16 5.22 24.41
N ALA F 281 54.23 5.88 23.25
CA ALA F 281 53.10 5.96 22.35
C ALA F 281 52.34 4.62 22.34
N THR F 282 53.02 3.56 21.93
CA THR F 282 52.38 2.24 21.89
C THR F 282 51.80 1.84 23.23
N SER F 283 52.30 2.42 24.33
CA SER F 283 51.77 2.05 25.64
C SER F 283 50.70 2.98 26.24
N PHE F 284 50.35 4.06 25.54
CA PHE F 284 49.32 4.94 26.04
C PHE F 284 48.17 5.03 25.04
N THR F 285 48.36 4.44 23.86
CA THR F 285 47.34 4.45 22.82
C THR F 285 45.98 4.01 23.34
N ALA F 286 45.98 2.96 24.15
CA ALA F 286 44.75 2.43 24.74
C ALA F 286 43.96 3.50 25.50
N VAL F 287 44.66 4.54 25.96
CA VAL F 287 44.02 5.63 26.72
C VAL F 287 43.60 6.75 25.78
N THR F 288 44.55 7.13 24.92
CA THR F 288 44.36 8.19 23.95
C THR F 288 43.38 7.72 22.89
N ASN F 289 43.32 6.40 22.70
CA ASN F 289 42.44 5.77 21.73
C ASN F 289 41.67 4.67 22.48
N PRO F 290 40.72 5.06 23.35
CA PRO F 290 39.89 4.18 24.17
C PRO F 290 38.98 3.21 23.44
N THR F 291 38.03 3.75 22.68
CA THR F 291 37.06 2.95 21.94
C THR F 291 37.66 1.87 21.03
N VAL F 292 37.01 0.70 20.99
CA VAL F 292 37.45 -0.41 20.15
C VAL F 292 37.43 0.02 18.68
N ASN F 293 36.63 1.03 18.41
CA ASN F 293 36.49 1.57 17.06
C ASN F 293 37.68 2.47 16.74
N SER F 294 38.33 2.99 17.77
CA SER F 294 39.45 3.86 17.51
C SER F 294 40.43 3.23 16.54
N TYR F 295 40.79 1.98 16.79
CA TYR F 295 41.75 1.25 15.96
C TYR F 295 41.31 0.95 14.52
N LYS F 296 40.04 1.14 14.22
CA LYS F 296 39.56 0.91 12.86
C LYS F 296 39.93 2.16 12.05
N ARG F 297 40.39 3.17 12.77
CA ARG F 297 40.77 4.45 12.19
C ARG F 297 42.28 4.57 12.16
N LEU F 298 42.95 3.58 12.73
CA LEU F 298 44.40 3.50 12.79
C LEU F 298 44.90 2.30 11.94
N VAL F 299 44.65 2.42 10.64
CA VAL F 299 45.04 1.43 9.63
C VAL F 299 45.61 2.22 8.47
N CYS F 306 50.17 5.26 12.41
CA CYS F 306 50.20 3.80 12.39
C CYS F 306 51.57 3.22 12.77
N TYR F 307 52.63 4.02 12.59
CA TYR F 307 53.98 3.59 12.91
C TYR F 307 54.70 4.64 13.77
N VAL F 308 55.03 4.27 15.02
CA VAL F 308 55.71 5.18 15.95
C VAL F 308 57.00 5.76 15.35
N ALA F 309 57.07 7.10 15.32
CA ALA F 309 58.22 7.83 14.78
C ALA F 309 57.88 9.31 14.59
N TRP F 310 58.80 10.21 14.95
CA TRP F 310 58.55 11.64 14.79
C TRP F 310 59.00 12.15 13.43
N SER F 311 58.39 13.24 12.98
CA SER F 311 58.74 13.82 11.68
C SER F 311 58.26 15.26 11.56
N ALA F 312 59.18 16.16 11.25
CA ALA F 312 58.84 17.57 11.10
C ALA F 312 57.77 17.70 10.01
N GLN F 313 57.87 16.86 8.97
CA GLN F 313 56.90 16.87 7.86
C GLN F 313 56.80 15.50 7.16
N ASN F 314 55.58 15.03 6.95
CA ASN F 314 55.32 13.72 6.30
C ASN F 314 53.79 13.49 6.17
N ARG F 315 53.40 12.28 5.77
CA ARG F 315 51.98 11.91 5.60
C ARG F 315 51.23 11.90 6.95
N SER F 316 51.12 10.73 7.56
CA SER F 316 50.44 10.60 8.85
C SER F 316 51.35 10.08 9.97
N PRO F 317 52.37 10.87 10.35
CA PRO F 317 53.30 10.46 11.42
C PRO F 317 52.67 10.61 12.81
N LEU F 318 53.07 9.74 13.74
CA LEU F 318 52.53 9.78 15.11
C LEU F 318 52.79 11.14 15.75
N ILE F 319 54.02 11.61 15.62
CA ILE F 319 54.41 12.89 16.19
C ILE F 319 54.73 13.84 15.04
N ARG F 320 54.46 15.12 15.22
CA ARG F 320 54.76 16.10 14.19
C ARG F 320 55.27 17.36 14.86
N ILE F 321 56.03 18.17 14.12
CA ILE F 321 56.56 19.39 14.68
C ILE F 321 56.16 20.55 13.80
N PRO F 322 55.10 21.29 14.18
CA PRO F 322 54.66 22.43 13.37
C PRO F 322 55.78 23.44 13.11
N ALA F 323 55.72 24.10 11.96
CA ALA F 323 56.71 25.10 11.54
C ALA F 323 57.01 26.19 12.57
N SER F 324 56.01 27.04 12.81
CA SER F 324 56.10 28.14 13.76
C SER F 324 56.84 27.78 15.05
N ARG F 325 57.73 28.66 15.50
CA ARG F 325 58.47 28.44 16.74
C ARG F 325 58.35 29.62 17.71
N GLY F 326 59.46 30.03 18.32
CA GLY F 326 59.39 31.14 19.26
C GLY F 326 58.41 30.71 20.32
N ILE F 327 57.54 31.60 20.77
CA ILE F 327 56.58 31.22 21.79
C ILE F 327 55.48 30.29 21.28
N SER F 328 55.66 29.73 20.09
CA SER F 328 54.67 28.83 19.51
C SER F 328 55.26 27.45 19.22
N THR F 329 56.53 27.28 19.55
CA THR F 329 57.27 26.04 19.36
C THR F 329 56.52 24.92 20.07
N ARG F 330 56.19 23.86 19.35
CA ARG F 330 55.43 22.79 19.99
C ARG F 330 55.38 21.43 19.30
N VAL F 331 55.16 20.38 20.11
CA VAL F 331 55.04 19.01 19.62
C VAL F 331 53.58 18.64 19.40
N GLU F 332 53.30 17.96 18.30
CA GLU F 332 51.94 17.56 18.00
C GLU F 332 51.77 16.04 17.92
N VAL F 333 50.87 15.51 18.76
CA VAL F 333 50.60 14.07 18.78
C VAL F 333 49.30 13.80 18.01
N ARG F 334 49.47 13.49 16.73
CA ARG F 334 48.37 13.25 15.80
C ARG F 334 47.62 11.91 15.89
N SER F 335 47.93 11.08 16.88
CA SER F 335 47.21 9.81 16.97
C SER F 335 45.90 9.95 17.75
N VAL F 336 45.90 10.71 18.84
CA VAL F 336 44.71 10.89 19.67
C VAL F 336 43.45 11.25 18.89
N ASP F 337 42.30 10.80 19.39
CA ASP F 337 41.02 11.10 18.74
C ASP F 337 40.03 11.67 19.77
N PRO F 338 38.96 12.32 19.31
CA PRO F 338 37.95 12.93 20.17
C PRO F 338 37.22 12.01 21.17
N ALA F 339 37.36 10.69 21.02
CA ALA F 339 36.68 9.77 21.92
C ALA F 339 37.44 9.63 23.23
N ALA F 340 38.66 10.16 23.25
CA ALA F 340 39.51 10.08 24.44
C ALA F 340 39.15 11.06 25.54
N ASN F 341 39.16 10.56 26.77
CA ASN F 341 38.88 11.38 27.93
C ASN F 341 40.01 12.41 27.92
N PRO F 342 39.68 13.68 27.72
CA PRO F 342 40.75 14.69 27.70
C PRO F 342 41.78 14.66 28.85
N TYR F 343 41.33 14.74 30.10
CA TYR F 343 42.26 14.72 31.22
C TYR F 343 43.25 13.53 31.23
N LEU F 344 42.78 12.35 30.84
CA LEU F 344 43.61 11.13 30.81
C LEU F 344 44.59 11.16 29.64
N ALA F 345 44.15 11.73 28.52
CA ALA F 345 44.99 11.85 27.34
C ALA F 345 46.20 12.68 27.75
N LEU F 346 45.95 13.85 28.33
CA LEU F 346 47.00 14.75 28.78
C LEU F 346 47.88 14.11 29.85
N SER F 347 47.20 13.55 30.85
CA SER F 347 47.89 12.87 31.92
C SER F 347 48.90 11.93 31.26
N VAL F 348 48.39 10.84 30.70
CA VAL F 348 49.21 9.83 30.04
C VAL F 348 50.34 10.41 29.17
N LEU F 349 50.03 11.50 28.45
CA LEU F 349 51.02 12.14 27.57
C LEU F 349 52.03 12.92 28.41
N LEU F 350 51.55 13.80 29.30
CA LEU F 350 52.48 14.56 30.13
C LEU F 350 53.44 13.60 30.85
N ALA F 351 52.94 12.43 31.24
CA ALA F 351 53.77 11.44 31.92
C ALA F 351 54.82 10.84 30.98
N ALA F 352 54.35 10.39 29.81
CA ALA F 352 55.24 9.81 28.81
C ALA F 352 56.25 10.89 28.44
N GLY F 353 55.79 12.13 28.47
CA GLY F 353 56.64 13.24 28.15
C GLY F 353 57.62 13.54 29.27
N LEU F 354 57.11 13.70 30.48
CA LEU F 354 58.01 13.98 31.57
C LEU F 354 58.94 12.81 31.86
N ASP F 355 58.51 11.59 31.55
CA ASP F 355 59.39 10.46 31.80
C ASP F 355 60.62 10.53 30.88
N GLY F 356 60.58 11.40 29.89
CA GLY F 356 61.71 11.53 28.98
C GLY F 356 62.57 12.71 29.39
N ILE F 357 61.94 13.70 30.02
CA ILE F 357 62.65 14.89 30.46
C ILE F 357 63.46 14.57 31.72
N LYS F 358 62.93 13.72 32.60
CA LYS F 358 63.67 13.41 33.80
C LYS F 358 64.64 12.24 33.67
N ASN F 359 64.65 11.57 32.51
CA ASN F 359 65.56 10.45 32.30
C ASN F 359 66.48 10.69 31.10
N LYS F 360 66.37 11.85 30.49
CA LYS F 360 67.19 12.19 29.34
C LYS F 360 67.26 11.01 28.38
N LEU F 361 66.27 10.93 27.48
CA LEU F 361 66.19 9.86 26.49
C LEU F 361 66.64 10.35 25.13
N GLU F 362 67.30 9.48 24.36
CA GLU F 362 67.78 9.85 23.04
C GLU F 362 66.75 9.49 21.98
N ALA F 363 66.22 10.53 21.34
CA ALA F 363 65.20 10.35 20.31
C ALA F 363 65.82 9.79 19.02
N PRO F 364 65.25 8.69 18.48
CA PRO F 364 65.76 8.10 17.24
C PRO F 364 65.49 9.02 16.05
N ALA F 365 66.31 8.90 15.01
CA ALA F 365 66.19 9.72 13.80
C ALA F 365 64.73 9.90 13.38
N PRO F 366 64.38 11.10 12.88
CA PRO F 366 62.99 11.34 12.46
C PRO F 366 62.58 10.49 11.24
N ILE F 367 61.39 10.76 10.73
CA ILE F 367 60.90 10.04 9.56
C ILE F 367 61.18 10.87 8.32
N ASP F 368 61.58 10.20 7.24
CA ASP F 368 61.89 10.88 5.99
C ASP F 368 60.84 10.65 4.92
N ARG F 369 61.05 9.64 4.06
CA ARG F 369 60.12 9.33 2.98
C ARG F 369 58.82 8.72 3.52
N ASN F 370 57.94 8.30 2.60
CA ASN F 370 56.66 7.69 2.98
C ASN F 370 56.80 6.41 3.79
N ILE F 371 55.92 6.25 4.78
CA ILE F 371 55.93 5.09 5.65
C ILE F 371 55.01 3.98 5.16
N TYR F 372 54.18 4.31 4.18
CA TYR F 372 53.25 3.34 3.60
C TYR F 372 54.02 2.20 2.93
N VAL F 373 55.24 2.50 2.49
CA VAL F 373 56.10 1.51 1.82
C VAL F 373 57.16 0.90 2.72
N MET F 374 56.86 0.81 4.02
CA MET F 374 57.80 0.24 4.98
C MET F 374 57.40 -1.19 5.36
N SER F 375 58.21 -2.16 4.95
CA SER F 375 57.96 -3.56 5.22
C SER F 375 57.98 -3.85 6.72
N LYS F 376 57.55 -5.05 7.11
CA LYS F 376 57.48 -5.47 8.51
C LYS F 376 58.77 -5.97 9.16
N GLU F 377 59.64 -6.60 8.39
CA GLU F 377 60.89 -7.11 8.94
C GLU F 377 61.79 -5.92 9.28
N GLU F 378 61.66 -4.85 8.51
CA GLU F 378 62.44 -3.64 8.71
C GLU F 378 61.89 -2.79 9.84
N ARG F 379 60.66 -3.10 10.27
CA ARG F 379 60.05 -2.38 11.37
C ARG F 379 60.76 -2.77 12.66
N MET F 380 61.43 -3.92 12.62
CA MET F 380 62.18 -4.43 13.78
C MET F 380 63.49 -3.64 13.91
N GLU F 381 64.07 -3.27 12.76
CA GLU F 381 65.32 -2.50 12.72
C GLU F 381 65.04 -0.99 12.81
N ASN F 382 64.51 -0.42 11.73
CA ASN F 382 64.19 1.01 11.66
C ASN F 382 63.04 1.38 12.61
N GLY F 383 62.94 2.67 12.92
CA GLY F 383 61.88 3.15 13.79
C GLY F 383 60.53 3.06 13.11
N ILE F 384 60.04 1.84 12.93
CA ILE F 384 58.75 1.59 12.29
C ILE F 384 57.80 0.80 13.21
N VAL F 385 58.03 0.87 14.53
CA VAL F 385 57.19 0.15 15.50
C VAL F 385 55.75 0.64 15.49
N ASP F 386 54.96 0.03 14.62
CA ASP F 386 53.56 0.37 14.46
C ASP F 386 52.73 0.29 15.75
N LEU F 387 51.67 1.10 15.79
CA LEU F 387 50.78 1.14 16.94
C LEU F 387 49.94 -0.12 17.02
N PRO F 388 49.31 -0.33 18.17
CA PRO F 388 48.47 -1.51 18.39
C PRO F 388 47.31 -1.49 17.40
N ALA F 389 46.87 -2.68 17.01
CA ALA F 389 45.78 -2.83 16.03
C ALA F 389 44.37 -2.92 16.59
N THR F 390 44.25 -3.44 17.81
CA THR F 390 42.94 -3.57 18.44
C THR F 390 43.03 -3.12 19.88
N LEU F 391 41.88 -2.79 20.46
CA LEU F 391 41.84 -2.36 21.84
C LEU F 391 42.53 -3.37 22.74
N ALA F 392 42.31 -4.65 22.47
CA ALA F 392 42.90 -5.73 23.24
C ALA F 392 44.41 -5.59 23.36
N GLU F 393 45.08 -5.53 22.21
CA GLU F 393 46.53 -5.40 22.16
C GLU F 393 46.99 -4.09 22.78
N ALA F 394 46.16 -3.06 22.67
CA ALA F 394 46.51 -1.76 23.22
C ALA F 394 46.42 -1.79 24.73
N LEU F 395 45.50 -2.57 25.28
CA LEU F 395 45.37 -2.65 26.72
C LEU F 395 46.55 -3.39 27.33
N GLU F 396 46.89 -4.55 26.78
CA GLU F 396 48.01 -5.34 27.28
C GLU F 396 49.23 -4.45 27.39
N GLU F 397 49.50 -3.72 26.33
CA GLU F 397 50.61 -2.78 26.25
C GLU F 397 50.54 -1.75 27.38
N PHE F 398 49.36 -1.16 27.55
CA PHE F 398 49.20 -0.16 28.59
C PHE F 398 49.58 -0.82 29.90
N LYS F 399 48.98 -1.98 30.14
CA LYS F 399 49.23 -2.76 31.35
C LYS F 399 50.73 -2.92 31.60
N SER F 400 51.47 -3.22 30.53
CA SER F 400 52.91 -3.42 30.61
C SER F 400 53.70 -2.25 31.16
N ASN F 401 53.58 -1.11 30.49
CA ASN F 401 54.30 0.10 30.87
C ASN F 401 53.96 0.57 32.28
N GLU F 402 55.00 0.77 33.10
CA GLU F 402 54.82 1.21 34.48
C GLU F 402 54.43 2.69 34.58
N VAL F 403 55.22 3.58 33.99
CA VAL F 403 54.95 5.03 34.04
C VAL F 403 53.49 5.35 33.71
N MET F 404 52.95 4.66 32.71
CA MET F 404 51.57 4.86 32.27
C MET F 404 50.61 4.50 33.40
N VAL F 405 51.00 3.49 34.18
CA VAL F 405 50.18 3.02 35.28
C VAL F 405 50.27 4.02 36.42
N LYS F 406 51.43 4.66 36.54
CA LYS F 406 51.64 5.64 37.59
C LYS F 406 51.04 6.96 37.14
N ALA F 407 50.56 7.00 35.91
CA ALA F 407 49.97 8.21 35.36
C ALA F 407 48.48 8.36 35.69
N LEU F 408 47.87 7.28 36.18
CA LEU F 408 46.46 7.31 36.52
C LEU F 408 46.24 6.80 37.95
N GLY F 409 47.31 6.27 38.56
CA GLY F 409 47.19 5.75 39.91
C GLY F 409 46.40 4.47 40.00
N GLU F 410 46.76 3.61 40.96
CA GLU F 410 46.10 2.32 41.16
C GLU F 410 44.63 2.37 40.75
N HIS F 411 43.89 3.27 41.39
CA HIS F 411 42.46 3.42 41.16
C HIS F 411 42.03 3.64 39.73
N LEU F 412 42.23 4.85 39.22
CA LEU F 412 41.84 5.16 37.84
C LEU F 412 42.35 4.12 36.85
N PHE F 413 43.46 3.46 37.19
CA PHE F 413 44.03 2.45 36.33
C PHE F 413 43.27 1.14 36.52
N GLU F 414 43.07 0.74 37.76
CA GLU F 414 42.34 -0.51 38.03
C GLU F 414 41.00 -0.58 37.29
N HIS F 415 40.21 0.47 37.36
CA HIS F 415 38.90 0.51 36.70
C HIS F 415 38.98 0.66 35.20
N PHE F 416 39.89 1.47 34.70
CA PHE F 416 39.98 1.65 33.25
C PHE F 416 40.19 0.32 32.58
N ILE F 417 41.19 -0.40 33.05
CA ILE F 417 41.47 -1.71 32.49
C ILE F 417 40.22 -2.58 32.52
N GLU F 418 39.48 -2.58 33.62
CA GLU F 418 38.27 -3.40 33.69
C GLU F 418 37.22 -2.95 32.68
N ALA F 419 36.77 -1.71 32.82
CA ALA F 419 35.76 -1.16 31.93
C ALA F 419 36.14 -1.42 30.49
N LYS F 420 37.40 -1.19 30.16
CA LYS F 420 37.84 -1.40 28.80
C LYS F 420 37.97 -2.87 28.39
N GLU F 421 38.36 -3.73 29.33
CA GLU F 421 38.50 -5.15 29.01
C GLU F 421 37.15 -5.77 28.68
N ILE F 422 36.13 -5.43 29.46
CA ILE F 422 34.79 -5.98 29.24
C ILE F 422 34.20 -5.48 27.92
N GLU F 423 34.48 -4.22 27.61
CA GLU F 423 34.01 -3.59 26.38
C GLU F 423 34.49 -4.50 25.26
N TRP F 424 35.79 -4.82 25.31
CA TRP F 424 36.38 -5.68 24.32
C TRP F 424 35.70 -7.03 24.29
N ASP F 425 35.73 -7.76 25.40
CA ASP F 425 35.11 -9.09 25.42
C ASP F 425 33.68 -9.05 24.89
N MET F 426 32.98 -7.94 25.12
CA MET F 426 31.62 -7.81 24.62
C MET F 426 31.70 -7.92 23.11
N PHE F 427 32.49 -7.03 22.51
CA PHE F 427 32.69 -6.99 21.08
C PHE F 427 33.19 -8.32 20.54
N ARG F 428 34.05 -8.98 21.31
CA ARG F 428 34.62 -10.26 20.89
C ARG F 428 33.59 -11.38 20.79
N THR F 429 32.90 -11.64 21.90
CA THR F 429 31.90 -12.69 21.95
C THR F 429 30.69 -12.39 21.09
N GLN F 430 30.72 -11.25 20.41
CA GLN F 430 29.58 -10.88 19.57
C GLN F 430 29.68 -11.58 18.21
N VAL F 431 28.54 -11.76 17.54
CA VAL F 431 28.53 -12.37 16.22
C VAL F 431 28.00 -11.27 15.29
N HIS F 432 28.91 -10.65 14.54
CA HIS F 432 28.57 -9.56 13.63
C HIS F 432 28.07 -10.04 12.29
N PRO F 433 27.28 -9.20 11.59
CA PRO F 433 26.72 -9.50 10.27
C PRO F 433 27.80 -9.96 9.32
N TRP F 434 28.87 -9.17 9.27
CA TRP F 434 30.01 -9.44 8.42
C TRP F 434 30.32 -10.93 8.42
N GLU F 435 30.39 -11.48 9.63
CA GLU F 435 30.68 -12.88 9.86
C GLU F 435 29.73 -13.75 9.06
N ARG F 436 28.44 -13.59 9.31
CA ARG F 436 27.46 -14.37 8.59
C ARG F 436 27.62 -14.21 7.10
N GLU F 437 27.71 -12.96 6.65
CA GLU F 437 27.86 -12.61 5.23
C GLU F 437 28.94 -13.39 4.51
N GLN F 438 30.06 -13.61 5.19
CA GLN F 438 31.19 -14.31 4.61
C GLN F 438 31.32 -15.78 4.95
N TYR F 439 30.50 -16.27 5.87
CA TYR F 439 30.63 -17.66 6.26
C TYR F 439 29.42 -18.58 6.11
N MET F 440 28.21 -18.06 6.28
CA MET F 440 27.03 -18.91 6.21
C MET F 440 26.81 -19.66 4.91
N SER F 441 27.29 -19.10 3.80
CA SER F 441 27.13 -19.70 2.49
C SER F 441 28.27 -20.63 2.09
N GLN F 442 29.49 -20.15 2.35
CA GLN F 442 30.70 -20.88 2.04
C GLN F 442 30.77 -22.16 2.83
N TYR F 443 30.98 -22.01 4.12
CA TYR F 443 31.10 -23.13 5.05
C TYR F 443 29.77 -23.78 5.43
N ALA G 1 34.16 -35.59 -47.28
CA ALA G 1 33.60 -34.50 -46.43
C ALA G 1 33.10 -35.05 -45.10
N LYS G 2 31.79 -35.28 -45.00
CA LYS G 2 31.18 -35.78 -43.78
C LYS G 2 29.69 -35.91 -44.04
N TYR G 3 29.22 -35.31 -45.13
CA TYR G 3 27.82 -35.36 -45.52
C TYR G 3 27.61 -35.11 -47.01
N THR G 4 26.65 -35.84 -47.60
CA THR G 4 26.32 -35.67 -49.01
C THR G 4 24.86 -35.31 -49.18
N ARG G 5 24.48 -34.89 -50.38
CA ARG G 5 23.10 -34.51 -50.64
C ARG G 5 22.16 -35.57 -50.07
N GLU G 6 22.18 -36.75 -50.69
CA GLU G 6 21.34 -37.85 -50.27
C GLU G 6 21.39 -38.07 -48.77
N ASP G 7 22.60 -38.15 -48.23
CA ASP G 7 22.80 -38.36 -46.80
C ASP G 7 21.86 -37.47 -45.99
N ILE G 8 21.97 -36.16 -46.20
CA ILE G 8 21.12 -35.21 -45.49
C ILE G 8 19.63 -35.50 -45.71
N GLU G 9 19.21 -35.48 -46.97
CA GLU G 9 17.82 -35.74 -47.33
C GLU G 9 17.28 -36.99 -46.67
N LYS G 10 18.10 -38.02 -46.56
CA LYS G 10 17.63 -39.23 -45.92
C LYS G 10 17.51 -38.93 -44.44
N LEU G 11 18.47 -38.19 -43.91
CA LEU G 11 18.47 -37.81 -42.50
C LEU G 11 17.25 -36.98 -42.18
N VAL G 12 17.04 -35.93 -42.97
CA VAL G 12 15.91 -35.04 -42.77
C VAL G 12 14.56 -35.78 -42.79
N LYS G 13 14.33 -36.56 -43.83
CA LYS G 13 13.08 -37.32 -44.01
C LYS G 13 12.87 -38.41 -42.97
N GLU G 14 13.97 -39.02 -42.54
CA GLU G 14 13.90 -40.09 -41.56
C GLU G 14 13.87 -39.53 -40.13
N GLU G 15 14.17 -38.25 -39.97
CA GLU G 15 14.17 -37.65 -38.63
C GLU G 15 12.99 -36.71 -38.34
N ASN G 16 12.16 -36.46 -39.35
CA ASN G 16 10.98 -35.58 -39.25
C ASN G 16 11.36 -34.10 -39.04
N VAL G 17 12.22 -33.60 -39.92
CA VAL G 17 12.63 -32.21 -39.84
C VAL G 17 11.61 -31.45 -40.67
N LYS G 18 10.91 -30.51 -40.03
CA LYS G 18 9.89 -29.74 -40.72
C LYS G 18 10.25 -28.26 -40.86
N TYR G 19 11.33 -27.85 -40.21
CA TYR G 19 11.79 -26.46 -40.24
C TYR G 19 13.32 -26.38 -40.34
N ILE G 20 13.85 -25.83 -41.43
CA ILE G 20 15.32 -25.73 -41.62
C ILE G 20 15.94 -24.31 -41.59
N ARG G 21 16.84 -24.08 -40.63
CA ARG G 21 17.50 -22.77 -40.51
C ARG G 21 18.77 -22.62 -41.33
N LEU G 22 18.77 -21.63 -42.21
CA LEU G 22 19.94 -21.36 -43.02
C LEU G 22 20.60 -20.19 -42.30
N GLN G 23 21.54 -20.52 -41.41
CA GLN G 23 22.20 -19.51 -40.61
C GLN G 23 23.60 -19.11 -41.05
N PHE G 24 23.89 -17.83 -40.88
CA PHE G 24 25.19 -17.25 -41.18
C PHE G 24 25.63 -16.37 -40.03
N THR G 25 26.49 -15.39 -40.32
CA THR G 25 26.98 -14.49 -39.28
C THR G 25 27.38 -13.18 -39.91
N ASP G 26 26.75 -12.10 -39.47
CA ASP G 26 27.08 -10.80 -40.03
C ASP G 26 28.45 -10.32 -39.61
N ILE G 27 28.76 -9.07 -39.96
CA ILE G 27 30.05 -8.49 -39.64
C ILE G 27 30.25 -8.25 -38.14
N LEU G 28 29.16 -8.13 -37.40
CA LEU G 28 29.26 -7.91 -35.96
C LEU G 28 29.25 -9.21 -35.15
N GLY G 29 29.43 -10.33 -35.83
CA GLY G 29 29.46 -11.61 -35.15
C GLY G 29 28.09 -12.12 -34.73
N THR G 30 27.06 -11.33 -35.00
CA THR G 30 25.68 -11.68 -34.65
C THR G 30 25.20 -12.91 -35.41
N ILE G 31 24.51 -13.78 -34.69
CA ILE G 31 23.99 -14.99 -35.30
C ILE G 31 22.71 -14.71 -36.07
N LYS G 32 22.83 -14.49 -37.37
CA LYS G 32 21.67 -14.22 -38.21
C LYS G 32 21.24 -15.54 -38.84
N ASN G 33 20.09 -15.51 -39.51
CA ASN G 33 19.61 -16.70 -40.18
C ASN G 33 18.38 -16.42 -41.01
N VAL G 34 18.03 -17.40 -41.84
CA VAL G 34 16.87 -17.28 -42.72
C VAL G 34 16.10 -18.61 -42.73
N GLU G 35 14.96 -18.61 -42.03
CA GLU G 35 14.09 -19.77 -41.88
C GLU G 35 13.32 -20.11 -43.14
N ILE G 36 13.25 -21.40 -43.43
CA ILE G 36 12.55 -21.87 -44.59
C ILE G 36 12.06 -23.27 -44.24
N PRO G 37 10.81 -23.59 -44.54
CA PRO G 37 10.31 -24.93 -44.22
C PRO G 37 11.10 -26.00 -44.98
N VAL G 38 11.09 -27.22 -44.43
CA VAL G 38 11.82 -28.33 -45.03
C VAL G 38 11.49 -28.62 -46.49
N SER G 39 10.24 -28.41 -46.88
CA SER G 39 9.81 -28.65 -48.26
C SER G 39 10.70 -27.88 -49.24
N GLN G 40 11.35 -26.83 -48.75
CA GLN G 40 12.24 -26.04 -49.58
C GLN G 40 13.70 -26.46 -49.37
N LEU G 41 13.92 -27.61 -48.73
CA LEU G 41 15.27 -28.07 -48.50
C LEU G 41 16.00 -28.22 -49.83
N GLY G 42 15.27 -28.73 -50.82
CA GLY G 42 15.84 -28.92 -52.15
C GLY G 42 16.34 -27.63 -52.75
N LYS G 43 15.50 -26.61 -52.74
CA LYS G 43 15.87 -25.31 -53.28
C LYS G 43 17.15 -24.80 -52.62
N ALA G 44 17.15 -24.78 -51.29
CA ALA G 44 18.30 -24.30 -50.52
C ALA G 44 19.63 -25.01 -50.85
N LEU G 45 19.58 -26.32 -51.07
CA LEU G 45 20.79 -27.10 -51.38
C LEU G 45 21.28 -26.89 -52.81
N ASP G 46 20.48 -26.20 -53.60
CA ASP G 46 20.84 -25.90 -54.98
C ASP G 46 21.39 -24.47 -54.97
N ASN G 47 21.53 -23.93 -53.75
CA ASN G 47 22.01 -22.57 -53.50
C ASN G 47 21.21 -21.51 -54.24
N LYS G 48 19.92 -21.76 -54.38
CA LYS G 48 19.06 -20.81 -55.08
C LYS G 48 18.11 -20.18 -54.09
N VAL G 49 18.63 -19.83 -52.92
CA VAL G 49 17.83 -19.18 -51.90
C VAL G 49 18.34 -17.76 -51.76
N MET G 50 17.47 -16.79 -52.04
CA MET G 50 17.83 -15.38 -51.97
C MET G 50 17.51 -14.78 -50.62
N PHE G 51 18.29 -13.78 -50.24
CA PHE G 51 18.10 -13.07 -48.99
C PHE G 51 18.83 -11.73 -49.10
N ASP G 52 18.26 -10.67 -48.53
CA ASP G 52 18.90 -9.37 -48.57
C ASP G 52 20.26 -9.43 -47.87
N GLY G 53 21.32 -9.16 -48.63
CA GLY G 53 22.65 -9.21 -48.06
C GLY G 53 23.02 -8.03 -47.20
N SER G 54 22.27 -6.94 -47.31
CA SER G 54 22.57 -5.75 -46.51
C SER G 54 22.54 -6.08 -45.02
N SER G 55 21.90 -7.20 -44.68
CA SER G 55 21.79 -7.64 -43.29
C SER G 55 23.17 -7.72 -42.61
N ILE G 56 24.11 -8.35 -43.31
CA ILE G 56 25.46 -8.52 -42.80
C ILE G 56 26.17 -7.20 -42.54
N GLU G 57 25.75 -6.14 -43.25
CA GLU G 57 26.36 -4.81 -43.12
C GLU G 57 26.22 -4.27 -41.71
N GLY G 58 26.00 -5.16 -40.76
CA GLY G 58 25.83 -4.71 -39.39
C GLY G 58 24.69 -3.72 -39.38
N PHE G 59 24.78 -2.74 -38.49
CA PHE G 59 23.73 -1.73 -38.39
C PHE G 59 23.98 -0.53 -39.27
N VAL G 60 24.87 -0.67 -40.25
CA VAL G 60 25.17 0.42 -41.17
C VAL G 60 24.88 0.05 -42.62
N ARG G 61 23.62 -0.37 -42.85
CA ARG G 61 23.17 -0.74 -44.18
C ARG G 61 22.70 0.52 -44.91
N ILE G 62 21.90 0.33 -45.94
CA ILE G 62 21.37 1.43 -46.74
C ILE G 62 20.27 0.90 -47.68
N GLU G 63 20.68 0.13 -48.68
CA GLU G 63 19.77 -0.44 -49.66
C GLU G 63 19.73 -1.98 -49.49
N GLU G 64 18.96 -2.65 -50.33
CA GLU G 64 18.85 -4.12 -50.27
C GLU G 64 19.75 -4.74 -51.35
N SER G 65 20.77 -5.47 -50.92
CA SER G 65 21.68 -6.13 -51.84
C SER G 65 21.35 -7.60 -51.92
N ASP G 66 20.92 -8.05 -53.10
CA ASP G 66 20.55 -9.44 -53.31
C ASP G 66 21.75 -10.40 -53.27
N MET G 67 21.59 -11.48 -52.50
CA MET G 67 22.63 -12.49 -52.38
C MET G 67 22.08 -13.88 -52.10
N TYR G 68 22.85 -14.89 -52.48
CA TYR G 68 22.48 -16.28 -52.32
C TYR G 68 23.13 -16.93 -51.11
N LEU G 69 22.56 -18.06 -50.70
CA LEU G 69 23.07 -18.81 -49.57
C LEU G 69 23.57 -20.19 -49.98
N TYR G 70 24.84 -20.45 -49.75
CA TYR G 70 25.45 -21.74 -50.10
C TYR G 70 25.69 -22.55 -48.82
N PRO G 71 24.70 -23.35 -48.39
CA PRO G 71 24.88 -24.14 -47.18
C PRO G 71 25.97 -25.21 -47.27
N ASP G 72 26.78 -25.30 -46.22
CA ASP G 72 27.85 -26.28 -46.13
C ASP G 72 27.19 -27.55 -45.59
N LEU G 73 27.25 -28.65 -46.31
CA LEU G 73 26.60 -29.88 -45.85
C LEU G 73 27.17 -30.47 -44.57
N ASN G 74 28.46 -30.24 -44.33
CA ASN G 74 29.12 -30.76 -43.12
C ASN G 74 28.61 -30.10 -41.85
N THR G 75 28.09 -28.88 -41.97
CA THR G 75 27.58 -28.16 -40.81
C THR G 75 26.17 -28.59 -40.41
N PHE G 76 25.59 -29.51 -41.18
CA PHE G 76 24.24 -29.98 -40.86
C PHE G 76 24.16 -30.35 -39.39
N VAL G 77 22.94 -30.40 -38.88
CA VAL G 77 22.71 -30.74 -37.48
C VAL G 77 21.25 -30.55 -37.05
N ILE G 78 20.69 -31.62 -36.48
CA ILE G 78 19.33 -31.60 -35.99
C ILE G 78 19.37 -31.10 -34.55
N PHE G 79 18.52 -30.12 -34.24
CA PHE G 79 18.46 -29.56 -32.89
C PHE G 79 17.63 -30.50 -32.02
N PRO G 80 18.18 -30.94 -30.87
CA PRO G 80 17.52 -31.85 -29.91
C PRO G 80 16.20 -31.31 -29.37
N TRP G 81 15.97 -30.01 -29.54
CA TRP G 81 14.75 -29.39 -29.08
C TRP G 81 13.66 -29.55 -30.15
N THR G 82 12.62 -30.29 -29.78
CA THR G 82 11.50 -30.59 -30.67
C THR G 82 10.48 -29.48 -30.81
N ALA G 83 10.16 -29.11 -32.05
CA ALA G 83 9.14 -28.11 -32.32
C ALA G 83 7.93 -29.04 -32.48
N GLU G 84 6.74 -28.59 -32.11
CA GLU G 84 5.58 -29.47 -32.17
C GLU G 84 5.05 -29.88 -33.55
N LYS G 85 5.95 -30.04 -34.52
CA LYS G 85 5.60 -30.45 -35.89
C LYS G 85 6.73 -31.32 -36.42
N GLY G 86 7.91 -31.13 -35.82
CA GLY G 86 9.11 -31.86 -36.20
C GLY G 86 10.31 -31.13 -35.64
N LYS G 87 11.51 -31.68 -35.84
CA LYS G 87 12.71 -31.02 -35.32
C LYS G 87 13.07 -29.81 -36.17
N VAL G 88 14.17 -29.14 -35.79
CA VAL G 88 14.66 -27.96 -36.50
C VAL G 88 16.17 -28.08 -36.78
N ALA G 89 16.51 -28.34 -38.03
CA ALA G 89 17.91 -28.48 -38.44
C ALA G 89 18.47 -27.14 -38.92
N ARG G 90 19.73 -27.12 -39.32
CA ARG G 90 20.35 -25.89 -39.80
C ARG G 90 21.63 -26.13 -40.58
N PHE G 91 21.97 -25.16 -41.42
CA PHE G 91 23.19 -25.20 -42.20
C PHE G 91 23.93 -23.87 -41.99
N ILE G 92 25.24 -23.94 -41.84
CA ILE G 92 26.00 -22.71 -41.71
C ILE G 92 26.40 -22.36 -43.15
N CYS G 93 25.53 -21.62 -43.81
CA CYS G 93 25.71 -21.20 -45.20
C CYS G 93 26.88 -20.26 -45.42
N ASP G 94 27.16 -19.99 -46.69
CA ASP G 94 28.22 -19.08 -47.12
C ASP G 94 27.55 -18.09 -48.04
N ILE G 95 27.72 -16.80 -47.76
CA ILE G 95 27.11 -15.76 -48.58
C ILE G 95 27.79 -15.61 -49.95
N TYR G 96 27.01 -15.74 -51.03
CA TYR G 96 27.54 -15.61 -52.38
C TYR G 96 26.87 -14.50 -53.18
N ASN G 97 27.66 -13.80 -53.99
CA ASN G 97 27.15 -12.71 -54.84
C ASN G 97 26.22 -13.33 -55.88
N PRO G 98 25.34 -12.51 -56.48
CA PRO G 98 24.41 -13.02 -57.49
C PRO G 98 25.07 -13.85 -58.58
N ASP G 99 26.12 -13.31 -59.20
CA ASP G 99 26.82 -14.02 -60.28
C ASP G 99 27.31 -15.42 -59.94
N GLY G 100 28.25 -15.56 -59.01
CA GLY G 100 28.72 -16.88 -58.65
C GLY G 100 29.84 -16.86 -57.63
N THR G 101 30.48 -15.71 -57.53
CA THR G 101 31.59 -15.54 -56.60
C THR G 101 31.22 -15.27 -55.15
N PRO G 102 32.12 -15.62 -54.23
CA PRO G 102 31.93 -15.43 -52.79
C PRO G 102 31.94 -13.95 -52.38
N PHE G 103 30.87 -13.55 -51.69
CA PHE G 103 30.74 -12.17 -51.24
C PHE G 103 31.94 -11.72 -50.39
N GLU G 104 32.61 -10.67 -50.85
CA GLU G 104 33.79 -10.11 -50.19
C GLU G 104 33.61 -9.61 -48.75
N GLY G 105 32.37 -9.37 -48.35
CA GLY G 105 32.13 -8.89 -47.00
C GLY G 105 31.58 -9.97 -46.09
N ASP G 106 31.88 -11.23 -46.38
CA ASP G 106 31.40 -12.33 -45.56
C ASP G 106 32.49 -12.74 -44.57
N PRO G 107 32.20 -12.68 -43.26
CA PRO G 107 33.23 -13.06 -42.30
C PRO G 107 33.78 -14.49 -42.47
N ARG G 108 32.92 -15.46 -42.79
CA ARG G 108 33.36 -16.84 -42.95
C ARG G 108 34.20 -17.01 -44.21
N ASN G 109 33.86 -16.29 -45.27
CA ASN G 109 34.64 -16.40 -46.48
C ASN G 109 36.02 -15.81 -46.18
N ASN G 110 36.07 -14.63 -45.59
CA ASN G 110 37.35 -14.00 -45.26
C ASN G 110 38.23 -14.93 -44.41
N LEU G 111 37.63 -15.85 -43.66
CA LEU G 111 38.41 -16.75 -42.83
C LEU G 111 39.13 -17.73 -43.76
N LYS G 112 38.40 -18.17 -44.79
CA LYS G 112 38.88 -19.14 -45.79
C LYS G 112 39.91 -18.54 -46.74
N ARG G 113 39.77 -17.25 -46.99
CA ARG G 113 40.69 -16.53 -47.86
C ARG G 113 42.04 -16.57 -47.17
N ILE G 114 42.05 -16.13 -45.91
CA ILE G 114 43.29 -16.13 -45.15
C ILE G 114 43.78 -17.57 -44.99
N LEU G 115 42.86 -18.52 -44.85
CA LEU G 115 43.25 -19.92 -44.71
C LEU G 115 43.89 -20.42 -45.99
N LYS G 116 43.60 -19.76 -47.12
CA LYS G 116 44.22 -20.11 -48.39
C LYS G 116 45.66 -19.64 -48.32
N GLU G 117 45.90 -18.46 -47.72
CA GLU G 117 47.27 -17.95 -47.57
C GLU G 117 48.08 -18.90 -46.67
N MET G 118 47.41 -19.52 -45.69
CA MET G 118 48.09 -20.45 -44.79
C MET G 118 48.63 -21.63 -45.60
N GLU G 119 47.83 -22.09 -46.56
CA GLU G 119 48.18 -23.22 -47.42
C GLU G 119 49.16 -22.81 -48.51
N ASP G 120 48.94 -21.64 -49.09
CA ASP G 120 49.83 -21.15 -50.12
C ASP G 120 51.19 -20.92 -49.50
N LEU G 121 51.23 -20.61 -48.21
CA LEU G 121 52.50 -20.39 -47.55
C LEU G 121 53.15 -21.68 -47.09
N GLY G 122 52.64 -22.83 -47.55
CA GLY G 122 53.24 -24.11 -47.18
C GLY G 122 52.68 -24.86 -45.98
N PHE G 123 51.51 -24.45 -45.49
CA PHE G 123 50.89 -25.12 -44.33
C PHE G 123 49.61 -25.86 -44.72
N SER G 124 49.15 -26.74 -43.83
CA SER G 124 47.97 -27.55 -44.09
C SER G 124 46.72 -27.23 -43.25
N ASP G 125 46.87 -27.21 -41.93
CA ASP G 125 45.72 -26.97 -41.06
C ASP G 125 46.02 -25.91 -40.01
N PHE G 126 44.96 -25.31 -39.51
CA PHE G 126 45.11 -24.29 -38.48
C PHE G 126 44.10 -24.58 -37.37
N ASN G 127 44.41 -25.55 -36.51
CA ASN G 127 43.53 -25.90 -35.42
C ASN G 127 43.40 -24.72 -34.47
N LEU G 128 42.30 -24.66 -33.75
CA LEU G 128 42.02 -23.57 -32.80
C LEU G 128 41.12 -24.11 -31.71
N GLY G 129 41.44 -23.79 -30.46
CA GLY G 129 40.62 -24.27 -29.36
C GLY G 129 40.30 -23.16 -28.37
N PRO G 130 39.10 -22.54 -28.47
CA PRO G 130 38.69 -21.47 -27.58
C PRO G 130 38.22 -21.98 -26.22
N GLU G 131 38.30 -21.08 -25.24
CA GLU G 131 37.88 -21.35 -23.86
C GLU G 131 36.95 -20.17 -23.52
N PRO G 132 35.72 -20.17 -24.06
CA PRO G 132 34.76 -19.09 -23.82
C PRO G 132 34.24 -18.96 -22.39
N GLU G 133 34.26 -17.74 -21.85
CA GLU G 133 33.79 -17.49 -20.49
C GLU G 133 32.49 -16.66 -20.57
N PHE G 134 31.52 -16.97 -19.70
CA PHE G 134 30.24 -16.27 -19.67
C PHE G 134 29.63 -16.20 -18.26
N PHE G 135 28.61 -15.38 -18.09
CA PHE G 135 27.92 -15.24 -16.81
C PHE G 135 26.51 -15.80 -16.94
N LEU G 136 25.87 -16.04 -15.80
CA LEU G 136 24.51 -16.55 -15.80
C LEU G 136 23.61 -15.78 -14.83
N PHE G 137 23.00 -14.72 -15.34
CA PHE G 137 22.13 -13.89 -14.51
C PHE G 137 20.73 -14.48 -14.42
N LYS G 138 19.98 -14.00 -13.43
CA LYS G 138 18.62 -14.47 -13.18
C LYS G 138 17.59 -13.56 -13.78
N LEU G 139 16.59 -14.17 -14.43
CA LEU G 139 15.51 -13.43 -15.02
C LEU G 139 14.55 -13.00 -13.90
N ASP G 140 13.55 -12.19 -14.26
CA ASP G 140 12.56 -11.74 -13.29
C ASP G 140 11.21 -12.33 -13.72
N GLU G 141 10.13 -11.66 -13.34
CA GLU G 141 8.78 -12.13 -13.69
C GLU G 141 8.54 -11.96 -15.18
N LYS G 142 8.81 -10.76 -15.68
CA LYS G 142 8.61 -10.44 -17.08
C LYS G 142 9.69 -11.01 -18.02
N GLY G 143 10.42 -12.02 -17.54
CA GLY G 143 11.46 -12.64 -18.36
C GLY G 143 12.52 -11.65 -18.81
N GLU G 144 12.76 -10.63 -17.97
CA GLU G 144 13.76 -9.62 -18.26
C GLU G 144 15.00 -9.86 -17.43
N PRO G 145 16.18 -9.65 -18.02
CA PRO G 145 17.45 -9.86 -17.33
C PRO G 145 17.59 -9.06 -16.04
N THR G 146 18.32 -9.63 -15.09
CA THR G 146 18.55 -8.98 -13.80
C THR G 146 20.02 -9.09 -13.45
N LEU G 147 20.52 -8.11 -12.70
CA LEU G 147 21.92 -8.11 -12.30
C LEU G 147 22.14 -9.12 -11.18
N GLU G 148 21.20 -10.06 -11.06
CA GLU G 148 21.27 -11.10 -10.03
C GLU G 148 22.05 -12.27 -10.62
N LEU G 149 22.97 -12.82 -9.83
CA LEU G 149 23.80 -13.92 -10.27
C LEU G 149 23.19 -15.28 -9.88
N ASN G 150 23.28 -16.26 -10.78
CA ASN G 150 22.71 -17.58 -10.55
C ASN G 150 23.36 -18.30 -9.38
N ASP G 151 24.43 -17.73 -8.83
CA ASP G 151 25.11 -18.32 -7.66
C ASP G 151 26.27 -17.47 -7.11
N LYS G 152 26.71 -17.81 -5.91
CA LYS G 152 27.81 -17.08 -5.29
C LYS G 152 29.01 -17.99 -5.11
N GLY G 153 29.28 -18.77 -6.16
CA GLY G 153 30.39 -19.70 -6.15
C GLY G 153 31.71 -19.05 -6.53
N GLY G 154 32.81 -19.65 -6.09
CA GLY G 154 34.12 -19.10 -6.40
C GLY G 154 34.76 -19.67 -7.65
N TYR G 155 36.08 -19.81 -7.62
CA TYR G 155 36.84 -20.32 -8.76
C TYR G 155 36.44 -21.75 -9.14
N PHE G 156 37.43 -22.64 -9.19
CA PHE G 156 37.17 -24.03 -9.56
C PHE G 156 36.22 -24.77 -8.64
N ASP G 157 35.54 -24.00 -7.80
CA ASP G 157 34.56 -24.52 -6.86
C ASP G 157 33.52 -25.35 -7.59
N LEU G 158 32.83 -26.23 -6.87
CA LEU G 158 31.78 -27.05 -7.46
C LEU G 158 30.55 -26.14 -7.39
N ALA G 159 30.19 -25.51 -8.51
CA ALA G 159 29.03 -24.61 -8.61
C ALA G 159 27.73 -25.35 -8.30
N PRO G 160 26.56 -24.65 -8.32
CA PRO G 160 25.31 -25.35 -8.01
C PRO G 160 25.37 -26.89 -8.11
N THR G 161 25.08 -27.57 -7.00
CA THR G 161 25.12 -29.02 -6.96
C THR G 161 24.10 -29.72 -7.87
N ASP G 162 24.44 -30.95 -8.25
CA ASP G 162 23.65 -31.82 -9.15
C ASP G 162 22.15 -31.60 -9.20
N LEU G 163 21.55 -31.50 -8.02
CA LEU G 163 20.12 -31.27 -7.92
C LEU G 163 19.86 -29.80 -8.22
N GLY G 164 18.68 -29.51 -8.75
CA GLY G 164 18.35 -28.13 -9.05
C GLY G 164 18.99 -27.65 -10.34
N GLU G 165 19.01 -26.32 -10.49
CA GLU G 165 19.57 -25.67 -11.68
C GLU G 165 20.71 -26.43 -12.35
N ASN G 166 21.93 -26.08 -11.96
CA ASN G 166 23.13 -26.68 -12.53
C ASN G 166 23.09 -26.59 -14.05
N CYS G 167 22.74 -25.40 -14.52
CA CYS G 167 22.64 -25.07 -15.94
C CYS G 167 23.98 -25.22 -16.66
N ARG G 168 25.06 -25.23 -15.90
CA ARG G 168 26.39 -25.38 -16.48
C ARG G 168 26.49 -26.81 -17.03
N ARG G 169 26.32 -27.79 -16.15
CA ARG G 169 26.38 -29.19 -16.54
C ARG G 169 25.42 -29.56 -17.68
N ASP G 170 24.18 -29.11 -17.58
CA ASP G 170 23.17 -29.42 -18.59
C ASP G 170 23.56 -28.94 -19.99
N ILE G 171 24.38 -27.89 -20.05
CA ILE G 171 24.85 -27.33 -21.32
C ILE G 171 25.88 -28.25 -21.93
N VAL G 172 26.85 -28.63 -21.12
CA VAL G 172 27.88 -29.53 -21.58
C VAL G 172 27.24 -30.87 -21.98
N LEU G 173 26.17 -31.24 -21.28
CA LEU G 173 25.47 -32.49 -21.57
C LEU G 173 24.87 -32.40 -22.96
N GLU G 174 24.08 -31.34 -23.22
CA GLU G 174 23.45 -31.13 -24.53
C GLU G 174 24.48 -30.97 -25.64
N LEU G 175 25.55 -30.23 -25.36
CA LEU G 175 26.61 -30.03 -26.34
C LEU G 175 27.20 -31.35 -26.76
N GLU G 176 27.68 -32.10 -25.78
CA GLU G 176 28.28 -33.41 -26.01
C GLU G 176 27.22 -34.27 -26.66
N GLU G 177 25.97 -33.94 -26.41
CA GLU G 177 24.86 -34.69 -27.00
C GLU G 177 24.77 -34.29 -28.47
N MET G 178 25.13 -33.04 -28.77
CA MET G 178 25.09 -32.50 -30.15
C MET G 178 26.28 -32.80 -31.03
N GLY G 179 27.38 -33.26 -30.44
CA GLY G 179 28.54 -33.57 -31.24
C GLY G 179 29.76 -32.75 -30.90
N PHE G 180 29.65 -31.91 -29.88
CA PHE G 180 30.80 -31.11 -29.48
C PHE G 180 31.91 -31.96 -28.87
N GLU G 181 33.12 -31.43 -28.88
CA GLU G 181 34.25 -32.13 -28.30
C GLU G 181 34.81 -31.32 -27.16
N ILE G 182 34.06 -31.30 -26.06
CA ILE G 182 34.43 -30.55 -24.88
C ILE G 182 35.43 -31.33 -24.02
N GLU G 183 36.52 -30.65 -23.65
CA GLU G 183 37.53 -31.27 -22.82
C GLU G 183 37.03 -31.28 -21.38
N ALA G 184 36.76 -30.09 -20.83
CA ALA G 184 36.28 -29.93 -19.46
C ALA G 184 35.57 -28.60 -19.22
N SER G 185 35.00 -28.44 -18.03
CA SER G 185 34.30 -27.21 -17.68
C SER G 185 34.35 -27.01 -16.16
N HIS G 186 34.34 -25.74 -15.76
CA HIS G 186 34.40 -25.42 -14.36
C HIS G 186 33.70 -24.09 -14.12
N HIS G 187 33.73 -23.67 -12.85
CA HIS G 187 33.14 -22.40 -12.47
C HIS G 187 34.31 -21.45 -12.45
N GLU G 188 34.10 -20.22 -12.92
CA GLU G 188 35.16 -19.21 -12.96
C GLU G 188 35.25 -18.35 -11.70
N VAL G 189 36.19 -17.42 -11.69
CA VAL G 189 36.41 -16.56 -10.54
C VAL G 189 35.19 -15.80 -10.12
N ALA G 190 34.70 -14.91 -10.98
CA ALA G 190 33.53 -14.09 -10.68
C ALA G 190 32.36 -14.96 -10.28
N PRO G 191 31.60 -14.51 -9.28
CA PRO G 191 30.44 -15.26 -8.81
C PRO G 191 29.38 -15.39 -9.89
N GLY G 192 28.96 -16.62 -10.15
CA GLY G 192 27.94 -16.85 -11.17
C GLY G 192 28.54 -16.87 -12.56
N GLN G 193 29.83 -17.14 -12.64
CA GLN G 193 30.53 -17.19 -13.92
C GLN G 193 30.92 -18.63 -14.24
N HIS G 194 31.09 -18.93 -15.53
CA HIS G 194 31.43 -20.29 -15.96
C HIS G 194 32.39 -20.36 -17.16
N GLU G 195 32.92 -21.54 -17.42
CA GLU G 195 33.81 -21.74 -18.56
C GLU G 195 33.79 -23.16 -19.07
N ILE G 196 33.59 -23.26 -20.37
CA ILE G 196 33.54 -24.55 -21.05
C ILE G 196 34.52 -24.40 -22.19
N ASP G 197 35.48 -25.30 -22.34
CA ASP G 197 36.40 -25.20 -23.47
C ASP G 197 36.50 -26.51 -24.22
N PHE G 198 36.54 -26.41 -25.54
CA PHE G 198 36.59 -27.58 -26.37
C PHE G 198 37.94 -27.86 -27.00
N LYS G 199 38.04 -29.05 -27.58
CA LYS G 199 39.25 -29.51 -28.24
C LYS G 199 39.45 -28.67 -29.49
N TYR G 200 40.71 -28.44 -29.85
CA TYR G 200 40.99 -27.64 -31.04
C TYR G 200 40.47 -28.32 -32.32
N ALA G 201 40.43 -27.55 -33.40
CA ALA G 201 39.96 -28.06 -34.68
C ALA G 201 40.16 -27.04 -35.80
N GLY G 202 39.65 -27.38 -36.97
CA GLY G 202 39.77 -26.50 -38.11
C GLY G 202 39.26 -25.09 -37.85
N ALA G 203 40.15 -24.12 -38.05
CA ALA G 203 39.84 -22.71 -37.85
C ALA G 203 38.37 -22.51 -38.03
N VAL G 204 37.93 -22.63 -39.28
CA VAL G 204 36.53 -22.46 -39.63
C VAL G 204 35.63 -23.36 -38.78
N ARG G 205 35.98 -24.64 -38.67
CA ARG G 205 35.19 -25.58 -37.89
C ARG G 205 34.87 -25.10 -36.49
N SER G 206 35.83 -24.41 -35.87
CA SER G 206 35.69 -23.88 -34.53
C SER G 206 34.87 -22.59 -34.48
N CYS G 207 35.24 -21.61 -35.29
CA CYS G 207 34.48 -20.38 -35.31
C CYS G 207 33.00 -20.72 -35.47
N ASP G 208 32.73 -21.84 -36.16
CA ASP G 208 31.37 -22.31 -36.38
C ASP G 208 30.78 -22.91 -35.11
N ASP G 209 31.63 -23.60 -34.38
CA ASP G 209 31.20 -24.22 -33.14
C ASP G 209 31.19 -23.18 -32.04
N ILE G 210 31.88 -22.06 -32.25
CA ILE G 210 31.91 -20.97 -31.27
C ILE G 210 30.60 -20.23 -31.36
N GLN G 211 30.07 -20.14 -32.56
CA GLN G 211 28.79 -19.49 -32.74
C GLN G 211 27.76 -20.46 -32.17
N THR G 212 27.78 -21.68 -32.69
CA THR G 212 26.84 -22.70 -32.27
C THR G 212 26.79 -22.83 -30.74
N PHE G 213 27.93 -22.62 -30.09
CA PHE G 213 28.01 -22.70 -28.63
C PHE G 213 27.24 -21.55 -28.02
N LYS G 214 27.64 -20.34 -28.39
CA LYS G 214 26.98 -19.12 -27.91
C LYS G 214 25.46 -19.34 -27.95
N LEU G 215 24.98 -20.02 -28.98
CA LEU G 215 23.54 -20.28 -29.12
C LEU G 215 23.01 -21.28 -28.10
N VAL G 216 23.61 -22.47 -28.04
CA VAL G 216 23.16 -23.50 -27.10
C VAL G 216 23.24 -23.01 -25.66
N VAL G 217 24.23 -22.19 -25.36
CA VAL G 217 24.35 -21.65 -24.00
C VAL G 217 23.19 -20.70 -23.69
N LYS G 218 22.78 -19.90 -24.67
CA LYS G 218 21.69 -18.94 -24.47
C LYS G 218 20.32 -19.63 -24.48
N THR G 219 20.19 -20.67 -25.29
CA THR G 219 18.94 -21.42 -25.37
C THR G 219 18.68 -22.17 -24.06
N ILE G 220 19.56 -23.11 -23.69
CA ILE G 220 19.38 -23.87 -22.46
C ILE G 220 19.28 -22.96 -21.24
N ALA G 221 19.99 -21.83 -21.27
CA ALA G 221 19.99 -20.88 -20.15
C ALA G 221 18.58 -20.35 -19.87
N ARG G 222 17.85 -20.08 -20.94
CA ARG G 222 16.49 -19.59 -20.80
C ARG G 222 15.68 -20.72 -20.16
N LYS G 223 15.88 -21.95 -20.65
CA LYS G 223 15.20 -23.15 -20.15
C LYS G 223 15.43 -23.34 -18.65
N HIS G 224 16.15 -22.41 -18.04
CA HIS G 224 16.44 -22.48 -16.61
C HIS G 224 16.15 -21.09 -16.09
N GLY G 225 15.22 -20.41 -16.75
CA GLY G 225 14.84 -19.06 -16.34
C GLY G 225 16.01 -18.11 -16.18
N LEU G 226 17.17 -18.51 -16.67
CA LEU G 226 18.35 -17.68 -16.58
C LEU G 226 18.68 -16.96 -17.87
N HIS G 227 19.55 -15.96 -17.75
CA HIS G 227 19.98 -15.15 -18.87
C HIS G 227 21.49 -15.32 -19.06
N ALA G 228 21.91 -15.65 -20.29
CA ALA G 228 23.33 -15.82 -20.56
C ALA G 228 23.87 -14.70 -21.45
N THR G 229 24.93 -14.04 -21.00
CA THR G 229 25.58 -12.99 -21.80
C THR G 229 27.08 -13.19 -21.85
N PHE G 230 27.64 -13.04 -23.03
CA PHE G 230 29.07 -13.20 -23.18
C PHE G 230 29.74 -11.82 -23.17
N MET G 231 28.99 -10.81 -22.70
CA MET G 231 29.48 -9.44 -22.59
C MET G 231 30.78 -9.54 -21.82
N PRO G 232 31.81 -8.83 -22.29
CA PRO G 232 33.09 -8.90 -21.59
C PRO G 232 33.09 -8.54 -20.10
N LYS G 233 32.63 -7.33 -19.78
CA LYS G 233 32.59 -6.83 -18.40
C LYS G 233 31.17 -6.45 -18.01
N PRO G 234 30.32 -7.44 -17.72
CA PRO G 234 28.93 -7.11 -17.34
C PRO G 234 28.87 -6.15 -16.15
N LEU G 235 29.61 -6.46 -15.09
CA LEU G 235 29.60 -5.61 -13.92
C LEU G 235 30.96 -5.00 -13.59
N PHE G 236 30.92 -3.89 -12.85
CA PHE G 236 32.14 -3.21 -12.43
C PHE G 236 32.86 -4.13 -11.46
N GLY G 237 34.15 -3.94 -11.26
CA GLY G 237 34.87 -4.80 -10.34
C GLY G 237 34.88 -6.26 -10.77
N VAL G 238 33.76 -6.95 -10.58
CA VAL G 238 33.67 -8.37 -10.95
C VAL G 238 34.39 -8.73 -12.23
N ASN G 239 35.28 -9.71 -12.13
CA ASN G 239 36.10 -10.19 -13.24
C ASN G 239 35.33 -10.44 -14.53
N GLY G 240 35.75 -9.76 -15.59
CA GLY G 240 35.11 -9.92 -16.89
C GLY G 240 35.42 -11.26 -17.56
N SER G 241 34.70 -11.58 -18.63
CA SER G 241 34.92 -12.86 -19.31
C SER G 241 35.90 -12.81 -20.47
N GLY G 242 36.58 -13.92 -20.70
CA GLY G 242 37.53 -14.00 -21.79
C GLY G 242 37.35 -15.24 -22.67
N MET G 243 37.95 -15.18 -23.86
CA MET G 243 37.88 -16.29 -24.78
C MET G 243 39.27 -16.56 -25.31
N HIS G 244 40.10 -17.17 -24.48
CA HIS G 244 41.46 -17.49 -24.87
C HIS G 244 41.41 -18.35 -26.11
N CYS G 245 42.35 -18.13 -27.02
CA CYS G 245 42.38 -18.92 -28.24
C CYS G 245 43.73 -19.63 -28.38
N ASN G 246 43.68 -20.95 -28.25
CA ASN G 246 44.87 -21.80 -28.37
C ASN G 246 45.19 -22.02 -29.86
N LEU G 247 46.16 -21.28 -30.39
CA LEU G 247 46.51 -21.41 -31.80
C LEU G 247 47.55 -22.51 -31.98
N SER G 248 47.28 -23.43 -32.89
CA SER G 248 48.18 -24.54 -33.14
C SER G 248 48.38 -24.75 -34.64
N LEU G 249 49.35 -24.05 -35.24
CA LEU G 249 49.60 -24.17 -36.68
C LEU G 249 50.14 -25.55 -37.03
N PHE G 250 49.60 -26.13 -38.09
CA PHE G 250 50.00 -27.46 -38.52
C PHE G 250 50.49 -27.54 -39.96
N LYS G 251 51.38 -28.50 -40.19
CA LYS G 251 51.93 -28.72 -41.51
C LYS G 251 52.16 -30.21 -41.70
N ASN G 252 51.48 -30.78 -42.70
CA ASN G 252 51.62 -32.19 -43.00
C ASN G 252 51.41 -33.04 -41.74
N GLY G 253 50.22 -32.91 -41.15
CA GLY G 253 49.89 -33.68 -39.96
C GLY G 253 50.90 -33.62 -38.83
N VAL G 254 51.72 -32.56 -38.80
CA VAL G 254 52.74 -32.37 -37.75
C VAL G 254 52.71 -30.93 -37.23
N ASN G 255 52.89 -30.75 -35.93
CA ASN G 255 52.85 -29.42 -35.32
C ASN G 255 53.81 -28.40 -35.90
N ALA G 256 53.33 -27.62 -36.85
CA ALA G 256 54.12 -26.59 -37.53
C ALA G 256 55.21 -25.98 -36.66
N PHE G 257 54.95 -25.79 -35.38
CA PHE G 257 55.97 -25.22 -34.51
C PHE G 257 56.29 -25.97 -33.23
N PHE G 258 57.19 -26.94 -33.37
CA PHE G 258 57.66 -27.75 -32.27
C PHE G 258 58.93 -28.48 -32.69
N ASP G 259 60.01 -28.24 -31.97
CA ASP G 259 61.28 -28.90 -32.25
C ASP G 259 61.73 -29.62 -30.99
N GLU G 260 61.46 -30.92 -30.95
CA GLU G 260 61.80 -31.75 -29.80
C GLU G 260 63.17 -31.45 -29.17
N ASN G 261 64.12 -31.03 -29.99
CA ASN G 261 65.47 -30.74 -29.54
C ASN G 261 65.89 -29.28 -29.81
N ALA G 262 65.08 -28.34 -29.31
CA ALA G 262 65.34 -26.92 -29.47
C ALA G 262 64.77 -26.14 -28.28
N ASP G 263 64.88 -24.82 -28.35
CA ASP G 263 64.40 -23.95 -27.30
C ASP G 263 62.99 -24.32 -26.83
N LEU G 264 62.92 -24.90 -25.63
CA LEU G 264 61.66 -25.35 -25.04
C LEU G 264 60.86 -26.15 -26.04
N GLN G 265 61.59 -26.81 -26.96
CA GLN G 265 60.96 -27.63 -27.99
C GLN G 265 59.94 -26.85 -28.80
N LEU G 266 60.32 -25.64 -29.21
CA LEU G 266 59.47 -24.79 -30.03
C LEU G 266 60.23 -24.43 -31.29
N SER G 267 59.83 -25.02 -32.40
CA SER G 267 60.53 -24.76 -33.65
C SER G 267 60.74 -23.27 -33.84
N GLU G 268 61.53 -22.92 -34.86
CA GLU G 268 61.82 -21.53 -35.16
C GLU G 268 60.58 -20.87 -35.76
N THR G 269 59.58 -21.70 -36.04
CA THR G 269 58.30 -21.24 -36.58
C THR G 269 57.58 -20.57 -35.41
N ALA G 270 57.47 -21.30 -34.33
CA ALA G 270 56.81 -20.85 -33.11
C ALA G 270 57.34 -19.52 -32.63
N LYS G 271 58.58 -19.21 -32.99
CA LYS G 271 59.15 -17.95 -32.56
C LYS G 271 58.73 -16.88 -33.56
N HIS G 272 58.67 -17.26 -34.83
CA HIS G 272 58.27 -16.34 -35.87
C HIS G 272 56.77 -16.05 -35.76
N PHE G 273 55.97 -17.09 -35.56
CA PHE G 273 54.53 -16.94 -35.44
C PHE G 273 54.18 -16.05 -34.25
N ILE G 274 54.87 -16.27 -33.15
CA ILE G 274 54.64 -15.50 -31.94
C ILE G 274 54.97 -14.04 -32.19
N ALA G 275 56.19 -13.79 -32.65
CA ALA G 275 56.65 -12.45 -32.93
C ALA G 275 55.65 -11.63 -33.75
N GLY G 276 54.99 -12.30 -34.68
CA GLY G 276 54.03 -11.62 -35.53
C GLY G 276 52.80 -11.13 -34.80
N ILE G 277 52.54 -11.73 -33.65
CA ILE G 277 51.41 -11.33 -32.84
C ILE G 277 51.89 -10.13 -32.01
N VAL G 278 52.97 -10.30 -31.28
CA VAL G 278 53.54 -9.24 -30.47
C VAL G 278 53.63 -7.93 -31.26
N LYS G 279 53.77 -8.05 -32.58
CA LYS G 279 53.90 -6.87 -33.42
C LYS G 279 52.57 -6.25 -33.81
N HIS G 280 51.55 -7.08 -33.95
CA HIS G 280 50.24 -6.57 -34.33
C HIS G 280 49.24 -6.54 -33.19
N ALA G 281 49.70 -6.94 -32.01
CA ALA G 281 48.84 -6.96 -30.85
C ALA G 281 48.08 -5.65 -30.77
N THR G 282 48.82 -4.57 -30.62
CA THR G 282 48.21 -3.26 -30.50
C THR G 282 47.33 -2.92 -31.69
N SER G 283 47.33 -3.74 -32.72
CA SER G 283 46.53 -3.45 -33.90
C SER G 283 45.29 -4.30 -34.15
N PHE G 284 45.28 -5.55 -33.72
CA PHE G 284 44.10 -6.39 -33.95
C PHE G 284 43.23 -6.43 -32.71
N THR G 285 43.64 -5.73 -31.67
CA THR G 285 42.85 -5.73 -30.45
C THR G 285 41.48 -5.11 -30.72
N ALA G 286 41.41 -4.20 -31.69
CA ALA G 286 40.13 -3.59 -32.03
C ALA G 286 39.17 -4.65 -32.58
N VAL G 287 39.72 -5.72 -33.16
CA VAL G 287 38.91 -6.80 -33.74
C VAL G 287 38.76 -7.98 -32.78
N THR G 288 39.81 -8.24 -32.00
CA THR G 288 39.76 -9.33 -31.03
C THR G 288 38.97 -8.85 -29.80
N ASN G 289 38.77 -7.53 -29.73
CA ASN G 289 38.05 -6.89 -28.64
C ASN G 289 37.27 -5.71 -29.24
N PRO G 290 36.18 -6.00 -29.95
CA PRO G 290 35.31 -5.03 -30.63
C PRO G 290 34.40 -4.10 -29.82
N THR G 291 33.85 -4.56 -28.71
CA THR G 291 32.93 -3.74 -27.94
C THR G 291 33.54 -2.71 -27.00
N VAL G 292 32.83 -1.59 -26.84
CA VAL G 292 33.25 -0.49 -25.97
C VAL G 292 33.54 -0.99 -24.56
N ASN G 293 32.88 -2.09 -24.21
CA ASN G 293 32.98 -2.72 -22.90
C ASN G 293 34.27 -3.50 -22.81
N SER G 294 34.57 -4.24 -23.87
CA SER G 294 35.77 -5.06 -23.94
C SER G 294 36.99 -4.44 -23.25
N TYR G 295 37.16 -3.14 -23.44
CA TYR G 295 38.29 -2.42 -22.89
C TYR G 295 38.23 -2.13 -21.39
N LYS G 296 37.05 -2.29 -20.80
CA LYS G 296 36.91 -2.06 -19.36
C LYS G 296 37.55 -3.25 -18.65
N ARG G 297 37.65 -4.39 -19.35
CA ARG G 297 38.25 -5.59 -18.81
C ARG G 297 39.76 -5.64 -19.03
N LEU G 298 40.23 -4.90 -20.03
CA LEU G 298 41.65 -4.84 -20.31
C LEU G 298 42.20 -3.66 -19.53
N VAL G 299 41.95 -3.67 -18.22
CA VAL G 299 42.42 -2.61 -17.34
C VAL G 299 43.32 -3.29 -16.32
N PRO G 305 45.33 -10.27 -19.13
CA PRO G 305 46.48 -9.88 -19.96
C PRO G 305 46.25 -8.60 -20.76
N CYS G 306 46.98 -7.55 -20.39
CA CYS G 306 46.87 -6.24 -21.04
C CYS G 306 48.18 -5.83 -21.74
N TYR G 307 49.30 -6.33 -21.22
CA TYR G 307 50.62 -5.99 -21.74
C TYR G 307 51.03 -6.89 -22.91
N VAL G 308 51.45 -6.27 -24.01
CA VAL G 308 51.88 -6.97 -25.21
C VAL G 308 53.22 -7.67 -25.02
N ALA G 309 53.19 -8.86 -24.41
CA ALA G 309 54.39 -9.65 -24.14
C ALA G 309 54.01 -11.13 -23.97
N TRP G 310 54.97 -12.03 -24.17
CA TRP G 310 54.69 -13.45 -24.03
C TRP G 310 55.53 -14.17 -22.97
N SER G 311 54.97 -15.22 -22.39
CA SER G 311 55.66 -16.02 -21.37
C SER G 311 55.03 -17.39 -21.20
N ALA G 312 55.88 -18.42 -21.14
CA ALA G 312 55.43 -19.80 -20.97
C ALA G 312 54.76 -20.02 -19.60
N GLN G 313 54.87 -19.03 -18.71
CA GLN G 313 54.28 -19.06 -17.36
C GLN G 313 54.38 -17.69 -16.65
N ASN G 314 53.38 -16.83 -16.86
CA ASN G 314 53.40 -15.50 -16.25
C ASN G 314 52.06 -15.07 -15.61
N ARG G 315 52.02 -13.82 -15.14
CA ARG G 315 50.82 -13.25 -14.52
C ARG G 315 49.79 -12.89 -15.61
N SER G 316 49.94 -11.72 -16.23
CA SER G 316 49.00 -11.35 -17.29
C SER G 316 49.70 -11.11 -18.62
N PRO G 317 50.37 -12.15 -19.15
CA PRO G 317 51.06 -11.98 -20.44
C PRO G 317 50.09 -12.14 -21.61
N LEU G 318 50.12 -11.19 -22.54
CA LEU G 318 49.26 -11.20 -23.72
C LEU G 318 49.30 -12.56 -24.41
N ILE G 319 50.44 -13.21 -24.30
CA ILE G 319 50.67 -14.51 -24.92
C ILE G 319 51.14 -15.51 -23.86
N ARG G 320 50.75 -16.76 -24.04
CA ARG G 320 51.15 -17.82 -23.12
C ARG G 320 51.45 -19.11 -23.85
N ILE G 321 52.64 -19.65 -23.62
CA ILE G 321 53.05 -20.86 -24.28
C ILE G 321 52.87 -22.03 -23.36
N PRO G 322 51.71 -22.71 -23.46
CA PRO G 322 51.34 -23.88 -22.65
C PRO G 322 52.40 -24.98 -22.63
N ALA G 323 52.69 -25.49 -21.42
CA ALA G 323 53.67 -26.55 -21.20
C ALA G 323 53.72 -27.59 -22.31
N SER G 324 52.63 -28.33 -22.44
CA SER G 324 52.46 -29.39 -23.43
C SER G 324 53.29 -29.22 -24.71
N ARG G 325 53.67 -30.35 -25.31
CA ARG G 325 54.45 -30.34 -26.53
C ARG G 325 53.90 -31.34 -27.56
N GLY G 326 54.77 -31.77 -28.48
CA GLY G 326 54.34 -32.71 -29.49
C GLY G 326 53.25 -32.03 -30.28
N ILE G 327 52.08 -32.67 -30.39
CA ILE G 327 50.97 -32.06 -31.11
C ILE G 327 50.42 -30.89 -30.29
N SER G 328 50.32 -31.13 -28.99
CA SER G 328 49.80 -30.13 -28.06
C SER G 328 50.72 -28.92 -27.90
N THR G 329 51.59 -28.71 -28.88
CA THR G 329 52.50 -27.59 -28.84
C THR G 329 51.75 -26.40 -29.37
N ARG G 330 51.19 -25.58 -28.48
CA ARG G 330 50.42 -24.44 -28.94
C ARG G 330 50.73 -23.07 -28.32
N VAL G 331 50.04 -22.07 -28.83
CA VAL G 331 50.19 -20.68 -28.38
C VAL G 331 48.84 -20.10 -27.97
N GLU G 332 48.76 -19.58 -26.75
CA GLU G 332 47.52 -19.00 -26.24
C GLU G 332 47.57 -17.48 -26.24
N VAL G 333 46.53 -16.89 -26.81
CA VAL G 333 46.39 -15.44 -26.82
C VAL G 333 45.23 -15.25 -25.86
N ARG G 334 45.52 -14.61 -24.73
CA ARG G 334 44.52 -14.42 -23.69
C ARG G 334 43.91 -13.02 -23.61
N SER G 335 43.90 -12.26 -24.70
CA SER G 335 43.33 -10.92 -24.66
C SER G 335 41.93 -10.86 -25.30
N VAL G 336 41.70 -11.75 -26.27
CA VAL G 336 40.43 -11.79 -26.98
C VAL G 336 39.28 -12.16 -26.05
N ASP G 337 38.14 -11.50 -26.21
CA ASP G 337 36.99 -11.84 -25.38
C ASP G 337 35.89 -12.39 -26.31
N PRO G 338 34.87 -13.04 -25.75
CA PRO G 338 33.76 -13.64 -26.52
C PRO G 338 32.87 -12.70 -27.31
N ALA G 339 32.96 -11.41 -27.03
CA ALA G 339 32.16 -10.41 -27.75
C ALA G 339 32.68 -10.38 -29.17
N ALA G 340 33.98 -10.63 -29.29
CA ALA G 340 34.64 -10.62 -30.58
C ALA G 340 34.01 -11.58 -31.58
N ASN G 341 34.10 -11.21 -32.86
CA ASN G 341 33.59 -12.03 -33.93
C ASN G 341 34.63 -13.12 -34.19
N PRO G 342 34.29 -14.38 -33.90
CA PRO G 342 35.23 -15.48 -34.10
C PRO G 342 35.92 -15.51 -35.47
N TYR G 343 35.14 -15.50 -36.55
CA TYR G 343 35.73 -15.54 -37.89
C TYR G 343 36.73 -14.40 -38.06
N LEU G 344 36.36 -13.18 -37.68
CA LEU G 344 37.26 -12.04 -37.79
C LEU G 344 38.49 -12.08 -36.87
N ALA G 345 38.31 -12.57 -35.67
CA ALA G 345 39.42 -12.64 -34.73
C ALA G 345 40.42 -13.64 -35.28
N LEU G 346 39.95 -14.85 -35.57
CA LEU G 346 40.86 -15.88 -36.10
C LEU G 346 41.58 -15.37 -37.37
N SER G 347 40.89 -14.55 -38.16
CA SER G 347 41.50 -14.00 -39.38
C SER G 347 42.70 -13.13 -39.02
N VAL G 348 42.47 -11.94 -38.49
CA VAL G 348 43.56 -11.04 -38.14
C VAL G 348 44.62 -11.75 -37.30
N LEU G 349 44.21 -12.80 -36.59
CA LEU G 349 45.14 -13.57 -35.77
C LEU G 349 46.02 -14.42 -36.67
N LEU G 350 45.43 -15.16 -37.60
CA LEU G 350 46.21 -16.00 -38.51
C LEU G 350 47.14 -15.12 -39.36
N ALA G 351 46.58 -14.06 -39.94
CA ALA G 351 47.35 -13.11 -40.76
C ALA G 351 48.53 -12.51 -39.99
N ALA G 352 48.29 -12.04 -38.76
CA ALA G 352 49.34 -11.46 -37.95
C ALA G 352 50.44 -12.48 -37.68
N GLY G 353 50.06 -13.75 -37.60
CA GLY G 353 51.04 -14.79 -37.35
C GLY G 353 51.87 -15.16 -38.58
N LEU G 354 51.21 -15.25 -39.74
CA LEU G 354 51.88 -15.59 -40.99
C LEU G 354 52.84 -14.50 -41.38
N ASP G 355 52.47 -13.27 -41.05
CA ASP G 355 53.31 -12.11 -41.35
C ASP G 355 54.67 -12.29 -40.71
N GLY G 356 54.70 -12.94 -39.55
CA GLY G 356 55.97 -13.16 -38.89
C GLY G 356 56.78 -14.23 -39.58
N ILE G 357 56.09 -15.12 -40.28
CA ILE G 357 56.78 -16.18 -40.99
C ILE G 357 57.18 -15.64 -42.36
N LYS G 358 56.23 -15.06 -43.08
CA LYS G 358 56.49 -14.47 -44.39
C LYS G 358 57.70 -13.54 -44.32
N ASN G 359 57.75 -12.75 -43.24
CA ASN G 359 58.82 -11.78 -43.07
C ASN G 359 59.85 -12.20 -42.01
N LYS G 360 59.83 -13.46 -41.59
CA LYS G 360 60.77 -13.94 -40.58
C LYS G 360 61.08 -12.83 -39.57
N LEU G 361 60.22 -12.73 -38.55
CA LEU G 361 60.36 -11.72 -37.51
C LEU G 361 60.85 -12.36 -36.22
N GLU G 362 61.94 -11.81 -35.66
CA GLU G 362 62.52 -12.33 -34.44
C GLU G 362 61.82 -11.71 -33.25
N ALA G 363 61.15 -12.55 -32.48
CA ALA G 363 60.42 -12.12 -31.29
C ALA G 363 61.38 -11.38 -30.36
N PRO G 364 60.87 -10.38 -29.61
CA PRO G 364 61.74 -9.64 -28.68
C PRO G 364 62.09 -10.49 -27.44
N ALA G 365 62.85 -9.91 -26.52
CA ALA G 365 63.29 -10.61 -25.31
C ALA G 365 62.14 -11.09 -24.40
N PRO G 366 62.29 -12.30 -23.82
CA PRO G 366 61.30 -12.90 -22.91
C PRO G 366 60.93 -11.95 -21.77
N ILE G 367 59.71 -12.14 -21.24
CA ILE G 367 59.22 -11.29 -20.14
C ILE G 367 58.76 -12.13 -18.95
N ASP G 368 58.85 -11.55 -17.76
CA ASP G 368 58.41 -12.19 -16.51
C ASP G 368 58.92 -11.39 -15.31
N ARG G 369 60.12 -10.83 -15.44
CA ARG G 369 60.75 -10.04 -14.39
C ARG G 369 59.94 -8.79 -14.04
N ASN G 370 59.01 -8.43 -14.92
CA ASN G 370 58.16 -7.27 -14.72
C ASN G 370 56.70 -7.51 -15.15
N ILE G 371 56.28 -6.84 -16.23
CA ILE G 371 54.92 -6.95 -16.76
C ILE G 371 53.88 -6.15 -15.94
N TYR G 372 53.86 -6.34 -14.62
CA TYR G 372 52.92 -5.64 -13.73
C TYR G 372 53.51 -4.45 -12.97
N VAL G 373 54.48 -4.78 -12.10
CA VAL G 373 55.15 -3.79 -11.27
C VAL G 373 55.82 -2.69 -12.07
N MET G 374 56.32 -3.02 -13.26
CA MET G 374 56.96 -2.01 -14.10
C MET G 374 55.94 -0.95 -14.52
N SER G 375 56.26 0.31 -14.26
CA SER G 375 55.37 1.42 -14.61
C SER G 375 55.30 1.58 -16.13
N LYS G 376 54.66 2.66 -16.59
CA LYS G 376 54.53 2.92 -18.03
C LYS G 376 55.87 2.97 -18.78
N GLU G 377 56.81 3.74 -18.25
CA GLU G 377 58.12 3.88 -18.88
C GLU G 377 58.99 2.64 -18.75
N GLU G 378 58.60 1.71 -17.87
CA GLU G 378 59.38 0.48 -17.70
C GLU G 378 58.92 -0.56 -18.71
N ARG G 379 57.70 -0.41 -19.20
CA ARG G 379 57.14 -1.32 -20.19
C ARG G 379 57.73 -1.04 -21.57
N MET G 380 57.99 0.23 -21.86
CA MET G 380 58.55 0.60 -23.16
C MET G 380 60.06 0.43 -23.18
N GLU G 381 60.66 0.37 -21.99
CA GLU G 381 62.10 0.18 -21.84
C GLU G 381 62.43 -1.28 -22.16
N ASN G 382 61.39 -2.02 -22.53
CA ASN G 382 61.50 -3.45 -22.91
C ASN G 382 60.38 -3.74 -23.92
N GLY G 383 60.33 -4.99 -24.41
CA GLY G 383 59.31 -5.34 -25.37
C GLY G 383 57.97 -5.54 -24.67
N ILE G 384 57.60 -4.56 -23.84
CA ILE G 384 56.37 -4.62 -23.06
C ILE G 384 55.35 -3.51 -23.39
N VAL G 385 55.25 -3.14 -24.66
CA VAL G 385 54.31 -2.12 -25.10
C VAL G 385 52.88 -2.45 -24.62
N ASP G 386 52.11 -1.42 -24.30
CA ASP G 386 50.74 -1.60 -23.79
C ASP G 386 49.72 -1.84 -24.89
N LEU G 387 48.47 -2.10 -24.50
CA LEU G 387 47.40 -2.30 -25.46
C LEU G 387 46.53 -1.05 -25.47
N PRO G 388 45.71 -0.92 -26.51
CA PRO G 388 44.85 0.27 -26.55
C PRO G 388 43.87 0.24 -25.36
N ALA G 389 43.52 1.41 -24.83
CA ALA G 389 42.61 1.52 -23.68
C ALA G 389 41.13 1.76 -23.99
N THR G 390 40.84 2.15 -25.21
CA THR G 390 39.46 2.40 -25.58
C THR G 390 39.28 1.88 -26.99
N LEU G 391 38.02 1.73 -27.39
CA LEU G 391 37.73 1.25 -28.73
C LEU G 391 38.23 2.28 -29.77
N ALA G 392 38.25 3.56 -29.40
CA ALA G 392 38.70 4.63 -30.29
C ALA G 392 40.17 4.47 -30.60
N GLU G 393 40.92 4.14 -29.56
CA GLU G 393 42.36 3.95 -29.62
C GLU G 393 42.64 2.73 -30.48
N ALA G 394 42.08 1.59 -30.10
CA ALA G 394 42.29 0.36 -30.85
C ALA G 394 42.00 0.54 -32.32
N LEU G 395 40.90 1.22 -32.63
CA LEU G 395 40.49 1.46 -34.02
C LEU G 395 41.57 2.17 -34.82
N GLU G 396 42.21 3.16 -34.20
CA GLU G 396 43.27 3.91 -34.87
C GLU G 396 44.38 2.99 -35.30
N GLU G 397 44.88 2.20 -34.36
CA GLU G 397 45.95 1.27 -34.64
C GLU G 397 45.54 0.48 -35.86
N PHE G 398 44.38 -0.17 -35.74
CA PHE G 398 43.82 -1.00 -36.79
C PHE G 398 43.93 -0.34 -38.17
N LYS G 399 43.21 0.77 -38.33
CA LYS G 399 43.19 1.54 -39.56
C LYS G 399 44.60 1.78 -40.05
N SER G 400 45.44 2.27 -39.14
CA SER G 400 46.82 2.58 -39.48
C SER G 400 47.73 1.37 -39.39
N ASN G 401 47.38 0.34 -40.14
CA ASN G 401 48.15 -0.89 -40.17
C ASN G 401 47.75 -1.68 -41.41
N GLU G 402 48.65 -1.77 -42.38
CA GLU G 402 48.36 -2.49 -43.62
C GLU G 402 47.89 -3.94 -43.45
N VAL G 403 48.78 -4.80 -42.96
CA VAL G 403 48.49 -6.22 -42.79
C VAL G 403 47.11 -6.53 -42.23
N MET G 404 46.66 -5.69 -41.30
CA MET G 404 45.36 -5.82 -40.66
C MET G 404 44.25 -5.43 -41.63
N VAL G 405 44.50 -4.38 -42.40
CA VAL G 405 43.54 -3.90 -43.37
C VAL G 405 43.36 -4.96 -44.44
N LYS G 406 44.46 -5.55 -44.87
CA LYS G 406 44.45 -6.57 -45.91
C LYS G 406 43.94 -7.91 -45.38
N ALA G 407 43.85 -8.01 -44.06
CA ALA G 407 43.38 -9.22 -43.42
C ALA G 407 41.85 -9.37 -43.55
N LEU G 408 41.13 -8.24 -43.45
CA LEU G 408 39.66 -8.26 -43.55
C LEU G 408 39.22 -7.98 -44.97
N GLY G 409 40.09 -7.32 -45.73
CA GLY G 409 39.74 -7.00 -47.10
C GLY G 409 38.82 -5.81 -47.23
N GLU G 410 39.25 -4.86 -48.06
CA GLU G 410 38.54 -3.63 -48.35
C GLU G 410 37.10 -3.55 -47.82
N HIS G 411 36.24 -4.49 -48.21
CA HIS G 411 34.84 -4.49 -47.78
C HIS G 411 34.64 -4.69 -46.28
N LEU G 412 34.98 -5.88 -45.77
CA LEU G 412 34.84 -6.15 -44.35
C LEU G 412 35.55 -5.07 -43.54
N PHE G 413 36.74 -4.69 -43.98
CA PHE G 413 37.51 -3.66 -43.32
C PHE G 413 36.67 -2.38 -43.33
N GLU G 414 36.34 -1.89 -44.52
CA GLU G 414 35.55 -0.66 -44.68
C GLU G 414 34.33 -0.56 -43.76
N HIS G 415 33.40 -1.51 -43.89
CA HIS G 415 32.17 -1.47 -43.11
C HIS G 415 32.33 -1.74 -41.62
N PHE G 416 33.50 -2.20 -41.22
CA PHE G 416 33.78 -2.45 -39.81
C PHE G 416 34.14 -1.12 -39.18
N ILE G 417 35.22 -0.52 -39.67
CA ILE G 417 35.64 0.77 -39.16
C ILE G 417 34.40 1.63 -39.03
N GLU G 418 33.68 1.83 -40.13
CA GLU G 418 32.47 2.66 -40.08
C GLU G 418 31.59 2.26 -38.91
N ALA G 419 31.12 1.01 -38.92
CA ALA G 419 30.26 0.51 -37.85
C ALA G 419 30.80 0.89 -36.49
N LYS G 420 31.96 0.34 -36.14
CA LYS G 420 32.52 0.63 -34.85
C LYS G 420 32.64 2.12 -34.55
N GLU G 421 32.97 2.94 -35.56
CA GLU G 421 33.08 4.38 -35.35
C GLU G 421 31.77 4.96 -34.78
N ILE G 422 30.64 4.52 -35.30
CA ILE G 422 29.34 4.97 -34.80
C ILE G 422 29.32 4.62 -33.31
N GLU G 423 29.41 3.32 -33.04
CA GLU G 423 29.42 2.80 -31.69
C GLU G 423 30.14 3.80 -30.79
N TRP G 424 31.37 4.15 -31.16
CA TRP G 424 32.14 5.09 -30.34
C TRP G 424 31.50 6.44 -30.17
N ASP G 425 31.35 7.20 -31.26
CA ASP G 425 30.76 8.53 -31.12
C ASP G 425 29.48 8.41 -30.34
N MET G 426 28.66 7.45 -30.73
CA MET G 426 27.40 7.18 -30.05
C MET G 426 27.63 7.18 -28.54
N PHE G 427 28.62 6.41 -28.12
CA PHE G 427 28.98 6.26 -26.71
C PHE G 427 29.68 7.46 -26.08
N ARG G 428 30.47 8.20 -26.85
CA ARG G 428 31.20 9.33 -26.27
C ARG G 428 30.32 10.54 -26.10
N THR G 429 29.28 10.65 -26.92
CA THR G 429 28.39 11.79 -26.86
C THR G 429 27.29 11.56 -25.85
N GLN G 430 27.36 10.42 -25.19
CA GLN G 430 26.36 10.08 -24.19
C GLN G 430 26.77 10.64 -22.82
N VAL G 431 25.78 11.10 -22.06
CA VAL G 431 26.00 11.64 -20.72
C VAL G 431 25.60 10.51 -19.76
N HIS G 432 26.58 10.00 -19.03
CA HIS G 432 26.38 8.89 -18.10
C HIS G 432 26.16 9.34 -16.68
N PRO G 433 25.25 8.67 -15.96
CA PRO G 433 24.93 8.99 -14.57
C PRO G 433 26.19 9.37 -13.80
N TRP G 434 27.22 8.54 -13.95
CA TRP G 434 28.49 8.78 -13.30
C TRP G 434 28.87 10.25 -13.39
N GLU G 435 28.75 10.81 -14.60
CA GLU G 435 29.09 12.20 -14.85
C GLU G 435 28.21 13.12 -14.02
N ARG G 436 26.93 12.84 -13.94
CA ARG G 436 26.11 13.72 -13.14
C ARG G 436 26.53 13.56 -11.69
N GLU G 437 26.68 12.32 -11.24
CA GLU G 437 27.07 12.05 -9.85
C GLU G 437 28.38 12.71 -9.47
N GLN G 438 29.35 12.64 -10.36
CA GLN G 438 30.66 13.23 -10.09
C GLN G 438 30.75 14.72 -10.36
N TYR G 439 29.75 15.28 -11.05
CA TYR G 439 29.75 16.69 -11.38
C TYR G 439 28.56 17.53 -10.91
N MET G 440 27.36 17.25 -11.44
CA MET G 440 26.14 17.99 -11.12
C MET G 440 26.24 18.98 -9.95
N SER G 441 26.41 18.47 -8.74
CA SER G 441 26.49 19.34 -7.55
C SER G 441 27.88 19.90 -7.29
N GLN G 442 28.89 19.08 -7.59
CA GLN G 442 30.29 19.43 -7.40
C GLN G 442 30.68 20.69 -8.19
N TYR G 443 29.89 20.99 -9.22
CA TYR G 443 30.13 22.16 -10.06
C TYR G 443 28.89 23.04 -10.24
N ALA H 1 -9.62 -27.62 -60.73
CA ALA H 1 -10.58 -28.25 -59.77
C ALA H 1 -9.84 -28.69 -58.50
N LYS H 2 -10.58 -29.30 -57.59
CA LYS H 2 -9.99 -29.77 -56.34
C LYS H 2 -10.97 -30.70 -55.62
N TYR H 3 -12.20 -30.23 -55.39
CA TYR H 3 -13.22 -31.04 -54.72
C TYR H 3 -14.56 -30.94 -55.42
N THR H 4 -15.49 -31.78 -55.00
CA THR H 4 -16.82 -31.80 -55.58
C THR H 4 -17.91 -31.94 -54.51
N ARG H 5 -19.17 -31.76 -54.94
CA ARG H 5 -20.34 -31.85 -54.07
C ARG H 5 -20.32 -33.13 -53.24
N GLU H 6 -19.32 -33.96 -53.50
CA GLU H 6 -19.15 -35.21 -52.80
C GLU H 6 -17.78 -35.22 -52.12
N ASP H 7 -16.75 -34.78 -52.85
CA ASP H 7 -15.38 -34.75 -52.33
C ASP H 7 -15.30 -34.07 -50.97
N ILE H 8 -16.03 -32.96 -50.86
CA ILE H 8 -16.08 -32.18 -49.64
C ILE H 8 -17.11 -32.82 -48.70
N GLU H 9 -18.33 -33.02 -49.22
CA GLU H 9 -19.40 -33.62 -48.45
C GLU H 9 -18.84 -34.85 -47.74
N LYS H 10 -17.98 -35.58 -48.44
CA LYS H 10 -17.35 -36.76 -47.90
C LYS H 10 -16.39 -36.34 -46.80
N LEU H 11 -15.42 -35.50 -47.17
CA LEU H 11 -14.40 -34.98 -46.25
C LEU H 11 -14.92 -34.38 -44.94
N VAL H 12 -16.14 -33.85 -44.98
CA VAL H 12 -16.76 -33.23 -43.81
C VAL H 12 -17.10 -34.24 -42.72
N LYS H 13 -17.85 -35.27 -43.10
CA LYS H 13 -18.21 -36.32 -42.15
C LYS H 13 -16.96 -37.14 -41.88
N GLU H 14 -16.17 -37.37 -42.93
CA GLU H 14 -14.94 -38.14 -42.81
C GLU H 14 -14.06 -37.61 -41.69
N GLU H 15 -13.88 -36.30 -41.64
CA GLU H 15 -13.04 -35.67 -40.62
C GLU H 15 -13.87 -35.15 -39.44
N ASN H 16 -15.18 -35.33 -39.54
CA ASN H 16 -16.09 -34.90 -38.49
C ASN H 16 -16.10 -33.38 -38.35
N VAL H 17 -16.77 -32.72 -39.27
CA VAL H 17 -16.87 -31.27 -39.24
C VAL H 17 -18.23 -30.90 -38.65
N LYS H 18 -18.23 -30.12 -37.57
CA LYS H 18 -19.48 -29.74 -36.92
C LYS H 18 -19.72 -28.23 -36.87
N TYR H 19 -18.93 -27.50 -37.65
CA TYR H 19 -19.01 -26.05 -37.68
C TYR H 19 -18.29 -25.43 -38.89
N ILE H 20 -19.03 -25.02 -39.93
CA ILE H 20 -18.40 -24.45 -41.11
C ILE H 20 -18.57 -22.92 -41.24
N ARG H 21 -17.46 -22.21 -41.34
CA ARG H 21 -17.43 -20.74 -41.45
C ARG H 21 -17.39 -20.22 -42.89
N LEU H 22 -18.46 -19.56 -43.31
CA LEU H 22 -18.54 -19.00 -44.66
C LEU H 22 -18.05 -17.56 -44.58
N GLN H 23 -16.79 -17.33 -44.92
CA GLN H 23 -16.22 -15.98 -44.84
C GLN H 23 -16.16 -15.23 -46.16
N PHE H 24 -15.89 -13.94 -46.01
CA PHE H 24 -15.76 -13.02 -47.12
C PHE H 24 -14.97 -11.82 -46.59
N THR H 25 -14.93 -10.73 -47.36
CA THR H 25 -14.17 -9.58 -46.94
C THR H 25 -14.95 -8.31 -47.25
N ASP H 26 -15.15 -7.44 -46.25
CA ASP H 26 -15.87 -6.20 -46.48
C ASP H 26 -14.93 -5.21 -47.18
N ILE H 27 -15.46 -4.04 -47.55
CA ILE H 27 -14.67 -3.03 -48.25
C ILE H 27 -13.41 -2.58 -47.50
N LEU H 28 -13.50 -2.44 -46.18
CA LEU H 28 -12.37 -2.01 -45.39
C LEU H 28 -11.22 -3.01 -45.36
N GLY H 29 -11.50 -4.24 -45.78
CA GLY H 29 -10.44 -5.23 -45.78
C GLY H 29 -10.49 -6.21 -44.60
N THR H 30 -11.40 -5.97 -43.66
CA THR H 30 -11.52 -6.82 -42.47
C THR H 30 -12.07 -8.20 -42.86
N ILE H 31 -11.57 -9.24 -42.19
CA ILE H 31 -12.01 -10.59 -42.49
C ILE H 31 -13.31 -10.87 -41.76
N LYS H 32 -14.42 -10.93 -42.51
CA LYS H 32 -15.75 -11.20 -41.95
C LYS H 32 -16.29 -12.59 -42.24
N ASN H 33 -17.46 -12.91 -41.68
CA ASN H 33 -18.07 -14.23 -41.90
C ASN H 33 -19.47 -14.45 -41.28
N VAL H 34 -20.03 -15.60 -41.62
CA VAL H 34 -21.33 -16.03 -41.10
C VAL H 34 -21.23 -17.54 -40.84
N GLU H 35 -21.28 -17.88 -39.55
CA GLU H 35 -21.17 -19.25 -39.06
C GLU H 35 -22.47 -20.04 -39.12
N ILE H 36 -22.36 -21.29 -39.55
CA ILE H 36 -23.51 -22.18 -39.68
C ILE H 36 -23.12 -23.61 -39.27
N PRO H 37 -24.03 -24.34 -38.61
CA PRO H 37 -23.72 -25.71 -38.20
C PRO H 37 -23.62 -26.62 -39.43
N VAL H 38 -22.84 -27.68 -39.32
CA VAL H 38 -22.64 -28.61 -40.42
C VAL H 38 -23.96 -29.11 -41.01
N SER H 39 -25.00 -29.08 -40.19
CA SER H 39 -26.35 -29.49 -40.59
C SER H 39 -26.90 -28.60 -41.71
N GLN H 40 -26.19 -27.52 -42.03
CA GLN H 40 -26.61 -26.58 -43.06
C GLN H 40 -25.65 -26.54 -44.25
N LEU H 41 -24.77 -27.54 -44.36
CA LEU H 41 -23.78 -27.58 -45.44
C LEU H 41 -24.40 -27.51 -46.81
N GLY H 42 -25.31 -28.44 -47.09
CA GLY H 42 -25.95 -28.48 -48.39
C GLY H 42 -26.52 -27.14 -48.77
N LYS H 43 -27.36 -26.63 -47.88
CA LYS H 43 -28.02 -25.34 -48.06
C LYS H 43 -27.03 -24.26 -48.52
N ALA H 44 -25.86 -24.24 -47.89
CA ALA H 44 -24.78 -23.31 -48.16
C ALA H 44 -24.10 -23.55 -49.51
N LEU H 45 -23.96 -24.81 -49.91
CA LEU H 45 -23.34 -25.13 -51.19
C LEU H 45 -24.35 -24.91 -52.32
N ASP H 46 -25.63 -24.84 -51.95
CA ASP H 46 -26.67 -24.63 -52.94
C ASP H 46 -26.80 -23.14 -53.23
N ASN H 47 -25.93 -22.34 -52.63
CA ASN H 47 -25.95 -20.89 -52.83
C ASN H 47 -27.25 -20.25 -52.34
N LYS H 48 -27.78 -20.73 -51.23
CA LYS H 48 -29.01 -20.18 -50.71
C LYS H 48 -28.91 -19.85 -49.24
N VAL H 49 -27.95 -19.01 -48.92
CA VAL H 49 -27.71 -18.58 -47.56
C VAL H 49 -27.58 -17.06 -47.65
N MET H 50 -28.51 -16.34 -47.02
CA MET H 50 -28.49 -14.88 -47.03
C MET H 50 -27.86 -14.31 -45.78
N PHE H 51 -27.60 -13.02 -45.81
CA PHE H 51 -27.03 -12.30 -44.67
C PHE H 51 -27.20 -10.81 -44.95
N ASP H 52 -26.87 -9.96 -43.99
CA ASP H 52 -27.00 -8.53 -44.22
C ASP H 52 -25.89 -8.08 -45.17
N GLY H 53 -26.16 -8.14 -46.47
CA GLY H 53 -25.15 -7.74 -47.43
C GLY H 53 -24.43 -6.44 -47.08
N SER H 54 -25.13 -5.51 -46.44
CA SER H 54 -24.58 -4.21 -46.06
C SER H 54 -23.35 -4.31 -45.16
N SER H 55 -23.22 -5.44 -44.49
CA SER H 55 -22.10 -5.70 -43.61
C SER H 55 -20.82 -5.32 -44.33
N ILE H 56 -20.79 -5.69 -45.61
CA ILE H 56 -19.68 -5.45 -46.51
C ILE H 56 -19.31 -3.98 -46.63
N GLU H 57 -20.33 -3.13 -46.75
CA GLU H 57 -20.12 -1.69 -46.89
C GLU H 57 -19.33 -1.05 -45.75
N GLY H 58 -18.91 -1.88 -44.79
CA GLY H 58 -18.12 -1.36 -43.68
C GLY H 58 -18.94 -0.67 -42.61
N PHE H 59 -18.28 0.08 -41.74
CA PHE H 59 -18.96 0.80 -40.65
C PHE H 59 -19.96 1.82 -41.17
N VAL H 60 -20.09 1.91 -42.48
CA VAL H 60 -21.03 2.85 -43.07
C VAL H 60 -22.20 2.08 -43.65
N ARG H 61 -23.10 1.63 -42.76
CA ARG H 61 -24.30 0.89 -43.13
C ARG H 61 -25.55 1.77 -43.01
N ILE H 62 -26.32 1.90 -44.10
CA ILE H 62 -27.53 2.72 -44.08
C ILE H 62 -28.78 1.88 -43.86
N GLU H 63 -28.88 0.77 -44.59
CA GLU H 63 -30.02 -0.14 -44.51
C GLU H 63 -29.57 -1.60 -44.48
N GLU H 64 -30.54 -2.51 -44.51
CA GLU H 64 -30.29 -3.95 -44.46
C GLU H 64 -30.48 -4.61 -45.83
N SER H 65 -29.44 -4.60 -46.65
CA SER H 65 -29.48 -5.16 -48.01
C SER H 65 -29.29 -6.69 -48.08
N ASP H 66 -30.36 -7.41 -48.43
CA ASP H 66 -30.31 -8.87 -48.52
C ASP H 66 -29.43 -9.43 -49.63
N MET H 67 -28.40 -10.18 -49.27
CA MET H 67 -27.52 -10.79 -50.25
C MET H 67 -27.22 -12.27 -49.98
N TYR H 68 -26.87 -12.99 -51.04
CA TYR H 68 -26.58 -14.42 -50.94
C TYR H 68 -25.09 -14.70 -50.81
N LEU H 69 -24.77 -15.93 -50.42
CA LEU H 69 -23.39 -16.36 -50.25
C LEU H 69 -23.08 -17.52 -51.19
N TYR H 70 -22.03 -17.37 -51.99
CA TYR H 70 -21.62 -18.42 -52.93
C TYR H 70 -20.24 -18.96 -52.58
N PRO H 71 -20.18 -20.07 -51.85
CA PRO H 71 -18.89 -20.65 -51.46
C PRO H 71 -18.06 -21.18 -52.64
N ASP H 72 -16.75 -20.94 -52.57
CA ASP H 72 -15.82 -21.40 -53.59
C ASP H 72 -15.26 -22.73 -53.11
N LEU H 73 -15.91 -23.82 -53.51
CA LEU H 73 -15.50 -25.17 -53.10
C LEU H 73 -13.98 -25.33 -53.07
N ASN H 74 -13.34 -24.82 -54.10
CA ASN H 74 -11.90 -24.92 -54.18
C ASN H 74 -11.14 -24.26 -53.03
N THR H 75 -11.85 -23.62 -52.10
CA THR H 75 -11.20 -22.98 -50.96
C THR H 75 -11.52 -23.71 -49.66
N PHE H 76 -12.06 -24.92 -49.80
CA PHE H 76 -12.43 -25.73 -48.64
C PHE H 76 -11.22 -26.00 -47.75
N VAL H 77 -11.30 -25.56 -46.50
CA VAL H 77 -10.21 -25.76 -45.55
C VAL H 77 -10.76 -26.37 -44.26
N ILE H 78 -9.90 -27.06 -43.51
CA ILE H 78 -10.35 -27.63 -42.25
C ILE H 78 -9.40 -27.24 -41.14
N PHE H 79 -9.57 -26.03 -40.63
CA PHE H 79 -8.76 -25.51 -39.54
C PHE H 79 -8.19 -26.63 -38.66
N PRO H 80 -6.89 -26.57 -38.35
CA PRO H 80 -6.24 -27.58 -37.51
C PRO H 80 -6.72 -27.59 -36.07
N TRP H 81 -6.89 -26.41 -35.48
CA TRP H 81 -7.36 -26.28 -34.10
C TRP H 81 -8.72 -26.99 -33.95
N THR H 82 -8.80 -27.94 -33.02
CA THR H 82 -10.02 -28.74 -32.79
C THR H 82 -10.93 -28.35 -31.64
N ALA H 83 -12.19 -28.05 -31.97
CA ALA H 83 -13.21 -27.70 -30.98
C ALA H 83 -13.63 -29.00 -30.28
N GLU H 84 -13.94 -28.93 -28.99
CA GLU H 84 -14.34 -30.11 -28.22
C GLU H 84 -15.53 -30.88 -28.80
N LYS H 85 -16.45 -30.17 -29.44
CA LYS H 85 -17.61 -30.81 -30.05
C LYS H 85 -17.29 -31.29 -31.46
N GLY H 86 -16.30 -30.66 -32.09
CA GLY H 86 -15.93 -31.04 -33.45
C GLY H 86 -14.98 -30.12 -34.20
N LYS H 87 -14.63 -30.53 -35.42
CA LYS H 87 -13.72 -29.78 -36.28
C LYS H 87 -14.46 -28.62 -36.89
N VAL H 88 -13.71 -27.63 -37.37
CA VAL H 88 -14.32 -26.45 -38.01
C VAL H 88 -13.78 -26.26 -39.42
N ALA H 89 -14.68 -26.05 -40.39
CA ALA H 89 -14.31 -25.86 -41.79
C ALA H 89 -14.64 -24.45 -42.26
N ARG H 90 -14.12 -24.07 -43.42
CA ARG H 90 -14.35 -22.72 -43.97
C ARG H 90 -14.51 -22.68 -45.49
N PHE H 91 -15.18 -21.64 -45.98
CA PHE H 91 -15.39 -21.43 -47.41
C PHE H 91 -15.24 -19.94 -47.67
N ILE H 92 -14.45 -19.55 -48.65
CA ILE H 92 -14.30 -18.13 -48.96
C ILE H 92 -15.28 -17.90 -50.09
N CYS H 93 -16.36 -17.20 -49.78
CA CYS H 93 -17.43 -16.92 -50.74
C CYS H 93 -17.36 -15.61 -51.50
N ASP H 94 -18.23 -15.53 -52.51
CA ASP H 94 -18.39 -14.35 -53.34
C ASP H 94 -19.82 -13.94 -53.03
N ILE H 95 -20.05 -12.63 -52.93
CA ILE H 95 -21.38 -12.14 -52.61
C ILE H 95 -22.24 -12.05 -53.87
N TYR H 96 -23.51 -12.43 -53.77
CA TYR H 96 -24.42 -12.37 -54.90
C TYR H 96 -25.67 -11.59 -54.54
N ASN H 97 -26.18 -10.78 -55.48
CA ASN H 97 -27.38 -9.98 -55.27
C ASN H 97 -28.57 -10.93 -55.17
N PRO H 98 -29.68 -10.51 -54.54
CA PRO H 98 -30.87 -11.36 -54.41
C PRO H 98 -31.23 -12.12 -55.67
N ASP H 99 -31.26 -11.41 -56.81
CA ASP H 99 -31.61 -11.99 -58.10
C ASP H 99 -30.64 -13.06 -58.64
N GLY H 100 -29.54 -12.65 -59.24
CA GLY H 100 -28.61 -13.63 -59.76
C GLY H 100 -27.22 -13.06 -59.97
N THR H 101 -27.15 -11.86 -60.55
CA THR H 101 -25.86 -11.24 -60.80
C THR H 101 -25.10 -11.10 -59.51
N PRO H 102 -23.76 -11.18 -59.58
CA PRO H 102 -22.87 -11.06 -58.42
C PRO H 102 -22.84 -9.63 -57.90
N PHE H 103 -22.83 -9.49 -56.58
CA PHE H 103 -22.82 -8.18 -55.95
C PHE H 103 -21.70 -7.34 -56.53
N GLU H 104 -22.03 -6.08 -56.83
CA GLU H 104 -21.07 -5.15 -57.41
C GLU H 104 -20.09 -4.57 -56.39
N GLY H 105 -20.50 -4.45 -55.13
CA GLY H 105 -19.61 -3.88 -54.14
C GLY H 105 -18.68 -4.83 -53.41
N ASP H 106 -18.54 -6.05 -53.94
CA ASP H 106 -17.67 -7.05 -53.30
C ASP H 106 -16.21 -6.92 -53.75
N PRO H 107 -15.30 -6.69 -52.80
CA PRO H 107 -13.88 -6.56 -53.13
C PRO H 107 -13.37 -7.72 -53.97
N ARG H 108 -13.83 -8.93 -53.68
CA ARG H 108 -13.39 -10.11 -54.39
C ARG H 108 -13.88 -10.14 -55.83
N ASN H 109 -15.16 -9.83 -56.04
CA ASN H 109 -15.73 -9.82 -57.40
C ASN H 109 -15.11 -8.74 -58.27
N ASN H 110 -14.59 -7.69 -57.61
CA ASN H 110 -13.96 -6.58 -58.30
C ASN H 110 -12.63 -7.06 -58.89
N LEU H 111 -11.94 -7.92 -58.15
CA LEU H 111 -10.66 -8.46 -58.61
C LEU H 111 -10.94 -9.38 -59.80
N LYS H 112 -11.98 -10.20 -59.68
CA LYS H 112 -12.33 -11.10 -60.77
C LYS H 112 -12.67 -10.26 -61.98
N ARG H 113 -13.43 -9.18 -61.77
CA ARG H 113 -13.84 -8.29 -62.85
C ARG H 113 -12.65 -7.64 -63.54
N ILE H 114 -11.75 -7.05 -62.76
CA ILE H 114 -10.56 -6.41 -63.27
C ILE H 114 -9.70 -7.48 -63.93
N LEU H 115 -9.85 -8.72 -63.48
CA LEU H 115 -9.09 -9.83 -64.06
C LEU H 115 -9.63 -10.09 -65.46
N LYS H 116 -10.96 -10.03 -65.61
CA LYS H 116 -11.57 -10.24 -66.90
C LYS H 116 -10.79 -9.42 -67.94
N GLU H 117 -10.77 -8.10 -67.75
CA GLU H 117 -10.07 -7.19 -68.66
C GLU H 117 -8.68 -7.72 -69.05
N MET H 118 -7.95 -8.20 -68.05
CA MET H 118 -6.62 -8.75 -68.26
C MET H 118 -6.61 -9.84 -69.32
N GLU H 119 -7.53 -10.81 -69.18
CA GLU H 119 -7.65 -11.93 -70.11
C GLU H 119 -8.21 -11.42 -71.44
N ASP H 120 -8.99 -10.34 -71.36
CA ASP H 120 -9.60 -9.74 -72.53
C ASP H 120 -8.57 -8.94 -73.31
N LEU H 121 -7.32 -9.03 -72.88
CA LEU H 121 -6.23 -8.34 -73.55
C LEU H 121 -5.22 -9.41 -73.97
N GLY H 122 -5.60 -10.67 -73.84
CA GLY H 122 -4.72 -11.75 -74.23
C GLY H 122 -3.71 -12.19 -73.19
N PHE H 123 -4.00 -11.93 -71.92
CA PHE H 123 -3.10 -12.31 -70.83
C PHE H 123 -3.60 -13.47 -69.97
N SER H 124 -2.75 -14.49 -69.82
CA SER H 124 -3.06 -15.70 -69.05
C SER H 124 -3.57 -15.39 -67.65
N ASP H 125 -2.64 -15.21 -66.73
CA ASP H 125 -2.98 -14.92 -65.33
C ASP H 125 -2.12 -13.79 -64.76
N PHE H 126 -2.52 -13.31 -63.59
CA PHE H 126 -1.81 -12.24 -62.91
C PHE H 126 -1.34 -12.82 -61.56
N ASN H 127 -0.04 -13.05 -61.44
CA ASN H 127 0.52 -13.64 -60.22
C ASN H 127 0.98 -12.63 -59.14
N LEU H 128 0.77 -13.01 -57.88
CA LEU H 128 1.13 -12.16 -56.74
C LEU H 128 1.82 -12.89 -55.59
N GLY H 129 3.02 -12.40 -55.23
CA GLY H 129 3.79 -12.97 -54.14
C GLY H 129 4.04 -11.88 -53.09
N PRO H 130 3.23 -11.84 -52.02
CA PRO H 130 3.35 -10.85 -50.94
C PRO H 130 4.43 -11.18 -49.91
N GLU H 131 4.93 -10.12 -49.27
CA GLU H 131 5.95 -10.23 -48.23
C GLU H 131 5.42 -9.52 -46.97
N PRO H 132 4.32 -10.03 -46.37
CA PRO H 132 3.68 -9.46 -45.17
C PRO H 132 4.63 -9.30 -43.98
N GLU H 133 4.62 -8.13 -43.34
CA GLU H 133 5.45 -7.89 -42.16
C GLU H 133 4.48 -7.60 -41.03
N PHE H 134 4.84 -7.95 -39.80
CA PHE H 134 3.95 -7.71 -38.65
C PHE H 134 4.65 -7.77 -37.31
N PHE H 135 4.26 -6.91 -36.39
CA PHE H 135 4.88 -6.97 -35.06
C PHE H 135 4.12 -7.95 -34.21
N LEU H 136 4.70 -8.24 -33.05
CA LEU H 136 4.11 -9.13 -32.06
C LEU H 136 4.24 -8.50 -30.68
N PHE H 137 3.17 -7.86 -30.19
CA PHE H 137 3.22 -7.25 -28.86
C PHE H 137 2.71 -8.22 -27.80
N LYS H 138 3.34 -8.18 -26.63
CA LYS H 138 2.99 -9.05 -25.51
C LYS H 138 1.72 -8.63 -24.81
N LEU H 139 0.85 -9.61 -24.55
CA LEU H 139 -0.43 -9.40 -23.86
C LEU H 139 -0.15 -9.08 -22.39
N ASP H 140 -1.14 -8.54 -21.67
CA ASP H 140 -0.93 -8.23 -20.25
C ASP H 140 -1.57 -9.28 -19.32
N GLU H 141 -2.09 -8.82 -18.18
CA GLU H 141 -2.72 -9.72 -17.23
C GLU H 141 -4.14 -10.04 -17.72
N LYS H 142 -4.95 -8.98 -17.88
CA LYS H 142 -6.33 -9.06 -18.34
C LYS H 142 -6.46 -9.59 -19.76
N GLY H 143 -5.33 -9.96 -20.37
CA GLY H 143 -5.31 -10.50 -21.72
C GLY H 143 -5.42 -9.45 -22.81
N GLU H 144 -4.78 -8.29 -22.59
CA GLU H 144 -4.82 -7.16 -23.54
C GLU H 144 -3.46 -6.80 -24.17
N PRO H 145 -3.48 -6.23 -25.39
CA PRO H 145 -2.25 -5.83 -26.07
C PRO H 145 -1.47 -4.86 -25.20
N THR H 146 -0.18 -4.75 -25.45
CA THR H 146 0.66 -3.83 -24.69
C THR H 146 1.78 -3.46 -25.64
N LEU H 147 2.31 -2.25 -25.51
CA LEU H 147 3.38 -1.80 -26.38
C LEU H 147 4.74 -2.43 -26.01
N GLU H 148 4.69 -3.70 -25.59
CA GLU H 148 5.86 -4.48 -25.18
C GLU H 148 6.18 -5.53 -26.26
N LEU H 149 7.34 -5.42 -26.88
CA LEU H 149 7.73 -6.37 -27.94
C LEU H 149 8.19 -7.72 -27.38
N ASN H 150 7.85 -8.78 -28.13
CA ASN H 150 8.16 -10.16 -27.75
C ASN H 150 9.62 -10.56 -27.81
N ASP H 151 10.44 -9.72 -28.44
CA ASP H 151 11.88 -9.98 -28.53
C ASP H 151 12.58 -8.73 -29.02
N LYS H 152 13.89 -8.65 -28.80
CA LYS H 152 14.65 -7.48 -29.23
C LYS H 152 15.54 -7.79 -30.43
N GLY H 153 15.10 -8.75 -31.25
CA GLY H 153 15.85 -9.16 -32.43
C GLY H 153 15.98 -8.10 -33.51
N GLY H 154 16.79 -8.39 -34.52
CA GLY H 154 17.01 -7.44 -35.61
C GLY H 154 16.82 -8.07 -36.98
N TYR H 155 17.18 -7.33 -38.02
CA TYR H 155 17.07 -7.79 -39.40
C TYR H 155 17.74 -9.15 -39.63
N PHE H 156 16.99 -10.13 -40.16
CA PHE H 156 17.49 -11.49 -40.41
C PHE H 156 18.22 -12.14 -39.25
N ASP H 157 17.99 -11.59 -38.05
CA ASP H 157 18.57 -12.07 -36.79
C ASP H 157 17.94 -13.41 -36.45
N LEU H 158 18.62 -14.19 -35.62
CA LEU H 158 18.04 -15.45 -35.20
C LEU H 158 17.21 -15.16 -33.95
N ALA H 159 15.98 -14.69 -34.19
CA ALA H 159 15.00 -14.36 -33.15
C ALA H 159 14.91 -15.48 -32.11
N PRO H 160 14.10 -15.30 -31.05
CA PRO H 160 13.94 -16.30 -29.97
C PRO H 160 14.23 -17.77 -30.33
N THR H 161 15.07 -18.41 -29.51
CA THR H 161 15.50 -19.79 -29.71
C THR H 161 14.38 -20.85 -29.82
N ASP H 162 14.68 -21.93 -30.53
CA ASP H 162 13.73 -23.03 -30.76
C ASP H 162 13.12 -23.59 -29.48
N LEU H 163 13.51 -23.01 -28.36
CA LEU H 163 13.03 -23.40 -27.06
C LEU H 163 12.46 -22.15 -26.41
N GLY H 164 11.16 -21.96 -26.58
CA GLY H 164 10.52 -20.78 -26.01
C GLY H 164 9.31 -20.30 -26.78
N GLU H 165 9.08 -18.98 -26.73
CA GLU H 165 7.93 -18.35 -27.40
C GLU H 165 8.08 -18.24 -28.90
N ASN H 166 8.99 -19.00 -29.49
CA ASN H 166 9.20 -18.93 -30.92
C ASN H 166 7.91 -19.13 -31.73
N CYS H 167 7.16 -18.04 -31.82
CA CYS H 167 5.88 -17.97 -32.52
C CYS H 167 6.06 -18.04 -34.03
N ARG H 168 6.84 -17.12 -34.58
CA ARG H 168 7.05 -17.09 -36.01
C ARG H 168 7.12 -18.51 -36.57
N ARG H 169 8.13 -19.29 -36.16
CA ARG H 169 8.28 -20.66 -36.64
C ARG H 169 6.97 -21.42 -36.63
N ASP H 170 6.30 -21.40 -35.49
CA ASP H 170 5.02 -22.10 -35.36
C ASP H 170 4.07 -21.62 -36.44
N ILE H 171 3.83 -20.30 -36.46
CA ILE H 171 2.97 -19.69 -37.45
C ILE H 171 3.28 -20.34 -38.80
N VAL H 172 4.57 -20.51 -39.10
CA VAL H 172 5.00 -21.11 -40.37
C VAL H 172 4.66 -22.59 -40.47
N LEU H 173 5.01 -23.35 -39.44
CA LEU H 173 4.68 -24.76 -39.45
C LEU H 173 3.18 -24.90 -39.69
N GLU H 174 2.37 -24.36 -38.78
CA GLU H 174 0.91 -24.43 -38.92
C GLU H 174 0.46 -23.99 -40.31
N LEU H 175 1.16 -23.04 -40.92
CA LEU H 175 0.79 -22.56 -42.26
C LEU H 175 1.07 -23.58 -43.36
N GLU H 176 2.23 -24.23 -43.28
CA GLU H 176 2.61 -25.23 -44.26
C GLU H 176 1.71 -26.42 -44.07
N GLU H 177 1.50 -26.79 -42.80
CA GLU H 177 0.65 -27.92 -42.48
C GLU H 177 -0.77 -27.65 -42.93
N MET H 178 -1.14 -26.38 -43.04
CA MET H 178 -2.48 -26.03 -43.48
C MET H 178 -2.63 -26.20 -44.98
N GLY H 179 -1.56 -25.92 -45.71
CA GLY H 179 -1.61 -26.07 -47.15
C GLY H 179 -0.88 -24.95 -47.86
N PHE H 180 -0.32 -24.03 -47.10
CA PHE H 180 0.41 -22.92 -47.70
C PHE H 180 1.72 -23.32 -48.36
N GLU H 181 2.34 -22.36 -49.04
CA GLU H 181 3.60 -22.57 -49.70
C GLU H 181 4.51 -21.39 -49.32
N ILE H 182 5.03 -21.40 -48.10
CA ILE H 182 5.90 -20.32 -47.64
C ILE H 182 7.30 -20.39 -48.22
N GLU H 183 7.65 -19.39 -49.03
CA GLU H 183 8.97 -19.34 -49.61
C GLU H 183 9.93 -19.41 -48.44
N ALA H 184 9.96 -18.37 -47.62
CA ALA H 184 10.83 -18.34 -46.47
C ALA H 184 10.35 -17.26 -45.52
N SER H 185 11.08 -17.04 -44.44
CA SER H 185 10.72 -16.03 -43.47
C SER H 185 11.92 -15.74 -42.59
N HIS H 186 11.97 -14.52 -42.07
CA HIS H 186 13.06 -14.07 -41.20
C HIS H 186 12.49 -13.05 -40.24
N HIS H 187 13.36 -12.49 -39.41
CA HIS H 187 12.98 -11.47 -38.44
C HIS H 187 13.34 -10.10 -39.01
N GLU H 188 12.35 -9.27 -39.26
CA GLU H 188 12.59 -7.96 -39.84
C GLU H 188 13.44 -7.00 -38.98
N VAL H 189 13.62 -5.80 -39.51
CA VAL H 189 14.40 -4.74 -38.87
C VAL H 189 14.05 -4.55 -37.41
N ALA H 190 13.21 -3.56 -37.09
CA ALA H 190 12.84 -3.26 -35.71
C ALA H 190 12.53 -4.48 -34.82
N PRO H 191 12.78 -4.36 -33.51
CA PRO H 191 12.50 -5.49 -32.61
C PRO H 191 11.04 -5.89 -32.63
N GLY H 192 10.77 -7.18 -32.43
CA GLY H 192 9.41 -7.64 -32.42
C GLY H 192 8.76 -7.66 -33.80
N GLN H 193 9.49 -7.26 -34.84
CA GLN H 193 8.90 -7.27 -36.18
C GLN H 193 9.18 -8.62 -36.84
N HIS H 194 8.38 -8.97 -37.85
CA HIS H 194 8.53 -10.25 -38.56
C HIS H 194 8.15 -10.17 -40.04
N GLU H 195 8.38 -11.25 -40.77
CA GLU H 195 8.03 -11.32 -42.19
C GLU H 195 7.97 -12.76 -42.64
N ILE H 196 7.00 -13.09 -43.49
CA ILE H 196 6.89 -14.44 -44.03
C ILE H 196 6.40 -14.31 -45.45
N ASP H 197 7.20 -14.80 -46.39
CA ASP H 197 6.87 -14.70 -47.79
C ASP H 197 6.21 -15.98 -48.25
N PHE H 198 5.33 -15.87 -49.23
CA PHE H 198 4.61 -17.02 -49.78
C PHE H 198 5.14 -17.40 -51.15
N LYS H 199 4.24 -17.88 -52.01
CA LYS H 199 4.63 -18.25 -53.36
C LYS H 199 3.69 -17.63 -54.38
N TYR H 200 4.17 -17.52 -55.62
CA TYR H 200 3.41 -16.96 -56.73
C TYR H 200 2.07 -17.65 -56.76
N ALA H 201 1.01 -16.90 -57.08
CA ALA H 201 -0.34 -17.47 -57.14
C ALA H 201 -1.32 -16.55 -57.84
N GLY H 202 -2.34 -17.11 -58.47
CA GLY H 202 -3.35 -16.31 -59.15
C GLY H 202 -3.87 -15.26 -58.19
N ALA H 203 -3.77 -14.00 -58.57
CA ALA H 203 -4.20 -12.87 -57.74
C ALA H 203 -5.40 -13.19 -56.86
N VAL H 204 -6.50 -13.55 -57.52
CA VAL H 204 -7.73 -13.87 -56.80
C VAL H 204 -7.55 -15.07 -55.88
N ARG H 205 -6.53 -15.89 -56.11
CA ARG H 205 -6.30 -17.06 -55.27
C ARG H 205 -5.23 -16.80 -54.20
N SER H 206 -4.38 -15.79 -54.42
CA SER H 206 -3.34 -15.46 -53.43
C SER H 206 -3.92 -14.51 -52.39
N CYS H 207 -4.86 -13.68 -52.85
CA CYS H 207 -5.52 -12.69 -52.01
C CYS H 207 -6.19 -13.40 -50.83
N ASP H 208 -6.69 -14.60 -51.07
CA ASP H 208 -7.33 -15.39 -50.03
C ASP H 208 -6.29 -15.89 -49.04
N ASP H 209 -5.07 -16.09 -49.52
CA ASP H 209 -4.04 -16.56 -48.62
C ASP H 209 -3.49 -15.38 -47.86
N ILE H 210 -3.63 -14.18 -48.41
CA ILE H 210 -3.14 -13.00 -47.69
C ILE H 210 -4.12 -12.72 -46.58
N GLN H 211 -5.35 -13.22 -46.72
CA GLN H 211 -6.37 -13.05 -45.71
C GLN H 211 -6.18 -14.14 -44.66
N THR H 212 -6.39 -15.40 -45.06
CA THR H 212 -6.24 -16.54 -44.16
C THR H 212 -4.96 -16.39 -43.34
N PHE H 213 -3.89 -15.93 -43.99
CA PHE H 213 -2.61 -15.71 -43.31
C PHE H 213 -2.79 -14.88 -42.04
N LYS H 214 -3.45 -13.74 -42.18
CA LYS H 214 -3.72 -12.83 -41.07
C LYS H 214 -4.53 -13.50 -39.96
N LEU H 215 -5.51 -14.32 -40.35
CA LEU H 215 -6.33 -15.03 -39.38
C LEU H 215 -5.43 -15.97 -38.56
N VAL H 216 -4.71 -16.85 -39.25
CA VAL H 216 -3.81 -17.78 -38.60
C VAL H 216 -2.83 -17.02 -37.69
N VAL H 217 -2.11 -16.04 -38.27
CA VAL H 217 -1.16 -15.24 -37.49
C VAL H 217 -1.77 -14.72 -36.19
N LYS H 218 -2.87 -13.98 -36.28
CA LYS H 218 -3.50 -13.45 -35.06
C LYS H 218 -3.94 -14.58 -34.15
N THR H 219 -4.31 -15.72 -34.73
CA THR H 219 -4.75 -16.89 -33.95
C THR H 219 -3.62 -17.48 -33.10
N ILE H 220 -2.59 -18.00 -33.76
CA ILE H 220 -1.46 -18.59 -33.05
C ILE H 220 -0.75 -17.58 -32.14
N ALA H 221 -0.62 -16.33 -32.56
CA ALA H 221 0.03 -15.30 -31.75
C ALA H 221 -0.67 -15.15 -30.41
N ARG H 222 -1.97 -15.44 -30.42
CA ARG H 222 -2.79 -15.38 -29.23
C ARG H 222 -2.34 -16.60 -28.42
N LYS H 223 -2.48 -17.78 -29.03
CA LYS H 223 -2.10 -19.03 -28.40
C LYS H 223 -0.82 -18.87 -27.58
N HIS H 224 0.05 -17.95 -27.98
CA HIS H 224 1.31 -17.72 -27.27
C HIS H 224 1.28 -16.47 -26.39
N GLY H 225 0.09 -16.09 -25.94
CA GLY H 225 -0.04 -14.92 -25.08
C GLY H 225 0.42 -13.62 -25.68
N LEU H 226 0.43 -13.54 -27.00
CA LEU H 226 0.87 -12.32 -27.67
C LEU H 226 -0.23 -11.72 -28.51
N HIS H 227 0.05 -10.55 -29.07
CA HIS H 227 -0.88 -9.86 -29.94
C HIS H 227 -0.14 -9.54 -31.23
N ALA H 228 -0.61 -10.11 -32.36
CA ALA H 228 0.00 -9.85 -33.65
C ALA H 228 -0.74 -8.69 -34.28
N THR H 229 -0.01 -7.73 -34.82
CA THR H 229 -0.68 -6.57 -35.43
C THR H 229 -0.07 -6.16 -36.78
N PHE H 230 -0.93 -6.02 -37.78
CA PHE H 230 -0.48 -5.63 -39.11
C PHE H 230 -0.63 -4.12 -39.28
N MET H 231 -0.54 -3.40 -38.18
CA MET H 231 -0.66 -1.95 -38.24
C MET H 231 0.63 -1.46 -38.89
N PRO H 232 0.52 -0.48 -39.82
CA PRO H 232 1.68 0.08 -40.53
C PRO H 232 2.77 0.71 -39.68
N LYS H 233 2.38 1.59 -38.78
CA LYS H 233 3.32 2.30 -37.93
C LYS H 233 2.82 2.33 -36.50
N PRO H 234 2.90 1.17 -35.82
CA PRO H 234 2.47 0.98 -34.44
C PRO H 234 3.28 1.83 -33.43
N LEU H 235 4.56 2.01 -33.73
CA LEU H 235 5.44 2.77 -32.85
C LEU H 235 6.25 3.83 -33.59
N PHE H 236 6.23 5.04 -33.06
CA PHE H 236 6.98 6.14 -33.64
C PHE H 236 8.43 5.72 -33.50
N GLY H 237 9.33 6.38 -34.22
CA GLY H 237 10.74 6.04 -34.10
C GLY H 237 11.16 4.69 -34.66
N VAL H 238 10.45 3.64 -34.29
CA VAL H 238 10.76 2.31 -34.78
C VAL H 238 10.26 2.17 -36.22
N ASN H 239 10.49 1.01 -36.83
CA ASN H 239 10.06 0.79 -38.21
C ASN H 239 8.58 0.56 -38.44
N GLY H 240 8.25 0.37 -39.71
CA GLY H 240 6.88 0.13 -40.11
C GLY H 240 6.73 -1.25 -40.73
N SER H 241 5.49 -1.62 -41.04
CA SER H 241 5.22 -2.93 -41.63
C SER H 241 4.53 -2.78 -42.97
N GLY H 242 5.27 -2.94 -44.06
CA GLY H 242 4.66 -2.84 -45.38
C GLY H 242 4.48 -4.23 -45.96
N MET H 243 3.60 -4.36 -46.95
CA MET H 243 3.39 -5.66 -47.56
C MET H 243 3.70 -5.59 -49.04
N HIS H 244 4.99 -5.72 -49.38
CA HIS H 244 5.45 -5.69 -50.76
C HIS H 244 4.71 -6.68 -51.63
N CYS H 245 4.44 -6.31 -52.88
CA CYS H 245 3.77 -7.22 -53.80
C CYS H 245 4.59 -7.49 -55.05
N ASN H 246 4.89 -8.76 -55.26
CA ASN H 246 5.65 -9.24 -56.42
C ASN H 246 4.67 -9.59 -57.54
N LEU H 247 4.64 -8.75 -58.56
CA LEU H 247 3.73 -8.93 -59.69
C LEU H 247 4.45 -9.41 -60.94
N SER H 248 3.71 -10.06 -61.81
CA SER H 248 4.24 -10.55 -63.07
C SER H 248 3.08 -11.05 -63.93
N LEU H 249 2.85 -10.36 -65.05
CA LEU H 249 1.77 -10.71 -65.98
C LEU H 249 2.17 -11.86 -66.88
N PHE H 250 1.23 -12.78 -67.10
CA PHE H 250 1.47 -13.94 -67.94
C PHE H 250 0.66 -13.88 -69.23
N LYS H 251 1.08 -14.67 -70.21
CA LYS H 251 0.43 -14.74 -71.52
C LYS H 251 0.84 -16.09 -72.09
N ASN H 252 -0.12 -17.00 -72.29
CA ASN H 252 0.21 -18.30 -72.83
C ASN H 252 1.16 -19.01 -71.89
N GLY H 253 0.83 -19.03 -70.60
CA GLY H 253 1.67 -19.71 -69.62
C GLY H 253 3.12 -19.27 -69.60
N VAL H 254 3.47 -18.26 -70.40
CA VAL H 254 4.83 -17.76 -70.43
C VAL H 254 4.85 -16.38 -69.80
N ASN H 255 5.96 -16.04 -69.16
CA ASN H 255 6.09 -14.74 -68.51
C ASN H 255 6.14 -13.63 -69.56
N ALA H 256 5.30 -12.61 -69.38
CA ALA H 256 5.25 -11.52 -70.34
C ALA H 256 6.14 -10.34 -69.99
N PHE H 257 6.89 -10.46 -68.92
CA PHE H 257 7.76 -9.36 -68.51
C PHE H 257 9.21 -9.72 -68.82
N PHE H 258 9.40 -10.91 -69.36
CA PHE H 258 10.74 -11.40 -69.72
C PHE H 258 11.03 -11.30 -71.21
N ASP H 259 12.31 -11.16 -71.56
CA ASP H 259 12.76 -11.05 -72.95
C ASP H 259 14.29 -10.89 -73.00
N GLU H 260 15.00 -11.98 -72.74
CA GLU H 260 16.47 -12.01 -72.72
C GLU H 260 17.20 -11.17 -73.77
N ASN H 261 16.57 -10.97 -74.93
CA ASN H 261 17.17 -10.18 -76.01
C ASN H 261 17.21 -8.68 -75.71
N ALA H 262 16.20 -8.19 -75.00
CA ALA H 262 16.13 -6.77 -74.65
C ALA H 262 17.07 -6.49 -73.45
N ASP H 263 17.09 -5.25 -72.96
CA ASP H 263 17.95 -4.92 -71.83
C ASP H 263 17.35 -5.31 -70.49
N LEU H 264 18.21 -5.82 -69.61
CA LEU H 264 17.79 -6.25 -68.28
C LEU H 264 16.91 -7.47 -68.47
N GLN H 265 16.91 -8.00 -69.69
CA GLN H 265 16.12 -9.16 -70.06
C GLN H 265 14.63 -8.92 -69.82
N LEU H 266 14.25 -7.65 -69.75
CA LEU H 266 12.84 -7.26 -69.53
C LEU H 266 12.12 -7.25 -70.88
N SER H 267 10.84 -6.89 -70.88
CA SER H 267 10.07 -6.84 -72.13
C SER H 267 9.48 -5.46 -72.36
N GLU H 268 8.74 -5.30 -73.46
CA GLU H 268 8.13 -4.02 -73.76
C GLU H 268 6.88 -3.91 -72.89
N THR H 269 6.28 -5.07 -72.64
CA THR H 269 5.09 -5.19 -71.81
C THR H 269 5.51 -4.83 -70.39
N ALA H 270 6.60 -5.46 -69.94
CA ALA H 270 7.13 -5.19 -68.61
C ALA H 270 7.37 -3.70 -68.45
N LYS H 271 8.03 -3.08 -69.42
CA LYS H 271 8.29 -1.66 -69.32
C LYS H 271 6.97 -0.88 -69.35
N HIS H 272 6.06 -1.31 -70.23
CA HIS H 272 4.75 -0.66 -70.35
C HIS H 272 4.00 -0.72 -69.01
N PHE H 273 4.27 -1.78 -68.25
CA PHE H 273 3.65 -1.98 -66.95
C PHE H 273 4.19 -0.91 -66.02
N ILE H 274 5.50 -0.91 -65.81
CA ILE H 274 6.17 0.07 -64.94
C ILE H 274 5.58 1.44 -65.15
N ALA H 275 5.59 1.89 -66.40
CA ALA H 275 5.07 3.19 -66.78
C ALA H 275 3.70 3.42 -66.14
N GLY H 276 2.84 2.41 -66.21
CA GLY H 276 1.52 2.52 -65.64
C GLY H 276 1.56 2.65 -64.13
N ILE H 277 2.32 1.78 -63.49
CA ILE H 277 2.44 1.79 -62.04
C ILE H 277 2.93 3.15 -61.54
N VAL H 278 3.91 3.71 -62.24
CA VAL H 278 4.48 5.01 -61.88
C VAL H 278 3.42 6.08 -62.06
N LYS H 279 2.87 6.16 -63.25
CA LYS H 279 1.85 7.13 -63.57
C LYS H 279 0.85 7.28 -62.43
N HIS H 280 0.02 6.26 -62.24
CA HIS H 280 -1.01 6.29 -61.21
C HIS H 280 -0.52 6.02 -59.78
N ALA H 281 0.78 5.82 -59.63
CA ALA H 281 1.35 5.54 -58.33
C ALA H 281 0.81 6.50 -57.27
N THR H 282 0.97 7.79 -57.52
CA THR H 282 0.53 8.81 -56.57
C THR H 282 -0.99 8.87 -56.52
N SER H 283 -1.66 7.81 -56.98
CA SER H 283 -3.11 7.78 -57.03
C SER H 283 -3.80 6.57 -56.44
N PHE H 284 -3.17 5.40 -56.53
CA PHE H 284 -3.78 4.20 -55.98
C PHE H 284 -3.35 4.03 -54.53
N THR H 285 -2.46 4.91 -54.08
CA THR H 285 -1.95 4.87 -52.73
C THR H 285 -3.07 4.89 -51.69
N ALA H 286 -4.09 5.73 -51.91
CA ALA H 286 -5.20 5.79 -50.97
C ALA H 286 -5.76 4.38 -50.72
N VAL H 287 -5.44 3.43 -51.59
CA VAL H 287 -5.90 2.04 -51.45
C VAL H 287 -4.81 1.10 -50.94
N THR H 288 -3.58 1.30 -51.38
CA THR H 288 -2.48 0.46 -50.92
C THR H 288 -1.90 1.05 -49.64
N ASN H 289 -2.66 1.96 -49.04
CA ASN H 289 -2.28 2.64 -47.79
C ASN H 289 -3.60 3.25 -47.26
N PRO H 290 -4.60 2.40 -47.03
CA PRO H 290 -5.94 2.77 -46.54
C PRO H 290 -6.12 3.40 -45.16
N THR H 291 -5.07 3.49 -44.36
CA THR H 291 -5.21 4.06 -43.00
C THR H 291 -4.55 5.42 -42.75
N VAL H 292 -5.08 6.15 -41.76
CA VAL H 292 -4.56 7.46 -41.35
C VAL H 292 -3.07 7.31 -41.01
N ASN H 293 -2.74 6.18 -40.39
CA ASN H 293 -1.39 5.87 -39.95
C ASN H 293 -0.46 5.33 -41.05
N SER H 294 -1.01 4.80 -42.14
CA SER H 294 -0.18 4.26 -43.22
C SER H 294 0.87 5.23 -43.75
N TYR H 295 0.51 6.49 -43.78
CA TYR H 295 1.39 7.54 -44.28
C TYR H 295 2.48 7.97 -43.29
N LYS H 296 2.39 7.52 -42.05
CA LYS H 296 3.43 7.84 -41.07
C LYS H 296 4.63 6.96 -41.44
N ARG H 297 4.37 5.88 -42.19
CA ARG H 297 5.42 4.98 -42.62
C ARG H 297 6.05 5.54 -43.88
N LEU H 298 5.30 6.43 -44.54
CA LEU H 298 5.76 7.07 -45.76
C LEU H 298 6.36 8.47 -45.50
N VAL H 299 7.42 8.49 -44.70
CA VAL H 299 8.14 9.72 -44.39
C VAL H 299 9.59 9.35 -44.71
N CYS H 306 9.04 7.34 -50.95
CA CYS H 306 8.39 8.64 -50.78
C CYS H 306 8.26 9.34 -52.12
N TYR H 307 8.93 8.80 -53.14
CA TYR H 307 8.90 9.36 -54.48
C TYR H 307 8.50 8.28 -55.47
N VAL H 308 8.28 8.68 -56.71
CA VAL H 308 7.90 7.72 -57.74
C VAL H 308 9.13 7.45 -58.65
N ALA H 309 9.72 6.26 -58.46
CA ALA H 309 10.91 5.83 -59.22
C ALA H 309 11.13 4.30 -59.15
N TRP H 310 11.94 3.78 -60.08
CA TRP H 310 12.25 2.35 -60.16
C TRP H 310 13.74 2.06 -60.42
N SER H 311 14.34 1.20 -59.60
CA SER H 311 15.76 0.86 -59.76
C SER H 311 16.06 -0.56 -59.25
N ALA H 312 17.28 -1.04 -59.49
CA ALA H 312 17.68 -2.38 -59.06
C ALA H 312 17.73 -2.51 -57.52
N GLN H 313 18.44 -1.58 -56.90
CA GLN H 313 18.58 -1.52 -55.45
C GLN H 313 18.74 -0.04 -55.05
N ASN H 314 17.90 0.42 -54.13
CA ASN H 314 17.94 1.81 -53.64
C ASN H 314 17.50 1.93 -52.17
N ARG H 315 17.39 3.16 -51.68
CA ARG H 315 16.99 3.41 -50.29
C ARG H 315 15.53 3.08 -50.03
N SER H 316 14.69 3.41 -51.00
CA SER H 316 13.25 3.15 -50.92
C SER H 316 12.58 3.41 -52.29
N PRO H 317 12.98 2.65 -53.31
CA PRO H 317 12.38 2.83 -54.65
C PRO H 317 10.94 2.36 -54.67
N LEU H 318 10.02 3.28 -54.93
CA LEU H 318 8.61 2.94 -55.00
C LEU H 318 8.45 1.65 -55.79
N ILE H 319 9.30 1.51 -56.81
CA ILE H 319 9.28 0.33 -57.67
C ILE H 319 10.69 -0.22 -57.78
N ARG H 320 10.80 -1.53 -57.91
CA ARG H 320 12.11 -2.17 -58.09
C ARG H 320 11.88 -3.51 -58.77
N ILE H 321 12.82 -3.89 -59.63
CA ILE H 321 12.74 -5.15 -60.35
C ILE H 321 13.67 -6.15 -59.70
N PRO H 322 13.14 -7.24 -59.15
CA PRO H 322 13.99 -8.24 -58.51
C PRO H 322 14.94 -8.91 -59.51
N ALA H 323 16.08 -9.35 -58.99
CA ALA H 323 17.13 -10.02 -59.77
C ALA H 323 16.51 -11.05 -60.71
N SER H 324 16.05 -12.14 -60.09
CA SER H 324 15.42 -13.27 -60.75
C SER H 324 14.83 -12.95 -62.12
N ARG H 325 15.03 -13.86 -63.08
CA ARG H 325 14.51 -13.66 -64.42
C ARG H 325 13.78 -14.87 -64.98
N GLY H 326 13.54 -14.84 -66.29
CA GLY H 326 12.83 -15.94 -66.90
C GLY H 326 11.38 -15.82 -66.45
N ILE H 327 10.85 -16.87 -65.83
CA ILE H 327 9.48 -16.82 -65.35
C ILE H 327 9.46 -15.90 -64.12
N SER H 328 10.52 -15.99 -63.32
CA SER H 328 10.65 -15.19 -62.11
C SER H 328 10.87 -13.70 -62.38
N THR H 329 10.69 -13.30 -63.63
CA THR H 329 10.87 -11.90 -63.99
C THR H 329 9.67 -11.14 -63.46
N ARG H 330 9.90 -10.27 -62.48
CA ARG H 330 8.78 -9.55 -61.90
C ARG H 330 9.10 -8.12 -61.46
N VAL H 331 8.04 -7.32 -61.33
CA VAL H 331 8.17 -5.93 -60.88
C VAL H 331 7.60 -5.87 -59.48
N GLU H 332 8.34 -5.26 -58.56
CA GLU H 332 7.88 -5.17 -57.17
C GLU H 332 7.46 -3.76 -56.76
N VAL H 333 6.30 -3.67 -56.11
CA VAL H 333 5.79 -2.39 -55.62
C VAL H 333 6.01 -2.42 -54.12
N ARG H 334 7.01 -1.66 -53.65
CA ARG H 334 7.38 -1.64 -52.23
C ARG H 334 6.63 -0.62 -51.39
N SER H 335 5.46 -0.20 -51.85
CA SER H 335 4.70 0.79 -51.11
C SER H 335 3.50 0.29 -50.30
N VAL H 336 2.80 -0.72 -50.83
CA VAL H 336 1.64 -1.28 -50.14
C VAL H 336 2.00 -1.74 -48.73
N ASP H 337 1.04 -1.77 -47.82
CA ASP H 337 1.30 -2.25 -46.48
C ASP H 337 0.22 -3.26 -46.10
N PRO H 338 0.41 -3.99 -45.00
CA PRO H 338 -0.55 -4.98 -44.50
C PRO H 338 -1.98 -4.50 -44.24
N ALA H 339 -2.16 -3.20 -44.13
CA ALA H 339 -3.49 -2.66 -43.84
C ALA H 339 -4.38 -2.64 -45.08
N ALA H 340 -3.78 -2.72 -46.25
CA ALA H 340 -4.52 -2.66 -47.51
C ALA H 340 -5.33 -3.91 -47.83
N ASN H 341 -6.59 -3.71 -48.21
CA ASN H 341 -7.48 -4.81 -48.57
C ASN H 341 -6.79 -5.47 -49.76
N PRO H 342 -6.52 -6.79 -49.67
CA PRO H 342 -5.84 -7.60 -50.69
C PRO H 342 -6.45 -7.59 -52.10
N TYR H 343 -7.76 -7.77 -52.16
CA TYR H 343 -8.45 -7.79 -53.44
C TYR H 343 -8.40 -6.42 -54.11
N LEU H 344 -8.54 -5.36 -53.33
CA LEU H 344 -8.51 -4.00 -53.87
C LEU H 344 -7.12 -3.52 -54.27
N ALA H 345 -6.14 -3.73 -53.38
CA ALA H 345 -4.76 -3.35 -53.61
C ALA H 345 -4.31 -3.81 -54.98
N LEU H 346 -4.66 -5.04 -55.34
CA LEU H 346 -4.30 -5.59 -56.65
C LEU H 346 -5.24 -5.02 -57.71
N SER H 347 -6.53 -5.15 -57.47
CA SER H 347 -7.49 -4.62 -58.43
C SER H 347 -6.99 -3.28 -58.97
N VAL H 348 -6.75 -2.36 -58.05
CA VAL H 348 -6.29 -1.03 -58.40
C VAL H 348 -4.86 -1.07 -58.97
N LEU H 349 -4.07 -2.03 -58.52
CA LEU H 349 -2.69 -2.16 -59.01
C LEU H 349 -2.63 -2.77 -60.40
N LEU H 350 -3.50 -3.73 -60.68
CA LEU H 350 -3.50 -4.33 -62.00
C LEU H 350 -3.85 -3.22 -62.98
N ALA H 351 -4.86 -2.43 -62.60
CA ALA H 351 -5.34 -1.32 -63.43
C ALA H 351 -4.25 -0.45 -64.05
N ALA H 352 -3.43 0.18 -63.20
CA ALA H 352 -2.36 1.03 -63.70
C ALA H 352 -1.47 0.14 -64.56
N GLY H 353 -1.24 -1.09 -64.11
CA GLY H 353 -0.42 -2.01 -64.85
C GLY H 353 -0.90 -2.22 -66.28
N LEU H 354 -2.21 -2.25 -66.48
CA LEU H 354 -2.74 -2.45 -67.80
C LEU H 354 -2.82 -1.13 -68.55
N ASP H 355 -3.19 -0.06 -67.86
CA ASP H 355 -3.29 1.27 -68.47
C ASP H 355 -2.01 1.65 -69.22
N GLY H 356 -0.89 1.06 -68.79
CA GLY H 356 0.38 1.35 -69.43
C GLY H 356 0.56 0.45 -70.63
N ILE H 357 -0.10 -0.71 -70.60
CA ILE H 357 -0.01 -1.66 -71.70
C ILE H 357 -1.04 -1.32 -72.79
N LYS H 358 -2.19 -0.81 -72.36
CA LYS H 358 -3.26 -0.42 -73.28
C LYS H 358 -2.97 0.89 -74.02
N ASN H 359 -2.13 1.73 -73.42
CA ASN H 359 -1.77 3.00 -74.04
C ASN H 359 -0.27 3.06 -74.27
N LYS H 360 0.35 1.88 -74.30
CA LYS H 360 1.78 1.78 -74.52
C LYS H 360 2.49 2.97 -73.91
N LEU H 361 2.23 3.22 -72.62
CA LEU H 361 2.84 4.34 -71.93
C LEU H 361 4.35 4.19 -71.75
N GLU H 362 5.02 5.32 -71.56
CA GLU H 362 6.48 5.31 -71.37
C GLU H 362 6.85 6.19 -70.19
N ALA H 363 7.53 5.58 -69.22
CA ALA H 363 7.96 6.29 -68.02
C ALA H 363 9.26 7.04 -68.27
N PRO H 364 9.62 7.96 -67.35
CA PRO H 364 10.86 8.74 -67.47
C PRO H 364 12.10 7.88 -67.23
N ALA H 365 13.26 8.44 -67.55
CA ALA H 365 14.54 7.76 -67.40
C ALA H 365 14.55 6.87 -66.16
N PRO H 366 15.22 5.72 -66.25
CA PRO H 366 15.29 4.78 -65.13
C PRO H 366 16.05 5.42 -63.96
N ILE H 367 15.87 4.90 -62.75
CA ILE H 367 16.57 5.46 -61.60
C ILE H 367 17.80 4.65 -61.22
N ASP H 368 18.93 5.35 -61.09
CA ASP H 368 20.19 4.74 -60.73
C ASP H 368 20.80 5.51 -59.55
N ARG H 369 20.22 6.68 -59.29
CA ARG H 369 20.66 7.55 -58.20
C ARG H 369 19.69 7.59 -57.03
N ASN H 370 20.24 7.46 -55.82
CA ASN H 370 19.45 7.50 -54.58
C ASN H 370 18.62 8.79 -54.59
N ILE H 371 17.42 8.72 -55.16
CA ILE H 371 16.55 9.89 -55.23
C ILE H 371 15.83 10.18 -53.91
N TYR H 372 16.54 9.96 -52.79
CA TYR H 372 15.99 10.19 -51.46
C TYR H 372 16.92 11.10 -50.68
N VAL H 373 18.17 10.67 -50.56
CA VAL H 373 19.20 11.44 -49.86
C VAL H 373 19.62 12.64 -50.72
N MET H 374 18.92 12.85 -51.85
CA MET H 374 19.19 13.97 -52.76
C MET H 374 18.84 15.30 -52.08
N SER H 375 18.73 16.38 -52.84
CA SER H 375 18.39 17.67 -52.26
C SER H 375 16.87 17.79 -52.13
N LYS H 376 16.40 18.86 -51.50
CA LYS H 376 14.96 19.04 -51.32
C LYS H 376 14.25 19.40 -52.63
N GLU H 377 15.04 19.78 -53.64
CA GLU H 377 14.48 20.16 -54.94
C GLU H 377 15.22 19.55 -56.13
N GLU H 378 16.26 18.78 -55.86
CA GLU H 378 17.04 18.13 -56.91
C GLU H 378 16.20 17.02 -57.55
N ARG H 379 15.07 16.74 -56.92
CA ARG H 379 14.14 15.70 -57.39
C ARG H 379 12.96 16.34 -58.10
N MET H 380 12.50 17.48 -57.58
CA MET H 380 11.39 18.20 -58.19
C MET H 380 11.87 18.74 -59.53
N GLU H 381 13.17 18.58 -59.78
CA GLU H 381 13.82 19.00 -61.01
C GLU H 381 13.79 17.78 -61.93
N ASN H 382 13.51 16.63 -61.32
CA ASN H 382 13.42 15.35 -62.03
C ASN H 382 11.97 14.85 -61.98
N GLY H 383 11.68 13.80 -62.75
CA GLY H 383 10.33 13.25 -62.77
C GLY H 383 9.95 12.70 -61.42
N ILE H 384 10.89 12.76 -60.48
CA ILE H 384 10.68 12.30 -59.12
C ILE H 384 9.52 13.06 -58.44
N VAL H 385 8.36 12.43 -58.37
CA VAL H 385 7.20 13.02 -57.74
C VAL H 385 6.95 12.29 -56.42
N ASP H 386 6.95 13.05 -55.32
CA ASP H 386 6.73 12.48 -54.01
C ASP H 386 5.35 11.87 -53.83
N LEU H 387 5.25 10.85 -53.00
CA LEU H 387 3.96 10.21 -52.75
C LEU H 387 3.23 11.10 -51.75
N PRO H 388 1.90 10.94 -51.65
CA PRO H 388 1.10 11.74 -50.71
C PRO H 388 1.42 11.44 -49.24
N ALA H 389 1.39 12.47 -48.40
CA ALA H 389 1.72 12.31 -46.99
C ALA H 389 0.56 12.01 -46.04
N THR H 390 -0.67 12.22 -46.51
CA THR H 390 -1.82 11.98 -45.67
C THR H 390 -2.99 11.36 -46.42
N LEU H 391 -3.82 10.65 -45.68
CA LEU H 391 -5.01 9.99 -46.21
C LEU H 391 -5.84 10.96 -47.03
N ALA H 392 -5.95 12.19 -46.55
CA ALA H 392 -6.72 13.22 -47.24
C ALA H 392 -6.07 13.51 -48.57
N GLU H 393 -4.76 13.80 -48.54
CA GLU H 393 -4.03 14.09 -49.75
C GLU H 393 -4.13 12.92 -50.72
N ALA H 394 -4.10 11.70 -50.20
CA ALA H 394 -4.16 10.50 -51.04
C ALA H 394 -5.57 10.24 -51.56
N LEU H 395 -6.58 10.65 -50.79
CA LEU H 395 -7.95 10.47 -51.21
C LEU H 395 -8.24 11.37 -52.39
N GLU H 396 -7.74 12.60 -52.33
CA GLU H 396 -7.94 13.56 -53.41
C GLU H 396 -7.42 12.97 -54.71
N GLU H 397 -6.12 12.67 -54.73
CA GLU H 397 -5.45 12.10 -55.91
C GLU H 397 -6.21 10.89 -56.45
N PHE H 398 -6.73 10.07 -55.53
CA PHE H 398 -7.46 8.87 -55.93
C PHE H 398 -8.80 9.17 -56.63
N LYS H 399 -9.66 9.91 -55.98
CA LYS H 399 -10.95 10.23 -56.58
C LYS H 399 -10.82 11.18 -57.76
N SER H 400 -9.61 11.65 -58.05
CA SER H 400 -9.41 12.56 -59.17
C SER H 400 -8.99 11.79 -60.43
N ASN H 401 -8.38 10.63 -60.23
CA ASN H 401 -7.91 9.80 -61.34
C ASN H 401 -9.04 8.95 -61.90
N GLU H 402 -9.12 8.92 -63.23
CA GLU H 402 -10.13 8.18 -63.98
C GLU H 402 -10.06 6.65 -63.90
N VAL H 403 -8.92 6.08 -64.26
CA VAL H 403 -8.74 4.62 -64.26
C VAL H 403 -8.80 3.99 -62.87
N MET H 404 -8.51 4.79 -61.85
CA MET H 404 -8.55 4.31 -60.48
C MET H 404 -9.98 4.16 -60.04
N VAL H 405 -10.87 4.87 -60.74
CA VAL H 405 -12.28 4.82 -60.42
C VAL H 405 -12.92 3.59 -61.06
N LYS H 406 -12.63 3.38 -62.34
CA LYS H 406 -13.16 2.22 -63.07
C LYS H 406 -12.56 0.96 -62.50
N ALA H 407 -11.56 1.13 -61.66
CA ALA H 407 -10.88 0.01 -61.06
C ALA H 407 -11.69 -0.63 -59.95
N LEU H 408 -12.44 0.18 -59.21
CA LEU H 408 -13.26 -0.31 -58.10
C LEU H 408 -14.72 -0.29 -58.50
N GLY H 409 -14.99 0.35 -59.63
CA GLY H 409 -16.35 0.44 -60.10
C GLY H 409 -17.16 1.36 -59.21
N GLU H 410 -18.13 2.05 -59.81
CA GLU H 410 -19.01 2.99 -59.11
C GLU H 410 -19.21 2.69 -57.63
N HIS H 411 -19.73 1.52 -57.32
CA HIS H 411 -20.01 1.17 -55.94
C HIS H 411 -18.80 1.18 -54.99
N LEU H 412 -17.85 0.28 -55.18
CA LEU H 412 -16.72 0.24 -54.28
C LEU H 412 -15.98 1.57 -54.16
N PHE H 413 -15.89 2.31 -55.25
CA PHE H 413 -15.22 3.60 -55.23
C PHE H 413 -16.02 4.57 -54.36
N GLU H 414 -17.34 4.49 -54.42
CA GLU H 414 -18.21 5.39 -53.65
C GLU H 414 -18.04 5.20 -52.13
N HIS H 415 -18.33 4.00 -51.65
CA HIS H 415 -18.20 3.72 -50.23
C HIS H 415 -16.81 4.02 -49.75
N PHE H 416 -15.81 3.47 -50.41
CA PHE H 416 -14.47 3.70 -49.98
C PHE H 416 -14.18 5.17 -49.73
N ILE H 417 -14.43 6.02 -50.73
CA ILE H 417 -14.17 7.44 -50.55
C ILE H 417 -14.94 7.96 -49.34
N GLU H 418 -16.20 7.56 -49.23
CA GLU H 418 -17.04 8.00 -48.13
C GLU H 418 -16.52 7.52 -46.79
N ALA H 419 -16.14 6.24 -46.73
CA ALA H 419 -15.65 5.65 -45.50
C ALA H 419 -14.38 6.29 -45.01
N LYS H 420 -13.41 6.46 -45.90
CA LYS H 420 -12.15 7.04 -45.49
C LYS H 420 -12.20 8.53 -45.16
N GLU H 421 -13.17 9.27 -45.72
CA GLU H 421 -13.27 10.70 -45.43
C GLU H 421 -13.74 10.93 -44.00
N ILE H 422 -14.59 10.03 -43.52
CA ILE H 422 -15.06 10.09 -42.15
C ILE H 422 -13.84 9.75 -41.30
N GLU H 423 -13.18 8.67 -41.69
CA GLU H 423 -11.98 8.18 -41.03
C GLU H 423 -11.00 9.34 -40.83
N TRP H 424 -10.78 10.11 -41.88
CA TRP H 424 -9.86 11.23 -41.77
C TRP H 424 -10.46 12.37 -40.97
N ASP H 425 -11.72 12.68 -41.21
CA ASP H 425 -12.35 13.79 -40.48
C ASP H 425 -12.31 13.63 -38.97
N MET H 426 -12.33 12.39 -38.49
CA MET H 426 -12.28 12.12 -37.06
C MET H 426 -10.89 12.46 -36.52
N PHE H 427 -9.89 11.96 -37.22
CA PHE H 427 -8.52 12.19 -36.84
C PHE H 427 -8.13 13.66 -37.01
N ARG H 428 -8.84 14.37 -37.88
CA ARG H 428 -8.56 15.79 -38.13
C ARG H 428 -9.15 16.67 -37.03
N THR H 429 -10.31 16.27 -36.52
CA THR H 429 -10.97 17.04 -35.47
C THR H 429 -10.51 16.71 -34.05
N GLN H 430 -9.86 15.55 -33.89
CA GLN H 430 -9.38 15.12 -32.58
C GLN H 430 -8.23 15.99 -32.03
N VAL H 431 -8.25 16.26 -30.73
CA VAL H 431 -7.19 17.05 -30.12
C VAL H 431 -6.23 16.09 -29.46
N HIS H 432 -5.24 15.63 -30.20
CA HIS H 432 -4.27 14.67 -29.66
C HIS H 432 -3.34 15.27 -28.64
N PRO H 433 -2.92 14.46 -27.67
CA PRO H 433 -2.01 14.86 -26.58
C PRO H 433 -0.84 15.70 -27.05
N TRP H 434 -0.24 15.31 -28.16
CA TRP H 434 0.89 16.01 -28.72
C TRP H 434 0.63 17.51 -28.75
N GLU H 435 -0.58 17.88 -29.17
CA GLU H 435 -0.98 19.28 -29.27
C GLU H 435 -0.99 19.96 -27.93
N ARG H 436 -1.63 19.30 -26.98
CA ARG H 436 -1.75 19.81 -25.64
C ARG H 436 -0.38 20.15 -25.07
N GLU H 437 0.65 19.35 -25.36
CA GLU H 437 2.01 19.59 -24.83
C GLU H 437 2.64 20.82 -25.46
N GLN H 438 2.86 20.71 -26.75
CA GLN H 438 3.46 21.76 -27.54
C GLN H 438 2.70 23.08 -27.44
N TYR H 439 1.39 23.01 -27.21
CA TYR H 439 0.59 24.22 -27.19
C TYR H 439 -0.09 24.69 -25.90
N MET H 440 -0.26 23.81 -24.91
CA MET H 440 -0.96 24.26 -23.71
C MET H 440 -0.18 25.23 -22.83
N SER H 441 1.11 24.97 -22.67
CA SER H 441 1.95 25.82 -21.82
C SER H 441 2.56 26.99 -22.59
N GLN H 442 3.09 26.69 -23.78
CA GLN H 442 3.72 27.67 -24.65
C GLN H 442 2.75 28.80 -25.00
N TYR H 443 1.47 28.45 -25.17
CA TYR H 443 0.43 29.40 -25.51
C TYR H 443 -0.56 29.64 -24.38
N ALA I 1 -47.07 -36.69 -29.72
CA ALA I 1 -46.72 -37.34 -31.02
C ALA I 1 -45.22 -37.48 -31.26
N LYS I 2 -44.52 -38.13 -30.31
CA LYS I 2 -43.08 -38.36 -30.39
C LYS I 2 -42.58 -39.21 -29.22
N TYR I 3 -42.80 -38.74 -27.99
CA TYR I 3 -42.36 -39.48 -26.81
C TYR I 3 -43.52 -40.05 -26.00
N THR I 4 -43.46 -41.36 -25.71
CA THR I 4 -44.49 -42.01 -24.91
C THR I 4 -43.95 -42.28 -23.52
N ARG I 5 -44.85 -42.51 -22.56
CA ARG I 5 -44.42 -42.78 -21.19
C ARG I 5 -43.31 -43.81 -21.21
N GLU I 6 -43.56 -44.94 -21.90
CA GLU I 6 -42.58 -46.01 -22.00
C GLU I 6 -41.28 -45.47 -22.56
N ASP I 7 -41.37 -44.82 -23.73
CA ASP I 7 -40.22 -44.24 -24.40
C ASP I 7 -39.37 -43.50 -23.35
N ILE I 8 -39.98 -42.54 -22.65
CA ILE I 8 -39.29 -41.76 -21.61
C ILE I 8 -38.59 -42.64 -20.59
N GLU I 9 -39.36 -43.53 -19.97
CA GLU I 9 -38.83 -44.43 -18.95
C GLU I 9 -37.75 -45.33 -19.55
N LYS I 10 -37.85 -45.59 -20.84
CA LYS I 10 -36.88 -46.45 -21.53
C LYS I 10 -35.52 -45.76 -21.62
N LEU I 11 -35.53 -44.44 -21.72
CA LEU I 11 -34.29 -43.66 -21.84
C LEU I 11 -33.75 -43.19 -20.50
N VAL I 12 -34.65 -42.71 -19.65
CA VAL I 12 -34.28 -42.21 -18.33
C VAL I 12 -33.43 -43.23 -17.59
N LYS I 13 -33.72 -44.50 -17.83
CA LYS I 13 -33.00 -45.62 -17.21
C LYS I 13 -31.68 -45.77 -17.93
N GLU I 14 -31.78 -45.94 -19.24
CA GLU I 14 -30.63 -46.09 -20.12
C GLU I 14 -29.60 -45.00 -19.83
N GLU I 15 -30.01 -43.76 -20.02
CA GLU I 15 -29.15 -42.60 -19.81
C GLU I 15 -28.83 -42.32 -18.34
N ASN I 16 -29.43 -43.10 -17.44
CA ASN I 16 -29.21 -42.92 -16.01
C ASN I 16 -29.44 -41.47 -15.59
N VAL I 17 -30.67 -41.15 -15.27
CA VAL I 17 -31.05 -39.81 -14.81
C VAL I 17 -31.45 -39.93 -13.35
N LYS I 18 -31.07 -38.97 -12.54
CA LYS I 18 -31.41 -39.06 -11.13
C LYS I 18 -32.06 -37.79 -10.63
N TYR I 19 -32.10 -36.78 -11.50
CA TYR I 19 -32.67 -35.51 -11.12
C TYR I 19 -33.50 -34.93 -12.28
N ILE I 20 -34.81 -34.87 -12.08
CA ILE I 20 -35.69 -34.34 -13.11
C ILE I 20 -36.03 -32.90 -12.75
N ARG I 21 -36.23 -32.06 -13.76
CA ARG I 21 -36.57 -30.66 -13.57
C ARG I 21 -37.91 -30.39 -14.25
N LEU I 22 -38.93 -30.11 -13.45
CA LEU I 22 -40.26 -29.82 -13.98
C LEU I 22 -40.34 -28.31 -14.17
N GLN I 23 -39.72 -27.82 -15.24
CA GLN I 23 -39.66 -26.39 -15.54
C GLN I 23 -40.88 -25.74 -16.20
N PHE I 24 -41.02 -24.43 -15.95
CA PHE I 24 -42.11 -23.62 -16.49
C PHE I 24 -41.65 -22.17 -16.57
N THR I 25 -42.55 -21.27 -16.96
CA THR I 25 -42.22 -19.85 -17.12
C THR I 25 -43.28 -18.97 -16.48
N ASP I 26 -42.87 -18.09 -15.57
CA ASP I 26 -43.81 -17.20 -14.90
C ASP I 26 -44.28 -16.07 -15.82
N ILE I 27 -45.24 -15.29 -15.33
CA ILE I 27 -45.81 -14.19 -16.09
C ILE I 27 -44.72 -13.22 -16.57
N LEU I 28 -43.57 -13.22 -15.91
CA LEU I 28 -42.48 -12.32 -16.29
C LEU I 28 -41.55 -12.91 -17.34
N GLY I 29 -41.45 -14.23 -17.38
CA GLY I 29 -40.59 -14.84 -18.39
C GLY I 29 -39.36 -15.57 -17.87
N THR I 30 -39.14 -15.55 -16.54
CA THR I 30 -37.98 -16.22 -15.94
C THR I 30 -38.17 -17.75 -15.94
N ILE I 31 -37.08 -18.48 -16.15
CA ILE I 31 -37.19 -19.93 -16.18
C ILE I 31 -37.33 -20.43 -14.76
N LYS I 32 -38.53 -20.90 -14.38
CA LYS I 32 -38.77 -21.43 -13.03
C LYS I 32 -38.90 -22.96 -13.08
N ASN I 33 -38.66 -23.64 -11.97
CA ASN I 33 -38.82 -25.09 -11.96
C ASN I 33 -39.10 -25.65 -10.57
N VAL I 34 -39.43 -26.94 -10.53
CA VAL I 34 -39.72 -27.63 -9.29
C VAL I 34 -39.07 -29.00 -9.40
N GLU I 35 -37.77 -29.04 -9.13
CA GLU I 35 -36.94 -30.24 -9.23
C GLU I 35 -37.10 -31.38 -8.23
N ILE I 36 -37.36 -32.57 -8.77
CA ILE I 36 -37.54 -33.79 -8.00
C ILE I 36 -36.55 -34.88 -8.42
N PRO I 37 -36.18 -35.78 -7.49
CA PRO I 37 -35.24 -36.84 -7.85
C PRO I 37 -35.91 -37.73 -8.89
N VAL I 38 -35.17 -38.66 -9.48
CA VAL I 38 -35.74 -39.54 -10.50
C VAL I 38 -36.80 -40.48 -9.95
N SER I 39 -36.63 -40.84 -8.67
CA SER I 39 -37.52 -41.76 -7.95
C SER I 39 -38.98 -41.31 -7.88
N GLN I 40 -39.25 -40.06 -8.26
CA GLN I 40 -40.59 -39.50 -8.22
C GLN I 40 -41.15 -39.31 -9.62
N LEU I 41 -40.38 -39.67 -10.63
CA LEU I 41 -40.79 -39.53 -12.03
C LEU I 41 -42.24 -39.93 -12.26
N GLY I 42 -42.59 -41.15 -11.85
CA GLY I 42 -43.94 -41.65 -12.01
C GLY I 42 -45.00 -40.67 -11.54
N LYS I 43 -44.83 -40.14 -10.34
CA LYS I 43 -45.79 -39.19 -9.77
C LYS I 43 -46.05 -38.01 -10.72
N ALA I 44 -44.97 -37.49 -11.32
CA ALA I 44 -45.09 -36.36 -12.23
C ALA I 44 -45.77 -36.75 -13.54
N LEU I 45 -45.33 -37.86 -14.12
CA LEU I 45 -45.91 -38.35 -15.38
C LEU I 45 -47.41 -38.59 -15.24
N ASP I 46 -47.89 -38.68 -14.00
CA ASP I 46 -49.32 -38.87 -13.73
C ASP I 46 -49.90 -37.49 -13.45
N ASN I 47 -49.03 -36.49 -13.57
CA ASN I 47 -49.43 -35.10 -13.33
C ASN I 47 -49.90 -34.95 -11.91
N LYS I 48 -49.35 -35.76 -11.01
CA LYS I 48 -49.78 -35.66 -9.64
C LYS I 48 -48.86 -34.83 -8.77
N VAL I 49 -47.86 -34.19 -9.37
CA VAL I 49 -46.95 -33.34 -8.59
C VAL I 49 -47.56 -31.96 -8.39
N MET I 50 -47.55 -31.48 -7.16
CA MET I 50 -48.09 -30.16 -6.83
C MET I 50 -46.99 -29.18 -6.45
N PHE I 51 -47.29 -27.88 -6.52
CA PHE I 51 -46.32 -26.85 -6.15
C PHE I 51 -47.07 -25.53 -5.95
N ASP I 52 -46.51 -24.60 -5.19
CA ASP I 52 -47.16 -23.32 -4.98
C ASP I 52 -47.30 -22.61 -6.32
N GLY I 53 -48.52 -22.52 -6.81
CA GLY I 53 -48.76 -21.90 -8.11
C GLY I 53 -48.63 -20.40 -8.14
N SER I 54 -48.74 -19.76 -6.97
CA SER I 54 -48.63 -18.31 -6.91
C SER I 54 -47.30 -17.84 -7.50
N SER I 55 -46.32 -18.75 -7.51
CA SER I 55 -44.98 -18.48 -8.02
C SER I 55 -44.93 -17.86 -9.40
N ILE I 56 -45.96 -18.14 -10.20
CA ILE I 56 -46.04 -17.63 -11.55
C ILE I 56 -46.52 -16.17 -11.53
N GLU I 57 -46.80 -15.67 -10.34
CA GLU I 57 -47.27 -14.30 -10.16
C GLU I 57 -46.11 -13.32 -10.11
N GLY I 58 -44.96 -13.79 -9.67
CA GLY I 58 -43.81 -12.92 -9.57
C GLY I 58 -43.84 -12.18 -8.24
N PHE I 59 -43.09 -11.08 -8.17
CA PHE I 59 -42.99 -10.28 -6.96
C PHE I 59 -44.30 -9.62 -6.51
N VAL I 60 -45.40 -9.94 -7.19
CA VAL I 60 -46.72 -9.40 -6.84
C VAL I 60 -47.52 -10.47 -6.12
N ARG I 61 -46.98 -11.68 -6.10
CA ARG I 61 -47.57 -12.86 -5.47
C ARG I 61 -47.83 -12.71 -3.95
N ILE I 62 -49.11 -12.82 -3.55
CA ILE I 62 -49.49 -12.68 -2.14
C ILE I 62 -49.66 -14.03 -1.44
N GLU I 63 -50.83 -14.65 -1.60
CA GLU I 63 -51.10 -15.95 -0.98
C GLU I 63 -50.50 -17.10 -1.79
N GLU I 64 -50.81 -18.33 -1.38
CA GLU I 64 -50.31 -19.52 -2.03
C GLU I 64 -51.44 -20.40 -2.56
N SER I 65 -51.38 -20.69 -3.85
CA SER I 65 -52.38 -21.54 -4.48
C SER I 65 -51.76 -22.83 -4.96
N ASP I 66 -52.25 -23.97 -4.47
CA ASP I 66 -51.69 -25.25 -4.90
C ASP I 66 -52.23 -25.71 -6.27
N MET I 67 -51.30 -25.97 -7.20
CA MET I 67 -51.63 -26.41 -8.56
C MET I 67 -50.74 -27.55 -9.04
N TYR I 68 -51.28 -28.40 -9.91
CA TYR I 68 -50.56 -29.55 -10.44
C TYR I 68 -49.75 -29.23 -11.68
N LEU I 69 -48.67 -29.98 -11.87
CA LEU I 69 -47.78 -29.81 -13.01
C LEU I 69 -48.04 -30.91 -14.04
N TYR I 70 -48.30 -30.49 -15.27
CA TYR I 70 -48.59 -31.41 -16.37
C TYR I 70 -47.44 -31.46 -17.38
N PRO I 71 -46.49 -32.38 -17.19
CA PRO I 71 -45.35 -32.52 -18.09
C PRO I 71 -45.77 -32.71 -19.54
N ASP I 72 -44.90 -32.27 -20.44
CA ASP I 72 -45.15 -32.41 -21.85
C ASP I 72 -44.16 -33.46 -22.33
N LEU I 73 -44.60 -34.72 -22.38
CA LEU I 73 -43.72 -35.80 -22.80
C LEU I 73 -42.83 -35.41 -23.97
N ASN I 74 -43.40 -34.72 -24.95
CA ASN I 74 -42.66 -34.29 -26.14
C ASN I 74 -41.50 -33.33 -25.92
N THR I 75 -41.48 -32.64 -24.78
CA THR I 75 -40.42 -31.69 -24.49
C THR I 75 -39.30 -32.29 -23.65
N PHE I 76 -39.27 -33.61 -23.60
CA PHE I 76 -38.26 -34.34 -22.85
C PHE I 76 -36.91 -34.05 -23.45
N VAL I 77 -36.03 -33.49 -22.64
CA VAL I 77 -34.69 -33.13 -23.09
C VAL I 77 -33.68 -33.48 -21.99
N ILE I 78 -32.80 -34.43 -22.25
CA ILE I 78 -31.80 -34.79 -21.25
C ILE I 78 -30.64 -33.83 -21.39
N PHE I 79 -30.49 -32.95 -20.40
CA PHE I 79 -29.42 -31.96 -20.38
C PHE I 79 -28.07 -32.61 -20.66
N PRO I 80 -27.25 -31.97 -21.49
CA PRO I 80 -25.92 -32.42 -21.89
C PRO I 80 -24.97 -32.63 -20.71
N TRP I 81 -24.99 -31.67 -19.78
CA TRP I 81 -24.15 -31.70 -18.58
C TRP I 81 -24.49 -32.92 -17.69
N THR I 82 -23.51 -33.41 -16.92
CA THR I 82 -23.72 -34.57 -16.05
C THR I 82 -23.28 -34.34 -14.61
N ALA I 83 -24.23 -34.47 -13.67
CA ALA I 83 -23.93 -34.33 -12.25
C ALA I 83 -23.16 -35.59 -11.86
N GLU I 84 -22.12 -35.45 -11.05
CA GLU I 84 -21.32 -36.61 -10.65
C GLU I 84 -22.16 -37.81 -10.24
N LYS I 85 -23.30 -37.55 -9.62
CA LYS I 85 -24.20 -38.61 -9.18
C LYS I 85 -24.98 -39.17 -10.38
N GLY I 86 -25.36 -38.28 -11.29
CA GLY I 86 -26.10 -38.70 -12.47
C GLY I 86 -26.53 -37.55 -13.39
N LYS I 87 -27.27 -37.87 -14.45
CA LYS I 87 -27.72 -36.85 -15.39
C LYS I 87 -28.98 -36.15 -14.94
N VAL I 88 -29.23 -34.98 -15.51
CA VAL I 88 -30.41 -34.19 -15.18
C VAL I 88 -31.30 -33.95 -16.41
N ALA I 89 -32.48 -34.56 -16.42
CA ALA I 89 -33.41 -34.41 -17.55
C ALA I 89 -34.50 -33.41 -17.21
N ARG I 90 -35.42 -33.12 -18.13
CA ARG I 90 -36.49 -32.17 -17.82
C ARG I 90 -37.67 -32.19 -18.77
N PHE I 91 -38.79 -31.68 -18.27
CA PHE I 91 -40.01 -31.57 -19.06
C PHE I 91 -40.45 -30.12 -18.93
N ILE I 92 -41.33 -29.68 -19.82
CA ILE I 92 -41.85 -28.31 -19.76
C ILE I 92 -43.33 -28.45 -19.49
N CYS I 93 -43.70 -28.43 -18.21
CA CYS I 93 -45.07 -28.62 -17.78
C CYS I 93 -46.06 -27.49 -18.08
N ASP I 94 -47.33 -27.76 -17.77
CA ASP I 94 -48.41 -26.79 -17.92
C ASP I 94 -49.08 -26.77 -16.56
N ILE I 95 -49.20 -25.58 -15.97
CA ILE I 95 -49.82 -25.43 -14.67
C ILE I 95 -51.33 -25.63 -14.73
N TYR I 96 -51.82 -26.66 -14.06
CA TYR I 96 -53.25 -26.96 -14.02
C TYR I 96 -53.89 -26.60 -12.69
N ASN I 97 -55.18 -26.30 -12.74
CA ASN I 97 -55.93 -25.94 -11.53
C ASN I 97 -56.10 -27.20 -10.69
N PRO I 98 -56.28 -27.05 -9.36
CA PRO I 98 -56.44 -28.26 -8.54
C PRO I 98 -57.47 -29.19 -9.19
N ASP I 99 -58.42 -28.59 -9.92
CA ASP I 99 -59.46 -29.35 -10.64
C ASP I 99 -58.73 -30.14 -11.72
N GLY I 100 -58.96 -29.71 -12.95
CA GLY I 100 -58.34 -30.35 -14.11
C GLY I 100 -58.41 -29.36 -15.24
N THR I 101 -58.57 -28.09 -14.88
CA THR I 101 -58.66 -27.01 -15.84
C THR I 101 -57.35 -26.23 -15.90
N PRO I 102 -56.85 -25.96 -17.11
CA PRO I 102 -55.60 -25.21 -17.26
C PRO I 102 -55.65 -23.85 -16.56
N PHE I 103 -54.63 -23.55 -15.76
CA PHE I 103 -54.54 -22.28 -15.03
C PHE I 103 -54.65 -21.09 -15.96
N GLU I 104 -55.68 -20.27 -15.75
CA GLU I 104 -55.94 -19.08 -16.56
C GLU I 104 -54.74 -18.15 -16.69
N GLY I 105 -53.94 -18.05 -15.63
CA GLY I 105 -52.79 -17.17 -15.65
C GLY I 105 -51.48 -17.76 -16.07
N ASP I 106 -51.51 -18.87 -16.81
CA ASP I 106 -50.28 -19.51 -17.27
C ASP I 106 -49.94 -19.07 -18.68
N PRO I 107 -48.75 -18.48 -18.86
CA PRO I 107 -48.34 -18.03 -20.18
C PRO I 107 -48.38 -19.14 -21.23
N ARG I 108 -47.72 -20.25 -20.93
CA ARG I 108 -47.65 -21.40 -21.84
C ARG I 108 -49.03 -21.87 -22.24
N ASN I 109 -49.99 -21.72 -21.33
CA ASN I 109 -51.36 -22.11 -21.60
C ASN I 109 -52.04 -21.01 -22.40
N ASN I 110 -51.80 -19.76 -22.02
CA ASN I 110 -52.41 -18.64 -22.73
C ASN I 110 -52.07 -18.66 -24.23
N LEU I 111 -50.92 -19.24 -24.59
CA LEU I 111 -50.54 -19.29 -26.00
C LEU I 111 -51.51 -20.28 -26.62
N LYS I 112 -51.68 -21.41 -25.95
CA LYS I 112 -52.58 -22.48 -26.39
C LYS I 112 -53.97 -21.93 -26.66
N ARG I 113 -54.39 -20.96 -25.83
CA ARG I 113 -55.69 -20.32 -25.95
C ARG I 113 -55.81 -19.68 -27.32
N ILE I 114 -55.04 -18.62 -27.51
CA ILE I 114 -55.02 -17.88 -28.75
C ILE I 114 -54.85 -18.80 -29.95
N LEU I 115 -53.96 -19.78 -29.84
CA LEU I 115 -53.76 -20.70 -30.94
C LEU I 115 -55.08 -21.37 -31.25
N LYS I 116 -55.81 -21.75 -30.20
CA LYS I 116 -57.11 -22.38 -30.39
C LYS I 116 -58.02 -21.38 -31.10
N GLU I 117 -57.89 -20.09 -30.77
CA GLU I 117 -58.69 -19.01 -31.39
C GLU I 117 -58.37 -18.98 -32.89
N MET I 118 -57.10 -19.26 -33.20
CA MET I 118 -56.59 -19.28 -34.56
C MET I 118 -57.27 -20.44 -35.30
N GLU I 119 -57.32 -21.59 -34.62
CA GLU I 119 -57.93 -22.80 -35.17
C GLU I 119 -59.27 -22.51 -35.81
N ASP I 120 -60.13 -21.83 -35.06
CA ASP I 120 -61.46 -21.51 -35.53
C ASP I 120 -61.44 -20.53 -36.70
N LEU I 121 -60.25 -20.11 -37.10
CA LEU I 121 -60.12 -19.20 -38.23
C LEU I 121 -59.54 -19.92 -39.44
N GLY I 122 -59.62 -21.25 -39.45
CA GLY I 122 -59.12 -22.02 -40.58
C GLY I 122 -57.62 -22.22 -40.68
N PHE I 123 -56.86 -21.48 -39.88
CA PHE I 123 -55.41 -21.63 -39.90
C PHE I 123 -54.98 -22.80 -39.03
N SER I 124 -53.94 -23.50 -39.47
CA SER I 124 -53.42 -24.66 -38.77
C SER I 124 -52.07 -24.47 -38.07
N ASP I 125 -51.28 -23.49 -38.53
CA ASP I 125 -49.98 -23.26 -37.91
C ASP I 125 -49.59 -21.79 -37.96
N PHE I 126 -48.86 -21.36 -36.94
CA PHE I 126 -48.38 -19.99 -36.85
C PHE I 126 -46.91 -20.14 -36.49
N ASN I 127 -46.03 -20.08 -37.49
CA ASN I 127 -44.59 -20.26 -37.27
C ASN I 127 -43.80 -19.06 -36.75
N LEU I 128 -42.74 -19.35 -36.01
CA LEU I 128 -41.90 -18.29 -35.46
C LEU I 128 -40.45 -18.54 -35.77
N GLY I 129 -39.81 -17.55 -36.39
CA GLY I 129 -38.40 -17.64 -36.70
C GLY I 129 -37.71 -16.59 -35.86
N PRO I 130 -37.20 -16.96 -34.68
CA PRO I 130 -36.52 -16.03 -33.77
C PRO I 130 -35.07 -15.72 -34.11
N GLU I 131 -34.74 -14.43 -34.00
CA GLU I 131 -33.41 -13.91 -34.25
C GLU I 131 -33.03 -13.12 -32.97
N PRO I 132 -32.87 -13.82 -31.81
CA PRO I 132 -32.52 -13.20 -30.52
C PRO I 132 -31.04 -12.86 -30.41
N GLU I 133 -30.72 -11.61 -30.09
CA GLU I 133 -29.32 -11.16 -29.95
C GLU I 133 -28.92 -11.12 -28.46
N PHE I 134 -27.63 -11.08 -28.17
CA PHE I 134 -27.19 -11.03 -26.77
C PHE I 134 -25.73 -10.59 -26.61
N PHE I 135 -25.41 -10.07 -25.41
CA PHE I 135 -24.05 -9.63 -25.09
C PHE I 135 -23.40 -10.61 -24.12
N LEU I 136 -22.09 -10.59 -24.10
CA LEU I 136 -21.31 -11.44 -23.21
C LEU I 136 -20.28 -10.55 -22.53
N PHE I 137 -20.33 -10.52 -21.21
CA PHE I 137 -19.41 -9.70 -20.44
C PHE I 137 -18.48 -10.62 -19.63
N LYS I 138 -17.33 -10.10 -19.23
CA LYS I 138 -16.36 -10.88 -18.46
C LYS I 138 -16.66 -10.92 -16.98
N LEU I 139 -16.49 -12.09 -16.38
CA LEU I 139 -16.72 -12.24 -14.96
C LEU I 139 -15.43 -11.86 -14.24
N ASP I 140 -15.53 -11.07 -13.18
CA ASP I 140 -14.34 -10.69 -12.43
C ASP I 140 -13.86 -11.91 -11.63
N GLU I 141 -12.71 -11.79 -10.97
CA GLU I 141 -12.14 -12.89 -10.21
C GLU I 141 -13.16 -13.50 -9.25
N LYS I 142 -14.15 -12.70 -8.86
CA LYS I 142 -15.18 -13.14 -7.92
C LYS I 142 -16.50 -13.61 -8.57
N GLY I 143 -16.39 -14.34 -9.68
CA GLY I 143 -17.56 -14.84 -10.38
C GLY I 143 -18.75 -13.89 -10.52
N GLU I 144 -18.43 -12.61 -10.66
CA GLU I 144 -19.44 -11.56 -10.79
C GLU I 144 -19.33 -10.87 -12.16
N PRO I 145 -20.42 -10.23 -12.60
CA PRO I 145 -20.37 -9.56 -13.90
C PRO I 145 -19.62 -8.23 -13.84
N THR I 146 -19.09 -7.84 -14.98
CA THR I 146 -18.34 -6.60 -15.12
C THR I 146 -18.69 -6.01 -16.49
N LEU I 147 -18.67 -4.68 -16.60
CA LEU I 147 -19.00 -4.01 -17.87
C LEU I 147 -18.02 -4.31 -19.00
N GLU I 148 -16.98 -5.09 -18.71
CA GLU I 148 -15.97 -5.44 -19.71
C GLU I 148 -16.53 -6.52 -20.64
N LEU I 149 -16.64 -6.22 -21.93
CA LEU I 149 -17.14 -7.18 -22.90
C LEU I 149 -16.06 -8.24 -23.13
N ASN I 150 -16.36 -9.31 -23.87
CA ASN I 150 -15.38 -10.36 -24.10
C ASN I 150 -14.66 -10.29 -25.45
N ASP I 151 -14.88 -9.21 -26.20
CA ASP I 151 -14.24 -9.03 -27.49
C ASP I 151 -14.61 -7.67 -28.09
N LYS I 152 -13.76 -7.14 -28.96
CA LYS I 152 -14.02 -5.86 -29.59
C LYS I 152 -14.38 -6.03 -31.06
N GLY I 153 -15.15 -7.08 -31.35
CA GLY I 153 -15.56 -7.39 -32.72
C GLY I 153 -16.66 -6.54 -33.34
N GLY I 154 -16.70 -6.52 -34.67
CA GLY I 154 -17.70 -5.74 -35.37
C GLY I 154 -18.79 -6.58 -35.98
N TYR I 155 -19.64 -5.96 -36.77
CA TYR I 155 -20.77 -6.64 -37.42
C TYR I 155 -20.31 -7.83 -38.28
N PHE I 156 -20.97 -8.97 -38.09
CA PHE I 156 -20.63 -10.17 -38.84
C PHE I 156 -19.15 -10.54 -38.81
N ASP I 157 -18.35 -9.70 -38.14
CA ASP I 157 -16.91 -9.93 -38.01
C ASP I 157 -16.57 -11.37 -37.65
N LEU I 158 -15.28 -11.69 -37.63
CA LEU I 158 -14.82 -13.03 -37.29
C LEU I 158 -14.55 -13.04 -35.80
N ALA I 159 -15.61 -13.07 -34.99
CA ALA I 159 -15.52 -13.08 -33.53
C ALA I 159 -14.36 -13.92 -33.06
N PRO I 160 -13.86 -13.67 -31.82
CA PRO I 160 -12.73 -14.41 -31.26
C PRO I 160 -12.39 -15.71 -32.01
N THR I 161 -11.22 -15.69 -32.66
CA THR I 161 -10.74 -16.84 -33.43
C THR I 161 -10.98 -18.14 -32.68
N ASP I 162 -11.06 -19.24 -33.42
CA ASP I 162 -11.31 -20.55 -32.83
C ASP I 162 -10.41 -20.94 -31.66
N LEU I 163 -9.11 -20.70 -31.79
CA LEU I 163 -8.19 -21.04 -30.71
C LEU I 163 -8.45 -20.20 -29.48
N GLY I 164 -9.48 -20.54 -28.72
CA GLY I 164 -9.78 -19.78 -27.52
C GLY I 164 -11.19 -19.89 -26.99
N GLU I 165 -11.58 -18.88 -26.22
CA GLU I 165 -12.91 -18.80 -25.59
C GLU I 165 -14.05 -18.74 -26.58
N ASN I 166 -14.02 -19.58 -27.61
CA ASN I 166 -15.09 -19.53 -28.61
C ASN I 166 -16.46 -19.84 -28.01
N CYS I 167 -17.03 -18.83 -27.35
CA CYS I 167 -18.31 -18.95 -26.70
C CYS I 167 -19.49 -19.09 -27.66
N ARG I 168 -19.63 -18.11 -28.56
CA ARG I 168 -20.73 -18.12 -29.53
C ARG I 168 -20.84 -19.47 -30.25
N ARG I 169 -19.70 -20.07 -30.58
CA ARG I 169 -19.67 -21.35 -31.30
C ARG I 169 -20.07 -22.53 -30.44
N ASP I 170 -19.43 -22.68 -29.28
CA ASP I 170 -19.78 -23.81 -28.44
C ASP I 170 -21.27 -23.80 -28.13
N ILE I 171 -21.84 -22.59 -28.02
CA ILE I 171 -23.27 -22.47 -27.73
C ILE I 171 -24.06 -23.18 -28.82
N VAL I 172 -23.76 -22.86 -30.07
CA VAL I 172 -24.47 -23.47 -31.19
C VAL I 172 -24.11 -24.94 -31.38
N LEU I 173 -22.91 -25.33 -30.97
CA LEU I 173 -22.46 -26.70 -31.09
C LEU I 173 -23.22 -27.57 -30.08
N GLU I 174 -23.37 -27.05 -28.87
CA GLU I 174 -24.09 -27.76 -27.81
C GLU I 174 -25.57 -27.83 -28.14
N LEU I 175 -26.13 -26.74 -28.67
CA LEU I 175 -27.55 -26.63 -29.06
C LEU I 175 -27.95 -27.56 -30.21
N GLU I 176 -27.06 -27.66 -31.21
CA GLU I 176 -27.29 -28.53 -32.36
C GLU I 176 -27.42 -29.97 -31.85
N GLU I 177 -26.55 -30.31 -30.91
CA GLU I 177 -26.53 -31.66 -30.34
C GLU I 177 -27.73 -31.95 -29.45
N MET I 178 -28.26 -30.94 -28.76
CA MET I 178 -29.42 -31.16 -27.91
C MET I 178 -30.66 -31.49 -28.74
N GLY I 179 -30.70 -30.98 -29.97
CA GLY I 179 -31.83 -31.24 -30.83
C GLY I 179 -32.26 -29.98 -31.54
N PHE I 180 -31.58 -28.88 -31.25
CA PHE I 180 -31.91 -27.59 -31.86
C PHE I 180 -31.72 -27.53 -33.37
N GLU I 181 -32.47 -26.63 -34.00
CA GLU I 181 -32.40 -26.43 -35.44
C GLU I 181 -31.97 -24.99 -35.69
N ILE I 182 -30.66 -24.77 -35.66
CA ILE I 182 -30.12 -23.44 -35.89
C ILE I 182 -29.84 -23.20 -37.36
N GLU I 183 -30.16 -22.01 -37.85
CA GLU I 183 -29.90 -21.71 -39.24
C GLU I 183 -28.48 -21.14 -39.35
N ALA I 184 -28.14 -20.22 -38.44
CA ALA I 184 -26.81 -19.62 -38.44
C ALA I 184 -26.60 -18.63 -37.32
N SER I 185 -25.37 -18.15 -37.24
CA SER I 185 -24.97 -17.18 -36.24
C SER I 185 -23.90 -16.23 -36.79
N HIS I 186 -23.58 -15.20 -36.02
CA HIS I 186 -22.58 -14.20 -36.36
C HIS I 186 -22.39 -13.27 -35.18
N HIS I 187 -21.40 -12.41 -35.28
CA HIS I 187 -21.08 -11.44 -34.24
C HIS I 187 -21.91 -10.22 -34.60
N GLU I 188 -22.57 -9.59 -33.62
CA GLU I 188 -23.40 -8.43 -33.92
C GLU I 188 -22.67 -7.09 -34.09
N VAL I 189 -23.43 -6.01 -34.19
CA VAL I 189 -22.89 -4.66 -34.38
C VAL I 189 -21.97 -4.09 -33.29
N ALA I 190 -22.24 -4.39 -32.03
CA ALA I 190 -21.42 -3.86 -30.94
C ALA I 190 -20.39 -4.88 -30.43
N PRO I 191 -19.46 -4.46 -29.56
CA PRO I 191 -18.46 -5.40 -29.05
C PRO I 191 -19.12 -6.39 -28.10
N GLY I 192 -18.75 -7.66 -28.21
CA GLY I 192 -19.31 -8.68 -27.33
C GLY I 192 -20.67 -9.22 -27.75
N GLN I 193 -21.50 -8.36 -28.32
CA GLN I 193 -22.84 -8.75 -28.76
C GLN I 193 -22.76 -9.88 -29.80
N HIS I 194 -23.81 -10.70 -29.87
CA HIS I 194 -23.83 -11.82 -30.82
C HIS I 194 -25.26 -12.11 -31.28
N GLU I 195 -25.41 -13.07 -32.21
CA GLU I 195 -26.74 -13.47 -32.70
C GLU I 195 -26.72 -14.92 -33.16
N ILE I 196 -27.77 -15.65 -32.82
CA ILE I 196 -27.93 -17.05 -33.21
C ILE I 196 -29.34 -17.12 -33.79
N ASP I 197 -29.45 -17.42 -35.07
CA ASP I 197 -30.76 -17.49 -35.70
C ASP I 197 -31.34 -18.91 -35.64
N PHE I 198 -32.59 -19.02 -35.19
CA PHE I 198 -33.29 -20.30 -35.07
C PHE I 198 -33.89 -20.73 -36.39
N LYS I 199 -34.47 -21.91 -36.38
CA LYS I 199 -35.11 -22.38 -37.59
C LYS I 199 -36.60 -22.40 -37.29
N TYR I 200 -37.29 -21.37 -37.77
CA TYR I 200 -38.73 -21.20 -37.59
C TYR I 200 -39.47 -22.48 -37.17
N ALA I 201 -40.40 -22.34 -36.23
CA ALA I 201 -41.19 -23.48 -35.77
C ALA I 201 -42.53 -23.06 -35.16
N GLY I 202 -43.23 -24.04 -34.58
CA GLY I 202 -44.52 -23.79 -34.00
C GLY I 202 -44.52 -22.98 -32.72
N ALA I 203 -45.36 -21.96 -32.68
CA ALA I 203 -45.49 -21.04 -31.56
C ALA I 203 -45.05 -21.63 -30.23
N VAL I 204 -45.77 -22.65 -29.77
CA VAL I 204 -45.43 -23.26 -28.50
C VAL I 204 -44.09 -23.96 -28.59
N ARG I 205 -43.89 -24.73 -29.64
CA ARG I 205 -42.62 -25.44 -29.78
C ARG I 205 -41.50 -24.43 -29.90
N SER I 206 -41.80 -23.27 -30.46
CA SER I 206 -40.77 -22.25 -30.61
C SER I 206 -40.57 -21.52 -29.28
N CYS I 207 -41.62 -20.94 -28.72
CA CYS I 207 -41.52 -20.21 -27.46
C CYS I 207 -40.78 -21.02 -26.40
N ASP I 208 -40.93 -22.34 -26.44
CA ASP I 208 -40.28 -23.22 -25.48
C ASP I 208 -38.77 -23.25 -25.74
N ASP I 209 -38.41 -23.28 -27.01
CA ASP I 209 -37.02 -23.30 -27.40
C ASP I 209 -36.35 -21.97 -27.03
N ILE I 210 -37.09 -20.87 -27.17
CA ILE I 210 -36.59 -19.54 -26.81
C ILE I 210 -36.07 -19.68 -25.38
N GLN I 211 -36.85 -20.36 -24.56
CA GLN I 211 -36.51 -20.59 -23.17
C GLN I 211 -35.28 -21.47 -23.02
N THR I 212 -35.39 -22.73 -23.39
CA THR I 212 -34.25 -23.62 -23.27
C THR I 212 -32.96 -22.91 -23.73
N PHE I 213 -33.09 -22.13 -24.82
CA PHE I 213 -31.96 -21.39 -25.38
C PHE I 213 -31.30 -20.48 -24.36
N LYS I 214 -32.05 -19.55 -23.80
CA LYS I 214 -31.51 -18.63 -22.79
C LYS I 214 -30.81 -19.41 -21.66
N LEU I 215 -31.32 -20.61 -21.36
CA LEU I 215 -30.76 -21.46 -20.30
C LEU I 215 -29.40 -22.02 -20.69
N VAL I 216 -29.32 -22.65 -21.87
CA VAL I 216 -28.09 -23.25 -22.39
C VAL I 216 -26.98 -22.23 -22.62
N VAL I 217 -27.39 -21.03 -22.97
CA VAL I 217 -26.45 -19.94 -23.21
C VAL I 217 -25.87 -19.53 -21.87
N LYS I 218 -26.71 -18.94 -21.02
CA LYS I 218 -26.28 -18.49 -19.71
C LYS I 218 -25.42 -19.51 -18.97
N THR I 219 -25.61 -20.78 -19.28
CA THR I 219 -24.83 -21.86 -18.65
C THR I 219 -23.46 -21.84 -19.33
N ILE I 220 -23.40 -22.44 -20.51
CA ILE I 220 -22.18 -22.50 -21.29
C ILE I 220 -21.35 -21.20 -21.20
N ALA I 221 -22.05 -20.07 -21.12
CA ALA I 221 -21.40 -18.77 -21.04
C ALA I 221 -20.59 -18.64 -19.75
N ARG I 222 -21.18 -19.07 -18.63
CA ARG I 222 -20.46 -18.98 -17.37
C ARG I 222 -19.28 -19.93 -17.52
N LYS I 223 -19.55 -21.14 -18.02
CA LYS I 223 -18.52 -22.15 -18.23
C LYS I 223 -17.26 -21.50 -18.80
N HIS I 224 -17.39 -20.40 -19.52
CA HIS I 224 -16.23 -19.72 -20.07
C HIS I 224 -15.94 -18.42 -19.35
N GLY I 225 -16.01 -18.45 -18.02
CA GLY I 225 -15.76 -17.25 -17.23
C GLY I 225 -16.45 -16.00 -17.75
N LEU I 226 -17.67 -16.16 -18.27
CA LEU I 226 -18.41 -15.04 -18.84
C LEU I 226 -19.85 -14.91 -18.36
N HIS I 227 -20.43 -13.73 -18.59
CA HIS I 227 -21.83 -13.44 -18.23
C HIS I 227 -22.64 -13.00 -19.44
N ALA I 228 -23.70 -13.76 -19.73
CA ALA I 228 -24.57 -13.47 -20.87
C ALA I 228 -25.79 -12.69 -20.38
N THR I 229 -26.04 -11.55 -21.00
CA THR I 229 -27.17 -10.70 -20.62
C THR I 229 -28.05 -10.31 -21.80
N PHE I 230 -29.32 -10.72 -21.75
CA PHE I 230 -30.26 -10.41 -22.81
C PHE I 230 -30.96 -9.06 -22.55
N MET I 231 -30.36 -8.27 -21.67
CA MET I 231 -30.90 -6.96 -21.34
C MET I 231 -31.01 -6.13 -22.61
N PRO I 232 -32.12 -5.41 -22.77
CA PRO I 232 -32.27 -4.60 -23.98
C PRO I 232 -31.13 -3.61 -24.29
N LYS I 233 -30.72 -2.82 -23.31
CA LYS I 233 -29.69 -1.82 -23.57
C LYS I 233 -28.69 -1.72 -22.43
N PRO I 234 -27.79 -2.72 -22.30
CA PRO I 234 -26.77 -2.77 -21.26
C PRO I 234 -25.99 -1.47 -21.14
N LEU I 235 -25.45 -1.01 -22.26
CA LEU I 235 -24.65 0.19 -22.27
C LEU I 235 -25.26 1.31 -23.08
N PHE I 236 -25.25 2.51 -22.51
CA PHE I 236 -25.76 3.68 -23.21
C PHE I 236 -24.83 3.88 -24.39
N GLY I 237 -25.32 4.46 -25.48
CA GLY I 237 -24.44 4.67 -26.61
C GLY I 237 -24.23 3.44 -27.45
N VAL I 238 -23.75 2.34 -26.88
CA VAL I 238 -23.54 1.15 -27.70
C VAL I 238 -24.89 0.51 -28.05
N ASN I 239 -24.94 -0.23 -29.16
CA ASN I 239 -26.18 -0.86 -29.61
C ASN I 239 -26.87 -1.79 -28.63
N GLY I 240 -28.20 -1.83 -28.70
CA GLY I 240 -28.94 -2.71 -27.82
C GLY I 240 -29.21 -4.01 -28.58
N SER I 241 -30.06 -4.86 -28.01
CA SER I 241 -30.42 -6.12 -28.64
C SER I 241 -31.93 -6.19 -28.82
N GLY I 242 -32.33 -6.67 -29.98
CA GLY I 242 -33.74 -6.82 -30.25
C GLY I 242 -33.85 -8.30 -30.54
N MET I 243 -35.08 -8.76 -30.78
CA MET I 243 -35.28 -10.16 -31.08
C MET I 243 -36.39 -10.25 -32.11
N HIS I 244 -36.03 -9.90 -33.34
CA HIS I 244 -36.96 -9.93 -34.45
C HIS I 244 -37.65 -11.27 -34.47
N CYS I 245 -38.89 -11.28 -34.95
CA CYS I 245 -39.66 -12.50 -35.03
C CYS I 245 -40.19 -12.66 -36.44
N ASN I 246 -39.76 -13.73 -37.10
CA ASN I 246 -40.23 -14.01 -38.43
C ASN I 246 -41.53 -14.79 -38.20
N LEU I 247 -42.68 -14.18 -38.52
CA LEU I 247 -43.97 -14.84 -38.32
C LEU I 247 -44.59 -15.26 -39.65
N SER I 248 -45.27 -16.41 -39.66
CA SER I 248 -45.92 -16.91 -40.88
C SER I 248 -47.15 -17.73 -40.51
N LEU I 249 -48.26 -17.47 -41.21
CA LEU I 249 -49.53 -18.19 -40.99
C LEU I 249 -49.75 -19.25 -42.03
N PHE I 250 -49.99 -20.48 -41.60
CA PHE I 250 -50.25 -21.58 -42.51
C PHE I 250 -51.70 -21.98 -42.41
N LYS I 251 -52.14 -22.71 -43.43
CA LYS I 251 -53.50 -23.22 -43.52
C LYS I 251 -53.40 -24.48 -44.36
N ASN I 252 -53.88 -25.59 -43.81
CA ASN I 252 -53.81 -26.87 -44.53
C ASN I 252 -52.33 -27.08 -44.89
N GLY I 253 -51.44 -26.83 -43.94
CA GLY I 253 -50.02 -27.00 -44.18
C GLY I 253 -49.45 -26.23 -45.36
N VAL I 254 -50.08 -25.12 -45.72
CA VAL I 254 -49.64 -24.27 -46.83
C VAL I 254 -49.53 -22.83 -46.34
N ASN I 255 -48.44 -22.15 -46.69
CA ASN I 255 -48.24 -20.78 -46.26
C ASN I 255 -49.39 -19.88 -46.71
N ALA I 256 -50.03 -19.21 -45.75
CA ALA I 256 -51.17 -18.34 -46.03
C ALA I 256 -50.80 -16.89 -46.28
N PHE I 257 -49.51 -16.62 -46.41
CA PHE I 257 -49.06 -15.26 -46.67
C PHE I 257 -48.61 -15.15 -48.12
N PHE I 258 -48.25 -16.31 -48.69
CA PHE I 258 -47.75 -16.42 -50.07
C PHE I 258 -48.79 -16.35 -51.17
N ASP I 259 -48.36 -15.85 -52.33
CA ASP I 259 -49.21 -15.70 -53.50
C ASP I 259 -48.40 -15.06 -54.64
N GLU I 260 -47.64 -15.88 -55.36
CA GLU I 260 -46.81 -15.39 -56.46
C GLU I 260 -47.60 -14.66 -57.55
N ASN I 261 -48.88 -14.98 -57.67
CA ASN I 261 -49.75 -14.35 -58.67
C ASN I 261 -50.02 -12.89 -58.33
N ALA I 262 -50.19 -12.60 -57.04
CA ALA I 262 -50.50 -11.24 -56.61
C ALA I 262 -49.28 -10.36 -56.42
N ASP I 263 -49.56 -9.10 -56.10
CA ASP I 263 -48.56 -8.08 -55.85
C ASP I 263 -47.50 -8.57 -54.85
N LEU I 264 -46.22 -8.35 -55.17
CA LEU I 264 -45.14 -8.75 -54.28
C LEU I 264 -45.20 -10.22 -53.81
N GLN I 265 -46.09 -11.00 -54.40
CA GLN I 265 -46.26 -12.40 -54.02
C GLN I 265 -46.66 -12.42 -52.54
N LEU I 266 -47.68 -11.63 -52.22
CA LEU I 266 -48.22 -11.49 -50.87
C LEU I 266 -49.75 -11.57 -50.86
N SER I 267 -50.28 -12.71 -50.44
CA SER I 267 -51.72 -12.93 -50.38
C SER I 267 -52.46 -11.81 -49.67
N GLU I 268 -53.79 -11.85 -49.74
CA GLU I 268 -54.59 -10.84 -49.07
C GLU I 268 -54.48 -11.09 -47.57
N THR I 269 -54.31 -12.35 -47.19
CA THR I 269 -54.18 -12.70 -45.76
C THR I 269 -52.92 -12.04 -45.20
N ALA I 270 -51.85 -12.07 -45.99
CA ALA I 270 -50.57 -11.47 -45.60
C ALA I 270 -50.71 -9.98 -45.35
N LYS I 271 -51.30 -9.27 -46.31
CA LYS I 271 -51.48 -7.84 -46.15
C LYS I 271 -52.41 -7.55 -44.98
N HIS I 272 -53.53 -8.26 -44.91
CA HIS I 272 -54.49 -8.06 -43.82
C HIS I 272 -53.82 -8.28 -42.49
N PHE I 273 -52.92 -9.25 -42.43
CA PHE I 273 -52.18 -9.57 -41.20
C PHE I 273 -51.34 -8.38 -40.83
N ILE I 274 -50.51 -7.94 -41.77
CA ILE I 274 -49.64 -6.80 -41.58
C ILE I 274 -50.43 -5.60 -41.09
N ALA I 275 -51.66 -5.51 -41.57
CA ALA I 275 -52.60 -4.43 -41.26
C ALA I 275 -52.91 -4.28 -39.79
N GLY I 276 -53.08 -5.41 -39.09
CA GLY I 276 -53.39 -5.37 -37.68
C GLY I 276 -52.18 -5.10 -36.82
N ILE I 277 -51.03 -5.58 -37.28
CA ILE I 277 -49.78 -5.39 -36.56
C ILE I 277 -49.54 -3.88 -36.44
N VAL I 278 -49.76 -3.17 -37.54
CA VAL I 278 -49.59 -1.72 -37.56
C VAL I 278 -50.63 -1.10 -36.64
N LYS I 279 -51.83 -1.66 -36.64
CA LYS I 279 -52.92 -1.13 -35.84
C LYS I 279 -52.69 -1.19 -34.35
N HIS I 280 -52.26 -2.34 -33.88
CA HIS I 280 -52.05 -2.55 -32.47
C HIS I 280 -50.59 -2.39 -31.98
N ALA I 281 -49.67 -2.15 -32.91
CA ALA I 281 -48.26 -2.02 -32.55
C ALA I 281 -48.03 -1.20 -31.29
N THR I 282 -48.33 0.08 -31.34
CA THR I 282 -48.13 0.96 -30.19
C THR I 282 -49.03 0.52 -29.03
N SER I 283 -49.51 -0.71 -29.08
CA SER I 283 -50.39 -1.21 -28.03
C SER I 283 -49.97 -2.57 -27.48
N PHE I 284 -48.94 -3.16 -28.06
CA PHE I 284 -48.47 -4.45 -27.57
C PHE I 284 -47.00 -4.34 -27.25
N THR I 285 -46.45 -3.17 -27.53
CA THR I 285 -45.04 -2.88 -27.26
C THR I 285 -44.67 -3.18 -25.81
N ALA I 286 -45.57 -2.79 -24.90
CA ALA I 286 -45.40 -2.98 -23.44
C ALA I 286 -45.29 -4.44 -23.03
N VAL I 287 -45.56 -5.33 -23.99
CA VAL I 287 -45.49 -6.77 -23.78
C VAL I 287 -44.28 -7.30 -24.53
N THR I 288 -43.92 -6.61 -25.60
CA THR I 288 -42.80 -7.03 -26.41
C THR I 288 -41.57 -6.24 -26.05
N ASN I 289 -41.76 -5.23 -25.21
CA ASN I 289 -40.68 -4.37 -24.75
C ASN I 289 -41.00 -4.02 -23.29
N PRO I 290 -41.17 -5.05 -22.44
CA PRO I 290 -41.50 -4.93 -21.02
C PRO I 290 -40.59 -4.11 -20.10
N THR I 291 -39.29 -4.35 -20.15
CA THR I 291 -38.36 -3.65 -19.28
C THR I 291 -38.32 -2.12 -19.41
N VAL I 292 -38.10 -1.44 -18.28
CA VAL I 292 -37.98 0.01 -18.23
C VAL I 292 -36.81 0.34 -19.15
N ASN I 293 -35.92 -0.62 -19.30
CA ASN I 293 -34.74 -0.45 -20.11
C ASN I 293 -34.94 -0.74 -21.60
N SER I 294 -36.08 -1.33 -21.97
CA SER I 294 -36.34 -1.66 -23.36
C SER I 294 -36.56 -0.45 -24.25
N TYR I 295 -36.99 0.65 -23.66
CA TYR I 295 -37.28 1.86 -24.44
C TYR I 295 -36.07 2.75 -24.70
N LYS I 296 -34.91 2.34 -24.19
CA LYS I 296 -33.69 3.09 -24.41
C LYS I 296 -33.08 2.58 -25.72
N ARG I 297 -33.68 1.50 -26.23
CA ARG I 297 -33.23 0.91 -27.47
C ARG I 297 -34.19 1.38 -28.55
N LEU I 298 -35.33 1.90 -28.10
CA LEU I 298 -36.35 2.43 -29.00
C LEU I 298 -36.37 3.96 -28.98
N VAL I 299 -35.19 4.57 -29.09
CA VAL I 299 -35.08 6.02 -29.13
C VAL I 299 -34.78 6.36 -30.58
N TYR I 307 -40.58 4.19 -36.04
CA TYR I 307 -41.79 4.61 -36.73
C TYR I 307 -42.59 3.42 -37.25
N VAL I 308 -43.89 3.41 -36.96
CA VAL I 308 -44.80 2.35 -37.37
C VAL I 308 -45.10 2.35 -38.87
N ALA I 309 -44.59 1.33 -39.56
CA ALA I 309 -44.77 1.18 -41.00
C ALA I 309 -43.96 -0.03 -41.50
N TRP I 310 -44.39 -0.61 -42.62
CA TRP I 310 -43.69 -1.77 -43.21
C TRP I 310 -43.12 -1.41 -44.58
N SER I 311 -42.30 -2.31 -45.13
CA SER I 311 -41.67 -2.08 -46.45
C SER I 311 -40.80 -3.28 -46.87
N ALA I 312 -40.03 -3.09 -47.93
CA ALA I 312 -39.12 -4.11 -48.45
C ALA I 312 -37.78 -3.94 -47.75
N GLN I 313 -37.19 -2.76 -47.91
CA GLN I 313 -35.90 -2.43 -47.29
C GLN I 313 -35.89 -0.94 -46.90
N ASN I 314 -35.37 -0.65 -45.71
CA ASN I 314 -35.28 0.73 -45.21
C ASN I 314 -34.28 0.80 -44.05
N ARG I 315 -34.47 1.79 -43.16
CA ARG I 315 -33.60 1.99 -42.01
C ARG I 315 -33.95 1.09 -40.80
N SER I 316 -34.97 1.48 -40.06
CA SER I 316 -35.40 0.71 -38.89
C SER I 316 -36.92 0.67 -38.81
N PRO I 317 -37.56 -0.06 -39.74
CA PRO I 317 -39.03 -0.16 -39.75
C PRO I 317 -39.58 -1.07 -38.66
N LEU I 318 -40.86 -0.92 -38.36
CA LEU I 318 -41.52 -1.76 -37.35
C LEU I 318 -41.68 -3.14 -37.96
N ILE I 319 -41.99 -3.19 -39.25
CA ILE I 319 -42.17 -4.44 -39.98
C ILE I 319 -41.34 -4.46 -41.25
N ARG I 320 -40.97 -5.66 -41.68
CA ARG I 320 -40.21 -5.80 -42.92
C ARG I 320 -40.33 -7.22 -43.43
N ILE I 321 -40.99 -7.33 -44.56
CA ILE I 321 -41.22 -8.61 -45.21
C ILE I 321 -39.98 -9.09 -45.93
N PRO I 322 -39.35 -10.15 -45.43
CA PRO I 322 -38.14 -10.67 -46.09
C PRO I 322 -38.37 -10.93 -47.57
N ALA I 323 -37.29 -11.05 -48.32
CA ALA I 323 -37.36 -11.31 -49.76
C ALA I 323 -38.13 -12.60 -50.04
N SER I 324 -37.56 -13.70 -49.57
CA SER I 324 -38.09 -15.05 -49.71
C SER I 324 -39.59 -15.13 -49.94
N ARG I 325 -40.01 -16.15 -50.68
CA ARG I 325 -41.44 -16.37 -50.94
C ARG I 325 -41.75 -17.85 -50.89
N GLY I 326 -42.84 -18.23 -51.58
CA GLY I 326 -43.23 -19.62 -51.58
C GLY I 326 -43.57 -20.02 -50.17
N ILE I 327 -42.71 -20.81 -49.55
CA ILE I 327 -42.94 -21.23 -48.18
C ILE I 327 -42.44 -20.18 -47.19
N SER I 328 -41.20 -19.76 -47.34
CA SER I 328 -40.60 -18.78 -46.44
C SER I 328 -41.23 -17.40 -46.58
N THR I 329 -42.51 -17.38 -46.93
CA THR I 329 -43.25 -16.14 -47.09
C THR I 329 -43.73 -15.72 -45.71
N ARG I 330 -43.02 -14.77 -45.11
CA ARG I 330 -43.42 -14.36 -43.77
C ARG I 330 -43.10 -12.92 -43.45
N VAL I 331 -43.81 -12.36 -42.47
CA VAL I 331 -43.62 -10.98 -42.04
C VAL I 331 -42.67 -10.89 -40.85
N GLU I 332 -41.92 -9.81 -40.76
CA GLU I 332 -40.99 -9.67 -39.64
C GLU I 332 -41.29 -8.47 -38.77
N VAL I 333 -41.37 -8.74 -37.47
CA VAL I 333 -41.60 -7.70 -36.47
C VAL I 333 -40.24 -7.44 -35.81
N ARG I 334 -39.71 -6.24 -36.02
CA ARG I 334 -38.40 -5.87 -35.50
C ARG I 334 -38.31 -5.14 -34.15
N SER I 335 -39.44 -4.83 -33.52
CA SER I 335 -39.38 -4.12 -32.24
C SER I 335 -39.12 -5.05 -31.05
N VAL I 336 -39.69 -6.24 -31.08
CA VAL I 336 -39.55 -7.21 -30.01
C VAL I 336 -38.09 -7.43 -29.58
N ASP I 337 -37.89 -7.57 -28.28
CA ASP I 337 -36.55 -7.83 -27.75
C ASP I 337 -36.57 -9.07 -26.86
N PRO I 338 -35.41 -9.71 -26.65
CA PRO I 338 -35.28 -10.92 -25.82
C PRO I 338 -35.84 -10.85 -24.41
N ALA I 339 -35.98 -9.63 -23.90
CA ALA I 339 -36.48 -9.41 -22.55
C ALA I 339 -37.91 -9.92 -22.46
N ALA I 340 -38.66 -9.64 -23.51
CA ALA I 340 -40.05 -10.04 -23.58
C ALA I 340 -40.30 -11.53 -23.39
N ASN I 341 -41.28 -11.86 -22.55
CA ASN I 341 -41.64 -13.24 -22.32
C ASN I 341 -42.11 -13.69 -23.69
N PRO I 342 -41.52 -14.77 -24.23
CA PRO I 342 -41.87 -15.31 -25.55
C PRO I 342 -43.35 -15.67 -25.79
N TYR I 343 -43.95 -16.40 -24.85
CA TYR I 343 -45.34 -16.79 -25.00
C TYR I 343 -46.30 -15.59 -25.08
N LEU I 344 -46.13 -14.62 -24.19
CA LEU I 344 -47.01 -13.44 -24.20
C LEU I 344 -46.74 -12.57 -25.43
N ALA I 345 -45.47 -12.41 -25.79
CA ALA I 345 -45.08 -11.61 -26.95
C ALA I 345 -45.66 -12.24 -28.19
N LEU I 346 -45.64 -13.58 -28.23
CA LEU I 346 -46.15 -14.33 -29.37
C LEU I 346 -47.68 -14.30 -29.41
N SER I 347 -48.29 -14.25 -28.22
CA SER I 347 -49.73 -14.22 -28.14
C SER I 347 -50.24 -12.84 -28.59
N VAL I 348 -49.75 -11.80 -27.94
CA VAL I 348 -50.14 -10.43 -28.24
C VAL I 348 -49.99 -10.15 -29.74
N LEU I 349 -49.06 -10.85 -30.39
CA LEU I 349 -48.80 -10.69 -31.81
C LEU I 349 -49.72 -11.57 -32.66
N LEU I 350 -50.11 -12.75 -32.16
CA LEU I 350 -51.02 -13.59 -32.93
C LEU I 350 -52.34 -12.84 -32.95
N ALA I 351 -52.74 -12.29 -31.81
CA ALA I 351 -54.00 -11.52 -31.69
C ALA I 351 -54.09 -10.31 -32.63
N ALA I 352 -53.13 -9.38 -32.52
CA ALA I 352 -53.10 -8.19 -33.36
C ALA I 352 -53.05 -8.59 -34.83
N GLY I 353 -52.77 -9.87 -35.07
CA GLY I 353 -52.70 -10.36 -36.43
C GLY I 353 -54.02 -10.94 -36.91
N LEU I 354 -54.72 -11.62 -36.01
CA LEU I 354 -56.00 -12.18 -36.37
C LEU I 354 -57.03 -11.09 -36.51
N ASP I 355 -56.99 -10.15 -35.56
CA ASP I 355 -57.90 -9.01 -35.56
C ASP I 355 -57.84 -8.32 -36.92
N GLY I 356 -56.88 -8.73 -37.74
CA GLY I 356 -56.75 -8.15 -39.06
C GLY I 356 -57.41 -9.07 -40.08
N ILE I 357 -57.14 -10.36 -39.94
CA ILE I 357 -57.67 -11.38 -40.84
C ILE I 357 -59.19 -11.51 -40.63
N LYS I 358 -59.64 -11.13 -39.44
CA LYS I 358 -61.06 -11.20 -39.10
C LYS I 358 -61.85 -10.00 -39.61
N ASN I 359 -61.51 -8.82 -39.12
CA ASN I 359 -62.20 -7.60 -39.48
C ASN I 359 -61.66 -6.93 -40.75
N LYS I 360 -61.02 -7.73 -41.59
CA LYS I 360 -60.47 -7.23 -42.86
C LYS I 360 -59.93 -5.81 -42.71
N LEU I 361 -58.65 -5.69 -42.39
CA LEU I 361 -58.03 -4.39 -42.22
C LEU I 361 -57.19 -3.91 -43.40
N GLU I 362 -57.43 -2.66 -43.78
CA GLU I 362 -56.76 -2.02 -44.91
C GLU I 362 -55.40 -1.44 -44.51
N ALA I 363 -54.35 -2.09 -44.99
CA ALA I 363 -53.00 -1.65 -44.69
C ALA I 363 -52.73 -0.31 -45.34
N PRO I 364 -52.24 0.66 -44.56
CA PRO I 364 -51.92 2.02 -45.01
C PRO I 364 -50.80 2.02 -46.07
N ALA I 365 -50.68 3.15 -46.78
CA ALA I 365 -49.67 3.31 -47.81
C ALA I 365 -48.31 2.78 -47.35
N PRO I 366 -47.75 1.80 -48.07
CA PRO I 366 -46.44 1.22 -47.71
C PRO I 366 -45.28 2.23 -47.74
N ILE I 367 -44.83 2.65 -46.55
CA ILE I 367 -43.74 3.62 -46.42
C ILE I 367 -42.39 3.01 -46.85
N ASP I 368 -42.27 2.73 -48.14
CA ASP I 368 -41.05 2.13 -48.70
C ASP I 368 -39.95 3.19 -48.91
N ARG I 369 -40.18 4.40 -48.39
CA ARG I 369 -39.22 5.50 -48.52
C ARG I 369 -38.48 5.85 -47.23
N ASN I 370 -38.95 6.87 -46.53
CA ASN I 370 -38.32 7.30 -45.28
C ASN I 370 -39.30 7.58 -44.15
N ILE I 371 -38.80 7.58 -42.93
CA ILE I 371 -39.63 7.86 -41.76
C ILE I 371 -38.82 8.33 -40.54
N TYR I 372 -37.49 8.22 -40.63
CA TYR I 372 -36.61 8.63 -39.54
C TYR I 372 -35.88 9.94 -39.85
N VAL I 373 -35.74 10.22 -41.15
CA VAL I 373 -35.07 11.43 -41.59
C VAL I 373 -36.10 12.55 -41.80
N MET I 374 -37.37 12.18 -41.82
CA MET I 374 -38.46 13.14 -42.02
C MET I 374 -38.55 14.14 -40.86
N SER I 375 -38.70 15.42 -41.20
CA SER I 375 -38.79 16.49 -40.21
C SER I 375 -39.81 16.15 -39.13
N LYS I 376 -39.93 17.01 -38.13
CA LYS I 376 -40.88 16.82 -37.05
C LYS I 376 -42.28 16.95 -37.66
N GLU I 377 -42.37 17.71 -38.75
CA GLU I 377 -43.61 17.94 -39.47
C GLU I 377 -43.97 16.78 -40.41
N GLU I 378 -42.96 16.24 -41.08
CA GLU I 378 -43.14 15.12 -42.00
C GLU I 378 -43.30 13.83 -41.19
N ARG I 379 -44.13 13.90 -40.14
CA ARG I 379 -44.40 12.77 -39.27
C ARG I 379 -45.89 12.66 -38.98
N MET I 380 -46.42 13.65 -38.26
CA MET I 380 -47.83 13.70 -37.90
C MET I 380 -48.70 13.88 -39.14
N GLU I 381 -48.14 14.52 -40.15
CA GLU I 381 -48.86 14.77 -41.40
C GLU I 381 -48.81 13.52 -42.30
N ASN I 382 -47.84 12.63 -42.05
CA ASN I 382 -47.69 11.39 -42.81
C ASN I 382 -48.48 10.27 -42.14
N GLY I 383 -48.94 10.53 -40.92
CA GLY I 383 -49.70 9.53 -40.17
C GLY I 383 -48.84 8.39 -39.66
N ILE I 384 -47.60 8.71 -39.28
CA ILE I 384 -46.67 7.71 -38.77
C ILE I 384 -46.69 7.73 -37.24
N VAL I 385 -47.34 6.73 -36.64
CA VAL I 385 -47.41 6.66 -35.17
C VAL I 385 -46.11 6.15 -34.60
N ASP I 386 -45.61 6.85 -33.58
CA ASP I 386 -44.38 6.49 -32.91
C ASP I 386 -44.67 5.56 -31.72
N LEU I 387 -43.91 4.48 -31.59
CA LEU I 387 -44.11 3.56 -30.48
C LEU I 387 -43.86 4.34 -29.19
N PRO I 388 -44.32 3.81 -28.06
CA PRO I 388 -44.12 4.52 -26.78
C PRO I 388 -42.64 4.66 -26.39
N ALA I 389 -42.33 5.70 -25.63
CA ALA I 389 -40.95 5.99 -25.21
C ALA I 389 -40.57 5.50 -23.81
N THR I 390 -41.52 4.91 -23.10
CA THR I 390 -41.28 4.38 -21.76
C THR I 390 -42.31 3.35 -21.41
N LEU I 391 -41.98 2.52 -20.44
CA LEU I 391 -42.90 1.48 -20.01
C LEU I 391 -44.22 2.10 -19.59
N ALA I 392 -44.15 3.27 -18.97
CA ALA I 392 -45.35 3.95 -18.52
C ALA I 392 -46.27 4.33 -19.66
N GLU I 393 -45.70 4.76 -20.78
CA GLU I 393 -46.46 5.17 -21.96
C GLU I 393 -47.01 3.94 -22.66
N ALA I 394 -46.19 2.89 -22.70
CA ALA I 394 -46.55 1.63 -23.34
C ALA I 394 -47.71 0.92 -22.63
N LEU I 395 -47.75 1.03 -21.31
CA LEU I 395 -48.81 0.42 -20.51
C LEU I 395 -50.13 1.17 -20.63
N GLU I 396 -50.07 2.49 -20.67
CA GLU I 396 -51.29 3.27 -20.81
C GLU I 396 -51.92 2.82 -22.11
N GLU I 397 -51.05 2.43 -23.04
CA GLU I 397 -51.46 1.94 -24.35
C GLU I 397 -52.01 0.51 -24.30
N PHE I 398 -51.33 -0.36 -23.54
CA PHE I 398 -51.76 -1.75 -23.42
C PHE I 398 -53.14 -1.84 -22.80
N LYS I 399 -53.40 -0.99 -21.83
CA LYS I 399 -54.69 -0.98 -21.16
C LYS I 399 -55.79 -0.49 -22.09
N SER I 400 -55.51 0.53 -22.88
CA SER I 400 -56.53 1.07 -23.77
C SER I 400 -57.04 0.04 -24.79
N ASN I 401 -56.12 -0.68 -25.43
CA ASN I 401 -56.50 -1.67 -26.43
C ASN I 401 -57.32 -2.84 -25.90
N GLU I 402 -58.52 -2.99 -26.45
CA GLU I 402 -59.47 -4.04 -26.08
C GLU I 402 -59.01 -5.48 -26.36
N VAL I 403 -58.51 -5.73 -27.57
CA VAL I 403 -58.06 -7.07 -27.97
C VAL I 403 -56.83 -7.59 -27.23
N MET I 404 -55.95 -6.67 -26.82
CA MET I 404 -54.75 -7.05 -26.09
C MET I 404 -55.21 -7.62 -24.78
N VAL I 405 -56.20 -6.97 -24.18
CA VAL I 405 -56.74 -7.46 -22.93
C VAL I 405 -57.27 -8.88 -23.13
N LYS I 406 -57.82 -9.15 -24.32
CA LYS I 406 -58.38 -10.46 -24.62
C LYS I 406 -57.30 -11.44 -25.05
N ALA I 407 -56.14 -10.92 -25.37
CA ALA I 407 -55.01 -11.72 -25.81
C ALA I 407 -54.45 -12.56 -24.65
N LEU I 408 -54.29 -11.95 -23.50
CA LEU I 408 -53.81 -12.64 -22.31
C LEU I 408 -55.04 -12.72 -21.41
N GLY I 409 -55.20 -13.82 -20.70
CA GLY I 409 -56.36 -13.97 -19.86
C GLY I 409 -56.56 -12.79 -18.91
N GLU I 410 -57.81 -12.50 -18.57
CA GLU I 410 -58.13 -11.43 -17.64
C GLU I 410 -57.09 -11.54 -16.54
N HIS I 411 -56.83 -12.77 -16.11
CA HIS I 411 -55.85 -13.07 -15.07
C HIS I 411 -54.46 -12.58 -15.49
N LEU I 412 -53.90 -13.14 -16.56
CA LEU I 412 -52.58 -12.72 -17.02
C LEU I 412 -52.52 -11.20 -17.21
N PHE I 413 -53.64 -10.61 -17.61
CA PHE I 413 -53.75 -9.17 -17.84
C PHE I 413 -53.83 -8.43 -16.52
N GLU I 414 -54.70 -8.92 -15.64
CA GLU I 414 -54.91 -8.33 -14.33
C GLU I 414 -53.59 -8.19 -13.56
N HIS I 415 -52.72 -9.19 -13.68
CA HIS I 415 -51.44 -9.16 -12.98
C HIS I 415 -50.31 -8.47 -13.74
N PHE I 416 -50.19 -8.73 -15.04
CA PHE I 416 -49.12 -8.13 -15.84
C PHE I 416 -48.99 -6.63 -15.61
N ILE I 417 -50.09 -5.89 -15.69
CA ILE I 417 -50.00 -4.45 -15.47
C ILE I 417 -49.54 -4.25 -14.02
N GLU I 418 -50.36 -4.71 -13.08
CA GLU I 418 -50.04 -4.61 -11.67
C GLU I 418 -48.55 -4.73 -11.39
N ALA I 419 -47.86 -5.57 -12.17
CA ALA I 419 -46.42 -5.80 -12.01
C ALA I 419 -45.60 -4.71 -12.66
N LYS I 420 -45.95 -4.35 -13.89
CA LYS I 420 -45.20 -3.33 -14.57
C LYS I 420 -45.40 -1.95 -13.95
N GLU I 421 -46.58 -1.69 -13.41
CA GLU I 421 -46.86 -0.41 -12.80
C GLU I 421 -45.96 -0.23 -11.59
N ILE I 422 -45.75 -1.32 -10.87
CA ILE I 422 -44.89 -1.32 -9.69
C ILE I 422 -43.46 -1.04 -10.15
N GLU I 423 -43.02 -1.84 -11.13
CA GLU I 423 -41.70 -1.76 -11.72
C GLU I 423 -41.40 -0.35 -12.19
N TRP I 424 -42.29 0.21 -12.99
CA TRP I 424 -42.09 1.56 -13.51
C TRP I 424 -41.93 2.56 -12.39
N ASP I 425 -42.91 2.59 -11.52
CA ASP I 425 -42.89 3.49 -10.39
C ASP I 425 -41.52 3.52 -9.68
N MET I 426 -41.01 2.35 -9.31
CA MET I 426 -39.71 2.26 -8.65
C MET I 426 -38.68 3.13 -9.39
N PHE I 427 -38.67 3.00 -10.71
CA PHE I 427 -37.77 3.74 -11.58
C PHE I 427 -38.02 5.25 -11.45
N ARG I 428 -39.27 5.67 -11.55
CA ARG I 428 -39.55 7.09 -11.46
C ARG I 428 -39.49 7.67 -10.05
N THR I 429 -39.43 6.82 -9.03
CA THR I 429 -39.39 7.32 -7.66
C THR I 429 -38.01 7.44 -7.04
N GLN I 430 -36.98 7.24 -7.84
CA GLN I 430 -35.61 7.32 -7.32
C GLN I 430 -34.86 8.56 -7.73
N VAL I 431 -33.70 8.74 -7.13
CA VAL I 431 -32.84 9.85 -7.44
C VAL I 431 -31.64 9.21 -8.13
N HIS I 432 -31.68 9.19 -9.45
CA HIS I 432 -30.64 8.59 -10.26
C HIS I 432 -29.34 9.38 -10.27
N PRO I 433 -28.20 8.68 -10.42
CA PRO I 433 -26.91 9.35 -10.47
C PRO I 433 -26.92 10.49 -11.50
N TRP I 434 -27.53 10.25 -12.66
CA TRP I 434 -27.58 11.25 -13.71
C TRP I 434 -28.14 12.59 -13.23
N GLU I 435 -29.10 12.51 -12.30
CA GLU I 435 -29.76 13.69 -11.77
C GLU I 435 -28.80 14.54 -10.97
N ARG I 436 -28.18 13.95 -9.98
CA ARG I 436 -27.25 14.70 -9.18
C ARG I 436 -26.28 15.44 -10.10
N GLU I 437 -25.61 14.68 -10.97
CA GLU I 437 -24.65 15.26 -11.92
C GLU I 437 -25.11 16.55 -12.56
N GLN I 438 -26.25 16.51 -13.25
CA GLN I 438 -26.77 17.68 -13.94
C GLN I 438 -27.57 18.64 -13.06
N TYR I 439 -27.77 18.33 -11.79
CA TYR I 439 -28.53 19.23 -10.90
C TYR I 439 -27.82 19.70 -9.63
N MET I 440 -27.28 18.76 -8.86
CA MET I 440 -26.59 19.06 -7.60
C MET I 440 -25.84 20.39 -7.48
N SER I 441 -25.23 20.86 -8.57
CA SER I 441 -24.47 22.11 -8.55
C SER I 441 -25.06 23.27 -9.35
N GLN I 442 -25.62 22.98 -10.52
CA GLN I 442 -26.23 24.02 -11.34
C GLN I 442 -27.34 24.62 -10.49
N TYR I 443 -27.77 23.85 -9.50
CA TYR I 443 -28.83 24.25 -8.60
C TYR I 443 -28.41 24.11 -7.14
N ALA J 1 -35.36 -55.05 12.37
CA ALA J 1 -36.82 -54.95 12.11
C ALA J 1 -37.05 -54.11 10.85
N LYS J 2 -35.91 -54.29 10.16
CA LYS J 2 -35.49 -53.77 8.91
C LYS J 2 -33.95 -54.17 8.85
N TYR J 3 -33.33 -54.52 10.09
CA TYR J 3 -31.86 -54.84 10.36
C TYR J 3 -31.51 -55.67 11.64
N THR J 4 -31.13 -56.98 11.54
CA THR J 4 -30.73 -57.81 12.72
C THR J 4 -29.30 -57.45 13.16
N ARG J 5 -28.96 -57.64 14.43
CA ARG J 5 -27.61 -57.29 14.85
C ARG J 5 -26.63 -57.95 13.88
N GLU J 6 -26.91 -59.21 13.55
CA GLU J 6 -26.07 -59.97 12.62
C GLU J 6 -25.90 -59.21 11.31
N ASP J 7 -27.00 -58.66 10.82
CA ASP J 7 -26.99 -57.90 9.58
C ASP J 7 -25.94 -56.79 9.69
N ILE J 8 -25.99 -56.03 10.77
CA ILE J 8 -25.05 -54.93 10.98
C ILE J 8 -23.61 -55.42 10.94
N GLU J 9 -23.24 -56.30 11.86
CA GLU J 9 -21.87 -56.85 11.93
C GLU J 9 -21.32 -57.31 10.58
N LYS J 10 -22.19 -57.85 9.74
CA LYS J 10 -21.80 -58.32 8.41
C LYS J 10 -21.61 -57.11 7.51
N LEU J 11 -22.66 -56.31 7.44
CA LEU J 11 -22.67 -55.12 6.63
C LEU J 11 -21.44 -54.25 6.86
N VAL J 12 -20.85 -54.36 8.06
CA VAL J 12 -19.66 -53.57 8.37
C VAL J 12 -18.42 -54.26 7.80
N LYS J 13 -18.40 -55.58 7.91
CA LYS J 13 -17.28 -56.36 7.40
C LYS J 13 -17.34 -56.55 5.90
N GLU J 14 -18.27 -55.88 5.24
CA GLU J 14 -18.39 -56.02 3.81
C GLU J 14 -18.19 -54.67 3.16
N GLU J 15 -18.50 -53.61 3.91
CA GLU J 15 -18.37 -52.26 3.40
C GLU J 15 -17.12 -51.56 3.93
N ASN J 16 -16.41 -52.24 4.82
CA ASN J 16 -15.17 -51.70 5.37
C ASN J 16 -15.37 -50.47 6.26
N VAL J 17 -15.98 -50.66 7.43
CA VAL J 17 -16.19 -49.53 8.33
C VAL J 17 -15.18 -49.65 9.46
N LYS J 18 -14.57 -48.53 9.83
CA LYS J 18 -13.57 -48.53 10.89
C LYS J 18 -13.78 -47.48 11.97
N TYR J 19 -14.73 -46.59 11.73
CA TYR J 19 -15.05 -45.52 12.67
C TYR J 19 -16.58 -45.49 12.79
N ILE J 20 -17.09 -45.66 14.01
CA ILE J 20 -18.53 -45.65 14.24
C ILE J 20 -18.98 -44.41 15.01
N ARG J 21 -20.00 -43.71 14.50
CA ARG J 21 -20.52 -42.53 15.19
C ARG J 21 -21.84 -42.88 15.89
N LEU J 22 -21.77 -43.05 17.21
CA LEU J 22 -22.96 -43.34 17.99
C LEU J 22 -23.55 -41.97 18.30
N GLN J 23 -24.52 -41.55 17.49
CA GLN J 23 -25.09 -40.22 17.66
C GLN J 23 -26.37 -40.07 18.47
N PHE J 24 -26.52 -38.86 19.01
CA PHE J 24 -27.67 -38.50 19.78
C PHE J 24 -27.96 -37.02 19.62
N THR J 25 -28.95 -36.54 20.34
CA THR J 25 -29.36 -35.14 20.23
C THR J 25 -29.62 -34.55 21.62
N ASP J 26 -29.04 -33.39 21.91
CA ASP J 26 -29.26 -32.76 23.20
C ASP J 26 -30.51 -31.87 23.15
N ILE J 27 -30.80 -31.17 24.23
CA ILE J 27 -31.98 -30.32 24.28
C ILE J 27 -32.03 -29.21 23.21
N LEU J 28 -30.94 -28.47 23.04
CA LEU J 28 -30.90 -27.41 22.05
C LEU J 28 -30.97 -27.95 20.63
N GLY J 29 -31.26 -29.24 20.50
CA GLY J 29 -31.38 -29.84 19.18
C GLY J 29 -30.08 -30.22 18.49
N THR J 30 -29.01 -29.54 18.85
CA THR J 30 -27.68 -29.78 18.29
C THR J 30 -27.43 -31.29 18.13
N ILE J 31 -26.79 -31.67 17.03
CA ILE J 31 -26.50 -33.07 16.76
C ILE J 31 -25.14 -33.48 17.33
N LYS J 32 -25.14 -34.12 18.50
CA LYS J 32 -23.91 -34.58 19.17
C LYS J 32 -23.68 -36.07 18.92
N ASN J 33 -22.56 -36.57 19.42
CA ASN J 33 -22.24 -37.99 19.26
C ASN J 33 -20.96 -38.39 19.97
N VAL J 34 -20.86 -39.69 20.27
CA VAL J 34 -19.67 -40.25 20.89
C VAL J 34 -19.26 -41.30 19.88
N GLU J 35 -18.05 -41.15 19.36
CA GLU J 35 -17.51 -42.04 18.36
C GLU J 35 -16.53 -43.02 18.96
N ILE J 36 -16.67 -44.28 18.56
CA ILE J 36 -15.83 -45.36 19.02
C ILE J 36 -15.44 -46.12 17.78
N PRO J 37 -14.22 -46.68 17.72
CA PRO J 37 -13.80 -47.43 16.53
C PRO J 37 -14.60 -48.74 16.30
N VAL J 38 -14.68 -49.14 15.03
CA VAL J 38 -15.41 -50.34 14.59
C VAL J 38 -15.20 -51.55 15.49
N SER J 39 -13.96 -51.80 15.89
CA SER J 39 -13.64 -52.92 16.77
C SER J 39 -14.57 -52.92 17.97
N GLN J 40 -14.93 -51.72 18.42
CA GLN J 40 -15.82 -51.53 19.56
C GLN J 40 -17.28 -51.84 19.26
N LEU J 41 -17.63 -51.99 17.98
CA LEU J 41 -19.02 -52.25 17.63
C LEU J 41 -19.74 -53.23 18.55
N GLY J 42 -19.07 -54.33 18.85
CA GLY J 42 -19.64 -55.35 19.72
C GLY J 42 -20.12 -54.78 21.04
N LYS J 43 -19.25 -54.01 21.68
CA LYS J 43 -19.53 -53.37 22.96
C LYS J 43 -20.71 -52.40 22.84
N ALA J 44 -20.72 -51.65 21.75
CA ALA J 44 -21.75 -50.66 21.47
C ALA J 44 -23.12 -51.29 21.30
N LEU J 45 -23.16 -52.41 20.58
CA LEU J 45 -24.40 -53.13 20.33
C LEU J 45 -25.00 -53.76 21.60
N ASP J 46 -24.14 -54.05 22.57
CA ASP J 46 -24.59 -54.62 23.84
C ASP J 46 -25.03 -53.46 24.73
N ASN J 47 -24.93 -52.25 24.18
CA ASN J 47 -25.32 -51.04 24.89
C ASN J 47 -24.45 -50.89 26.14
N LYS J 48 -23.14 -50.97 25.93
CA LYS J 48 -22.17 -50.89 27.03
C LYS J 48 -21.31 -49.65 27.00
N VAL J 49 -21.43 -48.84 25.96
CA VAL J 49 -20.65 -47.63 25.85
C VAL J 49 -21.26 -46.53 26.71
N MET J 50 -20.54 -46.11 27.75
CA MET J 50 -21.03 -45.06 28.62
C MET J 50 -20.43 -43.73 28.23
N PHE J 51 -21.17 -42.65 28.45
CA PHE J 51 -20.70 -41.31 28.14
C PHE J 51 -21.12 -40.39 29.26
N ASP J 52 -20.60 -39.17 29.27
CA ASP J 52 -20.98 -38.20 30.28
C ASP J 52 -22.35 -37.59 29.88
N GLY J 53 -23.43 -38.28 30.23
CA GLY J 53 -24.76 -37.81 29.91
C GLY J 53 -25.02 -36.32 30.00
N SER J 54 -24.44 -35.64 30.98
CA SER J 54 -24.64 -34.21 31.17
C SER J 54 -24.52 -33.40 29.88
N SER J 55 -23.98 -34.04 28.84
CA SER J 55 -23.81 -33.42 27.54
C SER J 55 -25.16 -33.03 26.96
N ILE J 56 -26.18 -33.77 27.37
CA ILE J 56 -27.55 -33.56 26.91
C ILE J 56 -28.10 -32.23 27.44
N GLU J 57 -27.67 -31.88 28.65
CA GLU J 57 -28.14 -30.66 29.32
C GLU J 57 -27.70 -29.35 28.68
N GLY J 58 -27.83 -29.26 27.36
CA GLY J 58 -27.44 -28.05 26.68
C GLY J 58 -26.15 -27.51 27.26
N PHE J 59 -26.07 -26.19 27.35
CA PHE J 59 -24.88 -25.55 27.87
C PHE J 59 -24.93 -25.24 29.38
N VAL J 60 -25.86 -25.88 30.09
CA VAL J 60 -26.01 -25.69 31.52
C VAL J 60 -25.63 -26.94 32.33
N ARG J 61 -24.39 -27.39 32.13
CA ARG J 61 -23.86 -28.55 32.84
C ARG J 61 -23.23 -28.02 34.15
N ILE J 62 -23.26 -28.82 35.21
CA ILE J 62 -22.65 -28.40 36.49
C ILE J 62 -21.78 -29.54 37.02
N GLU J 63 -22.24 -30.78 36.77
CA GLU J 63 -21.57 -32.00 37.18
C GLU J 63 -21.64 -32.98 36.03
N GLU J 64 -20.97 -34.13 36.16
CA GLU J 64 -21.02 -35.11 35.09
C GLU J 64 -21.52 -36.45 35.61
N SER J 65 -22.59 -36.96 35.00
CA SER J 65 -23.16 -38.23 35.41
C SER J 65 -23.27 -39.17 34.22
N ASP J 66 -22.72 -40.36 34.39
CA ASP J 66 -22.71 -41.39 33.37
C ASP J 66 -24.06 -41.83 32.82
N MET J 67 -24.02 -42.51 31.69
CA MET J 67 -25.20 -43.02 31.02
C MET J 67 -24.89 -43.89 29.82
N TYR J 68 -25.72 -44.90 29.60
CA TYR J 68 -25.53 -45.84 28.50
C TYR J 68 -26.13 -45.40 27.19
N LEU J 69 -25.52 -45.87 26.11
CA LEU J 69 -25.95 -45.56 24.76
C LEU J 69 -26.57 -46.80 24.13
N TYR J 70 -27.88 -46.76 23.92
CA TYR J 70 -28.66 -47.85 23.33
C TYR J 70 -28.95 -47.58 21.85
N PRO J 71 -28.03 -47.97 20.95
CA PRO J 71 -28.18 -47.76 19.51
C PRO J 71 -29.39 -48.47 18.95
N ASP J 72 -30.09 -47.78 18.04
CA ASP J 72 -31.27 -48.30 17.38
C ASP J 72 -30.75 -48.95 16.11
N LEU J 73 -30.99 -50.24 15.93
CA LEU J 73 -30.46 -50.93 14.73
C LEU J 73 -31.06 -50.52 13.38
N ASN J 74 -32.29 -50.01 13.39
CA ASN J 74 -32.94 -49.62 12.15
C ASN J 74 -32.49 -48.26 11.65
N THR J 75 -31.53 -47.66 12.37
CA THR J 75 -30.98 -46.37 12.00
C THR J 75 -29.55 -46.52 11.45
N PHE J 76 -29.02 -47.74 11.53
CA PHE J 76 -27.68 -48.00 11.04
C PHE J 76 -27.54 -47.39 9.65
N VAL J 77 -26.65 -46.41 9.52
CA VAL J 77 -26.46 -45.78 8.22
C VAL J 77 -24.98 -45.62 7.90
N ILE J 78 -24.57 -45.99 6.70
CA ILE J 78 -23.16 -45.85 6.34
C ILE J 78 -22.95 -44.59 5.52
N PHE J 79 -22.42 -43.55 6.17
CA PHE J 79 -22.15 -42.29 5.50
C PHE J 79 -21.42 -42.53 4.19
N PRO J 80 -21.83 -41.82 3.12
CA PRO J 80 -21.20 -41.98 1.82
C PRO J 80 -19.81 -41.35 1.70
N TRP J 81 -19.74 -40.03 1.56
CA TRP J 81 -18.47 -39.32 1.43
C TRP J 81 -17.32 -39.81 2.32
N THR J 82 -17.65 -40.36 3.48
CA THR J 82 -16.62 -40.86 4.39
C THR J 82 -15.70 -41.89 3.74
N ALA J 83 -14.47 -41.47 3.43
CA ALA J 83 -13.50 -42.37 2.82
C ALA J 83 -12.20 -42.35 3.64
N GLU J 84 -11.16 -42.96 3.05
CA GLU J 84 -9.84 -43.05 3.67
C GLU J 84 -9.84 -44.05 4.82
N LYS J 85 -8.96 -45.05 4.73
CA LYS J 85 -8.81 -46.09 5.74
C LYS J 85 -10.08 -46.91 5.95
N GLY J 86 -11.24 -46.27 5.79
CA GLY J 86 -12.49 -46.95 5.99
C GLY J 86 -13.66 -46.01 5.92
N LYS J 87 -14.86 -46.56 6.08
CA LYS J 87 -16.07 -45.76 6.02
C LYS J 87 -16.52 -45.43 7.43
N VAL J 88 -17.47 -44.50 7.53
CA VAL J 88 -17.98 -44.08 8.83
C VAL J 88 -19.47 -44.39 8.99
N ALA J 89 -19.78 -45.43 9.75
CA ALA J 89 -21.18 -45.82 9.99
C ALA J 89 -21.80 -45.03 11.17
N ARG J 90 -23.13 -45.03 11.27
CA ARG J 90 -23.78 -44.31 12.35
C ARG J 90 -24.91 -45.06 13.00
N PHE J 91 -25.23 -44.62 14.21
CA PHE J 91 -26.27 -45.20 15.02
C PHE J 91 -26.93 -44.12 15.85
N ILE J 92 -28.22 -43.90 15.63
CA ILE J 92 -28.91 -42.91 16.43
C ILE J 92 -29.38 -43.75 17.61
N CYS J 93 -28.72 -43.55 18.75
CA CYS J 93 -29.02 -44.31 19.95
C CYS J 93 -29.77 -43.49 20.98
N ASP J 94 -30.31 -44.17 22.00
CA ASP J 94 -31.06 -43.49 23.05
C ASP J 94 -30.31 -43.50 24.37
N ILE J 95 -30.41 -42.40 25.09
CA ILE J 95 -29.72 -42.28 26.36
C ILE J 95 -30.43 -43.10 27.42
N TYR J 96 -29.66 -43.88 28.17
CA TYR J 96 -30.20 -44.72 29.24
C TYR J 96 -29.50 -44.50 30.56
N ASN J 97 -30.29 -44.45 31.63
CA ASN J 97 -29.80 -44.26 33.00
C ASN J 97 -28.74 -45.29 33.35
N PRO J 98 -27.83 -44.92 34.26
CA PRO J 98 -26.77 -45.85 34.67
C PRO J 98 -27.32 -47.23 34.98
N ASP J 99 -28.53 -47.27 35.54
CA ASP J 99 -29.16 -48.51 35.94
C ASP J 99 -29.83 -49.38 34.86
N GLY J 100 -30.78 -48.84 34.11
CA GLY J 100 -31.44 -49.61 33.07
C GLY J 100 -32.66 -48.93 32.50
N THR J 101 -33.22 -48.00 33.26
CA THR J 101 -34.39 -47.28 32.81
C THR J 101 -34.03 -46.10 31.92
N PRO J 102 -34.84 -45.84 30.90
CA PRO J 102 -34.65 -44.75 29.95
C PRO J 102 -34.55 -43.38 30.63
N PHE J 103 -33.51 -42.62 30.27
CA PHE J 103 -33.27 -41.30 30.83
C PHE J 103 -34.42 -40.36 30.47
N GLU J 104 -35.11 -39.86 31.50
CA GLU J 104 -36.23 -38.94 31.28
C GLU J 104 -35.79 -37.56 30.78
N GLY J 105 -34.50 -37.37 30.59
CA GLY J 105 -34.03 -36.08 30.13
C GLY J 105 -33.65 -36.09 28.67
N ASP J 106 -33.91 -37.20 27.98
CA ASP J 106 -33.57 -37.30 26.58
C ASP J 106 -34.72 -36.94 25.64
N PRO J 107 -34.45 -36.08 24.67
CA PRO J 107 -35.45 -35.65 23.69
C PRO J 107 -36.03 -36.78 22.82
N ARG J 108 -35.22 -37.78 22.48
CA ARG J 108 -35.73 -38.89 21.66
C ARG J 108 -36.67 -39.77 22.50
N ASN J 109 -36.35 -39.94 23.76
CA ASN J 109 -37.20 -40.76 24.60
C ASN J 109 -38.48 -40.00 24.91
N ASN J 110 -38.36 -38.70 25.13
CA ASN J 110 -39.55 -37.92 25.43
C ASN J 110 -40.60 -38.11 24.33
N LEU J 111 -40.13 -38.26 23.09
CA LEU J 111 -41.02 -38.42 21.94
C LEU J 111 -41.81 -39.73 22.01
N LYS J 112 -41.10 -40.82 22.31
CA LYS J 112 -41.72 -42.13 22.40
C LYS J 112 -42.73 -42.14 23.53
N ARG J 113 -42.40 -41.42 24.60
CA ARG J 113 -43.25 -41.30 25.78
C ARG J 113 -44.57 -40.63 25.41
N ILE J 114 -44.48 -39.55 24.64
CA ILE J 114 -45.68 -38.85 24.21
C ILE J 114 -46.33 -39.62 23.07
N LEU J 115 -45.56 -40.55 22.48
CA LEU J 115 -46.07 -41.38 21.39
C LEU J 115 -46.82 -42.57 21.99
N LYS J 116 -46.58 -42.81 23.28
CA LYS J 116 -47.21 -43.90 24.01
C LYS J 116 -48.64 -43.46 24.36
N GLU J 117 -48.80 -42.19 24.74
CA GLU J 117 -50.12 -41.66 25.07
C GLU J 117 -50.94 -41.79 23.79
N MET J 118 -50.41 -41.25 22.70
CA MET J 118 -51.07 -41.28 21.40
C MET J 118 -51.59 -42.67 21.10
N GLU J 119 -50.83 -43.68 21.51
CA GLU J 119 -51.21 -45.06 21.29
C GLU J 119 -52.32 -45.46 22.22
N ASP J 120 -52.32 -44.92 23.43
CA ASP J 120 -53.37 -45.24 24.38
C ASP J 120 -54.65 -44.50 24.03
N LEU J 121 -54.89 -44.34 22.74
CA LEU J 121 -56.09 -43.67 22.22
C LEU J 121 -56.47 -44.31 20.88
N GLY J 122 -55.93 -45.50 20.63
CA GLY J 122 -56.21 -46.23 19.40
C GLY J 122 -55.46 -45.72 18.18
N PHE J 123 -54.77 -44.61 18.35
CA PHE J 123 -54.00 -44.00 17.26
C PHE J 123 -52.82 -44.88 16.83
N SER J 124 -52.93 -45.42 15.62
CA SER J 124 -51.91 -46.28 15.03
C SER J 124 -50.53 -45.65 14.99
N ASP J 125 -50.41 -44.48 14.37
CA ASP J 125 -49.13 -43.79 14.27
C ASP J 125 -49.31 -42.33 13.89
N PHE J 126 -48.31 -41.53 14.27
CA PHE J 126 -48.30 -40.09 14.01
C PHE J 126 -47.24 -39.79 12.95
N ASN J 127 -47.66 -39.23 11.81
CA ASN J 127 -46.72 -38.94 10.72
C ASN J 127 -46.34 -37.46 10.51
N LEU J 128 -45.10 -37.23 10.07
CA LEU J 128 -44.62 -35.86 9.87
C LEU J 128 -43.95 -35.70 8.50
N GLY J 129 -44.17 -34.54 7.90
CA GLY J 129 -43.56 -34.23 6.61
C GLY J 129 -42.95 -32.84 6.74
N PRO J 130 -41.64 -32.74 7.05
CA PRO J 130 -41.00 -31.43 7.18
C PRO J 130 -40.70 -30.74 5.86
N GLU J 131 -40.63 -29.42 5.94
CA GLU J 131 -40.32 -28.57 4.80
C GLU J 131 -39.17 -27.66 5.27
N PRO J 132 -38.00 -28.25 5.56
CA PRO J 132 -36.81 -27.53 6.03
C PRO J 132 -36.19 -26.57 5.00
N GLU J 133 -36.24 -25.27 5.28
CA GLU J 133 -35.64 -24.27 4.40
C GLU J 133 -34.30 -23.82 4.96
N PHE J 134 -33.40 -23.32 4.11
CA PHE J 134 -32.09 -22.85 4.56
C PHE J 134 -31.45 -21.83 3.61
N PHE J 135 -30.30 -21.30 4.02
CA PHE J 135 -29.56 -20.33 3.22
C PHE J 135 -28.20 -20.93 2.91
N LEU J 136 -27.53 -20.35 1.92
CA LEU J 136 -26.20 -20.80 1.57
C LEU J 136 -25.36 -19.56 1.35
N PHE J 137 -24.40 -19.33 2.23
CA PHE J 137 -23.52 -18.17 2.12
C PHE J 137 -22.16 -18.65 1.63
N LYS J 138 -21.47 -17.80 0.90
CA LYS J 138 -20.15 -18.14 0.38
C LYS J 138 -19.11 -18.03 1.48
N LEU J 139 -18.10 -18.88 1.39
CA LEU J 139 -17.00 -18.89 2.35
C LEU J 139 -15.85 -18.03 1.79
N ASP J 140 -15.10 -17.39 2.67
CA ASP J 140 -13.96 -16.58 2.24
C ASP J 140 -12.71 -17.45 2.26
N GLU J 141 -11.62 -16.92 1.74
CA GLU J 141 -10.36 -17.65 1.71
C GLU J 141 -10.00 -18.18 3.11
N LYS J 142 -10.28 -17.36 4.13
CA LYS J 142 -9.98 -17.73 5.51
C LYS J 142 -10.94 -18.78 6.06
N GLY J 143 -11.68 -19.42 5.15
CA GLY J 143 -12.64 -20.46 5.52
C GLY J 143 -13.74 -20.01 6.46
N GLU J 144 -13.98 -18.71 6.53
CA GLU J 144 -15.02 -18.20 7.41
C GLU J 144 -16.23 -17.69 6.65
N PRO J 145 -17.43 -18.12 7.05
CA PRO J 145 -18.63 -17.67 6.34
C PRO J 145 -18.69 -16.16 6.27
N THR J 146 -19.38 -15.69 5.24
CA THR J 146 -19.56 -14.27 5.02
C THR J 146 -21.02 -14.12 4.66
N LEU J 147 -21.53 -12.91 4.75
CA LEU J 147 -22.94 -12.70 4.46
C LEU J 147 -23.16 -12.57 2.95
N GLU J 148 -22.35 -13.28 2.18
CA GLU J 148 -22.48 -13.23 0.72
C GLU J 148 -23.23 -14.45 0.19
N LEU J 149 -24.45 -14.21 -0.29
CA LEU J 149 -25.28 -15.28 -0.82
C LEU J 149 -24.59 -15.94 -2.00
N ASN J 150 -24.90 -17.22 -2.24
CA ASN J 150 -24.30 -17.98 -3.33
C ASN J 150 -24.95 -17.67 -4.66
N ASP J 151 -26.21 -17.24 -4.64
CA ASP J 151 -26.91 -16.89 -5.88
C ASP J 151 -27.96 -15.82 -5.64
N LYS J 152 -28.17 -14.97 -6.63
CA LYS J 152 -29.15 -13.89 -6.51
C LYS J 152 -30.44 -14.29 -7.21
N GLY J 153 -30.90 -15.50 -6.93
CA GLY J 153 -32.11 -16.00 -7.55
C GLY J 153 -33.38 -15.81 -6.75
N GLY J 154 -34.49 -16.16 -7.38
CA GLY J 154 -35.78 -15.99 -6.73
C GLY J 154 -36.57 -17.27 -6.49
N TYR J 155 -37.77 -17.07 -5.98
CA TYR J 155 -38.71 -18.13 -5.64
C TYR J 155 -39.12 -19.04 -6.80
N PHE J 156 -38.87 -20.34 -6.63
CA PHE J 156 -39.17 -21.37 -7.63
C PHE J 156 -38.40 -21.18 -8.92
N ASP J 157 -37.54 -20.17 -8.94
CA ASP J 157 -36.70 -19.88 -10.09
C ASP J 157 -35.84 -21.11 -10.33
N LEU J 158 -35.17 -21.16 -11.47
CA LEU J 158 -34.30 -22.29 -11.76
C LEU J 158 -32.87 -21.87 -11.41
N ALA J 159 -32.52 -22.04 -10.13
CA ALA J 159 -31.20 -21.69 -9.59
C ALA J 159 -30.08 -22.31 -10.43
N PRO J 160 -28.93 -21.61 -10.54
CA PRO J 160 -27.76 -22.04 -11.32
C PRO J 160 -27.98 -23.37 -12.04
N THR J 161 -27.93 -23.35 -13.37
CA THR J 161 -28.15 -24.59 -14.10
C THR J 161 -27.10 -25.64 -13.82
N ASP J 162 -27.51 -26.88 -14.03
CA ASP J 162 -26.69 -28.07 -13.85
C ASP J 162 -25.26 -27.86 -14.33
N LEU J 163 -24.45 -27.22 -13.48
CA LEU J 163 -23.04 -26.93 -13.77
C LEU J 163 -22.42 -25.97 -12.75
N GLY J 164 -21.27 -26.38 -12.22
CA GLY J 164 -20.56 -25.56 -11.27
C GLY J 164 -20.93 -25.86 -9.84
N GLU J 165 -21.92 -25.12 -9.34
CA GLU J 165 -22.37 -25.34 -7.97
C GLU J 165 -23.54 -26.33 -7.96
N ASN J 166 -24.75 -25.76 -7.91
CA ASN J 166 -26.00 -26.50 -7.85
C ASN J 166 -25.97 -27.42 -6.64
N CYS J 167 -25.66 -26.81 -5.51
CA CYS J 167 -25.56 -27.47 -4.21
C CYS J 167 -26.89 -28.04 -3.76
N ARG J 168 -27.95 -27.33 -4.11
CA ARG J 168 -29.31 -27.70 -3.79
C ARG J 168 -29.60 -29.04 -4.47
N ARG J 169 -29.17 -29.16 -5.71
CA ARG J 169 -29.34 -30.38 -6.50
C ARG J 169 -28.50 -31.52 -5.94
N ASP J 170 -27.24 -31.23 -5.67
CA ASP J 170 -26.29 -32.19 -5.14
C ASP J 170 -26.67 -32.75 -3.79
N ILE J 171 -27.28 -31.92 -2.95
CA ILE J 171 -27.69 -32.35 -1.62
C ILE J 171 -28.84 -33.34 -1.71
N VAL J 172 -29.66 -33.19 -2.74
CA VAL J 172 -30.80 -34.07 -2.93
C VAL J 172 -30.39 -35.40 -3.50
N LEU J 173 -29.51 -35.39 -4.51
CA LEU J 173 -29.05 -36.64 -5.11
C LEU J 173 -28.44 -37.51 -4.02
N GLU J 174 -27.78 -36.87 -3.07
CA GLU J 174 -27.13 -37.56 -1.95
C GLU J 174 -28.15 -38.12 -0.97
N LEU J 175 -29.10 -37.30 -0.55
CA LEU J 175 -30.12 -37.76 0.38
C LEU J 175 -30.76 -39.04 -0.09
N GLU J 176 -30.90 -39.19 -1.40
CA GLU J 176 -31.51 -40.38 -1.98
C GLU J 176 -30.62 -41.62 -1.88
N GLU J 177 -29.33 -41.46 -2.17
CA GLU J 177 -28.44 -42.60 -2.08
C GLU J 177 -28.42 -43.06 -0.64
N MET J 178 -28.25 -42.11 0.29
CA MET J 178 -28.21 -42.45 1.71
C MET J 178 -29.41 -43.27 2.09
N GLY J 179 -30.57 -42.91 1.54
CA GLY J 179 -31.79 -43.64 1.84
C GLY J 179 -33.02 -42.78 1.88
N PHE J 180 -32.85 -41.47 2.03
CA PHE J 180 -33.99 -40.56 2.08
C PHE J 180 -35.05 -40.81 1.02
N GLU J 181 -36.22 -40.22 1.27
CA GLU J 181 -37.35 -40.31 0.37
C GLU J 181 -37.88 -38.90 0.09
N ILE J 182 -37.01 -38.08 -0.52
CA ILE J 182 -37.36 -36.70 -0.83
C ILE J 182 -38.52 -36.59 -1.78
N GLU J 183 -39.27 -35.51 -1.62
CA GLU J 183 -40.42 -35.24 -2.45
C GLU J 183 -39.96 -34.40 -3.63
N ALA J 184 -39.54 -33.17 -3.34
CA ALA J 184 -39.09 -32.23 -4.36
C ALA J 184 -38.20 -31.16 -3.74
N SER J 185 -37.93 -30.10 -4.51
CA SER J 185 -37.11 -29.00 -4.02
C SER J 185 -37.16 -27.81 -4.99
N HIS J 186 -37.20 -26.60 -4.41
CA HIS J 186 -37.23 -25.38 -5.19
C HIS J 186 -36.31 -24.35 -4.59
N HIS J 187 -36.38 -23.13 -5.11
CA HIS J 187 -35.57 -22.03 -4.62
C HIS J 187 -36.52 -21.05 -3.95
N GLU J 188 -36.37 -20.89 -2.64
CA GLU J 188 -37.27 -20.00 -1.90
C GLU J 188 -37.18 -18.51 -2.23
N VAL J 189 -38.28 -17.82 -1.92
CA VAL J 189 -38.42 -16.39 -2.15
C VAL J 189 -37.08 -15.65 -2.07
N ALA J 190 -36.51 -15.58 -0.89
CA ALA J 190 -35.23 -14.90 -0.68
C ALA J 190 -34.11 -15.56 -1.46
N PRO J 191 -33.12 -14.76 -1.90
CA PRO J 191 -31.99 -15.28 -2.67
C PRO J 191 -31.10 -16.17 -1.80
N GLY J 192 -30.47 -17.16 -2.42
CA GLY J 192 -29.61 -18.05 -1.68
C GLY J 192 -30.36 -19.02 -0.76
N GLN J 193 -31.68 -18.88 -0.73
CA GLN J 193 -32.56 -19.70 0.10
C GLN J 193 -33.09 -20.93 -0.67
N HIS J 194 -33.03 -22.11 -0.05
CA HIS J 194 -33.49 -23.34 -0.71
C HIS J 194 -34.44 -24.14 0.18
N GLU J 195 -35.06 -25.17 -0.40
CA GLU J 195 -35.97 -26.01 0.38
C GLU J 195 -36.00 -27.42 -0.17
N ILE J 196 -36.02 -28.40 0.72
CA ILE J 196 -36.07 -29.80 0.33
C ILE J 196 -37.24 -30.34 1.13
N ASP J 197 -38.17 -31.02 0.46
CA ASP J 197 -39.34 -31.55 1.14
C ASP J 197 -39.37 -33.09 1.23
N PHE J 198 -39.41 -33.58 2.46
CA PHE J 198 -39.40 -35.01 2.79
C PHE J 198 -40.75 -35.71 2.61
N LYS J 199 -40.67 -37.04 2.48
CA LYS J 199 -41.85 -37.90 2.35
C LYS J 199 -42.21 -38.28 3.79
N TYR J 200 -43.38 -37.86 4.23
CA TYR J 200 -43.81 -38.14 5.59
C TYR J 200 -43.62 -39.59 6.04
N ALA J 201 -43.04 -39.73 7.23
CA ALA J 201 -42.78 -41.02 7.83
C ALA J 201 -43.13 -40.88 9.31
N GLY J 202 -42.93 -41.95 10.08
CA GLY J 202 -43.24 -41.94 11.49
C GLY J 202 -42.68 -40.78 12.32
N ALA J 203 -43.40 -40.45 13.39
CA ALA J 203 -43.01 -39.36 14.29
C ALA J 203 -41.52 -39.31 14.49
N VAL J 204 -41.01 -40.32 15.20
CA VAL J 204 -39.58 -40.46 15.53
C VAL J 204 -38.73 -40.64 14.31
N ARG J 205 -39.29 -41.29 13.31
CA ARG J 205 -38.56 -41.52 12.07
C ARG J 205 -38.22 -40.15 11.49
N SER J 206 -39.20 -39.26 11.41
CA SER J 206 -38.98 -37.91 10.89
C SER J 206 -37.84 -37.25 11.64
N CYS J 207 -38.13 -36.76 12.84
CA CYS J 207 -37.14 -36.11 13.68
C CYS J 207 -35.75 -36.68 13.39
N ASP J 208 -35.68 -38.00 13.27
CA ASP J 208 -34.43 -38.65 12.97
C ASP J 208 -33.90 -38.17 11.61
N ASP J 209 -34.70 -38.38 10.57
CA ASP J 209 -34.31 -37.96 9.23
C ASP J 209 -34.06 -36.47 9.15
N ILE J 210 -34.78 -35.68 9.96
CA ILE J 210 -34.62 -34.23 9.99
C ILE J 210 -33.27 -33.89 10.59
N GLN J 211 -32.80 -34.75 11.47
CA GLN J 211 -31.52 -34.55 12.11
C GLN J 211 -30.43 -34.70 11.06
N THR J 212 -30.29 -35.92 10.54
CA THR J 212 -29.30 -36.26 9.52
C THR J 212 -29.27 -35.22 8.41
N PHE J 213 -30.45 -34.87 7.91
CA PHE J 213 -30.57 -33.89 6.84
C PHE J 213 -29.73 -32.66 7.17
N LYS J 214 -29.99 -32.06 8.32
CA LYS J 214 -29.24 -30.89 8.73
C LYS J 214 -27.74 -31.17 8.59
N LEU J 215 -27.36 -32.42 8.83
CA LEU J 215 -25.95 -32.81 8.74
C LEU J 215 -25.45 -32.88 7.30
N VAL J 216 -26.15 -33.63 6.45
CA VAL J 216 -25.73 -33.77 5.05
C VAL J 216 -25.72 -32.44 4.29
N VAL J 217 -26.60 -31.53 4.67
CA VAL J 217 -26.61 -30.24 4.02
C VAL J 217 -25.32 -29.52 4.42
N LYS J 218 -25.16 -29.31 5.71
CA LYS J 218 -23.98 -28.67 6.28
C LYS J 218 -22.69 -29.17 5.66
N THR J 219 -22.57 -30.50 5.57
CA THR J 219 -21.38 -31.12 5.00
C THR J 219 -21.31 -30.93 3.48
N ILE J 220 -22.34 -31.36 2.76
CA ILE J 220 -22.34 -31.20 1.31
C ILE J 220 -22.13 -29.73 0.95
N ALA J 221 -22.74 -28.83 1.72
CA ALA J 221 -22.64 -27.40 1.49
C ALA J 221 -21.20 -26.85 1.58
N ARG J 222 -20.48 -27.23 2.63
CA ARG J 222 -19.12 -26.76 2.81
C ARG J 222 -18.20 -27.32 1.74
N LYS J 223 -18.50 -28.54 1.28
CA LYS J 223 -17.73 -29.19 0.23
C LYS J 223 -17.88 -28.43 -1.08
N HIS J 224 -18.82 -27.51 -1.08
CA HIS J 224 -19.07 -26.70 -2.25
C HIS J 224 -18.57 -25.31 -1.97
N GLY J 225 -17.69 -25.19 -0.97
CA GLY J 225 -17.13 -23.90 -0.61
C GLY J 225 -18.16 -22.92 -0.09
N LEU J 226 -19.21 -23.45 0.53
CA LEU J 226 -20.28 -22.62 1.05
C LEU J 226 -20.57 -22.88 2.52
N HIS J 227 -21.43 -22.04 3.08
CA HIS J 227 -21.83 -22.16 4.47
C HIS J 227 -23.34 -22.22 4.58
N ALA J 228 -23.84 -23.36 5.08
CA ALA J 228 -25.27 -23.57 5.25
C ALA J 228 -25.73 -23.25 6.66
N THR J 229 -26.89 -22.61 6.78
CA THR J 229 -27.46 -22.31 8.09
C THR J 229 -28.98 -22.33 8.07
N PHE J 230 -29.54 -22.85 9.15
CA PHE J 230 -30.98 -22.93 9.29
C PHE J 230 -31.45 -21.82 10.22
N MET J 231 -30.52 -20.94 10.58
CA MET J 231 -30.82 -19.81 11.45
C MET J 231 -32.07 -19.20 10.88
N PRO J 232 -33.09 -19.02 11.70
CA PRO J 232 -34.36 -18.44 11.24
C PRO J 232 -34.35 -17.14 10.40
N LYS J 233 -33.41 -16.24 10.69
CA LYS J 233 -33.38 -14.97 9.97
C LYS J 233 -31.98 -14.36 9.99
N PRO J 234 -31.12 -14.82 9.07
CA PRO J 234 -29.74 -14.35 8.93
C PRO J 234 -29.62 -12.88 8.55
N LEU J 235 -30.57 -12.37 7.79
CA LEU J 235 -30.51 -10.98 7.37
C LEU J 235 -31.81 -10.23 7.57
N PHE J 236 -31.70 -9.03 8.11
CA PHE J 236 -32.86 -8.18 8.32
C PHE J 236 -33.40 -7.81 6.98
N GLY J 237 -34.68 -7.51 6.92
CA GLY J 237 -35.24 -7.10 5.66
C GLY J 237 -35.13 -8.07 4.49
N VAL J 238 -34.95 -9.36 4.80
CA VAL J 238 -34.89 -10.40 3.77
C VAL J 238 -35.62 -11.58 4.39
N ASN J 239 -36.33 -12.36 3.58
CA ASN J 239 -37.09 -13.48 4.11
C ASN J 239 -36.31 -14.48 4.93
N GLY J 240 -36.98 -14.97 5.98
CA GLY J 240 -36.40 -15.96 6.86
C GLY J 240 -36.82 -17.38 6.48
N SER J 241 -36.15 -18.37 7.05
CA SER J 241 -36.42 -19.77 6.76
C SER J 241 -37.31 -20.40 7.83
N GLY J 242 -38.44 -20.96 7.40
CA GLY J 242 -39.33 -21.63 8.32
C GLY J 242 -39.21 -23.14 8.11
N MET J 243 -40.01 -23.92 8.82
CA MET J 243 -39.99 -25.37 8.68
C MET J 243 -41.34 -25.91 9.09
N HIS J 244 -42.33 -25.67 8.22
CA HIS J 244 -43.69 -26.13 8.48
C HIS J 244 -43.65 -27.62 8.74
N CYS J 245 -44.63 -28.10 9.48
CA CYS J 245 -44.71 -29.53 9.81
C CYS J 245 -46.08 -30.11 9.48
N ASN J 246 -46.10 -30.94 8.45
CA ASN J 246 -47.33 -31.59 8.02
C ASN J 246 -47.67 -32.71 8.99
N LEU J 247 -48.65 -32.44 9.85
CA LEU J 247 -49.07 -33.40 10.86
C LEU J 247 -50.13 -34.34 10.34
N SER J 248 -50.03 -35.60 10.75
CA SER J 248 -50.98 -36.61 10.29
C SER J 248 -51.17 -37.70 11.36
N LEU J 249 -52.40 -37.84 11.86
CA LEU J 249 -52.70 -38.84 12.88
C LEU J 249 -53.47 -40.04 12.32
N PHE J 250 -52.79 -41.18 12.21
CA PHE J 250 -53.42 -42.39 11.70
C PHE J 250 -53.92 -43.26 12.84
N LYS J 251 -54.81 -44.18 12.48
CA LYS J 251 -55.41 -45.12 13.43
C LYS J 251 -55.86 -46.35 12.66
N ASN J 252 -55.36 -47.52 13.07
CA ASN J 252 -55.69 -48.78 12.41
C ASN J 252 -55.49 -48.68 10.89
N GLY J 253 -54.34 -48.15 10.48
CA GLY J 253 -54.05 -48.01 9.07
C GLY J 253 -55.01 -47.11 8.30
N VAL J 254 -55.66 -46.20 9.03
CA VAL J 254 -56.58 -45.28 8.37
C VAL J 254 -56.31 -43.86 8.85
N ASN J 255 -56.38 -42.91 7.94
CA ASN J 255 -56.17 -41.52 8.29
C ASN J 255 -57.33 -41.07 9.19
N ALA J 256 -57.02 -40.76 10.45
CA ALA J 256 -58.04 -40.34 11.41
C ALA J 256 -58.46 -38.89 11.29
N PHE J 257 -58.15 -38.28 10.16
CA PHE J 257 -58.52 -36.89 9.94
C PHE J 257 -59.50 -36.77 8.78
N PHE J 258 -59.36 -37.67 7.81
CA PHE J 258 -60.22 -37.68 6.64
C PHE J 258 -61.60 -38.26 6.96
N ASP J 259 -62.63 -37.62 6.39
CA ASP J 259 -64.02 -38.04 6.55
C ASP J 259 -64.72 -37.92 5.20
N GLU J 260 -65.19 -39.06 4.69
CA GLU J 260 -65.88 -39.12 3.40
C GLU J 260 -66.91 -38.01 3.25
N ASN J 261 -68.02 -38.16 3.97
CA ASN J 261 -69.12 -37.22 3.93
C ASN J 261 -69.07 -36.31 5.15
N ALA J 262 -68.28 -35.24 5.05
CA ALA J 262 -68.14 -34.31 6.15
C ALA J 262 -67.61 -32.98 5.66
N ASP J 263 -67.96 -31.93 6.38
CA ASP J 263 -67.55 -30.56 6.06
C ASP J 263 -66.05 -30.53 5.76
N LEU J 264 -65.72 -30.17 4.53
CA LEU J 264 -64.33 -30.09 4.10
C LEU J 264 -63.66 -31.47 4.18
N GLN J 265 -64.46 -32.48 4.53
CA GLN J 265 -63.97 -33.85 4.66
C GLN J 265 -62.90 -33.93 5.74
N LEU J 266 -63.20 -33.37 6.91
CA LEU J 266 -62.26 -33.39 8.03
C LEU J 266 -62.98 -33.91 9.26
N SER J 267 -62.92 -35.22 9.46
CA SER J 267 -63.56 -35.86 10.60
C SER J 267 -63.47 -35.03 11.89
N GLU J 268 -64.40 -35.30 12.81
CA GLU J 268 -64.45 -34.59 14.08
C GLU J 268 -63.14 -34.77 14.83
N THR J 269 -62.52 -35.93 14.61
CA THR J 269 -61.26 -36.26 15.24
C THR J 269 -60.15 -35.36 14.68
N ALA J 270 -60.38 -34.82 13.49
CA ALA J 270 -59.42 -33.91 12.85
C ALA J 270 -59.60 -32.52 13.45
N LYS J 271 -60.80 -31.98 13.30
CA LYS J 271 -61.11 -30.66 13.84
C LYS J 271 -60.59 -30.55 15.27
N HIS J 272 -61.02 -31.45 16.16
CA HIS J 272 -60.56 -31.42 17.55
C HIS J 272 -59.07 -31.17 17.57
N PHE J 273 -58.33 -32.04 16.86
CA PHE J 273 -56.88 -31.92 16.79
C PHE J 273 -56.54 -30.46 16.50
N ILE J 274 -57.15 -29.95 15.45
CA ILE J 274 -56.91 -28.57 15.04
C ILE J 274 -57.22 -27.63 16.19
N ALA J 275 -58.38 -27.81 16.81
CA ALA J 275 -58.80 -26.97 17.93
C ALA J 275 -57.75 -26.87 19.03
N GLY J 276 -57.04 -27.97 19.25
CA GLY J 276 -56.01 -28.02 20.28
C GLY J 276 -54.75 -27.25 19.97
N ILE J 277 -54.04 -27.67 18.93
CA ILE J 277 -52.80 -27.00 18.53
C ILE J 277 -53.02 -25.51 18.45
N VAL J 278 -54.27 -25.11 18.25
CA VAL J 278 -54.64 -23.71 18.13
C VAL J 278 -54.53 -22.96 19.44
N LYS J 279 -55.20 -23.48 20.47
CA LYS J 279 -55.19 -22.84 21.77
C LYS J 279 -53.79 -22.80 22.40
N HIS J 280 -53.07 -23.91 22.29
CA HIS J 280 -51.74 -24.00 22.87
C HIS J 280 -50.65 -23.35 22.03
N ALA J 281 -50.97 -23.00 20.80
CA ALA J 281 -50.02 -22.38 19.90
C ALA J 281 -49.23 -21.28 20.58
N THR J 282 -49.96 -20.34 21.18
CA THR J 282 -49.37 -19.21 21.86
C THR J 282 -48.44 -19.61 23.02
N SER J 283 -48.18 -20.90 23.14
CA SER J 283 -47.32 -21.41 24.20
C SER J 283 -46.15 -22.21 23.60
N PHE J 284 -46.50 -23.26 22.85
CA PHE J 284 -45.50 -24.12 22.24
C PHE J 284 -44.59 -23.36 21.31
N THR J 285 -44.95 -22.11 21.01
CA THR J 285 -44.12 -21.31 20.13
C THR J 285 -42.72 -21.10 20.72
N ALA J 286 -42.58 -21.25 22.04
CA ALA J 286 -41.27 -21.10 22.67
C ALA J 286 -40.36 -22.23 22.19
N VAL J 287 -40.94 -23.40 21.94
CA VAL J 287 -40.21 -24.57 21.46
C VAL J 287 -40.14 -24.60 19.92
N THR J 288 -41.30 -24.63 19.26
CA THR J 288 -41.34 -24.66 17.80
C THR J 288 -40.47 -23.56 17.18
N ASN J 289 -40.22 -22.52 17.96
CA ASN J 289 -39.38 -21.38 17.56
C ASN J 289 -38.50 -21.05 18.79
N PRO J 290 -37.41 -21.81 19.01
CA PRO J 290 -36.54 -21.54 20.17
C PRO J 290 -35.75 -20.22 20.24
N THR J 291 -34.65 -20.14 19.50
CA THR J 291 -33.74 -18.98 19.45
C THR J 291 -34.30 -17.53 19.50
N VAL J 292 -33.44 -16.57 19.86
CA VAL J 292 -33.85 -15.15 19.91
C VAL J 292 -34.23 -14.68 18.52
N ASN J 293 -33.44 -15.10 17.54
CA ASN J 293 -33.68 -14.70 16.17
C ASN J 293 -35.04 -15.16 15.66
N SER J 294 -35.43 -16.38 16.00
CA SER J 294 -36.70 -16.96 15.54
C SER J 294 -37.90 -16.00 15.47
N TYR J 295 -37.97 -15.09 16.43
CA TYR J 295 -39.08 -14.13 16.50
C TYR J 295 -38.90 -12.91 15.61
N LYS J 296 -37.71 -12.74 15.05
CA LYS J 296 -37.46 -11.61 14.15
C LYS J 296 -38.07 -11.98 12.80
N ARG J 297 -38.41 -13.26 12.64
CA ARG J 297 -39.05 -13.78 11.41
C ARG J 297 -40.56 -13.64 11.58
N LEU J 298 -41.00 -13.70 12.83
CA LEU J 298 -42.41 -13.55 13.16
C LEU J 298 -42.70 -12.06 13.37
N VAL J 299 -42.46 -11.31 12.30
CA VAL J 299 -42.67 -9.88 12.25
C VAL J 299 -43.93 -9.65 11.44
N PRO J 305 -45.95 -16.92 9.97
CA PRO J 305 -47.20 -16.97 10.75
C PRO J 305 -47.18 -16.19 12.09
N CYS J 306 -47.81 -15.01 12.09
CA CYS J 306 -47.85 -14.16 13.29
C CYS J 306 -49.08 -14.38 14.17
N TYR J 307 -50.25 -14.25 13.56
CA TYR J 307 -51.52 -14.43 14.27
C TYR J 307 -52.02 -15.85 14.16
N VAL J 308 -52.66 -16.32 15.23
CA VAL J 308 -53.21 -17.66 15.28
C VAL J 308 -54.48 -17.68 14.44
N ALA J 309 -54.32 -17.86 13.14
CA ALA J 309 -55.44 -17.90 12.21
C ALA J 309 -55.38 -19.19 11.38
N TRP J 310 -56.42 -20.01 11.48
CA TRP J 310 -56.43 -21.25 10.70
C TRP J 310 -57.23 -21.10 9.41
N SER J 311 -56.68 -21.63 8.32
CA SER J 311 -57.31 -21.56 7.00
C SER J 311 -56.47 -22.26 5.93
N ALA J 312 -57.14 -23.05 5.09
CA ALA J 312 -56.50 -23.77 4.00
C ALA J 312 -56.17 -22.81 2.86
N GLN J 313 -56.59 -21.54 3.01
CA GLN J 313 -56.36 -20.52 1.99
C GLN J 313 -56.28 -19.10 2.58
N ASN J 314 -55.16 -18.78 3.23
CA ASN J 314 -54.97 -17.45 3.81
C ASN J 314 -53.52 -16.98 3.64
N ARG J 315 -53.31 -15.65 3.71
CA ARG J 315 -51.98 -15.04 3.55
C ARG J 315 -50.88 -15.48 4.55
N SER J 316 -51.06 -15.16 5.83
CA SER J 316 -50.07 -15.56 6.83
C SER J 316 -50.72 -16.37 7.95
N PRO J 317 -51.45 -17.45 7.58
CA PRO J 317 -52.11 -18.30 8.58
C PRO J 317 -51.13 -19.23 9.29
N LEU J 318 -51.43 -19.53 10.56
CA LEU J 318 -50.60 -20.39 11.39
C LEU J 318 -50.90 -21.85 11.12
N ILE J 319 -52.03 -22.08 10.45
CA ILE J 319 -52.45 -23.43 10.10
C ILE J 319 -52.81 -23.43 8.62
N ARG J 320 -53.03 -24.60 8.06
CA ARG J 320 -53.37 -24.73 6.65
C ARG J 320 -53.66 -26.18 6.37
N ILE J 321 -54.87 -26.46 5.91
CA ILE J 321 -55.25 -27.84 5.61
C ILE J 321 -55.27 -28.00 4.10
N PRO J 322 -54.14 -28.43 3.53
CA PRO J 322 -54.04 -28.62 2.08
C PRO J 322 -55.25 -29.32 1.46
N ALA J 323 -55.49 -29.01 0.18
CA ALA J 323 -56.59 -29.60 -0.56
C ALA J 323 -56.59 -31.10 -0.26
N SER J 324 -55.49 -31.76 -0.65
CA SER J 324 -55.26 -33.20 -0.48
C SER J 324 -56.17 -33.95 0.50
N ARG J 325 -56.70 -35.10 0.06
CA ARG J 325 -57.60 -35.90 0.91
C ARG J 325 -57.20 -37.36 1.10
N GLY J 326 -58.18 -38.17 1.47
CA GLY J 326 -57.93 -39.59 1.69
C GLY J 326 -56.88 -39.68 2.75
N ILE J 327 -55.73 -40.28 2.43
CA ILE J 327 -54.65 -40.40 3.39
C ILE J 327 -53.91 -39.05 3.44
N SER J 328 -53.80 -38.40 2.27
CA SER J 328 -53.13 -37.12 2.15
C SER J 328 -53.76 -36.01 3.02
N THR J 329 -54.74 -36.38 3.84
CA THR J 329 -55.40 -35.43 4.72
C THR J 329 -54.41 -35.04 5.81
N ARG J 330 -54.12 -33.76 5.93
CA ARG J 330 -53.17 -33.33 6.96
C ARG J 330 -53.35 -31.89 7.42
N VAL J 331 -52.67 -31.56 8.52
CA VAL J 331 -52.72 -30.23 9.12
C VAL J 331 -51.29 -29.69 9.10
N GLU J 332 -51.09 -28.49 8.56
CA GLU J 332 -49.76 -27.90 8.47
C GLU J 332 -49.52 -26.71 9.41
N VAL J 333 -48.56 -26.86 10.32
CA VAL J 333 -48.20 -25.78 11.23
C VAL J 333 -47.00 -25.07 10.60
N ARG J 334 -47.24 -23.88 10.08
CA ARG J 334 -46.19 -23.08 9.41
C ARG J 334 -45.30 -22.29 10.40
N SER J 335 -45.67 -22.27 11.67
CA SER J 335 -44.88 -21.54 12.63
C SER J 335 -43.51 -22.13 12.89
N VAL J 336 -43.45 -23.43 13.24
CA VAL J 336 -42.18 -24.08 13.53
C VAL J 336 -41.10 -23.68 12.52
N ASP J 337 -39.84 -23.58 12.98
CA ASP J 337 -38.72 -23.21 12.09
C ASP J 337 -37.56 -24.24 12.20
N PRO J 338 -36.50 -24.11 11.37
CA PRO J 338 -35.38 -25.07 11.40
C PRO J 338 -34.60 -25.16 12.71
N ALA J 339 -34.52 -24.06 13.44
CA ALA J 339 -33.78 -24.03 14.70
C ALA J 339 -34.40 -24.94 15.75
N ALA J 340 -35.71 -25.13 15.67
CA ALA J 340 -36.41 -25.99 16.62
C ALA J 340 -35.72 -27.33 16.72
N ASN J 341 -36.08 -28.09 17.75
CA ASN J 341 -35.53 -29.43 17.94
C ASN J 341 -36.67 -30.33 17.48
N PRO J 342 -36.48 -31.05 16.36
CA PRO J 342 -37.53 -31.93 15.85
C PRO J 342 -38.22 -32.81 16.90
N TYR J 343 -37.43 -33.34 17.83
CA TYR J 343 -38.00 -34.19 18.86
C TYR J 343 -38.94 -33.48 19.83
N LEU J 344 -38.61 -32.26 20.25
CA LEU J 344 -39.46 -31.50 21.19
C LEU J 344 -40.56 -30.73 20.47
N ALA J 345 -40.17 -30.12 19.36
CA ALA J 345 -41.11 -29.35 18.57
C ALA J 345 -42.26 -30.26 18.22
N LEU J 346 -41.95 -31.54 18.03
CA LEU J 346 -42.97 -32.51 17.67
C LEU J 346 -43.63 -33.07 18.93
N SER J 347 -42.86 -33.27 20.00
CA SER J 347 -43.45 -33.78 21.24
C SER J 347 -44.49 -32.75 21.67
N VAL J 348 -44.01 -31.53 21.88
CA VAL J 348 -44.86 -30.43 22.29
C VAL J 348 -46.02 -30.20 21.33
N LEU J 349 -45.85 -30.54 20.06
CA LEU J 349 -46.91 -30.33 19.08
C LEU J 349 -47.89 -31.49 19.13
N LEU J 350 -47.41 -32.68 19.45
CA LEU J 350 -48.30 -33.84 19.51
C LEU J 350 -49.25 -33.69 20.71
N ALA J 351 -48.67 -33.37 21.86
CA ALA J 351 -49.42 -33.19 23.09
C ALA J 351 -50.59 -32.24 22.89
N ALA J 352 -50.28 -31.04 22.40
CA ALA J 352 -51.30 -30.03 22.15
C ALA J 352 -52.38 -30.58 21.22
N GLY J 353 -51.97 -31.46 20.32
CA GLY J 353 -52.91 -32.06 19.40
C GLY J 353 -53.79 -33.08 20.12
N LEU J 354 -53.18 -33.87 20.99
CA LEU J 354 -53.94 -34.86 21.72
C LEU J 354 -54.86 -34.21 22.72
N ASP J 355 -54.32 -33.26 23.48
CA ASP J 355 -55.12 -32.56 24.49
C ASP J 355 -56.43 -32.06 23.90
N GLY J 356 -56.45 -31.83 22.59
CA GLY J 356 -57.68 -31.37 21.96
C GLY J 356 -58.60 -32.54 21.68
N ILE J 357 -57.99 -33.67 21.30
CA ILE J 357 -58.74 -34.88 21.01
C ILE J 357 -59.35 -35.38 22.31
N LYS J 358 -58.48 -35.67 23.26
CA LYS J 358 -58.90 -36.20 24.54
C LYS J 358 -59.79 -35.29 25.36
N ASN J 359 -60.18 -34.14 24.80
CA ASN J 359 -61.05 -33.22 25.52
C ASN J 359 -62.10 -32.65 24.60
N LYS J 360 -62.05 -33.04 23.35
CA LYS J 360 -63.02 -32.56 22.38
C LYS J 360 -63.14 -31.05 22.47
N LEU J 361 -62.25 -30.36 21.76
CA LEU J 361 -62.26 -28.90 21.79
C LEU J 361 -63.10 -28.24 20.72
N GLU J 362 -63.94 -27.31 21.16
CA GLU J 362 -64.85 -26.57 20.29
C GLU J 362 -64.09 -25.91 19.14
N ALA J 363 -64.36 -26.42 17.93
CA ALA J 363 -63.74 -25.95 16.69
C ALA J 363 -63.73 -24.43 16.49
N PRO J 364 -62.53 -23.82 16.56
CA PRO J 364 -62.36 -22.37 16.39
C PRO J 364 -62.98 -21.90 15.07
N ALA J 365 -63.49 -20.66 15.07
CA ALA J 365 -64.09 -20.09 13.88
C ALA J 365 -63.07 -20.06 12.74
N PRO J 366 -63.50 -20.42 11.50
CA PRO J 366 -62.62 -20.43 10.33
C PRO J 366 -62.21 -19.03 9.88
N ILE J 367 -61.03 -18.59 10.32
CA ILE J 367 -60.49 -17.27 10.02
C ILE J 367 -60.70 -16.83 8.57
N ASP J 368 -61.79 -16.11 8.33
CA ASP J 368 -62.12 -15.62 6.99
C ASP J 368 -61.61 -14.20 6.74
N ARG J 369 -62.26 -13.48 5.83
CA ARG J 369 -61.89 -12.12 5.48
C ARG J 369 -60.39 -11.94 5.28
N ASN J 370 -59.75 -11.24 6.20
CA ASN J 370 -58.32 -10.99 6.10
C ASN J 370 -57.67 -10.85 7.47
N ILE J 371 -56.35 -10.73 7.48
CA ILE J 371 -55.61 -10.58 8.72
C ILE J 371 -54.55 -9.46 8.60
N TYR J 372 -54.28 -9.04 7.37
CA TYR J 372 -53.30 -7.96 7.11
C TYR J 372 -53.87 -6.58 7.41
N VAL J 373 -54.93 -6.19 6.68
CA VAL J 373 -55.57 -4.89 6.86
C VAL J 373 -56.32 -4.75 8.19
N MET J 374 -56.76 -5.89 8.73
CA MET J 374 -57.47 -5.89 10.02
C MET J 374 -56.51 -5.33 11.07
N SER J 375 -56.77 -4.11 11.56
CA SER J 375 -55.91 -3.48 12.57
C SER J 375 -55.78 -4.36 13.83
N LYS J 376 -55.10 -3.85 14.83
CA LYS J 376 -54.91 -4.59 16.08
C LYS J 376 -56.25 -4.95 16.73
N GLU J 377 -57.11 -3.94 16.87
CA GLU J 377 -58.43 -4.12 17.48
C GLU J 377 -59.40 -4.90 16.60
N GLU J 378 -59.13 -4.97 15.30
CA GLU J 378 -60.00 -5.71 14.38
C GLU J 378 -59.55 -7.16 14.24
N ARG J 379 -59.00 -7.69 15.33
CA ARG J 379 -58.53 -9.06 15.39
C ARG J 379 -58.67 -9.51 16.83
N MET J 380 -59.29 -8.65 17.64
CA MET J 380 -59.55 -8.89 19.06
C MET J 380 -60.97 -9.48 19.22
N GLU J 381 -61.72 -9.49 18.13
CA GLU J 381 -63.09 -10.00 18.13
C GLU J 381 -63.22 -11.28 17.29
N ASN J 382 -62.08 -11.79 16.83
CA ASN J 382 -62.08 -12.99 16.00
C ASN J 382 -61.21 -14.08 16.62
N GLY J 383 -61.45 -15.32 16.17
CA GLY J 383 -60.69 -16.46 16.67
C GLY J 383 -59.24 -16.40 16.25
N ILE J 384 -58.63 -15.24 16.43
CA ILE J 384 -57.22 -15.01 16.07
C ILE J 384 -56.44 -14.37 17.22
N VAL J 385 -55.26 -14.93 17.52
CA VAL J 385 -54.40 -14.43 18.60
C VAL J 385 -53.09 -13.93 18.00
N ASP J 386 -52.11 -13.65 18.85
CA ASP J 386 -50.83 -13.16 18.35
C ASP J 386 -49.66 -13.85 19.03
N LEU J 387 -48.95 -14.64 18.25
CA LEU J 387 -47.81 -15.35 18.78
C LEU J 387 -46.95 -14.31 19.51
N PRO J 388 -46.17 -14.76 20.48
CA PRO J 388 -45.31 -13.83 21.23
C PRO J 388 -44.27 -13.20 20.30
N ALA J 389 -43.91 -11.96 20.60
CA ALA J 389 -42.94 -11.20 19.79
C ALA J 389 -41.47 -11.31 20.20
N THR J 390 -41.17 -12.12 21.21
CA THR J 390 -39.81 -12.30 21.68
C THR J 390 -39.64 -13.68 22.31
N LEU J 391 -38.39 -14.06 22.52
CA LEU J 391 -38.09 -15.34 23.14
C LEU J 391 -38.57 -15.34 24.58
N ALA J 392 -38.46 -14.17 25.20
CA ALA J 392 -38.89 -14.00 26.59
C ALA J 392 -40.38 -14.30 26.67
N GLU J 393 -41.18 -13.54 25.92
CA GLU J 393 -42.64 -13.72 25.89
C GLU J 393 -43.00 -15.21 25.83
N ALA J 394 -42.68 -15.86 24.70
CA ALA J 394 -42.97 -17.29 24.51
C ALA J 394 -42.61 -18.14 25.74
N LEU J 395 -41.43 -17.90 26.28
CA LEU J 395 -41.00 -18.65 27.46
C LEU J 395 -41.97 -18.46 28.62
N GLU J 396 -42.67 -17.34 28.65
CA GLU J 396 -43.64 -17.14 29.73
C GLU J 396 -44.89 -17.98 29.49
N GLU J 397 -45.41 -17.91 28.27
CA GLU J 397 -46.62 -18.63 27.89
C GLU J 397 -46.41 -20.13 28.04
N PHE J 398 -45.18 -20.55 27.80
CA PHE J 398 -44.82 -21.96 27.88
C PHE J 398 -44.70 -22.42 29.33
N LYS J 399 -44.07 -21.57 30.14
CA LYS J 399 -43.85 -21.88 31.53
C LYS J 399 -45.18 -21.99 32.26
N SER J 400 -46.22 -21.40 31.71
CA SER J 400 -47.52 -21.44 32.37
C SER J 400 -48.60 -22.20 31.59
N ASN J 401 -48.23 -23.34 31.03
CA ASN J 401 -49.21 -24.14 30.32
C ASN J 401 -49.25 -25.56 30.83
N GLU J 402 -50.41 -25.96 31.34
CA GLU J 402 -50.59 -27.31 31.87
C GLU J 402 -49.94 -28.39 30.99
N VAL J 403 -50.50 -28.59 29.80
CA VAL J 403 -50.03 -29.63 28.89
C VAL J 403 -48.59 -29.50 28.39
N MET J 404 -48.18 -28.28 28.05
CA MET J 404 -46.83 -28.01 27.54
C MET J 404 -45.79 -28.43 28.56
N VAL J 405 -46.03 -28.06 29.81
CA VAL J 405 -45.13 -28.41 30.90
C VAL J 405 -45.04 -29.94 30.96
N LYS J 406 -46.17 -30.60 31.10
CA LYS J 406 -46.18 -32.05 31.16
C LYS J 406 -45.75 -32.71 29.85
N ALA J 407 -45.90 -32.01 28.74
CA ALA J 407 -45.53 -32.54 27.42
C ALA J 407 -44.08 -32.96 27.34
N LEU J 408 -43.18 -32.09 27.81
CA LEU J 408 -41.74 -32.34 27.78
C LEU J 408 -41.26 -33.07 29.03
N GLY J 409 -42.18 -33.25 29.98
CA GLY J 409 -41.83 -33.94 31.21
C GLY J 409 -41.16 -33.04 32.23
N GLU J 410 -41.03 -33.55 33.45
CA GLU J 410 -40.42 -32.82 34.54
C GLU J 410 -39.00 -32.34 34.21
N HIS J 411 -38.14 -33.27 33.80
CA HIS J 411 -36.76 -32.93 33.53
C HIS J 411 -36.49 -31.93 32.39
N LEU J 412 -37.02 -32.21 31.21
CA LEU J 412 -36.80 -31.33 30.07
C LEU J 412 -37.37 -29.93 30.28
N PHE J 413 -38.63 -29.84 30.71
CA PHE J 413 -39.28 -28.55 30.96
C PHE J 413 -38.42 -27.71 31.91
N GLU J 414 -37.78 -28.38 32.87
CA GLU J 414 -36.93 -27.70 33.83
C GLU J 414 -35.71 -27.08 33.15
N HIS J 415 -34.88 -27.93 32.55
CA HIS J 415 -33.68 -27.43 31.90
C HIS J 415 -33.88 -26.52 30.71
N PHE J 416 -34.78 -26.88 29.81
CA PHE J 416 -35.03 -26.03 28.65
C PHE J 416 -35.31 -24.61 29.12
N ILE J 417 -36.34 -24.44 29.96
CA ILE J 417 -36.70 -23.12 30.47
C ILE J 417 -35.47 -22.38 30.94
N GLU J 418 -34.72 -23.02 31.82
CA GLU J 418 -33.50 -22.41 32.36
C GLU J 418 -32.58 -22.04 31.23
N ALA J 419 -32.30 -23.00 30.36
CA ALA J 419 -31.40 -22.77 29.23
C ALA J 419 -31.76 -21.50 28.48
N LYS J 420 -33.01 -21.40 28.01
CA LYS J 420 -33.42 -20.24 27.27
C LYS J 420 -33.54 -18.92 28.05
N GLU J 421 -33.69 -19.00 29.37
CA GLU J 421 -33.79 -17.78 30.17
C GLU J 421 -32.47 -17.06 30.13
N ILE J 422 -31.39 -17.82 30.14
CA ILE J 422 -30.04 -17.28 30.08
C ILE J 422 -29.80 -16.67 28.70
N GLU J 423 -30.19 -17.43 27.69
CA GLU J 423 -30.04 -17.04 26.29
C GLU J 423 -30.66 -15.68 26.07
N TRP J 424 -31.76 -15.41 26.77
CA TRP J 424 -32.41 -14.12 26.64
C TRP J 424 -31.72 -13.07 27.50
N ASP J 425 -31.27 -13.44 28.70
CA ASP J 425 -30.60 -12.45 29.52
C ASP J 425 -29.32 -11.99 28.85
N MET J 426 -28.75 -12.84 28.02
CA MET J 426 -27.52 -12.48 27.33
C MET J 426 -27.80 -11.43 26.26
N PHE J 427 -28.80 -11.70 25.44
CA PHE J 427 -29.23 -10.82 24.36
C PHE J 427 -29.86 -9.52 24.89
N ARG J 428 -30.33 -9.57 26.14
CA ARG J 428 -30.98 -8.42 26.76
C ARG J 428 -30.00 -7.42 27.35
N THR J 429 -28.96 -7.95 27.96
CA THR J 429 -27.93 -7.15 28.60
C THR J 429 -26.80 -6.72 27.68
N GLN J 430 -26.82 -7.19 26.42
CA GLN J 430 -25.79 -6.88 25.44
C GLN J 430 -26.11 -5.55 24.74
N VAL J 431 -25.13 -4.66 24.59
CA VAL J 431 -25.36 -3.40 23.89
C VAL J 431 -25.05 -3.66 22.42
N HIS J 432 -26.08 -3.49 21.58
CA HIS J 432 -25.94 -3.71 20.15
C HIS J 432 -25.58 -2.44 19.40
N PRO J 433 -24.92 -2.58 18.24
CA PRO J 433 -24.52 -1.43 17.46
C PRO J 433 -25.73 -0.55 17.10
N TRP J 434 -26.91 -1.15 17.09
CA TRP J 434 -28.10 -0.38 16.77
C TRP J 434 -28.34 0.73 17.79
N GLU J 435 -28.30 0.36 19.06
CA GLU J 435 -28.55 1.31 20.12
C GLU J 435 -27.57 2.46 20.05
N ARG J 436 -26.35 2.16 19.62
CA ARG J 436 -25.37 3.21 19.53
C ARG J 436 -25.68 4.17 18.39
N GLU J 437 -26.05 3.64 17.21
CA GLU J 437 -26.38 4.49 16.05
C GLU J 437 -27.56 5.39 16.33
N GLN J 438 -28.50 4.88 17.13
CA GLN J 438 -29.73 5.58 17.47
C GLN J 438 -29.65 6.60 18.58
N TYR J 439 -28.97 6.26 19.67
CA TYR J 439 -28.88 7.15 20.82
C TYR J 439 -27.55 7.87 21.10
N MET J 440 -26.41 7.23 20.75
CA MET J 440 -25.11 7.81 21.02
C MET J 440 -24.95 9.21 20.48
N SER J 441 -25.78 9.57 19.51
CA SER J 441 -25.68 10.92 18.96
C SER J 441 -26.83 11.81 19.41
N GLN J 442 -28.07 11.40 19.12
CA GLN J 442 -29.25 12.18 19.52
C GLN J 442 -29.23 12.49 21.01
N TYR J 443 -28.66 11.59 21.79
CA TYR J 443 -28.61 11.79 23.24
C TYR J 443 -27.24 12.12 23.80
N ALA K 1 7.36 -61.64 26.23
CA ALA K 1 7.78 -60.81 25.07
C ALA K 1 6.75 -60.87 23.94
N LYS K 2 6.56 -59.76 23.26
CA LYS K 2 5.63 -59.71 22.15
C LYS K 2 6.34 -60.23 20.91
N TYR K 3 7.67 -60.15 20.91
CA TYR K 3 8.47 -60.64 19.79
C TYR K 3 9.83 -61.11 20.27
N THR K 4 10.61 -61.65 19.34
CA THR K 4 11.94 -62.16 19.63
C THR K 4 12.91 -61.62 18.59
N ARG K 5 14.19 -61.81 18.86
CA ARG K 5 15.25 -61.38 17.97
C ARG K 5 14.89 -61.70 16.51
N GLU K 6 14.49 -62.94 16.25
CA GLU K 6 14.13 -63.34 14.88
C GLU K 6 12.92 -62.55 14.40
N ASP K 7 11.84 -62.64 15.17
CA ASP K 7 10.61 -61.95 14.82
C ASP K 7 10.88 -60.53 14.34
N ILE K 8 11.63 -59.77 15.11
CA ILE K 8 11.96 -58.40 14.74
C ILE K 8 12.75 -58.42 13.45
N GLU K 9 13.93 -59.03 13.49
CA GLU K 9 14.81 -59.13 12.32
C GLU K 9 14.05 -59.54 11.08
N LYS K 10 13.04 -60.37 11.25
CA LYS K 10 12.23 -60.82 10.13
C LYS K 10 11.28 -59.69 9.71
N LEU K 11 10.65 -59.05 10.69
CA LEU K 11 9.70 -57.96 10.44
C LEU K 11 10.37 -56.73 9.84
N VAL K 12 11.62 -56.49 10.26
CA VAL K 12 12.42 -55.37 9.78
C VAL K 12 12.86 -55.66 8.35
N LYS K 13 13.00 -56.96 8.05
CA LYS K 13 13.42 -57.45 6.74
C LYS K 13 12.23 -57.52 5.78
N GLU K 14 11.07 -57.93 6.30
CA GLU K 14 9.86 -58.04 5.51
C GLU K 14 9.47 -56.67 4.98
N GLU K 15 9.36 -55.69 5.89
CA GLU K 15 9.03 -54.32 5.51
C GLU K 15 10.33 -53.67 5.13
N ASN K 16 10.27 -52.51 4.49
CA ASN K 16 11.51 -51.86 4.11
C ASN K 16 11.99 -50.95 5.20
N VAL K 17 11.96 -51.43 6.44
CA VAL K 17 12.42 -50.64 7.57
C VAL K 17 13.90 -50.30 7.36
N LYS K 18 14.20 -49.01 7.29
CA LYS K 18 15.57 -48.57 7.09
C LYS K 18 15.98 -47.47 8.05
N TYR K 19 15.13 -47.19 9.04
CA TYR K 19 15.44 -46.13 9.99
C TYR K 19 14.83 -46.49 11.34
N ILE K 20 15.67 -46.76 12.33
CA ILE K 20 15.18 -47.13 13.65
C ILE K 20 15.34 -46.04 14.72
N ARG K 21 14.23 -45.64 15.33
CA ARG K 21 14.25 -44.61 16.37
C ARG K 21 14.24 -45.19 17.77
N LEU K 22 15.33 -44.98 18.52
CA LEU K 22 15.45 -45.50 19.88
C LEU K 22 15.08 -44.45 20.96
N GLN K 23 13.78 -44.21 21.11
CA GLN K 23 13.28 -43.22 22.05
C GLN K 23 13.34 -43.58 23.52
N PHE K 24 13.47 -42.53 24.33
CA PHE K 24 13.58 -42.60 25.79
C PHE K 24 13.07 -41.29 26.38
N THR K 25 12.08 -41.35 27.27
CA THR K 25 11.55 -40.13 27.87
C THR K 25 12.52 -39.52 28.88
N ASP K 26 12.57 -38.20 28.92
CA ASP K 26 13.46 -37.50 29.84
C ASP K 26 12.67 -37.09 31.07
N ILE K 27 13.31 -36.31 31.96
CA ILE K 27 12.69 -35.87 33.22
C ILE K 27 11.49 -34.92 33.12
N LEU K 28 11.43 -34.14 32.04
CA LEU K 28 10.34 -33.19 31.82
C LEU K 28 9.30 -33.78 30.88
N GLY K 29 9.33 -35.11 30.76
CA GLY K 29 8.36 -35.79 29.91
C GLY K 29 8.54 -35.57 28.43
N THR K 30 9.47 -34.70 28.06
CA THR K 30 9.75 -34.42 26.64
C THR K 30 10.10 -35.71 25.93
N ILE K 31 9.52 -35.92 24.75
CA ILE K 31 9.80 -37.16 24.01
C ILE K 31 11.04 -37.03 23.11
N LYS K 32 12.14 -37.61 23.60
CA LYS K 32 13.45 -37.60 22.93
C LYS K 32 13.76 -38.92 22.23
N ASN K 33 14.93 -38.99 21.59
CA ASN K 33 15.36 -40.19 20.88
C ASN K 33 16.72 -40.07 20.21
N VAL K 34 17.29 -41.23 19.90
CA VAL K 34 18.57 -41.31 19.22
C VAL K 34 18.41 -42.32 18.08
N GLU K 35 18.29 -41.78 16.88
CA GLU K 35 18.08 -42.55 15.66
C GLU K 35 19.32 -43.15 15.01
N ILE K 36 19.16 -44.39 14.53
CA ILE K 36 20.24 -45.11 13.88
C ILE K 36 19.73 -45.84 12.64
N PRO K 37 20.61 -46.03 11.63
CA PRO K 37 20.20 -46.71 10.40
C PRO K 37 19.72 -48.11 10.74
N VAL K 38 19.15 -48.79 9.77
CA VAL K 38 18.68 -50.13 10.02
C VAL K 38 19.87 -51.09 10.07
N SER K 39 21.02 -50.65 9.53
CA SER K 39 22.24 -51.46 9.51
C SER K 39 22.88 -51.50 10.91
N GLN K 40 22.18 -50.92 11.88
CA GLN K 40 22.68 -50.88 13.25
C GLN K 40 21.76 -51.67 14.17
N LEU K 41 20.67 -52.19 13.62
CA LEU K 41 19.71 -52.95 14.41
C LEU K 41 20.37 -53.93 15.37
N GLY K 42 21.55 -54.42 15.00
CA GLY K 42 22.27 -55.35 15.84
C GLY K 42 22.96 -54.69 17.02
N LYS K 43 23.67 -53.61 16.75
CA LYS K 43 24.36 -52.86 17.79
C LYS K 43 23.31 -52.20 18.67
N ALA K 44 22.12 -51.96 18.13
CA ALA K 44 21.03 -51.36 18.89
C ALA K 44 20.58 -52.45 19.86
N LEU K 45 20.14 -53.57 19.30
CA LEU K 45 19.77 -54.72 20.10
C LEU K 45 21.11 -55.13 20.72
N ASP K 46 21.17 -56.20 21.51
CA ASP K 46 22.44 -56.58 22.14
C ASP K 46 22.79 -55.52 23.18
N ASN K 47 21.91 -54.53 23.32
CA ASN K 47 22.07 -53.42 24.26
C ASN K 47 23.50 -52.85 24.29
N LYS K 48 23.98 -52.34 23.15
CA LYS K 48 25.32 -51.81 23.12
C LYS K 48 25.41 -50.48 22.37
N VAL K 49 24.52 -49.56 22.73
CA VAL K 49 24.48 -48.23 22.13
C VAL K 49 24.61 -47.19 23.26
N MET K 50 25.31 -46.09 22.98
CA MET K 50 25.50 -45.01 23.96
C MET K 50 24.98 -43.68 23.44
N PHE K 51 24.90 -42.70 24.32
CA PHE K 51 24.44 -41.36 23.96
C PHE K 51 24.60 -40.47 25.19
N ASP K 52 24.88 -39.19 25.00
CA ASP K 52 25.01 -38.29 26.15
C ASP K 52 23.75 -38.46 27.00
N GLY K 53 23.90 -39.10 28.15
CA GLY K 53 22.76 -39.30 29.03
C GLY K 53 22.25 -38.01 29.64
N SER K 54 23.14 -37.05 29.84
CA SER K 54 22.76 -35.78 30.43
C SER K 54 21.59 -35.20 29.65
N SER K 55 21.26 -35.84 28.54
CA SER K 55 20.17 -35.43 27.68
C SER K 55 18.84 -35.72 28.39
N ILE K 56 18.91 -36.50 29.45
CA ILE K 56 17.73 -36.86 30.22
C ILE K 56 17.41 -35.83 31.31
N GLU K 57 18.46 -35.24 31.90
CA GLU K 57 18.36 -34.22 32.95
C GLU K 57 17.53 -33.04 32.44
N GLY K 58 17.21 -33.07 31.16
CA GLY K 58 16.43 -32.00 30.56
C GLY K 58 17.31 -30.81 30.25
N PHE K 59 16.87 -29.64 30.71
CA PHE K 59 17.61 -28.41 30.45
C PHE K 59 18.65 -28.12 31.52
N VAL K 60 18.80 -29.04 32.47
CA VAL K 60 19.78 -28.84 33.52
C VAL K 60 21.09 -29.59 33.32
N ARG K 61 21.42 -29.88 32.06
CA ARG K 61 22.66 -30.56 31.72
C ARG K 61 23.85 -29.76 32.24
N ILE K 62 24.90 -30.46 32.65
CA ILE K 62 26.11 -29.80 33.15
C ILE K 62 27.35 -30.47 32.60
N GLU K 63 27.32 -31.80 32.52
CA GLU K 63 28.44 -32.57 32.01
C GLU K 63 27.96 -33.53 30.93
N GLU K 64 28.89 -34.32 30.40
CA GLU K 64 28.58 -35.31 29.36
C GLU K 64 28.86 -36.72 29.87
N SER K 65 27.82 -37.32 30.45
CA SER K 65 27.90 -38.67 31.03
C SER K 65 27.34 -39.71 30.08
N ASP K 66 28.17 -40.67 29.69
CA ASP K 66 27.76 -41.72 28.75
C ASP K 66 26.81 -42.74 29.37
N MET K 67 25.93 -43.30 28.54
CA MET K 67 24.98 -44.30 29.01
C MET K 67 24.43 -45.14 27.88
N TYR K 68 24.02 -46.37 28.20
CA TYR K 68 23.50 -47.27 27.18
C TYR K 68 22.01 -47.25 26.98
N LEU K 69 21.56 -48.01 25.98
CA LEU K 69 20.14 -48.13 25.65
C LEU K 69 19.73 -49.59 25.49
N TYR K 70 18.84 -50.03 26.36
CA TYR K 70 18.33 -51.40 26.37
C TYR K 70 16.90 -51.42 25.81
N PRO K 71 16.75 -51.65 24.51
CA PRO K 71 15.41 -51.69 23.92
C PRO K 71 14.49 -52.77 24.51
N ASP K 72 13.19 -52.43 24.60
CA ASP K 72 12.14 -53.30 25.14
C ASP K 72 11.44 -54.01 23.97
N LEU K 73 12.06 -55.06 23.44
CA LEU K 73 11.51 -55.80 22.31
C LEU K 73 10.00 -55.71 22.09
N ASN K 74 9.20 -56.00 23.12
CA ASN K 74 7.75 -55.95 22.99
C ASN K 74 7.17 -54.53 22.87
N THR K 75 7.97 -53.56 22.43
CA THR K 75 7.48 -52.20 22.25
C THR K 75 7.75 -51.78 20.81
N PHE K 76 8.31 -52.70 20.03
CA PHE K 76 8.66 -52.48 18.62
C PHE K 76 7.45 -51.94 17.86
N VAL K 77 7.68 -50.96 17.01
CA VAL K 77 6.60 -50.39 16.24
C VAL K 77 7.16 -49.91 14.92
N ILE K 78 6.37 -50.02 13.86
CA ILE K 78 6.81 -49.55 12.56
C ILE K 78 5.90 -48.41 12.15
N PHE K 79 6.34 -47.18 12.42
CA PHE K 79 5.58 -45.98 12.10
C PHE K 79 4.84 -46.12 10.78
N PRO K 80 3.55 -45.79 10.77
CA PRO K 80 2.71 -45.87 9.57
C PRO K 80 3.16 -44.92 8.47
N TRP K 81 3.92 -43.90 8.85
CA TRP K 81 4.39 -42.93 7.88
C TRP K 81 5.88 -43.07 7.57
N THR K 82 6.16 -43.69 6.42
CA THR K 82 7.53 -43.90 5.95
C THR K 82 7.49 -44.04 4.42
N ALA K 83 8.19 -45.05 3.89
CA ALA K 83 8.28 -45.33 2.46
C ALA K 83 9.24 -44.42 1.69
N GLU K 84 9.60 -43.28 2.30
CA GLU K 84 10.50 -42.31 1.67
C GLU K 84 11.55 -43.05 0.87
N LYS K 85 12.59 -43.50 1.57
CA LYS K 85 13.66 -44.26 0.98
C LYS K 85 13.49 -45.64 1.60
N GLY K 86 12.70 -45.69 2.69
CA GLY K 86 12.43 -46.93 3.41
C GLY K 86 11.42 -46.73 4.53
N LYS K 87 11.31 -47.71 5.43
CA LYS K 87 10.36 -47.63 6.54
C LYS K 87 11.04 -47.27 7.88
N VAL K 88 10.24 -46.74 8.81
CA VAL K 88 10.77 -46.34 10.12
C VAL K 88 10.17 -47.19 11.25
N ALA K 89 11.02 -47.68 12.14
CA ALA K 89 10.57 -48.48 13.28
C ALA K 89 11.03 -47.84 14.60
N ARG K 90 10.64 -48.42 15.72
CA ARG K 90 11.00 -47.84 17.01
C ARG K 90 11.06 -48.82 18.18
N PHE K 91 11.87 -48.47 19.17
CA PHE K 91 12.04 -49.27 20.37
C PHE K 91 12.07 -48.32 21.55
N ILE K 92 11.09 -48.41 22.43
CA ILE K 92 11.11 -47.57 23.62
C ILE K 92 12.06 -48.31 24.55
N CYS K 93 13.29 -47.80 24.65
CA CYS K 93 14.35 -48.41 25.45
C CYS K 93 14.50 -47.82 26.84
N ASP K 94 15.14 -48.59 27.72
CA ASP K 94 15.40 -48.16 29.09
C ASP K 94 16.81 -47.63 29.17
N ILE K 95 17.05 -46.69 30.08
CA ILE K 95 18.39 -46.12 30.24
C ILE K 95 19.23 -46.91 31.24
N TYR K 96 20.38 -47.38 30.78
CA TYR K 96 21.30 -48.16 31.60
C TYR K 96 22.66 -47.49 31.77
N ASN K 97 23.18 -47.53 33.00
CA ASN K 97 24.49 -46.97 33.30
C ASN K 97 25.52 -47.84 32.61
N PRO K 98 26.65 -47.26 32.17
CA PRO K 98 27.71 -48.01 31.48
C PRO K 98 28.28 -49.19 32.27
N ASP K 99 27.62 -49.55 33.36
CA ASP K 99 28.05 -50.67 34.18
C ASP K 99 26.86 -51.52 34.58
N GLY K 100 25.99 -51.80 33.61
CA GLY K 100 24.83 -52.62 33.87
C GLY K 100 23.75 -52.08 34.80
N THR K 101 24.13 -51.53 35.95
CA THR K 101 23.14 -50.97 36.88
C THR K 101 22.23 -49.97 36.15
N PRO K 102 20.92 -50.22 36.12
CA PRO K 102 20.00 -49.31 35.45
C PRO K 102 20.09 -47.88 35.97
N PHE K 103 20.27 -46.92 35.07
CA PHE K 103 20.37 -45.52 35.47
C PHE K 103 19.11 -45.13 36.22
N GLU K 104 19.29 -44.67 37.45
CA GLU K 104 18.18 -44.25 38.32
C GLU K 104 17.45 -43.00 37.82
N GLY K 105 18.19 -42.05 37.28
CA GLY K 105 17.60 -40.82 36.79
C GLY K 105 16.63 -40.97 35.63
N ASP K 106 16.26 -42.21 35.29
CA ASP K 106 15.33 -42.44 34.19
C ASP K 106 13.91 -42.70 34.64
N PRO K 107 12.97 -41.84 34.23
CA PRO K 107 11.54 -41.89 34.54
C PRO K 107 10.88 -43.24 34.28
N ARG K 108 11.25 -43.88 33.18
CA ARG K 108 10.68 -45.18 32.84
C ARG K 108 11.10 -46.18 33.91
N ASN K 109 12.41 -46.33 34.08
CA ASN K 109 12.95 -47.26 35.06
C ASN K 109 12.42 -47.06 36.47
N ASN K 110 12.03 -45.83 36.80
CA ASN K 110 11.52 -45.55 38.13
C ASN K 110 10.15 -46.18 38.32
N LEU K 111 9.22 -45.96 37.38
CA LEU K 111 7.89 -46.55 37.48
C LEU K 111 8.07 -48.07 37.52
N LYS K 112 9.18 -48.57 37.01
CA LYS K 112 9.42 -50.00 37.02
C LYS K 112 9.83 -50.41 38.42
N ARG K 113 10.50 -49.51 39.13
CA ARG K 113 10.95 -49.76 40.49
C ARG K 113 9.79 -49.75 41.46
N ILE K 114 9.05 -48.66 41.46
CA ILE K 114 7.90 -48.52 42.33
C ILE K 114 6.91 -49.64 42.07
N LEU K 115 6.90 -50.17 40.85
CA LEU K 115 6.01 -51.26 40.52
C LEU K 115 6.39 -52.50 41.29
N LYS K 116 7.69 -52.71 41.50
CA LYS K 116 8.13 -53.86 42.27
C LYS K 116 7.57 -53.66 43.70
N GLU K 117 7.64 -52.44 44.21
CA GLU K 117 7.13 -52.16 45.55
C GLU K 117 5.70 -52.68 45.61
N MET K 118 4.97 -52.48 44.51
CA MET K 118 3.59 -52.93 44.40
C MET K 118 3.48 -54.45 44.46
N GLU K 119 4.42 -55.13 43.79
CA GLU K 119 4.47 -56.59 43.77
C GLU K 119 4.93 -57.14 45.12
N ASP K 120 5.88 -56.42 45.73
CA ASP K 120 6.44 -56.79 47.02
C ASP K 120 5.39 -56.71 48.13
N LEU K 121 4.29 -56.05 47.82
CA LEU K 121 3.19 -55.92 48.77
C LEU K 121 2.20 -57.00 48.39
N GLY K 122 2.54 -57.76 47.36
CA GLY K 122 1.68 -58.85 46.93
C GLY K 122 0.80 -58.59 45.73
N PHE K 123 0.65 -57.31 45.36
CA PHE K 123 -0.20 -56.96 44.22
C PHE K 123 0.40 -57.45 42.91
N SER K 124 -0.48 -57.81 41.97
CA SER K 124 -0.08 -58.34 40.67
C SER K 124 0.12 -57.28 39.57
N ASP K 125 -0.85 -56.38 39.41
CA ASP K 125 -0.76 -55.37 38.38
C ASP K 125 -1.37 -54.04 38.86
N PHE K 126 -1.05 -52.96 38.16
CA PHE K 126 -1.61 -51.65 38.49
C PHE K 126 -1.93 -51.00 37.15
N ASN K 127 -3.21 -50.94 36.82
CA ASN K 127 -3.60 -50.40 35.51
C ASN K 127 -3.99 -48.92 35.42
N LEU K 128 -3.85 -48.38 34.19
CA LEU K 128 -4.14 -46.99 33.89
C LEU K 128 -4.99 -46.81 32.65
N GLY K 129 -6.09 -46.07 32.79
CA GLY K 129 -6.97 -45.80 31.65
C GLY K 129 -6.95 -44.31 31.37
N PRO K 130 -6.00 -43.82 30.54
CA PRO K 130 -5.89 -42.39 30.23
C PRO K 130 -7.05 -41.79 29.46
N GLU K 131 -7.36 -40.54 29.82
CA GLU K 131 -8.42 -39.75 29.19
C GLU K 131 -7.84 -38.37 28.81
N PRO K 132 -6.78 -38.33 27.96
CA PRO K 132 -6.10 -37.10 27.53
C PRO K 132 -6.87 -36.10 26.66
N GLU K 133 -6.82 -34.82 27.04
CA GLU K 133 -7.49 -33.78 26.27
C GLU K 133 -6.40 -32.87 25.67
N PHE K 134 -6.64 -32.33 24.47
CA PHE K 134 -5.68 -31.45 23.78
C PHE K 134 -6.43 -30.46 22.87
N PHE K 135 -5.73 -29.46 22.37
CA PHE K 135 -6.35 -28.48 21.49
C PHE K 135 -5.68 -28.55 20.12
N LEU K 136 -6.30 -27.94 19.12
CA LEU K 136 -5.76 -27.90 17.77
C LEU K 136 -5.95 -26.48 17.24
N PHE K 137 -4.84 -25.81 16.98
CA PHE K 137 -4.89 -24.45 16.45
C PHE K 137 -4.46 -24.49 14.99
N LYS K 138 -5.12 -23.69 14.17
CA LYS K 138 -4.81 -23.63 12.75
C LYS K 138 -3.43 -23.05 12.50
N LEU K 139 -2.67 -23.70 11.62
CA LEU K 139 -1.35 -23.22 11.28
C LEU K 139 -1.55 -22.01 10.40
N ASP K 140 -0.45 -21.36 10.01
CA ASP K 140 -0.54 -20.20 9.14
C ASP K 140 0.18 -20.43 7.80
N GLU K 141 0.61 -19.35 7.16
CA GLU K 141 1.30 -19.49 5.89
C GLU K 141 2.69 -20.06 6.11
N LYS K 142 3.40 -19.50 7.08
CA LYS K 142 4.75 -19.93 7.41
C LYS K 142 4.80 -21.05 8.44
N GLY K 143 3.90 -22.01 8.35
CA GLY K 143 3.89 -23.10 9.32
C GLY K 143 4.18 -22.60 10.71
N GLU K 144 3.39 -21.60 11.14
CA GLU K 144 3.54 -21.00 12.45
C GLU K 144 2.21 -21.02 13.20
N PRO K 145 2.22 -21.53 14.43
CA PRO K 145 0.96 -21.57 15.17
C PRO K 145 0.25 -20.23 15.19
N THR K 146 -1.06 -20.31 15.33
CA THR K 146 -1.94 -19.15 15.38
C THR K 146 -3.05 -19.48 16.39
N LEU K 147 -3.39 -18.53 17.25
CA LEU K 147 -4.43 -18.72 18.27
C LEU K 147 -5.81 -18.90 17.64
N GLU K 148 -5.84 -19.33 16.37
CA GLU K 148 -7.08 -19.54 15.67
C GLU K 148 -7.52 -21.00 15.84
N LEU K 149 -8.79 -21.21 16.16
CA LEU K 149 -9.30 -22.57 16.36
C LEU K 149 -9.83 -23.22 15.09
N ASN K 150 -9.56 -24.52 14.95
CA ASN K 150 -9.98 -25.29 13.78
C ASN K 150 -11.51 -25.40 13.63
N ASP K 151 -12.23 -25.45 14.75
CA ASP K 151 -13.68 -25.52 14.70
C ASP K 151 -14.28 -24.74 15.85
N LYS K 152 -15.61 -24.67 15.88
CA LYS K 152 -16.32 -23.94 16.92
C LYS K 152 -17.33 -24.83 17.64
N GLY K 153 -17.09 -26.13 17.57
CA GLY K 153 -17.97 -27.11 18.19
C GLY K 153 -18.10 -27.13 19.70
N GLY K 154 -19.27 -27.55 20.16
CA GLY K 154 -19.55 -27.62 21.59
C GLY K 154 -19.03 -28.92 22.20
N TYR K 155 -19.54 -29.26 23.37
CA TYR K 155 -19.11 -30.45 24.10
C TYR K 155 -19.08 -31.76 23.30
N PHE K 156 -20.06 -32.63 23.51
CA PHE K 156 -20.10 -33.91 22.82
C PHE K 156 -20.57 -33.77 21.39
N ASP K 157 -20.50 -32.55 20.89
CA ASP K 157 -20.89 -32.21 19.54
C ASP K 157 -20.23 -33.06 18.50
N LEU K 158 -20.83 -33.07 17.31
CA LEU K 158 -20.30 -33.79 16.16
C LEU K 158 -19.22 -32.85 15.61
N ALA K 159 -17.97 -33.09 16.03
CA ALA K 159 -16.81 -32.30 15.62
C ALA K 159 -16.81 -32.05 14.10
N PRO K 160 -15.92 -31.15 13.62
CA PRO K 160 -15.74 -30.75 12.21
C PRO K 160 -16.22 -31.72 11.11
N THR K 161 -17.50 -31.62 10.74
CA THR K 161 -18.11 -32.45 9.68
C THR K 161 -17.42 -33.79 9.36
N ASP K 162 -17.21 -34.07 8.08
CA ASP K 162 -16.55 -35.31 7.63
C ASP K 162 -15.51 -35.04 6.54
N LEU K 163 -15.38 -33.78 6.14
CA LEU K 163 -14.42 -33.42 5.12
C LEU K 163 -13.47 -32.36 5.66
N GLY K 164 -12.21 -32.74 5.84
CA GLY K 164 -11.23 -31.79 6.34
C GLY K 164 -10.38 -32.22 7.52
N GLU K 165 -9.94 -31.21 8.28
CA GLU K 165 -9.09 -31.35 9.48
C GLU K 165 -9.66 -32.24 10.59
N ASN K 166 -10.14 -33.42 10.20
CA ASN K 166 -10.71 -34.34 11.17
C ASN K 166 -9.61 -35.11 11.90
N CYS K 167 -8.64 -34.36 12.44
CA CYS K 167 -7.53 -34.95 13.16
C CYS K 167 -8.03 -36.07 14.02
N ARG K 168 -9.07 -35.81 14.80
CA ARG K 168 -9.62 -36.82 15.66
C ARG K 168 -9.80 -38.13 14.92
N ARG K 169 -10.84 -38.23 14.11
CA ARG K 169 -11.09 -39.46 13.39
C ARG K 169 -9.89 -40.04 12.67
N ASP K 170 -9.12 -39.19 11.98
CA ASP K 170 -7.95 -39.71 11.27
C ASP K 170 -6.96 -40.26 12.30
N ILE K 171 -6.69 -39.48 13.36
CA ILE K 171 -5.79 -39.90 14.42
C ILE K 171 -6.25 -41.24 14.97
N VAL K 172 -7.46 -41.27 15.53
CA VAL K 172 -7.99 -42.51 16.07
C VAL K 172 -7.86 -43.64 15.06
N LEU K 173 -8.19 -43.39 13.80
CA LEU K 173 -8.09 -44.44 12.79
C LEU K 173 -6.63 -44.94 12.73
N GLU K 174 -5.68 -44.01 12.69
CA GLU K 174 -4.27 -44.40 12.64
C GLU K 174 -3.89 -45.23 13.87
N LEU K 175 -4.13 -44.68 15.06
CA LEU K 175 -3.84 -45.34 16.33
C LEU K 175 -4.31 -46.79 16.41
N GLU K 176 -5.55 -47.03 16.03
CA GLU K 176 -6.11 -48.38 16.06
C GLU K 176 -5.25 -49.28 15.19
N GLU K 177 -5.12 -48.91 13.91
CA GLU K 177 -4.33 -49.70 12.97
C GLU K 177 -2.89 -49.80 13.47
N MET K 178 -2.46 -48.82 14.26
CA MET K 178 -1.10 -48.75 14.79
C MET K 178 -0.86 -49.64 16.01
N GLY K 179 -1.93 -50.15 16.61
CA GLY K 179 -1.78 -51.02 17.77
C GLY K 179 -2.65 -50.64 18.95
N PHE K 180 -2.91 -49.35 19.11
CA PHE K 180 -3.72 -48.82 20.21
C PHE K 180 -5.14 -49.37 20.33
N GLU K 181 -5.69 -49.37 21.54
CA GLU K 181 -7.06 -49.82 21.75
C GLU K 181 -7.87 -48.65 22.30
N ILE K 182 -8.43 -47.85 21.41
CA ILE K 182 -9.23 -46.72 21.84
C ILE K 182 -10.63 -47.14 22.25
N GLU K 183 -11.04 -46.72 23.44
CA GLU K 183 -12.36 -47.05 23.92
C GLU K 183 -13.26 -46.16 23.07
N ALA K 184 -13.07 -44.84 23.17
CA ALA K 184 -13.88 -43.90 22.39
C ALA K 184 -13.35 -42.47 22.46
N SER K 185 -13.97 -41.58 21.72
CA SER K 185 -13.55 -40.19 21.71
C SER K 185 -14.70 -39.26 21.39
N HIS K 186 -14.54 -38.01 21.83
CA HIS K 186 -15.55 -36.98 21.62
C HIS K 186 -14.85 -35.64 21.50
N HIS K 187 -15.65 -34.59 21.33
CA HIS K 187 -15.16 -33.22 21.22
C HIS K 187 -15.26 -32.66 22.63
N GLU K 188 -14.36 -31.76 23.01
CA GLU K 188 -14.39 -31.21 24.37
C GLU K 188 -15.07 -29.84 24.53
N VAL K 189 -15.34 -29.48 25.78
CA VAL K 189 -16.02 -28.22 26.06
C VAL K 189 -15.67 -27.05 25.16
N ALA K 190 -14.42 -26.63 25.19
CA ALA K 190 -13.95 -25.50 24.39
C ALA K 190 -13.80 -25.79 22.89
N PRO K 191 -13.90 -24.76 22.04
CA PRO K 191 -13.76 -24.92 20.59
C PRO K 191 -12.40 -25.42 20.15
N GLY K 192 -12.39 -26.43 19.30
CA GLY K 192 -11.13 -26.98 18.83
C GLY K 192 -10.51 -27.95 19.82
N GLN K 193 -11.21 -28.27 20.90
CA GLN K 193 -10.69 -29.19 21.92
C GLN K 193 -11.16 -30.64 21.68
N HIS K 194 -10.26 -31.58 21.96
CA HIS K 194 -10.55 -32.99 21.73
C HIS K 194 -10.15 -33.89 22.89
N GLU K 195 -10.63 -35.12 22.85
CA GLU K 195 -10.27 -36.08 23.87
C GLU K 195 -10.33 -37.47 23.26
N ILE K 196 -9.31 -38.27 23.55
CA ILE K 196 -9.24 -39.65 23.09
C ILE K 196 -9.03 -40.47 24.36
N ASP K 197 -9.79 -41.56 24.51
CA ASP K 197 -9.67 -42.40 25.71
C ASP K 197 -9.25 -43.81 25.32
N PHE K 198 -8.25 -44.36 26.01
CA PHE K 198 -7.79 -45.71 25.69
C PHE K 198 -8.37 -46.74 26.65
N LYS K 199 -7.94 -47.99 26.49
CA LYS K 199 -8.37 -49.08 27.35
C LYS K 199 -7.26 -49.30 28.37
N TYR K 200 -7.64 -49.42 29.63
CA TYR K 200 -6.66 -49.63 30.69
C TYR K 200 -5.69 -50.75 30.38
N ALA K 201 -4.52 -50.71 31.03
CA ALA K 201 -3.50 -51.74 30.84
C ALA K 201 -2.31 -51.48 31.75
N GLY K 202 -1.33 -52.37 31.70
CA GLY K 202 -0.15 -52.23 32.52
C GLY K 202 0.26 -50.78 32.72
N ALA K 203 0.66 -50.44 33.94
CA ALA K 203 1.08 -49.09 34.27
C ALA K 203 2.16 -48.63 33.34
N VAL K 204 3.07 -49.54 33.00
CA VAL K 204 4.16 -49.21 32.10
C VAL K 204 3.68 -48.96 30.67
N ARG K 205 3.18 -49.99 29.99
CA ARG K 205 2.72 -49.82 28.61
C ARG K 205 1.72 -48.68 28.49
N SER K 206 0.94 -48.45 29.54
CA SER K 206 -0.03 -47.36 29.53
C SER K 206 0.71 -46.04 29.30
N CYS K 207 1.77 -45.81 30.08
CA CYS K 207 2.59 -44.61 29.98
C CYS K 207 3.27 -44.58 28.61
N ASP K 208 3.87 -45.70 28.22
CA ASP K 208 4.53 -45.82 26.93
C ASP K 208 3.61 -45.32 25.83
N ASP K 209 2.34 -45.75 25.87
CA ASP K 209 1.39 -45.34 24.86
C ASP K 209 0.95 -43.89 24.99
N ILE K 210 0.97 -43.35 26.20
CA ILE K 210 0.59 -41.95 26.34
C ILE K 210 1.65 -41.16 25.58
N GLN K 211 2.88 -41.68 25.56
CA GLN K 211 3.95 -41.00 24.85
C GLN K 211 3.80 -41.13 23.33
N THR K 212 3.57 -42.35 22.84
CA THR K 212 3.41 -42.57 21.40
C THR K 212 2.20 -41.80 20.87
N PHE K 213 1.28 -41.52 21.77
CA PHE K 213 0.06 -40.78 21.47
C PHE K 213 0.40 -39.34 21.14
N LYS K 214 1.01 -38.64 22.09
CA LYS K 214 1.39 -37.24 21.85
C LYS K 214 2.20 -37.20 20.56
N LEU K 215 2.93 -38.27 20.28
CA LEU K 215 3.75 -38.32 19.09
C LEU K 215 2.92 -38.37 17.83
N VAL K 216 2.03 -39.35 17.75
CA VAL K 216 1.14 -39.49 16.60
C VAL K 216 0.29 -38.22 16.40
N VAL K 217 -0.43 -37.82 17.44
CA VAL K 217 -1.30 -36.63 17.40
C VAL K 217 -0.58 -35.43 16.80
N LYS K 218 0.55 -35.06 17.38
CA LYS K 218 1.31 -33.91 16.89
C LYS K 218 1.70 -34.08 15.42
N THR K 219 1.88 -35.32 15.00
CA THR K 219 2.24 -35.62 13.63
C THR K 219 1.05 -35.41 12.70
N ILE K 220 0.06 -36.27 12.84
CA ILE K 220 -1.14 -36.18 12.02
C ILE K 220 -1.76 -34.75 12.03
N ALA K 221 -1.60 -34.03 13.13
CA ALA K 221 -2.16 -32.67 13.29
C ALA K 221 -1.49 -31.67 12.37
N ARG K 222 -0.17 -31.79 12.25
CA ARG K 222 0.58 -30.90 11.40
C ARG K 222 0.50 -31.44 9.99
N LYS K 223 -0.02 -32.66 9.85
CA LYS K 223 -0.18 -33.26 8.52
C LYS K 223 -1.50 -32.76 7.93
N HIS K 224 -2.36 -32.21 8.79
CA HIS K 224 -3.64 -31.68 8.37
C HIS K 224 -3.59 -30.16 8.41
N GLY K 225 -2.39 -29.60 8.47
CA GLY K 225 -2.25 -28.15 8.49
C GLY K 225 -2.65 -27.50 9.80
N LEU K 226 -2.49 -28.24 10.90
CA LEU K 226 -2.84 -27.76 12.22
C LEU K 226 -1.72 -27.96 13.22
N HIS K 227 -1.94 -27.42 14.41
CA HIS K 227 -0.99 -27.54 15.49
C HIS K 227 -1.69 -28.14 16.70
N ALA K 228 -1.17 -29.27 17.18
CA ALA K 228 -1.74 -29.94 18.34
C ALA K 228 -1.03 -29.37 19.57
N THR K 229 -1.80 -29.09 20.61
CA THR K 229 -1.24 -28.52 21.83
C THR K 229 -1.77 -29.14 23.11
N PHE K 230 -0.90 -29.86 23.80
CA PHE K 230 -1.30 -30.48 25.07
C PHE K 230 -1.12 -29.49 26.22
N MET K 231 -0.95 -28.21 25.88
CA MET K 231 -0.79 -27.19 26.91
C MET K 231 -2.07 -27.12 27.73
N PRO K 232 -1.91 -27.10 29.06
CA PRO K 232 -3.06 -27.04 29.96
C PRO K 232 -4.01 -25.84 29.79
N LYS K 233 -3.50 -24.62 29.96
CA LYS K 233 -4.36 -23.43 29.84
C LYS K 233 -3.96 -22.54 28.67
N PRO K 234 -4.03 -23.08 27.44
CA PRO K 234 -3.69 -22.40 26.19
C PRO K 234 -4.30 -21.01 26.10
N LEU K 235 -5.61 -20.92 26.37
CA LEU K 235 -6.32 -19.66 26.30
C LEU K 235 -7.08 -19.29 27.56
N PHE K 236 -6.90 -18.05 28.01
CA PHE K 236 -7.60 -17.56 29.19
C PHE K 236 -9.07 -17.41 28.85
N GLY K 237 -9.93 -17.93 29.69
CA GLY K 237 -11.35 -17.83 29.41
C GLY K 237 -11.93 -19.03 28.68
N VAL K 238 -11.13 -20.09 28.55
CA VAL K 238 -11.61 -21.31 27.92
C VAL K 238 -11.11 -22.51 28.72
N ASN K 239 -11.85 -23.61 28.66
CA ASN K 239 -11.47 -24.81 29.38
C ASN K 239 -10.09 -25.30 29.12
N GLY K 240 -9.49 -25.84 30.17
CA GLY K 240 -8.16 -26.38 30.04
C GLY K 240 -8.19 -27.84 29.64
N SER K 241 -7.00 -28.38 29.37
CA SER K 241 -6.83 -29.77 29.00
C SER K 241 -6.48 -30.48 30.31
N GLY K 242 -6.92 -31.73 30.43
CA GLY K 242 -6.62 -32.47 31.64
C GLY K 242 -6.53 -33.93 31.27
N MET K 243 -5.68 -34.67 31.97
CA MET K 243 -5.53 -36.08 31.68
C MET K 243 -5.89 -36.93 32.87
N HIS K 244 -7.17 -37.27 33.00
CA HIS K 244 -7.61 -38.09 34.12
C HIS K 244 -6.85 -39.41 34.09
N CYS K 245 -6.86 -40.12 35.21
CA CYS K 245 -6.16 -41.41 35.30
C CYS K 245 -6.93 -42.39 36.17
N ASN K 246 -7.54 -43.38 35.52
CA ASN K 246 -8.33 -44.40 36.20
C ASN K 246 -7.44 -45.54 36.65
N LEU K 247 -7.09 -45.49 37.94
CA LEU K 247 -6.24 -46.48 38.56
C LEU K 247 -7.02 -47.68 39.07
N SER K 248 -6.40 -48.85 39.05
CA SER K 248 -7.03 -50.07 39.53
C SER K 248 -5.99 -51.14 39.81
N LEU K 249 -5.95 -51.61 41.06
CA LEU K 249 -5.00 -52.62 41.50
C LEU K 249 -5.55 -54.04 41.45
N PHE K 250 -4.70 -54.96 41.07
CA PHE K 250 -5.06 -56.37 40.98
C PHE K 250 -4.18 -57.21 41.91
N LYS K 251 -4.75 -57.65 43.03
CA LYS K 251 -4.05 -58.49 44.02
C LYS K 251 -4.36 -59.93 43.63
N ASN K 252 -3.49 -60.48 42.79
CA ASN K 252 -3.66 -61.84 42.26
C ASN K 252 -4.72 -61.80 41.16
N GLY K 253 -4.34 -61.25 40.01
CA GLY K 253 -5.23 -61.15 38.88
C GLY K 253 -6.68 -60.93 39.22
N VAL K 254 -6.94 -60.03 40.15
CA VAL K 254 -8.31 -59.72 40.55
C VAL K 254 -8.35 -58.28 41.01
N ASN K 255 -9.43 -57.59 40.72
CA ASN K 255 -9.56 -56.20 41.12
C ASN K 255 -9.52 -56.11 42.66
N ALA K 256 -8.39 -55.69 43.21
CA ALA K 256 -8.23 -55.60 44.65
C ALA K 256 -9.05 -54.50 45.30
N PHE K 257 -9.75 -53.71 44.47
CA PHE K 257 -10.56 -52.63 44.99
C PHE K 257 -12.01 -53.02 45.15
N PHE K 258 -12.49 -53.86 44.23
CA PHE K 258 -13.88 -54.33 44.23
C PHE K 258 -14.22 -55.20 45.43
N ASP K 259 -15.50 -55.23 45.79
CA ASP K 259 -15.98 -56.01 46.93
C ASP K 259 -17.52 -56.01 46.97
N GLU K 260 -18.14 -56.99 46.32
CA GLU K 260 -19.60 -57.08 46.28
C GLU K 260 -20.24 -57.15 47.65
N ASN K 261 -19.44 -57.39 48.67
CA ASN K 261 -19.92 -57.50 50.04
C ASN K 261 -19.45 -56.30 50.87
N ALA K 262 -19.92 -55.11 50.52
CA ALA K 262 -19.54 -53.90 51.24
C ALA K 262 -20.15 -52.67 50.61
N ASP K 263 -20.01 -51.54 51.31
CA ASP K 263 -20.55 -50.28 50.85
C ASP K 263 -20.02 -49.90 49.48
N LEU K 264 -20.93 -49.61 48.56
CA LEU K 264 -20.57 -49.22 47.21
C LEU K 264 -19.68 -50.30 46.57
N GLN K 265 -19.60 -51.44 47.25
CA GLN K 265 -18.79 -52.57 46.79
C GLN K 265 -17.32 -52.19 46.62
N LEU K 266 -16.76 -51.48 47.59
CA LEU K 266 -15.36 -51.07 47.53
C LEU K 266 -14.59 -51.67 48.68
N SER K 267 -13.60 -52.50 48.36
CA SER K 267 -12.77 -53.17 49.38
C SER K 267 -12.09 -52.23 50.36
N GLU K 268 -11.46 -52.80 51.38
CA GLU K 268 -10.75 -51.99 52.36
C GLU K 268 -9.45 -51.57 51.72
N THR K 269 -9.14 -52.19 50.59
CA THR K 269 -7.93 -51.88 49.83
C THR K 269 -8.25 -50.63 49.03
N ALA K 270 -9.44 -50.61 48.43
CA ALA K 270 -9.88 -49.50 47.62
C ALA K 270 -10.07 -48.23 48.44
N LYS K 271 -10.28 -48.37 49.75
CA LYS K 271 -10.48 -47.21 50.61
C LYS K 271 -9.21 -46.77 51.31
N HIS K 272 -8.23 -47.67 51.36
CA HIS K 272 -6.96 -47.35 51.98
C HIS K 272 -6.18 -46.62 50.91
N PHE K 273 -6.48 -46.97 49.66
CA PHE K 273 -5.83 -46.36 48.52
C PHE K 273 -6.30 -44.93 48.42
N ILE K 274 -7.60 -44.74 48.23
CA ILE K 274 -8.21 -43.42 48.12
C ILE K 274 -7.70 -42.45 49.21
N ALA K 275 -7.77 -42.87 50.47
CA ALA K 275 -7.34 -42.06 51.61
C ALA K 275 -5.92 -41.53 51.48
N GLY K 276 -5.04 -42.37 50.92
CA GLY K 276 -3.65 -42.00 50.74
C GLY K 276 -3.54 -40.96 49.66
N ILE K 277 -4.22 -41.20 48.54
CA ILE K 277 -4.21 -40.25 47.45
C ILE K 277 -4.55 -38.87 47.99
N VAL K 278 -5.57 -38.80 48.84
CA VAL K 278 -6.00 -37.53 49.44
C VAL K 278 -4.84 -36.94 50.24
N LYS K 279 -4.31 -37.76 51.15
CA LYS K 279 -3.22 -37.33 51.99
C LYS K 279 -2.10 -36.65 51.19
N HIS K 280 -1.65 -37.34 50.15
CA HIS K 280 -0.54 -36.86 49.31
C HIS K 280 -0.87 -35.99 48.07
N ALA K 281 -2.15 -35.88 47.72
CA ALA K 281 -2.54 -35.10 46.56
C ALA K 281 -1.92 -33.72 46.54
N THR K 282 -2.13 -32.98 47.64
CA THR K 282 -1.62 -31.62 47.78
C THR K 282 -0.10 -31.59 47.68
N SER K 283 0.49 -32.76 47.48
CA SER K 283 1.94 -32.90 47.38
C SER K 283 2.48 -33.30 46.01
N PHE K 284 1.83 -34.23 45.33
CA PHE K 284 2.32 -34.66 44.03
C PHE K 284 1.81 -33.78 42.90
N THR K 285 1.03 -32.77 43.23
CA THR K 285 0.51 -31.88 42.20
C THR K 285 1.65 -31.30 41.38
N ALA K 286 2.75 -31.02 42.04
CA ALA K 286 3.90 -30.46 41.37
C ALA K 286 4.46 -31.45 40.35
N VAL K 287 4.00 -32.70 40.40
CA VAL K 287 4.48 -33.68 39.44
C VAL K 287 3.42 -33.97 38.39
N THR K 288 2.17 -33.91 38.83
CA THR K 288 1.05 -34.16 37.94
C THR K 288 0.63 -32.86 37.26
N ASN K 289 1.37 -31.79 37.53
CA ASN K 289 1.09 -30.47 36.94
C ASN K 289 2.41 -29.69 36.83
N PRO K 290 3.43 -30.30 36.24
CA PRO K 290 4.76 -29.70 36.08
C PRO K 290 4.89 -28.26 35.59
N THR K 291 3.94 -27.76 34.80
CA THR K 291 4.07 -26.41 34.24
C THR K 291 3.49 -25.26 35.05
N VAL K 292 3.96 -24.04 34.78
CA VAL K 292 3.46 -22.86 35.47
C VAL K 292 2.00 -22.69 35.05
N ASN K 293 1.78 -22.95 33.77
CA ASN K 293 0.47 -22.86 33.15
C ASN K 293 -0.51 -23.86 33.77
N SER K 294 -0.03 -24.99 34.27
CA SER K 294 -0.93 -25.98 34.83
C SER K 294 -1.90 -25.44 35.87
N TYR K 295 -1.38 -24.61 36.76
CA TYR K 295 -2.19 -24.05 37.84
C TYR K 295 -3.17 -22.97 37.38
N LYS K 296 -2.99 -22.54 36.14
CA LYS K 296 -3.87 -21.53 35.58
C LYS K 296 -5.16 -22.24 35.19
N ARG K 297 -5.20 -23.56 35.34
CA ARG K 297 -6.42 -24.28 35.01
C ARG K 297 -6.92 -25.00 36.26
N LEU K 298 -6.45 -24.51 37.40
CA LEU K 298 -6.80 -25.00 38.72
C LEU K 298 -7.37 -23.84 39.56
N VAL K 299 -8.44 -23.23 39.07
CA VAL K 299 -9.11 -22.12 39.77
C VAL K 299 -10.62 -22.35 39.72
N PRO K 305 -10.38 -30.27 39.08
CA PRO K 305 -10.49 -30.41 40.54
C PRO K 305 -10.13 -29.14 41.31
N CYS K 306 -11.08 -28.21 41.35
CA CYS K 306 -10.89 -26.94 42.04
C CYS K 306 -10.41 -27.13 43.48
N TYR K 307 -10.98 -28.10 44.20
CA TYR K 307 -10.60 -28.37 45.60
C TYR K 307 -10.37 -29.87 45.82
N VAL K 308 -9.59 -30.21 46.85
CA VAL K 308 -9.31 -31.61 47.18
C VAL K 308 -10.52 -32.29 47.82
N ALA K 309 -11.24 -33.09 47.03
CA ALA K 309 -12.44 -33.81 47.46
C ALA K 309 -12.69 -35.10 46.67
N TRP K 310 -13.01 -36.18 47.38
CA TRP K 310 -13.29 -37.47 46.73
C TRP K 310 -14.78 -37.77 46.69
N SER K 311 -15.24 -38.38 45.60
CA SER K 311 -16.64 -38.70 45.44
C SER K 311 -16.98 -39.22 44.04
N ALA K 312 -17.93 -38.57 43.40
CA ALA K 312 -18.35 -38.95 42.05
C ALA K 312 -19.32 -37.92 41.49
N GLN K 313 -20.53 -37.88 42.05
CA GLN K 313 -21.53 -36.94 41.59
C GLN K 313 -21.38 -35.58 42.29
N ASN K 314 -20.26 -34.91 41.99
CA ASN K 314 -19.98 -33.58 42.56
C ASN K 314 -19.50 -32.60 41.49
N ARG K 315 -19.19 -31.37 41.90
CA ARG K 315 -18.77 -30.32 40.96
C ARG K 315 -17.31 -30.36 40.49
N SER K 316 -16.37 -30.18 41.40
CA SER K 316 -14.95 -30.21 41.05
C SER K 316 -14.25 -31.21 41.95
N PRO K 317 -14.53 -32.50 41.77
CA PRO K 317 -13.90 -33.55 42.57
C PRO K 317 -12.44 -33.79 42.17
N LEU K 318 -11.58 -34.04 43.16
CA LEU K 318 -10.17 -34.33 42.90
C LEU K 318 -10.09 -35.81 42.62
N ILE K 319 -11.05 -36.54 43.17
CA ILE K 319 -11.11 -37.97 43.00
C ILE K 319 -12.50 -38.29 42.55
N ARG K 320 -12.67 -39.45 41.92
CA ARG K 320 -13.97 -39.85 41.45
C ARG K 320 -14.00 -41.35 41.16
N ILE K 321 -15.12 -41.99 41.44
CA ILE K 321 -15.27 -43.43 41.19
C ILE K 321 -16.35 -43.71 40.16
N PRO K 322 -15.94 -44.07 38.93
CA PRO K 322 -16.89 -44.36 37.86
C PRO K 322 -18.07 -45.25 38.26
N ALA K 323 -19.14 -45.12 37.47
CA ALA K 323 -20.37 -45.88 37.64
C ALA K 323 -20.09 -47.38 37.54
N SER K 324 -19.22 -47.72 36.59
CA SER K 324 -18.83 -49.11 36.37
C SER K 324 -18.31 -49.73 37.66
N ARG K 325 -18.50 -51.04 37.81
CA ARG K 325 -18.04 -51.74 39.00
C ARG K 325 -17.69 -53.19 38.65
N GLY K 326 -17.09 -53.91 39.61
CA GLY K 326 -16.70 -55.28 39.37
C GLY K 326 -15.23 -55.35 38.99
N ILE K 327 -14.94 -56.02 37.88
CA ILE K 327 -13.56 -56.16 37.41
C ILE K 327 -13.08 -54.80 36.92
N SER K 328 -14.05 -53.97 36.54
CA SER K 328 -13.80 -52.63 36.03
C SER K 328 -13.95 -51.57 37.12
N THR K 329 -13.63 -51.93 38.35
CA THR K 329 -13.75 -50.98 39.44
C THR K 329 -12.48 -50.16 39.54
N ARG K 330 -12.57 -48.84 39.37
CA ARG K 330 -11.38 -47.99 39.45
C ARG K 330 -11.58 -46.58 40.02
N VAL K 331 -10.51 -46.06 40.64
CA VAL K 331 -10.48 -44.73 41.24
C VAL K 331 -9.88 -43.69 40.28
N GLU K 332 -10.68 -42.72 39.88
CA GLU K 332 -10.22 -41.70 38.96
C GLU K 332 -9.68 -40.42 39.63
N VAL K 333 -8.50 -39.99 39.21
CA VAL K 333 -7.87 -38.78 39.73
C VAL K 333 -7.95 -37.73 38.63
N ARG K 334 -8.98 -36.89 38.69
CA ARG K 334 -9.25 -35.85 37.71
C ARG K 334 -8.32 -34.64 37.67
N SER K 335 -7.30 -34.61 38.51
CA SER K 335 -6.39 -33.46 38.56
C SER K 335 -5.25 -33.40 37.53
N VAL K 336 -4.57 -34.52 37.35
CA VAL K 336 -3.46 -34.62 36.41
C VAL K 336 -3.83 -33.96 35.10
N ASP K 337 -2.82 -33.53 34.34
CA ASP K 337 -3.07 -32.92 33.05
C ASP K 337 -2.11 -33.59 32.09
N PRO K 338 -2.22 -33.28 30.80
CA PRO K 338 -1.33 -33.90 29.80
C PRO K 338 0.11 -33.38 29.79
N ALA K 339 0.35 -32.24 30.43
CA ALA K 339 1.69 -31.67 30.47
C ALA K 339 2.64 -32.37 31.46
N ALA K 340 2.09 -33.25 32.29
CA ALA K 340 2.88 -33.96 33.30
C ALA K 340 3.53 -35.24 32.77
N ASN K 341 4.74 -35.55 33.25
CA ASN K 341 5.46 -36.76 32.84
C ASN K 341 4.72 -38.00 33.36
N PRO K 342 4.18 -38.82 32.43
CA PRO K 342 3.43 -40.04 32.77
C PRO K 342 4.16 -40.99 33.69
N TYR K 343 5.36 -41.40 33.31
CA TYR K 343 6.13 -42.31 34.14
C TYR K 343 6.29 -41.78 35.58
N LEU K 344 6.40 -40.47 35.72
CA LEU K 344 6.57 -39.85 37.03
C LEU K 344 5.23 -39.77 37.76
N ALA K 345 4.18 -39.40 37.03
CA ALA K 345 2.85 -39.29 37.60
C ALA K 345 2.49 -40.58 38.33
N LEU K 346 2.32 -41.66 37.58
CA LEU K 346 2.00 -42.96 38.18
C LEU K 346 2.94 -43.24 39.35
N SER K 347 4.19 -42.82 39.22
CA SER K 347 5.17 -43.03 40.27
C SER K 347 4.74 -42.39 41.58
N VAL K 348 4.38 -41.11 41.52
CA VAL K 348 3.95 -40.44 42.71
C VAL K 348 2.53 -40.86 43.07
N LEU K 349 1.73 -41.26 42.08
CA LEU K 349 0.35 -41.70 42.33
C LEU K 349 0.30 -43.11 42.89
N LEU K 350 0.86 -44.09 42.17
CA LEU K 350 0.88 -45.46 42.65
C LEU K 350 1.61 -45.48 43.98
N ALA K 351 2.37 -44.43 44.25
CA ALA K 351 3.11 -44.30 45.50
C ALA K 351 2.19 -43.91 46.66
N ALA K 352 1.39 -42.86 46.48
CA ALA K 352 0.48 -42.39 47.53
C ALA K 352 -0.60 -43.41 47.86
N GLY K 353 -1.14 -44.03 46.82
CA GLY K 353 -2.17 -45.03 47.04
C GLY K 353 -1.61 -46.14 47.91
N LEU K 354 -0.46 -46.68 47.50
CA LEU K 354 0.16 -47.76 48.24
C LEU K 354 0.41 -47.37 49.69
N ASP K 355 1.00 -46.21 49.90
CA ASP K 355 1.27 -45.74 51.25
C ASP K 355 0.01 -45.94 52.11
N GLY K 356 -1.16 -45.83 51.47
CA GLY K 356 -2.41 -46.00 52.20
C GLY K 356 -2.64 -47.47 52.53
N ILE K 357 -2.58 -48.31 51.51
CA ILE K 357 -2.77 -49.75 51.66
C ILE K 357 -1.82 -50.23 52.77
N LYS K 358 -0.67 -49.57 52.82
CA LYS K 358 0.40 -49.88 53.78
C LYS K 358 0.12 -49.47 55.23
N ASN K 359 0.21 -48.17 55.51
CA ASN K 359 -0.03 -47.68 56.87
C ASN K 359 -1.50 -47.67 57.21
N LYS K 360 -2.29 -48.45 56.48
CA LYS K 360 -3.72 -48.52 56.71
C LYS K 360 -4.34 -47.16 56.99
N LEU K 361 -4.24 -46.25 56.02
CA LEU K 361 -4.81 -44.92 56.17
C LEU K 361 -6.33 -44.94 56.16
N GLU K 362 -6.92 -44.21 57.10
CA GLU K 362 -8.36 -44.17 57.22
C GLU K 362 -9.03 -43.12 56.36
N ALA K 363 -9.77 -43.60 55.36
CA ALA K 363 -10.48 -42.74 54.43
C ALA K 363 -11.73 -42.12 55.06
N PRO K 364 -11.90 -40.80 54.88
CA PRO K 364 -13.03 -40.01 55.40
C PRO K 364 -14.36 -40.19 54.67
N ALA K 365 -15.29 -39.27 54.91
CA ALA K 365 -16.61 -39.32 54.29
C ALA K 365 -16.57 -38.73 52.88
N PRO K 366 -17.33 -39.32 51.94
CA PRO K 366 -17.34 -38.80 50.58
C PRO K 366 -17.78 -37.34 50.51
N ILE K 367 -16.82 -36.43 50.56
CA ILE K 367 -17.10 -35.00 50.49
C ILE K 367 -18.01 -34.73 49.30
N ASP K 368 -19.32 -34.65 49.57
CA ASP K 368 -20.30 -34.42 48.51
C ASP K 368 -21.18 -33.19 48.74
N ARG K 369 -21.39 -32.42 47.67
CA ARG K 369 -22.23 -31.23 47.71
C ARG K 369 -21.81 -30.27 48.82
N ASN K 370 -20.53 -29.90 48.82
CA ASN K 370 -19.99 -28.98 49.81
C ASN K 370 -18.67 -28.35 49.33
N ILE K 371 -18.15 -28.86 48.22
CA ILE K 371 -16.90 -28.34 47.65
C ILE K 371 -17.16 -27.36 46.50
N TYR K 372 -18.13 -26.47 46.69
CA TYR K 372 -18.48 -25.44 45.70
C TYR K 372 -19.30 -24.33 46.37
N VAL K 373 -20.17 -24.70 47.30
CA VAL K 373 -21.00 -23.72 48.00
C VAL K 373 -20.26 -22.96 49.12
N MET K 374 -20.12 -23.59 50.30
CA MET K 374 -19.43 -22.97 51.43
C MET K 374 -17.97 -22.65 51.09
N SER K 375 -17.61 -21.37 51.19
CA SER K 375 -16.27 -20.91 50.86
C SER K 375 -15.15 -21.78 51.45
N LYS K 376 -13.95 -21.63 50.89
CA LYS K 376 -12.78 -22.39 51.33
C LYS K 376 -12.62 -22.39 52.87
N GLU K 377 -12.70 -21.19 53.45
CA GLU K 377 -12.57 -21.00 54.90
C GLU K 377 -13.57 -21.87 55.67
N GLU K 378 -14.74 -22.09 55.08
CA GLU K 378 -15.79 -22.89 55.69
C GLU K 378 -15.38 -24.36 55.67
N ARG K 379 -14.94 -24.82 54.49
CA ARG K 379 -14.51 -26.20 54.32
C ARG K 379 -13.26 -26.50 55.15
N MET K 380 -12.78 -25.49 55.87
CA MET K 380 -11.60 -25.65 56.72
C MET K 380 -12.00 -26.41 57.97
N GLU K 381 -13.30 -26.38 58.27
CA GLU K 381 -13.83 -27.09 59.43
C GLU K 381 -14.16 -28.52 59.01
N ASN K 382 -13.50 -28.96 57.95
CA ASN K 382 -13.71 -30.31 57.41
C ASN K 382 -12.45 -30.83 56.73
N GLY K 383 -12.48 -32.11 56.36
CA GLY K 383 -11.35 -32.73 55.69
C GLY K 383 -11.38 -32.35 54.22
N ILE K 384 -11.25 -31.05 53.97
CA ILE K 384 -11.27 -30.52 52.61
C ILE K 384 -10.09 -29.59 52.36
N VAL K 385 -8.91 -30.18 52.14
CA VAL K 385 -7.69 -29.43 51.87
C VAL K 385 -7.76 -28.85 50.45
N ASP K 386 -6.97 -27.81 50.17
CA ASP K 386 -6.98 -27.18 48.86
C ASP K 386 -5.69 -27.32 48.07
N LEU K 387 -5.82 -27.61 46.78
CA LEU K 387 -4.65 -27.76 45.93
C LEU K 387 -3.94 -26.43 45.81
N PRO K 388 -2.61 -26.47 45.66
CA PRO K 388 -1.83 -25.23 45.54
C PRO K 388 -2.09 -24.56 44.19
N ALA K 389 -2.06 -23.24 44.14
CA ALA K 389 -2.32 -22.54 42.89
C ALA K 389 -1.13 -21.88 42.20
N THR K 390 0.03 -22.50 42.31
CA THR K 390 1.26 -22.02 41.68
C THR K 390 2.27 -23.14 41.64
N LEU K 391 3.30 -22.97 40.82
CA LEU K 391 4.34 -23.98 40.67
C LEU K 391 5.25 -24.04 41.89
N ALA K 392 5.43 -22.91 42.55
CA ALA K 392 6.27 -22.83 43.74
C ALA K 392 5.50 -23.40 44.91
N GLU K 393 4.26 -22.93 45.05
CA GLU K 393 3.40 -23.36 46.14
C GLU K 393 3.21 -24.85 46.11
N ALA K 394 3.40 -25.46 44.93
CA ALA K 394 3.24 -26.90 44.77
C ALA K 394 4.58 -27.59 44.95
N LEU K 395 5.63 -26.90 44.52
CA LEU K 395 6.98 -27.43 44.65
C LEU K 395 7.30 -27.54 46.13
N GLU K 396 6.88 -26.53 46.89
CA GLU K 396 7.12 -26.54 48.33
C GLU K 396 6.42 -27.74 48.98
N GLU K 397 5.14 -27.93 48.67
CA GLU K 397 4.37 -29.05 49.20
C GLU K 397 4.96 -30.37 48.73
N PHE K 398 5.87 -30.31 47.75
CA PHE K 398 6.47 -31.52 47.24
C PHE K 398 7.76 -31.90 47.96
N LYS K 399 8.65 -30.95 48.17
CA LYS K 399 9.90 -31.26 48.86
C LYS K 399 9.61 -31.75 50.28
N SER K 400 8.61 -31.17 50.93
CA SER K 400 8.21 -31.53 52.30
C SER K 400 7.86 -33.00 52.47
N ASN K 401 6.82 -33.43 51.75
CA ASN K 401 6.36 -34.81 51.82
C ASN K 401 7.49 -35.78 51.57
N GLU K 402 7.56 -36.79 52.43
CA GLU K 402 8.60 -37.82 52.35
C GLU K 402 8.35 -39.01 51.43
N VAL K 403 7.08 -39.41 51.28
CA VAL K 403 6.76 -40.54 50.42
C VAL K 403 7.00 -40.18 48.96
N MET K 404 6.86 -38.89 48.63
CA MET K 404 7.07 -38.40 47.26
C MET K 404 8.56 -38.38 46.98
N VAL K 405 9.31 -37.86 47.93
CA VAL K 405 10.74 -37.80 47.79
C VAL K 405 11.23 -39.22 47.50
N LYS K 406 10.59 -40.20 48.10
CA LYS K 406 10.99 -41.58 47.86
C LYS K 406 10.45 -42.09 46.54
N ALA K 407 9.30 -41.57 46.13
CA ALA K 407 8.70 -42.00 44.88
C ALA K 407 9.58 -41.69 43.67
N LEU K 408 10.60 -40.85 43.81
CA LEU K 408 11.45 -40.51 42.68
C LEU K 408 12.93 -40.90 42.82
N GLY K 409 13.39 -41.04 44.06
CA GLY K 409 14.79 -41.39 44.27
C GLY K 409 15.61 -40.12 44.24
N GLU K 410 16.67 -40.06 45.04
CA GLU K 410 17.54 -38.88 45.11
C GLU K 410 17.86 -38.26 43.76
N HIS K 411 17.78 -39.05 42.69
CA HIS K 411 18.10 -38.50 41.39
C HIS K 411 16.97 -37.69 40.81
N LEU K 412 16.04 -38.38 40.14
CA LEU K 412 14.90 -37.71 39.52
C LEU K 412 14.38 -36.55 40.36
N PHE K 413 14.31 -36.75 41.68
CA PHE K 413 13.83 -35.72 42.61
C PHE K 413 14.74 -34.51 42.63
N GLU K 414 16.03 -34.72 42.91
CA GLU K 414 16.96 -33.61 42.97
C GLU K 414 16.90 -32.73 41.72
N HIS K 415 16.96 -33.32 40.54
CA HIS K 415 16.90 -32.52 39.32
C HIS K 415 15.53 -31.94 39.03
N PHE K 416 14.50 -32.77 39.08
CA PHE K 416 13.15 -32.25 38.82
C PHE K 416 12.94 -30.94 39.55
N ILE K 417 13.19 -30.95 40.86
CA ILE K 417 13.04 -29.75 41.67
C ILE K 417 13.84 -28.62 41.06
N GLU K 418 15.14 -28.83 40.92
CA GLU K 418 16.00 -27.80 40.35
C GLU K 418 15.42 -27.22 39.07
N ALA K 419 15.11 -28.08 38.11
CA ALA K 419 14.55 -27.68 36.82
C ALA K 419 13.27 -26.86 36.95
N LYS K 420 12.44 -27.19 37.92
CA LYS K 420 11.17 -26.51 38.13
C LYS K 420 11.30 -25.15 38.81
N GLU K 421 12.35 -24.98 39.61
CA GLU K 421 12.57 -23.72 40.32
C GLU K 421 13.06 -22.72 39.29
N ILE K 422 14.02 -23.14 38.48
CA ILE K 422 14.58 -22.29 37.44
C ILE K 422 13.41 -21.79 36.60
N GLU K 423 12.49 -22.71 36.30
CA GLU K 423 11.31 -22.42 35.52
C GLU K 423 10.44 -21.38 36.20
N TRP K 424 10.20 -21.57 37.50
CA TRP K 424 9.40 -20.62 38.24
C TRP K 424 10.11 -19.29 38.32
N ASP K 425 11.42 -19.30 38.58
CA ASP K 425 12.13 -18.02 38.66
C ASP K 425 12.13 -17.31 37.31
N MET K 426 12.30 -18.02 36.21
CA MET K 426 12.25 -17.36 34.92
C MET K 426 10.90 -16.65 34.82
N PHE K 427 9.87 -17.33 35.30
CA PHE K 427 8.52 -16.80 35.27
C PHE K 427 8.18 -15.64 36.24
N ARG K 428 8.85 -15.54 37.40
CA ARG K 428 8.54 -14.45 38.34
C ARG K 428 9.36 -13.17 38.14
N THR K 429 10.48 -13.29 37.44
CA THR K 429 11.36 -12.15 37.20
C THR K 429 10.94 -11.34 35.99
N GLN K 430 10.24 -12.00 35.08
CA GLN K 430 9.78 -11.42 33.83
C GLN K 430 8.72 -10.35 34.10
N VAL K 431 8.58 -9.37 33.20
CA VAL K 431 7.58 -8.32 33.35
C VAL K 431 6.54 -8.51 32.25
N HIS K 432 5.57 -9.38 32.51
CA HIS K 432 4.53 -9.67 31.54
C HIS K 432 3.75 -8.43 31.16
N PRO K 433 3.12 -8.44 29.97
CA PRO K 433 2.33 -7.33 29.44
C PRO K 433 1.22 -6.88 30.37
N TRP K 434 0.59 -7.85 31.03
CA TRP K 434 -0.48 -7.56 31.96
C TRP K 434 -0.02 -6.49 32.96
N GLU K 435 1.06 -6.76 33.70
CA GLU K 435 1.57 -5.81 34.67
C GLU K 435 1.72 -4.40 34.08
N ARG K 436 2.38 -4.33 32.92
CA ARG K 436 2.60 -3.06 32.26
C ARG K 436 1.29 -2.41 31.87
N GLU K 437 0.31 -3.26 31.52
CA GLU K 437 -0.99 -2.76 31.10
C GLU K 437 -1.78 -2.14 32.25
N GLN K 438 -1.73 -2.79 33.42
CA GLN K 438 -2.45 -2.33 34.59
C GLN K 438 -1.70 -1.39 35.53
N TYR K 439 -0.38 -1.28 35.36
CA TYR K 439 0.43 -0.43 36.24
C TYR K 439 1.12 0.78 35.60
N MET K 440 1.27 0.77 34.28
CA MET K 440 1.97 1.87 33.62
C MET K 440 1.18 3.16 33.58
N SER K 441 -0.14 3.03 33.49
CA SER K 441 -0.98 4.22 33.44
C SER K 441 -1.41 4.62 34.84
N GLN K 442 -1.97 3.67 35.58
CA GLN K 442 -2.44 3.92 36.94
C GLN K 442 -1.37 4.57 37.80
N TYR K 443 -0.29 3.82 38.07
CA TYR K 443 0.80 4.35 38.89
C TYR K 443 1.78 5.17 38.06
N ALA L 1 42.31 -52.51 -2.21
CA ALA L 1 41.59 -51.98 -3.40
C ALA L 1 40.07 -52.23 -3.29
N LYS L 2 39.34 -51.87 -4.35
CA LYS L 2 37.89 -52.05 -4.39
C LYS L 2 37.41 -52.12 -5.83
N TYR L 3 37.64 -51.03 -6.58
CA TYR L 3 37.27 -50.98 -7.99
C TYR L 3 38.54 -50.88 -8.81
N THR L 4 38.43 -51.00 -10.12
CA THR L 4 39.59 -50.91 -10.98
C THR L 4 39.24 -50.18 -12.27
N ARG L 5 40.28 -49.86 -13.04
CA ARG L 5 40.09 -49.16 -14.31
C ARG L 5 38.91 -49.70 -15.13
N GLU L 6 38.79 -51.03 -15.21
CA GLU L 6 37.71 -51.63 -16.00
C GLU L 6 36.42 -51.88 -15.22
N ASP L 7 36.52 -52.02 -13.91
CA ASP L 7 35.33 -52.25 -13.10
C ASP L 7 34.50 -50.97 -13.06
N ILE L 8 35.18 -49.84 -12.94
CA ILE L 8 34.53 -48.54 -12.89
C ILE L 8 33.78 -48.32 -14.19
N GLU L 9 34.45 -48.57 -15.30
CA GLU L 9 33.83 -48.40 -16.61
C GLU L 9 32.56 -49.26 -16.75
N LYS L 10 32.64 -50.52 -16.35
CA LYS L 10 31.48 -51.40 -16.42
C LYS L 10 30.29 -50.64 -15.86
N LEU L 11 30.50 -50.06 -14.69
CA LEU L 11 29.49 -49.27 -14.00
C LEU L 11 29.06 -48.10 -14.87
N VAL L 12 29.96 -47.13 -15.05
CA VAL L 12 29.71 -45.92 -15.84
C VAL L 12 28.87 -46.12 -17.09
N LYS L 13 28.90 -47.34 -17.63
CA LYS L 13 28.15 -47.65 -18.84
C LYS L 13 26.82 -48.31 -18.49
N GLU L 14 26.85 -49.23 -17.54
CA GLU L 14 25.65 -49.92 -17.12
C GLU L 14 24.75 -49.05 -16.25
N GLU L 15 25.29 -47.93 -15.78
CA GLU L 15 24.52 -47.03 -14.93
C GLU L 15 24.22 -45.74 -15.68
N ASN L 16 24.69 -45.68 -16.92
CA ASN L 16 24.50 -44.52 -17.80
C ASN L 16 25.02 -43.23 -17.19
N VAL L 17 26.32 -43.17 -16.96
CA VAL L 17 26.93 -41.98 -16.37
C VAL L 17 27.54 -41.14 -17.49
N LYS L 18 27.03 -39.92 -17.67
CA LYS L 18 27.48 -39.01 -18.71
C LYS L 18 28.20 -37.75 -18.19
N TYR L 19 28.54 -37.72 -16.92
CA TYR L 19 29.20 -36.55 -16.36
C TYR L 19 30.04 -36.87 -15.12
N ILE L 20 31.36 -36.81 -15.29
CA ILE L 20 32.33 -37.11 -14.22
C ILE L 20 32.93 -35.86 -13.52
N ARG L 21 32.92 -35.90 -12.18
CA ARG L 21 33.47 -34.80 -11.38
C ARG L 21 34.79 -35.14 -10.72
N LEU L 22 35.88 -34.65 -11.32
CA LEU L 22 37.21 -34.86 -10.75
C LEU L 22 37.25 -33.83 -9.63
N GLN L 23 36.80 -34.27 -8.46
CA GLN L 23 36.72 -33.45 -7.26
C GLN L 23 37.95 -33.43 -6.36
N PHE L 24 38.33 -32.22 -5.93
CA PHE L 24 39.45 -32.05 -5.04
C PHE L 24 39.12 -30.97 -4.01
N THR L 25 40.09 -30.55 -3.22
CA THR L 25 39.82 -29.53 -2.21
C THR L 25 40.96 -28.52 -2.13
N ASP L 26 40.64 -27.26 -1.87
CA ASP L 26 41.67 -26.22 -1.74
C ASP L 26 42.12 -26.03 -0.31
N ILE L 27 42.80 -24.93 -0.02
CA ILE L 27 43.25 -24.69 1.35
C ILE L 27 42.08 -24.40 2.30
N LEU L 28 41.23 -23.46 1.92
CA LEU L 28 40.09 -23.12 2.77
C LEU L 28 39.12 -24.26 3.06
N GLY L 29 39.46 -25.46 2.61
CA GLY L 29 38.58 -26.60 2.85
C GLY L 29 37.47 -26.68 1.83
N THR L 30 37.37 -25.66 1.00
CA THR L 30 36.34 -25.59 -0.03
C THR L 30 36.44 -26.75 -1.02
N ILE L 31 35.29 -27.36 -1.32
CA ILE L 31 35.24 -28.49 -2.24
C ILE L 31 35.15 -27.99 -3.67
N LYS L 32 36.26 -28.07 -4.41
CA LYS L 32 36.34 -27.63 -5.80
C LYS L 32 36.30 -28.83 -6.75
N ASN L 33 36.33 -28.57 -8.05
CA ASN L 33 36.33 -29.65 -9.04
C ASN L 33 36.35 -29.21 -10.50
N VAL L 34 36.79 -30.12 -11.38
CA VAL L 34 36.82 -29.89 -12.82
C VAL L 34 35.81 -30.90 -13.36
N GLU L 35 34.88 -30.45 -14.19
CA GLU L 35 33.83 -31.34 -14.70
C GLU L 35 34.04 -31.74 -16.16
N ILE L 36 34.10 -33.05 -16.39
CA ILE L 36 34.31 -33.56 -17.74
C ILE L 36 33.19 -34.49 -18.15
N PRO L 37 32.92 -34.59 -19.47
CA PRO L 37 31.85 -35.49 -19.89
C PRO L 37 32.47 -36.88 -19.83
N VAL L 38 31.60 -37.87 -19.61
CA VAL L 38 32.00 -39.26 -19.53
C VAL L 38 33.03 -39.71 -20.58
N SER L 39 33.01 -39.09 -21.75
CA SER L 39 33.96 -39.44 -22.83
C SER L 39 35.41 -39.19 -22.46
N GLN L 40 35.63 -38.29 -21.51
CA GLN L 40 36.97 -37.96 -21.07
C GLN L 40 37.42 -38.86 -19.93
N LEU L 41 36.53 -39.76 -19.50
CA LEU L 41 36.85 -40.66 -18.40
C LEU L 41 38.21 -41.29 -18.65
N GLY L 42 38.45 -41.65 -19.90
CA GLY L 42 39.72 -42.25 -20.26
C GLY L 42 40.86 -41.35 -19.82
N LYS L 43 40.90 -40.12 -20.35
CA LYS L 43 41.95 -39.14 -20.04
C LYS L 43 42.19 -38.85 -18.56
N ALA L 44 41.11 -38.63 -17.80
CA ALA L 44 41.27 -38.36 -16.38
C ALA L 44 41.90 -39.55 -15.69
N LEU L 45 41.43 -40.75 -16.04
CA LEU L 45 41.96 -41.96 -15.42
C LEU L 45 43.45 -42.19 -15.67
N ASP L 46 43.96 -41.68 -16.79
CA ASP L 46 45.38 -41.84 -17.09
C ASP L 46 46.13 -40.63 -16.59
N ASN L 47 45.54 -39.96 -15.59
CA ASN L 47 46.13 -38.79 -14.97
C ASN L 47 46.68 -37.76 -15.96
N LYS L 48 45.93 -37.48 -17.02
CA LYS L 48 46.40 -36.50 -18.00
C LYS L 48 45.56 -35.23 -18.07
N VAL L 49 44.49 -35.15 -17.27
CA VAL L 49 43.66 -33.95 -17.25
C VAL L 49 44.43 -32.87 -16.50
N MET L 50 44.48 -31.67 -17.07
CA MET L 50 45.18 -30.57 -16.43
C MET L 50 44.18 -29.55 -15.87
N PHE L 51 44.68 -28.62 -15.06
CA PHE L 51 43.83 -27.59 -14.49
C PHE L 51 44.70 -26.56 -13.82
N ASP L 52 44.22 -25.34 -13.68
CA ASP L 52 45.00 -24.30 -13.02
C ASP L 52 45.14 -24.64 -11.52
N GLY L 53 46.20 -25.35 -11.18
CA GLY L 53 46.40 -25.73 -9.80
C GLY L 53 46.29 -24.60 -8.80
N SER L 54 46.62 -23.39 -9.21
CA SER L 54 46.57 -22.25 -8.29
C SER L 54 45.20 -22.11 -7.65
N SER L 55 44.19 -22.74 -8.24
CA SER L 55 42.83 -22.70 -7.71
C SER L 55 42.83 -23.09 -6.24
N ILE L 56 43.86 -23.84 -5.86
CA ILE L 56 43.98 -24.30 -4.49
C ILE L 56 44.50 -23.21 -3.57
N GLU L 57 45.33 -22.30 -4.10
CA GLU L 57 45.87 -21.21 -3.29
C GLU L 57 44.74 -20.37 -2.71
N GLY L 58 43.62 -20.36 -3.42
CA GLY L 58 42.49 -19.58 -2.99
C GLY L 58 42.59 -18.22 -3.65
N PHE L 59 42.20 -17.19 -2.90
CA PHE L 59 42.23 -15.82 -3.44
C PHE L 59 43.59 -15.16 -3.30
N VAL L 60 44.61 -15.96 -2.99
CA VAL L 60 45.97 -15.45 -2.86
C VAL L 60 46.74 -15.79 -4.13
N ARG L 61 46.06 -16.45 -5.06
CA ARG L 61 46.63 -16.86 -6.36
C ARG L 61 47.13 -15.69 -7.22
N ILE L 62 48.46 -15.56 -7.34
CA ILE L 62 49.07 -14.50 -8.12
C ILE L 62 49.24 -14.90 -9.60
N GLU L 63 49.64 -16.14 -9.84
CA GLU L 63 49.87 -16.68 -11.18
C GLU L 63 49.02 -17.92 -11.42
N GLU L 64 48.98 -18.36 -12.69
CA GLU L 64 48.22 -19.54 -13.06
C GLU L 64 49.17 -20.65 -13.48
N SER L 65 49.40 -21.60 -12.57
CA SER L 65 50.30 -22.71 -12.82
C SER L 65 49.51 -24.00 -13.04
N ASP L 66 49.85 -24.72 -14.10
CA ASP L 66 49.16 -25.96 -14.43
C ASP L 66 49.51 -27.15 -13.54
N MET L 67 48.62 -28.12 -13.50
CA MET L 67 48.82 -29.34 -12.71
C MET L 67 47.83 -30.42 -13.07
N TYR L 68 48.23 -31.66 -12.87
CA TYR L 68 47.36 -32.78 -13.21
C TYR L 68 46.54 -33.31 -12.07
N LEU L 69 45.46 -34.01 -12.43
CA LEU L 69 44.55 -34.61 -11.47
C LEU L 69 44.63 -36.13 -11.54
N TYR L 70 44.98 -36.75 -10.43
CA TYR L 70 45.08 -38.21 -10.35
C TYR L 70 43.91 -38.84 -9.60
N PRO L 71 42.89 -39.32 -10.35
CA PRO L 71 41.74 -39.93 -9.68
C PRO L 71 42.17 -41.02 -8.70
N ASP L 72 41.21 -41.45 -7.87
CA ASP L 72 41.42 -42.48 -6.88
C ASP L 72 40.30 -43.50 -7.08
N LEU L 73 40.47 -44.37 -8.06
CA LEU L 73 39.49 -45.40 -8.40
C LEU L 73 38.69 -45.95 -7.21
N ASN L 74 39.34 -45.94 -6.04
CA ASN L 74 38.72 -46.42 -4.82
C ASN L 74 37.75 -45.41 -4.21
N THR L 75 37.69 -44.22 -4.80
CA THR L 75 36.82 -43.17 -4.32
C THR L 75 35.61 -42.93 -5.21
N PHE L 76 35.38 -43.84 -6.16
CA PHE L 76 34.25 -43.72 -7.10
C PHE L 76 32.91 -43.70 -6.39
N VAL L 77 31.96 -42.95 -6.94
CA VAL L 77 30.62 -42.88 -6.35
C VAL L 77 29.56 -42.26 -7.25
N ILE L 78 28.55 -43.05 -7.54
CA ILE L 78 27.49 -42.56 -8.36
C ILE L 78 26.60 -41.71 -7.48
N PHE L 79 26.49 -40.43 -7.83
CA PHE L 79 25.64 -39.51 -7.09
C PHE L 79 24.18 -39.95 -7.25
N PRO L 80 23.45 -40.07 -6.13
CA PRO L 80 22.05 -40.49 -6.12
C PRO L 80 21.11 -39.57 -6.89
N TRP L 81 21.12 -38.28 -6.54
CA TRP L 81 20.29 -37.27 -7.19
C TRP L 81 20.33 -37.44 -8.70
N THR L 82 21.17 -36.61 -9.31
CA THR L 82 21.39 -36.63 -10.75
C THR L 82 20.22 -37.17 -11.59
N ALA L 83 20.52 -38.05 -12.54
CA ALA L 83 19.51 -38.66 -13.40
C ALA L 83 18.79 -37.70 -14.37
N GLU L 84 19.55 -36.90 -15.13
CA GLU L 84 19.00 -35.96 -16.14
C GLU L 84 19.17 -36.63 -17.51
N LYS L 85 20.07 -36.05 -18.32
CA LYS L 85 20.39 -36.62 -19.62
C LYS L 85 21.48 -37.66 -19.29
N GLY L 86 21.34 -38.28 -18.12
CA GLY L 86 22.30 -39.26 -17.64
C GLY L 86 22.71 -39.00 -16.20
N LYS L 87 23.36 -39.96 -15.55
CA LYS L 87 23.77 -39.78 -14.16
C LYS L 87 25.08 -39.01 -14.03
N VAL L 88 25.44 -38.65 -12.78
CA VAL L 88 26.69 -37.94 -12.50
C VAL L 88 27.53 -38.75 -11.52
N ALA L 89 28.84 -38.87 -11.81
CA ALA L 89 29.75 -39.63 -10.95
C ALA L 89 30.92 -38.76 -10.49
N ARG L 90 31.69 -39.25 -9.50
CA ARG L 90 32.83 -38.49 -9.00
C ARG L 90 34.01 -39.30 -8.50
N PHE L 91 35.20 -38.73 -8.68
CA PHE L 91 36.45 -39.33 -8.26
C PHE L 91 37.19 -38.28 -7.44
N ILE L 92 37.47 -38.57 -6.17
CA ILE L 92 38.22 -37.59 -5.38
C ILE L 92 39.64 -37.70 -5.93
N CYS L 93 40.20 -36.60 -6.42
CA CYS L 93 41.54 -36.64 -6.99
C CYS L 93 42.63 -36.09 -6.10
N ASP L 94 43.87 -36.29 -6.55
CA ASP L 94 45.07 -35.83 -5.87
C ASP L 94 45.79 -34.94 -6.86
N ILE L 95 46.23 -33.78 -6.38
CA ILE L 95 46.94 -32.84 -7.25
C ILE L 95 48.40 -33.23 -7.46
N TYR L 96 48.79 -33.32 -8.73
CA TYR L 96 50.14 -33.67 -9.12
C TYR L 96 50.78 -32.57 -9.96
N ASN L 97 52.03 -32.23 -9.62
CA ASN L 97 52.78 -31.24 -10.37
C ASN L 97 52.99 -31.90 -11.73
N PRO L 98 53.16 -31.12 -12.80
CA PRO L 98 53.36 -31.71 -14.13
C PRO L 98 54.52 -32.70 -14.25
N ASP L 99 55.50 -32.59 -13.36
CA ASP L 99 56.64 -33.50 -13.40
C ASP L 99 56.45 -34.68 -12.45
N GLY L 100 55.33 -35.38 -12.60
CA GLY L 100 55.03 -36.55 -11.79
C GLY L 100 55.14 -36.46 -10.28
N THR L 101 55.65 -35.34 -9.77
CA THR L 101 55.79 -35.17 -8.33
C THR L 101 54.47 -34.73 -7.69
N PRO L 102 54.16 -35.23 -6.50
CA PRO L 102 52.90 -34.83 -5.84
C PRO L 102 53.01 -33.37 -5.42
N PHE L 103 51.95 -32.61 -5.65
CA PHE L 103 51.96 -31.20 -5.31
C PHE L 103 52.07 -30.94 -3.80
N GLU L 104 52.99 -30.06 -3.42
CA GLU L 104 53.20 -29.76 -2.02
C GLU L 104 52.05 -28.96 -1.40
N GLY L 105 51.46 -28.04 -2.16
CA GLY L 105 50.37 -27.24 -1.62
C GLY L 105 49.02 -27.95 -1.54
N ASP L 106 49.00 -29.25 -1.81
CA ASP L 106 47.74 -29.98 -1.76
C ASP L 106 47.51 -30.61 -0.39
N PRO L 107 46.30 -30.41 0.16
CA PRO L 107 45.93 -30.97 1.47
C PRO L 107 45.83 -32.48 1.51
N ARG L 108 45.14 -33.10 0.55
CA ARG L 108 45.01 -34.57 0.58
C ARG L 108 46.39 -35.23 0.46
N ASN L 109 47.28 -34.58 -0.28
CA ASN L 109 48.65 -35.07 -0.44
C ASN L 109 49.39 -34.93 0.88
N ASN L 110 49.34 -33.72 1.43
CA ASN L 110 49.99 -33.41 2.70
C ASN L 110 49.57 -34.43 3.77
N LEU L 111 48.28 -34.72 3.88
CA LEU L 111 47.85 -35.70 4.88
C LEU L 111 48.60 -37.02 4.66
N LYS L 112 48.67 -37.45 3.40
CA LYS L 112 49.35 -38.68 3.03
C LYS L 112 50.81 -38.63 3.47
N ARG L 113 51.42 -37.47 3.30
CA ARG L 113 52.81 -37.24 3.68
C ARG L 113 53.01 -37.59 5.15
N ILE L 114 52.34 -36.84 6.02
CA ILE L 114 52.43 -37.06 7.46
C ILE L 114 52.04 -38.48 7.83
N LEU L 115 51.12 -39.08 7.09
CA LEU L 115 50.73 -40.44 7.39
C LEU L 115 51.95 -41.33 7.18
N LYS L 116 52.77 -40.95 6.21
CA LYS L 116 53.99 -41.70 5.95
C LYS L 116 54.90 -41.53 7.16
N GLU L 117 55.01 -40.31 7.65
CA GLU L 117 55.81 -39.99 8.83
C GLU L 117 55.44 -40.94 9.99
N MET L 118 54.19 -41.41 10.01
CA MET L 118 53.76 -42.31 11.07
C MET L 118 54.13 -43.76 10.75
N GLU L 119 54.36 -44.06 9.47
CA GLU L 119 54.75 -45.40 9.05
C GLU L 119 56.20 -45.58 9.45
N ASP L 120 56.96 -44.49 9.40
CA ASP L 120 58.37 -44.50 9.75
C ASP L 120 58.52 -44.65 11.26
N LEU L 121 57.37 -44.69 11.93
CA LEU L 121 57.32 -44.83 13.37
C LEU L 121 56.76 -46.22 13.69
N GLY L 122 56.41 -46.96 12.64
CA GLY L 122 55.89 -48.30 12.84
C GLY L 122 54.39 -48.47 13.00
N PHE L 123 53.67 -47.40 13.33
CA PHE L 123 52.23 -47.52 13.50
C PHE L 123 51.54 -47.89 12.18
N SER L 124 50.47 -48.65 12.30
CA SER L 124 49.72 -49.12 11.14
C SER L 124 48.63 -48.17 10.67
N ASP L 125 47.72 -47.84 11.58
CA ASP L 125 46.60 -46.98 11.23
C ASP L 125 46.36 -45.82 12.19
N PHE L 126 45.66 -44.80 11.69
CA PHE L 126 45.31 -43.60 12.46
C PHE L 126 43.86 -43.26 12.12
N ASN L 127 42.92 -43.75 12.93
CA ASN L 127 41.48 -43.55 12.70
C ASN L 127 40.83 -42.24 13.18
N LEU L 128 39.65 -41.94 12.61
CA LEU L 128 38.91 -40.74 12.95
C LEU L 128 37.41 -41.01 12.99
N GLY L 129 36.80 -40.76 14.15
CA GLY L 129 35.36 -40.93 14.31
C GLY L 129 34.81 -39.53 14.43
N PRO L 130 34.54 -38.84 13.30
CA PRO L 130 34.02 -37.47 13.33
C PRO L 130 32.57 -37.31 13.75
N GLU L 131 32.27 -36.17 14.38
CA GLU L 131 30.94 -35.81 14.84
C GLU L 131 30.57 -34.41 14.31
N PRO L 132 30.29 -34.28 13.00
CA PRO L 132 29.93 -33.00 12.37
C PRO L 132 28.55 -32.46 12.75
N GLU L 133 28.50 -31.31 13.42
CA GLU L 133 27.23 -30.69 13.78
C GLU L 133 26.96 -29.54 12.81
N PHE L 134 25.69 -29.29 12.47
CA PHE L 134 25.36 -28.18 11.55
C PHE L 134 24.00 -27.55 11.85
N PHE L 135 23.74 -26.40 11.24
CA PHE L 135 22.48 -25.69 11.42
C PHE L 135 21.71 -25.65 10.10
N LEU L 136 20.40 -25.75 10.20
CA LEU L 136 19.54 -25.72 9.02
C LEU L 136 18.59 -24.53 9.11
N PHE L 137 18.61 -23.69 8.09
CA PHE L 137 17.74 -22.53 8.09
C PHE L 137 16.73 -22.56 6.91
N LYS L 138 15.56 -22.00 7.16
CA LYS L 138 14.50 -21.95 6.16
C LYS L 138 14.89 -20.97 5.07
N LEU L 139 14.76 -21.40 3.83
CA LEU L 139 15.06 -20.50 2.73
C LEU L 139 13.91 -19.50 2.62
N ASP L 140 14.09 -18.46 1.80
CA ASP L 140 13.06 -17.45 1.58
C ASP L 140 12.35 -17.71 0.24
N GLU L 141 11.78 -16.67 -0.34
CA GLU L 141 11.09 -16.79 -1.62
C GLU L 141 12.16 -16.70 -2.70
N LYS L 142 13.18 -15.88 -2.45
CA LYS L 142 14.29 -15.66 -3.38
C LYS L 142 15.34 -16.77 -3.38
N GLY L 143 15.06 -17.87 -2.68
CA GLY L 143 16.03 -18.94 -2.61
C GLY L 143 17.26 -18.43 -1.89
N GLU L 144 17.03 -17.58 -0.90
CA GLU L 144 18.10 -16.99 -0.09
C GLU L 144 18.01 -17.43 1.38
N PRO L 145 19.17 -17.58 2.03
CA PRO L 145 19.12 -18.00 3.43
C PRO L 145 18.43 -16.93 4.28
N THR L 146 17.88 -17.38 5.40
CA THR L 146 17.18 -16.50 6.34
C THR L 146 17.59 -16.92 7.75
N LEU L 147 17.81 -15.95 8.65
CA LEU L 147 18.20 -16.25 10.03
C LEU L 147 17.10 -16.93 10.82
N GLU L 148 16.30 -17.75 10.12
CA GLU L 148 15.20 -18.49 10.72
C GLU L 148 15.45 -19.99 10.61
N LEU L 149 15.76 -20.61 11.74
CA LEU L 149 16.03 -22.05 11.77
C LEU L 149 14.80 -22.83 11.28
N ASN L 150 14.99 -24.10 10.92
CA ASN L 150 13.91 -24.94 10.41
C ASN L 150 12.98 -25.54 11.48
N ASP L 151 13.51 -25.86 12.65
CA ASP L 151 12.73 -26.46 13.71
C ASP L 151 13.11 -25.86 15.05
N LYS L 152 12.12 -25.67 15.90
CA LYS L 152 12.34 -25.12 17.23
C LYS L 152 12.80 -26.24 18.17
N GLY L 153 13.06 -27.41 17.58
CA GLY L 153 13.50 -28.57 18.33
C GLY L 153 14.58 -28.43 19.40
N GLY L 154 14.55 -29.35 20.37
CA GLY L 154 15.51 -29.32 21.46
C GLY L 154 16.63 -30.34 21.28
N TYR L 155 17.37 -30.60 22.35
CA TYR L 155 18.48 -31.54 22.33
C TYR L 155 18.01 -32.97 22.43
N PHE L 156 18.58 -33.83 21.59
CA PHE L 156 18.26 -35.24 21.57
C PHE L 156 16.78 -35.59 21.44
N ASP L 157 15.90 -34.62 21.53
CA ASP L 157 14.48 -34.95 21.41
C ASP L 157 14.03 -35.23 19.98
N LEU L 158 13.09 -36.17 19.87
CA LEU L 158 12.52 -36.58 18.58
C LEU L 158 11.99 -35.37 17.80
N ALA L 159 12.80 -34.86 16.88
CA ALA L 159 12.42 -33.71 16.08
C ALA L 159 13.29 -33.58 14.83
N PRO L 160 12.67 -33.23 13.69
CA PRO L 160 11.23 -32.96 13.53
C PRO L 160 10.36 -34.23 13.61
N THR L 161 9.11 -34.14 13.16
CA THR L 161 8.18 -35.29 13.16
C THR L 161 8.48 -36.16 11.95
N ASP L 162 8.18 -37.45 12.04
CA ASP L 162 8.44 -38.36 10.92
C ASP L 162 7.57 -38.12 9.68
N LEU L 163 7.18 -36.88 9.44
CA LEU L 163 6.35 -36.59 8.28
C LEU L 163 6.75 -35.29 7.61
N GLY L 164 7.49 -35.42 6.50
CA GLY L 164 7.92 -34.24 5.77
C GLY L 164 9.40 -33.98 5.66
N GLU L 165 9.78 -32.73 5.91
CA GLU L 165 11.15 -32.26 5.82
C GLU L 165 12.17 -32.91 6.76
N ASN L 166 11.94 -34.16 7.15
CA ASN L 166 12.90 -34.81 8.04
C ASN L 166 14.28 -34.83 7.37
N CYS L 167 14.81 -33.64 7.16
CA CYS L 167 16.08 -33.42 6.51
C CYS L 167 17.16 -34.39 6.98
N ARG L 168 17.30 -34.52 8.30
CA ARG L 168 18.28 -35.41 8.90
C ARG L 168 17.95 -36.87 8.57
N ARG L 169 16.76 -37.33 8.94
CA ARG L 169 16.36 -38.71 8.65
C ARG L 169 16.55 -39.04 7.19
N ASP L 170 16.67 -38.01 6.36
CA ASP L 170 16.84 -38.23 4.92
C ASP L 170 18.31 -38.12 4.50
N ILE L 171 19.02 -37.18 5.13
CA ILE L 171 20.43 -36.97 4.85
C ILE L 171 21.17 -38.26 5.14
N VAL L 172 20.88 -38.84 6.30
CA VAL L 172 21.51 -40.08 6.74
C VAL L 172 21.02 -41.31 5.96
N LEU L 173 19.80 -41.23 5.44
CA LEU L 173 19.24 -42.33 4.67
C LEU L 173 19.93 -42.31 3.30
N GLU L 174 20.19 -41.11 2.78
CA GLU L 174 20.88 -40.97 1.51
C GLU L 174 22.33 -41.45 1.65
N LEU L 175 23.03 -40.98 2.68
CA LEU L 175 24.41 -41.39 2.94
C LEU L 175 24.51 -42.91 3.08
N GLU L 176 23.42 -43.50 3.56
CA GLU L 176 23.31 -44.94 3.75
C GLU L 176 23.32 -45.66 2.38
N GLU L 177 22.78 -45.00 1.35
CA GLU L 177 22.75 -45.58 0.02
C GLU L 177 24.04 -45.30 -0.73
N MET L 178 24.89 -44.43 -0.18
CA MET L 178 26.14 -44.10 -0.85
C MET L 178 27.35 -44.78 -0.27
N GLY L 179 27.13 -45.65 0.71
CA GLY L 179 28.24 -46.37 1.31
C GLY L 179 28.73 -45.84 2.64
N PHE L 180 28.13 -44.76 3.12
CA PHE L 180 28.53 -44.22 4.41
C PHE L 180 28.24 -45.17 5.57
N GLU L 181 29.07 -45.08 6.60
CA GLU L 181 28.90 -45.91 7.78
C GLU L 181 28.47 -44.98 8.92
N ILE L 182 27.17 -44.75 9.07
CA ILE L 182 26.71 -43.85 10.13
C ILE L 182 26.43 -44.63 11.40
N GLU L 183 27.05 -44.23 12.50
CA GLU L 183 26.85 -44.91 13.78
C GLU L 183 25.52 -44.49 14.44
N ALA L 184 25.22 -43.19 14.42
CA ALA L 184 23.99 -42.68 15.01
C ALA L 184 23.64 -41.30 14.49
N SER L 185 22.79 -40.60 15.22
CA SER L 185 22.36 -39.26 14.83
C SER L 185 21.34 -38.67 15.81
N HIS L 186 21.17 -37.36 15.76
CA HIS L 186 20.23 -36.69 16.66
C HIS L 186 20.23 -35.18 16.48
N HIS L 187 19.27 -34.53 17.11
CA HIS L 187 19.13 -33.08 17.06
C HIS L 187 20.08 -32.51 18.15
N GLU L 188 20.68 -31.35 17.92
CA GLU L 188 21.58 -30.78 18.93
C GLU L 188 20.96 -29.76 19.85
N VAL L 189 21.72 -29.32 20.85
CA VAL L 189 21.23 -28.35 21.82
C VAL L 189 20.34 -27.24 21.24
N ALA L 190 20.92 -26.32 20.48
CA ALA L 190 20.14 -25.23 19.91
C ALA L 190 19.14 -25.76 18.90
N PRO L 191 18.10 -24.98 18.61
CA PRO L 191 17.11 -25.44 17.63
C PRO L 191 17.74 -25.36 16.26
N GLY L 192 17.33 -26.26 15.36
CA GLY L 192 17.88 -26.27 14.03
C GLY L 192 19.23 -26.97 13.92
N GLN L 193 19.85 -27.23 15.06
CA GLN L 193 21.13 -27.92 15.06
C GLN L 193 20.91 -29.41 14.95
N HIS L 194 21.87 -30.10 14.33
CA HIS L 194 21.78 -31.54 14.15
C HIS L 194 23.18 -32.17 14.21
N GLU L 195 23.24 -33.47 14.48
CA GLU L 195 24.52 -34.16 14.52
C GLU L 195 24.44 -35.53 13.90
N ILE L 196 25.40 -35.83 13.02
CA ILE L 196 25.46 -37.13 12.36
C ILE L 196 26.86 -37.72 12.54
N ASP L 197 26.97 -38.73 13.41
CA ASP L 197 28.24 -39.39 13.73
C ASP L 197 28.58 -40.53 12.75
N PHE L 198 29.84 -40.58 12.31
CA PHE L 198 30.29 -41.62 11.39
C PHE L 198 31.15 -42.69 12.08
N LYS L 199 31.30 -43.86 11.46
CA LYS L 199 32.15 -44.90 12.05
C LYS L 199 33.61 -44.53 11.81
N TYR L 200 34.51 -45.04 12.64
CA TYR L 200 35.90 -44.69 12.44
C TYR L 200 36.35 -45.17 11.07
N ALA L 201 37.49 -44.65 10.62
CA ALA L 201 38.06 -45.01 9.32
C ALA L 201 39.40 -44.29 9.14
N GLY L 202 40.21 -44.75 8.19
CA GLY L 202 41.50 -44.13 7.95
C GLY L 202 41.51 -42.66 7.57
N ALA L 203 42.26 -41.87 8.34
CA ALA L 203 42.41 -40.43 8.14
C ALA L 203 41.89 -39.96 6.81
N VAL L 204 42.48 -40.49 5.75
CA VAL L 204 42.07 -40.13 4.42
C VAL L 204 40.62 -40.54 4.19
N ARG L 205 40.34 -41.84 4.10
CA ARG L 205 38.96 -42.25 3.85
C ARG L 205 38.03 -41.47 4.73
N SER L 206 38.47 -41.13 5.93
CA SER L 206 37.59 -40.36 6.81
C SER L 206 37.47 -38.90 6.38
N CYS L 207 38.57 -38.24 6.06
CA CYS L 207 38.49 -36.84 5.63
C CYS L 207 37.72 -36.72 4.28
N ASP L 208 37.89 -37.72 3.41
CA ASP L 208 37.23 -37.72 2.12
C ASP L 208 35.72 -37.77 2.33
N ASP L 209 35.29 -38.49 3.37
CA ASP L 209 33.87 -38.57 3.63
C ASP L 209 33.31 -37.29 4.24
N ILE L 210 34.06 -36.67 5.16
CA ILE L 210 33.64 -35.40 5.77
C ILE L 210 33.23 -34.47 4.64
N GLN L 211 34.07 -34.43 3.62
CA GLN L 211 33.80 -33.65 2.43
C GLN L 211 32.46 -34.08 1.85
N THR L 212 32.44 -35.29 1.32
CA THR L 212 31.23 -35.85 0.72
C THR L 212 29.97 -35.52 1.52
N PHE L 213 30.07 -35.66 2.84
CA PHE L 213 28.98 -35.38 3.75
C PHE L 213 28.53 -33.95 3.52
N LYS L 214 29.42 -33.01 3.82
CA LYS L 214 29.10 -31.61 3.64
C LYS L 214 28.32 -31.42 2.31
N LEU L 215 28.78 -32.04 1.23
CA LEU L 215 28.11 -31.89 -0.06
C LEU L 215 26.74 -32.54 -0.11
N VAL L 216 26.59 -33.74 0.44
CA VAL L 216 25.28 -34.40 0.44
C VAL L 216 24.32 -33.69 1.44
N VAL L 217 24.87 -33.00 2.45
CA VAL L 217 24.03 -32.27 3.40
C VAL L 217 23.51 -31.03 2.70
N LYS L 218 24.44 -30.17 2.28
CA LYS L 218 24.11 -28.95 1.57
C LYS L 218 23.02 -29.24 0.54
N THR L 219 23.27 -30.24 -0.32
CA THR L 219 22.32 -30.62 -1.37
C THR L 219 20.94 -30.90 -0.83
N ILE L 220 20.78 -32.06 -0.22
CA ILE L 220 19.50 -32.49 0.34
C ILE L 220 18.74 -31.39 1.10
N ALA L 221 19.48 -30.49 1.74
CA ALA L 221 18.91 -29.38 2.52
C ALA L 221 18.15 -28.43 1.62
N ARG L 222 18.77 -28.15 0.47
CA ARG L 222 18.20 -27.27 -0.54
C ARG L 222 16.95 -28.00 -1.08
N LYS L 223 17.05 -29.31 -1.19
CA LYS L 223 15.98 -30.16 -1.70
C LYS L 223 14.72 -30.08 -0.83
N HIS L 224 14.83 -29.49 0.35
CA HIS L 224 13.70 -29.34 1.26
C HIS L 224 13.52 -27.86 1.62
N GLY L 225 13.97 -26.99 0.71
CA GLY L 225 13.87 -25.55 0.91
C GLY L 225 14.57 -25.03 2.13
N LEU L 226 15.80 -25.47 2.32
CA LEU L 226 16.53 -25.04 3.50
C LEU L 226 17.96 -24.72 3.19
N HIS L 227 18.63 -24.13 4.17
CA HIS L 227 20.02 -23.77 4.02
C HIS L 227 20.82 -24.44 5.12
N ALA L 228 21.70 -25.35 4.74
CA ALA L 228 22.52 -26.02 5.72
C ALA L 228 23.79 -25.20 5.80
N THR L 229 24.30 -25.03 7.02
CA THR L 229 25.53 -24.28 7.21
C THR L 229 26.35 -24.97 8.30
N PHE L 230 27.67 -24.92 8.17
CA PHE L 230 28.54 -25.54 9.15
C PHE L 230 29.31 -24.44 9.85
N MET L 231 28.81 -23.23 9.66
CA MET L 231 29.40 -22.06 10.27
C MET L 231 29.52 -22.30 11.76
N PRO L 232 30.71 -22.07 12.32
CA PRO L 232 30.88 -22.31 13.74
C PRO L 232 29.77 -21.70 14.59
N LYS L 233 29.46 -20.43 14.39
CA LYS L 233 28.45 -19.79 15.22
C LYS L 233 27.53 -18.85 14.43
N PRO L 234 26.53 -19.42 13.76
CA PRO L 234 25.56 -18.69 12.95
C PRO L 234 24.97 -17.49 13.69
N LEU L 235 24.40 -17.73 14.88
CA LEU L 235 23.76 -16.70 15.69
C LEU L 235 24.46 -16.53 17.03
N PHE L 236 24.42 -15.30 17.55
CA PHE L 236 25.01 -15.01 18.84
C PHE L 236 23.97 -15.43 19.87
N GLY L 237 24.38 -15.65 21.10
CA GLY L 237 23.43 -16.04 22.12
C GLY L 237 22.87 -17.44 21.95
N VAL L 238 23.21 -18.13 20.84
CA VAL L 238 22.75 -19.52 20.62
C VAL L 238 23.94 -20.50 20.53
N ASN L 239 23.65 -21.79 20.48
CA ASN L 239 24.73 -22.78 20.44
C ASN L 239 25.69 -22.66 19.26
N GLY L 240 26.90 -23.19 19.45
CA GLY L 240 27.90 -23.16 18.41
C GLY L 240 28.16 -24.55 17.89
N SER L 241 28.35 -24.69 16.58
CA SER L 241 28.59 -25.99 15.98
C SER L 241 30.03 -26.40 16.20
N GLY L 242 30.24 -27.70 16.37
CA GLY L 242 31.56 -28.21 16.58
C GLY L 242 31.63 -29.52 15.85
N MET L 243 32.80 -30.11 15.84
CA MET L 243 32.98 -31.38 15.16
C MET L 243 34.08 -32.16 15.84
N HIS L 244 33.74 -32.77 16.99
CA HIS L 244 34.70 -33.56 17.78
C HIS L 244 35.45 -34.55 16.87
N CYS L 245 36.58 -35.06 17.37
CA CYS L 245 37.36 -36.01 16.58
C CYS L 245 37.97 -37.14 17.40
N ASN L 246 37.29 -38.28 17.44
CA ASN L 246 37.79 -39.43 18.18
C ASN L 246 38.98 -39.96 17.40
N LEU L 247 40.14 -40.04 18.04
CA LEU L 247 41.34 -40.51 17.35
C LEU L 247 41.90 -41.75 18.04
N SER L 248 42.49 -42.64 17.26
CA SER L 248 43.09 -43.86 17.81
C SER L 248 44.09 -44.47 16.83
N LEU L 249 45.28 -44.82 17.34
CA LEU L 249 46.35 -45.42 16.55
C LEU L 249 46.36 -46.93 16.63
N PHE L 250 46.70 -47.57 15.52
CA PHE L 250 46.75 -49.02 15.45
C PHE L 250 48.14 -49.50 15.02
N LYS L 251 48.87 -50.05 15.98
CA LYS L 251 50.21 -50.59 15.76
C LYS L 251 49.99 -52.08 15.54
N ASN L 252 50.38 -52.60 14.38
CA ASN L 252 50.16 -54.03 14.09
C ASN L 252 48.66 -54.32 14.09
N GLY L 253 47.92 -53.52 13.33
CA GLY L 253 46.48 -53.70 13.23
C GLY L 253 45.73 -53.77 14.54
N VAL L 254 46.41 -53.54 15.66
CA VAL L 254 45.74 -53.59 16.94
C VAL L 254 45.85 -52.23 17.63
N ASN L 255 44.75 -51.77 18.22
CA ASN L 255 44.76 -50.49 18.90
C ASN L 255 46.00 -50.38 19.78
N ALA L 256 46.71 -49.25 19.67
CA ALA L 256 47.92 -49.02 20.44
C ALA L 256 47.68 -48.15 21.68
N PHE L 257 46.44 -47.71 21.87
CA PHE L 257 46.07 -46.87 23.00
C PHE L 257 45.48 -47.71 24.14
N PHE L 258 45.44 -49.02 23.96
CA PHE L 258 44.88 -49.93 24.95
C PHE L 258 45.94 -50.74 25.73
N ASP L 259 45.67 -50.96 27.01
CA ASP L 259 46.57 -51.73 27.89
C ASP L 259 45.90 -52.09 29.21
N GLU L 260 45.25 -53.25 29.27
CA GLU L 260 44.55 -53.69 30.49
C GLU L 260 45.25 -53.32 31.78
N ASN L 261 46.43 -53.91 32.01
CA ASN L 261 47.19 -53.64 33.22
C ASN L 261 47.83 -52.26 33.22
N ALA L 262 47.04 -51.24 33.51
CA ALA L 262 47.55 -49.86 33.54
C ALA L 262 46.43 -48.88 33.89
N ASP L 263 46.82 -47.70 34.36
CA ASP L 263 45.87 -46.65 34.74
C ASP L 263 44.84 -46.32 33.68
N LEU L 264 43.60 -46.75 33.92
CA LEU L 264 42.47 -46.50 33.01
C LEU L 264 42.63 -47.37 31.77
N GLN L 265 43.60 -48.27 31.81
CA GLN L 265 43.89 -49.17 30.70
C GLN L 265 44.34 -48.43 29.46
N LEU L 266 45.12 -47.38 29.66
CA LEU L 266 45.64 -46.60 28.57
C LEU L 266 47.16 -46.75 28.52
N SER L 267 47.64 -47.35 27.43
CA SER L 267 49.06 -47.56 27.21
C SER L 267 49.84 -46.26 27.28
N GLU L 268 51.11 -46.33 27.66
CA GLU L 268 51.96 -45.16 27.73
C GLU L 268 52.06 -44.49 26.36
N THR L 269 51.51 -45.17 25.35
CA THR L 269 51.49 -44.66 23.98
C THR L 269 50.28 -43.74 23.88
N ALA L 270 49.25 -44.07 24.64
CA ALA L 270 48.01 -43.29 24.70
C ALA L 270 48.25 -42.10 25.61
N LYS L 271 49.23 -42.24 26.51
CA LYS L 271 49.60 -41.19 27.46
C LYS L 271 50.40 -40.11 26.74
N HIS L 272 51.50 -40.50 26.11
CA HIS L 272 52.33 -39.53 25.41
C HIS L 272 51.52 -38.83 24.35
N PHE L 273 50.59 -39.55 23.75
CA PHE L 273 49.73 -38.97 22.72
C PHE L 273 49.01 -37.75 23.27
N ILE L 274 48.28 -37.94 24.37
CA ILE L 274 47.56 -36.86 24.99
C ILE L 274 48.53 -35.70 25.12
N ALA L 275 49.55 -35.90 25.96
CA ALA L 275 50.60 -34.92 26.23
C ALA L 275 50.89 -33.91 25.11
N GLY L 276 51.09 -34.41 23.88
CA GLY L 276 51.42 -33.58 22.74
C GLY L 276 50.28 -32.75 22.17
N ILE L 277 49.08 -33.29 22.27
CA ILE L 277 47.91 -32.59 21.80
C ILE L 277 47.69 -31.45 22.77
N VAL L 278 48.21 -31.63 23.97
CA VAL L 278 48.10 -30.65 25.03
C VAL L 278 48.99 -29.45 24.84
N LYS L 279 50.27 -29.69 24.56
CA LYS L 279 51.22 -28.59 24.39
C LYS L 279 51.09 -27.87 23.06
N HIS L 280 50.72 -28.61 22.03
CA HIS L 280 50.58 -28.05 20.69
C HIS L 280 49.20 -27.43 20.39
N ALA L 281 48.17 -27.86 21.12
CA ALA L 281 46.80 -27.38 20.94
C ALA L 281 46.69 -25.88 20.67
N THR L 282 47.07 -25.06 21.65
CA THR L 282 47.01 -23.61 21.52
C THR L 282 47.73 -23.12 20.26
N SER L 283 48.44 -24.02 19.62
CA SER L 283 49.18 -23.65 18.43
C SER L 283 48.61 -24.23 17.14
N PHE L 284 47.68 -25.18 17.25
CA PHE L 284 47.06 -25.75 16.06
C PHE L 284 45.57 -25.37 16.00
N THR L 285 45.10 -24.61 16.99
CA THR L 285 43.71 -24.21 16.98
C THR L 285 43.42 -23.36 15.73
N ALA L 286 44.37 -22.52 15.33
CA ALA L 286 44.17 -21.69 14.14
C ALA L 286 43.98 -22.53 12.88
N VAL L 287 44.05 -23.84 13.01
CA VAL L 287 43.85 -24.71 11.86
C VAL L 287 42.57 -25.49 12.07
N THR L 288 42.33 -25.89 13.31
CA THR L 288 41.11 -26.64 13.62
C THR L 288 39.99 -25.66 13.92
N ASN L 289 40.29 -24.37 13.81
CA ASN L 289 39.33 -23.30 14.07
C ASN L 289 39.79 -22.08 13.24
N PRO L 290 39.78 -22.23 11.90
CA PRO L 290 40.18 -21.23 10.90
C PRO L 290 39.44 -19.89 10.93
N THR L 291 38.20 -19.95 10.47
CA THR L 291 37.32 -18.81 10.39
C THR L 291 37.36 -17.86 11.58
N VAL L 292 37.18 -16.59 11.27
CA VAL L 292 37.17 -15.56 12.28
C VAL L 292 35.96 -15.81 13.20
N ASN L 293 35.04 -16.64 12.74
CA ASN L 293 33.83 -16.95 13.51
C ASN L 293 33.99 -18.11 14.48
N SER L 294 35.01 -18.94 14.25
CA SER L 294 35.23 -20.09 15.10
C SER L 294 35.50 -19.75 16.55
N TYR L 295 36.05 -18.55 16.77
CA TYR L 295 36.41 -18.12 18.12
C TYR L 295 35.23 -17.62 18.98
N LYS L 296 34.15 -17.18 18.34
CA LYS L 296 32.98 -16.72 19.08
C LYS L 296 32.33 -17.98 19.68
N ARG L 297 32.92 -19.13 19.39
CA ARG L 297 32.41 -20.39 19.90
C ARG L 297 33.34 -20.94 20.97
N LEU L 298 34.58 -20.44 20.99
CA LEU L 298 35.54 -20.87 22.00
C LEU L 298 35.66 -19.81 23.09
N VAL L 299 34.65 -18.95 23.18
CA VAL L 299 34.59 -17.92 24.22
C VAL L 299 34.08 -18.66 25.44
N PRO L 300 34.76 -18.52 26.60
CA PRO L 300 34.33 -19.20 27.83
C PRO L 300 32.91 -18.86 28.26
N GLY L 301 32.05 -19.88 28.28
CA GLY L 301 30.67 -19.70 28.67
C GLY L 301 29.64 -20.30 27.72
N PRO L 305 35.20 -26.23 24.24
CA PRO L 305 36.57 -26.46 24.73
C PRO L 305 37.43 -25.19 24.81
N CYS L 306 37.62 -24.68 26.03
CA CYS L 306 38.43 -23.47 26.25
C CYS L 306 39.62 -23.73 27.19
N TYR L 307 39.60 -24.89 27.84
CA TYR L 307 40.66 -25.27 28.78
C TYR L 307 41.51 -26.41 28.24
N VAL L 308 42.82 -26.20 28.20
CA VAL L 308 43.76 -27.21 27.73
C VAL L 308 43.91 -28.32 28.79
N ALA L 309 42.90 -29.18 28.88
CA ALA L 309 42.87 -30.27 29.87
C ALA L 309 42.44 -31.62 29.29
N TRP L 310 43.01 -32.71 29.83
CA TRP L 310 42.68 -34.05 29.35
C TRP L 310 41.74 -34.87 30.27
N SER L 311 40.57 -34.34 30.57
CA SER L 311 39.61 -35.02 31.44
C SER L 311 38.58 -35.84 30.66
N ALA L 312 38.59 -37.15 30.88
CA ALA L 312 37.67 -38.08 30.21
C ALA L 312 36.21 -37.78 30.51
N GLN L 313 35.98 -37.02 31.58
CA GLN L 313 34.64 -36.61 32.00
C GLN L 313 34.69 -35.39 32.93
N ASN L 314 34.36 -34.22 32.38
CA ASN L 314 34.36 -32.97 33.15
C ASN L 314 33.34 -31.95 32.61
N ARG L 315 33.75 -30.69 32.52
CA ARG L 315 32.87 -29.61 32.05
C ARG L 315 33.04 -29.21 30.58
N SER L 316 34.02 -28.36 30.30
CA SER L 316 34.28 -27.93 28.93
C SER L 316 35.76 -28.20 28.62
N PRO L 317 36.14 -29.48 28.55
CA PRO L 317 37.52 -29.90 28.28
C PRO L 317 37.92 -29.86 26.81
N LEU L 318 39.23 -29.74 26.59
CA LEU L 318 39.79 -29.72 25.25
C LEU L 318 39.88 -31.17 24.79
N ILE L 319 40.26 -32.05 25.72
CA ILE L 319 40.39 -33.46 25.43
C ILE L 319 39.51 -34.30 26.34
N ARG L 320 39.10 -35.47 25.85
CA ARG L 320 38.28 -36.37 26.66
C ARG L 320 38.38 -37.81 26.17
N ILE L 321 38.54 -38.72 27.11
CA ILE L 321 38.68 -40.14 26.81
C ILE L 321 37.34 -40.81 26.95
N PRO L 322 36.74 -41.19 25.81
CA PRO L 322 35.43 -41.85 25.83
C PRO L 322 35.47 -43.17 26.61
N ALA L 323 34.31 -43.56 27.14
CA ALA L 323 34.17 -44.79 27.92
C ALA L 323 34.89 -45.97 27.27
N SER L 324 34.28 -46.46 26.17
CA SER L 324 34.79 -47.58 25.41
C SER L 324 36.32 -47.78 25.40
N ARG L 325 36.73 -49.04 25.46
CA ARG L 325 38.15 -49.41 25.45
C ARG L 325 38.43 -50.55 24.45
N GLY L 326 39.58 -51.19 24.60
CA GLY L 326 39.94 -52.26 23.70
C GLY L 326 40.06 -51.74 22.28
N ILE L 327 39.24 -52.24 21.37
CA ILE L 327 39.30 -51.76 20.00
C ILE L 327 38.69 -50.37 19.92
N SER L 328 37.91 -49.99 20.94
CA SER L 328 37.26 -48.68 20.97
C SER L 328 37.97 -47.67 21.89
N THR L 329 39.24 -47.94 22.21
CA THR L 329 40.03 -47.06 23.04
C THR L 329 40.38 -45.86 22.16
N ARG L 330 39.98 -44.66 22.57
CA ARG L 330 40.26 -43.51 21.73
C ARG L 330 40.30 -42.15 22.44
N VAL L 331 41.00 -41.19 21.84
CA VAL L 331 41.11 -39.86 22.39
C VAL L 331 40.23 -38.87 21.64
N GLU L 332 39.37 -38.14 22.36
CA GLU L 332 38.52 -37.16 21.69
C GLU L 332 39.03 -35.73 21.86
N VAL L 333 39.07 -35.02 20.75
CA VAL L 333 39.51 -33.64 20.67
C VAL L 333 38.28 -32.82 20.27
N ARG L 334 37.72 -32.11 21.24
CA ARG L 334 36.49 -31.33 21.03
C ARG L 334 36.59 -29.86 20.66
N SER L 335 37.80 -29.36 20.36
CA SER L 335 37.94 -27.95 19.99
C SER L 335 37.63 -27.74 18.50
N VAL L 336 37.80 -28.79 17.70
CA VAL L 336 37.56 -28.69 16.27
C VAL L 336 36.11 -28.39 15.92
N ASP L 337 35.92 -27.82 14.73
CA ASP L 337 34.59 -27.45 14.23
C ASP L 337 34.56 -27.65 12.70
N PRO L 338 33.37 -27.92 12.13
CA PRO L 338 33.17 -28.13 10.70
C PRO L 338 33.97 -27.29 9.71
N ALA L 339 34.16 -26.01 10.02
CA ALA L 339 34.87 -25.08 9.12
C ALA L 339 36.26 -25.57 8.72
N ALA L 340 37.00 -26.02 9.72
CA ALA L 340 38.34 -26.49 9.49
C ALA L 340 38.36 -27.47 8.34
N ASN L 341 39.49 -27.48 7.64
CA ASN L 341 39.70 -28.37 6.53
C ASN L 341 40.04 -29.70 7.22
N PRO L 342 39.34 -30.78 6.85
CA PRO L 342 39.58 -32.11 7.43
C PRO L 342 41.02 -32.63 7.31
N TYR L 343 41.57 -32.56 6.09
CA TYR L 343 42.93 -33.02 5.83
C TYR L 343 44.00 -32.24 6.62
N LEU L 344 43.75 -30.96 6.92
CA LEU L 344 44.72 -30.16 7.67
C LEU L 344 44.48 -30.31 9.17
N ALA L 345 43.27 -30.68 9.52
CA ALA L 345 42.91 -30.87 10.91
C ALA L 345 43.65 -32.12 11.35
N LEU L 346 43.38 -33.25 10.69
CA LEU L 346 44.04 -34.52 11.02
C LEU L 346 45.54 -34.45 10.80
N SER L 347 45.96 -33.63 9.83
CA SER L 347 47.37 -33.43 9.51
C SER L 347 48.06 -32.78 10.71
N VAL L 348 47.67 -31.55 10.99
CA VAL L 348 48.21 -30.80 12.10
C VAL L 348 48.06 -31.54 13.47
N LEU L 349 47.05 -32.39 13.59
CA LEU L 349 46.81 -33.14 14.82
C LEU L 349 47.77 -34.31 14.96
N LEU L 350 47.84 -35.16 13.94
CA LEU L 350 48.75 -36.32 13.95
C LEU L 350 50.13 -35.87 14.38
N ALA L 351 50.61 -34.80 13.77
CA ALA L 351 51.91 -34.25 14.11
C ALA L 351 51.99 -33.94 15.61
N ALA L 352 51.00 -33.18 16.11
CA ALA L 352 50.96 -32.81 17.52
C ALA L 352 50.87 -34.08 18.35
N GLY L 353 50.32 -35.13 17.73
CA GLY L 353 50.17 -36.40 18.41
C GLY L 353 51.37 -37.32 18.31
N LEU L 354 51.99 -37.36 17.13
CA LEU L 354 53.16 -38.19 16.97
C LEU L 354 54.28 -37.55 17.75
N ASP L 355 54.41 -36.24 17.67
CA ASP L 355 55.46 -35.57 18.41
C ASP L 355 55.37 -35.90 19.90
N GLY L 356 54.34 -36.66 20.27
CA GLY L 356 54.17 -37.06 21.66
C GLY L 356 54.60 -38.50 21.85
N ILE L 357 54.21 -39.36 20.90
CA ILE L 357 54.56 -40.78 20.96
C ILE L 357 55.99 -40.92 20.47
N LYS L 358 56.63 -39.80 20.19
CA LYS L 358 57.99 -39.78 19.69
C LYS L 358 58.93 -39.27 20.77
N ASN L 359 58.80 -37.99 21.08
CA ASN L 359 59.64 -37.35 22.10
C ASN L 359 59.20 -37.79 23.50
N LYS L 360 58.43 -38.87 23.58
CA LYS L 360 57.93 -39.40 24.86
C LYS L 360 57.51 -38.27 25.82
N LEU L 361 56.52 -37.48 25.39
CA LEU L 361 56.02 -36.36 26.17
C LEU L 361 55.28 -36.77 27.43
N GLU L 362 55.83 -36.42 28.58
CA GLU L 362 55.25 -36.76 29.87
C GLU L 362 53.85 -36.15 30.01
N ALA L 363 52.85 -37.03 30.11
CA ALA L 363 51.46 -36.59 30.24
C ALA L 363 51.26 -35.86 31.57
N PRO L 364 50.77 -34.61 31.50
CA PRO L 364 50.53 -33.79 32.71
C PRO L 364 49.36 -34.31 33.57
N ALA L 365 49.38 -33.95 34.85
CA ALA L 365 48.35 -34.38 35.81
C ALA L 365 46.93 -34.35 35.20
N PRO L 366 46.08 -35.32 35.59
CA PRO L 366 44.70 -35.37 35.05
C PRO L 366 43.83 -34.22 35.58
N ILE L 367 43.70 -33.16 34.79
CA ILE L 367 42.90 -32.00 35.18
C ILE L 367 41.57 -32.40 35.81
N ASP L 368 41.52 -32.37 37.15
CA ASP L 368 40.32 -32.75 37.89
C ASP L 368 39.13 -31.84 37.60
N ARG L 369 38.05 -32.01 38.36
CA ARG L 369 36.84 -31.21 38.15
C ARG L 369 37.02 -29.74 38.46
N ASN L 370 36.47 -28.92 37.56
CA ASN L 370 36.47 -27.46 37.62
C ASN L 370 37.63 -26.75 36.93
N ILE L 371 37.33 -26.27 35.73
CA ILE L 371 38.26 -25.52 34.90
C ILE L 371 37.36 -24.46 34.26
N TYR L 372 36.06 -24.62 34.54
CA TYR L 372 35.00 -23.75 34.03
C TYR L 372 34.70 -22.62 35.03
N VAL L 373 34.91 -22.93 36.31
CA VAL L 373 34.67 -21.96 37.37
C VAL L 373 36.00 -21.44 37.89
N MET L 374 37.04 -21.61 37.08
CA MET L 374 38.37 -21.15 37.43
C MET L 374 38.63 -19.77 36.83
N SER L 375 39.41 -18.95 37.54
CA SER L 375 39.74 -17.61 37.07
C SER L 375 40.95 -17.67 36.12
N LYS L 376 41.38 -16.50 35.62
CA LYS L 376 42.51 -16.41 34.68
C LYS L 376 43.88 -16.48 35.34
N GLU L 377 43.91 -16.84 36.62
CA GLU L 377 45.15 -16.93 37.38
C GLU L 377 45.26 -18.31 38.05
N GLU L 378 44.12 -18.86 38.48
CA GLU L 378 44.08 -20.16 39.14
C GLU L 378 44.07 -21.33 38.19
N ARG L 379 44.57 -21.10 36.97
CA ARG L 379 44.65 -22.16 35.98
C ARG L 379 46.09 -22.26 35.46
N MET L 380 46.95 -21.38 35.97
CA MET L 380 48.37 -21.34 35.60
C MET L 380 49.13 -22.51 36.24
N GLU L 381 48.84 -22.77 37.51
CA GLU L 381 49.49 -23.85 38.25
C GLU L 381 48.53 -25.03 38.43
N ASN L 382 47.73 -25.28 37.39
CA ASN L 382 46.74 -26.38 37.39
C ASN L 382 46.78 -27.25 36.12
N GLY L 383 47.81 -27.08 35.29
CA GLY L 383 47.92 -27.87 34.07
C GLY L 383 46.80 -27.57 33.11
N ILE L 384 46.29 -26.34 33.18
CA ILE L 384 45.21 -25.87 32.32
C ILE L 384 45.52 -24.50 31.72
N VAL L 385 46.09 -24.51 30.52
CA VAL L 385 46.47 -23.30 29.78
C VAL L 385 45.24 -22.47 29.36
N ASP L 386 45.27 -21.97 28.14
CA ASP L 386 44.19 -21.16 27.63
C ASP L 386 44.25 -21.01 26.13
N LEU L 387 43.21 -21.52 25.47
CA LEU L 387 43.13 -21.44 24.02
C LEU L 387 43.09 -19.99 23.60
N PRO L 388 43.54 -19.70 22.38
CA PRO L 388 43.52 -18.32 21.88
C PRO L 388 42.09 -17.78 21.73
N ALA L 389 41.96 -16.45 21.82
CA ALA L 389 40.64 -15.79 21.75
C ALA L 389 40.17 -15.23 20.39
N THR L 390 41.07 -15.21 19.41
CA THR L 390 40.73 -14.68 18.09
C THR L 390 41.56 -15.38 17.04
N LEU L 391 41.12 -15.29 15.78
CA LEU L 391 41.85 -15.88 14.69
C LEU L 391 43.27 -15.33 14.66
N ALA L 392 43.44 -14.08 15.09
CA ALA L 392 44.77 -13.45 15.09
C ALA L 392 45.68 -14.17 16.07
N GLU L 393 45.27 -14.25 17.33
CA GLU L 393 46.10 -14.92 18.32
C GLU L 393 46.46 -16.30 17.83
N ALA L 394 45.45 -17.04 17.38
CA ALA L 394 45.66 -18.41 16.92
C ALA L 394 46.70 -18.52 15.82
N LEU L 395 46.85 -17.46 15.03
CA LEU L 395 47.84 -17.49 13.96
C LEU L 395 49.22 -17.25 14.53
N GLU L 396 49.32 -16.32 15.48
CA GLU L 396 50.61 -16.03 16.10
C GLU L 396 51.19 -17.29 16.75
N GLU L 397 50.31 -18.13 17.28
CA GLU L 397 50.75 -19.38 17.92
C GLU L 397 51.14 -20.38 16.84
N PHE L 398 50.36 -20.43 15.78
CA PHE L 398 50.64 -21.36 14.71
C PHE L 398 52.01 -21.06 14.14
N LYS L 399 52.25 -19.79 13.81
CA LYS L 399 53.53 -19.38 13.26
C LYS L 399 54.67 -19.89 14.13
N SER L 400 54.47 -19.88 15.45
CA SER L 400 55.49 -20.33 16.39
C SER L 400 55.78 -21.81 16.33
N ASN L 401 54.88 -22.62 16.87
CA ASN L 401 55.03 -24.07 16.89
C ASN L 401 55.67 -24.60 15.62
N GLU L 402 56.92 -25.03 15.76
CA GLU L 402 57.74 -25.56 14.67
C GLU L 402 57.19 -26.85 14.06
N VAL L 403 56.68 -27.74 14.92
CA VAL L 403 56.13 -29.01 14.46
C VAL L 403 54.93 -28.78 13.54
N MET L 404 54.15 -27.74 13.86
CA MET L 404 52.97 -27.38 13.07
C MET L 404 53.43 -26.89 11.70
N VAL L 405 54.46 -26.05 11.70
CA VAL L 405 55.02 -25.56 10.44
C VAL L 405 55.44 -26.79 9.64
N LYS L 406 56.02 -27.76 10.34
CA LYS L 406 56.48 -29.00 9.72
C LYS L 406 55.31 -29.90 9.32
N ALA L 407 54.12 -29.65 9.87
CA ALA L 407 52.96 -30.46 9.56
C ALA L 407 52.28 -30.14 8.22
N LEU L 408 52.44 -28.90 7.77
CA LEU L 408 51.85 -28.46 6.51
C LEU L 408 52.91 -28.32 5.42
N GLY L 409 54.16 -28.15 5.85
CA GLY L 409 55.24 -27.98 4.89
C GLY L 409 55.35 -26.53 4.42
N GLU L 410 56.56 -26.11 4.04
CA GLU L 410 56.77 -24.74 3.57
C GLU L 410 55.63 -24.18 2.72
N HIS L 411 55.07 -25.01 1.85
CA HIS L 411 54.01 -24.57 0.94
C HIS L 411 52.68 -24.28 1.64
N LEU L 412 51.89 -25.32 1.89
CA LEU L 412 50.60 -25.12 2.54
C LEU L 412 50.67 -24.10 3.68
N PHE L 413 51.65 -24.26 4.57
CA PHE L 413 51.80 -23.35 5.71
C PHE L 413 51.92 -21.88 5.30
N GLU L 414 52.83 -21.60 4.40
CA GLU L 414 53.05 -20.24 3.92
C GLU L 414 51.78 -19.62 3.32
N HIS L 415 51.18 -20.28 2.34
CA HIS L 415 49.98 -19.77 1.69
C HIS L 415 48.73 -19.79 2.55
N PHE L 416 48.74 -20.57 3.61
CA PHE L 416 47.60 -20.61 4.50
C PHE L 416 47.64 -19.35 5.36
N ILE L 417 48.73 -19.20 6.10
CA ILE L 417 48.93 -18.03 6.95
C ILE L 417 48.54 -16.79 6.17
N GLU L 418 49.03 -16.68 4.94
CA GLU L 418 48.72 -15.53 4.09
C GLU L 418 47.21 -15.29 4.00
N ALA L 419 46.49 -16.30 3.50
CA ALA L 419 45.05 -16.22 3.34
C ALA L 419 44.35 -15.88 4.63
N LYS L 420 44.86 -16.41 5.73
CA LYS L 420 44.21 -16.15 6.99
C LYS L 420 44.57 -14.79 7.59
N GLU L 421 45.72 -14.23 7.22
CA GLU L 421 46.11 -12.93 7.76
C GLU L 421 45.28 -11.85 7.13
N ILE L 422 44.95 -12.01 5.85
CA ILE L 422 44.16 -11.01 5.12
C ILE L 422 42.67 -11.09 5.51
N GLU L 423 42.22 -12.30 5.82
CA GLU L 423 40.83 -12.54 6.20
C GLU L 423 40.53 -11.78 7.47
N TRP L 424 41.51 -11.74 8.36
CA TRP L 424 41.34 -11.05 9.63
C TRP L 424 41.58 -9.57 9.39
N ASP L 425 42.64 -9.29 8.65
CA ASP L 425 43.01 -7.91 8.32
C ASP L 425 41.77 -7.16 7.82
N MET L 426 40.97 -7.83 7.02
CA MET L 426 39.75 -7.22 6.50
C MET L 426 38.82 -7.00 7.67
N PHE L 427 38.71 -8.04 8.50
CA PHE L 427 37.86 -8.00 9.67
C PHE L 427 38.12 -6.83 10.62
N ARG L 428 39.36 -6.51 10.94
CA ARG L 428 39.59 -5.40 11.87
C ARG L 428 39.30 -4.01 11.32
N THR L 429 39.62 -3.77 10.05
CA THR L 429 39.40 -2.46 9.45
C THR L 429 37.92 -2.14 9.19
N GLN L 430 37.10 -3.17 9.30
CA GLN L 430 35.66 -3.08 9.06
C GLN L 430 34.87 -2.42 10.22
N VAL L 431 34.03 -1.43 9.92
CA VAL L 431 33.21 -0.80 10.95
C VAL L 431 31.92 -1.65 10.99
N HIS L 432 31.68 -2.30 12.12
CA HIS L 432 30.50 -3.16 12.31
C HIS L 432 29.34 -2.39 12.95
N PRO L 433 28.11 -2.95 12.87
CA PRO L 433 26.96 -2.26 13.47
C PRO L 433 27.18 -2.04 14.95
N TRP L 434 27.56 -3.10 15.65
CA TRP L 434 27.80 -3.04 17.08
C TRP L 434 28.51 -1.75 17.44
N GLU L 435 29.52 -1.41 16.65
CA GLU L 435 30.29 -0.20 16.91
C GLU L 435 29.41 1.02 16.94
N ARG L 436 28.81 1.36 15.81
CA ARG L 436 27.95 2.52 15.75
C ARG L 436 27.00 2.54 16.92
N GLU L 437 26.34 1.42 17.15
CA GLU L 437 25.37 1.31 18.23
C GLU L 437 25.86 1.81 19.56
N GLN L 438 27.04 1.35 19.97
CA GLN L 438 27.58 1.75 21.26
C GLN L 438 28.54 2.94 21.19
N TYR L 439 28.68 3.60 20.04
CA TYR L 439 29.63 4.71 20.00
C TYR L 439 29.19 6.00 19.36
N MET L 440 28.14 5.95 18.55
CA MET L 440 27.67 7.13 17.83
C MET L 440 26.93 8.19 18.63
N SER L 441 26.29 7.80 19.72
CA SER L 441 25.51 8.73 20.53
C SER L 441 26.16 8.97 21.88
N GLN L 442 26.96 7.99 22.29
CA GLN L 442 27.68 8.08 23.55
C GLN L 442 28.88 8.99 23.40
N TYR L 443 29.43 9.05 22.19
CA TYR L 443 30.60 9.88 21.94
C TYR L 443 30.36 11.08 21.02
MG MG M . 24.86 32.24 -24.78
MG MG N . 28.57 36.78 -26.54
MG MG O . -17.00 35.49 -27.10
MG MG P . -18.08 40.62 -30.13
MG MG Q . 17.06 31.35 -40.55
MG MG R . -41.13 23.74 5.24
MG MG S . -45.40 27.39 5.64
S SO4 T . -29.81 30.48 34.04
O1 SO4 T . -28.94 29.50 34.71
O2 SO4 T . -30.03 31.64 34.92
O3 SO4 T . -29.15 30.92 32.79
O4 SO4 T . -31.11 29.86 33.72
MG MG U . -22.86 9.22 40.69
MG MG V . -26.36 11.19 45.11
S SO4 W . -15.72 38.72 8.09
O1 SO4 W . -16.28 38.41 9.42
O2 SO4 W . -15.46 37.46 7.36
O3 SO4 W . -14.45 39.47 8.24
O4 SO4 W . -16.69 39.54 7.33
MG MG X . 20.41 7.83 48.71
MG MG Y . 18.92 6.12 43.18
S SO4 Z . -5.45 33.58 33.78
O1 SO4 Z . -6.19 33.37 35.04
O2 SO4 Z . -4.07 33.07 33.93
O3 SO4 Z . -5.40 35.02 33.46
O4 SO4 Z . -6.13 32.87 32.68
MG MG AA . 47.56 19.66 12.59
MG MG BA . 42.64 18.48 10.31
S SO4 CA . 15.12 33.81 29.88
O1 SO4 CA . 14.69 35.10 30.43
O2 SO4 CA . 14.33 32.72 30.47
O3 SO4 CA . 14.93 33.80 28.41
O4 SO4 CA . 16.55 33.61 30.18
MG MG DA . 40.01 -18.97 -17.61
MG MG EA . 43.79 -22.11 -20.33
S SO4 FA . -13.09 -33.58 -32.22
O1 SO4 FA . -14.30 -34.41 -32.14
O2 SO4 FA . -12.96 -32.75 -31.00
O3 SO4 FA . -11.90 -34.44 -32.35
O4 SO4 FA . -13.18 -32.69 -33.40
MG MG GA . 11.15 -6.61 -46.06
MG MG HA . 11.58 -8.42 -51.68
MG MG IA . -29.77 -8.41 -36.36
MG MG JA . -33.78 -10.43 -40.54
MG MG KA . -41.99 -22.47 1.92
MG MG LA . -46.30 -26.12 1.99
MG MG MA . -13.25 -35.02 29.83
MG MG NA . -14.15 -39.72 33.32
MG MG OA . 27.78 -33.29 20.66
MG MG PA . 31.47 -37.77 21.34
#